data_6TB4
#
_entry.id   6TB4
#
_cell.length_a   1.00
_cell.length_b   1.00
_cell.length_c   1.00
_cell.angle_alpha   90.00
_cell.angle_beta   90.00
_cell.angle_gamma   90.00
#
_symmetry.space_group_name_H-M   'P 1'
#
loop_
_entity.id
_entity.type
_entity.pdbx_description
1 polymer 'TATA-box Binding Protein (TBP)'
2 polymer 'Transcriptional coactivator HFI1/ADA1'
3 polymer 'SAGA-associated factor 73 (Sgf73)'
4 polymer Spt20
5 polymer 'Subunit of the SAGA and SAGA-like transcriptional regulatory complexes, interacts with Spt15p to act'
6 polymer 'Subunit of the SAGA transcriptional regulatory complex, involved in proper assembly of the complex'
7 polymer 'Transcription initiation factor TFIID subunit 10'
8 polymer 'Subunit (61/68 kDa) of TFIID and SAGA complexes'
9 polymer 'Subunit (90 kDa) of TFIID and SAGA complexes'
10 polymer 'Subunit (60 kDa) of TFIID and SAGA complexes'
11 polymer 'Subunit (17 kDa) of TFIID and SAGA complexes, involved in RNA polymerase II transcription initiation'
12 polymer 'Transcription-associated protein'
13 polymer 'Transcriptional adapter 3 (Ada3)'
#
loop_
_entity_poly.entity_id
_entity_poly.type
_entity_poly.pdbx_seq_one_letter_code
_entity_poly.pdbx_strand_id
1 'polypeptide(L)'
;MDSLKLPTTAAQAKAFTSSGSLSFPMNNDDMIKADPSQTEQHIIKQDIEPEIKDVVVSDDANSSGIVPTLQNIVATVTLG
CRLDLKTVALHARNAEYNPKRFAAVIMRIREPKTTALIFASGKMVVTGAKSEDDSKLASRKYARIIQKIGFAAKFTDFKI
QNIVGSCDVKFPIRLEGLAFSHGTFSSYEPELFPGLIYRMVKPKIVLLIFVSGKIVLTGAKQREEIYQAFEAIYPVLSEF
RKM
;
M
2 'polypeptide(L)'
;MASTELVASTPMPSRNGQGSHQKLNGGNVNSATNTPTVASTPVNQPRKLPSENFSGLGGAIRIEIEPLVVDFQRRLGKNW
GRYQIAVSLFLVGKLSRRELVDELDDILDRNTVKMHNQLLLGNLANSLKESAGDRVGSGGFGGSMFNKRVKDSRKSSQYE
RLKRDILALPVRERRRIKAITRESGKKGMVNSVITQTRQALIPKVPVVTRPTNVPGNSVQWAQDVIHGFQALLASEIYEL
PEMDNLRTRMTGISREHGLIGPVDDSVIEIMLIGLEQHLKGIVEAAIDIVKYRRTKYTNNSVVDTLQKEQTNTSDTSSSK
VSRKRDRHTLTIEDMYDTLEQYPYLVEPGGTLLRLQSVMLHDEDELSDDEILKHILKPRTSDSTDRKPKQLQENGTADSL
SKVTKSITNGANASGDAVPNGKAEHIQNTMGTKEELNWFIYDILSNNE
;
A
3 'polypeptide(L)'
;MQNPERPVVWKELGQYLDTLQPIHQEKPSSLPDLPSPSYKDSLSNPLRYRICNNCDRPILQSCLSKHIKICNQIVKVEKL
EEDDKPMNMVRKRKNQVLEESKESTPVTNTNSTNSSNAINSTTSKKTKKVKLPKEKKPKKERVKSTAKPKGPVDVERQCG
VPLPNGGYCARSLTCKTHSMGAKRAVPGRSAPYDQLLVAYQRKNQAKFAANAAAAHAARDDLIHGSQIPIDEDDEAHQVL
DGVAKSYPLPLERKVIMPARSRSSFLRMREMFAGAILPRVPTNPFGNLYSRTAVIDVDRAGDYYFSVRASPRMPNQQQNK
TQKNPQPPRPQVQQQQQAQKSQQSPPQAQQQISQSAGQQTSQTVQRLVQQQQRLQQQRQQTQIQQQQQHQQQQQQQQHQQ
QQQQQQQQQQQQTHMLQQQQQQQQQQQMLLLQQQQQQQAQQQQSPPITHQSPIPDNRPSNQLPQQYSQMTPQQLQLQQQL
QLQQKQKEQFRLQQQQHLRNL(UNK)MR(UNK)TPQQQQQFANLTPEKRAQFQRMQLVQLQQQIKNQAIQNQMQQQQQQP
SHVQSQAQTQFQQAQLKAQSRAQVLQAAQRQMQNSPTSPVTSMSSPLAIPSNLANQGPNQTSQLPNEQLSNPLMGNQFQG
QFNQYQPNYRENLEGGGGSMDEKTTGWRGGHVVEGLAGELEQLRARLEHHPQGQREPGGSHHHHHH
;
C
4 'polypeptide(L)'
;MSQIQSSQVGAKNMQTAQPQAQQRPINGSVTLSNGQRINPQNLTPQQQRLLQQKVLHQKLKNYKFAETSEEILHKYEKFP
PSLTFHIHENHYRFGDQDGVIPKNSSVIKAFLEYVAREEIPPALIEVTKDAGVQLYEGCIILRIYDHRHLVAHINDAKDS
QHVSSESSANNTNNEKKEPSKVPKTYTTILRPTQLSLYADLLYQTDYLQVRFTDSLSLNIETEILTASKRNLDLSVPLNP
HRATANLKPEVKYPYYDPETDTVVHEHRPDARGNMVNADTVDYRKLHEDMAQHGSDYERLMLLLSDRFDDDSQTQGSSVT
SSQFMRLRFVEAWRKKEERLQESGGSSQRQRPLQPGQIPGMLSSFSSNTGNMNTMLDNLTPQQKAAIQQRMIQQGRAQPQ
QQQPDQEQLQEQQQQQPQQAMSQQRQQQLQQLYQRQQQHNQHHQQNQDELSSLDDKKIKKPPAKKQKKMTKKEMTTLHQN
VAGKTIPSAESTPPTTAANKKRGTYKKKNKYILIIND
;
F
5 'polypeptide(L)'
;MTDAKDKDHKYRYRMEIQQMMFVSGETNDPPVETTSLIEDIVRSQVVEIVLHSSQTALSRGTKSIVPEDVIFLIRHDKAK
VNRLRTYLSWKDVRKNAKDQQSGDLADIGGDDLLDNSTSQVAASGAPGAPGSSSSTSMDSKMLSKYKKSKIRLPWELQFV
FTEQPLDTNEDDAEDEDERAATLASLKRLKTNDERTKNMTKEEYVHWSECRQASFTFRKAKRFREWCGLSHLAESRPSDD
VIDILGFLTFEMVCSITEEALIVKMLEEQNGDLASSTTTIQKLQESHRKRKHLFDGPDKDVRPITSGHVLEAWRRLQKRN
VEKKAIRNFQGGKLRSRVQLI
;
D
6 'polypeptide(L)'
;MANERALQYFVTSDNQRLYDLAAKLFSLGFFNCYFTPQQFQLLSVILDNGKLRIEEDGFVSTVWDEFIKGRLVLQFSKGD
YEKESTKHTVDNVKGTDDKTGIEVSKENGHSSDPPSADHDITESDNVGREETLDDQFSELYLKDGVSTSQFMCAKLRYLL
FEQAIDYLYTNSSMNGDAEEYSLLQNVDDMNEEKEETAKPATPQNVREIDNDYDDDEDEDEEDEEIKEASSKNPFKTEDN
EPLTNERQPTNNVFIRLCSDEKSLSKSLTLNLLTSMVTSKPEYPVEQLKGSEVIGTSHPLLGTASAIESKLEKRNEARLI
KNFSKIYHQFDKDERNFLKRRKLEISNKQFLDQDNNDPKDRPSSNSTSDEESNSNNLEKTSQPSSVNKLMQLGGAANLSL
KNLLSKVEENREKLNLSDLDLRSLIMDVRKNRSKWASDDKIGQEELYEACEKVVLELRGYTEHSTAFLNRVSKREAPNYY
QIIKKPMDLNTVMKKLKSFQYKSKQEFVDDLMLIWKNCLTYNSDPSHFIRVHAVAMQKKTLSLIPLIPDIVIRDRSELEK
DEVENVVETPQSSSIGTPMTTRVAGGKGPKKGRTHREPPTRPETPDGIAGEDSSQVSKAEQDSPAKALEVTENDSTKEKE
KDLSDVPTQEQKNDKTEKDDDYQEAVEDEEEDDDDNTNLEEDSTEDEDDLEVQTWNSLTSNVRYKICEKRRNLFKENKIQ
PNEEAIFRDTYQMENFMHYLGDDVRIVLNTPMSRYQYYDGNEDPYLIEYDISGGIPGLKYSGVSPDEGDLEDNMLVDQLM
KGESSIRESGFARKPTGMNKKFNEIIHLMQQIRRICFKISLIRQMQTQQFLHHTQMKPPDINEIQDIDIDQLSNLPNRDK
LDSDVSYNSLKRSISKILMANGFESTAPFCSDVITQIAENYFGNLVKTLKNHIESKSINKVMGDAKFQKVSNKDILLLSL
LENGVESPDALYEYYNENIVKQISKLEGLKSRLSSFLAELLRPGLQDLNERQFNDNSDEFLTGNFSSEIGDDFFGFRELG
LEKEFGLLTSTVPLHLLHSRLNSSIFNSNHEVSQLKFDDIQAEEKEQLYKREIPQHIKLIQPFLYNIAEKSKTIHYKQLK
KLNELQKMPENDDDILLIEDEDLPLKQRNTRPRVPPTGKIPNVKKKAVNGAYFLDPAIFSSNNQVKVEGDT
;
E
7 'polypeptide(L)'
;MSTEKLFEDLDEDSLMQDVEGGVEGSMTIEEEPEPNDEKEAPHISMPSLPEYTRKDKTLEEILEMMEDEEFTPIIPDAVT
DYYLAKNGFETSDIKIKRILALATQKFISDIAQDAYEYSRIRSSSSVYTSANPQARARQLVAGQQQQQQQQPQQQQQQQP
QTGASQPAPTVGGSGGGGGGGGGTSTGTNNKVVLTMDDLRSALGEYGINVKRPNFYR
;
J
8 'polypeptide(L)'
;MNQPPNQPQDNDSQVSSSGMQGGNSMNYSSSAPVNGAGQGPQPQQNSQGQNGKKPVGMQQAQIQLLARRYQLEMQKAHQL
GPQTPQGAEHLQTATKIKHVLLSYQQQRQRQQGQVQGQGLSQPQGQNQAQGRVQQQTQGLSPDPGSHQGSPQFQQPHQVM
MGSAQTAGTSIANPQAQSNISSQVSQMAAAKVNSASPPIPPKTVGTPTGTPVGTQPRGQVTIQQFQQVKSILEEFEKKLR
TIEAAKRDQNLPEETLQKLLRQEAILKQRYAQTKATAYQMSQHLQRQQQALRAASAESAEVYVTGSASSPNMNVYNQQIL
TQQPQQQLQQQQLHQPQPQQPQPARQSPHLLIHQQQQQQQQQQQQQQQQQQHPVTHRPSNVSQTMPQPSQPLQSSTPSSA
VGRNQSPGATPVTSVNAAAKPSPGTSSTSTLINQHILKPAPPPTEIPARLQVKPPQPAAMKIPNRPTLLGGSAISQPSLT
TPVSIRPPPLEMEGDHVLQKRKLKELLRNVGADEGDGETVIDGDVEELLLDLADEFVTSVTSFACRLAKHRKVDNIDMRD
VQLHLERNWNIRVPGYASDEIRSVRKFQPTAGYNQKVQGVAISKSVNKN
;
K
9 'polypeptide(L)'
;MKQEPGDSSDKSAPSGSITPQPKPPQQANVSNQQPQKPQQFSAADLNRIVLEYLNKKGYHKTESMLRMESSHIPAPPTNI
PTPQTTNISRPTAPGRAPEYSDDPATIKRGYSILKSWCESSLDFYRPELEKFLYPVFVHCYLDLIARGYPSHAREFYDKF
SKDHSVLHEYEISKLGGISLKEHLQENDVAKIFRSHKFKVLIGRTTFNLLLYFLNENDAVGGGVVLRLINQYIEPVITTE
AIAVEREGELNLSEGIVELHTLNNTSIGGEQREISSVDAFNKKPVKLGKLQVDPEYSKELEAELKLKDEHEQAAQKKVST
TLLEEYRENFKVDPSDENNPSKDTLPLPLKSAQDLRNDIAMIQDSRAKIKLSAAQASLPSVCMYTFHNTNNDLTCLKFND
DSTMVASGFQDSFIKLWSIDGSPLRSLLKNDPYNQQNNDGVAVKGSRRLVGHSGAVYGVDFSPDNRYLISCSEDKTVRLW
SLDTYTCLVSYKGHSSSVWDVKFSPMGHYFATASHDQTARLWSCDHIYPLRIFAGHLNDVDCVEFHPNSTYLFTGSSDKT
ARMWDIARGECVRVFMGHSGAINCLAVSPDGRWLASAGEDSVVCLWDISTGRRIKAMRGHGRSSIYSLAFSREGTVLVST
GADNSVRVWDVKKNTNSPSAQPEPINDVTAQGIQKKTEDLRRRKEIVATNDHMSVYFTKKTPVYTVHFTRRNLCLAGGVF
GG
;
G
10 'polypeptide(L)'
;MSKNSQRSSIPTSHTLWSPSDTVKDAAESLGIFNLNEEAAKNLAMDIEYRIHEILDQASKFMRHGKRRTLHTSDIDRALK
VLNLEPLYGYDVSRPLVFKEALVGAGQNLYYVDDDEVDFEKLINEPLPKVPRFSTFTAHWLAIEGVQPAIPQNPSPNDIK
NILPINRGSMENMFSLINDEVKEDTNEEFTSTGPSVSSNISNQKQGLEVKPLVKHVLSRELQLYFDKIVEVLLNQEETKE
AELLRNSALQSVRADPGLHQLVPYFIQFISETITKNLKNISLLSTMLELIYSLLMNESLFLEPYVHAIIPCILTLLLAKK
IGNVDDELQKQQQLALRELSASLLERVIEDFGSSYSTLKPRITRTLLRAFVSVNNTTPGTQYGALLGLRGLGSEVIRIVV
LGNVINWSSTFLEKLQQEDQVFLIDTLIETLRVLTKEGKLVKDMKTENGIDNERLKQRVGDLIADRIQACDDAQDIYWGI
FFGEV
;
H
11 'polypeptide(L)'
;MTNEQAAIPRDVRLLHLIFATQNIYSYQDHVPLQLMDFAYRYTTGTLQDATIYSDHAHASGSHISNAGNAGTNAQLTTED
IRLAIAARTNYQFKPVPPKELLLELAAERNKKPLPAVIPTWGIRLPPEKYCLTGKDWVLEDEEEAVSYKKRKT
;
I
12 'polypeptide(L)'
;MLHVVQLDDFATRLKAAEDYQSKHSVLSEICDSLETFNAAQDYEYFLKSLIPLFIDVLKEVPVSFVANSPENKLRNITLE
ILHRIPANDALQAYSNEIVDTLMDLLKVENELNGILCMKAITTLHKTFKASLQEKVHPFIDIVIEIYSNIPQVVEEQFNG
NQIDSKENVDSTSRPNSPSFSSQSDDSKQLAQAMFSFKTLAESPITMVSLYSSYKELAASSLGNFIPHVMKVLSLEVAKQ
AEARKAAEEKGIILVNVCKEITNRANYGEFIIGQVKAASFLAYLFIRRQAQTFLEPYQQAIPDIIIRLLQDCPSELSAAR
KELLHATRHILSTDFRKMFIPKIDLLFDLRVLIGEGFTAYETLRPLAYSTVADFIHNVRDHLTPAQLWKSVSIYCKNLQD
DSLALTVQIMSAKLLLNLIEKIMRSESKTESRQLLMVIIDAYTKRFKMLNSRYNGIMKQHATYEKEKQEKQNQERLLTNK
LDGTTPSPSDDKKVELIDEDQDVKMEDPTPEISDQETIKGDNDASTEPQDSEQQLADFMSLQEYLPIQVSVPPEIDLLKD
SRYLFKTLMTFLKTIMIGLKNSNPPSSQNHFNAQNWNETARGFSNEDINILKSLFRECILALRFFSTSKTSLPASSMKQS
FDITGPNLPITSTKEEKDLMEIFATMFIHIDPASFNEIVREELPFMYKQMLDFASLLHIPQFFLASVITSSSFSGILITF
LKSKLVDLGEVNIIKSNILIRLFKLCFMSVSLFPAANESVILPHLNELILKSLKLSTTAKEPLVYFYLIRTLFRSIGGGR
FENLYKEIMPLLQVLLESLSKLIHEARRPQERDIYVELCLTVPVRLSVLVPHLSYLMKPLVYALNGSQESVSQGLRTLEL
CVDNLTAEYFDPIIEPVIDDVMEALSKHLKPLPYYHQHSHTTLRILGKLGGRNRTFIKPVDNLKTDSELFQNVEAMFKIH
GLPNEVPLSITPGLSAAFSLLTDPRPRIHYRINSFKYISGIFQLFLGATQLPDDYANRLKESMDIILEDTIAPDEPLNKL
HHFPVKDIAKYDSQMELLVKLLESIFYAVSLQEVREESKALIRGTCNHFILLYFNKMVIDKRKFVRKFSVDNHEGNLFLN
ENCIFDAIIYALSSDNSAVRSMGLESVQLIYDSCVELFGNIDCALKFAPLNVMCSKFIHCCFEEPYHKKLAGCIGLEMML
NSLDIPMKYFNARQLEIIRALFYVLRDTAPELPCEVTNTAKRLILNSLKEWNKELTRNDVFSSVFQNLVSSLIVDLPNAN
EIVRATAQEALRTLSETTQVPIATMISPCKHILLAPIFGKPLRALPFQMQIGNIDAITFCMGLENSFLEYNEELNRLVQE
ALALVDAEDESLVSAHRISEHKTSEQLVRLRVVCIQLLSLAITKPEFAAAQQRSNIRVKILVVFFKSLCGRSIEIIRAAH
GGLKAVIDLKMKLPKELLQNGLRPMLMNLSDHKKLTVASLEALSGLLKLFISYFKVGIGSKLLDHLLAWAQPRTLQQLGS
QDLENNSTVQIIVAILDVFHLLPPTAHKFMNDLMNALLYLENNLHRCQYSPFREPLAKFLDRFPDESFEYFFNEFSKREI
TTRFVYFVGLDSCSSLRAKVLESLPRVRGLLHQEGSAEEKCVRFSNLVDLCESLAASDKEWIKDKEELLGELLDAGSVCL
TLKRSSNVVSPLYFQVDQGFETLQLLYIEYFKSQPLGHEKVFNFIDKISKEGLPFVLEFDDFIFNEVVKCQDIPTVQQTL
DTIIRMTPQVSSLDARVYLYKRIFLPICIYESEMHGDLSRLSQTENNELPAWLKSFDSDVWKATGPLVDDYTSTLEDRYR
LELMQLTALLIKGAPTALTDMRKDIIKFSWNYIKLDDNTSKQAAYVVTAYFISRFDTPSELTTRIFVALLRCHQIDTRYL
VKQALELLAPVLSERTNSELDWLKWPRRVLSEDGFNITQVANIYQLIVKFPDLFYPARDHFIPNIITAMGKLTVMSNTSL
ENQQLAIDLAELILKWETKLPKSEKLGSAEETEKEKSVSEDKMDIDVKEETKEDIAERPKAEDQIGGDDSDSSNILTSED
YEVSFAQREACVTFLIRYICISTQRPSENELGKRALNILYELLGPKYWSEVTVKLQFFERFLMSSDLNQPSLLGYCLNAL
EVLAVALKWKPTTWIIENVSYLQKLLEKCLRSDNQDIQEILQKVLGIILEAINKETQGSEEDEPEEVTNFISLIVNIIGE
DLSNMTSVAAGVSLCWTLSLYRPNALDSLLPSIMRTFNKLCRDHIAISLQGNQPQSGDFANIEFEAKVTTNLLEKILNLC
AARISSLDDQRRVFLSLLAQLIDRSVDKDMLLKVINIVTEWIFKTDFYPTTKEKAGILGKMMIFDLRGEPELSKKFNQVI
VDIFESKELAHTELTARMETAFLFGTRLSDVSIRKKLMSILSDSLELDIDKRLFYIIKDQNWEYLSDYPWLNQALQLLYG
SFHLDSPIRLSPEENTLSPLQSITEGLAREKSPVEKAPQNIIDFVAKHNEFLDSVRSLTAGDILNPLIDISYQSAETIHN
AWVVVFPVAYSAIESRYELEFTRALVKLLFKDYHIRQQDARPNVIKSLLDGVGKCPGLHLPPHLVKYLGSNYNAWYGAIK
LLEELSEGQGIDNQKISDANQDALLEVYMSLQEDDMFYGTWRRRAKYFETNAALSYEQIGIWDKALQLYEAAQIKARSGV
FPFGESEYSLWEDHWIYCAEKLQHWEILTELAKHEGFTDLLLECGWRGADWIADREPLEQSVKTVMDIPTPRRQIFQTFL
ALQGFSQQKDTLQDVSRLCDEGIQLTLRKWNALPQRVTRAHIGLLHTFQQYVELMEASQVYSSLVTTNAQNLDVKSQELK
RVLQAWRERLPNVWDDINIWNDLVTWRQHVFGVINRVYMPFVPVLQQSNGTNNGNSYAYRGYHEMAWVINRFAHVARKHE
MPEVCINQLTKIYTLPNIEIQEAFLKLREQAKCHYQNSSELNTGLDVISNTNLVYFATQQKAEFFTLKGMFLAKLNAKDE
ANQAFATAVQIDLNLPKAWAEWGFFNDRRFKENPEEIFHAKNAISCYLQAAGLYKDGKTRKLLCRILWLISLDDAAGSLA
KTFEDHHGESPVWYWITFVPQLLTSLSHKEAKIVRHILIQIAKSYPQSLHFQLRTTKEDYQAIQRQAMAVNRAEEQSSNK
QDTADSVLKNTNTPQPQTRTETSGTTAESDKKPSIPPKEEQGSPQPSRPATTQASPQAQSQENGESSQKHPPEIPTTDSR
QPWQDVEEIMGILKTAYPLLALSLESLVDQLNQRFKCNADEDAYRLVIVLYNDGVQQMNRVANPREEVKLPAATEASISR
FADSVLPKNIREVFEQDIIACNPNLETYISKLRKWRDCLEEKLDRSYGKADLERVSLHLSLFHHQKFEDIEIPGQYLLHK
DNNNHFIKIERFLPTLDLVRGSNGCYKRMTIRGNDGSLHPFAVQFPAARHCRREERIFQLFRIFDDALSRKVQSRRRNIS
LTLPIAVPLSPHIRILNDDKRYTTLMGIYEEFCRRKGQSRDEPFAYTIQKLRAAFDPRLPKPDIVSVRAEVLASIQSTLV
PSTLLKDYYTEKFSNYENYWLFRKQFTAQYASFIFMTYIMCINSRQPQKIHINEGSGNIWTSEMLPTKVATGKTHSTAYN
NSTLDPAVKAGAPIFYNTESVPFRLTPNIQKFIGEAGLEGILSVYILVIANSLSDSEFDMEQYLSLFVRDEVISWFAQQH
RASAQTNQLREIVRVNVELLTKRVLQLNHIPNSQNVATQFVLNLISQAVNPRNLAYTDSAWMAYL
;
L
13 'polypeptide(L)'
;(UNK)(UNK)(UNK)(UNK)(UNK)(UNK)(UNK)(UNK)(UNK)(UNK)(UNK)(UNK)(UNK)(UNK)(UNK)(UNK)
(UNK)(UNK)(UNK)(UNK)(UNK)(UNK)(UNK)(UNK)(UNK)(UNK)(UNK)(UNK)(UNK)(UNK)(UNK)(UNK)
(UNK)(UNK)(UNK)(UNK)(UNK)(UNK)(UNK)(UNK)(UNK)(UNK)(UNK)(UNK)(UNK)(UNK)(UNK)(UNK)
(UNK)(UNK)(UNK)(UNK)(UNK)(UNK)(UNK)(UNK)(UNK)(UNK)(UNK)(UNK)(UNK)(UNK)(UNK)(UNK)
(UNK)(UNK)(UNK)(UNK)(UNK)(UNK)(UNK)(UNK)(UNK)(UNK)(UNK)(UNK)
;
B
#
# COMPACT_ATOMS: atom_id res chain seq x y z
N SER A 64 -7.14 64.96 -23.91
CA SER A 64 -7.64 64.00 -22.87
C SER A 64 -8.60 62.96 -23.44
N GLY A 65 -9.19 63.31 -24.60
CA GLY A 65 -10.20 62.51 -25.26
C GLY A 65 -10.25 61.02 -25.55
N ILE A 66 -11.28 60.37 -25.01
CA ILE A 66 -11.59 58.95 -25.21
C ILE A 66 -12.99 59.01 -25.87
N VAL A 67 -13.11 58.51 -27.10
CA VAL A 67 -14.38 58.52 -27.83
C VAL A 67 -14.52 57.21 -28.61
N PRO A 68 -15.76 56.70 -28.74
CA PRO A 68 -16.03 55.45 -29.46
C PRO A 68 -15.74 55.51 -30.95
N THR A 69 -15.23 54.43 -31.51
CA THR A 69 -14.97 54.40 -32.95
C THR A 69 -16.05 53.50 -33.52
N LEU A 70 -16.40 53.70 -34.79
CA LEU A 70 -17.43 52.85 -35.40
C LEU A 70 -16.72 51.68 -36.05
N GLN A 71 -17.12 50.47 -35.67
CA GLN A 71 -16.49 49.26 -36.17
C GLN A 71 -17.22 48.65 -37.35
N ASN A 72 -18.53 48.86 -37.43
CA ASN A 72 -19.29 48.31 -38.54
C ASN A 72 -20.71 48.82 -38.60
N ILE A 73 -21.13 49.17 -39.80
CA ILE A 73 -22.47 49.67 -40.05
C ILE A 73 -23.12 48.71 -41.04
N VAL A 74 -24.25 48.14 -40.65
CA VAL A 74 -24.98 47.23 -41.52
C VAL A 74 -26.15 48.01 -42.06
N ALA A 75 -26.12 48.31 -43.36
CA ALA A 75 -27.18 49.08 -43.98
C ALA A 75 -27.94 48.27 -45.01
N THR A 76 -29.19 48.64 -45.21
CA THR A 76 -30.05 47.96 -46.15
C THR A 76 -30.62 49.04 -47.04
N VAL A 77 -30.42 48.93 -48.34
CA VAL A 77 -30.97 49.90 -49.28
C VAL A 77 -31.62 49.11 -50.42
N THR A 78 -32.67 49.68 -51.01
CA THR A 78 -33.38 49.01 -52.10
C THR A 78 -33.28 49.65 -53.47
N LEU A 79 -32.78 48.89 -54.43
CA LEU A 79 -32.68 49.34 -55.81
C LEU A 79 -34.05 48.97 -56.35
N GLY A 80 -35.05 49.82 -56.08
CA GLY A 80 -36.41 49.55 -56.51
C GLY A 80 -36.63 49.07 -57.94
N CYS A 81 -36.42 47.78 -58.17
CA CYS A 81 -36.59 47.15 -59.49
C CYS A 81 -36.26 45.67 -59.37
N ARG A 82 -36.82 44.84 -60.24
CA ARG A 82 -36.56 43.41 -60.20
C ARG A 82 -35.13 43.17 -60.68
N LEU A 83 -34.48 42.13 -60.15
CA LEU A 83 -33.09 41.81 -60.54
C LEU A 83 -32.85 40.34 -60.87
N ASP A 84 -32.36 40.08 -62.07
CA ASP A 84 -32.10 38.70 -62.49
C ASP A 84 -30.77 38.21 -61.94
N LEU A 85 -30.77 37.85 -60.66
CA LEU A 85 -29.57 37.38 -59.96
C LEU A 85 -28.57 36.48 -60.72
N LYS A 86 -29.06 35.58 -61.57
CA LYS A 86 -28.15 34.69 -62.30
C LYS A 86 -27.29 35.55 -63.21
N THR A 87 -27.97 36.38 -64.00
CA THR A 87 -27.33 37.29 -64.96
C THR A 87 -26.21 38.15 -64.34
N VAL A 88 -26.61 38.98 -63.39
CA VAL A 88 -25.71 39.91 -62.71
C VAL A 88 -24.56 39.22 -61.98
N ALA A 89 -24.72 37.92 -61.71
CA ALA A 89 -23.67 37.18 -61.05
C ALA A 89 -22.70 36.83 -62.17
N LEU A 90 -23.27 36.45 -63.31
CA LEU A 90 -22.47 36.10 -64.49
C LEU A 90 -21.54 37.27 -64.81
N HIS A 91 -22.12 38.39 -65.23
CA HIS A 91 -21.36 39.58 -65.59
C HIS A 91 -20.34 39.97 -64.52
N ALA A 92 -20.81 40.17 -63.29
CA ALA A 92 -19.94 40.55 -62.17
C ALA A 92 -18.81 39.54 -62.04
N ARG A 93 -19.10 38.30 -62.47
CA ARG A 93 -18.15 37.20 -62.44
C ARG A 93 -17.61 36.80 -61.05
N ASN A 94 -16.95 37.71 -60.34
CA ASN A 94 -16.42 37.40 -59.01
C ASN A 94 -17.44 37.72 -57.92
N ALA A 95 -18.64 37.20 -58.10
CA ALA A 95 -19.75 37.38 -57.15
C ALA A 95 -20.16 35.97 -56.78
N GLU A 96 -20.18 35.66 -55.49
CA GLU A 96 -20.57 34.32 -55.10
C GLU A 96 -22.08 34.20 -55.24
N TYR A 97 -22.49 33.37 -56.19
CA TYR A 97 -23.90 33.06 -56.45
C TYR A 97 -23.82 31.57 -56.45
N ASN A 98 -24.68 30.91 -55.68
CA ASN A 98 -24.67 29.46 -55.61
C ASN A 98 -26.05 28.82 -55.38
N PRO A 99 -26.29 27.66 -56.03
CA PRO A 99 -27.56 26.91 -55.96
C PRO A 99 -27.80 26.31 -54.58
N LYS A 100 -28.93 25.63 -54.41
CA LYS A 100 -29.25 24.94 -53.16
C LYS A 100 -29.20 25.76 -51.87
N ARG A 101 -28.69 26.99 -51.93
CA ARG A 101 -28.60 27.81 -50.72
C ARG A 101 -28.65 29.29 -51.06
N PHE A 102 -29.03 30.10 -50.08
CA PHE A 102 -29.12 31.56 -50.20
C PHE A 102 -29.31 32.06 -51.63
N ALA A 103 -30.52 32.48 -51.96
CA ALA A 103 -30.81 32.97 -53.29
C ALA A 103 -30.62 34.48 -53.36
N ALA A 104 -29.38 34.87 -53.59
CA ALA A 104 -29.02 36.28 -53.72
C ALA A 104 -27.56 36.35 -54.11
N VAL A 105 -27.14 37.45 -54.72
CA VAL A 105 -25.74 37.56 -55.13
C VAL A 105 -24.91 38.40 -54.15
N ILE A 106 -23.80 37.82 -53.70
CA ILE A 106 -22.88 38.47 -52.76
C ILE A 106 -21.77 39.22 -53.52
N MET A 107 -21.94 40.54 -53.66
CA MET A 107 -20.97 41.40 -54.34
C MET A 107 -19.85 41.86 -53.38
N ARG A 108 -19.02 42.80 -53.80
CA ARG A 108 -17.91 43.25 -52.93
C ARG A 108 -17.13 44.38 -53.59
N ILE A 109 -16.21 45.01 -52.86
CA ILE A 109 -15.35 46.08 -53.41
C ILE A 109 -14.12 46.30 -52.51
N ARG A 110 -12.97 46.58 -53.14
CA ARG A 110 -11.72 46.82 -52.41
C ARG A 110 -11.78 47.99 -51.42
N GLU A 111 -12.49 49.05 -51.81
CA GLU A 111 -12.64 50.20 -50.93
C GLU A 111 -13.69 51.08 -51.56
N PRO A 112 -14.67 51.56 -50.76
CA PRO A 112 -14.73 51.23 -49.33
C PRO A 112 -15.00 49.75 -49.10
N LYS A 113 -13.98 49.03 -48.62
CA LYS A 113 -14.04 47.60 -48.32
C LYS A 113 -15.37 47.17 -47.63
N THR A 114 -16.38 46.86 -48.44
CA THR A 114 -17.68 46.45 -47.93
C THR A 114 -18.17 45.24 -48.72
N THR A 115 -18.97 44.40 -48.06
CA THR A 115 -19.56 43.19 -48.64
C THR A 115 -21.00 43.55 -48.91
N ALA A 116 -21.60 43.00 -49.97
CA ALA A 116 -22.99 43.34 -50.26
C ALA A 116 -23.86 42.17 -50.71
N LEU A 117 -24.94 41.93 -49.97
CA LEU A 117 -25.90 40.87 -50.28
C LEU A 117 -27.01 41.50 -51.09
N ILE A 118 -27.03 41.21 -52.39
CA ILE A 118 -28.04 41.74 -53.29
C ILE A 118 -29.15 40.70 -53.36
N PHE A 119 -30.41 41.12 -53.28
CA PHE A 119 -31.55 40.19 -53.36
C PHE A 119 -32.39 40.53 -54.60
N ALA A 120 -32.99 39.51 -55.22
CA ALA A 120 -33.83 39.75 -56.40
C ALA A 120 -35.02 40.63 -56.06
N SER A 121 -35.34 40.76 -54.78
CA SER A 121 -36.48 41.61 -54.41
C SER A 121 -36.09 43.08 -54.52
N GLY A 122 -35.14 43.38 -55.40
CA GLY A 122 -34.67 44.75 -55.58
C GLY A 122 -33.88 45.28 -54.39
N LYS A 123 -33.95 44.60 -53.26
CA LYS A 123 -33.27 45.07 -52.05
C LYS A 123 -31.86 44.51 -51.85
N MET A 124 -31.02 45.30 -51.18
CA MET A 124 -29.63 44.93 -50.91
C MET A 124 -29.21 45.34 -49.49
N VAL A 125 -28.35 44.53 -48.88
CA VAL A 125 -27.85 44.76 -47.52
C VAL A 125 -26.31 44.92 -47.53
N VAL A 126 -25.81 46.15 -47.51
CA VAL A 126 -24.34 46.34 -47.54
C VAL A 126 -23.76 46.41 -46.13
N THR A 127 -22.68 45.66 -45.91
CA THR A 127 -22.01 45.53 -44.61
C THR A 127 -20.53 45.92 -44.66
N GLY A 128 -19.95 46.24 -43.51
CA GLY A 128 -18.53 46.55 -43.44
C GLY A 128 -18.09 47.99 -43.27
N ALA A 129 -18.90 48.93 -43.73
CA ALA A 129 -18.54 50.35 -43.64
C ALA A 129 -18.32 50.83 -42.21
N LYS A 130 -17.24 51.58 -42.01
CA LYS A 130 -16.91 52.13 -40.70
C LYS A 130 -17.46 53.55 -40.53
N SER A 131 -18.45 53.95 -41.32
CA SER A 131 -19.01 55.31 -41.22
C SER A 131 -20.21 55.53 -42.13
N GLU A 132 -21.25 56.19 -41.59
CA GLU A 132 -22.50 56.47 -42.32
C GLU A 132 -22.25 56.99 -43.72
N ASP A 133 -21.21 57.77 -43.91
CA ASP A 133 -20.95 58.28 -45.24
C ASP A 133 -20.33 57.22 -46.14
N ASP A 134 -19.38 56.46 -45.63
CA ASP A 134 -18.79 55.41 -46.45
C ASP A 134 -19.87 54.43 -46.91
N SER A 135 -20.73 53.99 -45.99
CA SER A 135 -21.81 53.07 -46.33
C SER A 135 -22.56 53.67 -47.52
N LYS A 136 -23.14 54.85 -47.32
CA LYS A 136 -23.87 55.54 -48.37
C LYS A 136 -23.04 55.52 -49.66
N LEU A 137 -21.73 55.71 -49.54
CA LEU A 137 -20.91 55.70 -50.74
C LEU A 137 -20.92 54.29 -51.35
N ALA A 138 -20.67 53.27 -50.52
CA ALA A 138 -20.66 51.88 -51.01
C ALA A 138 -22.03 51.50 -51.51
N SER A 139 -23.05 52.20 -51.02
CA SER A 139 -24.42 51.95 -51.42
C SER A 139 -24.67 52.53 -52.82
N ARG A 140 -23.86 53.50 -53.21
CA ARG A 140 -23.99 54.10 -54.53
C ARG A 140 -23.14 53.31 -55.53
N LYS A 141 -21.99 52.84 -55.10
CA LYS A 141 -21.15 52.04 -56.00
C LYS A 141 -21.97 50.87 -56.57
N TYR A 142 -22.61 50.11 -55.69
CA TYR A 142 -23.40 48.92 -56.07
C TYR A 142 -24.57 49.12 -57.03
N ALA A 143 -25.16 50.31 -57.03
CA ALA A 143 -26.26 50.63 -57.93
C ALA A 143 -25.69 51.12 -59.29
N ARG A 144 -24.47 50.72 -59.59
CA ARG A 144 -23.81 51.08 -60.84
C ARG A 144 -23.50 49.73 -61.49
N ILE A 145 -22.79 48.88 -60.75
CA ILE A 145 -22.46 47.55 -61.25
C ILE A 145 -23.74 46.81 -61.61
N ILE A 146 -24.88 47.27 -61.10
CA ILE A 146 -26.15 46.63 -61.42
C ILE A 146 -27.15 47.67 -61.98
N GLN A 147 -26.59 48.57 -62.79
CA GLN A 147 -27.34 49.62 -63.46
C GLN A 147 -26.75 49.67 -64.85
N LYS A 148 -25.42 49.81 -64.94
CA LYS A 148 -24.77 49.82 -66.24
C LYS A 148 -25.25 48.59 -67.02
N ILE A 149 -25.54 47.52 -66.27
CA ILE A 149 -26.07 46.29 -66.86
C ILE A 149 -27.55 46.65 -66.95
N GLY A 150 -27.87 47.47 -67.94
CA GLY A 150 -29.23 47.92 -68.19
C GLY A 150 -30.29 47.55 -67.16
N PHE A 151 -30.36 48.31 -66.08
CA PHE A 151 -31.35 48.00 -65.05
C PHE A 151 -31.87 49.25 -64.34
N ALA A 152 -33.09 49.16 -63.84
CA ALA A 152 -33.72 50.27 -63.14
C ALA A 152 -33.19 50.38 -61.72
N ALA A 153 -31.88 50.19 -61.58
CA ALA A 153 -31.21 50.24 -60.28
C ALA A 153 -31.40 51.61 -59.64
N LYS A 154 -32.61 51.86 -59.17
CA LYS A 154 -32.91 53.12 -58.56
C LYS A 154 -32.54 53.07 -57.07
N PHE A 155 -31.43 53.73 -56.72
CA PHE A 155 -30.99 53.82 -55.32
C PHE A 155 -32.10 54.58 -54.57
N THR A 156 -32.58 54.02 -53.48
CA THR A 156 -33.64 54.72 -52.73
C THR A 156 -33.82 54.11 -51.33
N ASP A 157 -34.66 54.75 -50.52
CA ASP A 157 -34.87 54.31 -49.14
C ASP A 157 -33.66 53.65 -48.48
N PHE A 158 -32.55 54.37 -48.38
CA PHE A 158 -31.35 53.85 -47.71
C PHE A 158 -31.66 53.92 -46.21
N LYS A 159 -31.45 52.80 -45.49
CA LYS A 159 -31.70 52.72 -44.05
C LYS A 159 -30.53 52.05 -43.36
N ILE A 160 -30.32 52.40 -42.09
CA ILE A 160 -29.25 51.80 -41.29
C ILE A 160 -29.93 50.79 -40.38
N GLN A 161 -29.44 49.55 -40.43
CA GLN A 161 -30.01 48.47 -39.64
C GLN A 161 -29.37 48.29 -38.27
N ASN A 162 -28.08 48.66 -38.14
CA ASN A 162 -27.37 48.54 -36.87
C ASN A 162 -25.98 49.14 -36.95
N ILE A 163 -25.52 49.70 -35.84
CA ILE A 163 -24.19 50.30 -35.74
C ILE A 163 -23.50 49.74 -34.50
N VAL A 164 -22.30 49.22 -34.67
CA VAL A 164 -21.55 48.69 -33.53
C VAL A 164 -20.29 49.53 -33.34
N GLY A 165 -19.95 49.82 -32.09
CA GLY A 165 -18.77 50.62 -31.84
C GLY A 165 -17.84 49.88 -30.89
N SER A 166 -16.81 50.56 -30.42
CA SER A 166 -15.87 49.95 -29.48
C SER A 166 -15.15 51.11 -28.86
N CYS A 167 -14.62 50.90 -27.66
CA CYS A 167 -13.93 51.97 -26.96
C CYS A 167 -12.99 51.35 -25.93
N ASP A 168 -11.99 52.10 -25.50
CA ASP A 168 -11.04 51.60 -24.53
C ASP A 168 -10.76 52.72 -23.56
N VAL A 169 -11.18 52.52 -22.30
CA VAL A 169 -10.98 53.52 -21.26
C VAL A 169 -9.60 53.45 -20.61
N LYS A 170 -8.87 52.37 -20.89
CA LYS A 170 -7.52 52.15 -20.39
C LYS A 170 -7.28 52.08 -18.89
N PHE A 171 -8.14 51.35 -18.20
CA PHE A 171 -8.02 51.11 -16.79
C PHE A 171 -8.90 49.90 -16.52
N PRO A 172 -8.38 48.90 -15.80
CA PRO A 172 -9.23 47.74 -15.56
C PRO A 172 -10.47 48.15 -14.80
N ILE A 173 -11.53 47.37 -14.90
CA ILE A 173 -12.76 47.74 -14.23
C ILE A 173 -13.14 46.69 -13.20
N ARG A 174 -13.82 47.13 -12.15
CA ARG A 174 -14.28 46.25 -11.08
C ARG A 174 -15.69 45.88 -11.44
N LEU A 175 -15.81 45.00 -12.42
CA LEU A 175 -17.09 44.55 -12.93
C LEU A 175 -17.99 43.98 -11.85
N GLU A 176 -17.42 43.16 -10.97
CA GLU A 176 -18.17 42.58 -9.83
C GLU A 176 -18.99 43.68 -9.17
N GLY A 177 -18.33 44.80 -8.83
CA GLY A 177 -18.97 45.85 -8.08
C GLY A 177 -20.02 46.52 -8.96
N LEU A 178 -19.73 46.69 -10.25
CA LEU A 178 -20.69 47.32 -11.16
C LEU A 178 -21.95 46.50 -11.21
N ALA A 179 -21.79 45.21 -11.54
CA ALA A 179 -22.88 44.27 -11.69
C ALA A 179 -23.79 44.14 -10.49
N PHE A 180 -23.19 43.99 -9.31
CA PHE A 180 -24.01 43.78 -8.09
C PHE A 180 -24.14 45.10 -7.32
N SER A 181 -24.34 46.18 -8.09
CA SER A 181 -24.91 47.42 -7.62
C SER A 181 -25.76 48.01 -8.77
N HIS A 182 -25.65 47.37 -9.93
CA HIS A 182 -26.39 47.75 -11.14
C HIS A 182 -27.04 46.51 -11.76
N GLY A 183 -27.40 45.54 -10.93
CA GLY A 183 -28.02 44.32 -11.42
C GLY A 183 -29.29 44.53 -12.21
N THR A 184 -29.81 45.74 -12.16
CA THR A 184 -31.02 46.11 -12.89
C THR A 184 -30.76 46.01 -14.40
N PHE A 185 -29.52 46.31 -14.78
CA PHE A 185 -29.10 46.34 -16.17
C PHE A 185 -27.99 45.37 -16.50
N SER A 186 -27.11 45.13 -15.53
CA SER A 186 -25.94 44.28 -15.70
C SER A 186 -26.15 42.78 -15.50
N SER A 187 -25.14 41.88 -16.12
CA SER A 187 -25.61 40.51 -16.29
C SER A 187 -24.32 39.69 -16.31
N TYR A 188 -24.22 38.66 -15.46
CA TYR A 188 -23.06 37.75 -15.64
C TYR A 188 -23.40 36.29 -15.32
N GLU A 189 -23.73 35.51 -16.34
CA GLU A 189 -23.92 34.04 -16.10
C GLU A 189 -22.72 33.37 -16.78
N PRO A 190 -21.84 32.68 -16.03
CA PRO A 190 -20.61 32.14 -16.62
C PRO A 190 -20.82 31.10 -17.74
N GLU A 191 -21.72 30.14 -17.51
CA GLU A 191 -22.02 29.13 -18.56
C GLU A 191 -22.67 29.80 -19.77
N LEU A 192 -23.62 30.72 -19.55
CA LEU A 192 -24.37 31.33 -20.68
C LEU A 192 -23.43 32.11 -21.60
N PHE A 193 -22.52 32.91 -21.04
CA PHE A 193 -21.66 33.76 -21.89
C PHE A 193 -20.37 34.15 -21.15
N PRO A 194 -19.31 34.58 -21.86
CA PRO A 194 -18.09 35.06 -21.20
C PRO A 194 -18.22 36.57 -20.96
N GLY A 195 -17.55 37.09 -19.92
CA GLY A 195 -17.67 38.51 -19.68
C GLY A 195 -18.91 38.92 -18.92
N LEU A 196 -19.07 40.22 -18.77
CA LEU A 196 -20.18 40.79 -18.06
C LEU A 196 -20.87 41.78 -18.99
N ILE A 197 -22.20 41.75 -19.02
CA ILE A 197 -22.93 42.69 -19.85
C ILE A 197 -23.44 43.80 -18.94
N TYR A 198 -24.49 44.94 -20.14
CA TYR A 198 -25.23 46.06 -19.57
C TYR A 198 -26.25 46.46 -20.65
N ARG A 199 -27.51 46.54 -20.27
CA ARG A 199 -28.58 46.88 -21.21
C ARG A 199 -29.19 48.25 -20.91
N MET A 200 -28.90 49.24 -21.75
CA MET A 200 -29.45 50.57 -21.53
C MET A 200 -30.86 50.64 -22.07
N VAL A 201 -31.73 51.34 -21.36
CA VAL A 201 -33.13 51.50 -21.78
C VAL A 201 -33.27 52.72 -22.70
N LYS A 202 -32.43 53.72 -22.47
CA LYS A 202 -32.47 54.95 -23.23
C LYS A 202 -31.05 55.50 -23.36
N PRO A 203 -30.44 55.38 -24.55
CA PRO A 203 -31.02 54.76 -25.74
C PRO A 203 -30.86 53.24 -25.74
N LYS A 204 -31.69 52.55 -26.52
CA LYS A 204 -31.66 51.10 -26.62
C LYS A 204 -30.31 50.62 -27.15
N ILE A 205 -29.38 50.36 -26.23
CA ILE A 205 -28.03 49.91 -26.58
C ILE A 205 -27.58 48.83 -25.60
N VAL A 206 -26.88 47.83 -26.12
CA VAL A 206 -26.33 46.74 -25.31
C VAL A 206 -24.80 46.90 -25.31
N LEU A 207 -24.22 47.18 -24.14
CA LEU A 207 -22.76 47.36 -23.99
C LEU A 207 -22.13 46.19 -23.30
N LEU A 208 -21.06 45.67 -23.89
CA LEU A 208 -20.27 44.57 -23.33
C LEU A 208 -19.08 45.27 -22.72
N ILE A 209 -18.86 45.06 -21.43
CA ILE A 209 -17.76 45.68 -20.73
C ILE A 209 -16.82 44.57 -20.25
N PHE A 210 -15.53 44.70 -20.55
CA PHE A 210 -14.55 43.71 -20.14
C PHE A 210 -13.64 44.30 -19.07
N VAL A 211 -12.95 43.44 -18.31
CA VAL A 211 -12.05 43.92 -17.26
C VAL A 211 -10.95 44.83 -17.76
N SER A 212 -10.36 44.52 -18.90
CA SER A 212 -9.28 45.33 -19.45
C SER A 212 -9.72 46.77 -19.69
N GLY A 213 -11.03 46.99 -19.73
CA GLY A 213 -11.54 48.32 -19.94
C GLY A 213 -12.07 48.57 -21.33
N LYS A 214 -12.03 47.54 -22.17
CA LYS A 214 -12.50 47.64 -23.55
C LYS A 214 -14.00 47.36 -23.57
N ILE A 215 -14.78 48.25 -24.16
CA ILE A 215 -16.20 48.04 -24.20
C ILE A 215 -16.72 47.99 -25.63
N VAL A 216 -17.79 47.26 -25.84
CA VAL A 216 -18.42 47.11 -27.15
C VAL A 216 -19.87 47.66 -27.07
N LEU A 217 -20.19 48.63 -27.93
CA LEU A 217 -21.51 49.21 -27.92
C LEU A 217 -22.25 48.68 -29.14
N THR A 218 -23.41 48.06 -28.94
CA THR A 218 -24.17 47.49 -30.06
C THR A 218 -25.62 47.93 -30.11
N GLY A 219 -26.26 47.67 -31.25
CA GLY A 219 -27.66 47.99 -31.43
C GLY A 219 -28.11 49.40 -31.73
N ALA A 220 -27.19 50.33 -31.90
CA ALA A 220 -27.58 51.70 -32.19
C ALA A 220 -28.05 51.73 -33.62
N LYS A 221 -29.12 52.45 -33.89
CA LYS A 221 -29.57 52.54 -35.29
C LYS A 221 -29.01 53.82 -35.88
N GLN A 222 -28.49 54.69 -35.01
CA GLN A 222 -27.93 55.97 -35.42
C GLN A 222 -26.63 56.28 -34.68
N ARG A 223 -25.69 56.89 -35.38
CA ARG A 223 -24.39 57.23 -34.82
C ARG A 223 -24.38 57.90 -33.44
N GLU A 224 -25.09 59.01 -33.31
CA GLU A 224 -25.15 59.78 -32.08
C GLU A 224 -25.52 59.04 -30.80
N GLU A 225 -26.08 57.84 -30.95
CA GLU A 225 -26.48 57.04 -29.80
C GLU A 225 -25.32 56.28 -29.17
N ILE A 226 -24.25 56.09 -29.96
CA ILE A 226 -23.07 55.41 -29.48
C ILE A 226 -22.35 56.37 -28.52
N TYR A 227 -22.20 57.62 -28.94
CA TYR A 227 -21.55 58.64 -28.13
C TYR A 227 -22.42 58.88 -26.91
N GLN A 228 -23.72 58.94 -27.12
CA GLN A 228 -24.70 59.16 -26.07
C GLN A 228 -24.60 58.05 -25.03
N ALA A 229 -24.56 56.80 -25.47
CA ALA A 229 -24.46 55.66 -24.57
C ALA A 229 -23.14 55.69 -23.80
N PHE A 230 -22.04 55.93 -24.47
CA PHE A 230 -20.75 55.98 -23.78
C PHE A 230 -20.59 57.19 -22.86
N GLU A 231 -21.17 58.32 -23.25
CA GLU A 231 -21.11 59.54 -22.46
C GLU A 231 -21.84 59.38 -21.13
N ALA A 232 -22.77 58.43 -21.09
CA ALA A 232 -23.55 58.17 -19.89
C ALA A 232 -23.04 57.04 -19.02
N ILE A 233 -22.26 56.12 -19.59
CA ILE A 233 -21.74 55.00 -18.81
C ILE A 233 -20.31 55.22 -18.33
N TYR A 234 -19.62 56.17 -18.93
CA TYR A 234 -18.23 56.48 -18.55
C TYR A 234 -18.07 56.85 -17.07
N PRO A 235 -18.94 57.73 -16.53
CA PRO A 235 -18.77 58.07 -15.12
C PRO A 235 -18.98 56.87 -14.23
N VAL A 236 -19.80 55.93 -14.69
CA VAL A 236 -20.07 54.72 -13.91
C VAL A 236 -18.81 53.86 -13.90
N LEU A 237 -18.18 53.71 -15.05
CA LEU A 237 -16.96 52.92 -15.13
C LEU A 237 -15.82 53.57 -14.34
N SER A 238 -15.83 54.88 -14.20
CA SER A 238 -14.75 55.52 -13.46
C SER A 238 -14.89 55.26 -11.98
N GLU A 239 -16.13 55.02 -11.57
CA GLU A 239 -16.42 54.75 -10.18
C GLU A 239 -15.92 53.39 -9.75
N PHE A 240 -15.93 52.44 -10.68
CA PHE A 240 -15.47 51.09 -10.39
C PHE A 240 -14.12 50.80 -11.05
N ARG A 241 -13.29 51.82 -11.19
CA ARG A 241 -11.98 51.64 -11.77
C ARG A 241 -11.13 50.93 -10.76
N LYS A 242 -10.58 49.77 -11.11
CA LYS A 242 -9.71 49.05 -10.20
C LYS A 242 -8.37 49.73 -10.32
N MET A 243 -7.77 50.03 -9.19
CA MET A 243 -6.49 50.74 -9.14
C MET A 243 -5.32 49.80 -8.86
N TYR B 159 -73.97 -24.20 -23.82
CA TYR B 159 -72.83 -23.35 -24.14
C TYR B 159 -71.53 -24.13 -24.02
N GLU B 160 -71.45 -25.01 -23.02
CA GLU B 160 -70.21 -25.76 -22.80
C GLU B 160 -69.90 -26.67 -23.98
N ARG B 161 -70.87 -27.44 -24.45
CA ARG B 161 -70.65 -28.29 -25.61
C ARG B 161 -70.33 -27.46 -26.85
N LEU B 162 -71.12 -26.40 -27.09
CA LEU B 162 -70.84 -25.52 -28.22
C LEU B 162 -69.49 -24.84 -28.06
N LYS B 163 -69.12 -24.51 -26.82
CA LYS B 163 -67.82 -23.89 -26.58
C LYS B 163 -66.68 -24.84 -26.94
N ARG B 164 -66.79 -26.10 -26.53
CA ARG B 164 -65.75 -27.07 -26.87
C ARG B 164 -65.72 -27.33 -28.37
N ASP B 165 -66.88 -27.33 -29.02
CA ASP B 165 -66.91 -27.53 -30.46
C ASP B 165 -66.23 -26.37 -31.18
N ILE B 166 -66.48 -25.14 -30.72
CA ILE B 166 -65.83 -23.98 -31.34
C ILE B 166 -64.34 -23.99 -31.05
N LEU B 167 -63.94 -24.46 -29.87
CA LEU B 167 -62.52 -24.61 -29.57
C LEU B 167 -61.88 -25.63 -30.51
N ALA B 168 -62.63 -26.67 -30.86
CA ALA B 168 -62.17 -27.63 -31.86
C ALA B 168 -62.17 -27.04 -33.26
N LEU B 169 -62.98 -26.02 -33.50
CA LEU B 169 -62.96 -25.30 -34.78
C LEU B 169 -61.55 -24.75 -35.01
N PRO B 170 -60.89 -24.25 -33.97
CA PRO B 170 -59.48 -23.92 -34.10
C PRO B 170 -58.62 -25.17 -34.21
N VAL B 171 -57.53 -25.05 -34.96
CA VAL B 171 -56.60 -26.16 -35.12
C VAL B 171 -55.85 -26.51 -33.85
N ARG B 172 -55.96 -25.69 -32.81
CA ARG B 172 -55.31 -25.97 -31.53
C ARG B 172 -56.07 -27.00 -30.70
N GLU B 173 -57.09 -27.65 -31.26
CA GLU B 173 -57.70 -28.79 -30.57
C GLU B 173 -56.67 -29.87 -30.28
N ARG B 174 -55.69 -30.04 -31.16
CA ARG B 174 -54.64 -31.02 -30.92
C ARG B 174 -53.80 -30.64 -29.71
N ARG B 175 -53.39 -29.37 -29.63
CA ARG B 175 -52.64 -28.91 -28.46
C ARG B 175 -53.47 -29.02 -27.19
N ARG B 176 -54.77 -28.73 -27.28
CA ARG B 176 -55.63 -28.89 -26.14
C ARG B 176 -55.74 -30.35 -25.72
N ILE B 177 -55.68 -31.27 -26.67
CA ILE B 177 -55.79 -32.69 -26.36
C ILE B 177 -54.55 -33.24 -25.68
N LYS B 178 -53.40 -32.61 -25.87
CA LYS B 178 -52.15 -33.14 -25.32
C LYS B 178 -51.91 -32.74 -23.87
N ALA B 179 -52.61 -31.73 -23.37
CA ALA B 179 -52.33 -31.18 -22.04
C ALA B 179 -53.19 -31.87 -20.97
N ILE B 180 -53.08 -33.20 -20.96
CA ILE B 180 -53.81 -34.03 -20.00
C ILE B 180 -52.92 -34.47 -18.84
N THR B 181 -51.61 -34.54 -19.03
CA THR B 181 -50.72 -35.09 -18.03
C THR B 181 -50.53 -34.09 -16.89
N ARG B 182 -49.65 -34.45 -15.96
CA ARG B 182 -49.19 -33.55 -14.92
C ARG B 182 -47.80 -33.04 -15.29
N GLU B 183 -47.68 -31.73 -15.35
CA GLU B 183 -46.51 -31.08 -15.89
C GLU B 183 -45.47 -30.91 -14.78
N SER B 184 -44.45 -30.09 -15.01
CA SER B 184 -43.27 -30.06 -14.15
C SER B 184 -42.61 -31.42 -14.14
N GLY B 185 -42.14 -31.81 -15.34
CA GLY B 185 -41.44 -33.06 -15.52
C GLY B 185 -40.03 -32.99 -14.97
N LYS B 186 -39.95 -32.95 -13.64
CA LYS B 186 -38.71 -32.73 -12.92
C LYS B 186 -38.68 -33.70 -11.74
N LYS B 187 -37.68 -33.55 -10.87
CA LYS B 187 -37.72 -34.25 -9.60
C LYS B 187 -38.87 -33.77 -8.72
N GLY B 188 -39.32 -32.54 -8.93
CA GLY B 188 -40.56 -32.06 -8.37
C GLY B 188 -40.58 -30.55 -8.24
N MET B 189 -41.80 -30.02 -8.19
CA MET B 189 -42.04 -28.65 -7.74
C MET B 189 -43.23 -28.73 -6.79
N VAL B 190 -42.95 -28.88 -5.50
CA VAL B 190 -43.99 -28.91 -4.49
C VAL B 190 -44.73 -27.57 -4.50
N ASN B 191 -46.02 -27.61 -4.18
CA ASN B 191 -46.87 -26.43 -4.12
C ASN B 191 -47.56 -26.30 -2.77
N SER B 192 -47.16 -27.09 -1.78
CA SER B 192 -47.75 -27.02 -0.46
C SER B 192 -47.22 -25.79 0.27
N VAL B 193 -47.57 -25.68 1.54
CA VAL B 193 -47.25 -24.51 2.36
C VAL B 193 -46.22 -24.84 3.43
N ILE B 194 -46.45 -25.90 4.19
CA ILE B 194 -45.65 -26.16 5.38
C ILE B 194 -44.23 -26.51 5.00
N THR B 195 -44.06 -27.22 3.88
CA THR B 195 -42.72 -27.60 3.46
C THR B 195 -41.97 -26.42 2.87
N GLN B 196 -42.67 -25.55 2.14
CA GLN B 196 -42.10 -24.27 1.76
C GLN B 196 -41.58 -23.53 2.98
N THR B 197 -42.39 -23.49 4.03
CA THR B 197 -42.02 -22.76 5.24
C THR B 197 -40.77 -23.36 5.88
N ARG B 198 -40.86 -24.62 6.29
CA ARG B 198 -39.74 -25.32 6.90
C ARG B 198 -38.48 -25.21 6.06
N GLN B 199 -38.55 -25.62 4.80
CA GLN B 199 -37.39 -25.53 3.91
C GLN B 199 -36.92 -24.08 3.75
N ALA B 200 -37.79 -23.11 4.00
CA ALA B 200 -37.42 -21.70 4.04
C ALA B 200 -37.15 -21.20 5.45
N LEU B 201 -36.92 -22.11 6.40
CA LEU B 201 -36.62 -21.76 7.78
C LEU B 201 -35.32 -22.34 8.29
N ILE B 202 -35.03 -23.59 7.99
CA ILE B 202 -33.79 -24.20 8.46
C ILE B 202 -32.64 -23.54 7.72
N PRO B 203 -31.44 -23.53 8.28
CA PRO B 203 -30.28 -23.11 7.49
C PRO B 203 -29.88 -24.20 6.53
N LYS B 204 -29.46 -23.78 5.35
CA LYS B 204 -28.93 -24.69 4.35
C LYS B 204 -27.42 -24.71 4.45
N VAL B 205 -26.78 -25.51 3.59
CA VAL B 205 -25.35 -25.74 3.64
C VAL B 205 -24.87 -26.00 2.22
N PRO B 206 -23.86 -25.27 1.73
CA PRO B 206 -23.55 -25.32 0.30
C PRO B 206 -22.66 -26.47 -0.14
N VAL B 207 -22.64 -27.57 0.63
CA VAL B 207 -21.71 -28.68 0.38
C VAL B 207 -21.67 -29.08 -1.09
N VAL B 208 -20.47 -29.46 -1.53
CA VAL B 208 -20.14 -29.54 -2.95
C VAL B 208 -19.80 -30.98 -3.31
N THR B 209 -19.93 -31.27 -4.59
CA THR B 209 -19.47 -32.53 -5.16
C THR B 209 -18.02 -32.37 -5.60
N ARG B 210 -17.48 -33.40 -6.24
CA ARG B 210 -16.14 -33.35 -6.82
C ARG B 210 -16.00 -34.49 -7.82
N PRO B 211 -16.75 -34.43 -8.94
CA PRO B 211 -16.66 -35.52 -9.92
C PRO B 211 -15.28 -35.62 -10.54
N THR B 212 -14.82 -34.52 -11.14
CA THR B 212 -13.45 -34.39 -11.66
C THR B 212 -12.71 -33.25 -10.98
N ASN B 213 -13.29 -32.06 -10.95
CA ASN B 213 -12.70 -30.92 -10.25
C ASN B 213 -13.78 -29.85 -10.12
N VAL B 214 -13.98 -29.35 -8.91
CA VAL B 214 -14.92 -28.26 -8.66
C VAL B 214 -14.10 -27.10 -8.09
N PRO B 215 -13.66 -26.15 -8.91
CA PRO B 215 -12.69 -25.16 -8.43
C PRO B 215 -13.31 -24.21 -7.40
N GLY B 216 -12.49 -23.26 -6.96
CA GLY B 216 -12.88 -22.31 -5.94
C GLY B 216 -11.75 -22.07 -4.96
N ASN B 217 -10.94 -23.11 -4.74
CA ASN B 217 -9.73 -23.03 -3.90
C ASN B 217 -10.03 -22.56 -2.48
N SER B 218 -11.26 -22.78 -2.01
CA SER B 218 -11.64 -22.44 -0.65
C SER B 218 -12.83 -23.30 -0.29
N VAL B 219 -12.62 -24.26 0.63
CA VAL B 219 -13.64 -25.25 0.92
C VAL B 219 -14.87 -24.58 1.53
N GLN B 220 -16.03 -25.18 1.29
CA GLN B 220 -17.29 -24.63 1.78
C GLN B 220 -17.46 -24.98 3.24
N TRP B 221 -17.96 -24.03 4.03
CA TRP B 221 -18.26 -24.27 5.44
C TRP B 221 -19.64 -23.76 5.80
N ALA B 222 -20.24 -24.44 6.78
CA ALA B 222 -21.44 -24.00 7.45
C ALA B 222 -21.18 -23.60 8.90
N GLN B 223 -19.93 -23.48 9.32
CA GLN B 223 -19.72 -22.79 10.62
C GLN B 223 -20.20 -21.36 10.41
N ASP B 224 -20.00 -20.85 9.19
CA ASP B 224 -20.36 -19.45 8.90
C ASP B 224 -21.86 -19.24 9.11
N VAL B 225 -22.71 -20.17 8.70
CA VAL B 225 -24.18 -19.91 8.82
C VAL B 225 -24.57 -19.78 10.29
N ILE B 226 -24.03 -20.64 11.15
CA ILE B 226 -24.37 -20.59 12.60
C ILE B 226 -23.89 -19.23 13.12
N HIS B 227 -22.68 -18.85 12.72
CA HIS B 227 -22.15 -17.58 13.26
C HIS B 227 -23.06 -16.44 12.83
N GLY B 228 -23.53 -16.48 11.58
CA GLY B 228 -24.42 -15.42 11.06
C GLY B 228 -25.72 -15.32 11.83
N PHE B 229 -26.35 -16.46 12.12
CA PHE B 229 -27.65 -16.43 12.83
C PHE B 229 -27.47 -16.05 14.30
N GLN B 230 -26.22 -16.07 14.80
CA GLN B 230 -26.01 -15.79 16.24
C GLN B 230 -25.72 -14.31 16.58
N ALA B 231 -25.61 -13.40 15.61
CA ALA B 231 -25.21 -12.02 15.80
C ALA B 231 -26.23 -11.25 16.60
N LEU B 232 -25.76 -10.27 17.35
CA LEU B 232 -26.64 -9.30 17.97
C LEU B 232 -27.08 -8.33 16.89
N LEU B 233 -28.08 -8.74 16.12
CA LEU B 233 -28.60 -7.95 15.01
C LEU B 233 -29.25 -6.68 15.55
N ALA B 234 -29.74 -5.84 14.65
CA ALA B 234 -30.37 -4.59 15.03
C ALA B 234 -31.65 -4.86 15.82
N SER B 235 -32.24 -3.77 16.33
CA SER B 235 -33.50 -3.74 17.06
C SER B 235 -33.39 -4.24 18.49
N GLU B 236 -32.27 -4.86 18.88
CA GLU B 236 -31.95 -5.12 20.28
C GLU B 236 -31.14 -3.98 20.87
N ILE B 237 -30.00 -3.75 20.21
CA ILE B 237 -29.16 -2.52 20.31
C ILE B 237 -29.97 -1.33 19.83
N TYR B 238 -29.45 -0.12 20.05
CA TYR B 238 -30.23 1.11 19.70
C TYR B 238 -29.61 1.82 18.50
N GLU B 239 -28.68 1.19 17.79
CA GLU B 239 -28.02 1.95 16.69
C GLU B 239 -27.94 1.11 15.42
N LEU B 240 -27.87 1.76 14.27
CA LEU B 240 -27.74 1.03 12.99
C LEU B 240 -26.42 0.26 13.03
N PRO B 241 -26.33 -0.98 12.50
CA PRO B 241 -25.12 -1.79 12.64
C PRO B 241 -23.85 -1.25 11.97
N GLU B 242 -22.72 -1.29 12.68
CA GLU B 242 -21.42 -0.89 12.08
C GLU B 242 -20.94 -2.03 11.18
N MET B 243 -20.05 -1.76 10.22
CA MET B 243 -19.63 -2.80 9.24
C MET B 243 -19.62 -4.20 9.87
N ASP B 244 -18.78 -4.44 10.86
CA ASP B 244 -18.38 -5.84 11.19
C ASP B 244 -19.62 -6.74 11.36
N ASN B 245 -20.60 -6.30 12.13
CA ASN B 245 -21.85 -7.09 12.37
C ASN B 245 -22.47 -7.46 11.02
N LEU B 246 -22.61 -6.47 10.13
CA LEU B 246 -23.27 -6.67 8.83
C LEU B 246 -22.47 -7.69 8.01
N ARG B 247 -21.15 -7.59 8.03
CA ARG B 247 -20.32 -8.57 7.28
C ARG B 247 -20.55 -9.97 7.85
N THR B 248 -20.59 -10.10 9.18
CA THR B 248 -20.74 -11.45 9.77
C THR B 248 -22.09 -12.02 9.32
N ARG B 249 -23.13 -11.19 9.34
CA ARG B 249 -24.48 -11.65 8.91
C ARG B 249 -24.49 -12.04 7.43
N MET B 250 -23.79 -11.29 6.56
CA MET B 250 -23.84 -11.59 5.11
C MET B 250 -23.20 -12.94 4.78
N THR B 251 -21.93 -13.17 5.10
CA THR B 251 -21.30 -14.46 4.85
C THR B 251 -22.28 -15.59 5.13
N GLY B 252 -22.99 -15.50 6.26
CA GLY B 252 -23.99 -16.49 6.58
C GLY B 252 -25.02 -16.66 5.49
N ILE B 253 -25.56 -15.55 4.99
CA ILE B 253 -26.61 -15.61 3.99
C ILE B 253 -26.05 -16.12 2.66
N SER B 254 -24.83 -15.76 2.31
CA SER B 254 -24.27 -16.18 1.03
C SER B 254 -24.01 -17.68 1.03
N ARG B 255 -23.39 -18.19 2.10
CA ARG B 255 -23.22 -19.64 2.21
C ARG B 255 -24.57 -20.33 2.29
N GLU B 256 -25.55 -19.70 2.93
CA GLU B 256 -26.85 -20.30 3.15
C GLU B 256 -27.67 -20.35 1.87
N HIS B 257 -27.32 -19.54 0.88
CA HIS B 257 -28.03 -19.57 -0.39
C HIS B 257 -27.34 -20.45 -1.42
N GLY B 258 -26.04 -20.67 -1.26
CA GLY B 258 -25.31 -21.56 -2.14
C GLY B 258 -24.20 -20.91 -2.92
N LEU B 259 -23.58 -19.89 -2.35
CA LEU B 259 -22.41 -19.25 -2.92
C LEU B 259 -21.18 -19.62 -2.10
N ILE B 260 -20.03 -19.08 -2.49
CA ILE B 260 -18.79 -19.28 -1.77
C ILE B 260 -17.85 -18.12 -2.10
N GLY B 261 -16.89 -17.90 -1.22
CA GLY B 261 -15.97 -16.80 -1.34
C GLY B 261 -16.35 -15.69 -0.38
N PRO B 262 -15.39 -14.93 0.10
CA PRO B 262 -15.67 -13.95 1.14
C PRO B 262 -16.10 -12.61 0.58
N VAL B 263 -17.07 -11.99 1.25
CA VAL B 263 -17.47 -10.64 0.91
C VAL B 263 -16.26 -9.71 1.07
N ASP B 264 -16.19 -8.71 0.19
CA ASP B 264 -14.92 -8.03 -0.10
C ASP B 264 -14.89 -6.58 0.39
N ASP B 265 -15.61 -6.31 1.48
CA ASP B 265 -15.40 -5.10 2.29
C ASP B 265 -15.81 -3.78 1.65
N SER B 266 -16.25 -3.81 0.39
CA SER B 266 -16.89 -2.67 -0.24
C SER B 266 -18.41 -2.79 -0.27
N VAL B 267 -18.91 -4.02 -0.20
CA VAL B 267 -20.34 -4.29 -0.22
C VAL B 267 -21.02 -3.67 0.99
N ILE B 268 -20.42 -3.89 2.16
CA ILE B 268 -20.97 -3.39 3.42
C ILE B 268 -21.21 -1.89 3.39
N GLU B 269 -20.29 -1.14 2.77
CA GLU B 269 -20.34 0.30 2.86
C GLU B 269 -21.44 0.88 1.96
N ILE B 270 -21.49 0.41 0.72
CA ILE B 270 -22.57 0.79 -0.18
C ILE B 270 -23.92 0.40 0.42
N MET B 271 -23.97 -0.72 1.14
CA MET B 271 -25.22 -1.12 1.75
C MET B 271 -25.64 -0.15 2.86
N LEU B 272 -24.71 0.19 3.76
CA LEU B 272 -24.98 1.21 4.78
C LEU B 272 -25.47 2.50 4.16
N ILE B 273 -24.87 2.88 3.04
CA ILE B 273 -25.23 4.11 2.36
C ILE B 273 -26.70 4.07 1.94
N GLY B 274 -27.08 3.01 1.22
CA GLY B 274 -28.46 2.89 0.80
C GLY B 274 -29.41 2.86 1.98
N LEU B 275 -29.00 2.20 3.06
CA LEU B 275 -29.83 2.13 4.26
C LEU B 275 -30.14 3.51 4.82
N GLU B 276 -29.09 4.27 5.15
CA GLU B 276 -29.33 5.58 5.75
C GLU B 276 -30.11 6.50 4.82
N GLN B 277 -29.94 6.34 3.51
CA GLN B 277 -30.78 7.09 2.58
C GLN B 277 -32.26 6.74 2.75
N HIS B 278 -32.54 5.44 2.83
CA HIS B 278 -33.89 4.94 3.06
C HIS B 278 -34.52 5.59 4.28
N LEU B 279 -33.80 5.56 5.40
CA LEU B 279 -34.41 6.00 6.65
C LEU B 279 -34.58 7.49 6.69
N LYS B 280 -33.65 8.23 6.07
CA LYS B 280 -33.85 9.67 5.97
C LYS B 280 -35.11 9.99 5.18
N GLY B 281 -35.38 9.21 4.12
CA GLY B 281 -36.62 9.41 3.39
C GLY B 281 -37.86 9.22 4.26
N ILE B 282 -37.88 8.11 4.99
CA ILE B 282 -39.03 7.81 5.85
C ILE B 282 -39.26 8.92 6.87
N VAL B 283 -38.21 9.31 7.59
CA VAL B 283 -38.43 10.28 8.66
C VAL B 283 -38.77 11.64 8.09
N GLU B 284 -38.24 11.97 6.90
CA GLU B 284 -38.67 13.19 6.25
C GLU B 284 -40.16 13.17 5.97
N ALA B 285 -40.69 12.00 5.60
CA ALA B 285 -42.12 11.88 5.38
C ALA B 285 -42.90 12.16 6.66
N ALA B 286 -42.48 11.56 7.76
CA ALA B 286 -43.22 11.76 9.01
C ALA B 286 -43.17 13.22 9.45
N ILE B 287 -42.02 13.86 9.29
CA ILE B 287 -41.90 15.27 9.63
C ILE B 287 -42.81 16.10 8.74
N ASP B 288 -42.97 15.69 7.49
CA ASP B 288 -43.91 16.39 6.62
C ASP B 288 -45.34 16.16 7.06
N ILE B 289 -45.61 15.08 7.80
CA ILE B 289 -46.95 14.88 8.35
C ILE B 289 -47.20 15.84 9.50
N VAL B 290 -46.35 15.79 10.53
CA VAL B 290 -46.74 16.34 11.84
C VAL B 290 -46.93 17.86 11.77
N LYS B 291 -45.92 18.57 11.31
CA LYS B 291 -45.92 20.02 11.28
C LYS B 291 -45.97 20.52 9.84
N TYR B 292 -46.78 21.55 9.62
CA TYR B 292 -46.91 22.14 8.30
C TYR B 292 -45.65 22.91 7.91
N ARG B 293 -45.36 23.98 8.64
CA ARG B 293 -44.23 24.82 8.32
C ARG B 293 -42.93 24.09 8.60
N ARG B 327 -42.02 24.01 18.72
CA ARG B 327 -41.48 22.92 19.52
C ARG B 327 -42.43 21.76 19.55
N HIS B 328 -42.10 20.70 18.80
CA HIS B 328 -42.94 19.51 18.67
C HIS B 328 -42.12 18.30 19.06
N THR B 329 -42.76 17.14 19.00
CA THR B 329 -42.11 15.87 19.32
C THR B 329 -42.99 14.76 18.79
N LEU B 330 -42.35 13.75 18.22
CA LEU B 330 -43.00 12.80 17.34
C LEU B 330 -43.32 11.52 18.08
N THR B 331 -44.30 10.77 17.56
CA THR B 331 -44.84 9.59 18.22
C THR B 331 -44.86 8.40 17.26
N ILE B 332 -45.47 7.30 17.70
CA ILE B 332 -45.64 6.13 16.85
C ILE B 332 -46.78 6.33 15.86
N GLU B 333 -47.89 6.91 16.32
CA GLU B 333 -49.08 7.05 15.50
C GLU B 333 -48.82 7.85 14.23
N ASP B 334 -47.95 8.85 14.28
CA ASP B 334 -47.63 9.61 13.09
C ASP B 334 -46.93 8.73 12.06
N MET B 335 -46.07 7.83 12.52
CA MET B 335 -45.41 6.92 11.60
C MET B 335 -46.37 5.89 11.05
N TYR B 336 -47.36 5.47 11.84
CA TYR B 336 -48.36 4.58 11.27
C TYR B 336 -49.23 5.31 10.26
N ASP B 337 -49.55 6.57 10.52
CA ASP B 337 -50.27 7.38 9.56
C ASP B 337 -49.50 7.46 8.24
N THR B 338 -48.21 7.79 8.31
CA THR B 338 -47.47 7.95 7.06
C THR B 338 -47.18 6.63 6.37
N LEU B 339 -47.19 5.51 7.08
CA LEU B 339 -47.11 4.20 6.45
C LEU B 339 -48.46 3.65 6.06
N GLU B 340 -49.54 4.37 6.37
CA GLU B 340 -50.81 4.17 5.70
C GLU B 340 -50.88 4.98 4.42
N GLN B 341 -50.41 6.22 4.44
CA GLN B 341 -50.39 7.03 3.22
C GLN B 341 -49.42 6.47 2.20
N TYR B 342 -48.13 6.45 2.55
CA TYR B 342 -47.06 5.95 1.70
C TYR B 342 -46.63 4.56 2.15
N PRO B 343 -47.24 3.50 1.62
CA PRO B 343 -46.73 2.14 1.84
C PRO B 343 -45.77 1.63 0.77
N TYR B 344 -45.63 2.35 -0.34
CA TYR B 344 -44.64 1.95 -1.33
C TYR B 344 -43.22 2.02 -0.81
N LEU B 345 -43.00 2.72 0.30
CA LEU B 345 -41.66 2.82 0.87
C LEU B 345 -41.17 1.47 1.35
N VAL B 346 -41.93 0.85 2.24
CA VAL B 346 -41.52 -0.37 2.89
C VAL B 346 -42.13 -1.56 2.16
N GLU B 347 -41.37 -2.62 2.09
CA GLU B 347 -41.88 -3.86 1.54
C GLU B 347 -42.78 -4.51 2.58
N PRO B 348 -43.98 -4.98 2.21
CA PRO B 348 -44.83 -5.61 3.22
C PRO B 348 -44.24 -6.91 3.72
N GLY B 349 -44.71 -7.31 4.89
CA GLY B 349 -44.28 -8.51 5.55
C GLY B 349 -43.42 -8.21 6.78
N GLY B 350 -43.56 -9.06 7.78
CA GLY B 350 -42.67 -9.01 8.92
C GLY B 350 -42.94 -7.88 9.89
N THR B 351 -42.78 -6.65 9.41
CA THR B 351 -42.77 -5.48 10.27
C THR B 351 -44.11 -4.77 10.37
N LEU B 352 -44.86 -4.67 9.27
CA LEU B 352 -46.14 -3.98 9.33
C LEU B 352 -47.13 -4.75 10.19
N LEU B 353 -47.12 -6.07 10.09
CA LEU B 353 -47.92 -6.87 11.00
C LEU B 353 -47.46 -6.65 12.42
N ARG B 354 -46.15 -6.58 12.62
CA ARG B 354 -45.58 -6.28 13.93
C ARG B 354 -45.92 -4.86 14.34
N LEU B 355 -46.14 -3.98 13.37
CA LEU B 355 -46.47 -2.59 13.68
C LEU B 355 -47.89 -2.48 14.18
N GLN B 356 -48.77 -3.32 13.68
CA GLN B 356 -50.15 -3.35 14.13
C GLN B 356 -50.35 -4.27 15.34
N SER B 357 -49.27 -4.59 16.05
CA SER B 357 -49.29 -5.32 17.32
C SER B 357 -48.39 -4.67 18.36
N VAL B 358 -48.12 -3.36 18.21
CA VAL B 358 -47.36 -2.58 19.18
C VAL B 358 -48.11 -1.33 19.59
N MET B 359 -49.22 -1.04 18.91
CA MET B 359 -50.03 0.14 19.20
C MET B 359 -50.83 -0.09 20.47
N LEU B 360 -50.15 0.08 21.59
CA LEU B 360 -50.76 -0.18 22.87
C LEU B 360 -51.53 1.06 23.32
N HIS B 361 -52.49 0.86 24.21
CA HIS B 361 -53.29 1.95 24.75
C HIS B 361 -52.54 2.54 25.93
N ASP B 362 -53.02 3.70 26.42
CA ASP B 362 -52.30 4.49 27.41
C ASP B 362 -52.02 3.71 28.68
N GLU B 363 -53.07 3.30 29.39
CA GLU B 363 -52.89 2.59 30.65
C GLU B 363 -52.74 1.10 30.38
N ASP B 364 -51.71 0.51 30.98
CA ASP B 364 -51.39 -0.88 30.74
C ASP B 364 -50.29 -1.36 31.68
N HIS C 237 -64.59 -34.15 -28.38
CA HIS C 237 -65.77 -33.79 -27.60
C HIS C 237 -65.44 -33.88 -26.09
N GLN C 238 -66.07 -34.80 -25.34
CA GLN C 238 -65.78 -34.93 -23.92
C GLN C 238 -64.33 -35.29 -23.63
N VAL C 239 -63.61 -35.82 -24.62
CA VAL C 239 -62.18 -36.08 -24.47
C VAL C 239 -61.44 -34.83 -24.01
N LEU C 240 -61.80 -33.66 -24.54
CA LEU C 240 -61.13 -32.43 -24.16
C LEU C 240 -61.51 -31.96 -22.76
N ASP C 241 -62.73 -32.23 -22.32
CA ASP C 241 -63.09 -31.97 -20.94
C ASP C 241 -62.28 -32.85 -20.00
N GLY C 242 -62.11 -34.12 -20.35
CA GLY C 242 -61.28 -34.99 -19.53
C GLY C 242 -59.82 -34.60 -19.55
N VAL C 243 -59.37 -34.00 -20.64
CA VAL C 243 -57.97 -33.62 -20.76
C VAL C 243 -57.69 -32.32 -20.00
N ALA C 244 -58.67 -31.42 -19.95
CA ALA C 244 -58.43 -30.11 -19.35
C ALA C 244 -58.34 -30.22 -17.84
N LYS C 245 -57.22 -30.75 -17.36
CA LYS C 245 -56.92 -30.94 -15.95
C LYS C 245 -55.49 -30.47 -15.68
N SER C 246 -55.20 -29.26 -16.15
CA SER C 246 -53.84 -28.75 -16.22
C SER C 246 -53.16 -28.71 -14.85
N TYR C 247 -53.80 -28.08 -13.87
CA TYR C 247 -53.16 -27.81 -12.58
C TYR C 247 -51.90 -26.98 -12.80
N PRO C 248 -52.04 -25.74 -13.23
CA PRO C 248 -50.86 -24.89 -13.42
C PRO C 248 -50.16 -24.61 -12.11
N LEU C 249 -48.94 -24.13 -12.22
CA LEU C 249 -48.09 -23.78 -11.10
C LEU C 249 -47.45 -22.41 -11.32
N PRO C 250 -46.88 -21.82 -10.29
CA PRO C 250 -45.97 -20.69 -10.47
C PRO C 250 -44.56 -21.20 -10.68
N LEU C 251 -43.62 -20.26 -10.75
CA LEU C 251 -42.20 -20.59 -10.67
C LEU C 251 -41.68 -20.47 -9.24
N GLU C 252 -41.88 -19.31 -8.61
CA GLU C 252 -41.37 -19.03 -7.28
C GLU C 252 -42.45 -18.42 -6.43
N ARG C 253 -42.44 -18.74 -5.15
CA ARG C 253 -43.31 -18.13 -4.15
C ARG C 253 -42.46 -17.45 -3.09
N LYS C 254 -42.97 -16.35 -2.56
CA LYS C 254 -42.35 -15.71 -1.41
C LYS C 254 -42.84 -16.39 -0.15
N VAL C 255 -42.06 -16.25 0.91
CA VAL C 255 -42.45 -16.69 2.24
C VAL C 255 -42.12 -15.57 3.20
N ILE C 256 -43.14 -15.01 3.84
CA ILE C 256 -42.94 -13.92 4.77
C ILE C 256 -42.31 -14.51 6.02
N MET C 257 -41.02 -14.29 6.19
CA MET C 257 -40.28 -14.78 7.34
C MET C 257 -39.20 -13.76 7.70
N PRO C 258 -39.36 -12.98 8.76
CA PRO C 258 -38.35 -11.99 9.08
C PRO C 258 -37.10 -12.65 9.63
N ALA C 259 -36.12 -11.80 9.94
CA ALA C 259 -34.88 -12.29 10.52
C ALA C 259 -35.05 -12.62 11.98
N ARG C 260 -35.83 -11.83 12.71
CA ARG C 260 -35.88 -11.92 14.16
C ARG C 260 -36.49 -13.24 14.61
N SER C 261 -37.65 -13.60 14.04
CA SER C 261 -38.33 -14.82 14.45
C SER C 261 -37.45 -16.04 14.23
N ARG C 262 -36.98 -16.22 13.01
CA ARG C 262 -36.16 -17.38 12.70
C ARG C 262 -34.85 -17.36 13.46
N SER C 263 -34.33 -16.16 13.76
CA SER C 263 -33.07 -16.07 14.48
C SER C 263 -33.22 -16.53 15.92
N SER C 264 -34.25 -16.05 16.62
CA SER C 264 -34.51 -16.53 17.97
C SER C 264 -34.78 -18.03 17.97
N PHE C 265 -35.57 -18.49 17.00
CA PHE C 265 -35.88 -19.92 16.90
C PHE C 265 -34.60 -20.74 16.74
N LEU C 266 -33.80 -20.40 15.74
CA LEU C 266 -32.58 -21.15 15.45
C LEU C 266 -31.60 -21.09 16.62
N ARG C 267 -31.53 -19.91 17.24
CA ARG C 267 -30.60 -19.71 18.38
C ARG C 267 -30.99 -20.69 19.48
N MET C 268 -32.21 -20.57 20.02
CA MET C 268 -32.67 -21.47 21.08
C MET C 268 -32.59 -22.94 20.65
N ARG C 269 -32.82 -23.20 19.37
CA ARG C 269 -32.74 -24.56 18.84
C ARG C 269 -31.36 -25.14 19.04
N GLU C 270 -30.34 -24.47 18.51
CA GLU C 270 -28.99 -25.03 18.59
C GLU C 270 -28.50 -25.03 20.03
N MET C 271 -28.98 -24.11 20.86
CA MET C 271 -28.69 -24.17 22.29
C MET C 271 -29.14 -25.51 22.87
N PHE C 272 -30.44 -25.81 22.76
CA PHE C 272 -30.93 -27.07 23.30
C PHE C 272 -30.28 -28.27 22.62
N ALA C 273 -29.97 -28.15 21.33
CA ALA C 273 -29.40 -29.27 20.60
C ALA C 273 -28.01 -29.61 21.11
N GLY C 274 -27.19 -28.60 21.34
CA GLY C 274 -25.90 -28.84 21.95
C GLY C 274 -25.98 -29.24 23.40
N ALA C 275 -27.09 -28.91 24.07
CA ALA C 275 -27.20 -29.23 25.48
C ALA C 275 -27.63 -30.67 25.75
N ILE C 276 -28.64 -31.16 25.03
CA ILE C 276 -29.22 -32.45 25.37
C ILE C 276 -28.34 -33.59 24.87
N LEU C 277 -28.11 -33.67 23.56
CA LEU C 277 -27.50 -34.82 22.93
C LEU C 277 -26.08 -35.07 23.41
N LEU C 288 -23.41 -29.66 10.73
CA LEU C 288 -23.42 -29.78 12.19
C LEU C 288 -24.41 -30.84 12.65
N TYR C 289 -24.64 -30.92 13.95
CA TYR C 289 -25.49 -31.94 14.54
C TYR C 289 -26.97 -31.56 14.54
N SER C 290 -27.30 -30.29 14.37
CA SER C 290 -28.70 -29.89 14.29
C SER C 290 -29.35 -30.42 13.02
N ARG C 291 -30.65 -30.21 12.93
CA ARG C 291 -31.43 -30.58 11.76
C ARG C 291 -31.27 -29.46 10.73
N THR C 292 -30.56 -29.75 9.64
CA THR C 292 -30.23 -28.76 8.62
C THR C 292 -30.56 -29.27 7.23
N ALA C 293 -30.66 -28.33 6.30
CA ALA C 293 -30.82 -28.66 4.90
C ALA C 293 -29.45 -29.00 4.31
N VAL C 294 -29.45 -29.36 3.03
CA VAL C 294 -28.23 -29.53 2.27
C VAL C 294 -28.52 -29.09 0.85
N ILE C 295 -27.79 -28.06 0.39
CA ILE C 295 -27.90 -27.53 -0.97
C ILE C 295 -26.55 -27.69 -1.63
N ASP C 296 -26.56 -28.09 -2.89
CA ASP C 296 -25.34 -28.14 -3.68
C ASP C 296 -25.09 -26.81 -4.35
N VAL C 297 -23.81 -26.49 -4.53
CA VAL C 297 -23.44 -25.26 -5.22
C VAL C 297 -23.93 -25.28 -6.66
N ASP C 298 -24.09 -26.46 -7.25
CA ASP C 298 -24.60 -26.63 -8.59
C ASP C 298 -26.06 -27.09 -8.51
N ARG C 299 -26.73 -27.03 -9.67
CA ARG C 299 -28.13 -27.41 -9.85
C ARG C 299 -29.06 -26.85 -8.78
N ALA C 300 -28.73 -25.68 -8.23
CA ALA C 300 -29.61 -24.99 -7.31
C ALA C 300 -30.66 -24.24 -8.13
N GLY C 301 -31.40 -23.35 -7.48
CA GLY C 301 -32.55 -22.75 -8.11
C GLY C 301 -33.81 -23.59 -8.04
N ASP C 302 -33.71 -24.83 -7.58
CA ASP C 302 -34.89 -25.64 -7.29
C ASP C 302 -35.54 -25.11 -6.02
N TYR C 303 -36.61 -25.77 -5.60
CA TYR C 303 -37.56 -25.20 -4.64
C TYR C 303 -37.62 -25.95 -3.33
N TYR C 304 -37.36 -27.25 -3.33
CA TYR C 304 -37.21 -28.02 -2.11
C TYR C 304 -35.92 -28.82 -2.19
N PHE C 305 -35.27 -28.95 -1.03
CA PHE C 305 -33.98 -29.61 -0.93
C PHE C 305 -34.05 -30.68 0.16
N SER C 306 -33.11 -31.62 0.09
CA SER C 306 -33.06 -32.71 1.04
C SER C 306 -32.50 -32.20 2.37
N VAL C 307 -32.32 -33.15 3.30
CA VAL C 307 -32.00 -32.84 4.68
C VAL C 307 -30.90 -33.80 5.13
N ARG C 308 -30.01 -33.32 6.01
CA ARG C 308 -28.98 -34.17 6.58
C ARG C 308 -29.54 -35.07 7.67
N ALA C 309 -30.28 -34.49 8.63
CA ALA C 309 -30.88 -35.24 9.72
C ALA C 309 -29.84 -36.00 10.54
N SER C 310 -28.71 -35.35 10.78
CA SER C 310 -27.66 -35.96 11.57
C SER C 310 -28.03 -35.90 13.06
N PRO C 311 -28.04 -37.04 13.79
CA PRO C 311 -28.40 -36.91 15.20
C PRO C 311 -27.28 -36.26 16.03
N LYS D 64 -63.43 -38.74 34.13
CA LYS D 64 -61.99 -38.77 34.33
C LYS D 64 -61.30 -37.71 33.48
N PHE D 65 -61.95 -36.57 33.30
CA PHE D 65 -61.38 -35.48 32.53
C PHE D 65 -60.14 -34.94 33.24
N ALA D 66 -59.06 -34.74 32.48
CA ALA D 66 -57.77 -34.34 33.03
C ALA D 66 -57.12 -33.21 32.24
N GLU D 67 -57.92 -32.43 31.50
CA GLU D 67 -57.40 -31.29 30.74
C GLU D 67 -57.50 -30.01 31.56
N THR D 68 -56.87 -30.06 32.73
CA THR D 68 -56.82 -28.94 33.68
C THR D 68 -55.39 -28.42 33.78
N SER D 69 -55.24 -27.31 34.51
CA SER D 69 -53.97 -26.63 34.65
C SER D 69 -53.27 -26.99 35.96
N GLU D 70 -53.92 -26.69 37.10
CA GLU D 70 -53.32 -27.03 38.38
C GLU D 70 -53.35 -28.53 38.64
N GLU D 71 -54.37 -29.22 38.12
CA GLU D 71 -54.46 -30.66 38.32
C GLU D 71 -53.40 -31.40 37.52
N ILE D 72 -52.95 -30.83 36.39
CA ILE D 72 -51.88 -31.45 35.63
C ILE D 72 -50.61 -31.49 36.45
N LEU D 73 -50.41 -30.50 37.33
CA LEU D 73 -49.25 -30.49 38.21
C LEU D 73 -49.49 -31.33 39.46
N HIS D 74 -50.72 -31.29 39.99
CA HIS D 74 -51.00 -31.99 41.23
C HIS D 74 -51.02 -33.50 41.06
N LYS D 75 -51.61 -33.99 39.97
CA LYS D 75 -51.74 -35.43 39.76
C LYS D 75 -50.57 -35.97 38.96
N TYR D 76 -50.26 -35.36 37.82
CA TYR D 76 -49.15 -35.80 36.99
C TYR D 76 -47.85 -35.39 37.67
N GLU D 77 -47.48 -36.17 38.68
CA GLU D 77 -46.32 -35.90 39.51
C GLU D 77 -45.71 -37.22 39.98
N LYS D 78 -44.52 -37.12 40.55
CA LYS D 78 -43.78 -38.27 41.06
C LYS D 78 -43.37 -39.22 39.93
N PHE D 79 -42.74 -38.64 38.91
CA PHE D 79 -42.06 -39.43 37.87
C PHE D 79 -41.18 -38.50 37.04
N PRO D 80 -39.97 -38.90 36.64
CA PRO D 80 -39.09 -38.00 35.88
C PRO D 80 -39.08 -38.28 34.39
N PRO D 81 -40.08 -37.82 33.61
CA PRO D 81 -39.84 -37.63 32.17
C PRO D 81 -39.38 -36.20 31.88
N SER D 82 -39.03 -35.48 32.94
CA SER D 82 -38.86 -34.04 32.90
C SER D 82 -37.51 -33.68 32.29
N LEU D 83 -37.24 -32.37 32.27
CA LEU D 83 -35.93 -31.82 31.98
C LEU D 83 -35.53 -31.01 33.22
N THR D 84 -34.48 -31.44 33.89
CA THR D 84 -34.06 -30.74 35.09
C THR D 84 -33.23 -29.53 34.72
N PHE D 85 -33.50 -28.41 35.39
CA PHE D 85 -32.70 -27.21 35.30
C PHE D 85 -31.76 -27.16 36.50
N HIS D 86 -30.73 -26.31 36.39
CA HIS D 86 -29.78 -26.13 37.48
C HIS D 86 -29.41 -24.65 37.56
N ILE D 87 -29.41 -24.11 38.78
CA ILE D 87 -29.01 -22.74 39.03
C ILE D 87 -28.20 -22.67 40.30
N HIS D 88 -27.12 -21.88 40.26
CA HIS D 88 -26.35 -21.54 41.45
C HIS D 88 -25.97 -20.06 41.43
N GLU D 89 -26.94 -19.20 41.07
CA GLU D 89 -26.90 -17.75 41.18
C GLU D 89 -26.00 -17.06 40.16
N ASN D 90 -25.23 -17.80 39.36
CA ASN D 90 -24.39 -17.19 38.32
C ASN D 90 -24.54 -17.84 36.95
N HIS D 91 -24.73 -19.15 36.88
CA HIS D 91 -24.86 -19.88 35.63
C HIS D 91 -26.28 -20.42 35.48
N TYR D 92 -26.60 -20.84 34.26
CA TYR D 92 -27.86 -21.50 33.94
C TYR D 92 -27.54 -22.82 33.23
N ARG D 93 -28.23 -23.89 33.62
CA ARG D 93 -28.01 -25.20 33.00
C ARG D 93 -29.29 -26.02 33.10
N PHE D 94 -29.44 -26.94 32.14
CA PHE D 94 -30.41 -28.02 32.29
C PHE D 94 -29.81 -29.32 31.79
N GLY D 95 -30.38 -30.43 32.25
CA GLY D 95 -29.99 -31.77 31.83
C GLY D 95 -28.50 -32.02 31.95
N ASP D 96 -28.06 -33.06 31.24
CA ASP D 96 -26.65 -33.44 31.17
C ASP D 96 -25.99 -32.47 30.18
N GLN D 97 -25.62 -31.30 30.67
CA GLN D 97 -25.00 -30.26 29.86
C GLN D 97 -23.51 -30.17 30.21
N ASP D 98 -22.66 -30.41 29.22
CA ASP D 98 -21.23 -30.23 29.41
C ASP D 98 -20.89 -28.77 29.63
N GLY D 99 -21.61 -27.86 28.96
CA GLY D 99 -21.36 -26.44 29.03
C GLY D 99 -22.22 -25.74 30.06
N VAL D 100 -22.12 -24.42 30.05
CA VAL D 100 -22.86 -23.55 30.96
C VAL D 100 -23.33 -22.33 30.19
N ILE D 101 -24.45 -21.76 30.63
CA ILE D 101 -25.04 -20.58 30.04
C ILE D 101 -24.90 -19.43 31.04
N PRO D 102 -24.23 -18.32 30.71
CA PRO D 102 -24.21 -17.17 31.62
C PRO D 102 -25.43 -16.29 31.41
N LYS D 103 -25.44 -15.09 32.02
CA LYS D 103 -26.55 -14.17 31.85
C LYS D 103 -26.53 -13.60 30.44
N ASN D 104 -26.90 -14.42 29.47
CA ASN D 104 -27.05 -14.00 28.09
C ASN D 104 -28.53 -13.73 27.85
N SER D 105 -28.90 -12.45 27.88
CA SER D 105 -30.30 -12.09 27.73
C SER D 105 -30.80 -12.28 26.31
N SER D 106 -29.90 -12.57 25.37
CA SER D 106 -30.33 -12.83 24.00
C SER D 106 -31.19 -14.10 23.92
N VAL D 107 -30.98 -15.05 24.84
CA VAL D 107 -31.62 -16.36 24.79
C VAL D 107 -32.46 -16.64 26.02
N ILE D 108 -31.82 -16.74 27.19
CA ILE D 108 -32.49 -17.38 28.31
C ILE D 108 -33.54 -16.48 28.91
N LYS D 109 -33.47 -15.17 28.64
CA LYS D 109 -34.57 -14.31 29.06
C LYS D 109 -35.80 -14.52 28.18
N ALA D 110 -35.59 -14.86 26.91
CA ALA D 110 -36.71 -15.29 26.08
C ALA D 110 -37.34 -16.55 26.64
N PHE D 111 -36.50 -17.46 27.12
CA PHE D 111 -36.97 -18.66 27.80
C PHE D 111 -37.73 -18.30 29.07
N LEU D 112 -37.11 -17.50 29.94
CA LEU D 112 -37.65 -17.24 31.26
C LEU D 112 -38.94 -16.42 31.18
N GLU D 113 -39.07 -15.60 30.13
CA GLU D 113 -40.33 -14.91 29.90
C GLU D 113 -41.45 -15.92 29.75
N TYR D 114 -41.21 -16.99 29.00
CA TYR D 114 -42.22 -18.00 28.78
C TYR D 114 -42.45 -18.80 30.04
N VAL D 115 -41.37 -19.14 30.74
CA VAL D 115 -41.47 -20.06 31.87
C VAL D 115 -41.97 -19.38 33.13
N ALA D 116 -41.97 -18.06 33.19
CA ALA D 116 -42.71 -17.38 34.25
C ALA D 116 -44.20 -17.45 33.99
N ARG D 117 -44.57 -17.62 32.73
CA ARG D 117 -45.86 -18.14 32.34
C ARG D 117 -45.73 -19.66 32.28
N GLU D 118 -46.70 -20.34 31.67
CA GLU D 118 -46.74 -21.80 31.64
C GLU D 118 -46.74 -22.33 30.21
N GLU D 119 -46.01 -21.67 29.32
CA GLU D 119 -45.95 -22.05 27.91
C GLU D 119 -44.59 -22.65 27.60
N ILE D 120 -44.60 -23.79 26.92
CA ILE D 120 -43.33 -24.33 26.43
C ILE D 120 -42.97 -23.46 25.23
N PRO D 121 -41.73 -23.02 25.06
CA PRO D 121 -41.39 -22.28 23.86
C PRO D 121 -41.60 -23.12 22.62
N PRO D 122 -41.75 -22.48 21.45
CA PRO D 122 -41.98 -23.25 20.21
C PRO D 122 -40.86 -24.18 19.83
N ALA D 123 -39.66 -23.97 20.32
CA ALA D 123 -38.47 -24.50 19.67
C ALA D 123 -37.92 -25.76 20.29
N LEU D 124 -38.42 -26.19 21.44
CA LEU D 124 -37.89 -27.38 22.09
C LEU D 124 -38.12 -28.63 21.26
N ILE D 125 -39.16 -28.62 20.42
CA ILE D 125 -39.87 -29.84 20.07
C ILE D 125 -38.97 -30.80 19.31
N GLU D 126 -38.27 -30.30 18.30
CA GLU D 126 -37.62 -31.22 17.37
C GLU D 126 -36.44 -31.92 18.03
N VAL D 127 -35.67 -31.19 18.82
CA VAL D 127 -34.57 -31.81 19.57
C VAL D 127 -35.14 -32.74 20.63
N THR D 128 -36.21 -32.32 21.29
CA THR D 128 -36.85 -33.15 22.31
C THR D 128 -37.38 -34.44 21.71
N LYS D 129 -37.89 -34.39 20.49
CA LYS D 129 -38.43 -35.55 19.80
C LYS D 129 -37.31 -36.50 19.38
N ASP D 130 -36.30 -35.97 18.69
CA ASP D 130 -35.22 -36.83 18.23
C ASP D 130 -34.41 -37.39 19.39
N ALA D 131 -34.43 -36.69 20.54
CA ALA D 131 -33.75 -37.21 21.72
C ALA D 131 -34.50 -38.36 22.36
N GLY D 132 -35.73 -38.09 22.82
CA GLY D 132 -36.53 -39.09 23.48
C GLY D 132 -37.45 -39.83 22.53
N VAL D 133 -37.40 -41.17 22.57
CA VAL D 133 -38.24 -41.97 21.69
C VAL D 133 -39.64 -42.14 22.28
N GLN D 134 -39.77 -42.05 23.60
CA GLN D 134 -41.07 -42.18 24.25
C GLN D 134 -40.98 -41.68 25.68
N LEU D 135 -42.15 -41.52 26.30
CA LEU D 135 -42.27 -41.23 27.73
C LEU D 135 -41.59 -39.92 28.09
N TYR D 136 -41.65 -38.95 27.16
CA TYR D 136 -40.86 -37.73 27.29
C TYR D 136 -41.61 -36.50 26.76
N GLU D 137 -42.89 -36.61 26.44
CA GLU D 137 -43.60 -35.58 25.67
C GLU D 137 -45.07 -35.57 26.13
N GLY D 138 -45.90 -34.81 25.41
CA GLY D 138 -47.27 -34.53 25.80
C GLY D 138 -47.33 -33.18 26.49
N CYS D 139 -46.45 -33.02 27.47
CA CYS D 139 -46.04 -31.73 27.98
C CYS D 139 -44.72 -31.95 28.69
N ILE D 140 -44.27 -30.94 29.44
CA ILE D 140 -43.08 -31.07 30.27
C ILE D 140 -43.32 -30.42 31.62
N ILE D 141 -42.47 -30.78 32.55
CA ILE D 141 -42.27 -30.04 33.79
C ILE D 141 -40.77 -29.86 33.93
N LEU D 142 -40.36 -28.76 34.57
CA LEU D 142 -38.95 -28.38 34.66
C LEU D 142 -38.54 -28.39 36.12
N ARG D 143 -37.34 -28.92 36.39
CA ARG D 143 -36.85 -29.10 37.75
C ARG D 143 -35.80 -28.04 38.01
N ILE D 144 -36.20 -27.02 38.77
CA ILE D 144 -35.33 -25.91 39.16
C ILE D 144 -35.02 -26.06 40.64
N TYR D 145 -33.78 -25.79 41.02
CA TYR D 145 -33.38 -25.86 42.42
C TYR D 145 -32.30 -24.84 42.70
N ASP D 146 -32.54 -24.01 43.71
CA ASP D 146 -31.69 -22.88 44.03
C ASP D 146 -30.64 -23.28 45.07
N HIS D 147 -29.71 -22.37 45.33
CA HIS D 147 -28.62 -22.58 46.28
C HIS D 147 -28.40 -21.32 47.11
N ARG D 148 -29.48 -20.72 47.57
CA ARG D 148 -29.41 -19.49 48.35
C ARG D 148 -29.02 -19.79 49.79
N LYS D 184 -33.06 -24.58 47.85
CA LYS D 184 -34.28 -25.37 47.82
C LYS D 184 -34.43 -26.04 46.46
N THR D 185 -35.54 -26.75 46.28
CA THR D 185 -35.92 -27.31 45.00
C THR D 185 -37.35 -26.91 44.71
N TYR D 186 -37.64 -26.62 43.45
CA TYR D 186 -38.95 -26.18 43.03
C TYR D 186 -39.25 -26.76 41.66
N THR D 187 -40.54 -26.87 41.34
CA THR D 187 -40.97 -27.32 40.03
C THR D 187 -42.26 -26.60 39.65
N THR D 188 -42.45 -26.38 38.36
CA THR D 188 -43.66 -25.75 37.86
C THR D 188 -43.84 -26.16 36.40
N ILE D 189 -45.08 -26.07 35.91
CA ILE D 189 -45.49 -26.75 34.69
C ILE D 189 -45.53 -25.77 33.53
N LEU D 190 -45.37 -26.31 32.32
CA LEU D 190 -45.44 -25.56 31.07
C LEU D 190 -46.31 -26.33 30.10
N ARG D 191 -46.97 -25.63 29.16
CA ARG D 191 -47.98 -26.21 28.30
C ARG D 191 -47.84 -25.73 26.85
N PRO D 192 -48.59 -26.31 25.91
CA PRO D 192 -48.56 -25.83 24.52
C PRO D 192 -49.26 -24.47 24.35
N THR D 193 -49.13 -23.94 23.12
CA THR D 193 -49.66 -22.63 22.77
C THR D 193 -50.27 -22.54 21.37
N GLN D 194 -50.43 -23.67 20.67
CA GLN D 194 -50.81 -23.77 19.25
C GLN D 194 -49.67 -23.44 18.30
N LEU D 195 -48.58 -22.83 18.78
CA LEU D 195 -47.39 -22.67 17.97
C LEU D 195 -46.47 -23.86 18.15
N SER D 196 -46.37 -24.35 19.38
CA SER D 196 -45.75 -25.64 19.62
C SER D 196 -46.43 -26.72 18.81
N LEU D 197 -47.76 -26.71 18.76
CA LEU D 197 -48.48 -27.70 17.99
C LEU D 197 -48.19 -27.57 16.51
N TYR D 198 -48.12 -26.35 15.98
CA TYR D 198 -47.79 -26.21 14.58
C TYR D 198 -46.36 -26.64 14.31
N ALA D 199 -45.46 -26.48 15.29
CA ALA D 199 -44.12 -27.02 15.19
C ALA D 199 -44.14 -28.54 15.20
N ASP D 200 -45.11 -29.14 15.90
CA ASP D 200 -45.23 -30.60 15.88
C ASP D 200 -45.58 -31.12 14.50
N LEU D 201 -46.02 -30.24 13.60
CA LEU D 201 -46.27 -30.59 12.22
C LEU D 201 -45.08 -30.29 11.32
N LEU D 202 -44.22 -29.36 11.70
CA LEU D 202 -43.10 -28.97 10.85
C LEU D 202 -42.06 -30.09 10.74
N TYR D 203 -41.55 -30.54 11.90
CA TYR D 203 -40.44 -31.52 11.90
C TYR D 203 -40.91 -32.83 11.24
N GLN D 204 -42.20 -32.94 10.92
CA GLN D 204 -42.73 -34.14 10.23
C GLN D 204 -42.56 -33.96 8.72
N THR D 205 -42.13 -32.76 8.32
CA THR D 205 -42.01 -32.37 6.92
C THR D 205 -40.61 -32.56 6.36
N ASP D 206 -39.63 -32.95 7.19
CA ASP D 206 -38.29 -33.19 6.69
C ASP D 206 -38.19 -34.51 5.92
N TYR D 207 -39.26 -35.31 5.88
CA TYR D 207 -39.30 -36.55 5.12
C TYR D 207 -40.63 -36.67 4.38
N LEU D 208 -40.57 -37.20 3.16
CA LEU D 208 -41.75 -37.42 2.32
C LEU D 208 -42.48 -36.09 2.06
N GLN D 209 -41.79 -35.23 1.33
CA GLN D 209 -42.36 -33.93 0.97
C GLN D 209 -43.31 -34.07 -0.20
N VAL D 210 -43.09 -35.06 -1.06
CA VAL D 210 -43.98 -35.33 -2.19
C VAL D 210 -44.98 -36.42 -1.78
N ARG D 211 -46.05 -36.53 -2.58
CA ARG D 211 -47.11 -37.52 -2.41
C ARG D 211 -47.62 -37.61 -0.98
N PHE D 212 -47.59 -36.47 -0.28
CA PHE D 212 -47.91 -36.38 1.13
C PHE D 212 -49.21 -35.61 1.38
N THR D 213 -49.73 -34.92 0.36
CA THR D 213 -50.94 -34.11 0.44
C THR D 213 -50.95 -33.25 1.70
N ASP D 214 -49.87 -32.47 1.84
CA ASP D 214 -49.59 -31.70 3.04
C ASP D 214 -50.77 -30.87 3.51
N SER D 215 -51.25 -29.94 2.67
CA SER D 215 -52.30 -29.02 3.07
C SER D 215 -53.59 -29.73 3.44
N LEU D 216 -53.81 -30.95 2.95
CA LEU D 216 -54.99 -31.72 3.31
C LEU D 216 -54.76 -32.55 4.57
N SER D 217 -53.78 -33.46 4.52
CA SER D 217 -53.56 -34.40 5.61
C SER D 217 -53.17 -33.68 6.89
N LEU D 218 -52.20 -32.79 6.79
CA LEU D 218 -51.69 -32.09 7.95
C LEU D 218 -52.67 -31.05 8.47
N ASN D 219 -53.70 -30.71 7.69
CA ASN D 219 -54.82 -29.96 8.21
C ASN D 219 -55.76 -30.86 9.01
N ILE D 220 -56.28 -31.90 8.36
CA ILE D 220 -57.25 -32.78 9.00
C ILE D 220 -56.69 -33.44 10.25
N GLU D 221 -55.37 -33.56 10.35
CA GLU D 221 -54.74 -34.08 11.56
C GLU D 221 -55.15 -33.27 12.78
N THR D 222 -55.19 -31.95 12.63
CA THR D 222 -55.52 -31.08 13.75
C THR D 222 -56.98 -31.19 14.16
N GLU D 223 -57.89 -31.45 13.23
CA GLU D 223 -59.29 -31.61 13.60
C GLU D 223 -59.48 -32.75 14.59
N ILE D 224 -58.64 -33.77 14.51
CA ILE D 224 -58.70 -34.87 15.45
C ILE D 224 -57.89 -34.55 16.71
N LEU D 225 -56.68 -34.05 16.52
CA LEU D 225 -55.80 -33.78 17.65
C LEU D 225 -56.39 -32.76 18.60
N THR D 226 -56.84 -31.63 18.08
CA THR D 226 -57.30 -30.55 18.94
C THR D 226 -58.52 -30.98 19.74
N ALA D 227 -59.45 -31.70 19.11
CA ALA D 227 -60.56 -32.24 19.85
C ALA D 227 -60.13 -33.24 20.89
N SER D 228 -59.17 -34.11 20.57
CA SER D 228 -58.75 -35.16 21.47
C SER D 228 -57.95 -34.66 22.67
N LYS D 229 -57.19 -33.59 22.51
CA LYS D 229 -56.47 -33.02 23.63
C LYS D 229 -57.43 -32.45 24.66
N ARG D 230 -58.56 -31.91 24.19
CA ARG D 230 -59.46 -31.13 25.01
C ARG D 230 -60.84 -31.75 24.97
N ASN D 231 -61.11 -32.65 25.91
CA ASN D 231 -62.45 -33.16 26.17
C ASN D 231 -63.04 -32.49 27.41
N LEU D 232 -62.66 -31.25 27.64
CA LEU D 232 -63.19 -30.43 28.74
C LEU D 232 -63.41 -29.03 28.17
N ASP D 233 -64.61 -28.80 27.65
CA ASP D 233 -65.07 -27.47 27.25
C ASP D 233 -66.32 -27.13 28.05
N LEU D 234 -66.58 -25.84 28.19
CA LEU D 234 -67.62 -25.34 29.08
C LEU D 234 -68.69 -24.65 28.21
N SER D 235 -69.62 -25.46 27.72
CA SER D 235 -70.67 -25.04 26.80
C SER D 235 -71.97 -25.03 27.59
N VAL D 236 -72.26 -23.89 28.22
CA VAL D 236 -73.39 -23.75 29.15
C VAL D 236 -73.90 -22.30 29.10
N PRO D 237 -75.14 -22.04 28.63
CA PRO D 237 -75.63 -20.66 28.62
C PRO D 237 -76.16 -20.12 29.93
N LEU D 238 -76.71 -18.91 29.87
CA LEU D 238 -77.29 -18.20 31.00
C LEU D 238 -78.07 -17.02 30.47
N ASN D 239 -79.15 -16.66 31.14
CA ASN D 239 -80.13 -15.74 30.58
C ASN D 239 -79.65 -14.29 30.68
N PRO D 240 -79.76 -13.50 29.60
CA PRO D 240 -79.66 -12.04 29.74
C PRO D 240 -81.00 -11.37 29.91
N HIS D 241 -80.97 -10.04 30.07
CA HIS D 241 -82.16 -9.22 30.01
C HIS D 241 -82.65 -8.97 28.59
N ARG D 242 -82.01 -9.58 27.58
CA ARG D 242 -82.25 -9.26 26.19
C ARG D 242 -83.00 -10.34 25.44
N ALA D 243 -82.93 -11.59 25.89
CA ALA D 243 -83.63 -12.70 25.26
C ALA D 243 -84.92 -13.08 25.99
N THR D 244 -85.37 -12.27 26.93
CA THR D 244 -86.71 -12.38 27.50
C THR D 244 -87.34 -10.99 27.50
N ALA D 245 -88.50 -10.89 28.15
CA ALA D 245 -89.28 -9.65 28.15
C ALA D 245 -89.78 -9.33 29.56
N ASN D 246 -90.38 -8.15 29.67
CA ASN D 246 -91.00 -7.62 30.88
C ASN D 246 -89.98 -7.12 31.90
N LEU D 247 -88.68 -7.25 31.63
CA LEU D 247 -87.64 -6.89 32.58
C LEU D 247 -86.50 -6.15 31.90
N LYS D 248 -86.78 -5.47 30.80
CA LYS D 248 -85.76 -4.69 30.13
C LYS D 248 -85.42 -3.51 31.05
N PRO D 249 -84.16 -3.27 31.36
CA PRO D 249 -83.83 -2.25 32.37
C PRO D 249 -83.80 -0.84 31.79
N GLU D 250 -83.70 0.12 32.70
CA GLU D 250 -83.57 1.52 32.37
C GLU D 250 -82.10 1.94 32.38
N VAL D 251 -81.82 3.07 31.74
CA VAL D 251 -80.48 3.64 31.70
C VAL D 251 -80.61 5.15 31.62
N LYS D 252 -79.57 5.85 32.08
CA LYS D 252 -79.61 7.30 32.23
C LYS D 252 -78.32 7.97 31.79
N TYR D 253 -77.42 7.25 31.10
CA TYR D 253 -76.25 7.92 30.53
C TYR D 253 -76.58 8.58 29.20
N PRO D 254 -77.24 7.91 28.25
CA PRO D 254 -77.52 8.58 26.97
C PRO D 254 -78.79 9.43 27.01
N TYR D 255 -78.81 10.39 27.93
CA TYR D 255 -80.00 11.19 28.16
C TYR D 255 -79.96 12.46 27.30
N TYR D 256 -80.92 13.33 27.56
CA TYR D 256 -81.03 14.64 26.91
C TYR D 256 -81.30 15.66 27.99
N ASP D 257 -80.27 16.39 28.39
CA ASP D 257 -80.48 17.55 29.24
C ASP D 257 -81.38 18.55 28.52
N PRO D 258 -82.14 19.36 29.26
CA PRO D 258 -82.79 20.49 28.59
C PRO D 258 -81.80 21.54 28.15
N GLU D 259 -80.78 21.81 28.96
CA GLU D 259 -79.77 22.81 28.61
C GLU D 259 -78.81 22.26 27.55
N THR D 260 -78.09 21.20 27.90
CA THR D 260 -77.11 20.61 27.00
C THR D 260 -77.76 19.55 26.13
N ASP D 261 -77.04 19.14 25.09
CA ASP D 261 -77.64 18.36 24.02
C ASP D 261 -77.78 16.90 24.42
N THR D 262 -76.66 16.21 24.60
CA THR D 262 -76.71 14.86 25.14
C THR D 262 -75.38 14.51 25.77
N VAL D 263 -75.39 13.43 26.53
CA VAL D 263 -74.29 13.03 27.39
C VAL D 263 -74.13 11.53 27.25
N VAL D 264 -72.93 11.03 27.51
CA VAL D 264 -72.56 9.68 27.22
C VAL D 264 -71.62 9.18 28.31
N HIS D 265 -71.20 7.92 28.19
CA HIS D 265 -70.31 7.26 29.13
C HIS D 265 -68.98 7.04 28.43
N GLU D 266 -67.92 7.58 29.02
CA GLU D 266 -66.60 7.56 28.40
C GLU D 266 -65.54 7.50 29.50
N HIS D 267 -64.75 6.43 29.48
CA HIS D 267 -63.92 6.03 30.61
C HIS D 267 -62.81 7.05 30.83
N ARG D 268 -61.96 6.80 31.83
CA ARG D 268 -61.13 7.85 32.43
C ARG D 268 -59.65 7.48 32.47
N PRO D 269 -58.77 8.11 31.64
CA PRO D 269 -57.33 7.96 31.84
C PRO D 269 -56.79 9.03 32.76
N ASP D 270 -55.47 9.07 32.94
CA ASP D 270 -54.79 10.15 33.63
C ASP D 270 -53.87 10.98 32.73
N ALA D 271 -53.72 10.61 31.46
CA ALA D 271 -52.81 11.31 30.55
C ALA D 271 -53.49 12.55 29.99
N ARG D 272 -52.87 13.71 30.17
CA ARG D 272 -53.40 14.99 29.73
C ARG D 272 -52.68 15.44 28.45
N GLY D 273 -52.99 16.65 27.99
CA GLY D 273 -52.38 17.19 26.79
C GLY D 273 -51.10 17.96 27.08
N ASN D 274 -50.20 17.97 26.10
CA ASN D 274 -48.89 18.62 26.22
C ASN D 274 -48.11 18.11 27.42
N MET D 275 -48.09 16.78 27.58
CA MET D 275 -47.45 16.10 28.70
C MET D 275 -46.22 15.36 28.20
N VAL D 276 -45.42 14.86 29.15
CA VAL D 276 -44.24 14.08 28.78
C VAL D 276 -44.68 12.85 28.01
N ASN D 277 -43.98 12.57 26.91
CA ASN D 277 -44.48 11.58 25.97
C ASN D 277 -44.28 10.15 26.49
N ALA D 278 -43.03 9.75 26.71
CA ALA D 278 -42.75 8.37 27.10
C ALA D 278 -41.37 8.32 27.74
N ASP D 279 -40.82 7.12 27.86
CA ASP D 279 -39.56 6.88 28.55
C ASP D 279 -38.42 7.56 27.79
N THR D 280 -37.20 7.41 28.29
CA THR D 280 -36.06 8.02 27.65
C THR D 280 -35.79 7.35 26.30
N VAL D 281 -34.81 7.90 25.58
CA VAL D 281 -34.48 7.42 24.24
C VAL D 281 -33.54 6.23 24.25
N ASP D 282 -33.08 5.80 25.42
CA ASP D 282 -32.17 4.67 25.52
C ASP D 282 -32.95 3.38 25.61
N SER D 295 -13.21 4.12 33.95
CA SER D 295 -12.06 3.24 33.84
C SER D 295 -11.48 3.26 32.44
N ASP D 296 -10.84 4.37 32.07
CA ASP D 296 -10.14 4.47 30.80
C ASP D 296 -8.63 4.30 30.97
N TYR D 297 -8.14 4.19 32.19
CA TYR D 297 -6.76 3.78 32.41
C TYR D 297 -6.59 2.30 32.13
N GLU D 298 -7.57 1.49 32.57
CA GLU D 298 -7.53 0.06 32.27
C GLU D 298 -7.78 -0.20 30.79
N ARG D 299 -8.61 0.62 30.15
CA ARG D 299 -8.85 0.45 28.72
C ARG D 299 -7.62 0.80 27.89
N LEU D 300 -6.75 1.66 28.43
CA LEU D 300 -5.47 1.92 27.79
C LEU D 300 -4.45 0.86 28.12
N MET D 301 -4.48 0.31 29.33
CA MET D 301 -3.52 -0.68 29.78
C MET D 301 -3.80 -2.08 29.26
N LEU D 302 -4.77 -2.25 28.37
CA LEU D 302 -5.13 -3.56 27.84
C LEU D 302 -5.15 -3.55 26.32
N LEU D 303 -4.32 -2.74 25.70
CA LEU D 303 -4.32 -2.66 24.25
C LEU D 303 -3.62 -3.86 23.65
N LEU D 304 -4.10 -4.28 22.47
CA LEU D 304 -3.67 -5.45 21.73
C LEU D 304 -3.80 -6.75 22.52
N SER D 305 -4.68 -6.79 23.51
CA SER D 305 -4.86 -7.99 24.32
C SER D 305 -5.67 -9.04 23.57
N ASP D 306 -6.70 -8.60 22.84
CA ASP D 306 -7.61 -9.46 22.07
C ASP D 306 -8.26 -10.53 22.94
N ARG D 307 -8.70 -10.14 24.12
CA ARG D 307 -9.22 -11.08 25.10
C ARG D 307 -10.19 -10.40 26.06
N PHE D 324 -13.97 -27.75 25.44
CA PHE D 324 -13.13 -28.90 25.77
C PHE D 324 -13.06 -29.86 24.61
N MET D 325 -12.90 -29.32 23.39
CA MET D 325 -13.09 -30.14 22.19
C MET D 325 -11.93 -31.10 21.97
N ARG D 326 -10.72 -30.72 22.37
CA ARG D 326 -9.59 -31.62 22.18
C ARG D 326 -9.56 -32.71 23.26
N LEU D 327 -10.34 -32.53 24.32
CA LEU D 327 -10.56 -33.65 25.24
C LEU D 327 -11.61 -34.60 24.68
N ARG D 328 -12.49 -34.11 23.80
CA ARG D 328 -13.53 -34.95 23.24
C ARG D 328 -12.97 -35.94 22.23
N PHE D 329 -11.99 -35.50 21.42
CA PHE D 329 -11.48 -36.38 20.38
C PHE D 329 -10.42 -37.34 20.90
N VAL D 330 -10.06 -37.25 22.18
CA VAL D 330 -9.10 -38.19 22.74
C VAL D 330 -9.76 -39.16 23.71
N GLU D 331 -10.93 -38.81 24.26
CA GLU D 331 -11.62 -39.75 25.13
C GLU D 331 -12.26 -40.88 24.33
N ALA D 332 -12.51 -40.64 23.04
CA ALA D 332 -12.99 -41.72 22.17
C ALA D 332 -11.85 -42.69 21.85
N TRP D 333 -10.66 -42.17 21.59
CA TRP D 333 -9.53 -43.03 21.26
C TRP D 333 -8.97 -43.75 22.48
N ARG D 334 -9.13 -43.17 23.67
CA ARG D 334 -8.78 -43.89 24.89
C ARG D 334 -9.78 -44.99 25.19
N LYS D 335 -11.01 -44.87 24.71
CA LYS D 335 -11.96 -45.96 24.81
C LYS D 335 -11.58 -47.11 23.88
N LYS D 336 -11.08 -46.79 22.69
CA LYS D 336 -10.68 -47.80 21.73
C LYS D 336 -9.31 -48.38 22.08
N MET E 15 -11.63 15.18 -13.35
CA MET E 15 -12.63 16.26 -13.58
C MET E 15 -12.00 17.61 -13.18
N GLU E 16 -10.94 18.02 -13.88
CA GLU E 16 -10.30 19.33 -13.61
C GLU E 16 -11.31 20.43 -13.89
N ILE E 17 -12.07 20.31 -14.98
CA ILE E 17 -13.11 21.33 -15.33
C ILE E 17 -14.15 21.37 -14.22
N GLN E 18 -14.56 20.20 -13.71
CA GLN E 18 -15.58 20.14 -12.64
C GLN E 18 -15.02 20.83 -11.39
N GLN E 19 -13.75 20.60 -11.06
CA GLN E 19 -13.12 21.23 -9.87
C GLN E 19 -13.09 22.75 -10.04
N MET E 20 -12.79 23.21 -11.25
CA MET E 20 -12.88 24.65 -11.61
C MET E 20 -14.35 25.10 -11.48
N MET E 21 -15.27 24.30 -12.03
CA MET E 21 -16.72 24.63 -11.96
C MET E 21 -17.18 24.64 -10.50
N PHE E 22 -16.69 23.69 -9.69
CA PHE E 22 -17.03 23.66 -8.25
C PHE E 22 -16.53 24.95 -7.60
N VAL E 23 -15.32 25.39 -7.97
CA VAL E 23 -14.78 26.67 -7.45
C VAL E 23 -15.68 27.81 -7.91
N SER E 24 -16.16 27.76 -9.16
CA SER E 24 -16.99 28.87 -9.72
C SER E 24 -18.27 29.03 -8.89
N GLY E 25 -18.89 27.91 -8.49
CA GLY E 25 -20.12 27.95 -7.67
C GLY E 25 -19.93 28.80 -6.42
N GLU E 26 -19.24 28.27 -5.41
CA GLU E 26 -18.72 29.07 -4.31
C GLU E 26 -17.36 28.65 -3.76
N THR E 27 -17.12 27.35 -3.60
CA THR E 27 -16.19 26.85 -2.60
C THR E 27 -14.92 26.25 -3.23
N ASN E 28 -13.91 26.01 -2.38
CA ASN E 28 -12.58 25.59 -2.80
C ASN E 28 -12.19 24.28 -2.13
N ASP E 29 -11.10 23.69 -2.64
CA ASP E 29 -10.40 22.55 -2.05
C ASP E 29 -11.23 21.27 -1.99
N PRO E 30 -11.63 20.70 -3.12
CA PRO E 30 -12.04 19.30 -3.15
C PRO E 30 -10.84 18.40 -3.37
N PRO E 31 -10.69 17.32 -2.61
CA PRO E 31 -9.71 16.29 -2.98
C PRO E 31 -10.19 15.56 -4.23
N VAL E 32 -9.34 14.65 -4.71
CA VAL E 32 -9.65 13.90 -5.92
C VAL E 32 -10.93 13.08 -5.77
N GLU E 33 -11.26 12.69 -4.53
CA GLU E 33 -12.40 11.82 -4.30
C GLU E 33 -13.71 12.46 -4.75
N THR E 34 -13.99 13.66 -4.25
CA THR E 34 -15.26 14.31 -4.56
C THR E 34 -15.35 14.64 -6.04
N THR E 35 -14.22 14.94 -6.66
CA THR E 35 -14.24 15.33 -8.07
C THR E 35 -14.48 14.13 -8.96
N SER E 36 -13.85 13.01 -8.66
CA SER E 36 -14.13 11.79 -9.42
C SER E 36 -15.58 11.36 -9.22
N LEU E 37 -16.09 11.51 -8.00
CA LEU E 37 -17.48 11.17 -7.72
C LEU E 37 -18.42 12.05 -8.53
N ILE E 38 -18.19 13.36 -8.52
CA ILE E 38 -18.98 14.30 -9.30
C ILE E 38 -18.86 13.99 -10.80
N GLU E 39 -17.69 13.55 -11.23
CA GLU E 39 -17.51 13.16 -12.61
C GLU E 39 -18.43 12.02 -12.97
N ASP E 40 -18.50 11.02 -12.09
CA ASP E 40 -19.41 9.90 -12.30
C ASP E 40 -20.86 10.38 -12.32
N ILE E 41 -21.20 11.30 -11.41
CA ILE E 41 -22.56 11.82 -11.33
C ILE E 41 -22.95 12.45 -12.66
N VAL E 42 -22.16 13.40 -13.14
CA VAL E 42 -22.48 14.12 -14.35
C VAL E 42 -22.54 13.17 -15.53
N ARG E 43 -21.59 12.25 -15.62
CA ARG E 43 -21.59 11.30 -16.71
C ARG E 43 -22.89 10.50 -16.72
N SER E 44 -23.36 10.07 -15.54
CA SER E 44 -24.59 9.28 -15.47
C SER E 44 -25.80 10.11 -15.91
N GLN E 45 -25.87 11.33 -15.38
CA GLN E 45 -27.00 12.21 -15.73
C GLN E 45 -27.05 12.35 -17.25
N VAL E 46 -25.92 12.64 -17.87
CA VAL E 46 -25.89 13.01 -19.28
C VAL E 46 -26.19 11.81 -20.15
N VAL E 47 -25.65 10.64 -19.80
CA VAL E 47 -25.98 9.46 -20.59
C VAL E 47 -27.46 9.18 -20.51
N GLU E 48 -28.09 9.39 -19.35
CA GLU E 48 -29.52 9.18 -19.25
C GLU E 48 -30.29 10.16 -20.13
N ILE E 49 -29.89 11.43 -20.13
CA ILE E 49 -30.54 12.42 -21.00
C ILE E 49 -30.49 11.97 -22.45
N VAL E 50 -29.32 11.55 -22.92
CA VAL E 50 -29.23 11.21 -24.34
C VAL E 50 -29.98 9.92 -24.64
N LEU E 51 -30.00 8.98 -23.69
CA LEU E 51 -30.85 7.80 -23.86
C LEU E 51 -32.28 8.20 -24.14
N HIS E 52 -32.84 9.04 -23.26
CA HIS E 52 -34.25 9.40 -23.39
C HIS E 52 -34.49 10.15 -24.69
N SER E 53 -33.62 11.10 -25.02
CA SER E 53 -33.85 11.92 -26.22
C SER E 53 -33.73 11.09 -27.49
N SER E 54 -32.75 10.19 -27.56
CA SER E 54 -32.61 9.34 -28.72
C SER E 54 -33.80 8.41 -28.86
N GLN E 55 -34.27 7.84 -27.75
CA GLN E 55 -35.45 6.97 -27.80
C GLN E 55 -36.65 7.74 -28.33
N THR E 56 -36.84 8.97 -27.85
CA THR E 56 -38.00 9.76 -28.28
C THR E 56 -37.91 10.12 -29.75
N ALA E 57 -36.71 10.48 -30.23
CA ALA E 57 -36.56 10.80 -31.64
C ALA E 57 -36.82 9.59 -32.52
N LEU E 58 -36.24 8.44 -32.17
CA LEU E 58 -36.47 7.25 -32.98
C LEU E 58 -37.92 6.79 -32.91
N SER E 59 -38.60 7.08 -31.80
CA SER E 59 -40.04 6.82 -31.74
C SER E 59 -40.79 7.80 -32.63
N ARG E 60 -40.26 9.02 -32.80
CA ARG E 60 -40.77 9.90 -33.84
C ARG E 60 -40.28 9.44 -35.21
N GLY E 61 -39.14 8.75 -35.25
CA GLY E 61 -38.67 8.10 -36.47
C GLY E 61 -37.51 8.80 -37.14
N THR E 62 -36.55 9.27 -36.36
CA THR E 62 -35.38 9.95 -36.88
C THR E 62 -34.17 9.65 -36.01
N LYS E 63 -33.02 9.45 -36.64
CA LYS E 63 -31.80 9.06 -35.94
C LYS E 63 -30.99 10.24 -35.44
N SER E 64 -31.15 11.41 -36.05
CA SER E 64 -30.36 12.59 -35.70
C SER E 64 -30.86 13.19 -34.41
N ILE E 65 -29.92 13.50 -33.51
CA ILE E 65 -30.25 14.10 -32.22
C ILE E 65 -30.36 15.60 -32.41
N VAL E 66 -31.36 16.20 -31.77
CA VAL E 66 -31.83 17.55 -32.09
C VAL E 66 -31.97 18.35 -30.81
N PRO E 67 -32.04 19.73 -30.80
CA PRO E 67 -32.29 20.59 -29.56
C PRO E 67 -33.75 20.69 -29.04
N GLU E 68 -34.73 20.56 -29.95
CA GLU E 68 -36.16 20.73 -29.55
C GLU E 68 -36.56 19.67 -28.53
N ASP E 69 -36.09 18.43 -28.72
CA ASP E 69 -36.45 17.33 -27.78
C ASP E 69 -35.91 17.68 -26.40
N VAL E 70 -34.65 18.13 -26.38
CA VAL E 70 -33.77 18.14 -25.18
C VAL E 70 -34.23 19.28 -24.28
N ILE E 71 -34.54 20.43 -24.87
CA ILE E 71 -35.09 21.54 -24.05
C ILE E 71 -36.44 21.09 -23.46
N PHE E 72 -37.29 20.44 -24.24
CA PHE E 72 -38.57 19.90 -23.70
C PHE E 72 -38.29 18.70 -22.78
N LEU E 73 -37.17 18.01 -22.97
CA LEU E 73 -36.83 16.93 -22.02
C LEU E 73 -36.69 17.59 -20.66
N ILE E 74 -36.02 18.74 -20.59
CA ILE E 74 -36.03 19.46 -19.27
C ILE E 74 -37.46 19.96 -18.97
N ARG E 75 -38.13 20.62 -19.92
CA ARG E 75 -39.57 21.02 -19.76
C ARG E 75 -39.88 21.65 -18.41
N HIS E 76 -39.09 22.61 -17.94
CA HIS E 76 -39.32 23.21 -16.60
C HIS E 76 -38.73 24.61 -16.56
N ASP E 77 -38.87 25.34 -15.44
CA ASP E 77 -38.18 26.65 -15.35
C ASP E 77 -36.73 26.44 -15.83
N LYS E 78 -36.32 25.18 -16.04
CA LYS E 78 -34.96 24.87 -16.57
C LYS E 78 -34.77 25.42 -17.99
N ALA E 79 -35.79 26.09 -18.55
CA ALA E 79 -35.85 26.50 -19.96
C ALA E 79 -35.34 27.92 -20.15
N LYS E 80 -35.68 28.85 -19.26
CA LYS E 80 -35.29 30.25 -19.54
C LYS E 80 -33.76 30.35 -19.66
N VAL E 81 -33.03 29.77 -18.70
CA VAL E 81 -31.55 29.91 -18.71
C VAL E 81 -31.01 29.19 -19.94
N ASN E 82 -31.54 27.99 -20.23
CA ASN E 82 -30.92 27.29 -21.38
C ASN E 82 -31.13 28.11 -22.64
N ARG E 83 -32.31 28.72 -22.82
CA ARG E 83 -32.53 29.48 -24.07
C ARG E 83 -31.46 30.56 -24.24
N LEU E 84 -31.16 31.30 -23.17
CA LEU E 84 -30.17 32.41 -23.22
C LEU E 84 -28.81 31.87 -23.70
N ARG E 85 -28.41 30.68 -23.22
CA ARG E 85 -27.09 30.12 -23.58
C ARG E 85 -27.04 29.88 -25.10
N THR E 86 -28.13 29.36 -25.67
CA THR E 86 -28.19 29.09 -27.13
C THR E 86 -28.16 30.41 -27.90
N TYR E 87 -29.03 31.36 -27.53
CA TYR E 87 -29.15 32.64 -28.25
C TYR E 87 -27.77 33.32 -28.34
N LEU E 88 -26.99 33.26 -27.26
CA LEU E 88 -25.64 33.90 -27.22
C LEU E 88 -24.76 33.24 -28.27
N SER E 89 -24.82 31.90 -28.35
CA SER E 89 -24.00 31.15 -29.34
C SER E 89 -24.42 31.58 -30.75
N SER E 185 -35.87 35.26 -4.66
CA SER E 185 -35.20 34.33 -5.55
C SER E 185 -34.05 35.02 -6.28
N LEU E 186 -34.39 35.85 -7.27
CA LEU E 186 -33.38 36.58 -8.01
C LEU E 186 -32.63 37.56 -7.11
N LYS E 187 -33.30 38.11 -6.09
CA LYS E 187 -32.63 39.02 -5.17
C LYS E 187 -31.52 38.33 -4.40
N ARG E 188 -31.70 37.06 -4.05
CA ARG E 188 -30.67 36.33 -3.32
C ARG E 188 -29.43 36.14 -4.19
N LEU E 189 -29.61 35.67 -5.43
CA LEU E 189 -28.48 35.51 -6.33
C LEU E 189 -27.83 36.85 -6.66
N LYS E 190 -28.62 37.92 -6.61
CA LYS E 190 -28.05 39.30 -6.69
C LYS E 190 -27.28 39.63 -5.41
N THR E 191 -27.90 39.42 -4.24
CA THR E 191 -27.27 39.84 -2.94
C THR E 191 -25.95 39.10 -2.69
N ASN E 192 -25.90 37.79 -2.95
CA ASN E 192 -24.66 37.00 -2.70
C ASN E 192 -23.56 37.54 -3.62
N ASP E 193 -23.89 37.82 -4.88
CA ASP E 193 -22.90 38.36 -5.84
C ASP E 193 -22.42 39.74 -5.36
N GLU E 194 -23.35 40.55 -4.84
CA GLU E 194 -22.99 41.91 -4.33
C GLU E 194 -22.00 41.74 -3.17
N ARG E 195 -22.22 40.76 -2.31
CA ARG E 195 -21.27 40.48 -1.20
C ARG E 195 -19.92 40.10 -1.81
N THR E 196 -19.93 39.33 -2.90
CA THR E 196 -18.66 38.87 -3.54
C THR E 196 -17.83 40.07 -4.04
N LYS E 197 -18.47 41.10 -4.61
CA LYS E 197 -17.76 42.29 -5.17
C LYS E 197 -16.44 42.58 -4.44
N ASN E 198 -15.32 42.48 -5.17
CA ASN E 198 -13.95 42.65 -4.58
C ASN E 198 -12.81 42.49 -5.61
N MET E 199 -11.54 42.65 -5.20
CA MET E 199 -10.37 42.57 -6.13
C MET E 199 -9.05 42.24 -5.39
N THR E 200 -7.99 41.85 -6.15
CA THR E 200 -6.55 41.79 -5.77
C THR E 200 -6.04 40.32 -5.77
N LYS E 201 -4.74 40.04 -6.03
CA LYS E 201 -4.47 38.67 -6.44
C LYS E 201 -5.44 38.21 -7.53
N GLU E 202 -5.90 39.15 -8.35
CA GLU E 202 -6.80 38.87 -9.47
C GLU E 202 -8.09 38.21 -8.99
N GLU E 203 -8.83 38.99 -8.20
CA GLU E 203 -10.05 38.48 -7.59
C GLU E 203 -11.12 38.18 -8.63
N TYR E 204 -11.59 39.21 -9.35
CA TYR E 204 -12.58 39.00 -10.40
C TYR E 204 -12.04 38.19 -11.56
N VAL E 205 -10.72 38.13 -11.71
CA VAL E 205 -10.10 37.49 -12.87
C VAL E 205 -10.38 35.99 -12.86
N HIS E 206 -10.33 35.38 -11.68
CA HIS E 206 -10.45 33.92 -11.61
C HIS E 206 -11.86 33.46 -11.94
N TRP E 207 -12.84 34.26 -11.51
CA TRP E 207 -14.29 34.05 -11.81
C TRP E 207 -14.47 33.76 -13.30
N SER E 208 -13.86 34.56 -14.17
CA SER E 208 -14.03 34.39 -15.65
C SER E 208 -13.50 33.03 -16.11
N GLU E 209 -12.34 32.60 -15.61
CA GLU E 209 -11.72 31.33 -16.05
C GLU E 209 -12.78 30.22 -16.15
N CYS E 210 -13.47 29.95 -15.04
CA CYS E 210 -14.47 28.86 -14.94
C CYS E 210 -15.53 29.05 -16.03
N ARG E 211 -15.95 30.28 -16.28
CA ARG E 211 -17.02 30.57 -17.27
C ARG E 211 -16.60 30.11 -18.67
N GLN E 212 -15.35 30.35 -19.05
CA GLN E 212 -14.92 30.02 -20.44
C GLN E 212 -13.99 28.81 -20.47
N ALA E 213 -14.03 27.96 -19.43
CA ALA E 213 -13.30 26.68 -19.51
C ALA E 213 -14.24 25.46 -19.46
N SER E 214 -15.50 25.64 -19.84
CA SER E 214 -16.44 24.49 -19.90
C SER E 214 -16.07 23.59 -21.08
N PHE E 215 -16.56 22.36 -21.10
CA PHE E 215 -16.18 21.39 -22.17
C PHE E 215 -16.58 21.94 -23.54
N THR E 216 -17.67 22.71 -23.60
CA THR E 216 -18.19 23.24 -24.90
C THR E 216 -17.25 24.29 -25.49
N PHE E 217 -16.29 24.81 -24.70
CA PHE E 217 -15.47 25.95 -25.21
C PHE E 217 -14.72 25.55 -26.50
N ARG E 218 -14.14 24.35 -26.54
CA ARG E 218 -13.42 23.88 -27.76
C ARG E 218 -13.25 22.36 -27.67
N LYS E 219 -12.83 21.90 -26.50
CA LYS E 219 -12.52 20.52 -26.17
C LYS E 219 -13.75 19.65 -26.32
N ALA E 220 -14.55 19.95 -27.34
CA ALA E 220 -15.78 19.20 -27.59
C ALA E 220 -15.49 17.74 -27.89
N LYS E 221 -14.34 17.44 -28.49
CA LYS E 221 -14.06 16.07 -28.92
C LYS E 221 -13.92 15.14 -27.73
N ARG E 222 -13.02 15.46 -26.80
CA ARG E 222 -12.80 14.59 -25.66
C ARG E 222 -14.02 14.56 -24.75
N PHE E 223 -14.78 15.65 -24.67
CA PHE E 223 -16.03 15.63 -23.93
C PHE E 223 -17.02 14.68 -24.59
N ARG E 224 -17.05 14.62 -25.92
CA ARG E 224 -17.92 13.68 -26.61
C ARG E 224 -17.47 12.25 -26.36
N GLU E 225 -16.15 12.02 -26.32
CA GLU E 225 -15.65 10.65 -26.28
C GLU E 225 -15.65 10.08 -24.86
N TRP E 226 -15.35 10.90 -23.86
CA TRP E 226 -15.30 10.41 -22.49
C TRP E 226 -16.66 9.93 -22.03
N CYS E 227 -17.71 10.66 -22.39
CA CYS E 227 -19.07 10.20 -22.17
C CYS E 227 -19.35 9.07 -23.15
N GLY E 228 -20.58 8.54 -23.10
CA GLY E 228 -20.93 7.46 -24.01
C GLY E 228 -21.06 7.95 -25.43
N LEU E 229 -20.48 7.20 -26.37
CA LEU E 229 -20.59 7.49 -27.79
C LEU E 229 -20.89 6.28 -28.66
N SER E 230 -20.83 5.06 -28.10
CA SER E 230 -21.22 3.88 -28.88
C SER E 230 -22.70 3.92 -29.27
N HIS E 231 -23.52 4.59 -28.47
CA HIS E 231 -24.92 4.78 -28.83
C HIS E 231 -25.03 5.56 -30.14
N LEU E 232 -26.08 5.24 -30.91
CA LEU E 232 -26.32 5.84 -32.21
C LEU E 232 -25.08 5.77 -33.10
N ALA E 233 -24.69 4.54 -33.44
CA ALA E 233 -23.54 4.34 -34.30
C ALA E 233 -23.82 4.75 -35.74
N GLU E 234 -25.07 4.66 -36.19
CA GLU E 234 -25.44 5.02 -37.54
C GLU E 234 -25.51 6.52 -37.77
N SER E 235 -25.55 7.33 -36.70
CA SER E 235 -25.60 8.78 -36.80
C SER E 235 -24.53 9.34 -35.88
N ARG E 236 -24.44 10.66 -35.80
CA ARG E 236 -23.57 11.31 -34.84
C ARG E 236 -24.11 12.72 -34.57
N PRO E 237 -24.28 13.12 -33.31
CA PRO E 237 -24.86 14.45 -33.05
C PRO E 237 -23.93 15.58 -33.47
N SER E 238 -24.43 16.80 -33.33
CA SER E 238 -23.72 18.00 -33.71
C SER E 238 -23.02 18.61 -32.50
N ASP E 239 -22.31 19.71 -32.72
CA ASP E 239 -21.63 20.44 -31.66
C ASP E 239 -22.56 21.41 -30.93
N ASP E 240 -23.70 21.76 -31.52
CA ASP E 240 -24.66 22.60 -30.82
C ASP E 240 -25.14 21.89 -29.55
N VAL E 241 -25.49 20.61 -29.66
CA VAL E 241 -25.88 19.86 -28.48
C VAL E 241 -24.70 19.67 -27.55
N ILE E 242 -23.48 19.66 -28.06
CA ILE E 242 -22.32 19.58 -27.19
C ILE E 242 -22.26 20.81 -26.29
N ASP E 243 -22.44 21.99 -26.87
CA ASP E 243 -22.52 23.21 -26.08
C ASP E 243 -23.67 23.17 -25.08
N ILE E 244 -24.81 22.63 -25.52
CA ILE E 244 -25.97 22.50 -24.64
C ILE E 244 -25.60 21.69 -23.40
N LEU E 245 -25.07 20.49 -23.63
CA LEU E 245 -24.63 19.63 -22.54
C LEU E 245 -23.65 20.33 -21.62
N GLY E 246 -22.72 21.09 -22.21
CA GLY E 246 -21.84 21.92 -21.36
C GLY E 246 -22.64 22.77 -20.40
N PHE E 247 -23.65 23.48 -20.91
CA PHE E 247 -24.53 24.31 -20.05
C PHE E 247 -25.15 23.43 -18.95
N LEU E 248 -25.75 22.30 -19.33
CA LEU E 248 -26.44 21.44 -18.34
C LEU E 248 -25.44 20.94 -17.29
N THR E 249 -24.27 20.49 -17.73
CA THR E 249 -23.28 19.93 -16.77
C THR E 249 -22.86 21.05 -15.80
N PHE E 250 -22.63 22.26 -16.32
CA PHE E 250 -22.17 23.38 -15.48
C PHE E 250 -23.25 23.69 -14.43
N GLU E 251 -24.51 23.74 -14.88
CA GLU E 251 -25.62 24.08 -13.94
C GLU E 251 -25.72 22.98 -12.88
N MET E 252 -25.58 21.72 -13.29
CA MET E 252 -25.71 20.58 -12.33
C MET E 252 -24.61 20.71 -11.27
N VAL E 253 -23.38 21.01 -11.71
CA VAL E 253 -22.23 21.11 -10.75
C VAL E 253 -22.51 22.28 -9.80
N CYS E 254 -23.01 23.40 -10.33
CA CYS E 254 -23.30 24.58 -9.47
C CYS E 254 -24.37 24.23 -8.44
N SER E 255 -25.41 23.50 -8.84
CA SER E 255 -26.53 23.16 -7.92
C SER E 255 -26.02 22.23 -6.81
N ILE E 256 -25.40 21.11 -7.21
CA ILE E 256 -24.86 20.15 -6.25
C ILE E 256 -24.02 20.85 -5.19
N THR E 257 -23.18 21.78 -5.62
CA THR E 257 -22.31 22.48 -4.70
C THR E 257 -23.12 23.31 -3.71
N GLU E 258 -24.18 23.95 -4.21
CA GLU E 258 -25.05 24.74 -3.35
C GLU E 258 -25.63 23.87 -2.24
N GLU E 259 -26.17 22.72 -2.60
CA GLU E 259 -26.78 21.87 -1.59
C GLU E 259 -25.74 21.33 -0.61
N ALA E 260 -24.55 21.00 -1.09
CA ALA E 260 -23.50 20.53 -0.20
C ALA E 260 -23.13 21.59 0.82
N LEU E 261 -22.97 22.83 0.37
CA LEU E 261 -22.68 23.90 1.32
C LEU E 261 -23.82 24.09 2.30
N ILE E 262 -25.06 23.96 1.83
CA ILE E 262 -26.20 24.18 2.70
C ILE E 262 -26.22 23.15 3.82
N VAL E 263 -26.04 21.87 3.47
CA VAL E 263 -26.03 20.83 4.50
C VAL E 263 -24.85 21.00 5.43
N LYS E 264 -23.69 21.37 4.89
CA LYS E 264 -22.53 21.63 5.72
C LYS E 264 -22.83 22.69 6.78
N MET E 265 -23.48 23.78 6.38
CA MET E 265 -23.80 24.83 7.33
C MET E 265 -24.87 24.39 8.29
N LEU E 266 -25.85 23.63 7.79
CA LEU E 266 -26.93 23.13 8.64
C LEU E 266 -26.39 22.23 9.75
N GLU E 267 -25.31 21.50 9.48
CA GLU E 267 -24.68 20.71 10.54
C GLU E 267 -24.08 21.60 11.61
N GLU E 268 -23.60 22.79 11.22
CA GLU E 268 -22.95 23.71 12.15
C GLU E 268 -21.70 23.08 12.77
N ARG E 290 -1.86 30.09 23.23
CA ARG E 290 -0.52 29.53 23.15
C ARG E 290 0.19 30.05 21.90
N LYS E 291 1.52 30.12 21.97
CA LYS E 291 2.33 30.53 20.83
C LYS E 291 2.19 29.51 19.69
N HIS E 292 2.07 30.02 18.47
CA HIS E 292 1.91 29.17 17.30
C HIS E 292 3.18 28.39 17.03
N LEU E 293 3.02 27.13 16.61
CA LEU E 293 4.15 26.27 16.33
C LEU E 293 4.63 26.40 14.89
N PHE E 294 4.08 27.37 14.15
CA PHE E 294 4.44 27.95 12.85
C PHE E 294 4.44 26.94 11.69
N ASP E 295 4.17 25.66 11.94
CA ASP E 295 4.11 24.68 10.87
C ASP E 295 2.71 24.48 10.35
N GLY E 296 1.70 24.72 11.17
CA GLY E 296 0.35 24.85 10.68
C GLY E 296 0.23 26.14 9.91
N PRO E 297 -0.11 26.05 8.63
CA PRO E 297 -0.04 27.24 7.77
C PRO E 297 -1.15 28.24 8.02
N ASP E 298 -2.25 27.80 8.67
CA ASP E 298 -3.48 28.58 8.86
C ASP E 298 -4.03 29.09 7.53
N LYS E 299 -3.95 28.22 6.50
CA LYS E 299 -4.50 28.52 5.16
C LYS E 299 -5.15 27.26 4.58
N ASP E 300 -5.44 26.26 5.43
CA ASP E 300 -6.02 24.97 4.94
C ASP E 300 -7.41 24.75 5.54
N VAL E 301 -8.39 24.39 4.71
CA VAL E 301 -9.77 24.10 5.19
C VAL E 301 -10.27 22.80 4.57
N ARG E 302 -11.24 22.12 5.21
CA ARG E 302 -11.75 20.83 4.71
C ARG E 302 -13.28 20.85 4.70
N PRO E 303 -13.93 21.57 3.75
CA PRO E 303 -15.39 21.69 3.73
C PRO E 303 -16.13 20.43 3.25
N ILE E 304 -15.74 19.91 2.07
CA ILE E 304 -16.64 19.16 1.20
C ILE E 304 -16.07 17.76 1.04
N THR E 305 -16.95 16.76 1.11
CA THR E 305 -16.53 15.37 0.98
C THR E 305 -17.65 14.50 0.44
N SER E 306 -17.45 13.18 0.48
CA SER E 306 -18.43 12.24 -0.04
C SER E 306 -19.79 12.40 0.61
N GLY E 307 -19.85 12.38 1.94
CA GLY E 307 -21.13 12.36 2.63
C GLY E 307 -22.00 13.57 2.33
N HIS E 308 -21.38 14.75 2.27
CA HIS E 308 -22.10 15.97 1.96
C HIS E 308 -22.79 15.88 0.61
N VAL E 309 -22.00 15.57 -0.42
CA VAL E 309 -22.53 15.44 -1.78
C VAL E 309 -23.60 14.37 -1.83
N LEU E 310 -23.41 13.28 -1.08
CA LEU E 310 -24.39 12.20 -1.10
C LEU E 310 -25.72 12.67 -0.54
N GLU E 311 -25.68 13.38 0.57
CA GLU E 311 -26.91 13.91 1.14
C GLU E 311 -27.54 14.91 0.19
N ALA E 312 -26.73 15.72 -0.47
CA ALA E 312 -27.26 16.72 -1.39
C ALA E 312 -27.93 16.06 -2.58
N TRP E 313 -27.34 15.00 -3.11
CA TRP E 313 -27.89 14.30 -4.25
C TRP E 313 -29.08 13.43 -3.88
N ARG E 314 -29.19 13.02 -2.61
CA ARG E 314 -30.47 12.53 -2.10
C ARG E 314 -31.51 13.63 -2.10
N ARG E 315 -31.13 14.81 -1.64
CA ARG E 315 -32.07 15.91 -1.48
C ARG E 315 -32.63 16.34 -2.82
N LEU E 316 -31.75 16.38 -3.81
CA LEU E 316 -32.11 16.84 -5.17
C LEU E 316 -33.01 15.77 -5.81
N GLN E 317 -32.67 14.50 -5.62
CA GLN E 317 -33.65 13.47 -6.05
C GLN E 317 -34.85 13.60 -5.11
N LYS E 318 -35.52 14.77 -5.11
CA LYS E 318 -36.56 14.97 -4.10
C LYS E 318 -37.68 14.06 -4.59
N ARG E 319 -37.30 12.91 -5.15
CA ARG E 319 -38.32 12.07 -5.82
C ARG E 319 -38.86 13.01 -6.90
N ASN E 320 -40.17 13.16 -6.99
CA ASN E 320 -40.71 14.17 -7.92
C ASN E 320 -41.11 15.36 -7.05
N VAL E 321 -41.71 16.40 -7.64
CA VAL E 321 -42.24 17.48 -6.77
C VAL E 321 -43.19 16.81 -5.77
N GLU E 322 -43.35 15.49 -5.88
CA GLU E 322 -44.29 14.72 -5.02
C GLU E 322 -45.67 14.89 -5.61
N LYS E 323 -45.79 15.77 -6.60
CA LYS E 323 -47.08 15.92 -7.32
C LYS E 323 -47.06 14.83 -8.38
N LYS E 324 -45.89 14.25 -8.62
CA LYS E 324 -45.76 13.14 -9.60
C LYS E 324 -45.74 11.79 -8.86
N ALA E 325 -45.84 11.79 -7.53
CA ALA E 325 -45.93 10.52 -6.77
C ALA E 325 -47.22 10.56 -5.95
N ILE E 326 -48.24 11.28 -6.39
CA ILE E 326 -49.51 11.45 -5.62
C ILE E 326 -50.26 10.12 -5.50
N ARG E 327 -50.01 9.15 -6.37
CA ARG E 327 -50.64 7.81 -6.19
C ARG E 327 -50.32 7.33 -4.77
N ASN E 328 -50.91 7.98 -3.76
CA ASN E 328 -50.47 7.83 -2.35
C ASN E 328 -50.69 6.43 -1.80
N PHE E 329 -51.90 5.89 -1.88
CA PHE E 329 -52.12 4.58 -1.20
C PHE E 329 -52.07 3.47 -2.25
N GLN E 330 -51.02 2.63 -2.22
CA GLN E 330 -50.87 1.56 -3.24
C GLN E 330 -49.85 0.54 -2.74
N GLY E 331 -48.67 0.56 -3.37
CA GLY E 331 -47.68 -0.52 -3.42
C GLY E 331 -46.82 -0.56 -4.67
N GLY E 332 -45.53 -0.90 -4.50
CA GLY E 332 -44.57 -0.98 -5.59
C GLY E 332 -44.16 0.37 -6.16
N LYS E 333 -42.95 0.48 -6.71
CA LYS E 333 -42.51 1.73 -7.33
C LYS E 333 -41.22 1.54 -8.12
N LEU E 334 -41.05 2.38 -9.14
CA LEU E 334 -39.78 2.52 -9.86
C LEU E 334 -39.86 3.75 -10.75
N ARG E 335 -38.79 4.56 -10.78
CA ARG E 335 -38.69 5.65 -11.72
C ARG E 335 -37.29 6.26 -11.69
N SER E 336 -36.79 6.66 -12.87
CA SER E 336 -35.52 7.36 -13.00
C SER E 336 -35.73 8.88 -12.99
N ARG E 337 -34.63 9.62 -12.79
CA ARG E 337 -34.74 11.04 -12.55
C ARG E 337 -33.42 11.74 -12.84
N VAL E 338 -33.50 13.06 -12.99
CA VAL E 338 -32.34 13.86 -13.48
C VAL E 338 -32.07 15.04 -12.54
N GLN E 339 -31.04 15.84 -12.81
CA GLN E 339 -30.64 16.98 -11.93
C GLN E 339 -30.09 16.43 -10.61
N GLY F 817 -71.38 31.40 -12.71
CA GLY F 817 -70.35 30.40 -12.50
C GLY F 817 -69.03 30.81 -13.11
N MET F 818 -68.46 31.91 -12.58
CA MET F 818 -67.39 32.64 -13.24
C MET F 818 -66.24 31.74 -13.72
N ASN F 819 -65.88 30.71 -12.96
CA ASN F 819 -64.90 29.77 -13.47
C ASN F 819 -65.46 28.98 -14.64
N LYS F 820 -66.69 28.48 -14.51
CA LYS F 820 -67.36 27.84 -15.62
C LYS F 820 -67.53 28.80 -16.79
N LYS F 821 -67.85 30.07 -16.50
CA LYS F 821 -68.07 31.04 -17.57
C LYS F 821 -66.78 31.32 -18.33
N PHE F 822 -65.66 31.42 -17.62
CA PHE F 822 -64.40 31.72 -18.30
C PHE F 822 -63.86 30.50 -19.04
N ASN F 823 -64.00 29.30 -18.48
CA ASN F 823 -63.68 28.11 -19.26
C ASN F 823 -64.56 27.99 -20.49
N GLU F 824 -65.82 28.44 -20.38
CA GLU F 824 -66.72 28.45 -21.52
C GLU F 824 -66.28 29.48 -22.56
N ILE F 825 -65.77 30.62 -22.12
CA ILE F 825 -65.28 31.61 -23.06
C ILE F 825 -64.04 31.08 -23.78
N ILE F 826 -63.17 30.38 -23.05
CA ILE F 826 -62.07 29.67 -23.69
C ILE F 826 -62.62 28.69 -24.71
N HIS F 827 -63.69 27.99 -24.37
CA HIS F 827 -64.27 27.00 -25.27
C HIS F 827 -64.77 27.65 -26.55
N LEU F 828 -65.46 28.79 -26.41
CA LEU F 828 -66.04 29.46 -27.56
C LEU F 828 -64.95 30.02 -28.46
N MET F 829 -63.95 30.67 -27.85
CA MET F 829 -62.86 31.19 -28.65
C MET F 829 -62.09 30.08 -29.33
N GLN F 830 -61.95 28.93 -28.67
CA GLN F 830 -61.29 27.80 -29.30
C GLN F 830 -62.08 27.31 -30.50
N GLN F 831 -63.39 27.12 -30.31
CA GLN F 831 -64.25 26.67 -31.42
C GLN F 831 -64.09 27.59 -32.62
N ILE F 832 -64.26 28.89 -32.42
CA ILE F 832 -64.26 29.81 -33.55
C ILE F 832 -62.87 29.91 -34.18
N ARG F 833 -61.81 29.98 -33.38
CA ARG F 833 -60.50 30.21 -33.95
C ARG F 833 -59.94 28.94 -34.59
N ARG F 834 -60.25 27.77 -34.05
CA ARG F 834 -59.87 26.54 -34.70
C ARG F 834 -60.65 26.32 -35.99
N ILE F 835 -61.94 26.68 -35.99
CA ILE F 835 -62.71 26.65 -37.24
C ILE F 835 -62.05 27.53 -38.28
N CYS F 836 -61.64 28.73 -37.88
CA CYS F 836 -61.03 29.65 -38.81
C CYS F 836 -59.66 29.12 -39.27
N PHE F 837 -58.91 28.52 -38.36
CA PHE F 837 -57.65 27.87 -38.71
C PHE F 837 -57.87 26.81 -39.78
N LYS F 838 -58.91 26.01 -39.63
CA LYS F 838 -59.14 24.90 -40.56
C LYS F 838 -59.58 25.41 -41.93
N ILE F 839 -60.51 26.36 -41.96
CA ILE F 839 -60.93 26.90 -43.26
C ILE F 839 -59.78 27.65 -43.92
N SER F 840 -58.89 28.25 -43.13
CA SER F 840 -57.74 28.92 -43.71
C SER F 840 -56.76 27.93 -44.30
N LEU F 841 -56.56 26.78 -43.65
CA LEU F 841 -55.82 25.70 -44.29
C LEU F 841 -56.48 25.28 -45.58
N ILE F 842 -57.81 25.17 -45.58
CA ILE F 842 -58.54 24.74 -46.77
C ILE F 842 -58.31 25.73 -47.91
N ARG F 843 -58.27 27.02 -47.58
CA ARG F 843 -58.13 28.03 -48.63
C ARG F 843 -56.68 28.15 -49.09
N GLN F 844 -55.72 27.97 -48.19
CA GLN F 844 -54.32 27.88 -48.59
C GLN F 844 -54.11 26.73 -49.57
N MET F 845 -54.45 25.51 -49.16
CA MET F 845 -54.23 24.34 -49.99
C MET F 845 -55.23 24.24 -51.14
N GLN F 846 -56.20 25.16 -51.21
CA GLN F 846 -57.00 25.29 -52.43
C GLN F 846 -56.12 25.54 -53.65
N THR F 847 -55.03 26.27 -53.46
CA THR F 847 -54.17 26.65 -54.58
C THR F 847 -53.29 25.48 -55.00
N ASP F 879 -79.35 17.46 -2.59
CA ASP F 879 -79.93 16.44 -3.46
C ASP F 879 -79.14 15.15 -3.40
N LYS F 880 -79.86 14.04 -3.28
CA LYS F 880 -79.23 12.72 -3.28
C LYS F 880 -79.01 12.26 -4.71
N LEU F 881 -77.77 11.93 -5.05
CA LEU F 881 -77.36 11.57 -6.40
C LEU F 881 -76.67 10.21 -6.42
N ASP F 882 -76.55 9.66 -7.62
CA ASP F 882 -76.09 8.30 -7.84
C ASP F 882 -74.74 8.27 -8.56
N SER F 883 -74.31 7.08 -8.93
CA SER F 883 -72.96 6.86 -9.44
C SER F 883 -72.83 7.26 -10.91
N ASP F 884 -73.74 6.81 -11.76
CA ASP F 884 -73.57 7.00 -13.20
C ASP F 884 -73.69 8.47 -13.58
N VAL F 885 -74.64 9.18 -12.96
CA VAL F 885 -74.78 10.61 -13.23
C VAL F 885 -73.52 11.34 -12.80
N SER F 886 -72.95 10.94 -11.66
CA SER F 886 -71.73 11.55 -11.19
C SER F 886 -70.58 11.32 -12.15
N TYR F 887 -70.39 10.06 -12.58
CA TYR F 887 -69.38 9.74 -13.57
C TYR F 887 -69.52 10.58 -14.81
N ASN F 888 -70.71 10.60 -15.41
CA ASN F 888 -70.88 11.31 -16.67
C ASN F 888 -70.80 12.82 -16.52
N SER F 889 -71.22 13.37 -15.37
CA SER F 889 -70.97 14.77 -15.10
C SER F 889 -69.49 15.06 -15.04
N LEU F 890 -68.72 14.18 -14.40
CA LEU F 890 -67.29 14.39 -14.34
C LEU F 890 -66.68 14.30 -15.73
N LYS F 891 -67.19 13.40 -16.57
CA LYS F 891 -66.70 13.31 -17.94
C LYS F 891 -66.99 14.58 -18.72
N ARG F 892 -68.19 15.11 -18.56
CA ARG F 892 -68.53 16.40 -19.15
C ARG F 892 -67.55 17.48 -18.71
N SER F 893 -67.34 17.61 -17.40
CA SER F 893 -66.43 18.62 -16.89
C SER F 893 -65.02 18.43 -17.41
N ILE F 894 -64.55 17.18 -17.44
CA ILE F 894 -63.24 16.85 -17.99
C ILE F 894 -63.12 17.35 -19.42
N SER F 895 -63.97 16.84 -20.31
CA SER F 895 -63.89 17.22 -21.71
C SER F 895 -64.16 18.70 -21.93
N LYS F 896 -64.69 19.40 -20.93
CA LYS F 896 -64.72 20.85 -20.93
C LYS F 896 -63.43 21.48 -20.44
N ILE F 897 -62.58 20.71 -19.72
CA ILE F 897 -61.25 21.20 -19.41
C ILE F 897 -60.45 21.36 -20.70
N LEU F 898 -60.62 20.44 -21.63
CA LEU F 898 -59.62 20.20 -22.65
C LEU F 898 -59.77 21.22 -23.77
N MET F 899 -59.37 22.44 -23.45
CA MET F 899 -59.06 23.46 -24.44
C MET F 899 -57.86 23.10 -25.31
N ALA F 900 -56.91 22.34 -24.77
CA ALA F 900 -55.68 22.03 -25.50
C ALA F 900 -55.98 21.33 -26.81
N ASN F 901 -56.52 20.11 -26.75
CA ASN F 901 -56.70 19.29 -27.93
C ASN F 901 -57.95 19.70 -28.70
N GLY F 902 -59.09 19.54 -28.06
CA GLY F 902 -60.38 19.56 -28.71
C GLY F 902 -61.33 18.83 -27.79
N PHE F 903 -62.53 19.35 -27.62
CA PHE F 903 -63.37 18.95 -26.50
C PHE F 903 -64.02 17.61 -26.83
N GLU F 904 -63.46 16.54 -26.27
CA GLU F 904 -63.89 15.17 -26.51
C GLU F 904 -63.55 14.75 -27.94
N SER F 905 -62.34 15.11 -28.36
CA SER F 905 -61.83 14.86 -29.70
C SER F 905 -60.72 13.80 -29.65
N THR F 906 -60.97 12.76 -28.86
CA THR F 906 -60.02 11.67 -28.67
C THR F 906 -60.80 10.38 -28.44
N ALA F 907 -60.08 9.27 -28.46
CA ALA F 907 -60.68 7.97 -28.28
C ALA F 907 -61.38 7.88 -26.92
N PRO F 908 -62.36 6.99 -26.78
CA PRO F 908 -63.17 6.99 -25.55
C PRO F 908 -62.49 6.35 -24.37
N PHE F 909 -61.67 5.32 -24.63
CA PHE F 909 -60.85 4.71 -23.60
C PHE F 909 -60.10 5.74 -22.78
N CYS F 910 -59.59 6.78 -23.46
CA CYS F 910 -58.88 7.82 -22.75
C CYS F 910 -59.80 8.64 -21.86
N SER F 911 -61.04 8.84 -22.28
CA SER F 911 -61.99 9.56 -21.43
C SER F 911 -62.27 8.76 -20.16
N ASP F 912 -62.48 7.45 -20.30
CA ASP F 912 -62.71 6.62 -19.12
C ASP F 912 -61.49 6.61 -18.21
N VAL F 913 -60.30 6.47 -18.81
CA VAL F 913 -59.03 6.56 -18.09
C VAL F 913 -59.00 7.80 -17.21
N ILE F 914 -59.21 8.95 -17.84
CA ILE F 914 -59.08 10.23 -17.15
C ILE F 914 -60.10 10.33 -16.02
N THR F 915 -61.33 9.91 -16.29
CA THR F 915 -62.37 9.92 -15.26
C THR F 915 -61.92 9.14 -14.03
N GLN F 916 -61.50 7.90 -14.24
CA GLN F 916 -61.09 7.05 -13.12
C GLN F 916 -59.91 7.63 -12.37
N ILE F 917 -58.98 8.22 -13.09
CA ILE F 917 -57.79 8.79 -12.46
C ILE F 917 -58.19 9.94 -11.54
N ALA F 918 -59.00 10.86 -12.04
CA ALA F 918 -59.39 11.98 -11.20
C ALA F 918 -60.25 11.54 -10.02
N GLU F 919 -61.03 10.47 -10.19
CA GLU F 919 -61.75 9.91 -9.06
C GLU F 919 -60.79 9.46 -7.98
N ASN F 920 -59.79 8.67 -8.37
CA ASN F 920 -58.76 8.22 -7.43
C ASN F 920 -58.10 9.40 -6.73
N TYR F 921 -57.83 10.48 -7.46
CA TYR F 921 -57.13 11.60 -6.85
C TYR F 921 -58.01 12.28 -5.81
N PHE F 922 -59.28 12.51 -6.14
CA PHE F 922 -60.18 13.13 -5.18
C PHE F 922 -60.31 12.27 -3.93
N GLY F 923 -60.42 10.96 -4.12
CA GLY F 923 -60.50 10.07 -2.99
C GLY F 923 -59.24 10.13 -2.15
N ASN F 924 -58.10 10.31 -2.79
CA ASN F 924 -56.85 10.38 -2.07
C ASN F 924 -56.76 11.65 -1.24
N LEU F 925 -57.26 12.76 -1.77
CA LEU F 925 -57.45 13.96 -0.96
C LEU F 925 -58.19 13.65 0.32
N VAL F 926 -59.41 13.12 0.18
CA VAL F 926 -60.25 13.03 1.37
C VAL F 926 -59.71 12.01 2.36
N LYS F 927 -59.16 10.90 1.85
CA LYS F 927 -58.53 9.93 2.71
C LYS F 927 -57.41 10.57 3.51
N THR F 928 -56.75 11.56 2.92
CA THR F 928 -55.71 12.30 3.69
C THR F 928 -56.35 13.14 4.80
N LEU F 929 -57.31 14.00 4.49
CA LEU F 929 -57.85 14.93 5.51
C LEU F 929 -58.50 14.17 6.67
N LYS F 930 -59.32 13.16 6.36
CA LYS F 930 -60.01 12.41 7.42
C LYS F 930 -59.00 11.63 8.26
N ASN F 931 -57.94 11.12 7.63
CA ASN F 931 -56.89 10.44 8.43
C ASN F 931 -56.32 11.47 9.41
N HIS F 932 -55.98 12.67 8.96
CA HIS F 932 -55.37 13.61 9.93
C HIS F 932 -56.39 13.86 11.03
N ILE F 933 -57.66 14.06 10.66
CA ILE F 933 -58.72 14.42 11.65
C ILE F 933 -58.90 13.32 12.71
N GLU F 934 -58.94 12.04 12.36
CA GLU F 934 -59.01 11.01 13.43
C GLU F 934 -57.71 10.98 14.23
N SER F 935 -56.54 10.98 13.60
CA SER F 935 -55.21 11.10 14.29
C SER F 935 -54.91 10.22 15.50
N LYS F 936 -55.76 10.15 16.52
CA LYS F 936 -55.55 9.45 17.82
C LYS F 936 -54.07 9.57 18.20
N SER F 937 -53.48 10.75 18.04
CA SER F 937 -52.07 10.99 18.45
C SER F 937 -51.99 12.28 19.25
N ILE F 938 -51.01 12.41 20.14
CA ILE F 938 -50.93 13.60 21.02
C ILE F 938 -50.68 14.88 20.23
N ASN F 939 -49.98 14.80 19.09
CA ASN F 939 -49.71 16.00 18.25
C ASN F 939 -51.04 16.57 17.80
N LYS F 940 -51.97 15.72 17.36
CA LYS F 940 -53.35 16.19 17.08
C LYS F 940 -54.12 16.02 18.39
N VAL F 941 -55.45 16.03 18.36
CA VAL F 941 -56.29 15.66 19.54
C VAL F 941 -56.44 16.87 20.46
N MET F 942 -57.67 17.32 20.69
CA MET F 942 -57.91 18.53 21.53
C MET F 942 -57.31 18.31 22.92
N GLY F 943 -56.42 19.20 23.36
CA GLY F 943 -55.82 19.10 24.69
C GLY F 943 -56.84 19.34 25.78
N ASP F 944 -56.63 18.74 26.96
CA ASP F 944 -57.55 18.95 28.11
C ASP F 944 -57.75 20.44 28.33
N ALA F 945 -56.68 21.24 28.18
CA ALA F 945 -56.77 22.70 28.37
C ALA F 945 -57.08 23.37 27.03
N LYS F 946 -57.81 22.69 26.15
CA LYS F 946 -58.19 23.26 24.83
C LYS F 946 -56.94 23.80 24.12
N PHE F 947 -55.87 22.99 24.07
CA PHE F 947 -54.64 23.42 23.37
C PHE F 947 -54.45 22.53 22.13
N GLN F 948 -54.94 22.99 20.98
CA GLN F 948 -54.74 22.24 19.71
C GLN F 948 -53.36 22.60 19.15
N LYS F 949 -52.37 21.73 19.35
CA LYS F 949 -50.99 22.01 18.86
C LYS F 949 -51.04 22.54 17.43
N VAL F 950 -52.02 22.07 16.64
CA VAL F 950 -52.23 22.51 15.27
C VAL F 950 -53.73 22.67 15.06
N SER F 951 -54.17 23.90 14.80
CA SER F 951 -55.59 24.22 14.75
C SER F 951 -56.22 23.57 13.53
N ASN F 952 -57.51 23.85 13.31
CA ASN F 952 -58.26 23.12 12.29
C ASN F 952 -57.80 23.44 10.87
N LYS F 953 -57.04 24.52 10.69
CA LYS F 953 -56.71 24.98 9.36
C LYS F 953 -55.42 24.37 8.85
N ASP F 954 -54.43 24.23 9.74
CA ASP F 954 -53.17 23.61 9.37
C ASP F 954 -53.39 22.19 8.89
N ILE F 955 -54.41 21.51 9.40
CA ILE F 955 -54.85 20.22 8.87
C ILE F 955 -55.07 20.33 7.36
N LEU F 956 -55.90 21.29 6.95
CA LEU F 956 -56.26 21.43 5.55
C LEU F 956 -55.05 21.78 4.69
N LEU F 957 -54.32 22.80 5.12
CA LEU F 957 -53.11 23.21 4.40
C LEU F 957 -52.16 22.04 4.26
N LEU F 958 -52.09 21.21 5.28
CA LEU F 958 -51.16 20.10 5.33
C LEU F 958 -51.59 18.98 4.41
N SER F 959 -52.89 18.68 4.39
CA SER F 959 -53.38 17.62 3.52
C SER F 959 -53.25 17.99 2.06
N LEU F 960 -53.52 19.25 1.73
CA LEU F 960 -53.12 19.77 0.43
C LEU F 960 -51.66 19.50 0.16
N LEU F 961 -50.79 19.83 1.11
CA LEU F 961 -49.36 19.70 0.90
C LEU F 961 -48.93 18.27 0.64
N GLU F 962 -49.52 17.31 1.37
CA GLU F 962 -49.09 15.91 1.23
C GLU F 962 -49.37 15.39 -0.17
N ASN F 963 -50.42 15.89 -0.81
CA ASN F 963 -50.91 15.37 -2.08
C ASN F 963 -50.87 16.50 -3.10
N GLY F 964 -49.82 16.51 -3.91
CA GLY F 964 -49.82 17.37 -5.06
C GLY F 964 -49.34 18.78 -4.79
N VAL F 965 -50.32 19.66 -4.66
CA VAL F 965 -50.11 21.07 -4.38
C VAL F 965 -49.08 21.25 -3.27
N GLU F 966 -48.18 22.21 -3.45
CA GLU F 966 -47.16 22.50 -2.45
C GLU F 966 -47.64 23.56 -1.47
N SER F 967 -47.97 24.73 -1.99
CA SER F 967 -48.39 25.87 -1.20
C SER F 967 -49.76 26.33 -1.62
N PRO F 968 -50.39 27.23 -0.87
CA PRO F 968 -51.70 27.74 -1.30
C PRO F 968 -51.64 28.58 -2.55
N ASP F 969 -50.75 29.57 -2.59
CA ASP F 969 -50.75 30.57 -3.64
C ASP F 969 -50.41 30.00 -5.03
N ALA F 970 -50.00 28.73 -5.11
CA ALA F 970 -49.91 28.08 -6.41
C ALA F 970 -51.27 27.99 -7.09
N LEU F 971 -52.35 28.05 -6.31
CA LEU F 971 -53.68 28.02 -6.89
C LEU F 971 -54.06 29.38 -7.48
N TYR F 972 -53.85 30.45 -6.72
CA TYR F 972 -53.85 31.80 -7.27
C TYR F 972 -53.04 31.87 -8.56
N GLU F 973 -51.86 31.24 -8.56
CA GLU F 973 -50.99 31.25 -9.71
C GLU F 973 -51.63 30.53 -10.89
N TYR F 974 -52.12 29.31 -10.67
CA TYR F 974 -52.73 28.56 -11.76
C TYR F 974 -53.97 29.27 -12.29
N TYR F 975 -54.70 29.94 -11.41
CA TYR F 975 -55.87 30.70 -11.83
C TYR F 975 -55.49 31.82 -12.79
N ASN F 976 -54.59 32.71 -12.35
CA ASN F 976 -54.11 33.76 -13.24
C ASN F 976 -53.46 33.18 -14.49
N GLU F 977 -52.77 32.05 -14.36
CA GLU F 977 -52.20 31.37 -15.51
C GLU F 977 -53.28 31.00 -16.51
N ASN F 978 -54.39 30.44 -16.03
CA ASN F 978 -55.50 30.10 -16.90
C ASN F 978 -56.00 31.31 -17.66
N ILE F 979 -56.30 32.39 -16.93
CA ILE F 979 -56.90 33.52 -17.62
C ILE F 979 -55.89 34.16 -18.56
N VAL F 980 -54.59 34.03 -18.28
CA VAL F 980 -53.58 34.53 -19.20
C VAL F 980 -53.43 33.60 -20.39
N LYS F 981 -53.62 32.29 -20.19
CA LYS F 981 -53.62 31.36 -21.32
C LYS F 981 -54.73 31.73 -22.29
N GLN F 982 -55.86 32.17 -21.75
CA GLN F 982 -56.97 32.59 -22.59
C GLN F 982 -56.53 33.68 -23.55
N ILE F 983 -56.03 34.81 -23.02
CA ILE F 983 -55.67 35.94 -23.86
C ILE F 983 -54.44 35.62 -24.72
N SER F 984 -53.53 34.79 -24.21
CA SER F 984 -52.34 34.47 -24.98
C SER F 984 -52.69 33.69 -26.24
N LYS F 985 -53.46 32.62 -26.10
CA LYS F 985 -53.83 31.83 -27.27
C LYS F 985 -54.80 32.60 -28.15
N LEU F 986 -55.71 33.35 -27.53
CA LEU F 986 -56.54 34.34 -28.22
C LEU F 986 -55.70 35.16 -29.18
N GLU F 987 -54.71 35.89 -28.66
CA GLU F 987 -53.99 36.85 -29.46
C GLU F 987 -53.07 36.18 -30.46
N GLY F 988 -52.51 35.03 -30.10
CA GLY F 988 -51.70 34.29 -31.06
C GLY F 988 -52.49 33.93 -32.30
N LEU F 989 -53.64 33.27 -32.10
CA LEU F 989 -54.42 32.88 -33.26
C LEU F 989 -55.15 34.07 -33.89
N LYS F 990 -55.34 35.17 -33.16
CA LYS F 990 -55.91 36.36 -33.77
C LYS F 990 -54.91 37.05 -34.69
N SER F 991 -53.63 37.08 -34.28
CA SER F 991 -52.60 37.59 -35.18
C SER F 991 -52.45 36.68 -36.39
N ARG F 992 -52.58 35.36 -36.21
CA ARG F 992 -52.59 34.48 -37.37
C ARG F 992 -53.79 34.78 -38.26
N LEU F 993 -54.93 35.08 -37.65
CA LEU F 993 -56.12 35.43 -38.42
C LEU F 993 -55.90 36.69 -39.25
N SER F 994 -55.36 37.74 -38.63
CA SER F 994 -55.14 38.99 -39.35
C SER F 994 -54.11 38.80 -40.46
N SER F 995 -53.04 38.06 -40.18
CA SER F 995 -52.02 37.83 -41.20
C SER F 995 -52.56 36.99 -42.34
N PHE F 996 -53.47 36.06 -42.05
CA PHE F 996 -54.08 35.27 -43.12
C PHE F 996 -55.07 36.11 -43.92
N LEU F 997 -55.80 37.00 -43.25
CA LEU F 997 -56.65 37.95 -43.95
C LEU F 997 -55.84 38.83 -44.88
N ALA F 998 -54.61 39.13 -44.49
CA ALA F 998 -53.70 39.85 -45.38
C ALA F 998 -53.18 38.95 -46.49
N GLU F 999 -52.89 37.69 -46.18
CA GLU F 999 -52.28 36.77 -47.13
C GLU F 999 -53.21 36.39 -48.26
N LEU F 1000 -54.49 36.15 -47.95
CA LEU F 1000 -55.46 35.73 -48.96
C LEU F 1000 -55.66 36.76 -50.07
N LEU F 1001 -55.31 38.02 -49.84
CA LEU F 1001 -55.55 39.08 -50.81
C LEU F 1001 -54.61 38.94 -52.00
N THR G 58 -52.02 34.90 -0.75
CA THR G 58 -51.76 34.47 0.63
C THR G 58 -52.55 33.18 0.89
N LEU G 59 -53.35 33.11 1.97
CA LEU G 59 -54.28 32.00 2.16
C LEU G 59 -55.69 32.46 2.51
N GLU G 60 -55.80 33.49 3.33
CA GLU G 60 -57.12 33.89 3.83
C GLU G 60 -57.98 34.51 2.75
N GLU G 61 -57.36 35.18 1.78
CA GLU G 61 -58.09 35.60 0.59
C GLU G 61 -58.72 34.42 -0.14
N ILE G 62 -58.10 33.25 -0.03
CA ILE G 62 -58.51 32.12 -0.84
C ILE G 62 -59.81 31.53 -0.31
N LEU G 63 -60.12 31.77 0.97
CA LEU G 63 -61.43 31.46 1.52
C LEU G 63 -62.26 32.70 1.82
N GLU G 64 -61.73 33.89 1.50
CA GLU G 64 -62.59 35.03 1.24
C GLU G 64 -63.30 34.90 -0.11
N MET G 65 -62.67 34.23 -1.07
CA MET G 65 -63.10 34.27 -2.46
C MET G 65 -63.99 33.10 -2.86
N MET G 66 -63.75 31.89 -2.36
CA MET G 66 -64.53 30.73 -2.77
C MET G 66 -66.01 30.84 -2.46
N GLU G 67 -66.40 31.69 -1.51
CA GLU G 67 -67.78 31.71 -1.05
C GLU G 67 -68.70 32.31 -2.10
N ASP G 68 -68.32 33.48 -2.62
CA ASP G 68 -69.16 34.16 -3.59
C ASP G 68 -68.98 33.55 -4.98
N GLU G 69 -69.90 33.90 -5.89
CA GLU G 69 -69.97 33.30 -7.21
C GLU G 69 -68.79 33.67 -8.11
N GLU G 70 -67.91 34.56 -7.67
CA GLU G 70 -66.82 35.01 -8.53
C GLU G 70 -65.86 33.89 -8.85
N PHE G 71 -65.81 32.83 -8.03
CA PHE G 71 -64.91 31.69 -8.25
C PHE G 71 -65.66 30.44 -7.81
N THR G 72 -66.23 29.73 -8.77
CA THR G 72 -67.01 28.52 -8.52
C THR G 72 -66.47 27.44 -9.44
N PRO G 73 -65.71 26.46 -8.94
CA PRO G 73 -65.05 25.47 -9.82
C PRO G 73 -65.99 24.81 -10.81
N ILE G 74 -65.40 24.50 -11.96
CA ILE G 74 -66.07 23.76 -13.03
C ILE G 74 -66.72 22.50 -12.51
N ILE G 75 -66.11 21.85 -11.51
CA ILE G 75 -66.68 20.63 -10.95
C ILE G 75 -67.93 21.03 -10.18
N PRO G 76 -69.13 20.58 -10.56
CA PRO G 76 -70.33 21.06 -9.85
C PRO G 76 -70.37 20.60 -8.40
N ASP G 77 -71.05 21.42 -7.59
CA ASP G 77 -71.16 21.17 -6.16
C ASP G 77 -71.74 19.80 -5.86
N ALA G 78 -72.69 19.35 -6.68
CA ALA G 78 -73.35 18.07 -6.41
C ALA G 78 -72.40 16.90 -6.55
N VAL G 79 -71.60 16.90 -7.62
CA VAL G 79 -70.70 15.80 -7.87
C VAL G 79 -69.64 15.72 -6.79
N THR G 80 -69.07 16.86 -6.42
CA THR G 80 -68.11 16.84 -5.34
C THR G 80 -68.77 16.41 -4.04
N ASP G 81 -70.02 16.79 -3.80
CA ASP G 81 -70.69 16.31 -2.59
C ASP G 81 -70.79 14.80 -2.60
N TYR G 82 -71.11 14.22 -3.75
CA TYR G 82 -71.15 12.77 -3.86
C TYR G 82 -69.80 12.14 -3.57
N TYR G 83 -68.73 12.72 -4.12
CA TYR G 83 -67.41 12.13 -3.91
C TYR G 83 -66.84 12.40 -2.52
N LEU G 84 -67.20 13.52 -1.88
CA LEU G 84 -66.95 13.69 -0.45
C LEU G 84 -67.61 12.58 0.34
N ALA G 85 -68.88 12.33 0.05
CA ALA G 85 -69.64 11.35 0.81
C ALA G 85 -69.11 9.95 0.61
N LYS G 86 -68.73 9.61 -0.61
CA LYS G 86 -68.16 8.30 -0.88
C LYS G 86 -66.97 8.03 0.02
N ASN G 87 -65.95 8.85 -0.09
CA ASN G 87 -64.76 8.72 0.75
C ASN G 87 -64.97 9.23 2.16
N GLY G 88 -66.18 9.56 2.56
CA GLY G 88 -66.50 9.69 3.97
C GLY G 88 -66.23 11.02 4.61
N PHE G 89 -66.87 12.07 4.13
CA PHE G 89 -66.70 13.37 4.75
C PHE G 89 -67.95 14.20 4.53
N GLU G 90 -68.52 14.68 5.63
CA GLU G 90 -69.64 15.62 5.59
C GLU G 90 -69.26 16.84 6.40
N THR G 91 -69.61 18.01 5.88
CA THR G 91 -69.52 19.25 6.64
C THR G 91 -70.36 20.28 5.93
N SER G 92 -70.98 21.15 6.72
CA SER G 92 -71.92 22.15 6.22
C SER G 92 -71.22 23.42 5.77
N ASP G 93 -69.93 23.35 5.46
CA ASP G 93 -69.22 24.41 4.76
C ASP G 93 -69.21 24.11 3.26
N ILE G 94 -69.07 25.17 2.49
CA ILE G 94 -69.00 25.09 1.04
C ILE G 94 -67.60 25.36 0.53
N LYS G 95 -66.79 26.09 1.28
CA LYS G 95 -65.45 26.44 0.85
C LYS G 95 -64.63 25.21 0.51
N ILE G 96 -64.49 24.33 1.50
CA ILE G 96 -63.55 23.21 1.44
C ILE G 96 -63.84 22.33 0.24
N LYS G 97 -65.11 22.11 -0.04
CA LYS G 97 -65.48 21.24 -1.15
C LYS G 97 -65.08 21.87 -2.47
N ARG G 98 -65.34 23.17 -2.61
CA ARG G 98 -64.90 23.89 -3.78
C ARG G 98 -63.38 23.84 -3.91
N ILE G 99 -62.69 23.79 -2.78
CA ILE G 99 -61.23 23.82 -2.78
C ILE G 99 -60.66 22.52 -3.30
N LEU G 100 -61.17 21.38 -2.80
CA LEU G 100 -60.73 20.10 -3.33
C LEU G 100 -61.09 19.98 -4.81
N ALA G 101 -62.26 20.50 -5.18
CA ALA G 101 -62.61 20.67 -6.59
C ALA G 101 -61.49 21.38 -7.35
N LEU G 102 -61.03 22.50 -6.80
CA LEU G 102 -60.05 23.32 -7.48
C LEU G 102 -58.72 22.61 -7.65
N ALA G 103 -58.23 21.97 -6.59
CA ALA G 103 -56.98 21.25 -6.70
C ALA G 103 -57.06 20.14 -7.72
N THR G 104 -58.19 19.43 -7.78
CA THR G 104 -58.32 18.37 -8.77
C THR G 104 -58.34 18.94 -10.18
N GLN G 105 -59.05 20.05 -10.36
CA GLN G 105 -59.06 20.76 -11.63
C GLN G 105 -57.64 21.09 -12.07
N LYS G 106 -56.82 21.54 -11.13
CA LYS G 106 -55.46 21.94 -11.45
C LYS G 106 -54.62 20.74 -11.84
N PHE G 107 -54.75 19.64 -11.11
CA PHE G 107 -53.98 18.44 -11.42
C PHE G 107 -54.32 17.90 -12.81
N ILE G 108 -55.61 17.88 -13.14
CA ILE G 108 -55.95 17.41 -14.48
C ILE G 108 -55.48 18.39 -15.53
N SER G 109 -55.50 19.69 -15.24
CA SER G 109 -54.91 20.67 -16.14
C SER G 109 -53.43 20.38 -16.38
N ASP G 110 -52.72 19.93 -15.35
CA ASP G 110 -51.31 19.63 -15.52
C ASP G 110 -51.10 18.46 -16.46
N ILE G 111 -51.90 17.40 -16.31
CA ILE G 111 -51.73 16.31 -17.28
C ILE G 111 -52.19 16.78 -18.66
N ALA G 112 -53.11 17.74 -18.72
CA ALA G 112 -53.53 18.29 -20.00
C ALA G 112 -52.34 18.92 -20.72
N GLN G 113 -51.62 19.79 -20.04
CA GLN G 113 -50.48 20.45 -20.68
C GLN G 113 -49.37 19.46 -21.00
N ASP G 114 -49.15 18.47 -20.15
CA ASP G 114 -48.20 17.41 -20.49
C ASP G 114 -48.58 16.75 -21.80
N ALA G 115 -49.88 16.49 -21.99
CA ALA G 115 -50.32 15.84 -23.21
C ALA G 115 -50.18 16.76 -24.41
N TYR G 116 -50.49 18.04 -24.22
CA TYR G 116 -50.38 19.02 -25.28
C TYR G 116 -48.95 19.11 -25.81
N GLU G 117 -47.99 19.32 -24.91
CA GLU G 117 -46.60 19.43 -25.34
C GLU G 117 -46.09 18.12 -25.92
N TYR G 118 -46.38 16.99 -25.27
CA TYR G 118 -45.87 15.73 -25.80
C TYR G 118 -46.53 15.40 -27.13
N SER G 119 -47.71 15.96 -27.42
CA SER G 119 -48.27 15.87 -28.75
C SER G 119 -47.56 16.82 -29.72
N ARG G 120 -47.14 17.98 -29.22
CA ARG G 120 -46.51 18.98 -30.07
C ARG G 120 -45.12 18.54 -30.51
N ILE G 121 -44.49 17.62 -29.78
CA ILE G 121 -43.16 17.14 -30.19
C ILE G 121 -43.21 16.14 -31.34
N ARG G 122 -44.38 15.57 -31.61
CA ARG G 122 -44.43 14.27 -32.28
C ARG G 122 -43.99 14.36 -33.74
N SER G 123 -44.18 15.51 -34.37
CA SER G 123 -43.75 15.71 -35.74
C SER G 123 -43.93 17.17 -36.11
N SER G 124 -43.04 17.67 -36.97
CA SER G 124 -43.14 19.03 -37.51
C SER G 124 -43.09 20.05 -36.38
N SER G 125 -41.93 20.09 -35.72
CA SER G 125 -41.75 20.99 -34.58
C SER G 125 -41.99 22.45 -34.96
N SER G 126 -41.17 22.96 -35.87
CA SER G 126 -41.31 24.35 -36.30
C SER G 126 -42.55 24.53 -37.16
N ASN G 190 -59.41 14.94 -39.84
CA ASN G 190 -57.96 14.87 -39.69
C ASN G 190 -57.45 16.02 -38.82
N LYS G 191 -57.90 16.03 -37.57
CA LYS G 191 -57.48 17.01 -36.57
C LYS G 191 -56.77 16.29 -35.43
N VAL G 192 -56.45 17.04 -34.39
CA VAL G 192 -55.61 16.54 -33.30
C VAL G 192 -56.37 15.49 -32.52
N VAL G 193 -55.66 14.44 -32.10
CA VAL G 193 -56.22 13.36 -31.29
C VAL G 193 -55.22 12.99 -30.21
N LEU G 194 -55.69 12.92 -28.97
CA LEU G 194 -54.85 12.54 -27.83
C LEU G 194 -54.93 11.04 -27.68
N THR G 195 -53.96 10.37 -28.27
CA THR G 195 -54.00 8.93 -28.46
C THR G 195 -53.29 8.23 -27.31
N MET G 196 -53.02 6.94 -27.49
CA MET G 196 -52.49 6.11 -26.42
C MET G 196 -50.98 6.25 -26.27
N ASP G 197 -50.27 6.74 -27.28
CA ASP G 197 -48.85 6.99 -27.13
C ASP G 197 -48.60 8.26 -26.32
N ASP G 198 -49.29 9.34 -26.70
CA ASP G 198 -49.26 10.57 -25.92
C ASP G 198 -49.63 10.28 -24.47
N LEU G 199 -50.67 9.50 -24.25
CA LEU G 199 -51.09 9.22 -22.89
C LEU G 199 -50.11 8.31 -22.19
N ARG G 200 -49.61 7.30 -22.89
CA ARG G 200 -48.63 6.38 -22.33
C ARG G 200 -47.43 7.13 -21.77
N SER G 201 -46.98 8.12 -22.54
CA SER G 201 -45.81 8.93 -22.13
C SER G 201 -46.14 9.82 -20.92
N ALA G 202 -47.19 10.64 -20.97
CA ALA G 202 -47.49 11.59 -19.87
C ALA G 202 -47.82 10.84 -18.57
N LEU G 203 -48.76 9.90 -18.66
CA LEU G 203 -49.15 9.10 -17.46
C LEU G 203 -47.87 8.45 -16.89
N GLY G 204 -46.98 7.98 -17.76
CA GLY G 204 -45.72 7.35 -17.31
C GLY G 204 -44.86 8.35 -16.58
N GLU G 205 -44.58 9.50 -17.20
CA GLU G 205 -43.77 10.58 -16.58
C GLU G 205 -44.31 10.90 -15.18
N TYR G 206 -45.60 10.64 -14.92
CA TYR G 206 -46.08 10.85 -13.53
C TYR G 206 -45.57 9.77 -12.57
N GLY G 207 -46.49 9.21 -11.77
CA GLY G 207 -46.37 7.89 -11.21
C GLY G 207 -47.38 6.90 -11.75
N ILE G 208 -48.33 7.38 -12.57
CA ILE G 208 -49.28 6.49 -13.21
C ILE G 208 -48.52 5.46 -14.02
N ASN G 209 -49.00 4.24 -14.00
CA ASN G 209 -48.18 3.09 -14.33
C ASN G 209 -48.31 2.80 -15.81
N VAL G 210 -47.73 1.67 -16.22
CA VAL G 210 -47.50 1.42 -17.62
C VAL G 210 -48.79 1.01 -18.30
N LYS G 211 -49.00 1.55 -19.49
CA LYS G 211 -50.12 1.20 -20.36
C LYS G 211 -49.54 0.42 -21.52
N ARG G 212 -49.64 -0.91 -21.44
CA ARG G 212 -49.17 -1.82 -22.48
C ARG G 212 -50.37 -2.58 -23.01
N PRO G 213 -51.25 -1.95 -23.77
CA PRO G 213 -52.36 -2.66 -24.41
C PRO G 213 -51.81 -3.51 -25.56
N ASN G 214 -52.73 -4.13 -26.28
CA ASN G 214 -52.34 -5.20 -27.19
C ASN G 214 -53.50 -5.49 -28.14
N PHE G 215 -53.36 -6.56 -28.90
CA PHE G 215 -54.41 -7.08 -29.77
C PHE G 215 -54.27 -8.60 -29.75
N TYR G 216 -54.86 -9.27 -30.74
CA TYR G 216 -55.00 -10.72 -30.73
C TYR G 216 -55.73 -11.19 -29.47
N THR H 430 37.55 -35.07 0.52
CA THR H 430 37.28 -33.89 -0.29
C THR H 430 35.82 -33.84 -0.72
N LEU H 431 35.38 -32.66 -1.16
CA LEU H 431 34.02 -32.44 -1.62
C LEU H 431 34.03 -31.25 -2.57
N ILE H 432 33.19 -31.30 -3.61
CA ILE H 432 33.11 -30.17 -4.55
C ILE H 432 31.83 -29.38 -4.29
N ASN H 433 32.01 -28.07 -4.13
CA ASN H 433 30.97 -27.20 -3.60
C ASN H 433 30.30 -26.37 -4.70
N GLN H 434 29.11 -25.88 -4.38
CA GLN H 434 28.30 -25.03 -5.24
C GLN H 434 28.79 -23.58 -5.15
N HIS H 435 28.11 -22.69 -5.88
CA HIS H 435 28.47 -21.28 -5.87
C HIS H 435 27.23 -20.40 -5.93
N ILE H 436 27.36 -19.21 -5.35
CA ILE H 436 26.27 -18.24 -5.37
C ILE H 436 26.21 -17.59 -6.74
N LEU H 437 24.99 -17.36 -7.23
CA LEU H 437 24.74 -17.01 -8.65
C LEU H 437 25.04 -15.53 -8.90
N LYS H 438 24.26 -14.64 -8.30
CA LYS H 438 24.03 -13.30 -8.83
C LYS H 438 23.20 -12.51 -7.82
N PRO H 439 23.31 -11.17 -7.77
CA PRO H 439 22.39 -10.40 -6.92
C PRO H 439 20.95 -10.42 -7.42
N ALA H 440 20.14 -11.25 -6.76
CA ALA H 440 18.70 -11.38 -7.08
C ALA H 440 17.91 -10.86 -5.88
N PRO H 441 17.07 -9.79 -6.01
CA PRO H 441 16.40 -9.21 -4.86
C PRO H 441 14.96 -9.66 -4.60
N PRO H 442 14.69 -10.44 -3.53
CA PRO H 442 13.33 -10.79 -3.15
C PRO H 442 13.04 -10.02 -1.86
N PRO H 443 12.03 -9.12 -1.83
CA PRO H 443 11.68 -8.39 -0.61
C PRO H 443 10.54 -9.12 0.11
N THR H 444 10.45 -8.97 1.44
CA THR H 444 9.31 -9.55 2.14
C THR H 444 8.17 -8.55 2.25
N GLU H 445 7.12 -8.97 2.95
CA GLU H 445 5.92 -8.15 3.12
C GLU H 445 5.42 -8.29 4.56
N ILE H 446 4.49 -7.43 4.94
CA ILE H 446 4.13 -7.21 6.33
C ILE H 446 2.70 -7.73 6.54
N PRO H 447 2.53 -8.88 7.20
CA PRO H 447 1.18 -9.44 7.36
C PRO H 447 0.42 -8.84 8.54
N ALA H 448 -0.85 -9.25 8.67
CA ALA H 448 -1.75 -8.67 9.66
C ALA H 448 -2.51 -9.77 10.41
N ARG H 449 -2.22 -9.90 11.70
CA ARG H 449 -2.98 -10.62 12.73
C ARG H 449 -2.33 -10.24 14.05
N LEU H 450 -2.84 -10.79 15.15
CA LEU H 450 -2.03 -10.79 16.37
C LEU H 450 -2.34 -12.06 17.17
N GLN H 451 -1.51 -12.38 18.17
CA GLN H 451 -1.65 -13.56 18.99
C GLN H 451 -1.34 -13.21 20.44
N VAL H 452 -1.86 -14.01 21.37
CA VAL H 452 -1.77 -13.71 22.80
C VAL H 452 -1.23 -14.95 23.53
N LYS H 453 -1.35 -16.11 22.91
CA LYS H 453 -1.47 -17.38 23.64
C LYS H 453 -0.15 -17.80 24.28
N PRO H 454 -0.11 -17.98 25.65
CA PRO H 454 1.11 -18.03 26.54
C PRO H 454 1.80 -19.39 26.63
N PRO H 455 1.26 -20.49 26.07
CA PRO H 455 1.91 -21.79 26.06
C PRO H 455 3.15 -21.83 25.15
N GLN H 456 4.05 -22.79 25.37
CA GLN H 456 5.30 -22.89 24.58
C GLN H 456 5.00 -23.12 23.10
N PRO H 457 4.08 -24.01 22.69
CA PRO H 457 3.90 -24.25 21.26
C PRO H 457 3.40 -22.97 20.58
N ALA H 458 2.34 -22.34 21.11
CA ALA H 458 1.87 -21.04 20.57
C ALA H 458 1.76 -21.08 19.04
N ALA H 459 1.32 -22.19 18.45
CA ALA H 459 1.28 -22.37 16.97
C ALA H 459 1.12 -23.85 16.65
N MET H 460 2.00 -24.41 15.80
CA MET H 460 1.88 -25.83 15.48
C MET H 460 2.97 -26.68 16.11
N LYS H 461 4.06 -26.07 16.58
CA LYS H 461 5.20 -26.82 17.08
C LYS H 461 5.97 -26.01 18.12
N ILE H 462 7.10 -26.55 18.56
CA ILE H 462 7.84 -25.92 19.66
C ILE H 462 8.64 -24.68 19.28
N PRO H 463 9.58 -24.67 18.32
CA PRO H 463 10.40 -23.47 18.19
C PRO H 463 9.62 -22.36 17.49
N ASN H 464 10.07 -21.13 17.69
CA ASN H 464 9.22 -19.98 17.44
C ASN H 464 9.72 -19.13 16.29
N ARG H 465 11.00 -18.81 16.30
CA ARG H 465 11.67 -18.22 15.14
C ARG H 465 11.58 -19.04 13.87
N PRO H 466 11.30 -20.36 13.86
CA PRO H 466 10.82 -20.95 12.61
C PRO H 466 9.37 -20.69 12.30
N THR H 467 8.54 -20.31 13.27
CA THR H 467 7.09 -20.26 13.06
C THR H 467 6.52 -18.89 13.41
N LEU H 468 7.29 -17.83 13.21
CA LEU H 468 6.83 -16.47 13.46
C LEU H 468 7.00 -15.65 12.19
N LEU H 469 6.00 -14.79 11.93
CA LEU H 469 5.78 -14.21 10.57
C LEU H 469 6.63 -12.95 10.40
N GLY H 470 7.94 -13.13 10.21
CA GLY H 470 8.78 -12.06 9.67
C GLY H 470 8.74 -10.79 10.50
N GLY H 471 8.01 -9.81 9.99
CA GLY H 471 7.60 -8.64 10.75
C GLY H 471 6.14 -8.33 10.51
N SER H 472 5.35 -8.29 11.58
CA SER H 472 3.90 -8.18 11.47
C SER H 472 3.44 -6.73 11.49
N ALA H 473 2.26 -6.50 10.91
CA ALA H 473 1.67 -5.16 10.97
C ALA H 473 0.82 -5.00 12.22
N ILE H 474 0.59 -3.75 12.59
CA ILE H 474 -0.01 -3.43 13.88
C ILE H 474 -1.52 -3.58 13.76
N SER H 475 -2.19 -3.68 14.90
CA SER H 475 -3.61 -3.40 14.94
C SER H 475 -3.83 -1.90 15.11
N GLN H 476 -5.06 -1.52 15.42
CA GLN H 476 -5.37 -0.10 15.48
C GLN H 476 -5.62 0.34 16.93
N PRO H 477 -5.37 1.62 17.24
CA PRO H 477 -5.67 2.10 18.61
C PRO H 477 -7.16 2.32 18.82
N SER H 478 -7.77 1.42 19.58
CA SER H 478 -9.20 1.48 19.83
C SER H 478 -9.51 2.12 21.18
N LEU H 503 -22.60 4.52 18.44
CA LEU H 503 -23.89 4.99 18.89
C LEU H 503 -24.28 6.29 18.18
N LYS H 504 -23.31 7.13 17.84
CA LYS H 504 -23.57 8.40 17.20
C LYS H 504 -23.66 8.24 15.68
N GLU H 505 -24.59 7.37 15.27
CA GLU H 505 -24.96 7.21 13.88
C GLU H 505 -26.42 7.57 13.66
N LEU H 506 -27.33 6.96 14.42
CA LEU H 506 -28.73 7.36 14.35
C LEU H 506 -28.93 8.77 14.86
N LEU H 507 -28.35 9.10 16.02
CA LEU H 507 -28.47 10.45 16.56
C LEU H 507 -27.95 11.47 15.56
N ARG H 508 -26.97 11.11 14.76
CA ARG H 508 -26.53 11.97 13.67
C ARG H 508 -27.46 11.88 12.47
N ASN H 509 -28.10 10.73 12.25
CA ASN H 509 -29.08 10.62 11.18
C ASN H 509 -30.31 11.48 11.43
N VAL H 510 -30.54 11.89 12.67
CA VAL H 510 -31.76 12.62 13.03
C VAL H 510 -31.49 14.03 13.53
N GLY H 511 -30.31 14.29 14.11
CA GLY H 511 -29.97 15.65 14.48
C GLY H 511 -29.76 16.56 13.29
N ALA H 512 -29.50 15.98 12.12
CA ALA H 512 -29.25 16.73 10.89
C ALA H 512 -30.47 16.85 10.01
N ASP H 513 -31.60 16.28 10.42
CA ASP H 513 -32.85 16.40 9.66
C ASP H 513 -33.60 17.69 9.97
N GLU H 514 -33.55 18.16 11.21
CA GLU H 514 -34.38 19.26 11.65
C GLU H 514 -33.68 20.05 12.74
N GLY H 515 -34.18 21.27 12.97
CA GLY H 515 -33.65 22.16 13.98
C GLY H 515 -34.67 22.68 14.98
N ASP H 516 -35.87 22.11 15.03
CA ASP H 516 -36.93 22.53 15.94
C ASP H 516 -37.26 21.40 16.91
N GLY H 517 -36.24 20.74 17.42
CA GLY H 517 -36.44 19.61 18.30
C GLY H 517 -36.80 18.37 17.50
N GLU H 518 -38.06 17.98 17.55
CA GLU H 518 -38.55 16.80 16.84
C GLU H 518 -37.77 15.56 17.29
N THR H 519 -37.64 15.43 18.61
CA THR H 519 -36.87 14.35 19.20
C THR H 519 -37.76 13.12 19.34
N VAL H 520 -37.36 12.05 18.67
CA VAL H 520 -38.13 10.83 18.63
C VAL H 520 -38.00 10.09 19.95
N ILE H 521 -38.84 9.09 20.15
CA ILE H 521 -38.93 8.36 21.40
C ILE H 521 -38.54 6.91 21.16
N ASP H 522 -37.76 6.35 22.06
CA ASP H 522 -37.41 4.93 22.02
C ASP H 522 -38.46 4.13 22.77
N GLY H 523 -38.61 2.86 22.38
CA GLY H 523 -39.63 2.00 22.93
C GLY H 523 -40.86 1.98 22.05
N ASP H 524 -41.06 3.07 21.31
CA ASP H 524 -42.17 3.18 20.36
C ASP H 524 -41.71 3.36 18.92
N VAL H 525 -40.86 4.34 18.66
CA VAL H 525 -40.52 4.74 17.29
C VAL H 525 -39.19 4.14 16.85
N GLU H 526 -38.15 4.29 17.67
CA GLU H 526 -36.80 3.89 17.29
C GLU H 526 -36.73 2.41 16.93
N GLU H 527 -37.44 1.58 17.68
CA GLU H 527 -37.42 0.13 17.45
C GLU H 527 -37.95 -0.21 16.08
N LEU H 528 -39.04 0.44 15.69
CA LEU H 528 -39.60 0.33 14.34
C LEU H 528 -38.51 0.50 13.29
N LEU H 529 -37.73 1.58 13.42
CA LEU H 529 -36.75 1.94 12.40
C LEU H 529 -35.63 0.92 12.34
N LEU H 530 -35.14 0.50 13.51
CA LEU H 530 -34.12 -0.54 13.53
C LEU H 530 -34.60 -1.81 12.85
N ASP H 531 -35.85 -2.19 13.11
CA ASP H 531 -36.39 -3.40 12.48
C ASP H 531 -36.49 -3.24 10.98
N LEU H 532 -36.92 -2.07 10.51
CA LEU H 532 -36.97 -1.82 9.08
C LEU H 532 -35.60 -1.97 8.44
N ALA H 533 -34.59 -1.40 9.08
CA ALA H 533 -33.23 -1.50 8.56
C ALA H 533 -32.79 -2.95 8.45
N ASP H 534 -33.06 -3.74 9.49
CA ASP H 534 -32.71 -5.16 9.46
C ASP H 534 -33.36 -5.88 8.28
N GLU H 535 -34.67 -5.65 8.10
CA GLU H 535 -35.38 -6.29 6.99
C GLU H 535 -34.78 -5.89 5.65
N PHE H 536 -34.43 -4.61 5.52
CA PHE H 536 -33.84 -4.10 4.29
C PHE H 536 -32.55 -4.83 3.95
N VAL H 537 -31.64 -4.93 4.92
CA VAL H 537 -30.37 -5.58 4.66
C VAL H 537 -30.57 -7.05 4.31
N THR H 538 -31.44 -7.75 5.03
CA THR H 538 -31.64 -9.17 4.77
C THR H 538 -32.15 -9.40 3.35
N SER H 539 -33.21 -8.68 2.97
CA SER H 539 -33.78 -8.85 1.64
C SER H 539 -32.78 -8.53 0.55
N VAL H 540 -32.06 -7.41 0.70
CA VAL H 540 -31.15 -6.98 -0.33
C VAL H 540 -30.03 -8.00 -0.55
N THR H 541 -29.33 -8.38 0.52
CA THR H 541 -28.26 -9.34 0.34
C THR H 541 -28.76 -10.68 -0.18
N SER H 542 -29.98 -11.09 0.16
CA SER H 542 -30.51 -12.33 -0.38
C SER H 542 -30.64 -12.25 -1.90
N PHE H 543 -31.30 -11.19 -2.38
CA PHE H 543 -31.45 -11.08 -3.83
C PHE H 543 -30.11 -10.90 -4.52
N ALA H 544 -29.16 -10.26 -3.86
CA ALA H 544 -27.84 -10.08 -4.45
C ALA H 544 -27.13 -11.41 -4.62
N CYS H 545 -27.12 -12.24 -3.58
CA CYS H 545 -26.42 -13.51 -3.70
C CYS H 545 -27.06 -14.39 -4.76
N ARG H 546 -28.40 -14.37 -4.85
CA ARG H 546 -29.03 -15.10 -5.94
C ARG H 546 -28.59 -14.57 -7.29
N LEU H 547 -28.49 -13.24 -7.42
CA LEU H 547 -28.16 -12.66 -8.71
C LEU H 547 -26.69 -12.86 -9.06
N ALA H 548 -25.87 -13.15 -8.05
CA ALA H 548 -24.48 -13.48 -8.30
C ALA H 548 -24.36 -14.92 -8.77
N LYS H 549 -25.07 -15.84 -8.10
CA LYS H 549 -25.12 -17.22 -8.60
C LYS H 549 -25.65 -17.29 -10.02
N HIS H 550 -26.56 -16.38 -10.38
CA HIS H 550 -27.04 -16.34 -11.76
C HIS H 550 -25.90 -16.13 -12.75
N ARG H 551 -24.82 -15.48 -12.34
CA ARG H 551 -23.71 -15.18 -13.23
C ARG H 551 -22.89 -16.40 -13.63
N LYS H 552 -23.33 -17.62 -13.29
CA LYS H 552 -22.71 -18.86 -13.75
C LYS H 552 -21.29 -18.99 -13.23
N VAL H 553 -20.96 -18.29 -12.14
CA VAL H 553 -19.67 -18.37 -11.49
C VAL H 553 -19.93 -18.37 -9.99
N ASP H 554 -19.50 -19.43 -9.32
CA ASP H 554 -19.78 -19.62 -7.89
C ASP H 554 -18.71 -18.86 -7.12
N ASN H 555 -19.01 -17.61 -6.81
CA ASN H 555 -18.01 -16.67 -6.30
C ASN H 555 -18.71 -15.66 -5.40
N ILE H 556 -18.02 -14.55 -5.15
CA ILE H 556 -18.48 -13.50 -4.24
C ILE H 556 -19.55 -12.65 -4.90
N ASP H 557 -20.19 -11.81 -4.10
CA ASP H 557 -21.22 -10.89 -4.56
C ASP H 557 -20.70 -9.46 -4.51
N MET H 558 -20.49 -8.87 -5.68
CA MET H 558 -20.24 -7.44 -5.79
C MET H 558 -20.93 -6.94 -7.05
N ARG H 559 -21.38 -5.68 -6.99
CA ARG H 559 -22.02 -4.94 -8.08
C ARG H 559 -23.45 -5.41 -8.35
N ASP H 560 -23.88 -6.46 -7.66
CA ASP H 560 -25.25 -6.92 -7.77
C ASP H 560 -26.14 -6.15 -6.80
N VAL H 561 -25.56 -5.69 -5.69
CA VAL H 561 -26.29 -4.86 -4.74
C VAL H 561 -26.66 -3.55 -5.39
N GLN H 562 -25.71 -2.92 -6.09
CA GLN H 562 -25.96 -1.64 -6.72
C GLN H 562 -27.09 -1.76 -7.74
N LEU H 563 -27.08 -2.84 -8.51
CA LEU H 563 -28.12 -3.05 -9.51
C LEU H 563 -29.46 -3.33 -8.84
N HIS H 564 -29.48 -4.22 -7.85
CA HIS H 564 -30.70 -4.53 -7.12
C HIS H 564 -31.29 -3.28 -6.47
N LEU H 565 -30.45 -2.38 -5.98
CA LEU H 565 -30.95 -1.15 -5.40
C LEU H 565 -31.51 -0.25 -6.47
N GLU H 566 -30.77 -0.05 -7.55
CA GLU H 566 -31.21 0.83 -8.62
C GLU H 566 -32.47 0.32 -9.30
N ARG H 567 -32.74 -0.98 -9.22
CA ARG H 567 -33.83 -1.58 -9.97
C ARG H 567 -35.10 -1.67 -9.14
N ASN H 568 -35.05 -2.37 -8.02
CA ASN H 568 -36.26 -2.68 -7.28
C ASN H 568 -36.68 -1.53 -6.39
N TRP H 569 -35.86 -1.16 -5.42
CA TRP H 569 -36.03 0.14 -4.79
C TRP H 569 -35.64 1.23 -5.77
N ASN H 570 -35.99 2.46 -5.42
CA ASN H 570 -35.49 3.63 -6.14
C ASN H 570 -34.36 4.28 -5.36
N ILE H 571 -33.25 3.55 -5.29
CA ILE H 571 -32.02 4.04 -4.69
C ILE H 571 -30.93 3.86 -5.73
N ARG H 572 -30.39 4.97 -6.19
CA ARG H 572 -29.21 4.99 -7.03
C ARG H 572 -28.04 5.37 -6.15
N VAL H 573 -26.86 4.85 -6.46
CA VAL H 573 -25.63 5.20 -5.76
C VAL H 573 -24.62 5.67 -6.81
N PRO H 574 -24.13 6.92 -6.74
CA PRO H 574 -23.37 7.46 -7.86
C PRO H 574 -21.89 7.17 -7.76
N GLY H 575 -21.57 5.94 -7.37
CA GLY H 575 -20.25 5.64 -6.85
C GLY H 575 -19.41 4.69 -7.65
N TYR H 576 -19.41 3.44 -7.20
CA TYR H 576 -18.33 2.51 -7.44
C TYR H 576 -18.61 1.68 -8.68
N ALA H 577 -19.70 0.95 -8.69
CA ALA H 577 -20.11 0.22 -9.88
C ALA H 577 -20.71 1.19 -10.89
N SER H 578 -20.60 0.83 -12.16
CA SER H 578 -21.20 1.58 -13.25
C SER H 578 -21.80 0.56 -14.20
N ASP H 579 -23.05 0.21 -13.96
CA ASP H 579 -23.79 -0.73 -14.80
C ASP H 579 -25.13 -0.11 -15.16
N GLU H 580 -25.35 0.07 -16.46
CA GLU H 580 -26.60 0.60 -16.98
C GLU H 580 -27.19 -0.40 -17.96
N ILE H 581 -28.28 -0.04 -18.63
CA ILE H 581 -28.97 -1.00 -19.47
C ILE H 581 -28.27 -1.15 -20.83
N ARG H 582 -27.77 -0.05 -21.39
CA ARG H 582 -27.09 0.01 -22.69
C ARG H 582 -28.02 -0.23 -23.88
N SER H 583 -29.28 -0.63 -23.66
CA SER H 583 -30.20 -0.98 -24.72
C SER H 583 -31.38 -0.03 -24.70
N VAL H 584 -31.74 0.49 -25.87
CA VAL H 584 -33.00 1.18 -26.01
C VAL H 584 -34.17 0.22 -25.92
N ARG H 585 -33.93 -1.08 -26.06
CA ARG H 585 -34.99 -2.08 -26.05
C ARG H 585 -35.99 -1.81 -27.19
N LYS H 586 -35.46 -1.92 -28.39
CA LYS H 586 -36.22 -1.65 -29.61
C LYS H 586 -37.49 -2.48 -29.65
N PHE H 587 -38.48 -1.98 -30.37
CA PHE H 587 -39.83 -2.55 -30.36
C PHE H 587 -40.23 -3.11 -31.72
N GLN H 588 -39.27 -3.58 -32.51
CA GLN H 588 -39.56 -4.20 -33.80
C GLN H 588 -38.49 -5.23 -34.13
N PRO H 589 -38.77 -6.55 -34.02
CA PRO H 589 -37.87 -7.53 -34.63
C PRO H 589 -38.14 -7.60 -36.12
N THR H 590 -37.61 -8.61 -36.81
CA THR H 590 -37.68 -8.68 -38.26
C THR H 590 -39.12 -8.72 -38.77
N ALA H 591 -39.28 -8.70 -40.10
CA ALA H 591 -40.58 -8.53 -40.72
C ALA H 591 -41.56 -9.61 -40.27
N GLY H 592 -42.80 -9.20 -40.05
CA GLY H 592 -43.86 -10.08 -39.60
C GLY H 592 -44.65 -9.49 -38.46
N TYR H 593 -43.98 -8.77 -37.56
CA TYR H 593 -44.70 -8.09 -36.49
C TYR H 593 -45.33 -6.80 -36.98
N ASN H 594 -44.53 -5.95 -37.62
CA ASN H 594 -45.10 -4.75 -38.22
C ASN H 594 -46.05 -5.09 -39.36
N GLN H 595 -45.91 -6.28 -39.96
CA GLN H 595 -46.93 -6.76 -40.88
C GLN H 595 -48.25 -6.95 -40.17
N LYS H 596 -48.24 -7.53 -38.97
CA LYS H 596 -49.45 -7.63 -38.19
C LYS H 596 -49.97 -6.25 -37.79
N VAL H 597 -49.05 -5.32 -37.51
CA VAL H 597 -49.43 -3.95 -37.17
C VAL H 597 -50.24 -3.33 -38.30
N GLN H 598 -49.66 -3.30 -39.50
CA GLN H 598 -50.36 -2.71 -40.63
C GLN H 598 -51.62 -3.49 -40.99
N GLY H 599 -51.64 -4.80 -40.76
CA GLY H 599 -52.85 -5.57 -41.04
C GLY H 599 -54.01 -5.17 -40.16
N VAL H 600 -53.79 -5.12 -38.85
CA VAL H 600 -54.85 -4.67 -37.96
C VAL H 600 -55.12 -3.18 -38.15
N ALA H 601 -54.14 -2.43 -38.64
CA ALA H 601 -54.37 -1.02 -38.93
C ALA H 601 -55.36 -0.85 -40.08
N ILE H 602 -55.19 -1.63 -41.15
CA ILE H 602 -56.13 -1.55 -42.26
C ILE H 602 -57.48 -2.15 -41.86
N SER H 603 -57.48 -3.15 -40.97
CA SER H 603 -58.75 -3.64 -40.44
C SER H 603 -59.46 -2.53 -39.65
N LYS H 604 -58.70 -1.68 -38.97
CA LYS H 604 -59.31 -0.56 -38.24
C LYS H 604 -59.84 0.50 -39.21
N SER H 605 -59.01 0.96 -40.14
CA SER H 605 -59.39 2.07 -41.00
C SER H 605 -60.51 1.65 -41.96
N VAL H 606 -60.24 0.67 -42.82
CA VAL H 606 -61.18 0.25 -43.85
C VAL H 606 -61.41 -1.25 -43.78
N ASN H 607 -60.34 -2.03 -43.95
CA ASN H 607 -60.47 -3.48 -44.06
C ASN H 607 -59.15 -4.24 -43.93
N ALA I 43 -58.68 -42.26 6.24
CA ALA I 43 -59.65 -42.51 7.30
C ALA I 43 -59.01 -43.31 8.44
N ALA I 44 -58.85 -44.61 8.23
CA ALA I 44 -58.12 -45.42 9.21
C ALA I 44 -56.66 -45.02 9.28
N ASP I 45 -56.10 -44.51 8.20
CA ASP I 45 -54.74 -43.97 8.23
C ASP I 45 -54.63 -42.84 9.24
N LEU I 46 -55.69 -42.02 9.38
CA LEU I 46 -55.65 -40.94 10.35
C LEU I 46 -55.62 -41.50 11.76
N ASN I 47 -56.40 -42.54 12.02
CA ASN I 47 -56.36 -43.21 13.31
C ASN I 47 -54.97 -43.76 13.58
N ARG I 48 -54.40 -44.43 12.58
CA ARG I 48 -53.04 -44.96 12.70
C ARG I 48 -52.05 -43.86 13.10
N ILE I 49 -52.09 -42.75 12.39
CA ILE I 49 -51.05 -41.74 12.55
C ILE I 49 -51.24 -40.98 13.86
N VAL I 50 -52.49 -40.67 14.21
CA VAL I 50 -52.71 -39.95 15.47
C VAL I 50 -52.45 -40.86 16.66
N LEU I 51 -52.69 -42.16 16.52
CA LEU I 51 -52.37 -43.06 17.63
C LEU I 51 -50.87 -43.22 17.78
N GLU I 52 -50.13 -43.25 16.67
CA GLU I 52 -48.67 -43.26 16.77
C GLU I 52 -48.15 -41.97 17.39
N TYR I 53 -48.74 -40.83 16.99
CA TYR I 53 -48.44 -39.55 17.62
C TYR I 53 -48.60 -39.65 19.13
N LEU I 54 -49.82 -39.97 19.58
CA LEU I 54 -50.11 -40.07 21.00
C LEU I 54 -49.25 -41.11 21.71
N ASN I 55 -48.81 -42.14 21.00
CA ASN I 55 -47.82 -43.06 21.55
C ASN I 55 -46.51 -42.33 21.82
N LYS I 56 -46.11 -41.44 20.92
CA LYS I 56 -44.87 -40.70 21.14
C LYS I 56 -45.02 -39.63 22.22
N LYS I 57 -46.21 -39.07 22.41
CA LYS I 57 -46.42 -38.10 23.47
C LYS I 57 -46.41 -38.84 24.80
N GLY I 58 -45.32 -38.65 25.56
CA GLY I 58 -45.08 -39.45 26.76
C GLY I 58 -46.12 -39.28 27.84
N TYR I 59 -46.78 -38.12 27.90
CA TYR I 59 -47.90 -37.91 28.80
C TYR I 59 -49.23 -38.31 28.16
N HIS I 60 -49.18 -39.20 27.17
CA HIS I 60 -50.38 -39.85 26.64
C HIS I 60 -50.10 -41.35 26.60
N LYS I 61 -50.57 -42.03 27.64
CA LYS I 61 -50.41 -43.47 27.76
C LYS I 61 -51.52 -44.16 26.97
N THR I 62 -51.52 -45.49 26.97
CA THR I 62 -52.54 -46.22 26.23
C THR I 62 -53.91 -46.08 26.87
N GLU I 63 -53.97 -45.90 28.18
CA GLU I 63 -55.24 -45.73 28.87
C GLU I 63 -56.00 -44.52 28.33
N SER I 64 -55.45 -43.33 28.53
CA SER I 64 -56.15 -42.10 28.22
C SER I 64 -56.14 -41.75 26.75
N MET I 65 -55.29 -42.39 25.95
CA MET I 65 -55.36 -42.19 24.50
C MET I 65 -56.68 -42.68 23.95
N LEU I 66 -57.25 -43.74 24.54
CA LEU I 66 -58.54 -44.24 24.09
C LEU I 66 -59.67 -43.31 24.49
N ARG I 67 -59.60 -42.75 25.70
CA ARG I 67 -60.50 -41.66 26.06
C ARG I 67 -60.37 -40.51 25.09
N MET I 68 -59.15 -40.24 24.60
CA MET I 68 -58.97 -39.24 23.55
C MET I 68 -59.75 -39.63 22.31
N GLU I 69 -59.88 -40.92 22.03
CA GLU I 69 -60.68 -41.38 20.91
C GLU I 69 -62.18 -41.34 21.21
N SER I 70 -62.59 -40.86 22.38
CA SER I 70 -63.99 -40.62 22.68
C SER I 70 -64.36 -39.17 22.37
N SER I 71 -64.01 -38.75 21.16
CA SER I 71 -64.52 -37.52 20.57
C SER I 71 -65.71 -37.78 19.66
N HIS I 72 -66.38 -38.92 19.84
CA HIS I 72 -67.55 -39.30 19.07
C HIS I 72 -68.79 -39.53 19.92
N ILE I 73 -68.70 -39.34 21.24
CA ILE I 73 -69.88 -39.27 22.10
C ILE I 73 -70.26 -37.78 22.24
N PRO I 74 -71.47 -37.38 21.90
CA PRO I 74 -71.86 -35.97 22.06
C PRO I 74 -72.43 -35.68 23.45
N ALA I 75 -72.81 -34.42 23.65
CA ALA I 75 -73.33 -33.92 24.90
C ALA I 75 -74.70 -34.52 25.17
N PRO I 76 -75.19 -34.46 26.42
CA PRO I 76 -76.56 -34.88 26.69
C PRO I 76 -77.53 -33.79 26.29
N PRO I 77 -78.81 -34.11 26.07
CA PRO I 77 -79.80 -33.04 25.89
C PRO I 77 -79.95 -32.22 27.16
N THR I 78 -79.58 -30.94 27.09
CA THR I 78 -79.66 -30.05 28.23
C THR I 78 -80.83 -29.08 28.03
N ASN I 79 -81.08 -28.23 29.02
CA ASN I 79 -82.26 -27.38 29.06
C ASN I 79 -81.86 -25.92 28.96
N ILE I 80 -82.83 -25.09 28.62
CA ILE I 80 -82.61 -23.64 28.53
C ILE I 80 -82.82 -23.02 29.91
N PRO I 81 -81.98 -22.08 30.36
CA PRO I 81 -82.20 -21.50 31.68
C PRO I 81 -83.35 -20.52 31.73
N THR I 82 -84.55 -21.04 31.92
CA THR I 82 -85.72 -20.20 32.18
C THR I 82 -85.45 -19.27 33.37
N PRO I 83 -86.15 -18.13 33.46
CA PRO I 83 -86.01 -17.30 34.66
C PRO I 83 -86.95 -17.72 35.80
N GLN I 84 -87.02 -19.02 36.03
CA GLN I 84 -87.75 -19.60 37.16
C GLN I 84 -86.84 -19.82 38.35
N THR I 85 -85.68 -20.42 38.12
CA THR I 85 -84.70 -20.74 39.15
C THR I 85 -83.41 -19.96 38.99
N THR I 86 -82.79 -20.05 37.82
CA THR I 86 -81.46 -19.47 37.63
C THR I 86 -81.55 -17.96 37.55
N ASN I 87 -80.75 -17.29 38.38
CA ASN I 87 -80.70 -15.84 38.43
C ASN I 87 -79.96 -15.30 37.19
N ILE I 88 -79.97 -13.97 37.07
CA ILE I 88 -79.21 -13.28 36.03
C ILE I 88 -77.75 -13.20 36.42
N SER I 89 -76.91 -12.79 35.48
CA SER I 89 -75.51 -12.49 35.72
C SER I 89 -75.20 -11.06 35.29
N ARG I 90 -74.12 -10.53 35.83
CA ARG I 90 -73.75 -9.14 35.65
C ARG I 90 -72.84 -8.97 34.43
N PRO I 91 -72.79 -7.77 33.84
CA PRO I 91 -71.82 -7.55 32.76
C PRO I 91 -70.41 -7.51 33.34
N THR I 92 -69.53 -8.32 32.77
CA THR I 92 -68.24 -8.61 33.38
C THR I 92 -67.23 -8.88 32.27
N ALA I 93 -66.12 -9.50 32.63
CA ALA I 93 -65.13 -10.02 31.71
C ALA I 93 -65.29 -11.52 31.55
N PRO I 94 -64.60 -12.13 30.58
CA PRO I 94 -64.61 -13.58 30.45
C PRO I 94 -63.56 -14.30 31.30
N GLY I 95 -62.91 -13.60 32.22
CA GLY I 95 -61.91 -14.19 33.10
C GLY I 95 -62.35 -14.16 34.54
N ARG I 96 -62.66 -15.33 35.08
CA ARG I 96 -63.10 -15.46 36.47
C ARG I 96 -61.90 -15.73 37.37
N PRO I 104 -78.14 -7.29 46.77
CA PRO I 104 -77.68 -6.40 45.70
C PRO I 104 -78.81 -5.49 45.22
N ALA I 105 -79.46 -5.77 44.08
CA ALA I 105 -80.62 -5.02 43.64
C ALA I 105 -81.66 -5.92 42.99
N THR I 106 -81.64 -7.23 43.28
CA THR I 106 -82.74 -8.09 42.87
C THR I 106 -84.06 -7.59 43.47
N ILE I 107 -83.99 -7.00 44.65
CA ILE I 107 -85.12 -6.28 45.23
C ILE I 107 -85.63 -5.20 44.28
N LYS I 108 -84.72 -4.42 43.69
CA LYS I 108 -85.11 -3.37 42.77
C LYS I 108 -85.81 -3.94 41.55
N ARG I 109 -85.33 -5.08 41.06
CA ARG I 109 -85.92 -5.68 39.88
C ARG I 109 -87.26 -6.32 40.18
N GLY I 110 -87.43 -6.88 41.38
CA GLY I 110 -88.74 -7.35 41.78
C GLY I 110 -89.75 -6.23 41.86
N TYR I 111 -89.34 -5.09 42.42
CA TYR I 111 -90.27 -3.96 42.44
C TYR I 111 -90.54 -3.44 41.03
N SER I 112 -89.54 -3.52 40.14
CA SER I 112 -89.77 -3.16 38.75
C SER I 112 -90.79 -4.10 38.10
N ILE I 113 -90.73 -5.38 38.45
CA ILE I 113 -91.74 -6.33 37.99
C ILE I 113 -93.11 -5.91 38.49
N LEU I 114 -93.19 -5.49 39.75
CA LEU I 114 -94.48 -5.13 40.33
C LEU I 114 -95.08 -3.91 39.64
N LYS I 115 -94.25 -2.94 39.31
CA LYS I 115 -94.77 -1.73 38.66
C LYS I 115 -94.97 -1.92 37.16
N SER I 116 -94.38 -2.96 36.56
CA SER I 116 -94.60 -3.24 35.15
C SER I 116 -95.82 -4.11 34.89
N TRP I 117 -95.89 -5.28 35.54
CA TRP I 117 -96.98 -6.22 35.33
C TRP I 117 -98.33 -5.62 35.70
N CYS I 118 -98.38 -4.67 36.63
CA CYS I 118 -99.64 -4.07 37.02
C CYS I 118 -100.18 -3.16 35.94
N GLU I 119 -99.43 -2.11 35.60
CA GLU I 119 -99.87 -1.14 34.60
C GLU I 119 -100.16 -1.78 33.25
N SER I 120 -99.53 -2.91 32.93
CA SER I 120 -99.78 -3.64 31.70
C SER I 120 -101.01 -4.55 31.79
N SER I 121 -101.76 -4.47 32.89
CA SER I 121 -102.89 -5.34 33.11
C SER I 121 -104.16 -4.72 32.53
N LEU I 122 -105.31 -5.28 32.87
CA LEU I 122 -106.59 -4.78 32.41
C LEU I 122 -106.98 -3.53 33.18
N ASP I 123 -108.01 -2.85 32.68
CA ASP I 123 -108.50 -1.63 33.31
C ASP I 123 -109.34 -1.93 34.54
N PHE I 124 -109.97 -3.11 34.60
CA PHE I 124 -110.78 -3.45 35.76
C PHE I 124 -109.94 -3.58 37.02
N TYR I 125 -108.66 -3.92 36.87
CA TYR I 125 -107.81 -4.28 38.00
C TYR I 125 -106.92 -3.12 38.46
N ARG I 126 -107.10 -1.93 37.91
CA ARG I 126 -106.34 -0.78 38.40
C ARG I 126 -106.79 -0.33 39.79
N PRO I 127 -108.10 -0.17 40.10
CA PRO I 127 -108.48 0.45 41.38
C PRO I 127 -108.12 -0.34 42.64
N GLU I 128 -107.57 -1.55 42.49
CA GLU I 128 -107.24 -2.40 43.62
C GLU I 128 -105.75 -2.64 43.80
N LEU I 129 -104.99 -2.72 42.71
CA LEU I 129 -103.54 -2.89 42.82
C LEU I 129 -102.81 -1.56 43.04
N GLU I 130 -103.49 -0.43 42.82
CA GLU I 130 -102.91 0.86 43.16
C GLU I 130 -102.55 0.96 44.63
N LYS I 131 -103.30 0.27 45.49
CA LYS I 131 -103.02 0.22 46.93
C LYS I 131 -102.11 -0.93 47.31
N PHE I 132 -101.93 -1.90 46.42
CA PHE I 132 -100.92 -2.93 46.55
C PHE I 132 -99.52 -2.42 46.23
N LEU I 133 -99.39 -1.17 45.76
CA LEU I 133 -98.11 -0.63 45.33
C LEU I 133 -97.28 -0.12 46.51
N TYR I 134 -97.78 0.91 47.19
CA TYR I 134 -97.00 1.64 48.20
C TYR I 134 -96.53 0.79 49.38
N PRO I 135 -97.37 -0.09 49.97
CA PRO I 135 -96.91 -0.74 51.21
C PRO I 135 -95.75 -1.66 50.98
N VAL I 136 -95.77 -2.43 49.89
CA VAL I 136 -94.66 -3.32 49.58
C VAL I 136 -93.43 -2.52 49.20
N PHE I 137 -93.61 -1.33 48.63
CA PHE I 137 -92.47 -0.47 48.34
C PHE I 137 -91.76 -0.05 49.62
N VAL I 138 -92.52 0.48 50.58
CA VAL I 138 -91.88 0.89 51.83
C VAL I 138 -91.33 -0.34 52.56
N HIS I 139 -91.99 -1.49 52.43
CA HIS I 139 -91.50 -2.71 53.07
C HIS I 139 -90.14 -3.12 52.50
N CYS I 140 -90.02 -3.14 51.17
CA CYS I 140 -88.77 -3.54 50.55
C CYS I 140 -87.67 -2.51 50.80
N TYR I 141 -88.05 -1.23 50.89
CA TYR I 141 -87.06 -0.21 51.23
C TYR I 141 -86.52 -0.44 52.64
N LEU I 142 -87.40 -0.71 53.60
CA LEU I 142 -86.95 -1.02 54.96
C LEU I 142 -86.08 -2.28 54.96
N ASP I 143 -86.46 -3.28 54.17
CA ASP I 143 -85.69 -4.51 54.08
C ASP I 143 -84.27 -4.22 53.62
N LEU I 144 -84.11 -3.52 52.49
CA LEU I 144 -82.76 -3.28 51.99
C LEU I 144 -81.97 -2.34 52.90
N ILE I 145 -82.56 -1.25 53.39
CA ILE I 145 -81.81 -0.35 54.25
C ILE I 145 -81.38 -1.03 55.53
N ALA I 146 -82.08 -2.08 55.97
CA ALA I 146 -81.58 -2.90 57.07
C ALA I 146 -80.58 -3.95 56.63
N ARG I 147 -80.62 -4.35 55.35
CA ARG I 147 -79.74 -5.42 54.88
C ARG I 147 -78.28 -4.99 54.93
N GLY I 148 -78.00 -3.71 54.67
CA GLY I 148 -76.65 -3.19 54.74
C GLY I 148 -76.22 -2.29 53.60
N TYR I 149 -77.15 -1.86 52.74
CA TYR I 149 -76.87 -0.94 51.64
C TYR I 149 -77.66 0.34 51.85
N PRO I 150 -77.32 1.14 52.88
CA PRO I 150 -78.09 2.36 53.12
C PRO I 150 -77.99 3.37 51.99
N SER I 151 -76.84 3.47 51.33
CA SER I 151 -76.74 4.35 50.17
C SER I 151 -77.71 3.93 49.07
N HIS I 152 -77.65 2.66 48.66
CA HIS I 152 -78.62 2.13 47.70
C HIS I 152 -80.04 2.38 48.15
N ALA I 153 -80.31 2.19 49.45
CA ALA I 153 -81.63 2.48 49.99
C ALA I 153 -82.03 3.91 49.71
N ARG I 154 -81.14 4.87 50.00
CA ARG I 154 -81.43 6.27 49.72
C ARG I 154 -81.69 6.49 48.23
N GLU I 155 -80.88 5.88 47.36
CA GLU I 155 -81.02 6.20 45.94
C GLU I 155 -82.32 5.65 45.37
N PHE I 156 -82.65 4.38 45.62
CA PHE I 156 -83.93 3.91 45.10
C PHE I 156 -85.11 4.40 45.92
N TYR I 157 -84.86 4.98 47.10
CA TYR I 157 -85.93 5.64 47.84
C TYR I 157 -86.34 6.93 47.12
N ASP I 158 -85.40 7.86 46.98
CA ASP I 158 -85.74 9.12 46.31
C ASP I 158 -85.93 8.94 44.80
N LYS I 159 -85.54 7.80 44.24
CA LYS I 159 -85.95 7.44 42.89
C LYS I 159 -87.41 7.03 42.88
N PHE I 160 -87.80 6.14 43.80
CA PHE I 160 -89.16 5.63 43.90
C PHE I 160 -89.93 6.25 45.07
N SER I 161 -89.47 7.39 45.60
CA SER I 161 -90.29 8.17 46.50
C SER I 161 -91.46 8.82 45.78
N LYS I 162 -91.36 9.02 44.47
CA LYS I 162 -92.42 9.60 43.66
C LYS I 162 -93.34 8.52 43.11
N ASP I 163 -93.79 7.62 43.98
CA ASP I 163 -94.65 6.50 43.62
C ASP I 163 -96.10 6.76 43.96
N HIS I 164 -96.36 7.30 45.14
CA HIS I 164 -97.70 7.49 45.69
C HIS I 164 -97.80 8.85 46.37
N SER I 165 -97.20 9.86 45.75
CA SER I 165 -97.12 11.19 46.32
C SER I 165 -98.48 11.87 46.47
N VAL I 166 -99.52 11.37 45.81
CA VAL I 166 -100.85 11.96 45.90
C VAL I 166 -101.60 11.43 47.11
N LEU I 167 -101.38 10.16 47.47
CA LEU I 167 -101.98 9.59 48.66
C LEU I 167 -101.24 10.01 49.93
N HIS I 168 -99.97 9.68 50.02
CA HIS I 168 -99.16 9.93 51.20
C HIS I 168 -98.41 11.25 51.02
N GLU I 169 -98.55 12.15 52.00
CA GLU I 169 -97.98 13.49 51.95
C GLU I 169 -96.91 13.71 53.01
N TYR I 170 -97.17 13.29 54.25
CA TYR I 170 -96.19 13.42 55.32
C TYR I 170 -95.25 12.22 55.40
N GLU I 171 -95.61 11.09 54.80
CA GLU I 171 -94.78 9.90 54.92
C GLU I 171 -93.46 10.07 54.18
N ILE I 172 -93.44 10.88 53.13
CA ILE I 172 -92.18 11.16 52.45
C ILE I 172 -91.27 11.97 53.36
N SER I 173 -91.83 12.88 54.15
CA SER I 173 -91.06 13.57 55.18
C SER I 173 -90.77 12.66 56.36
N LYS I 174 -91.66 11.69 56.63
CA LYS I 174 -91.43 10.72 57.68
C LYS I 174 -90.19 9.88 57.39
N LEU I 175 -90.03 9.47 56.14
CA LEU I 175 -88.95 8.58 55.73
C LEU I 175 -87.81 9.31 55.04
N GLY I 176 -87.90 10.63 54.87
CA GLY I 176 -86.83 11.40 54.29
C GLY I 176 -85.81 11.83 55.32
N GLY I 177 -86.25 11.96 56.57
CA GLY I 177 -85.36 12.33 57.66
C GLY I 177 -84.76 11.12 58.35
N ILE I 178 -84.37 10.11 57.56
CA ILE I 178 -83.73 8.91 58.07
C ILE I 178 -82.74 8.43 57.03
N SER I 179 -81.47 8.26 57.46
CA SER I 179 -80.40 7.80 56.58
C SER I 179 -79.76 6.52 57.09
N LEU I 180 -79.45 6.45 58.38
CA LEU I 180 -78.61 5.41 58.95
C LEU I 180 -79.46 4.37 59.66
N LYS I 181 -78.85 3.20 59.90
CA LYS I 181 -79.56 2.07 60.48
C LYS I 181 -79.98 2.36 61.92
N GLU I 182 -79.09 2.93 62.72
CA GLU I 182 -79.49 3.29 64.08
C GLU I 182 -80.49 4.44 64.07
N HIS I 183 -80.47 5.25 63.01
CA HIS I 183 -81.51 6.27 62.83
C HIS I 183 -82.86 5.63 62.55
N LEU I 184 -82.87 4.37 62.09
CA LEU I 184 -84.11 3.61 62.02
C LEU I 184 -84.45 3.00 63.37
N GLN I 185 -83.44 2.41 64.04
CA GLN I 185 -83.67 1.74 65.31
C GLN I 185 -84.19 2.72 66.37
N GLU I 186 -83.83 3.99 66.26
CA GLU I 186 -84.42 5.02 67.12
C GLU I 186 -85.81 5.43 66.64
N ASN I 187 -86.03 5.42 65.33
CA ASN I 187 -87.32 5.80 64.77
C ASN I 187 -88.38 4.79 65.20
N ASP I 188 -89.54 5.30 65.63
CA ASP I 188 -90.56 4.50 66.28
C ASP I 188 -91.72 4.11 65.37
N VAL I 189 -92.05 4.93 64.36
CA VAL I 189 -93.22 4.64 63.53
C VAL I 189 -93.06 3.32 62.79
N ALA I 190 -91.86 3.03 62.30
CA ALA I 190 -91.65 1.76 61.61
C ALA I 190 -91.73 0.59 62.57
N LYS I 191 -91.34 0.78 63.83
CA LYS I 191 -91.39 -0.32 64.78
C LYS I 191 -92.84 -0.70 65.10
N ILE I 192 -93.69 0.29 65.38
CA ILE I 192 -95.11 0.01 65.55
C ILE I 192 -95.72 -0.48 64.24
N PHE I 193 -95.17 -0.07 63.11
CA PHE I 193 -95.66 -0.56 61.82
C PHE I 193 -95.44 -2.05 61.69
N ARG I 194 -94.21 -2.51 61.93
CA ARG I 194 -93.91 -3.94 61.89
C ARG I 194 -94.54 -4.72 63.03
N SER I 195 -94.91 -4.05 64.13
CA SER I 195 -95.52 -4.74 65.26
C SER I 195 -96.84 -5.39 64.84
N HIS I 196 -97.81 -4.58 64.45
CA HIS I 196 -99.07 -5.09 63.92
C HIS I 196 -98.92 -5.27 62.41
N LYS I 197 -99.94 -5.84 61.78
CA LYS I 197 -100.00 -6.01 60.33
C LYS I 197 -100.95 -4.96 59.78
N PHE I 198 -101.00 -4.88 58.45
CA PHE I 198 -101.79 -3.88 57.74
C PHE I 198 -102.91 -4.57 56.98
N LYS I 199 -104.11 -3.99 57.06
CA LYS I 199 -105.28 -4.57 56.39
C LYS I 199 -105.22 -4.32 54.90
N VAL I 200 -105.80 -5.26 54.15
CA VAL I 200 -105.72 -5.25 52.69
C VAL I 200 -107.02 -5.84 52.15
N LEU I 201 -107.78 -5.04 51.40
CA LEU I 201 -109.06 -5.47 50.84
C LEU I 201 -108.85 -5.88 49.39
N ILE I 202 -109.19 -7.13 49.07
CA ILE I 202 -108.86 -7.68 47.77
C ILE I 202 -109.68 -8.95 47.57
N GLY I 203 -109.98 -9.25 46.30
CA GLY I 203 -110.64 -10.50 45.96
C GLY I 203 -109.70 -11.69 45.97
N ARG I 204 -110.23 -12.83 45.53
CA ARG I 204 -109.51 -14.11 45.58
C ARG I 204 -108.77 -14.39 44.28
N THR I 205 -109.50 -14.39 43.15
CA THR I 205 -108.89 -14.80 41.88
C THR I 205 -107.80 -13.84 41.46
N THR I 206 -107.95 -12.56 41.78
CA THR I 206 -106.90 -11.58 41.51
C THR I 206 -105.59 -11.95 42.21
N PHE I 207 -105.66 -12.28 43.50
CA PHE I 207 -104.42 -12.65 44.18
C PHE I 207 -103.92 -14.00 43.71
N ASN I 208 -104.84 -14.90 43.34
CA ASN I 208 -104.44 -16.18 42.76
C ASN I 208 -103.57 -15.96 41.53
N LEU I 209 -104.10 -15.27 40.51
CA LEU I 209 -103.34 -15.04 39.29
C LEU I 209 -102.09 -14.20 39.56
N LEU I 210 -102.16 -13.27 40.52
CA LEU I 210 -101.00 -12.45 40.84
C LEU I 210 -99.85 -13.32 41.35
N LEU I 211 -100.10 -14.13 42.37
CA LEU I 211 -99.10 -15.08 42.83
C LEU I 211 -98.66 -16.02 41.71
N TYR I 212 -99.58 -16.42 40.84
CA TYR I 212 -99.25 -17.32 39.75
C TYR I 212 -98.45 -16.62 38.66
N PHE I 213 -98.25 -15.31 38.76
CA PHE I 213 -97.26 -14.59 37.97
C PHE I 213 -95.92 -14.46 38.66
N LEU I 214 -95.89 -14.42 39.99
CA LEU I 214 -94.65 -14.31 40.75
C LEU I 214 -94.01 -15.65 41.06
N ASN I 215 -94.55 -16.74 40.53
CA ASN I 215 -93.92 -18.04 40.61
C ASN I 215 -93.02 -18.34 39.43
N GLU I 216 -93.39 -17.82 38.26
CA GLU I 216 -92.61 -18.06 37.05
C GLU I 216 -91.35 -17.22 36.99
N ASN I 217 -91.31 -16.10 37.71
CA ASN I 217 -90.15 -15.22 37.74
C ASN I 217 -89.63 -15.13 39.18
N ASP I 218 -88.93 -16.18 39.61
CA ASP I 218 -88.03 -16.13 40.76
C ASP I 218 -86.58 -16.08 40.32
N ALA I 219 -86.26 -15.12 39.45
CA ALA I 219 -84.90 -14.94 38.94
C ALA I 219 -84.31 -13.61 39.37
N VAL I 220 -84.99 -12.50 39.05
CA VAL I 220 -84.60 -11.16 39.50
C VAL I 220 -85.60 -10.69 40.55
N GLY I 221 -86.20 -11.63 41.27
CA GLY I 221 -86.91 -11.32 42.48
C GLY I 221 -88.41 -11.52 42.40
N GLY I 222 -88.85 -12.67 42.88
CA GLY I 222 -90.23 -12.88 43.29
C GLY I 222 -90.31 -13.46 44.69
N GLY I 223 -89.24 -14.16 45.11
CA GLY I 223 -89.26 -14.82 46.40
C GLY I 223 -89.23 -13.85 47.56
N VAL I 224 -88.42 -12.80 47.45
CA VAL I 224 -88.32 -11.83 48.55
C VAL I 224 -89.67 -11.16 48.78
N VAL I 225 -90.38 -10.83 47.70
CA VAL I 225 -91.61 -10.06 47.85
C VAL I 225 -92.71 -10.94 48.44
N LEU I 226 -92.84 -12.18 47.97
CA LEU I 226 -93.85 -13.07 48.55
C LEU I 226 -93.49 -13.41 50.00
N ARG I 227 -92.19 -13.48 50.30
CA ARG I 227 -91.76 -13.72 51.67
C ARG I 227 -92.18 -12.56 52.56
N LEU I 228 -91.95 -11.32 52.11
CA LEU I 228 -92.36 -10.16 52.88
C LEU I 228 -93.86 -10.10 53.04
N ILE I 229 -94.60 -10.57 52.04
CA ILE I 229 -96.06 -10.55 52.12
C ILE I 229 -96.56 -11.53 53.17
N ASN I 230 -96.17 -12.81 53.04
CA ASN I 230 -96.62 -13.80 54.02
C ASN I 230 -96.02 -13.52 55.39
N GLN I 231 -94.95 -12.73 55.45
CA GLN I 231 -94.48 -12.21 56.72
C GLN I 231 -95.49 -11.21 57.30
N TYR I 232 -95.83 -10.17 56.55
CA TYR I 232 -96.58 -9.05 57.07
C TYR I 232 -98.09 -9.24 56.89
N ILE I 233 -98.58 -9.32 55.66
CA ILE I 233 -100.01 -9.15 55.44
C ILE I 233 -100.77 -10.47 55.42
N GLU I 234 -100.53 -11.30 54.40
CA GLU I 234 -101.42 -12.41 54.10
C GLU I 234 -102.86 -11.89 54.05
N PRO I 235 -103.24 -11.17 52.99
CA PRO I 235 -104.44 -10.32 53.06
C PRO I 235 -105.73 -11.12 53.18
N ALA I 352 -94.77 -18.08 54.63
CA ALA I 352 -94.91 -18.51 53.24
C ALA I 352 -95.67 -19.84 53.15
N GLN I 353 -96.49 -20.13 54.16
CA GLN I 353 -97.26 -21.37 54.20
C GLN I 353 -98.26 -21.49 53.07
N ASP I 354 -99.17 -20.53 52.93
CA ASP I 354 -100.01 -20.48 51.73
C ASP I 354 -99.15 -20.32 50.48
N LEU I 355 -98.03 -19.61 50.61
CA LEU I 355 -97.09 -19.51 49.50
C LEU I 355 -96.54 -20.88 49.13
N ARG I 356 -96.26 -21.72 50.13
CA ARG I 356 -95.75 -23.05 49.84
C ARG I 356 -96.83 -23.94 49.23
N ASN I 357 -98.08 -23.80 49.70
CA ASN I 357 -99.18 -24.54 49.10
C ASN I 357 -99.37 -24.13 47.65
N ASP I 358 -99.20 -22.84 47.36
CA ASP I 358 -99.35 -22.37 45.99
C ASP I 358 -98.16 -22.80 45.13
N ILE I 359 -96.98 -22.93 45.73
CA ILE I 359 -95.83 -23.47 45.00
C ILE I 359 -96.08 -24.92 44.65
N ALA I 360 -96.69 -25.67 45.58
CA ALA I 360 -97.07 -27.05 45.26
C ALA I 360 -98.15 -27.09 44.19
N MET I 361 -99.04 -26.09 44.18
CA MET I 361 -100.03 -26.01 43.11
C MET I 361 -99.36 -25.74 41.77
N ILE I 362 -98.31 -24.91 41.77
CA ILE I 362 -97.55 -24.66 40.55
C ILE I 362 -96.86 -25.95 40.10
N GLN I 363 -96.37 -26.72 41.06
CA GLN I 363 -95.76 -28.01 40.72
C GLN I 363 -96.81 -28.96 40.16
N ASP I 364 -98.04 -28.88 40.66
CA ASP I 364 -99.13 -29.68 40.11
C ASP I 364 -99.43 -29.26 38.68
N SER I 365 -99.36 -27.95 38.41
CA SER I 365 -99.41 -27.47 37.04
C SER I 365 -98.26 -28.06 36.22
N ARG I 366 -97.10 -28.25 36.84
CA ARG I 366 -95.97 -28.89 36.17
C ARG I 366 -96.33 -30.28 35.70
N ALA I 367 -97.20 -30.97 36.46
CA ALA I 367 -97.64 -32.31 36.07
C ALA I 367 -98.73 -32.21 35.01
N LYS I 368 -98.30 -32.19 33.74
CA LYS I 368 -99.15 -32.32 32.56
C LYS I 368 -99.95 -31.05 32.25
N ILE I 369 -99.92 -30.03 33.12
CA ILE I 369 -100.56 -28.76 32.81
C ILE I 369 -99.56 -27.82 32.18
N LYS I 370 -98.30 -27.88 32.59
CA LYS I 370 -97.23 -27.20 31.88
C LYS I 370 -96.82 -28.04 30.67
N LEU I 371 -96.69 -27.38 29.52
CA LEU I 371 -96.28 -28.07 28.30
C LEU I 371 -94.92 -28.72 28.50
N SER I 372 -94.75 -29.92 27.94
CA SER I 372 -93.54 -30.71 28.10
C SER I 372 -92.57 -30.53 26.95
N ALA I 373 -93.00 -30.82 25.72
CA ALA I 373 -92.07 -30.95 24.61
C ALA I 373 -91.80 -29.61 23.95
N ALA I 374 -92.86 -28.88 23.62
CA ALA I 374 -92.77 -27.70 22.75
C ALA I 374 -92.18 -28.10 21.40
N GLN I 375 -92.96 -28.94 20.71
CA GLN I 375 -92.54 -29.51 19.45
C GLN I 375 -92.52 -28.45 18.37
N ALA I 376 -92.27 -28.89 17.14
CA ALA I 376 -92.06 -27.97 16.03
C ALA I 376 -93.28 -27.09 15.79
N SER I 377 -93.05 -26.00 15.08
CA SER I 377 -94.06 -24.98 14.84
C SER I 377 -93.68 -24.23 13.58
N LEU I 378 -94.44 -24.43 12.52
CA LEU I 378 -94.06 -23.94 11.22
C LEU I 378 -94.25 -22.42 11.17
N PRO I 379 -93.36 -21.67 10.53
CA PRO I 379 -93.22 -20.25 10.84
C PRO I 379 -94.07 -19.38 9.92
N SER I 380 -94.36 -18.16 10.38
CA SER I 380 -94.83 -17.12 9.48
C SER I 380 -93.66 -16.31 8.97
N VAL I 381 -93.91 -15.55 7.89
CA VAL I 381 -92.89 -14.76 7.23
C VAL I 381 -93.50 -13.44 6.76
N CYS I 382 -92.63 -12.43 6.72
CA CYS I 382 -92.92 -11.13 6.12
C CYS I 382 -91.65 -10.72 5.41
N MET I 383 -91.76 -10.42 4.12
CA MET I 383 -90.60 -10.20 3.28
C MET I 383 -90.39 -8.72 3.08
N TYR I 384 -89.17 -8.33 2.73
CA TYR I 384 -88.79 -6.95 2.52
C TYR I 384 -87.85 -6.95 1.32
N THR I 385 -88.42 -6.76 0.13
CA THR I 385 -87.65 -6.70 -1.10
C THR I 385 -87.19 -5.28 -1.32
N PHE I 386 -85.91 -5.11 -1.61
CA PHE I 386 -85.31 -3.80 -1.78
C PHE I 386 -85.12 -3.52 -3.26
N HIS I 387 -85.95 -2.63 -3.79
CA HIS I 387 -85.94 -2.31 -5.20
C HIS I 387 -84.89 -1.23 -5.49
N ASN I 388 -84.56 -1.09 -6.77
CA ASN I 388 -83.92 0.12 -7.30
C ASN I 388 -82.55 0.34 -6.64
N THR I 389 -81.65 -0.63 -6.82
CA THR I 389 -80.34 -0.54 -6.12
C THR I 389 -79.19 -0.75 -7.11
N ASN I 390 -79.50 -1.18 -8.34
CA ASN I 390 -78.49 -1.58 -9.35
C ASN I 390 -77.45 -2.52 -8.71
N ASN I 391 -77.89 -3.44 -7.85
CA ASN I 391 -76.97 -4.44 -7.23
C ASN I 391 -75.82 -3.71 -6.52
N ASP I 392 -76.11 -2.62 -5.81
CA ASP I 392 -75.05 -1.84 -5.12
C ASP I 392 -75.17 -2.08 -3.61
N LEU I 393 -75.43 -3.33 -3.20
CA LEU I 393 -75.99 -3.61 -1.89
C LEU I 393 -75.51 -4.97 -1.43
N THR I 394 -74.82 -4.99 -0.29
CA THR I 394 -74.21 -6.20 0.23
C THR I 394 -75.01 -6.83 1.36
N CYS I 395 -75.18 -6.10 2.45
CA CYS I 395 -75.71 -6.64 3.69
C CYS I 395 -77.01 -5.96 4.05
N LEU I 396 -77.86 -6.72 4.72
CA LEU I 396 -78.93 -6.17 5.53
C LEU I 396 -78.70 -6.56 6.98
N LYS I 397 -79.54 -6.01 7.83
CA LYS I 397 -79.60 -6.41 9.21
C LYS I 397 -80.85 -5.80 9.81
N PHE I 398 -81.52 -6.56 10.65
CA PHE I 398 -82.72 -6.13 11.32
C PHE I 398 -82.43 -5.83 12.79
N ASN I 399 -83.40 -5.16 13.41
CA ASN I 399 -83.24 -4.65 14.74
C ASN I 399 -83.48 -5.76 15.75
N ASP I 400 -83.57 -5.36 17.02
CA ASP I 400 -83.86 -6.28 18.10
C ASP I 400 -85.34 -6.33 18.41
N ASP I 401 -85.94 -5.16 18.66
CA ASP I 401 -87.38 -5.04 18.80
C ASP I 401 -88.09 -4.82 17.46
N SER I 402 -87.40 -5.08 16.35
CA SER I 402 -87.99 -5.10 15.01
C SER I 402 -88.68 -3.78 14.67
N THR I 403 -87.87 -2.73 14.59
CA THR I 403 -88.31 -1.43 14.13
C THR I 403 -87.49 -0.85 13.01
N MET I 404 -86.29 -1.36 12.76
CA MET I 404 -85.40 -0.78 11.77
C MET I 404 -84.68 -1.88 11.01
N VAL I 405 -84.21 -1.51 9.82
CA VAL I 405 -83.50 -2.41 8.92
C VAL I 405 -82.45 -1.58 8.22
N ALA I 406 -81.19 -1.96 8.38
CA ALA I 406 -80.07 -1.22 7.88
C ALA I 406 -79.36 -2.02 6.80
N SER I 407 -79.05 -1.36 5.70
CA SER I 407 -78.43 -1.98 4.55
C SER I 407 -77.15 -1.25 4.22
N GLY I 408 -76.08 -2.01 4.06
CA GLY I 408 -74.79 -1.45 3.75
C GLY I 408 -74.48 -1.56 2.29
N PHE I 409 -74.32 -0.42 1.64
CA PHE I 409 -74.13 -0.37 0.21
C PHE I 409 -72.67 -0.64 -0.13
N GLN I 410 -72.33 -0.52 -1.41
CA GLN I 410 -71.01 -0.78 -1.92
C GLN I 410 -70.30 0.50 -2.35
N ASP I 411 -70.75 1.64 -1.83
CA ASP I 411 -70.07 2.91 -2.02
C ASP I 411 -70.07 3.71 -0.73
N SER I 412 -69.78 3.03 0.38
CA SER I 412 -69.65 3.66 1.69
C SER I 412 -70.90 4.43 2.08
N PHE I 413 -71.99 3.69 2.24
CA PHE I 413 -73.27 4.29 2.56
C PHE I 413 -74.09 3.31 3.38
N ILE I 414 -74.82 3.85 4.34
CA ILE I 414 -75.59 3.09 5.31
C ILE I 414 -76.91 3.83 5.46
N LYS I 415 -77.99 3.20 5.04
CA LYS I 415 -79.27 3.86 4.81
C LYS I 415 -80.25 3.24 5.78
N LEU I 416 -80.28 3.78 7.00
CA LEU I 416 -81.21 3.34 8.04
C LEU I 416 -82.63 3.51 7.53
N TRP I 417 -83.44 2.48 7.70
CA TRP I 417 -84.85 2.54 7.40
C TRP I 417 -85.66 2.37 8.66
N SER I 418 -86.79 3.04 8.70
CA SER I 418 -87.74 2.94 9.78
C SER I 418 -88.90 2.10 9.31
N ILE I 419 -89.19 1.04 10.05
CA ILE I 419 -90.43 0.32 9.87
C ILE I 419 -91.53 1.04 10.63
N ASP I 420 -92.71 1.13 10.03
CA ASP I 420 -93.89 1.69 10.67
C ASP I 420 -93.67 3.14 11.09
N GLY I 421 -93.50 3.98 10.08
CA GLY I 421 -93.62 5.42 10.24
C GLY I 421 -92.32 6.14 9.92
N SER I 422 -92.27 7.40 10.34
CA SER I 422 -91.05 8.21 10.28
C SER I 422 -90.89 8.97 11.59
N PRO I 423 -90.57 8.27 12.69
CA PRO I 423 -90.11 8.98 13.90
C PRO I 423 -88.61 9.26 13.95
N LEU I 424 -87.87 9.03 12.86
CA LEU I 424 -86.42 9.20 12.88
C LEU I 424 -86.12 10.70 12.86
N ARG I 425 -86.12 11.28 14.06
CA ARG I 425 -85.69 12.65 14.24
C ARG I 425 -84.81 12.72 15.47
N SER I 426 -83.78 13.55 15.39
CA SER I 426 -82.87 13.73 16.49
C SER I 426 -83.61 14.35 17.68
N LEU I 427 -82.97 14.27 18.83
CA LEU I 427 -83.46 14.88 20.05
C LEU I 427 -83.04 16.34 20.19
N LEU I 428 -82.28 16.85 19.24
CA LEU I 428 -81.67 18.16 19.33
C LEU I 428 -82.71 19.23 18.97
N LYS I 429 -82.24 20.46 18.79
CA LYS I 429 -83.07 21.54 18.29
C LYS I 429 -82.93 21.73 16.79
N ASN I 430 -81.78 21.36 16.24
CA ASN I 430 -81.50 21.45 14.81
C ASN I 430 -81.88 20.15 14.12
N ASP I 431 -81.44 19.95 12.88
CA ASP I 431 -81.61 18.70 12.14
C ASP I 431 -83.09 18.37 11.97
N PRO I 432 -83.83 19.11 11.12
CA PRO I 432 -85.25 18.82 10.91
C PRO I 432 -85.46 17.55 10.10
N LYS I 444 -88.76 10.10 4.32
CA LYS I 444 -88.39 10.91 5.47
C LYS I 444 -87.77 10.02 6.56
N GLY I 445 -88.35 8.83 6.72
CA GLY I 445 -87.96 7.87 7.77
C GLY I 445 -86.72 7.09 7.38
N SER I 446 -85.95 7.58 6.40
CA SER I 446 -84.68 6.92 6.01
C SER I 446 -83.50 7.81 6.40
N ARG I 447 -82.55 7.27 7.16
CA ARG I 447 -81.37 8.06 7.61
C ARG I 447 -80.12 7.48 6.94
N ARG I 448 -79.33 8.32 6.26
CA ARG I 448 -78.10 7.85 5.56
C ARG I 448 -76.88 8.16 6.42
N LEU I 449 -75.94 7.21 6.52
CA LEU I 449 -74.72 7.41 7.34
C LEU I 449 -73.52 7.59 6.39
N VAL I 450 -72.71 8.65 6.59
CA VAL I 450 -71.48 8.80 5.77
C VAL I 450 -70.30 8.18 6.53
N GLY I 451 -69.17 8.90 6.66
CA GLY I 451 -68.02 8.43 7.45
C GLY I 451 -67.48 7.07 7.05
N HIS I 452 -67.33 6.78 5.76
CA HIS I 452 -66.68 5.51 5.35
C HIS I 452 -65.90 5.73 4.04
N SER I 453 -64.95 4.87 3.70
CA SER I 453 -64.11 5.09 2.50
C SER I 453 -64.45 4.08 1.41
N GLY I 454 -64.66 2.82 1.82
CA GLY I 454 -64.88 1.70 0.92
C GLY I 454 -66.23 1.07 1.16
N ALA I 455 -66.47 0.01 0.42
CA ALA I 455 -67.75 -0.68 0.50
C ALA I 455 -67.98 -1.21 1.90
N VAL I 456 -69.25 -1.40 2.23
CA VAL I 456 -69.65 -1.94 3.52
C VAL I 456 -70.11 -3.37 3.32
N TYR I 457 -69.66 -4.23 4.25
CA TYR I 457 -69.79 -5.69 4.09
C TYR I 457 -70.52 -6.26 5.31
N GLY I 458 -70.39 -5.61 6.46
CA GLY I 458 -71.14 -6.06 7.65
C GLY I 458 -71.64 -4.90 8.49
N VAL I 459 -72.78 -5.08 9.16
CA VAL I 459 -73.31 -4.03 10.08
C VAL I 459 -73.89 -4.77 11.30
N ASP I 460 -73.83 -4.18 12.49
CA ASP I 460 -74.49 -4.85 13.64
C ASP I 460 -75.08 -3.82 14.61
N PHE I 461 -76.13 -4.21 15.33
CA PHE I 461 -76.80 -3.26 16.27
C PHE I 461 -76.42 -3.59 17.71
N SER I 462 -76.62 -2.61 18.58
CA SER I 462 -76.44 -2.68 20.00
C SER I 462 -77.68 -3.26 20.67
N PRO I 463 -77.55 -4.26 21.56
CA PRO I 463 -78.76 -4.80 22.19
C PRO I 463 -79.47 -3.83 23.10
N ASP I 464 -78.81 -2.77 23.55
CA ASP I 464 -79.51 -1.64 24.14
C ASP I 464 -80.09 -0.70 23.08
N ASN I 465 -79.61 -0.81 21.84
CA ASN I 465 -80.31 -0.29 20.68
C ASN I 465 -80.33 1.24 20.67
N ARG I 466 -79.21 1.84 21.07
CA ARG I 466 -78.95 3.25 20.82
C ARG I 466 -77.58 3.45 20.20
N TYR I 467 -77.05 2.44 19.52
CA TYR I 467 -75.74 2.52 18.91
C TYR I 467 -75.71 1.60 17.70
N LEU I 468 -74.62 1.66 16.95
CA LEU I 468 -74.53 0.94 15.69
C LEU I 468 -73.08 0.85 15.24
N ILE I 469 -72.72 -0.30 14.65
CA ILE I 469 -71.37 -0.63 14.27
C ILE I 469 -71.35 -1.13 12.83
N SER I 470 -70.26 -0.85 12.13
CA SER I 470 -70.24 -1.01 10.69
C SER I 470 -68.81 -1.15 10.18
N CYS I 471 -68.49 -2.32 9.64
CA CYS I 471 -67.19 -2.61 9.08
C CYS I 471 -67.17 -2.38 7.58
N SER I 472 -65.96 -2.29 7.02
CA SER I 472 -65.77 -2.02 5.60
C SER I 472 -64.54 -2.71 5.05
N GLU I 473 -64.15 -2.36 3.83
CA GLU I 473 -62.92 -2.84 3.22
C GLU I 473 -61.77 -1.87 3.41
N ASP I 474 -62.03 -0.69 3.96
CA ASP I 474 -60.98 0.29 4.25
C ASP I 474 -60.42 0.13 5.65
N LYS I 475 -60.45 -1.10 6.17
CA LYS I 475 -59.85 -1.49 7.45
C LYS I 475 -60.20 -0.51 8.57
N THR I 476 -61.44 -0.05 8.54
CA THR I 476 -62.04 0.74 9.60
C THR I 476 -63.19 -0.04 10.22
N VAL I 477 -63.40 0.21 11.50
CA VAL I 477 -64.61 -0.14 12.18
C VAL I 477 -65.06 1.11 12.89
N ARG I 478 -66.35 1.35 12.91
CA ARG I 478 -66.87 2.65 13.20
C ARG I 478 -68.13 2.49 14.02
N LEU I 479 -68.39 3.50 14.83
CA LEU I 479 -69.45 3.48 15.81
C LEU I 479 -70.31 4.70 15.62
N TRP I 480 -71.60 4.51 15.74
CA TRP I 480 -72.59 5.54 15.54
C TRP I 480 -73.55 5.55 16.71
N SER I 481 -74.05 6.73 17.03
CA SER I 481 -75.17 6.85 17.92
C SER I 481 -76.46 6.66 17.16
N LEU I 482 -77.57 6.73 17.87
CA LEU I 482 -78.89 6.59 17.28
C LEU I 482 -79.91 7.56 17.84
N ASP I 483 -79.53 8.46 18.74
CA ASP I 483 -80.32 9.59 19.13
C ASP I 483 -79.88 10.89 18.48
N THR I 484 -78.75 10.86 17.77
CA THR I 484 -78.33 11.96 16.90
C THR I 484 -77.90 11.51 15.52
N TYR I 485 -77.75 10.21 15.29
CA TYR I 485 -77.45 9.67 13.97
C TYR I 485 -76.12 10.20 13.48
N THR I 486 -75.08 9.85 14.23
CA THR I 486 -73.83 10.57 14.27
C THR I 486 -72.72 9.62 14.70
N CYS I 487 -71.55 9.78 14.11
CA CYS I 487 -70.41 8.97 14.50
C CYS I 487 -69.82 9.47 15.80
N LEU I 488 -69.13 8.58 16.49
CA LEU I 488 -68.39 8.92 17.70
C LEU I 488 -66.96 8.46 17.66
N VAL I 489 -66.69 7.28 17.10
CA VAL I 489 -65.40 6.64 17.22
C VAL I 489 -65.03 6.01 15.90
N SER I 490 -63.73 5.94 15.66
CA SER I 490 -63.15 5.09 14.65
C SER I 490 -62.20 4.11 15.32
N TYR I 491 -61.94 3.01 14.63
CA TYR I 491 -61.17 1.90 15.17
C TYR I 491 -60.27 1.40 14.03
N LYS I 492 -59.03 1.07 14.34
CA LYS I 492 -58.09 0.60 13.32
C LYS I 492 -57.02 -0.28 13.97
N GLY I 493 -57.10 -1.58 13.69
CA GLY I 493 -56.05 -2.52 14.04
C GLY I 493 -55.86 -3.59 12.99
N HIS I 494 -56.53 -3.43 11.85
CA HIS I 494 -56.65 -4.50 10.83
C HIS I 494 -55.82 -4.14 9.61
N SER I 495 -55.26 -5.13 8.91
CA SER I 495 -54.35 -4.85 7.77
C SER I 495 -55.06 -5.03 6.43
N SER I 496 -56.32 -5.46 6.44
CA SER I 496 -57.02 -5.76 5.16
C SER I 496 -58.53 -5.66 5.35
N SER I 497 -59.31 -6.00 4.33
CA SER I 497 -60.77 -5.77 4.39
C SER I 497 -61.39 -6.49 5.59
N VAL I 498 -62.33 -5.83 6.26
CA VAL I 498 -63.06 -6.47 7.40
C VAL I 498 -64.43 -6.88 6.85
N TRP I 499 -64.79 -8.16 6.95
CA TRP I 499 -66.07 -8.63 6.36
C TRP I 499 -67.24 -8.41 7.33
N ASP I 500 -67.31 -9.15 8.43
CA ASP I 500 -68.48 -9.05 9.35
C ASP I 500 -68.08 -8.62 10.76
N VAL I 501 -68.80 -7.66 11.34
CA VAL I 501 -68.54 -7.21 12.74
C VAL I 501 -69.78 -7.52 13.57
N LYS I 502 -69.64 -8.24 14.69
CA LYS I 502 -70.80 -8.65 15.51
C LYS I 502 -70.56 -8.28 16.98
N PHE I 503 -71.58 -7.77 17.68
CA PHE I 503 -71.45 -7.46 19.12
C PHE I 503 -71.43 -8.76 19.95
N SER I 504 -71.19 -8.61 21.25
CA SER I 504 -71.46 -9.62 22.24
C SER I 504 -72.96 -9.70 22.47
N PRO I 505 -73.45 -10.83 22.97
CA PRO I 505 -74.88 -10.89 23.33
C PRO I 505 -75.26 -9.94 24.45
N MET I 506 -74.29 -9.49 25.25
CA MET I 506 -74.52 -8.61 26.38
C MET I 506 -74.20 -7.16 26.08
N GLY I 507 -73.28 -6.90 25.17
CA GLY I 507 -72.75 -5.57 24.93
C GLY I 507 -71.30 -5.47 25.34
N HIS I 508 -70.75 -4.26 25.17
CA HIS I 508 -69.38 -3.92 25.64
C HIS I 508 -68.29 -4.47 24.68
N TYR I 509 -68.40 -5.72 24.24
CA TYR I 509 -67.33 -6.32 23.40
C TYR I 509 -67.85 -6.65 21.99
N PHE I 510 -67.06 -6.34 20.96
CA PHE I 510 -67.45 -6.67 19.57
C PHE I 510 -66.28 -7.33 18.84
N ALA I 511 -66.56 -8.08 17.76
CA ALA I 511 -65.48 -8.82 17.05
C ALA I 511 -65.56 -8.57 15.54
N THR I 512 -64.45 -8.78 14.83
CA THR I 512 -64.42 -8.53 13.36
C THR I 512 -63.73 -9.68 12.62
N ALA I 513 -64.03 -9.85 11.32
CA ALA I 513 -63.39 -10.89 10.50
C ALA I 513 -62.79 -10.21 9.26
N SER I 514 -61.67 -10.73 8.73
CA SER I 514 -60.98 -10.00 7.64
C SER I 514 -60.43 -10.93 6.54
N HIS I 515 -59.75 -10.31 5.57
CA HIS I 515 -58.94 -10.95 4.55
C HIS I 515 -57.49 -11.09 4.97
N ASP I 516 -57.11 -10.60 6.14
CA ASP I 516 -55.76 -10.74 6.64
C ASP I 516 -55.52 -12.08 7.32
N GLN I 517 -56.43 -13.02 7.10
CA GLN I 517 -56.38 -14.39 7.67
C GLN I 517 -56.28 -14.33 9.20
N THR I 518 -56.83 -13.28 9.82
CA THR I 518 -56.83 -13.17 11.31
C THR I 518 -58.11 -12.47 11.79
N ALA I 519 -58.46 -12.64 13.07
CA ALA I 519 -59.66 -12.00 13.64
C ALA I 519 -59.25 -11.25 14.91
N ARG I 520 -59.83 -10.07 15.16
CA ARG I 520 -59.47 -9.26 16.36
C ARG I 520 -60.73 -9.07 17.21
N LEU I 521 -60.63 -9.28 18.53
CA LEU I 521 -61.79 -9.00 19.40
C LEU I 521 -61.59 -7.62 20.04
N TRP I 522 -62.58 -6.74 19.88
CA TRP I 522 -62.47 -5.37 20.42
C TRP I 522 -63.32 -5.24 21.69
N SER I 523 -63.08 -4.19 22.46
CA SER I 523 -64.06 -3.61 23.35
C SER I 523 -64.67 -2.43 22.62
N CYS I 524 -65.40 -1.61 23.34
CA CYS I 524 -65.89 -0.34 22.80
C CYS I 524 -65.22 0.86 23.44
N ASP I 525 -64.77 0.76 24.68
CA ASP I 525 -64.03 1.84 25.31
C ASP I 525 -62.63 1.99 24.73
N HIS I 526 -61.82 0.94 24.76
CA HIS I 526 -60.48 1.03 24.23
C HIS I 526 -60.53 0.94 22.71
N ILE I 527 -59.56 1.61 22.07
CA ILE I 527 -59.64 1.88 20.64
C ILE I 527 -58.84 0.91 19.81
N TYR I 528 -57.83 0.27 20.37
CA TYR I 528 -57.06 -0.76 19.71
C TYR I 528 -57.47 -2.11 20.27
N PRO I 529 -57.29 -3.19 19.52
CA PRO I 529 -57.82 -4.48 19.94
C PRO I 529 -57.22 -4.95 21.24
N LEU I 530 -57.94 -5.92 21.84
CA LEU I 530 -57.53 -6.62 23.09
C LEU I 530 -56.86 -7.95 22.74
N ARG I 531 -57.48 -8.75 21.86
CA ARG I 531 -56.92 -10.08 21.52
C ARG I 531 -56.89 -10.26 20.00
N ILE I 532 -55.94 -11.06 19.49
CA ILE I 532 -55.85 -11.34 18.03
C ILE I 532 -55.84 -12.87 17.85
N PHE I 533 -56.65 -13.41 16.94
CA PHE I 533 -56.73 -14.89 16.80
C PHE I 533 -56.21 -15.32 15.43
N ALA I 534 -55.24 -16.24 15.37
CA ALA I 534 -54.60 -16.56 14.07
C ALA I 534 -54.51 -18.07 13.84
N GLY I 535 -55.42 -18.64 13.04
CA GLY I 535 -55.35 -20.08 12.71
C GLY I 535 -55.85 -20.41 11.31
N HIS I 536 -55.98 -19.43 10.41
CA HIS I 536 -56.60 -19.72 9.09
C HIS I 536 -55.60 -19.59 7.94
N LEU I 537 -55.57 -20.58 7.04
CA LEU I 537 -54.65 -20.56 5.87
C LEU I 537 -55.33 -19.83 4.71
N ASN I 538 -56.42 -19.12 5.00
CA ASN I 538 -57.09 -18.26 4.05
C ASN I 538 -58.00 -17.30 4.82
N ASP I 539 -58.85 -16.61 4.09
CA ASP I 539 -59.56 -15.47 4.64
C ASP I 539 -60.65 -15.92 5.60
N VAL I 540 -60.78 -15.19 6.72
CA VAL I 540 -61.84 -15.47 7.74
C VAL I 540 -63.15 -14.81 7.31
N ASP I 541 -64.02 -15.56 6.63
CA ASP I 541 -65.28 -14.98 6.08
C ASP I 541 -66.27 -14.51 7.16
N CYS I 542 -66.48 -15.28 8.24
CA CYS I 542 -67.54 -14.91 9.21
C CYS I 542 -67.11 -15.10 10.67
N VAL I 543 -67.75 -14.38 11.60
CA VAL I 543 -67.42 -14.46 13.04
C VAL I 543 -68.73 -14.47 13.84
N GLU I 544 -68.80 -15.22 14.94
CA GLU I 544 -70.02 -15.22 15.80
C GLU I 544 -69.65 -15.56 17.25
N PHE I 545 -70.51 -15.21 18.21
CA PHE I 545 -70.21 -15.47 19.64
C PHE I 545 -71.21 -16.47 20.22
N HIS I 546 -70.73 -17.50 20.91
CA HIS I 546 -71.63 -18.50 21.57
C HIS I 546 -72.39 -17.81 22.72
N PRO I 547 -73.63 -18.24 23.12
CA PRO I 547 -74.57 -17.48 23.97
C PRO I 547 -74.05 -17.14 25.36
N ASN I 548 -73.01 -17.83 25.81
CA ASN I 548 -72.36 -17.43 27.07
C ASN I 548 -71.48 -16.22 26.89
N SER I 549 -71.05 -15.96 25.65
CA SER I 549 -70.20 -14.84 25.28
C SER I 549 -68.76 -14.98 25.74
N THR I 550 -68.28 -16.22 25.77
CA THR I 550 -66.87 -16.54 26.11
C THR I 550 -66.25 -17.39 25.00
N TYR I 551 -66.90 -17.44 23.83
CA TYR I 551 -66.33 -18.18 22.67
C TYR I 551 -66.59 -17.42 21.37
N LEU I 552 -65.78 -17.66 20.35
CA LEU I 552 -66.00 -17.03 19.02
C LEU I 552 -65.86 -18.12 17.95
N PHE I 553 -66.74 -18.13 16.95
CA PHE I 553 -66.65 -19.13 15.86
C PHE I 553 -66.28 -18.45 14.55
N THR I 554 -65.06 -18.66 14.06
CA THR I 554 -64.64 -18.20 12.75
C THR I 554 -64.89 -19.29 11.73
N GLY I 555 -65.26 -18.88 10.53
CA GLY I 555 -65.39 -19.78 9.40
C GLY I 555 -64.82 -19.10 8.17
N SER I 556 -64.24 -19.90 7.27
CA SER I 556 -63.26 -19.38 6.29
C SER I 556 -63.46 -20.01 4.91
N SER I 557 -62.64 -19.59 3.94
CA SER I 557 -62.74 -20.14 2.56
C SER I 557 -61.79 -21.33 2.43
N ASP I 558 -61.15 -21.73 3.54
CA ASP I 558 -60.21 -22.88 3.54
C ASP I 558 -61.02 -24.16 3.77
N LYS I 559 -62.36 -24.05 3.72
CA LYS I 559 -63.25 -25.23 3.93
C LYS I 559 -63.07 -25.78 5.34
N THR I 560 -62.87 -24.90 6.32
CA THR I 560 -62.75 -25.34 7.73
C THR I 560 -63.46 -24.35 8.66
N ALA I 561 -63.78 -24.77 9.87
CA ALA I 561 -64.38 -23.85 10.86
C ALA I 561 -63.57 -23.97 12.16
N ARG I 562 -63.60 -22.94 13.01
CA ARG I 562 -62.75 -22.96 14.23
C ARG I 562 -63.48 -22.35 15.42
N MET I 563 -62.99 -22.60 16.63
CA MET I 563 -63.58 -21.98 17.85
C MET I 563 -62.43 -21.37 18.65
N TRP I 564 -62.68 -20.29 19.40
CA TRP I 564 -61.60 -19.60 20.14
C TRP I 564 -62.05 -19.22 21.55
N ASP I 565 -61.11 -19.20 22.49
CA ASP I 565 -61.37 -18.65 23.84
C ASP I 565 -60.93 -17.19 23.77
N ILE I 566 -61.83 -16.26 24.06
CA ILE I 566 -61.47 -14.83 23.87
C ILE I 566 -60.26 -14.49 24.73
N ALA I 567 -60.24 -14.94 25.99
CA ALA I 567 -59.05 -14.70 26.85
C ALA I 567 -57.82 -15.46 26.34
N ARG I 568 -57.97 -16.74 26.00
CA ARG I 568 -56.81 -17.58 25.60
C ARG I 568 -56.20 -17.11 24.27
N GLY I 569 -57.02 -16.84 23.26
CA GLY I 569 -56.50 -16.50 21.93
C GLY I 569 -56.51 -17.68 20.97
N GLU I 570 -56.32 -18.90 21.48
CA GLU I 570 -55.97 -20.06 20.70
C GLU I 570 -57.11 -21.07 20.65
N CYS I 571 -57.13 -21.86 19.56
CA CYS I 571 -58.34 -22.54 19.01
C CYS I 571 -58.71 -23.78 19.82
N VAL I 572 -59.83 -23.76 20.54
CA VAL I 572 -60.30 -24.94 21.31
C VAL I 572 -60.70 -26.10 20.39
N ARG I 573 -61.44 -25.84 19.31
CA ARG I 573 -61.95 -26.93 18.43
C ARG I 573 -61.88 -26.54 16.96
N VAL I 574 -61.74 -27.52 16.06
CA VAL I 574 -61.74 -27.23 14.59
C VAL I 574 -62.69 -28.23 13.91
N PHE I 575 -63.55 -27.75 13.01
CA PHE I 575 -64.52 -28.64 12.30
C PHE I 575 -64.19 -28.61 10.80
N MET I 576 -64.08 -29.78 10.16
CA MET I 576 -63.67 -29.83 8.73
C MET I 576 -64.63 -30.67 7.89
N GLY I 577 -64.92 -30.22 6.67
CA GLY I 577 -65.85 -30.83 5.73
C GLY I 577 -66.18 -29.82 4.66
N HIS I 578 -67.36 -29.99 4.07
CA HIS I 578 -68.00 -28.90 3.36
C HIS I 578 -67.16 -28.43 2.17
N SER I 579 -67.08 -29.32 1.18
CA SER I 579 -66.22 -29.05 0.03
C SER I 579 -66.69 -27.79 -0.67
N GLY I 580 -65.96 -26.71 -0.45
CA GLY I 580 -66.41 -25.37 -0.73
C GLY I 580 -66.12 -24.44 0.42
N ALA I 581 -66.54 -23.20 0.23
CA ALA I 581 -66.25 -22.13 1.15
C ALA I 581 -67.20 -22.17 2.36
N ILE I 582 -67.20 -21.07 3.10
CA ILE I 582 -68.20 -20.79 4.13
C ILE I 582 -68.56 -19.32 4.00
N ASN I 583 -69.78 -18.99 4.43
CA ASN I 583 -70.34 -17.62 4.27
C ASN I 583 -71.04 -17.21 5.56
N CYS I 584 -71.88 -18.08 6.13
CA CYS I 584 -72.65 -17.66 7.33
C CYS I 584 -72.63 -18.74 8.43
N LEU I 585 -72.79 -18.32 9.69
CA LEU I 585 -72.81 -19.27 10.83
C LEU I 585 -73.95 -18.87 11.80
N ALA I 586 -74.44 -19.82 12.61
CA ALA I 586 -75.50 -19.53 13.60
C ALA I 586 -75.25 -20.36 14.86
N VAL I 587 -75.81 -19.95 16.01
CA VAL I 587 -75.68 -20.77 17.26
C VAL I 587 -77.08 -21.02 17.85
N SER I 588 -77.39 -22.27 18.18
CA SER I 588 -78.70 -22.60 18.82
C SER I 588 -78.62 -22.23 20.31
N PRO I 589 -79.67 -21.58 20.94
CA PRO I 589 -79.59 -20.84 22.20
C PRO I 589 -79.07 -21.65 23.37
N ASP I 590 -79.03 -22.97 23.26
CA ASP I 590 -78.87 -23.83 24.43
C ASP I 590 -77.46 -24.37 24.58
N GLY I 591 -76.59 -24.17 23.60
CA GLY I 591 -75.19 -24.49 23.75
C GLY I 591 -74.83 -25.91 23.43
N ARG I 592 -75.19 -26.31 22.22
CA ARG I 592 -74.68 -27.55 21.64
C ARG I 592 -74.34 -27.42 20.16
N TRP I 593 -74.86 -26.38 19.50
CA TRP I 593 -75.16 -26.47 18.06
C TRP I 593 -74.70 -25.23 17.29
N LEU I 594 -73.99 -25.44 16.18
CA LEU I 594 -73.58 -24.30 15.31
C LEU I 594 -73.96 -24.67 13.88
N ALA I 595 -74.22 -23.68 13.03
CA ALA I 595 -74.68 -23.98 11.66
C ALA I 595 -73.63 -23.52 10.65
N SER I 596 -73.23 -24.40 9.73
CA SER I 596 -72.26 -24.01 8.68
C SER I 596 -72.98 -23.88 7.34
N ALA I 597 -72.94 -22.69 6.73
CA ALA I 597 -73.57 -22.48 5.41
C ALA I 597 -72.48 -22.04 4.44
N GLY I 598 -72.42 -22.65 3.26
CA GLY I 598 -71.31 -22.35 2.31
C GLY I 598 -71.72 -22.49 0.86
N GLU I 599 -70.78 -22.26 -0.06
CA GLU I 599 -71.07 -22.33 -1.52
C GLU I 599 -71.51 -23.74 -1.91
N ASP I 600 -71.14 -24.76 -1.12
CA ASP I 600 -71.48 -26.17 -1.45
C ASP I 600 -73.00 -26.34 -1.47
N SER I 601 -73.74 -25.53 -0.71
CA SER I 601 -75.23 -25.57 -0.71
C SER I 601 -75.77 -26.65 0.24
N VAL I 602 -74.90 -27.29 1.01
CA VAL I 602 -75.38 -28.28 2.02
C VAL I 602 -75.25 -27.65 3.40
N VAL I 603 -76.38 -27.47 4.11
CA VAL I 603 -76.30 -26.94 5.50
C VAL I 603 -75.73 -28.05 6.37
N CYS I 604 -74.78 -27.72 7.24
CA CYS I 604 -74.23 -28.74 8.18
C CYS I 604 -74.45 -28.27 9.62
N LEU I 605 -75.03 -29.15 10.45
CA LEU I 605 -75.23 -28.80 11.88
C LEU I 605 -74.08 -29.43 12.64
N TRP I 606 -73.37 -28.64 13.45
CA TRP I 606 -72.16 -29.16 14.13
C TRP I 606 -72.38 -29.21 15.65
N ASP I 607 -71.74 -30.17 16.32
CA ASP I 607 -71.82 -30.23 17.81
C ASP I 607 -70.46 -29.78 18.33
N ILE I 608 -70.43 -28.82 19.25
CA ILE I 608 -69.13 -28.27 19.69
C ILE I 608 -68.26 -29.37 20.33
N SER I 609 -68.83 -30.16 21.24
CA SER I 609 -67.99 -31.17 21.94
C SER I 609 -67.48 -32.23 20.98
N THR I 610 -68.36 -32.76 20.11
CA THR I 610 -67.96 -33.84 19.19
C THR I 610 -66.93 -33.34 18.19
N GLY I 611 -67.16 -32.15 17.62
CA GLY I 611 -66.27 -31.67 16.55
C GLY I 611 -66.69 -32.35 15.25
N ARG I 612 -67.73 -33.18 15.31
CA ARG I 612 -68.22 -33.93 14.12
C ARG I 612 -69.67 -33.51 13.90
N ARG I 613 -70.07 -33.25 12.65
CA ARG I 613 -71.44 -32.71 12.43
C ARG I 613 -72.49 -33.74 12.85
N ILE I 614 -73.44 -33.34 13.70
CA ILE I 614 -74.54 -34.25 14.12
C ILE I 614 -75.43 -34.56 12.91
N LYS I 615 -75.71 -33.56 12.08
CA LYS I 615 -76.62 -33.76 10.92
C LYS I 615 -76.05 -33.10 9.67
N ALA I 616 -76.47 -33.57 8.49
CA ALA I 616 -76.01 -32.97 7.22
C ALA I 616 -77.25 -32.68 6.37
N MET I 617 -78.00 -31.64 6.71
CA MET I 617 -79.23 -31.24 5.96
C MET I 617 -78.89 -31.07 4.47
N ARG I 618 -79.62 -31.77 3.60
CA ARG I 618 -79.34 -31.71 2.13
C ARG I 618 -80.52 -31.06 1.41
N GLY I 619 -80.26 -30.06 0.57
CA GLY I 619 -81.32 -29.35 -0.18
C GLY I 619 -80.74 -28.20 -0.97
N HIS I 620 -81.59 -27.22 -1.34
CA HIS I 620 -81.10 -25.85 -1.70
C HIS I 620 -80.42 -25.85 -3.08
N GLY I 621 -80.70 -26.86 -3.90
CA GLY I 621 -80.15 -26.90 -5.27
C GLY I 621 -78.63 -26.85 -5.28
N ARG I 622 -78.06 -26.03 -6.15
CA ARG I 622 -76.58 -25.90 -6.25
C ARG I 622 -76.22 -24.42 -6.26
N SER I 623 -76.39 -23.74 -5.12
CA SER I 623 -76.13 -22.28 -5.05
C SER I 623 -75.60 -21.91 -3.66
N SER I 624 -74.99 -20.73 -3.54
CA SER I 624 -74.41 -20.29 -2.24
C SER I 624 -75.51 -20.09 -1.19
N ILE I 625 -75.22 -20.40 0.08
CA ILE I 625 -76.20 -20.15 1.16
C ILE I 625 -75.68 -18.98 2.00
N TYR I 626 -76.40 -17.86 1.96
CA TYR I 626 -75.95 -16.57 2.47
C TYR I 626 -76.29 -16.33 3.93
N SER I 627 -77.34 -16.94 4.45
CA SER I 627 -77.76 -16.61 5.80
C SER I 627 -78.74 -17.63 6.32
N LEU I 628 -78.88 -17.64 7.65
CA LEU I 628 -79.61 -18.67 8.35
C LEU I 628 -79.74 -18.28 9.81
N ALA I 629 -80.56 -19.03 10.53
CA ALA I 629 -80.91 -18.66 11.89
C ALA I 629 -81.69 -19.76 12.55
N PHE I 630 -81.67 -19.74 13.87
CA PHE I 630 -82.35 -20.71 14.70
C PHE I 630 -83.61 -20.08 15.27
N SER I 631 -84.28 -20.80 16.15
CA SER I 631 -85.52 -20.34 16.75
C SER I 631 -85.23 -19.56 18.02
N ARG I 632 -86.28 -19.30 18.77
CA ARG I 632 -86.15 -18.78 20.12
C ARG I 632 -85.74 -19.87 21.09
N GLU I 633 -86.13 -21.12 20.80
CA GLU I 633 -85.91 -22.25 21.69
C GLU I 633 -85.29 -23.45 20.98
N GLY I 634 -84.60 -23.24 19.86
CA GLY I 634 -83.82 -24.27 19.23
C GLY I 634 -84.62 -25.39 18.60
N THR I 635 -85.94 -25.22 18.47
CA THR I 635 -86.80 -26.26 17.93
C THR I 635 -86.65 -26.35 16.42
N VAL I 636 -86.37 -25.23 15.78
CA VAL I 636 -86.39 -25.10 14.32
C VAL I 636 -85.29 -24.12 13.94
N LEU I 637 -84.75 -24.29 12.74
CA LEU I 637 -83.88 -23.28 12.14
C LEU I 637 -84.45 -22.88 10.79
N VAL I 638 -83.72 -22.02 10.10
CA VAL I 638 -84.08 -21.54 8.79
C VAL I 638 -82.79 -21.30 8.03
N SER I 639 -82.74 -21.78 6.79
CA SER I 639 -81.70 -21.37 5.87
C SER I 639 -82.28 -20.31 4.97
N THR I 640 -81.42 -19.71 4.16
CA THR I 640 -81.81 -18.60 3.30
C THR I 640 -80.67 -18.43 2.32
N GLY I 641 -80.98 -18.41 1.02
CA GLY I 641 -79.99 -18.69 0.00
C GLY I 641 -80.07 -17.80 -1.22
N ALA I 642 -79.27 -18.19 -2.20
CA ALA I 642 -79.13 -17.50 -3.48
C ALA I 642 -79.77 -18.26 -4.61
N ASP I 643 -80.37 -19.42 -4.33
CA ASP I 643 -81.21 -20.13 -5.28
C ASP I 643 -82.65 -19.62 -5.24
N ASN I 644 -82.85 -18.39 -4.76
CA ASN I 644 -84.14 -17.71 -4.82
C ASN I 644 -85.19 -18.47 -4.05
N SER I 645 -84.84 -18.85 -2.83
CA SER I 645 -85.68 -19.71 -2.02
C SER I 645 -85.20 -19.68 -0.58
N VAL I 646 -86.16 -19.83 0.31
CA VAL I 646 -85.93 -20.01 1.74
C VAL I 646 -86.44 -21.38 2.09
N ARG I 647 -85.87 -21.97 3.12
CA ARG I 647 -86.00 -23.39 3.39
C ARG I 647 -86.01 -23.57 4.89
N VAL I 648 -87.19 -23.82 5.43
CA VAL I 648 -87.29 -24.14 6.84
C VAL I 648 -86.89 -25.59 7.03
N TRP I 649 -86.00 -25.82 7.99
CA TRP I 649 -85.57 -27.15 8.39
C TRP I 649 -85.93 -27.40 9.84
N ASP I 650 -86.54 -28.56 10.08
CA ASP I 650 -86.52 -29.12 11.40
C ASP I 650 -85.09 -29.53 11.72
N VAL I 651 -84.80 -29.66 13.00
CA VAL I 651 -83.43 -29.91 13.45
C VAL I 651 -83.35 -31.13 14.36
N LYS I 652 -84.47 -31.52 14.95
CA LYS I 652 -84.49 -32.61 15.93
C LYS I 652 -84.99 -33.91 15.36
N LYS I 653 -84.65 -34.21 14.10
CA LYS I 653 -85.15 -35.44 13.47
C LYS I 653 -84.33 -36.65 13.91
N ASN I 654 -83.02 -36.46 14.11
CA ASN I 654 -82.13 -37.55 14.45
C ASN I 654 -81.13 -37.16 15.53
N THR I 655 -81.35 -36.08 16.26
CA THR I 655 -80.39 -35.58 17.23
C THR I 655 -80.61 -36.31 18.56
N ASN I 656 -79.98 -35.82 19.63
CA ASN I 656 -80.10 -36.45 20.93
C ASN I 656 -81.48 -36.24 21.54
N SER I 657 -82.28 -35.32 20.99
CA SER I 657 -83.67 -35.11 21.40
C SER I 657 -84.57 -35.42 20.21
N PRO I 658 -84.73 -36.69 19.82
CA PRO I 658 -85.42 -37.02 18.57
C PRO I 658 -86.92 -36.73 18.63
N SER I 659 -87.27 -35.45 18.50
CA SER I 659 -88.66 -35.07 18.29
C SER I 659 -89.01 -35.30 16.82
N ALA I 660 -89.97 -36.20 16.57
CA ALA I 660 -90.33 -36.63 15.23
C ALA I 660 -91.72 -36.15 14.83
N GLN I 661 -92.73 -36.44 15.62
CA GLN I 661 -94.08 -35.94 15.43
C GLN I 661 -94.65 -36.35 14.07
N PRO I 662 -94.76 -37.65 13.81
CA PRO I 662 -95.13 -38.11 12.47
C PRO I 662 -96.61 -37.93 12.18
N GLU I 663 -97.01 -38.38 10.99
CA GLU I 663 -98.41 -38.41 10.61
C GLU I 663 -99.18 -39.36 11.52
N ALA I 688 -82.13 -35.61 -2.88
CA ALA I 688 -82.72 -34.80 -1.82
C ALA I 688 -83.04 -35.67 -0.62
N THR I 689 -83.03 -35.06 0.56
CA THR I 689 -83.15 -35.79 1.82
C THR I 689 -84.10 -35.06 2.77
N ASN I 690 -84.27 -35.65 3.95
CA ASN I 690 -85.24 -35.24 4.93
C ASN I 690 -84.64 -34.21 5.89
N ASP I 691 -85.32 -33.97 7.01
CA ASP I 691 -85.10 -32.82 7.89
C ASP I 691 -85.54 -31.52 7.21
N HIS I 692 -86.48 -31.63 6.27
CA HIS I 692 -86.92 -30.54 5.41
C HIS I 692 -88.44 -30.46 5.55
N MET I 693 -88.87 -29.56 6.43
CA MET I 693 -90.32 -29.26 6.63
C MET I 693 -90.91 -28.63 5.36
N SER I 694 -90.51 -27.40 5.02
CA SER I 694 -91.14 -26.72 3.86
C SER I 694 -90.17 -25.78 3.13
N VAL I 695 -90.46 -25.44 1.88
CA VAL I 695 -89.63 -24.45 1.13
C VAL I 695 -90.56 -23.36 0.60
N TYR I 696 -90.26 -22.09 0.86
CA TYR I 696 -91.10 -21.00 0.30
C TYR I 696 -90.30 -20.30 -0.81
N PHE I 697 -90.79 -20.38 -2.06
CA PHE I 697 -90.08 -19.76 -3.19
C PHE I 697 -90.38 -18.26 -3.29
N THR I 698 -89.53 -17.52 -4.02
CA THR I 698 -89.72 -16.06 -4.16
C THR I 698 -89.74 -15.68 -5.63
N LYS I 699 -90.10 -14.42 -5.94
CA LYS I 699 -90.27 -13.93 -7.30
C LYS I 699 -88.90 -13.55 -7.86
N LYS I 700 -88.07 -14.57 -8.08
CA LYS I 700 -86.75 -14.39 -8.66
C LYS I 700 -85.91 -13.42 -7.83
N THR I 701 -85.87 -13.64 -6.53
CA THR I 701 -85.22 -12.77 -5.57
C THR I 701 -84.17 -13.55 -4.81
N PRO I 702 -82.87 -13.29 -4.91
CA PRO I 702 -81.96 -13.91 -3.96
C PRO I 702 -82.14 -13.27 -2.60
N VAL I 703 -82.16 -14.11 -1.56
CA VAL I 703 -82.45 -13.64 -0.22
C VAL I 703 -81.15 -13.55 0.56
N TYR I 704 -81.12 -12.65 1.54
CA TYR I 704 -79.88 -12.19 2.15
C TYR I 704 -79.84 -12.36 3.66
N THR I 705 -80.98 -12.50 4.33
CA THR I 705 -80.95 -12.63 5.78
C THR I 705 -82.31 -13.07 6.29
N VAL I 706 -82.39 -13.17 7.62
CA VAL I 706 -83.62 -13.42 8.35
C VAL I 706 -83.49 -12.74 9.71
N HIS I 707 -84.59 -12.64 10.44
CA HIS I 707 -84.56 -12.34 11.87
C HIS I 707 -85.83 -12.85 12.50
N PHE I 708 -85.74 -14.00 13.14
CA PHE I 708 -86.81 -14.43 14.04
C PHE I 708 -87.10 -13.33 15.05
N THR I 709 -88.37 -12.97 15.13
CA THR I 709 -88.80 -12.06 16.17
C THR I 709 -88.96 -12.86 17.46
N ARG I 710 -89.36 -12.18 18.54
CA ARG I 710 -89.75 -12.86 19.76
C ARG I 710 -90.79 -13.93 19.47
N ARG I 711 -91.75 -13.59 18.63
CA ARG I 711 -92.93 -14.41 18.39
C ARG I 711 -92.62 -15.46 17.33
N ASN I 712 -93.68 -16.09 16.82
CA ASN I 712 -93.56 -17.18 15.86
C ASN I 712 -92.80 -16.77 14.60
N LEU I 713 -93.00 -15.55 14.13
CA LEU I 713 -92.69 -15.26 12.74
C LEU I 713 -91.23 -14.93 12.53
N CYS I 714 -90.80 -15.12 11.28
CA CYS I 714 -89.53 -14.66 10.77
C CYS I 714 -89.71 -13.26 10.23
N LEU I 715 -88.62 -12.70 9.73
CA LEU I 715 -88.62 -11.43 9.02
C LEU I 715 -87.43 -11.47 8.09
N ALA I 716 -87.69 -11.25 6.82
CA ALA I 716 -86.71 -11.53 5.77
C ALA I 716 -86.30 -10.27 5.05
N GLY I 717 -85.28 -10.41 4.23
CA GLY I 717 -84.80 -9.33 3.41
C GLY I 717 -84.11 -9.83 2.18
N GLY I 718 -84.58 -9.36 1.03
CA GLY I 718 -84.06 -9.79 -0.25
C GLY I 718 -83.94 -8.62 -1.19
N VAL I 719 -83.65 -8.89 -2.45
CA VAL I 719 -83.47 -7.83 -3.44
C VAL I 719 -84.08 -8.21 -4.79
N PHE I 720 -83.91 -7.33 -5.75
CA PHE I 720 -84.07 -7.59 -7.18
C PHE I 720 -85.52 -7.64 -7.65
N GLY I 721 -86.47 -7.65 -6.73
CA GLY I 721 -87.86 -7.54 -7.13
C GLY I 721 -88.29 -8.64 -8.07
N GLY I 722 -88.46 -8.28 -9.34
CA GLY I 722 -88.74 -9.23 -10.40
C GLY I 722 -87.61 -9.28 -11.40
N SER J 13 -46.55 -29.09 -25.48
CA SER J 13 -46.64 -28.04 -24.47
C SER J 13 -46.96 -28.61 -23.09
N HIS J 14 -47.26 -27.71 -22.16
CA HIS J 14 -47.56 -28.11 -20.78
C HIS J 14 -49.04 -27.95 -20.47
N THR J 15 -49.58 -26.75 -20.67
CA THR J 15 -50.89 -26.37 -20.13
C THR J 15 -51.64 -25.55 -21.16
N LEU J 16 -52.69 -24.88 -20.70
CA LEU J 16 -53.46 -23.97 -21.53
C LEU J 16 -52.58 -22.78 -21.91
N TRP J 17 -53.14 -21.87 -22.70
CA TRP J 17 -52.45 -20.66 -23.11
C TRP J 17 -51.17 -21.01 -23.88
N SER J 18 -51.40 -21.56 -25.07
CA SER J 18 -50.37 -22.10 -25.94
C SER J 18 -49.21 -21.11 -26.09
N PRO J 19 -48.03 -21.37 -25.50
CA PRO J 19 -46.94 -20.41 -25.61
C PRO J 19 -46.26 -20.37 -26.97
N SER J 20 -46.70 -21.16 -27.94
CA SER J 20 -46.08 -21.12 -29.26
C SER J 20 -46.37 -19.80 -29.97
N ASP J 21 -47.53 -19.19 -29.70
CA ASP J 21 -47.94 -17.93 -30.32
C ASP J 21 -48.22 -16.83 -29.32
N THR J 22 -48.83 -17.16 -28.18
CA THR J 22 -49.16 -16.15 -27.18
C THR J 22 -47.90 -15.51 -26.62
N VAL J 23 -47.07 -16.30 -25.94
CA VAL J 23 -45.80 -15.81 -25.43
C VAL J 23 -44.90 -15.37 -26.56
N LYS J 24 -44.98 -16.04 -27.71
CA LYS J 24 -44.23 -15.61 -28.88
C LYS J 24 -44.67 -14.23 -29.32
N ASP J 25 -45.99 -14.00 -29.40
CA ASP J 25 -46.50 -12.68 -29.73
C ASP J 25 -45.98 -11.64 -28.75
N ALA J 26 -45.97 -11.97 -27.45
CA ALA J 26 -45.49 -11.04 -26.45
C ALA J 26 -44.03 -10.67 -26.68
N ALA J 27 -43.17 -11.68 -26.76
CA ALA J 27 -41.73 -11.42 -26.85
C ALA J 27 -41.38 -10.76 -28.18
N GLU J 28 -41.91 -11.28 -29.29
CA GLU J 28 -41.64 -10.69 -30.59
C GLU J 28 -42.30 -9.33 -30.75
N SER J 29 -43.26 -8.98 -29.88
CA SER J 29 -43.73 -7.60 -29.82
C SER J 29 -42.76 -6.75 -29.03
N LEU J 30 -42.08 -7.33 -28.04
CA LEU J 30 -41.06 -6.57 -27.34
C LEU J 30 -39.90 -6.22 -28.25
N GLY J 31 -39.47 -7.16 -29.09
CA GLY J 31 -38.28 -6.97 -29.91
C GLY J 31 -37.13 -7.89 -29.57
N ILE J 32 -37.43 -9.13 -29.22
CA ILE J 32 -36.42 -10.17 -29.07
C ILE J 32 -36.63 -11.22 -30.15
N PHE J 33 -35.72 -12.19 -30.19
CA PHE J 33 -35.84 -13.33 -31.09
C PHE J 33 -35.60 -14.66 -30.37
N ASN J 34 -34.74 -14.67 -29.36
CA ASN J 34 -34.29 -15.90 -28.72
C ASN J 34 -35.02 -16.09 -27.39
N LEU J 35 -36.20 -16.71 -27.46
CA LEU J 35 -36.86 -17.27 -26.29
C LEU J 35 -36.97 -18.77 -26.52
N ASN J 36 -36.16 -19.53 -25.76
CA ASN J 36 -36.24 -20.98 -25.82
C ASN J 36 -37.66 -21.44 -25.50
N GLU J 37 -38.03 -22.59 -26.08
CA GLU J 37 -39.41 -23.04 -25.99
C GLU J 37 -39.82 -23.32 -24.55
N GLU J 38 -39.04 -24.16 -23.85
CA GLU J 38 -39.34 -24.54 -22.48
C GLU J 38 -39.50 -23.31 -21.57
N ALA J 39 -38.75 -22.24 -21.84
CA ALA J 39 -38.95 -21.01 -21.10
C ALA J 39 -40.37 -20.47 -21.29
N ALA J 40 -40.85 -20.45 -22.53
CA ALA J 40 -42.19 -19.94 -22.79
C ALA J 40 -43.26 -20.87 -22.23
N LYS J 41 -42.98 -22.18 -22.21
CA LYS J 41 -43.86 -23.10 -21.50
C LYS J 41 -43.99 -22.70 -20.04
N ASN J 42 -42.85 -22.51 -19.37
CA ASN J 42 -42.87 -22.13 -17.96
C ASN J 42 -43.54 -20.78 -17.76
N LEU J 43 -43.41 -19.89 -18.75
CA LEU J 43 -44.04 -18.58 -18.64
C LEU J 43 -45.56 -18.70 -18.72
N ALA J 44 -46.06 -19.47 -19.68
CA ALA J 44 -47.48 -19.82 -19.70
C ALA J 44 -47.92 -20.38 -18.36
N MET J 45 -47.09 -21.23 -17.76
CA MET J 45 -47.41 -21.81 -16.47
C MET J 45 -47.65 -20.71 -15.43
N ASP J 46 -46.72 -19.77 -15.38
CA ASP J 46 -46.78 -18.71 -14.36
C ASP J 46 -47.99 -17.82 -14.57
N ILE J 47 -48.21 -17.34 -15.79
CA ILE J 47 -49.29 -16.40 -16.01
C ILE J 47 -50.64 -17.08 -15.80
N GLU J 48 -50.76 -18.37 -16.12
CA GLU J 48 -52.00 -19.06 -15.81
C GLU J 48 -52.22 -19.16 -14.31
N TYR J 49 -51.15 -19.43 -13.55
CA TYR J 49 -51.33 -19.43 -12.10
C TYR J 49 -51.76 -18.08 -11.58
N ARG J 50 -51.16 -17.00 -12.08
CA ARG J 50 -51.57 -15.67 -11.65
C ARG J 50 -53.03 -15.41 -11.97
N ILE J 51 -53.50 -15.94 -13.09
CA ILE J 51 -54.90 -15.81 -13.43
C ILE J 51 -55.77 -16.46 -12.38
N HIS J 52 -55.50 -17.73 -12.05
CA HIS J 52 -56.29 -18.39 -11.02
C HIS J 52 -56.22 -17.65 -9.69
N GLU J 53 -55.07 -17.04 -9.40
CA GLU J 53 -54.89 -16.30 -8.15
C GLU J 53 -55.82 -15.09 -8.07
N ILE J 54 -55.71 -14.19 -9.05
CA ILE J 54 -56.56 -13.01 -9.08
C ILE J 54 -58.03 -13.42 -9.14
N LEU J 55 -58.32 -14.51 -9.84
CA LEU J 55 -59.70 -14.90 -10.02
C LEU J 55 -60.32 -15.34 -8.71
N ASP J 56 -59.58 -16.09 -7.90
CA ASP J 56 -60.15 -16.46 -6.60
C ASP J 56 -60.31 -15.25 -5.70
N GLN J 57 -59.37 -14.30 -5.75
CA GLN J 57 -59.55 -13.12 -4.89
C GLN J 57 -60.80 -12.34 -5.26
N ALA J 58 -61.03 -12.15 -6.55
CA ALA J 58 -62.22 -11.42 -6.96
C ALA J 58 -63.47 -12.24 -6.69
N SER J 59 -63.37 -13.56 -6.62
CA SER J 59 -64.51 -14.34 -6.14
C SER J 59 -64.80 -14.05 -4.68
N LYS J 60 -63.75 -13.94 -3.86
CA LYS J 60 -63.95 -13.59 -2.45
C LYS J 60 -64.69 -12.27 -2.32
N PHE J 61 -64.39 -11.31 -3.20
CA PHE J 61 -65.14 -10.06 -3.15
C PHE J 61 -66.50 -10.19 -3.81
N MET J 62 -66.67 -11.18 -4.67
CA MET J 62 -67.95 -11.42 -5.31
C MET J 62 -68.99 -11.86 -4.30
N ARG J 63 -68.65 -12.88 -3.52
CA ARG J 63 -69.63 -13.46 -2.62
C ARG J 63 -69.73 -12.74 -1.29
N HIS J 64 -69.19 -11.52 -1.23
CA HIS J 64 -69.56 -10.57 -0.15
C HIS J 64 -70.63 -9.62 -0.69
N GLY J 65 -70.56 -9.32 -1.99
CA GLY J 65 -71.63 -8.53 -2.61
C GLY J 65 -72.81 -9.45 -2.84
N LYS J 66 -72.64 -10.73 -2.48
CA LYS J 66 -73.72 -11.71 -2.50
C LYS J 66 -74.40 -11.79 -3.86
N ARG J 67 -73.63 -11.52 -4.91
CA ARG J 67 -74.04 -11.65 -6.29
C ARG J 67 -73.28 -12.80 -6.92
N ARG J 68 -73.56 -13.04 -8.18
CA ARG J 68 -72.91 -14.07 -8.97
C ARG J 68 -72.20 -13.50 -10.19
N THR J 69 -72.84 -12.62 -10.93
CA THR J 69 -72.25 -12.12 -12.17
C THR J 69 -71.12 -11.17 -11.81
N LEU J 70 -69.91 -11.74 -11.72
CA LEU J 70 -68.72 -10.97 -11.39
C LEU J 70 -68.56 -9.77 -12.33
N HIS J 71 -68.45 -8.60 -11.72
CA HIS J 71 -68.24 -7.35 -12.44
C HIS J 71 -66.76 -6.98 -12.36
N THR J 72 -66.42 -5.85 -12.97
CA THR J 72 -65.03 -5.43 -13.04
C THR J 72 -64.51 -4.85 -11.74
N SER J 73 -65.40 -4.28 -10.92
CA SER J 73 -64.99 -3.78 -9.62
C SER J 73 -64.37 -4.88 -8.78
N ASP J 74 -64.83 -6.13 -8.96
CA ASP J 74 -64.30 -7.25 -8.19
C ASP J 74 -62.82 -7.43 -8.47
N ILE J 75 -62.45 -7.54 -9.75
CA ILE J 75 -61.06 -7.73 -10.10
C ILE J 75 -60.24 -6.47 -9.85
N ASP J 76 -60.84 -5.29 -9.96
CA ASP J 76 -60.10 -4.07 -9.67
C ASP J 76 -59.68 -4.03 -8.21
N ARG J 77 -60.62 -4.25 -7.30
CA ARG J 77 -60.26 -4.40 -5.90
C ARG J 77 -59.28 -5.54 -5.69
N ALA J 78 -59.47 -6.65 -6.40
CA ALA J 78 -58.62 -7.81 -6.20
C ALA J 78 -57.19 -7.52 -6.64
N LEU J 79 -57.01 -6.57 -7.54
CA LEU J 79 -55.68 -6.06 -7.82
C LEU J 79 -55.20 -5.16 -6.69
N LYS J 80 -56.04 -4.22 -6.26
CA LYS J 80 -55.66 -3.28 -5.21
C LYS J 80 -55.21 -3.96 -3.93
N VAL J 81 -55.69 -5.18 -3.67
CA VAL J 81 -55.31 -5.89 -2.45
C VAL J 81 -54.04 -6.72 -2.64
N LEU J 82 -53.65 -7.00 -3.88
CA LEU J 82 -52.42 -7.73 -4.15
C LEU J 82 -51.22 -6.82 -4.30
N ASN J 83 -51.31 -5.57 -3.84
CA ASN J 83 -50.22 -4.63 -3.93
C ASN J 83 -49.76 -4.46 -5.36
N LEU J 84 -50.72 -4.57 -6.26
CA LEU J 84 -50.48 -4.64 -7.69
C LEU J 84 -51.17 -3.47 -8.35
N GLU J 85 -50.60 -3.02 -9.46
CA GLU J 85 -51.06 -1.78 -10.05
C GLU J 85 -52.49 -1.95 -10.56
N PRO J 86 -53.28 -0.89 -10.57
CA PRO J 86 -54.66 -1.01 -11.00
C PRO J 86 -54.72 -1.08 -12.52
N LEU J 87 -55.94 -1.05 -13.05
CA LEU J 87 -56.15 -1.09 -14.49
C LEU J 87 -57.35 -0.23 -14.81
N TYR J 88 -57.09 0.89 -15.48
CA TYR J 88 -58.10 1.87 -15.80
C TYR J 88 -58.64 1.65 -17.21
N GLY J 89 -59.82 2.19 -17.45
CA GLY J 89 -60.33 2.31 -18.79
C GLY J 89 -61.12 1.11 -19.27
N TYR J 90 -62.11 0.70 -18.49
CA TYR J 90 -62.97 -0.42 -18.90
C TYR J 90 -64.36 -0.13 -18.37
N ASP J 91 -65.20 0.48 -19.21
CA ASP J 91 -66.54 0.88 -18.85
C ASP J 91 -67.56 -0.17 -19.26
N VAL J 92 -68.56 -0.37 -18.41
CA VAL J 92 -69.58 -1.37 -18.68
C VAL J 92 -70.34 -1.02 -19.94
N SER J 93 -70.79 0.23 -20.05
CA SER J 93 -71.50 0.69 -21.23
C SER J 93 -70.58 0.67 -22.44
N ARG J 94 -71.17 0.93 -23.62
CA ARG J 94 -70.46 0.89 -24.89
C ARG J 94 -69.84 -0.48 -25.08
N PRO J 95 -70.64 -1.51 -25.31
CA PRO J 95 -70.14 -2.89 -25.22
C PRO J 95 -69.11 -3.28 -26.26
N LEU J 96 -68.70 -4.55 -26.20
CA LEU J 96 -67.54 -5.07 -26.90
C LEU J 96 -67.92 -5.65 -28.26
N VAL J 97 -66.92 -5.82 -29.12
CA VAL J 97 -67.10 -6.29 -30.49
C VAL J 97 -66.23 -7.52 -30.79
N PHE J 98 -64.93 -7.41 -30.55
CA PHE J 98 -63.94 -8.38 -31.02
C PHE J 98 -64.09 -8.62 -32.52
N LYS J 99 -63.94 -7.54 -33.27
CA LYS J 99 -64.02 -7.59 -34.72
C LYS J 99 -62.90 -8.46 -35.28
N GLU J 100 -63.14 -9.00 -36.47
CA GLU J 100 -62.17 -9.89 -37.11
C GLU J 100 -61.18 -9.11 -37.96
N ALA J 101 -60.04 -9.73 -38.23
CA ALA J 101 -59.08 -9.25 -39.21
C ALA J 101 -58.27 -10.43 -39.69
N LEU J 102 -57.88 -10.39 -40.96
CA LEU J 102 -57.19 -11.49 -41.62
C LEU J 102 -55.86 -11.01 -42.17
N VAL J 103 -54.86 -11.88 -42.12
CA VAL J 103 -53.54 -11.62 -42.68
C VAL J 103 -53.06 -12.89 -43.36
N GLY J 104 -52.36 -12.73 -44.48
CA GLY J 104 -51.83 -13.84 -45.23
C GLY J 104 -50.45 -14.25 -44.74
N TYR J 111 -58.21 -13.92 -39.32
CA TYR J 111 -57.11 -14.76 -38.87
C TYR J 111 -56.71 -14.39 -37.45
N VAL J 112 -56.14 -13.19 -37.29
CA VAL J 112 -55.77 -12.71 -35.97
C VAL J 112 -56.99 -12.40 -35.13
N ASP J 113 -58.11 -12.07 -35.78
CA ASP J 113 -59.40 -11.97 -35.11
C ASP J 113 -59.46 -10.84 -34.10
N ASP J 114 -58.67 -9.79 -34.31
CA ASP J 114 -58.64 -8.65 -33.39
C ASP J 114 -58.71 -7.34 -34.14
N ASP J 115 -59.54 -6.45 -33.62
CA ASP J 115 -59.71 -5.09 -34.09
C ASP J 115 -60.69 -4.45 -33.13
N GLU J 116 -60.61 -3.13 -33.02
CA GLU J 116 -61.57 -2.36 -32.25
C GLU J 116 -61.90 -1.10 -33.04
N VAL J 117 -63.17 -0.98 -33.42
CA VAL J 117 -63.61 0.05 -34.36
C VAL J 117 -64.59 0.97 -33.63
N ASP J 118 -64.35 1.18 -32.34
CA ASP J 118 -65.22 1.99 -31.48
C ASP J 118 -64.40 3.20 -31.03
N PHE J 119 -64.34 4.21 -31.90
CA PHE J 119 -63.56 5.41 -31.65
C PHE J 119 -64.11 6.50 -32.58
N GLU J 120 -63.32 7.55 -32.80
CA GLU J 120 -63.70 8.66 -33.69
C GLU J 120 -64.92 9.40 -33.15
N LYS J 121 -64.69 9.99 -31.98
CA LYS J 121 -65.61 10.93 -31.36
C LYS J 121 -64.99 12.32 -31.42
N LEU J 122 -65.85 13.35 -31.45
CA LEU J 122 -65.40 14.73 -31.51
C LEU J 122 -66.02 15.60 -30.43
N ILE J 123 -67.29 15.40 -30.11
CA ILE J 123 -67.99 16.16 -29.09
C ILE J 123 -69.01 15.24 -28.44
N ASN J 124 -69.17 15.35 -27.12
CA ASN J 124 -70.25 14.72 -26.40
C ASN J 124 -70.98 15.77 -25.57
N GLU J 125 -72.31 15.73 -25.62
CA GLU J 125 -73.15 16.59 -24.79
C GLU J 125 -74.44 15.84 -24.47
N PRO J 126 -74.34 14.65 -23.79
CA PRO J 126 -75.46 13.81 -23.23
C PRO J 126 -75.59 13.98 -21.71
N LEU J 127 -76.80 13.83 -21.18
CA LEU J 127 -77.01 13.95 -19.71
C LEU J 127 -77.53 12.62 -19.16
N PRO J 128 -76.90 12.06 -18.10
CA PRO J 128 -77.39 10.81 -17.48
C PRO J 128 -78.72 11.02 -16.74
N LYS J 129 -79.60 10.02 -16.78
CA LYS J 129 -80.92 10.12 -16.09
C LYS J 129 -80.85 9.37 -14.76
N VAL J 130 -81.31 9.98 -13.67
CA VAL J 130 -81.20 9.39 -12.33
C VAL J 130 -82.31 8.37 -12.15
N PRO J 131 -82.06 7.18 -11.59
CA PRO J 131 -83.14 6.25 -11.30
C PRO J 131 -83.76 6.59 -9.94
N ARG J 132 -84.78 5.83 -9.58
CA ARG J 132 -85.39 6.02 -8.28
C ARG J 132 -84.43 5.62 -7.17
N PHE J 133 -84.71 6.12 -5.98
CA PHE J 133 -83.94 5.69 -4.82
C PHE J 133 -84.32 4.25 -4.47
N SER J 134 -83.52 3.67 -3.59
CA SER J 134 -83.75 2.30 -3.15
C SER J 134 -84.80 2.31 -2.05
N THR J 135 -86.02 1.93 -2.41
CA THR J 135 -87.12 1.80 -1.45
C THR J 135 -87.64 0.38 -1.49
N PHE J 136 -88.21 -0.05 -0.37
CA PHE J 136 -88.50 -1.44 -0.13
C PHE J 136 -89.99 -1.71 -0.25
N THR J 137 -90.29 -2.92 -0.70
CA THR J 137 -91.65 -3.37 -0.96
C THR J 137 -91.91 -4.58 -0.08
N ALA J 138 -92.58 -4.37 1.02
CA ALA J 138 -92.98 -5.45 1.88
C ALA J 138 -94.20 -6.09 1.25
N HIS J 139 -94.44 -7.32 1.62
CA HIS J 139 -95.69 -8.00 1.36
C HIS J 139 -95.84 -9.01 2.47
N TRP J 140 -96.73 -9.97 2.27
CA TRP J 140 -96.88 -11.07 3.20
C TRP J 140 -96.64 -12.35 2.42
N LEU J 141 -96.01 -13.31 3.09
CA LEU J 141 -95.64 -14.58 2.48
C LEU J 141 -95.66 -15.62 3.57
N ALA J 142 -96.23 -16.79 3.29
CA ALA J 142 -96.15 -17.94 4.17
C ALA J 142 -96.72 -17.66 5.56
N ILE J 143 -98.06 -17.60 5.64
CA ILE J 143 -98.71 -17.32 6.92
C ILE J 143 -98.34 -18.37 7.95
N GLU J 144 -98.79 -19.61 7.77
CA GLU J 144 -98.56 -20.68 8.72
C GLU J 144 -98.27 -21.96 7.94
N GLY J 145 -97.43 -21.81 6.92
CA GLY J 145 -96.89 -22.92 6.18
C GLY J 145 -97.28 -22.85 4.72
N VAL J 146 -98.47 -22.29 4.46
CA VAL J 146 -98.99 -22.25 3.11
C VAL J 146 -98.57 -20.94 2.47
N GLN J 147 -98.21 -21.02 1.18
CA GLN J 147 -97.70 -19.89 0.44
C GLN J 147 -98.79 -19.32 -0.45
N PRO J 148 -99.32 -18.13 -0.16
CA PRO J 148 -100.29 -17.52 -1.08
C PRO J 148 -99.66 -17.20 -2.43
N ALA J 149 -100.45 -17.36 -3.49
CA ALA J 149 -100.08 -16.97 -4.85
C ALA J 149 -100.77 -15.69 -5.30
N ILE J 150 -101.66 -15.13 -4.49
CA ILE J 150 -102.46 -13.98 -4.89
C ILE J 150 -101.55 -12.75 -4.87
N PRO J 151 -100.87 -12.42 -3.75
CA PRO J 151 -99.95 -11.29 -3.79
C PRO J 151 -98.69 -11.63 -4.56
N GLN J 152 -97.67 -10.79 -4.47
CA GLN J 152 -96.47 -10.94 -5.28
C GLN J 152 -95.74 -12.21 -4.86
N ASN J 153 -96.05 -13.31 -5.53
CA ASN J 153 -95.49 -14.61 -5.25
C ASN J 153 -95.44 -15.40 -6.55
N PRO J 154 -94.84 -16.58 -6.55
CA PRO J 154 -94.93 -17.45 -7.73
C PRO J 154 -96.11 -18.39 -7.66
N SER J 155 -96.50 -18.87 -8.84
CA SER J 155 -97.34 -20.05 -8.97
C SER J 155 -96.44 -21.27 -9.12
N PRO J 156 -97.02 -22.47 -9.23
CA PRO J 156 -96.17 -23.64 -9.49
C PRO J 156 -95.58 -23.61 -10.90
N ASN J 157 -94.58 -22.74 -11.08
CA ASN J 157 -93.83 -22.63 -12.32
C ASN J 157 -92.39 -23.05 -12.17
N ASP J 158 -91.98 -23.48 -10.97
CA ASP J 158 -90.64 -24.00 -10.76
C ASP J 158 -90.50 -25.44 -11.21
N ILE J 159 -91.61 -26.10 -11.58
CA ILE J 159 -91.53 -27.34 -12.32
C ILE J 159 -90.86 -27.13 -13.66
N LYS J 160 -90.90 -25.90 -14.20
CA LYS J 160 -90.23 -25.55 -15.43
C LYS J 160 -88.79 -25.11 -15.20
N ASN J 161 -88.38 -24.89 -13.96
CA ASN J 161 -87.01 -24.48 -13.69
C ASN J 161 -86.06 -25.63 -13.98
N ILE J 162 -84.77 -25.30 -14.01
CA ILE J 162 -83.75 -26.28 -14.34
C ILE J 162 -83.52 -27.14 -13.10
N LEU J 163 -83.79 -28.44 -13.25
CA LEU J 163 -83.91 -29.30 -12.07
C LEU J 163 -82.70 -29.33 -11.14
N PRO J 164 -81.44 -29.15 -11.59
CA PRO J 164 -80.37 -28.96 -10.59
C PRO J 164 -80.55 -27.72 -9.75
N ILE J 165 -81.24 -26.72 -10.26
CA ILE J 165 -81.43 -25.45 -9.58
C ILE J 165 -82.81 -25.45 -8.95
N ASN J 166 -82.91 -24.90 -7.75
CA ASN J 166 -84.19 -24.74 -7.05
C ASN J 166 -84.83 -26.09 -6.79
N ARG J 167 -84.10 -26.95 -6.10
CA ARG J 167 -84.52 -28.33 -5.91
C ARG J 167 -85.42 -28.46 -4.70
N GLY J 168 -86.08 -29.61 -4.60
CA GLY J 168 -86.89 -29.91 -3.45
C GLY J 168 -88.21 -29.20 -3.48
N SER J 169 -89.27 -29.91 -3.07
CA SER J 169 -90.56 -29.29 -2.84
C SER J 169 -91.36 -30.26 -1.99
N MET J 170 -91.67 -29.86 -0.76
CA MET J 170 -92.37 -30.70 0.20
C MET J 170 -93.72 -30.11 0.56
N GLU J 171 -93.73 -28.90 1.11
CA GLU J 171 -94.93 -28.16 1.49
C GLU J 171 -95.96 -29.00 2.24
N ILE J 200 -115.81 -18.55 3.88
CA ILE J 200 -117.02 -18.04 3.24
C ILE J 200 -117.69 -16.97 4.10
N SER J 201 -117.53 -17.09 5.42
CA SER J 201 -118.24 -16.23 6.38
C SER J 201 -117.23 -15.71 7.40
N ASN J 202 -117.75 -15.06 8.44
CA ASN J 202 -116.91 -14.61 9.54
C ASN J 202 -116.49 -15.74 10.47
N GLN J 203 -116.89 -16.98 10.18
CA GLN J 203 -116.39 -18.16 10.87
C GLN J 203 -115.07 -18.65 10.28
N LYS J 204 -114.40 -17.85 9.46
CA LYS J 204 -113.19 -18.29 8.78
C LYS J 204 -112.00 -18.26 9.71
N GLN J 205 -111.16 -19.28 9.60
CA GLN J 205 -109.86 -19.31 10.26
C GLN J 205 -108.74 -19.80 9.35
N GLY J 206 -109.05 -20.32 8.17
CA GLY J 206 -108.07 -20.80 7.22
C GLY J 206 -108.56 -22.00 6.44
N LEU J 207 -108.45 -21.92 5.12
CA LEU J 207 -108.89 -22.99 4.22
C LEU J 207 -107.75 -23.68 3.50
N GLU J 208 -106.70 -22.96 3.15
CA GLU J 208 -105.55 -23.52 2.46
C GLU J 208 -104.54 -24.18 3.40
N VAL J 209 -104.92 -24.38 4.68
CA VAL J 209 -104.04 -25.02 5.66
C VAL J 209 -104.45 -26.46 5.96
N LYS J 210 -105.70 -26.83 5.72
CA LYS J 210 -106.19 -28.19 5.91
C LYS J 210 -106.04 -28.65 7.36
N PRO J 211 -106.81 -28.08 8.29
CA PRO J 211 -106.78 -28.55 9.69
C PRO J 211 -107.63 -29.77 9.97
N LEU J 212 -108.19 -30.42 8.94
CA LEU J 212 -109.12 -31.51 9.15
C LEU J 212 -108.40 -32.77 9.63
N VAL J 213 -107.37 -33.21 8.92
CA VAL J 213 -106.65 -34.41 9.29
C VAL J 213 -106.01 -34.22 10.66
N LYS J 214 -106.28 -35.16 11.56
CA LYS J 214 -105.84 -35.07 12.96
C LYS J 214 -104.50 -35.76 13.19
N HIS J 215 -103.67 -35.83 12.16
CA HIS J 215 -102.35 -36.43 12.25
C HIS J 215 -101.24 -35.43 12.56
N VAL J 216 -101.52 -34.13 12.40
CA VAL J 216 -100.45 -33.14 12.44
C VAL J 216 -100.09 -32.76 13.86
N LEU J 217 -101.07 -32.74 14.76
CA LEU J 217 -100.85 -32.18 16.08
C LEU J 217 -99.75 -32.93 16.85
N SER J 218 -100.02 -34.15 17.33
CA SER J 218 -99.06 -35.17 17.74
C SER J 218 -99.82 -36.26 18.46
N ARG J 219 -99.13 -37.35 18.83
CA ARG J 219 -99.67 -38.24 19.83
C ARG J 219 -99.65 -37.59 21.22
N GLU J 220 -98.58 -36.84 21.51
CA GLU J 220 -98.44 -36.19 22.82
C GLU J 220 -99.45 -35.08 23.00
N LEU J 221 -99.72 -34.33 21.93
CA LEU J 221 -100.39 -33.05 22.08
C LEU J 221 -101.88 -33.24 22.30
N GLN J 222 -102.46 -34.28 21.73
CA GLN J 222 -103.85 -34.60 21.99
C GLN J 222 -104.08 -34.85 23.47
N LEU J 223 -103.18 -35.60 24.09
CA LEU J 223 -103.32 -35.91 25.51
C LEU J 223 -103.07 -34.66 26.35
N TYR J 224 -102.11 -33.84 25.94
CA TYR J 224 -101.88 -32.58 26.64
C TYR J 224 -103.12 -31.70 26.58
N PHE J 225 -103.75 -31.62 25.41
CA PHE J 225 -104.95 -30.82 25.23
C PHE J 225 -106.10 -31.39 26.06
N ASP J 226 -106.18 -32.72 26.13
CA ASP J 226 -107.22 -33.35 26.94
C ASP J 226 -107.05 -33.00 28.42
N LYS J 227 -105.81 -33.08 28.90
CA LYS J 227 -105.52 -32.65 30.27
C LYS J 227 -105.95 -31.20 30.48
N ILE J 228 -105.64 -30.34 29.51
CA ILE J 228 -105.96 -28.92 29.63
C ILE J 228 -107.46 -28.71 29.76
N VAL J 229 -108.22 -29.19 28.77
CA VAL J 229 -109.66 -28.99 28.78
C VAL J 229 -110.30 -29.61 30.01
N GLU J 230 -109.80 -30.78 30.44
CA GLU J 230 -110.41 -31.46 31.57
C GLU J 230 -110.15 -30.72 32.87
N VAL J 231 -108.96 -30.14 33.01
CA VAL J 231 -108.68 -29.34 34.20
C VAL J 231 -109.46 -28.03 34.13
N LEU J 232 -109.76 -27.54 32.93
CA LEU J 232 -110.58 -26.35 32.81
C LEU J 232 -112.01 -26.64 33.24
N LEU J 233 -112.69 -27.52 32.50
CA LEU J 233 -114.09 -27.83 32.76
C LEU J 233 -114.12 -28.81 33.93
N ASN J 234 -114.00 -28.26 35.14
CA ASN J 234 -114.03 -29.04 36.37
C ASN J 234 -115.27 -28.71 37.19
N GLN J 235 -115.44 -27.45 37.62
CA GLN J 235 -116.70 -26.89 38.11
C GLN J 235 -117.38 -27.79 39.16
N GLU J 236 -116.67 -28.06 40.25
CA GLU J 236 -117.22 -28.83 41.36
C GLU J 236 -117.41 -27.98 42.61
N GLU J 237 -116.34 -27.36 43.11
CA GLU J 237 -116.37 -26.59 44.36
C GLU J 237 -116.06 -25.13 44.07
N THR J 238 -116.03 -24.34 45.15
CA THR J 238 -115.68 -22.92 45.10
C THR J 238 -114.41 -22.59 45.88
N LYS J 239 -113.74 -23.60 46.45
CA LYS J 239 -112.59 -23.39 47.32
C LYS J 239 -111.28 -23.84 46.70
N GLU J 240 -111.29 -24.92 45.92
CA GLU J 240 -110.09 -25.57 45.42
C GLU J 240 -110.05 -25.75 43.92
N ALA J 241 -111.20 -25.78 43.25
CA ALA J 241 -111.22 -26.03 41.81
C ALA J 241 -110.57 -24.90 41.03
N GLU J 242 -110.90 -23.66 41.39
CA GLU J 242 -110.24 -22.52 40.76
C GLU J 242 -108.73 -22.58 41.01
N LEU J 243 -108.32 -22.97 42.20
CA LEU J 243 -106.91 -23.16 42.48
C LEU J 243 -106.34 -24.34 41.70
N LEU J 244 -107.17 -25.30 41.32
CA LEU J 244 -106.71 -26.47 40.59
C LEU J 244 -106.52 -26.17 39.10
N ARG J 245 -107.24 -25.17 38.56
CA ARG J 245 -107.18 -24.88 37.12
C ARG J 245 -106.40 -23.61 36.81
N ASN J 246 -106.28 -22.71 37.79
CA ASN J 246 -105.72 -21.40 37.51
C ASN J 246 -104.28 -21.48 37.04
N SER J 247 -103.56 -22.53 37.44
CA SER J 247 -102.15 -22.59 37.10
C SER J 247 -101.96 -23.12 35.68
N ALA J 248 -102.90 -23.93 35.18
CA ALA J 248 -102.88 -24.26 33.76
C ALA J 248 -103.28 -23.05 32.91
N LEU J 249 -104.25 -22.28 33.39
CA LEU J 249 -104.58 -21.00 32.77
C LEU J 249 -103.34 -20.12 32.64
N GLN J 250 -102.66 -19.92 33.77
CA GLN J 250 -101.46 -19.09 33.78
C GLN J 250 -100.27 -19.78 33.13
N SER J 251 -100.40 -21.07 32.81
CA SER J 251 -99.37 -21.76 32.03
C SER J 251 -99.51 -21.41 30.56
N VAL J 252 -100.71 -21.60 29.99
CA VAL J 252 -100.93 -21.26 28.60
C VAL J 252 -100.80 -19.75 28.40
N ARG J 253 -100.96 -18.97 29.47
CA ARG J 253 -100.53 -17.57 29.45
C ARG J 253 -99.11 -17.42 28.92
N ALA J 254 -98.21 -18.29 29.37
CA ALA J 254 -96.77 -18.14 29.10
C ALA J 254 -96.15 -19.51 28.95
N ASP J 255 -95.97 -19.94 27.71
CA ASP J 255 -95.28 -21.17 27.37
C ASP J 255 -95.12 -21.23 25.85
N PRO J 256 -94.14 -21.97 25.34
CA PRO J 256 -93.74 -21.82 23.94
C PRO J 256 -94.48 -22.77 23.01
N GLY J 257 -94.25 -22.56 21.71
CA GLY J 257 -94.64 -23.50 20.68
C GLY J 257 -96.12 -23.76 20.57
N LEU J 258 -96.95 -22.86 21.09
CA LEU J 258 -98.39 -23.07 21.04
C LEU J 258 -99.02 -22.70 19.71
N HIS J 259 -98.25 -22.20 18.74
CA HIS J 259 -98.86 -21.84 17.46
C HIS J 259 -99.22 -23.06 16.61
N GLN J 260 -99.10 -24.27 17.15
CA GLN J 260 -99.56 -25.47 16.45
C GLN J 260 -101.02 -25.78 16.80
N LEU J 261 -101.42 -25.56 18.05
CA LEU J 261 -102.73 -26.01 18.54
C LEU J 261 -103.70 -24.85 18.76
N VAL J 262 -103.46 -23.69 18.16
CA VAL J 262 -104.33 -22.54 18.39
C VAL J 262 -105.74 -22.81 17.84
N PRO J 263 -105.92 -23.17 16.57
CA PRO J 263 -107.29 -23.23 16.03
C PRO J 263 -108.15 -24.30 16.67
N TYR J 264 -107.58 -25.44 17.07
CA TYR J 264 -108.31 -26.38 17.90
C TYR J 264 -108.83 -25.70 19.16
N PHE J 265 -107.99 -24.89 19.79
CA PHE J 265 -108.40 -24.16 20.98
C PHE J 265 -109.54 -23.20 20.67
N ILE J 266 -109.47 -22.54 19.51
CA ILE J 266 -110.48 -21.58 19.11
C ILE J 266 -111.82 -22.27 18.89
N GLN J 267 -111.81 -23.38 18.17
CA GLN J 267 -113.04 -24.11 17.90
C GLN J 267 -113.63 -24.65 19.19
N PHE J 268 -112.79 -25.12 20.10
CA PHE J 268 -113.26 -25.61 21.39
C PHE J 268 -113.97 -24.51 22.16
N ILE J 269 -113.36 -23.33 22.25
CA ILE J 269 -113.98 -22.28 23.05
C ILE J 269 -115.25 -21.74 22.39
N SER J 270 -115.28 -21.66 21.05
CA SER J 270 -116.52 -21.28 20.39
C SER J 270 -117.62 -22.33 20.64
N GLU J 271 -117.25 -23.61 20.68
CA GLU J 271 -118.18 -24.65 21.08
C GLU J 271 -118.69 -24.40 22.50
N THR J 272 -117.81 -23.97 23.38
CA THR J 272 -118.22 -23.72 24.76
C THR J 272 -119.26 -22.62 24.82
N ILE J 273 -119.05 -21.54 24.06
CA ILE J 273 -120.00 -20.43 24.15
C ILE J 273 -121.33 -20.79 23.50
N THR J 274 -121.32 -21.52 22.37
CA THR J 274 -122.57 -21.85 21.72
C THR J 274 -123.30 -22.99 22.40
N LYS J 275 -122.63 -23.77 23.25
CA LYS J 275 -123.29 -24.88 23.93
C LYS J 275 -124.05 -24.40 25.16
N ASN J 276 -123.53 -23.40 25.85
CA ASN J 276 -124.07 -22.97 27.14
C ASN J 276 -124.03 -21.45 27.25
N LEU J 277 -125.03 -20.90 27.94
CA LEU J 277 -125.17 -19.47 28.18
C LEU J 277 -125.34 -19.11 29.65
N LYS J 278 -125.62 -20.11 30.51
CA LYS J 278 -126.07 -19.81 31.86
C LYS J 278 -124.92 -19.72 32.86
N ASN J 279 -123.93 -20.60 32.76
CA ASN J 279 -122.87 -20.67 33.77
C ASN J 279 -122.03 -19.41 33.75
N ILE J 280 -122.17 -18.59 34.80
CA ILE J 280 -121.24 -17.48 35.01
C ILE J 280 -119.81 -17.98 35.11
N SER J 281 -119.63 -19.19 35.64
CA SER J 281 -118.29 -19.73 35.85
C SER J 281 -117.55 -19.91 34.54
N LEU J 282 -118.21 -20.55 33.56
CA LEU J 282 -117.52 -20.90 32.32
C LEU J 282 -117.17 -19.65 31.51
N LEU J 283 -118.11 -18.72 31.42
CA LEU J 283 -117.85 -17.47 30.71
C LEU J 283 -116.78 -16.63 31.43
N SER J 284 -116.76 -16.66 32.76
CA SER J 284 -115.71 -15.94 33.49
C SER J 284 -114.35 -16.56 33.19
N THR J 285 -114.29 -17.89 33.23
CA THR J 285 -113.04 -18.58 32.93
C THR J 285 -112.58 -18.32 31.51
N MET J 286 -113.51 -18.21 30.57
CA MET J 286 -113.12 -17.95 29.20
C MET J 286 -112.65 -16.52 28.99
N LEU J 287 -113.29 -15.56 29.66
CA LEU J 287 -112.78 -14.19 29.61
C LEU J 287 -111.36 -14.14 30.15
N GLU J 288 -111.12 -14.79 31.28
CA GLU J 288 -109.78 -14.81 31.84
C GLU J 288 -108.81 -15.56 30.94
N LEU J 289 -109.28 -16.61 30.26
CA LEU J 289 -108.46 -17.32 29.28
C LEU J 289 -108.06 -16.42 28.12
N ILE J 290 -108.95 -15.54 27.68
CA ILE J 290 -108.61 -14.67 26.57
C ILE J 290 -107.69 -13.55 27.05
N TYR J 291 -107.81 -13.16 28.31
CA TYR J 291 -106.77 -12.31 28.90
C TYR J 291 -105.45 -13.04 28.95
N SER J 292 -105.50 -14.37 29.09
CA SER J 292 -104.27 -15.16 29.12
C SER J 292 -103.61 -15.21 27.74
N LEU J 293 -104.37 -15.63 26.72
CA LEU J 293 -103.83 -15.78 25.37
C LEU J 293 -103.29 -14.47 24.79
N LEU J 294 -103.70 -13.34 25.33
CA LEU J 294 -103.27 -12.04 24.85
C LEU J 294 -102.12 -11.45 25.64
N MET J 295 -101.84 -11.99 26.83
CA MET J 295 -100.64 -11.65 27.58
C MET J 295 -99.46 -12.53 27.21
N ASN J 296 -99.66 -13.52 26.34
CA ASN J 296 -98.55 -14.32 25.86
C ASN J 296 -97.64 -13.45 25.01
N GLU J 297 -96.38 -13.87 24.90
CA GLU J 297 -95.36 -13.16 24.15
C GLU J 297 -94.79 -13.98 23.00
N SER J 298 -95.02 -15.30 23.01
CA SER J 298 -94.55 -16.19 21.96
C SER J 298 -95.67 -16.62 21.02
N LEU J 299 -96.72 -15.81 20.90
CA LEU J 299 -97.89 -16.13 20.09
C LEU J 299 -98.21 -15.00 19.15
N PHE J 300 -98.44 -15.35 17.89
CA PHE J 300 -98.85 -14.41 16.86
C PHE J 300 -100.35 -14.58 16.64
N LEU J 301 -101.08 -13.47 16.65
CA LEU J 301 -102.52 -13.52 16.73
C LEU J 301 -103.19 -12.52 15.79
N GLU J 302 -102.52 -12.17 14.71
CA GLU J 302 -103.15 -11.52 13.58
C GLU J 302 -104.16 -12.40 12.87
N PRO J 303 -103.87 -13.69 12.60
CA PRO J 303 -104.77 -14.47 11.73
C PRO J 303 -106.16 -14.74 12.31
N TYR J 304 -106.34 -14.58 13.62
CA TYR J 304 -107.49 -15.12 14.31
C TYR J 304 -108.32 -14.08 15.06
N VAL J 305 -108.00 -12.80 14.93
CA VAL J 305 -108.82 -11.76 15.55
C VAL J 305 -110.23 -11.78 14.97
N HIS J 306 -110.35 -12.00 13.66
CA HIS J 306 -111.64 -11.99 13.01
C HIS J 306 -112.43 -13.26 13.28
N ALA J 307 -111.89 -14.17 14.08
CA ALA J 307 -112.63 -15.34 14.55
C ALA J 307 -112.82 -15.35 16.05
N ILE J 308 -112.08 -14.51 16.79
CA ILE J 308 -112.29 -14.40 18.25
C ILE J 308 -113.23 -13.26 18.63
N ILE J 309 -113.30 -12.19 17.84
CA ILE J 309 -114.26 -11.11 18.06
C ILE J 309 -115.68 -11.61 18.34
N PRO J 310 -116.23 -12.58 17.60
CA PRO J 310 -117.62 -12.96 17.85
C PRO J 310 -117.88 -13.49 19.23
N CYS J 311 -116.91 -14.16 19.84
CA CYS J 311 -117.10 -14.68 21.19
C CYS J 311 -117.28 -13.54 22.17
N ILE J 312 -116.38 -12.55 22.11
CA ILE J 312 -116.45 -11.42 23.02
C ILE J 312 -117.74 -10.66 22.81
N LEU J 313 -118.19 -10.53 21.57
CA LEU J 313 -119.39 -9.72 21.35
C LEU J 313 -120.65 -10.45 21.78
N THR J 314 -120.81 -11.72 21.38
CA THR J 314 -121.97 -12.49 21.79
C THR J 314 -122.01 -12.70 23.29
N LEU J 315 -120.86 -12.61 23.97
CA LEU J 315 -120.85 -12.61 25.43
C LEU J 315 -121.16 -11.24 26.01
N LEU J 316 -120.59 -10.18 25.44
CA LEU J 316 -120.72 -8.85 26.03
C LEU J 316 -122.14 -8.34 25.89
N LEU J 317 -122.80 -8.63 24.77
CA LEU J 317 -124.22 -8.34 24.71
C LEU J 317 -124.97 -9.21 25.73
N ALA J 318 -124.73 -10.51 25.71
CA ALA J 318 -125.33 -11.46 26.65
C ALA J 318 -126.86 -11.34 26.63
N LYS J 319 -127.44 -11.71 25.51
CA LYS J 319 -128.89 -11.68 25.35
C LYS J 319 -129.46 -12.94 25.99
N LYS J 320 -129.92 -12.81 27.22
CA LYS J 320 -130.34 -13.95 28.03
C LYS J 320 -131.83 -14.20 27.78
N ILE J 321 -132.16 -15.40 27.31
CA ILE J 321 -133.56 -15.77 27.18
C ILE J 321 -134.16 -16.05 28.55
N GLY J 322 -133.35 -16.53 29.50
CA GLY J 322 -133.78 -16.75 30.87
C GLY J 322 -133.26 -15.72 31.83
N ASN J 323 -132.21 -16.06 32.58
CA ASN J 323 -131.63 -15.19 33.60
C ASN J 323 -132.66 -14.82 34.67
N VAL J 324 -133.14 -15.85 35.36
CA VAL J 324 -134.15 -15.66 36.39
C VAL J 324 -133.56 -14.84 37.54
N ASP J 325 -134.45 -14.26 38.33
CA ASP J 325 -134.05 -13.50 39.51
C ASP J 325 -133.52 -14.48 40.56
N ASP J 326 -132.23 -14.34 40.89
CA ASP J 326 -131.56 -15.27 41.79
C ASP J 326 -130.60 -14.57 42.75
N GLU J 327 -130.68 -13.24 42.88
CA GLU J 327 -129.81 -12.38 43.68
C GLU J 327 -128.39 -12.28 43.10
N LEU J 328 -128.11 -12.92 41.97
CA LEU J 328 -126.84 -12.75 41.25
C LEU J 328 -127.06 -12.63 39.75
N GLN J 329 -128.29 -12.39 39.31
CA GLN J 329 -128.55 -12.14 37.89
C GLN J 329 -127.83 -10.89 37.38
N LYS J 330 -127.62 -9.91 38.25
CA LYS J 330 -126.96 -8.66 37.89
C LYS J 330 -125.91 -8.20 38.89
N GLN J 331 -125.77 -8.86 40.03
CA GLN J 331 -124.78 -8.41 41.02
C GLN J 331 -123.36 -8.59 40.50
N GLN J 332 -123.16 -9.48 39.53
CA GLN J 332 -121.86 -9.67 38.88
C GLN J 332 -121.96 -9.75 37.37
N GLN J 333 -123.14 -10.02 36.81
CA GLN J 333 -123.30 -10.02 35.36
C GLN J 333 -122.85 -8.70 34.76
N LEU J 334 -123.20 -7.60 35.43
CA LEU J 334 -122.64 -6.30 35.04
C LEU J 334 -121.12 -6.33 35.07
N ALA J 335 -120.54 -6.95 36.10
CA ALA J 335 -119.09 -7.00 36.22
C ALA J 335 -118.47 -7.87 35.13
N LEU J 336 -119.12 -8.98 34.80
CA LEU J 336 -118.62 -9.83 33.72
C LEU J 336 -118.65 -9.10 32.38
N ARG J 337 -119.77 -8.41 32.11
CA ARG J 337 -119.86 -7.58 30.92
C ARG J 337 -118.77 -6.52 30.92
N GLU J 338 -118.47 -5.95 32.08
CA GLU J 338 -117.41 -4.94 32.18
C GLU J 338 -116.05 -5.53 31.85
N LEU J 339 -115.78 -6.72 32.36
CA LEU J 339 -114.50 -7.38 32.08
C LEU J 339 -114.36 -7.65 30.60
N SER J 340 -115.43 -8.14 29.97
CA SER J 340 -115.40 -8.37 28.52
C SER J 340 -115.19 -7.06 27.77
N ALA J 341 -115.78 -5.96 28.25
CA ALA J 341 -115.61 -4.69 27.57
C ALA J 341 -114.16 -4.21 27.65
N SER J 342 -113.53 -4.39 28.81
CA SER J 342 -112.13 -4.01 28.94
C SER J 342 -111.24 -4.88 28.06
N LEU J 343 -111.55 -6.18 28.00
CA LEU J 343 -110.87 -7.07 27.07
C LEU J 343 -111.00 -6.57 25.64
N LEU J 344 -112.19 -6.11 25.28
CA LEU J 344 -112.42 -5.59 23.94
C LEU J 344 -111.56 -4.37 23.67
N GLU J 345 -111.51 -3.47 24.65
CA GLU J 345 -110.66 -2.30 24.53
C GLU J 345 -109.22 -2.70 24.26
N ARG J 346 -108.74 -3.73 24.99
CA ARG J 346 -107.38 -4.23 24.75
C ARG J 346 -107.22 -4.71 23.32
N VAL J 347 -108.17 -5.51 22.85
CA VAL J 347 -108.04 -6.13 21.53
C VAL J 347 -107.99 -5.07 20.44
N ILE J 348 -108.93 -4.11 20.49
CA ILE J 348 -108.94 -3.07 19.47
C ILE J 348 -107.71 -2.19 19.56
N GLU J 349 -107.21 -1.92 20.77
CA GLU J 349 -106.01 -1.11 20.89
C GLU J 349 -104.78 -1.83 20.38
N ASP J 350 -104.76 -3.16 20.41
CA ASP J 350 -103.61 -3.90 19.92
C ASP J 350 -103.66 -4.04 18.40
N PHE J 351 -104.67 -4.73 17.88
CA PHE J 351 -104.74 -5.06 16.46
C PHE J 351 -105.52 -4.02 15.67
N GLY J 352 -105.13 -2.76 15.83
CA GLY J 352 -105.73 -1.67 15.09
C GLY J 352 -104.83 -1.17 13.98
N SER J 353 -103.89 -2.02 13.53
CA SER J 353 -102.90 -1.63 12.54
C SER J 353 -102.85 -2.64 11.39
N SER J 354 -103.01 -3.93 11.70
CA SER J 354 -103.03 -4.95 10.67
C SER J 354 -104.38 -5.06 9.99
N TYR J 355 -105.42 -4.50 10.58
CA TYR J 355 -106.75 -4.45 9.99
C TYR J 355 -107.28 -3.02 10.13
N SER J 356 -108.15 -2.64 9.19
CA SER J 356 -108.91 -1.40 9.27
C SER J 356 -110.41 -1.64 9.40
N THR J 357 -110.89 -2.80 8.95
CA THR J 357 -112.31 -3.12 8.97
C THR J 357 -112.80 -3.63 10.33
N LEU J 358 -111.90 -3.86 11.28
CA LEU J 358 -112.33 -4.53 12.52
C LEU J 358 -113.09 -3.57 13.41
N LYS J 359 -112.40 -2.56 13.94
CA LYS J 359 -113.02 -1.56 14.81
C LYS J 359 -114.28 -0.93 14.21
N PRO J 360 -114.28 -0.55 12.90
CA PRO J 360 -115.49 -0.37 12.02
C PRO J 360 -116.53 -1.47 12.25
N ARG J 361 -116.19 -2.73 11.97
CA ARG J 361 -117.22 -3.80 12.08
C ARG J 361 -117.70 -3.88 13.52
N ILE J 362 -116.77 -3.81 14.48
CA ILE J 362 -117.19 -3.96 15.90
C ILE J 362 -118.14 -2.82 16.24
N THR J 363 -117.79 -1.59 15.85
CA THR J 363 -118.63 -0.43 16.23
C THR J 363 -120.01 -0.59 15.59
N ARG J 364 -120.04 -1.00 14.33
CA ARG J 364 -121.33 -1.14 13.61
C ARG J 364 -122.19 -2.21 14.28
N THR J 365 -121.60 -3.35 14.63
CA THR J 365 -122.40 -4.48 15.18
C THR J 365 -123.11 -3.99 16.44
N LEU J 366 -122.34 -3.38 17.34
CA LEU J 366 -122.80 -3.06 18.67
C LEU J 366 -123.88 -1.98 18.64
N LEU J 367 -123.72 -0.98 17.76
CA LEU J 367 -124.74 0.06 17.71
C LEU J 367 -126.01 -0.43 17.05
N ARG J 368 -125.91 -1.40 16.14
CA ARG J 368 -127.11 -2.01 15.60
C ARG J 368 -127.86 -2.79 16.66
N ALA J 369 -127.12 -3.50 17.52
CA ALA J 369 -127.76 -4.20 18.63
C ALA J 369 -128.17 -3.26 19.75
N PHE J 370 -127.72 -2.01 19.71
CA PHE J 370 -127.94 -1.09 20.82
C PHE J 370 -129.31 -0.42 20.73
N VAL J 371 -129.54 0.35 19.66
CA VAL J 371 -130.73 1.19 19.58
C VAL J 371 -132.03 0.42 19.50
N SER J 372 -131.98 -0.86 19.12
CA SER J 372 -133.20 -1.64 18.95
C SER J 372 -133.96 -1.73 20.26
N VAL J 373 -135.22 -1.29 20.24
CA VAL J 373 -136.03 -1.26 21.45
C VAL J 373 -136.30 -2.65 22.00
N ASN J 374 -136.19 -3.69 21.17
CA ASN J 374 -136.42 -5.07 21.62
C ASN J 374 -135.13 -5.69 22.14
N ASN J 375 -134.48 -4.96 23.04
CA ASN J 375 -133.42 -5.55 23.85
C ASN J 375 -133.97 -6.63 24.77
N THR J 376 -135.21 -6.48 25.21
CA THR J 376 -135.89 -7.44 26.08
C THR J 376 -135.24 -7.57 27.46
N THR J 377 -134.28 -6.70 27.79
CA THR J 377 -133.60 -6.73 29.08
C THR J 377 -132.71 -5.48 29.18
N PRO J 378 -132.56 -4.87 30.36
CA PRO J 378 -131.63 -3.74 30.46
C PRO J 378 -130.17 -4.12 30.41
N GLY J 379 -129.81 -5.35 30.78
CA GLY J 379 -128.42 -5.69 30.93
C GLY J 379 -127.64 -5.68 29.64
N THR J 380 -128.26 -6.10 28.53
CA THR J 380 -127.58 -6.07 27.24
C THR J 380 -127.28 -4.63 26.84
N GLN J 381 -128.25 -3.74 27.02
CA GLN J 381 -128.02 -2.34 26.72
C GLN J 381 -126.97 -1.74 27.65
N TYR J 382 -126.93 -2.19 28.90
CA TYR J 382 -125.90 -1.72 29.82
C TYR J 382 -124.53 -2.15 29.34
N GLY J 383 -124.40 -3.39 28.89
CA GLY J 383 -123.15 -3.85 28.33
C GLY J 383 -122.73 -3.04 27.12
N ALA J 384 -123.70 -2.74 26.25
CA ALA J 384 -123.42 -1.88 25.10
C ALA J 384 -122.92 -0.52 25.55
N LEU J 385 -123.57 0.06 26.56
CA LEU J 385 -123.22 1.38 27.04
C LEU J 385 -121.81 1.39 27.62
N LEU J 386 -121.49 0.41 28.46
CA LEU J 386 -120.19 0.39 29.12
C LEU J 386 -119.08 -0.08 28.20
N GLY J 387 -119.42 -0.78 27.11
CA GLY J 387 -118.40 -1.10 26.11
C GLY J 387 -118.10 0.08 25.22
N LEU J 388 -119.14 0.80 24.79
CA LEU J 388 -118.94 2.04 24.07
C LEU J 388 -118.23 3.07 24.93
N ARG J 389 -118.42 3.00 26.25
CA ARG J 389 -117.78 3.93 27.16
C ARG J 389 -116.26 3.85 27.02
N GLY J 390 -115.71 2.65 27.00
CA GLY J 390 -114.28 2.45 26.92
C GLY J 390 -113.79 2.32 25.50
N LEU J 391 -114.27 3.19 24.61
CA LEU J 391 -113.89 3.19 23.21
C LEU J 391 -113.17 4.46 22.80
N GLY J 392 -113.75 5.62 23.08
CA GLY J 392 -113.18 6.87 22.60
C GLY J 392 -113.84 8.09 23.19
N SER J 393 -114.09 9.10 22.34
CA SER J 393 -114.57 10.40 22.80
C SER J 393 -115.71 10.99 21.97
N GLU J 394 -115.89 10.58 20.72
CA GLU J 394 -116.68 11.33 19.75
C GLU J 394 -117.81 10.55 19.11
N VAL J 395 -117.64 9.25 18.82
CA VAL J 395 -118.70 8.50 18.18
C VAL J 395 -119.91 8.35 19.08
N ILE J 396 -119.72 8.48 20.39
CA ILE J 396 -120.84 8.54 21.32
C ILE J 396 -121.70 9.77 21.03
N ARG J 397 -121.09 10.96 21.11
CA ARG J 397 -121.86 12.20 21.14
C ARG J 397 -122.47 12.55 19.79
N ILE J 398 -122.01 11.94 18.70
CA ILE J 398 -122.51 12.32 17.38
C ILE J 398 -123.89 11.73 17.13
N VAL J 399 -124.14 10.49 17.58
CA VAL J 399 -125.31 9.73 17.16
C VAL J 399 -126.15 9.27 18.33
N VAL J 400 -125.53 9.10 19.50
CA VAL J 400 -126.18 8.38 20.59
C VAL J 400 -127.06 9.27 21.45
N LEU J 401 -126.91 10.59 21.39
CA LEU J 401 -127.71 11.49 22.22
C LEU J 401 -129.19 11.36 21.87
N GLY J 402 -129.54 11.39 20.58
CA GLY J 402 -130.93 11.25 20.19
C GLY J 402 -131.51 9.91 20.58
N ASN J 403 -130.69 8.86 20.51
CA ASN J 403 -131.20 7.54 20.81
C ASN J 403 -131.36 7.31 22.31
N VAL J 404 -130.51 7.93 23.12
CA VAL J 404 -130.74 7.84 24.56
C VAL J 404 -131.99 8.62 24.92
N ILE J 405 -132.23 9.75 24.24
CA ILE J 405 -133.51 10.44 24.43
C ILE J 405 -134.67 9.54 24.04
N ASN J 406 -134.52 8.81 22.93
CA ASN J 406 -135.56 7.92 22.47
C ASN J 406 -135.90 6.87 23.52
N TRP J 407 -134.95 5.99 23.85
CA TRP J 407 -135.29 4.92 24.78
C TRP J 407 -135.29 5.37 26.24
N SER J 408 -135.06 6.65 26.52
CA SER J 408 -135.48 7.21 27.80
C SER J 408 -136.97 7.57 27.75
N SER J 409 -137.45 8.00 26.58
CA SER J 409 -138.88 8.08 26.37
C SER J 409 -139.54 6.72 26.51
N THR J 410 -138.86 5.65 26.11
CA THR J 410 -139.46 4.32 26.22
C THR J 410 -139.25 3.69 27.59
N PHE J 411 -138.00 3.63 28.06
CA PHE J 411 -137.68 2.88 29.28
C PHE J 411 -138.42 3.44 30.49
N LEU J 412 -138.48 2.61 31.54
CA LEU J 412 -139.37 2.84 32.68
C LEU J 412 -138.71 2.48 34.02
N GLU J 413 -137.43 2.14 34.02
CA GLU J 413 -136.80 1.61 35.24
C GLU J 413 -136.61 2.71 36.27
N LYS J 414 -136.33 2.28 37.50
CA LYS J 414 -136.16 3.18 38.64
C LYS J 414 -134.69 3.34 39.01
N LEU J 415 -133.96 2.25 39.17
CA LEU J 415 -132.61 2.28 39.74
C LEU J 415 -131.51 2.15 38.70
N GLN J 416 -131.64 1.24 37.73
CA GLN J 416 -130.61 1.13 36.71
C GLN J 416 -130.61 2.36 35.81
N GLN J 417 -131.75 3.06 35.71
CA GLN J 417 -131.74 4.36 35.07
C GLN J 417 -130.83 5.33 35.81
N GLU J 418 -130.83 5.27 37.15
CA GLU J 418 -129.96 6.14 37.92
C GLU J 418 -128.49 5.81 37.68
N ASP J 419 -128.15 4.52 37.71
CA ASP J 419 -126.78 4.11 37.42
C ASP J 419 -126.38 4.55 36.02
N GLN J 420 -127.30 4.40 35.07
CA GLN J 420 -127.05 4.80 33.69
C GLN J 420 -126.73 6.29 33.59
N VAL J 421 -127.63 7.13 34.11
CA VAL J 421 -127.43 8.56 33.98
C VAL J 421 -126.22 9.05 34.78
N PHE J 422 -125.87 8.38 35.89
CA PHE J 422 -124.71 8.82 36.65
C PHE J 422 -123.40 8.40 35.99
N LEU J 423 -123.33 7.18 35.45
CA LEU J 423 -122.12 6.83 34.71
C LEU J 423 -122.03 7.64 33.42
N ILE J 424 -123.16 8.07 32.86
CA ILE J 424 -123.12 8.99 31.73
C ILE J 424 -122.70 10.38 32.17
N ASP J 425 -123.01 10.76 33.41
CA ASP J 425 -122.52 12.02 33.94
C ASP J 425 -121.00 12.00 34.02
N THR J 426 -120.44 10.93 34.59
CA THR J 426 -118.99 10.77 34.59
C THR J 426 -118.44 10.69 33.17
N LEU J 427 -119.22 10.10 32.25
CA LEU J 427 -118.83 10.03 30.85
C LEU J 427 -118.64 11.42 30.26
N ILE J 428 -119.67 12.26 30.35
CA ILE J 428 -119.55 13.61 29.81
C ILE J 428 -118.55 14.42 30.61
N GLU J 429 -118.27 14.03 31.86
CA GLU J 429 -117.21 14.69 32.61
C GLU J 429 -115.84 14.39 32.02
N THR J 430 -115.59 13.14 31.62
CA THR J 430 -114.32 12.85 30.95
C THR J 430 -114.30 13.35 29.52
N LEU J 431 -115.45 13.73 28.96
CA LEU J 431 -115.51 14.42 27.68
C LEU J 431 -115.45 15.94 27.84
N ARG J 432 -115.33 16.45 29.07
CA ARG J 432 -115.38 17.89 29.29
C ARG J 432 -114.11 18.58 28.80
N VAL J 433 -112.94 18.12 29.25
CA VAL J 433 -111.69 18.78 28.92
C VAL J 433 -111.33 18.63 27.44
N LEU J 434 -112.00 17.76 26.70
CA LEU J 434 -111.73 17.56 25.28
C LEU J 434 -113.03 17.36 24.51
N ILE J 450 -119.67 22.92 22.74
CA ILE J 450 -120.66 21.89 22.44
C ILE J 450 -121.78 21.94 23.46
N ASP J 451 -122.91 21.31 23.14
CA ASP J 451 -124.03 21.25 24.08
C ASP J 451 -123.64 20.50 25.34
N ASN J 452 -123.16 19.26 25.18
CA ASN J 452 -122.64 18.53 26.32
C ASN J 452 -121.40 19.21 26.89
N GLU J 453 -120.65 19.93 26.06
CA GLU J 453 -119.49 20.67 26.55
C GLU J 453 -119.91 21.71 27.59
N ARG J 454 -120.94 22.51 27.28
CA ARG J 454 -121.44 23.47 28.25
C ARG J 454 -122.16 22.78 29.40
N LEU J 455 -122.80 21.63 29.13
CA LEU J 455 -123.52 20.92 30.19
C LEU J 455 -122.55 20.39 31.25
N LYS J 456 -121.35 19.98 30.85
CA LYS J 456 -120.34 19.52 31.78
C LYS J 456 -119.55 20.67 32.38
N GLN J 457 -119.05 21.58 31.55
CA GLN J 457 -118.33 22.75 32.06
C GLN J 457 -119.24 23.63 32.90
N ARG J 458 -120.29 24.16 32.28
CA ARG J 458 -121.29 24.95 32.98
C ARG J 458 -122.39 24.02 33.48
N VAL J 459 -123.42 24.59 34.10
CA VAL J 459 -124.55 23.81 34.55
C VAL J 459 -125.47 23.47 33.37
N GLY J 460 -125.56 24.36 32.39
CA GLY J 460 -126.45 24.14 31.27
C GLY J 460 -127.91 24.24 31.64
N ASP J 461 -128.26 25.20 32.51
CA ASP J 461 -129.61 25.33 33.01
C ASP J 461 -130.53 25.80 31.88
N LEU J 462 -131.36 24.90 31.38
CA LEU J 462 -132.34 25.20 30.34
C LEU J 462 -131.69 25.69 29.05
N ILE J 463 -130.43 25.32 28.82
CA ILE J 463 -129.72 25.65 27.59
C ILE J 463 -129.34 24.34 26.92
N ALA J 464 -128.52 23.54 27.60
CA ALA J 464 -128.24 22.18 27.15
C ALA J 464 -129.31 21.21 27.64
N ASP J 465 -129.99 21.53 28.74
CA ASP J 465 -131.06 20.67 29.24
C ASP J 465 -132.32 20.79 28.39
N ARG J 466 -132.79 22.02 28.16
CA ARG J 466 -133.94 22.23 27.30
C ARG J 466 -133.69 21.77 25.87
N ILE J 467 -132.44 21.70 25.44
CA ILE J 467 -132.09 21.29 24.08
C ILE J 467 -131.73 19.80 24.04
N GLN J 468 -130.83 19.36 24.91
CA GLN J 468 -130.24 18.03 24.84
C GLN J 468 -130.81 17.04 25.85
N ALA J 469 -131.53 17.51 26.87
CA ALA J 469 -132.09 16.64 27.90
C ALA J 469 -133.60 16.53 27.75
N CYS J 470 -134.15 15.43 28.25
CA CYS J 470 -135.59 15.20 28.20
C CYS J 470 -135.90 13.95 29.03
N ASP J 471 -137.17 13.58 29.06
CA ASP J 471 -137.66 12.37 29.73
C ASP J 471 -137.56 12.45 31.25
N ASP J 472 -137.23 13.62 31.81
CA ASP J 472 -137.12 13.83 33.25
C ASP J 472 -136.01 13.00 33.89
N ALA J 473 -135.13 12.40 33.09
CA ALA J 473 -134.02 11.58 33.58
C ALA J 473 -132.69 12.31 33.51
N GLN J 474 -132.36 12.86 32.35
CA GLN J 474 -131.16 13.70 32.25
C GLN J 474 -131.27 14.94 33.12
N ASP J 475 -132.48 15.40 33.42
CA ASP J 475 -132.64 16.51 34.36
C ASP J 475 -132.23 16.10 35.76
N ILE J 476 -132.48 14.86 36.15
CA ILE J 476 -132.06 14.38 37.46
C ILE J 476 -130.54 14.39 37.57
N TYR J 477 -129.85 13.95 36.51
CA TYR J 477 -128.40 13.97 36.52
C TYR J 477 -127.86 15.39 36.44
N TRP J 478 -128.56 16.27 35.74
CA TRP J 478 -128.16 17.67 35.69
C TRP J 478 -128.25 18.31 37.07
N GLY J 479 -129.33 18.02 37.80
CA GLY J 479 -129.40 18.40 39.20
C GLY J 479 -128.38 17.71 40.07
N ILE J 480 -127.92 16.53 39.66
CA ILE J 480 -126.88 15.82 40.41
C ILE J 480 -125.56 16.56 40.30
N PHE J 481 -125.20 17.00 39.10
CA PHE J 481 -123.94 17.69 38.88
C PHE J 481 -123.99 18.41 37.53
N PHE J 482 -122.98 19.25 37.30
CA PHE J 482 -122.86 20.00 36.07
C PHE J 482 -121.96 19.27 35.08
N VAL K 12 -61.37 -13.87 -25.73
CA VAL K 12 -60.87 -15.16 -26.17
C VAL K 12 -61.74 -16.28 -25.59
N ARG K 13 -62.07 -17.25 -26.45
CA ARG K 13 -62.91 -18.36 -26.04
C ARG K 13 -62.21 -19.24 -25.02
N LEU K 14 -60.89 -19.37 -25.13
CA LEU K 14 -60.13 -20.13 -24.15
C LEU K 14 -60.20 -19.50 -22.78
N LEU K 15 -60.37 -18.19 -22.70
CA LEU K 15 -60.55 -17.59 -21.39
C LEU K 15 -61.87 -18.00 -20.77
N HIS K 16 -62.92 -18.14 -21.58
CA HIS K 16 -64.16 -18.72 -21.06
C HIS K 16 -63.94 -20.15 -20.62
N LEU K 17 -63.14 -20.89 -21.39
CA LEU K 17 -62.82 -22.26 -21.02
C LEU K 17 -62.10 -22.33 -19.67
N ILE K 18 -61.29 -21.31 -19.38
CA ILE K 18 -60.57 -21.28 -18.11
C ILE K 18 -61.50 -20.84 -16.99
N PHE K 19 -62.44 -19.94 -17.30
CA PHE K 19 -63.47 -19.59 -16.33
C PHE K 19 -64.25 -20.82 -15.91
N ALA K 20 -64.43 -21.77 -16.83
CA ALA K 20 -65.23 -22.94 -16.51
C ALA K 20 -64.63 -23.78 -15.38
N THR K 21 -63.35 -23.60 -15.08
CA THR K 21 -62.72 -24.41 -14.03
C THR K 21 -63.19 -24.05 -12.63
N GLN K 22 -63.71 -22.84 -12.42
CA GLN K 22 -64.05 -22.34 -11.10
C GLN K 22 -65.54 -22.10 -10.89
N ASN K 23 -66.38 -22.54 -11.83
CA ASN K 23 -67.84 -22.50 -11.66
C ASN K 23 -68.34 -21.06 -11.56
N ILE K 24 -67.99 -20.26 -12.57
CA ILE K 24 -68.24 -18.82 -12.57
C ILE K 24 -68.91 -18.34 -13.85
N TYR K 25 -69.78 -19.17 -14.45
CA TYR K 25 -70.30 -18.87 -15.77
C TYR K 25 -71.29 -17.72 -15.76
N SER K 26 -70.86 -16.54 -15.31
CA SER K 26 -71.74 -15.38 -15.21
C SER K 26 -71.00 -14.09 -15.54
N TYR K 27 -70.01 -14.17 -16.41
CA TYR K 27 -69.12 -13.04 -16.68
C TYR K 27 -69.89 -11.88 -17.30
N GLN K 28 -69.16 -10.79 -17.53
CA GLN K 28 -69.67 -9.55 -18.09
C GLN K 28 -68.96 -9.17 -19.39
N ASP K 29 -68.00 -9.98 -19.84
CA ASP K 29 -67.37 -9.88 -21.15
C ASP K 29 -66.33 -8.77 -21.26
N HIS K 30 -66.20 -7.94 -20.23
CA HIS K 30 -65.07 -7.02 -20.13
C HIS K 30 -63.89 -7.67 -19.44
N VAL K 31 -64.15 -8.63 -18.55
CA VAL K 31 -63.10 -9.33 -17.81
C VAL K 31 -62.07 -10.00 -18.72
N PRO K 32 -62.42 -10.63 -19.85
CA PRO K 32 -61.36 -11.34 -20.58
C PRO K 32 -60.40 -10.40 -21.24
N LEU K 33 -60.92 -9.33 -21.84
CA LEU K 33 -60.11 -8.23 -22.35
C LEU K 33 -59.15 -7.75 -21.28
N GLN K 34 -59.67 -7.56 -20.07
CA GLN K 34 -58.93 -6.89 -19.02
C GLN K 34 -57.83 -7.79 -18.48
N LEU K 35 -58.16 -9.03 -18.17
CA LEU K 35 -57.16 -9.96 -17.66
C LEU K 35 -56.12 -10.32 -18.71
N MET K 36 -56.48 -10.38 -20.00
CA MET K 36 -55.48 -10.62 -21.04
C MET K 36 -54.55 -9.42 -21.18
N ASP K 37 -55.10 -8.20 -21.23
CA ASP K 37 -54.29 -6.99 -21.15
C ASP K 37 -53.33 -7.05 -19.98
N PHE K 38 -53.84 -7.47 -18.82
CA PHE K 38 -53.00 -7.55 -17.64
C PHE K 38 -51.84 -8.50 -17.83
N ALA K 39 -52.11 -9.72 -18.29
CA ALA K 39 -51.06 -10.71 -18.41
C ALA K 39 -50.02 -10.26 -19.43
N TYR K 40 -50.46 -9.56 -20.47
CA TYR K 40 -49.52 -9.00 -21.43
C TYR K 40 -48.58 -8.01 -20.76
N ARG K 41 -49.14 -7.05 -20.03
CA ARG K 41 -48.33 -6.07 -19.29
C ARG K 41 -47.34 -6.76 -18.37
N TYR K 42 -47.84 -7.72 -17.59
CA TYR K 42 -47.02 -8.42 -16.62
C TYR K 42 -45.86 -9.14 -17.27
N THR K 43 -46.13 -9.93 -18.30
CA THR K 43 -45.06 -10.71 -18.90
C THR K 43 -44.08 -9.83 -19.65
N THR K 44 -44.56 -8.72 -20.24
CA THR K 44 -43.64 -7.74 -20.81
C THR K 44 -42.61 -7.30 -19.80
N GLY K 45 -43.07 -6.82 -18.64
CA GLY K 45 -42.13 -6.39 -17.62
C GLY K 45 -41.21 -7.51 -17.18
N THR K 46 -41.75 -8.72 -17.04
CA THR K 46 -40.99 -9.86 -16.58
C THR K 46 -39.83 -10.19 -17.51
N LEU K 47 -40.14 -10.53 -18.77
CA LEU K 47 -39.10 -10.87 -19.71
C LEU K 47 -38.31 -9.66 -20.20
N GLN K 48 -38.67 -8.45 -19.74
CA GLN K 48 -37.78 -7.31 -19.92
C GLN K 48 -36.65 -7.31 -18.91
N ASP K 49 -36.99 -7.33 -17.62
CA ASP K 49 -35.91 -7.33 -16.64
C ASP K 49 -35.12 -8.64 -16.65
N ALA K 50 -35.71 -9.74 -17.11
CA ALA K 50 -34.90 -10.94 -17.29
C ALA K 50 -33.88 -10.76 -18.40
N THR K 51 -34.23 -9.99 -19.43
CA THR K 51 -33.26 -9.70 -20.48
C THR K 51 -32.14 -8.83 -19.91
N ILE K 52 -32.47 -7.88 -19.03
CA ILE K 52 -31.44 -7.12 -18.35
C ILE K 52 -30.48 -8.06 -17.63
N TYR K 53 -31.01 -9.08 -16.96
CA TYR K 53 -30.12 -9.94 -16.20
C TYR K 53 -29.28 -10.82 -17.11
N SER K 54 -29.84 -11.23 -18.24
CA SER K 54 -29.06 -11.95 -19.25
C SER K 54 -27.92 -11.08 -19.77
N ASP K 55 -28.15 -9.78 -19.89
CA ASP K 55 -27.06 -8.87 -20.21
C ASP K 55 -26.03 -8.84 -19.09
N HIS K 56 -26.51 -8.84 -17.85
CA HIS K 56 -25.62 -8.75 -16.69
C HIS K 56 -24.65 -9.92 -16.66
N ALA K 57 -25.11 -11.13 -16.96
CA ALA K 57 -24.17 -12.25 -17.05
C ALA K 57 -23.17 -12.07 -18.18
N HIS K 58 -23.51 -11.28 -19.20
CA HIS K 58 -22.66 -11.10 -20.37
C HIS K 58 -21.77 -9.88 -20.13
N ALA K 59 -20.76 -10.06 -19.29
CA ALA K 59 -19.81 -8.99 -18.98
C ALA K 59 -18.72 -8.91 -20.05
N SER K 65 -25.68 -2.59 -19.84
CA SER K 65 -24.25 -2.54 -19.55
C SER K 65 -23.78 -1.08 -19.49
N ASN K 66 -22.47 -0.87 -19.54
CA ASN K 66 -21.88 0.45 -19.41
C ASN K 66 -21.94 1.17 -20.75
N ALA K 67 -21.21 2.29 -20.87
CA ALA K 67 -21.22 3.12 -22.07
C ALA K 67 -20.25 2.57 -23.12
N GLY K 68 -20.45 1.31 -23.47
CA GLY K 68 -19.68 0.64 -24.49
C GLY K 68 -18.58 -0.21 -23.89
N ASN K 69 -18.87 -1.49 -23.71
CA ASN K 69 -17.86 -2.48 -23.30
C ASN K 69 -17.91 -3.78 -24.09
N ALA K 70 -19.07 -4.19 -24.60
CA ALA K 70 -19.23 -5.46 -25.28
C ALA K 70 -20.59 -5.45 -25.97
N GLY K 71 -20.99 -6.60 -26.50
CA GLY K 71 -22.25 -6.73 -27.21
C GLY K 71 -23.39 -7.18 -26.31
N THR K 72 -24.55 -7.36 -26.95
CA THR K 72 -25.78 -7.78 -26.28
C THR K 72 -26.44 -8.85 -27.13
N ASN K 73 -26.32 -10.11 -26.71
CA ASN K 73 -26.86 -11.25 -27.42
C ASN K 73 -27.79 -12.00 -26.48
N ALA K 74 -28.94 -12.43 -27.00
CA ALA K 74 -30.03 -12.92 -26.18
C ALA K 74 -30.15 -14.44 -26.24
N GLN K 75 -30.26 -15.06 -25.06
CA GLN K 75 -30.64 -16.46 -24.91
C GLN K 75 -31.89 -16.63 -24.05
N LEU K 76 -31.93 -16.01 -22.87
CA LEU K 76 -33.10 -15.98 -22.00
C LEU K 76 -33.53 -17.40 -21.58
N THR K 77 -32.65 -18.02 -20.80
CA THR K 77 -32.98 -19.28 -20.16
C THR K 77 -34.04 -19.06 -19.09
N THR K 78 -34.41 -20.16 -18.42
CA THR K 78 -35.46 -20.11 -17.41
C THR K 78 -35.00 -19.46 -16.11
N GLU K 79 -33.71 -19.56 -15.78
CA GLU K 79 -33.21 -19.00 -14.54
C GLU K 79 -33.40 -17.49 -14.50
N ASP K 80 -33.18 -16.81 -15.62
CA ASP K 80 -33.35 -15.37 -15.66
C ASP K 80 -34.79 -14.98 -15.41
N ILE K 81 -35.72 -15.72 -16.00
CA ILE K 81 -37.14 -15.49 -15.79
C ILE K 81 -37.49 -15.70 -14.33
N ARG K 82 -36.92 -16.73 -13.72
CA ARG K 82 -37.14 -16.99 -12.31
C ARG K 82 -36.66 -15.81 -11.47
N LEU K 83 -35.51 -15.24 -11.84
CA LEU K 83 -35.03 -14.05 -11.14
C LEU K 83 -35.99 -12.89 -11.30
N ALA K 84 -36.39 -12.61 -12.54
CA ALA K 84 -37.26 -11.48 -12.81
C ALA K 84 -38.63 -11.61 -12.16
N ILE K 85 -39.06 -12.82 -11.85
CA ILE K 85 -40.34 -13.01 -11.19
C ILE K 85 -40.20 -12.95 -9.67
N ALA K 86 -39.10 -13.44 -9.12
CA ALA K 86 -38.96 -13.43 -7.68
C ALA K 86 -38.83 -12.01 -7.15
N ALA K 87 -38.28 -11.10 -7.96
CA ALA K 87 -38.21 -9.71 -7.56
C ALA K 87 -39.60 -9.09 -7.50
N ARG K 88 -40.44 -9.39 -8.49
CA ARG K 88 -41.81 -8.91 -8.47
C ARG K 88 -42.55 -9.41 -7.26
N THR K 89 -42.57 -10.72 -7.03
CA THR K 89 -43.26 -11.24 -5.86
C THR K 89 -42.57 -10.87 -4.55
N ASN K 90 -41.41 -10.22 -4.60
CA ASN K 90 -40.84 -9.64 -3.40
C ASN K 90 -41.71 -8.54 -2.82
N TYR K 91 -42.55 -7.90 -3.63
CA TYR K 91 -43.42 -6.82 -3.20
C TYR K 91 -44.82 -6.89 -3.78
N GLN K 92 -45.31 -8.08 -4.12
CA GLN K 92 -46.58 -8.24 -4.80
C GLN K 92 -47.13 -9.62 -4.47
N PHE K 93 -48.24 -9.99 -5.11
CA PHE K 93 -48.66 -11.38 -5.26
C PHE K 93 -48.73 -12.12 -3.93
N LYS K 94 -49.85 -11.93 -3.24
CA LYS K 94 -50.15 -12.44 -1.90
C LYS K 94 -49.54 -13.82 -1.69
N PRO K 95 -48.57 -13.97 -0.79
CA PRO K 95 -47.79 -15.19 -0.74
C PRO K 95 -48.46 -16.28 0.04
N VAL K 96 -47.74 -17.37 0.30
CA VAL K 96 -48.24 -18.49 1.08
C VAL K 96 -48.72 -17.96 2.42
N PRO K 97 -49.72 -18.57 3.07
CA PRO K 97 -50.20 -18.05 4.35
C PRO K 97 -49.09 -17.98 5.38
N PRO K 98 -48.69 -16.77 5.80
CA PRO K 98 -47.61 -16.69 6.78
C PRO K 98 -48.11 -16.98 8.18
N LYS K 99 -48.38 -18.25 8.46
CA LYS K 99 -49.06 -18.60 9.70
C LYS K 99 -48.17 -18.37 10.91
N GLU K 100 -46.93 -18.83 10.86
CA GLU K 100 -46.08 -18.87 12.04
C GLU K 100 -45.81 -17.47 12.57
N LEU K 101 -45.46 -16.56 11.66
CA LEU K 101 -45.36 -15.14 11.98
C LEU K 101 -46.58 -14.67 12.76
N LEU K 102 -47.77 -14.94 12.24
CA LEU K 102 -49.00 -14.47 12.87
C LEU K 102 -49.21 -15.12 14.22
N LEU K 103 -48.90 -16.40 14.34
CA LEU K 103 -49.08 -17.11 15.60
C LEU K 103 -48.22 -16.48 16.70
N GLU K 104 -46.95 -16.23 16.41
CA GLU K 104 -46.08 -15.70 17.43
C GLU K 104 -46.43 -14.24 17.74
N LEU K 105 -46.73 -13.49 16.68
CA LEU K 105 -47.14 -12.10 16.84
C LEU K 105 -48.39 -11.97 17.69
N ALA K 106 -49.34 -12.87 17.47
CA ALA K 106 -50.59 -12.83 18.19
C ALA K 106 -50.43 -13.33 19.61
N ALA K 107 -49.52 -14.27 19.84
CA ALA K 107 -49.18 -14.64 21.20
C ALA K 107 -48.57 -13.46 21.94
N GLU K 108 -47.79 -12.64 21.25
CA GLU K 108 -47.28 -11.42 21.86
C GLU K 108 -48.42 -10.47 22.22
N ARG K 109 -49.41 -10.32 21.35
CA ARG K 109 -50.60 -9.57 21.75
C ARG K 109 -51.41 -10.32 22.78
N ASN K 110 -51.59 -11.63 22.61
CA ASN K 110 -52.47 -12.41 23.47
C ASN K 110 -51.75 -12.79 24.78
N LYS K 111 -51.24 -11.77 25.45
CA LYS K 111 -50.34 -11.91 26.58
C LYS K 111 -50.76 -11.10 27.79
N LYS K 112 -51.28 -9.90 27.56
CA LYS K 112 -51.64 -9.00 28.64
C LYS K 112 -53.13 -9.08 28.91
N PRO K 113 -53.54 -8.94 30.17
CA PRO K 113 -54.87 -9.40 30.57
C PRO K 113 -55.96 -8.50 30.01
N LEU K 114 -57.18 -9.02 30.13
CA LEU K 114 -58.37 -8.23 29.86
C LEU K 114 -58.48 -7.13 30.92
N PRO K 115 -59.32 -6.11 30.69
CA PRO K 115 -59.50 -5.09 31.73
C PRO K 115 -60.11 -5.64 33.00
N ALA K 116 -61.02 -6.61 32.88
CA ALA K 116 -61.75 -7.17 34.02
C ALA K 116 -62.44 -6.06 34.82
N VAL K 117 -63.39 -5.39 34.18
CA VAL K 117 -64.10 -4.27 34.76
C VAL K 117 -65.60 -4.40 34.46
N ILE K 118 -66.37 -3.49 35.05
CA ILE K 118 -67.83 -3.46 34.88
C ILE K 118 -68.27 -2.03 34.57
N PRO K 119 -68.56 -1.70 33.31
CA PRO K 119 -69.23 -0.42 33.04
C PRO K 119 -70.67 -0.34 33.46
N THR K 120 -71.27 -1.42 33.98
CA THR K 120 -72.59 -1.37 34.58
C THR K 120 -73.66 -0.93 33.57
N TRP K 121 -73.86 -1.81 32.58
CA TRP K 121 -75.05 -1.81 31.74
C TRP K 121 -75.20 -0.52 30.95
N GLY K 122 -74.30 -0.34 29.99
CA GLY K 122 -74.40 0.77 29.08
C GLY K 122 -73.50 0.52 27.89
N ILE K 123 -72.80 1.56 27.48
CA ILE K 123 -71.62 1.42 26.64
C ILE K 123 -70.54 2.20 27.35
N ARG K 124 -69.32 1.71 27.29
CA ARG K 124 -68.17 2.44 27.80
C ARG K 124 -67.39 2.95 26.60
N LEU K 125 -67.32 4.26 26.44
CA LEU K 125 -66.61 4.85 25.32
C LEU K 125 -65.19 5.18 25.68
N PRO K 126 -64.32 5.38 24.69
CA PRO K 126 -63.05 6.00 24.96
C PRO K 126 -63.25 7.38 25.54
N PRO K 127 -62.25 7.92 26.21
CA PRO K 127 -62.40 9.27 26.73
C PRO K 127 -62.45 10.28 25.60
N GLU K 128 -63.28 11.29 25.79
CA GLU K 128 -63.23 12.45 24.90
C GLU K 128 -61.80 12.97 24.87
N LYS K 129 -61.41 13.45 23.69
CA LYS K 129 -60.06 13.63 23.16
C LYS K 129 -59.51 12.36 22.55
N TYR K 130 -60.20 11.23 22.65
CA TYR K 130 -60.05 10.10 21.74
C TYR K 130 -61.32 9.80 20.98
N CYS K 131 -62.45 10.28 21.49
CA CYS K 131 -63.69 10.23 20.74
C CYS K 131 -63.71 11.34 19.72
N LEU K 132 -64.70 11.29 18.82
CA LEU K 132 -64.63 12.08 17.60
C LEU K 132 -65.52 13.30 17.68
N THR K 133 -66.72 13.16 18.23
CA THR K 133 -67.65 14.27 18.34
C THR K 133 -67.96 14.84 16.96
N GLY K 134 -68.63 14.01 16.16
CA GLY K 134 -68.76 14.29 14.74
C GLY K 134 -69.61 15.50 14.44
N LYS K 135 -69.09 16.67 14.81
CA LYS K 135 -69.75 17.93 14.55
C LYS K 135 -69.51 18.35 13.11
N ASP K 136 -70.21 19.38 12.67
CA ASP K 136 -69.93 19.96 11.38
C ASP K 136 -68.53 20.57 11.39
N TRP K 137 -67.66 20.05 10.53
CA TRP K 137 -66.28 20.51 10.49
C TRP K 137 -66.24 21.97 10.07
N VAL K 138 -65.39 22.74 10.73
CA VAL K 138 -65.45 24.20 10.65
C VAL K 138 -64.10 24.77 11.03
N LEU K 139 -63.79 25.95 10.50
CA LEU K 139 -62.55 26.65 10.78
C LEU K 139 -62.79 27.82 11.74
N VAL L 4 36.20 63.73 -75.02
CA VAL L 4 35.91 64.22 -73.68
C VAL L 4 36.90 65.31 -73.29
N VAL L 5 37.22 65.39 -72.00
CA VAL L 5 38.19 66.37 -71.53
C VAL L 5 39.62 65.94 -71.83
N GLN L 6 39.83 64.65 -72.10
CA GLN L 6 41.17 64.18 -72.46
C GLN L 6 41.54 64.57 -73.88
N LEU L 7 40.56 64.76 -74.76
CA LEU L 7 40.85 65.19 -76.12
C LEU L 7 41.10 66.68 -76.19
N ASP L 8 40.50 67.45 -75.27
CA ASP L 8 40.71 68.90 -75.25
C ASP L 8 42.08 69.25 -74.70
N ASP L 9 42.58 68.46 -73.75
CA ASP L 9 43.90 68.69 -73.20
C ASP L 9 45.01 68.19 -74.11
N PHE L 10 44.73 67.22 -74.97
CA PHE L 10 45.76 66.61 -75.82
C PHE L 10 45.89 67.30 -77.17
N ALA L 11 44.77 67.77 -77.75
CA ALA L 11 44.83 68.47 -79.02
C ALA L 11 45.51 69.82 -78.87
N THR L 12 45.40 70.45 -77.70
CA THR L 12 46.17 71.65 -77.41
C THR L 12 47.64 71.31 -77.21
N ARG L 13 47.91 70.14 -76.61
CA ARG L 13 49.26 69.67 -76.39
C ARG L 13 49.84 68.93 -77.59
N LEU L 14 49.17 68.98 -78.74
CA LEU L 14 49.64 68.29 -79.93
C LEU L 14 50.81 69.04 -80.57
N TYR L 20 61.07 67.17 -77.45
CA TYR L 20 61.35 67.00 -76.03
C TYR L 20 60.33 67.74 -75.18
N GLN L 21 59.90 68.90 -75.67
CA GLN L 21 58.94 69.71 -74.93
C GLN L 21 57.51 69.20 -75.14
N SER L 22 57.06 69.16 -76.39
CA SER L 22 55.70 68.73 -76.68
C SER L 22 55.53 67.23 -76.47
N LYS L 23 56.63 66.46 -76.57
CA LYS L 23 56.57 65.05 -76.21
C LYS L 23 56.35 64.88 -74.71
N HIS L 24 56.95 65.75 -73.91
CA HIS L 24 56.65 65.75 -72.48
C HIS L 24 55.26 66.30 -72.20
N SER L 25 54.77 67.18 -73.07
CA SER L 25 53.42 67.71 -72.89
C SER L 25 52.38 66.68 -73.26
N VAL L 26 52.70 65.81 -74.22
CA VAL L 26 51.75 64.79 -74.65
C VAL L 26 51.76 63.61 -73.69
N LEU L 27 52.94 63.22 -73.20
CA LEU L 27 53.04 62.03 -72.36
C LEU L 27 52.50 62.29 -70.97
N SER L 28 52.66 63.51 -70.44
CA SER L 28 52.10 63.83 -69.14
C SER L 28 50.57 63.97 -69.23
N GLU L 29 50.07 64.43 -70.38
CA GLU L 29 48.62 64.52 -70.56
C GLU L 29 48.02 63.14 -70.78
N ILE L 30 48.77 62.23 -71.42
CA ILE L 30 48.26 60.89 -71.65
C ILE L 30 48.31 60.07 -70.36
N CYS L 31 49.34 60.29 -69.54
CA CYS L 31 49.42 59.58 -68.26
C CYS L 31 48.38 60.08 -67.28
N ASP L 32 48.02 61.36 -67.35
CA ASP L 32 46.96 61.90 -66.51
C ASP L 32 45.59 61.41 -66.98
N SER L 33 45.40 61.33 -68.30
CA SER L 33 44.15 60.79 -68.83
C SER L 33 44.03 59.30 -68.57
N LEU L 34 45.15 58.57 -68.56
CA LEU L 34 45.13 57.18 -68.16
C LEU L 34 44.88 57.03 -66.66
N GLU L 35 45.34 58.00 -65.87
CA GLU L 35 45.00 58.01 -64.45
C GLU L 35 43.54 58.40 -64.22
N THR L 36 42.96 59.14 -65.15
CA THR L 36 41.56 59.54 -65.07
C THR L 36 40.65 58.37 -65.42
N TYR L 43 36.19 57.95 -75.12
CA TYR L 43 36.74 56.62 -74.82
C TYR L 43 37.35 55.99 -76.06
N GLU L 44 36.52 55.33 -76.86
CA GLU L 44 36.99 54.72 -78.10
C GLU L 44 37.30 55.77 -79.16
N TYR L 45 36.66 56.94 -79.08
CA TYR L 45 36.98 58.02 -80.00
C TYR L 45 38.34 58.63 -79.67
N PHE L 46 38.66 58.76 -78.38
CA PHE L 46 39.98 59.22 -77.98
C PHE L 46 41.03 58.15 -78.22
N LEU L 47 40.63 56.88 -78.24
CA LEU L 47 41.56 55.80 -78.54
C LEU L 47 41.93 55.78 -80.01
N LYS L 48 40.95 55.99 -80.90
CA LYS L 48 41.23 56.02 -82.33
C LYS L 48 41.96 57.30 -82.72
N SER L 49 41.72 58.40 -82.00
CA SER L 49 42.45 59.64 -82.26
C SER L 49 43.90 59.51 -81.80
N LEU L 50 44.14 58.83 -80.68
CA LEU L 50 45.51 58.59 -80.24
C LEU L 50 46.22 57.55 -81.10
N ILE L 51 45.46 56.65 -81.71
CA ILE L 51 46.01 55.66 -82.64
C ILE L 51 46.46 56.39 -83.91
N PRO L 52 45.74 57.43 -84.34
CA PRO L 52 46.25 58.24 -85.45
C PRO L 52 47.47 59.07 -85.04
N LEU L 53 47.51 59.50 -83.78
CA LEU L 53 48.71 60.18 -83.29
C LEU L 53 49.86 59.22 -83.08
N PHE L 54 49.55 57.94 -82.81
CA PHE L 54 50.62 56.96 -82.64
C PHE L 54 51.27 56.60 -83.96
N ILE L 55 50.51 56.68 -85.06
CA ILE L 55 51.08 56.41 -86.38
C ILE L 55 52.01 57.54 -86.80
N ASP L 56 51.70 58.76 -86.39
CA ASP L 56 52.59 59.88 -86.66
C ASP L 56 53.81 59.84 -85.74
N VAL L 57 53.64 59.32 -84.53
CA VAL L 57 54.76 59.22 -83.59
C VAL L 57 55.71 58.11 -84.01
N LEU L 58 55.17 56.99 -84.49
CA LEU L 58 56.01 55.87 -84.92
C LEU L 58 56.64 56.11 -86.28
N LYS L 59 56.12 57.07 -87.05
CA LYS L 59 56.70 57.36 -88.36
C LYS L 59 58.04 58.07 -88.24
N GLU L 60 58.14 59.01 -87.30
CA GLU L 60 59.37 59.77 -87.10
C GLU L 60 60.31 58.97 -86.20
N VAL L 61 61.48 58.63 -86.74
CA VAL L 61 62.57 57.92 -86.08
C VAL L 61 62.09 56.56 -85.54
N PRO L 62 61.79 55.59 -86.40
CA PRO L 62 61.38 54.28 -85.89
C PRO L 62 62.54 53.45 -85.33
N VAL L 63 63.76 53.63 -85.84
CA VAL L 63 64.91 52.99 -85.23
C VAL L 63 65.30 53.74 -83.97
N SER L 64 66.15 53.11 -83.16
CA SER L 64 66.55 53.70 -81.89
C SER L 64 68.00 54.13 -81.88
N PHE L 65 68.93 53.16 -81.97
CA PHE L 65 70.35 53.37 -81.62
C PHE L 65 70.45 53.85 -80.16
N VAL L 66 69.76 53.18 -79.22
CA VAL L 66 69.79 53.51 -77.77
C VAL L 66 70.19 54.97 -77.49
N ALA L 67 69.20 55.88 -77.48
CA ALA L 67 69.48 57.30 -77.32
C ALA L 67 68.95 57.82 -75.98
N ASN L 68 69.51 58.94 -75.55
CA ASN L 68 68.99 59.72 -74.43
C ASN L 68 68.13 60.88 -74.92
N SER L 69 67.33 60.65 -75.96
CA SER L 69 66.61 61.68 -76.68
C SER L 69 65.14 61.31 -76.77
N PRO L 70 64.31 62.14 -77.43
CA PRO L 70 62.85 61.90 -77.43
C PRO L 70 62.39 60.67 -78.21
N GLU L 71 63.29 59.94 -78.88
CA GLU L 71 62.91 58.67 -79.48
C GLU L 71 62.59 57.64 -78.41
N ASN L 72 63.32 57.66 -77.29
CA ASN L 72 62.95 56.84 -76.15
C ASN L 72 61.68 57.38 -75.50
N LYS L 73 61.49 58.70 -75.52
CA LYS L 73 60.24 59.27 -75.04
C LYS L 73 59.09 59.00 -76.01
N LEU L 74 59.41 58.81 -77.29
CA LEU L 74 58.40 58.36 -78.25
C LEU L 74 57.95 56.94 -77.94
N ARG L 75 58.88 56.10 -77.48
CA ARG L 75 58.51 54.78 -77.01
C ARG L 75 57.81 54.85 -75.66
N ASN L 76 58.07 55.90 -74.89
CA ASN L 76 57.40 56.06 -73.59
C ASN L 76 55.94 56.42 -73.78
N ILE L 77 55.63 57.27 -74.76
CA ILE L 77 54.24 57.58 -75.06
C ILE L 77 53.56 56.42 -75.76
N THR L 78 54.35 55.62 -76.51
CA THR L 78 53.80 54.43 -77.14
C THR L 78 53.51 53.35 -76.12
N LEU L 79 54.37 53.22 -75.10
CA LEU L 79 54.07 52.32 -73.99
C LEU L 79 52.94 52.88 -73.13
N GLU L 80 52.79 54.20 -73.09
CA GLU L 80 51.65 54.81 -72.42
C GLU L 80 50.35 54.47 -73.13
N ILE L 81 50.39 54.35 -74.46
CA ILE L 81 49.23 53.86 -75.20
C ILE L 81 49.05 52.37 -74.95
N LEU L 82 50.14 51.65 -74.71
CA LEU L 82 50.03 50.24 -74.38
C LEU L 82 49.52 50.04 -72.95
N HIS L 83 49.91 50.94 -72.04
CA HIS L 83 49.47 50.84 -70.65
C HIS L 83 48.01 51.23 -70.47
N ARG L 84 47.45 52.02 -71.37
CA ARG L 84 46.04 52.40 -71.25
C ARG L 84 45.13 51.24 -71.64
N ILE L 85 45.33 50.69 -72.82
CA ILE L 85 44.54 49.56 -73.29
C ILE L 85 45.36 48.68 -74.20
N ASP L 89 38.74 50.40 -86.88
CA ASP L 89 39.70 49.32 -86.73
C ASP L 89 40.60 49.56 -85.52
N ALA L 90 40.14 49.10 -84.35
CA ALA L 90 40.93 49.27 -83.13
C ALA L 90 42.11 48.30 -83.11
N LEU L 91 41.82 47.00 -83.12
CA LEU L 91 42.87 46.00 -83.03
C LEU L 91 43.56 45.78 -84.37
N GLN L 92 42.85 46.08 -85.47
CA GLN L 92 43.40 45.81 -86.80
C GLN L 92 44.49 46.81 -87.15
N ALA L 93 44.25 48.10 -86.90
CA ALA L 93 45.26 49.11 -87.16
C ALA L 93 46.39 49.05 -86.15
N TYR L 94 46.11 48.55 -84.94
CA TYR L 94 47.15 48.43 -83.93
C TYR L 94 48.10 47.28 -84.25
N SER L 95 47.55 46.14 -84.68
CA SER L 95 48.38 44.99 -85.01
C SER L 95 49.18 45.21 -86.29
N ASN L 96 48.63 46.01 -87.23
CA ASN L 96 49.39 46.37 -88.42
C ASN L 96 50.54 47.30 -88.08
N GLU L 97 50.30 48.23 -87.13
CA GLU L 97 51.37 49.12 -86.70
C GLU L 97 52.38 48.39 -85.82
N ILE L 98 51.94 47.41 -85.04
CA ILE L 98 52.86 46.67 -84.19
C ILE L 98 53.73 45.74 -85.03
N VAL L 99 53.18 45.16 -86.09
CA VAL L 99 53.98 44.33 -86.97
C VAL L 99 54.91 45.17 -87.82
N ASP L 100 54.53 46.41 -88.11
CA ASP L 100 55.41 47.29 -88.87
C ASP L 100 56.57 47.78 -88.02
N THR L 101 56.33 48.08 -86.75
CA THR L 101 57.41 48.49 -85.86
C THR L 101 58.32 47.32 -85.52
N LEU L 102 57.76 46.11 -85.43
CA LEU L 102 58.56 44.92 -85.21
C LEU L 102 59.20 44.39 -86.48
N MET L 103 58.85 44.94 -87.65
CA MET L 103 59.50 44.55 -88.89
C MET L 103 60.91 45.09 -88.95
N ASP L 104 61.06 46.41 -88.89
CA ASP L 104 62.38 47.03 -88.90
C ASP L 104 63.05 46.87 -87.54
N LEU L 105 64.34 46.53 -87.58
CA LEU L 105 65.23 46.41 -86.42
C LEU L 105 64.70 45.39 -85.40
N LEU L 106 64.65 44.14 -85.85
CA LEU L 106 64.12 43.04 -85.05
C LEU L 106 65.19 42.05 -84.61
N LYS L 107 65.97 41.52 -85.55
CA LYS L 107 66.94 40.47 -85.26
C LYS L 107 68.31 41.02 -84.90
N VAL L 108 68.39 42.26 -84.43
CA VAL L 108 69.63 42.88 -83.99
C VAL L 108 69.38 43.57 -82.66
N GLU L 109 70.46 44.09 -82.08
CA GLU L 109 70.36 44.82 -80.82
C GLU L 109 69.79 46.21 -81.06
N ASN L 110 68.46 46.31 -81.12
CA ASN L 110 67.83 47.59 -81.48
C ASN L 110 67.47 48.41 -80.25
N GLU L 111 66.57 47.89 -79.42
CA GLU L 111 65.99 48.62 -78.30
C GLU L 111 65.14 47.66 -77.49
N LEU L 112 64.57 48.18 -76.41
CA LEU L 112 63.55 47.46 -75.64
C LEU L 112 62.14 47.76 -76.12
N ASN L 113 62.01 48.48 -77.25
CA ASN L 113 60.68 48.80 -77.77
C ASN L 113 59.98 47.58 -78.34
N GLY L 114 60.76 46.58 -78.79
CA GLY L 114 60.15 45.35 -79.27
C GLY L 114 59.54 44.53 -78.15
N ILE L 115 60.04 44.69 -76.93
CA ILE L 115 59.43 44.04 -75.78
C ILE L 115 58.07 44.66 -75.48
N LEU L 116 57.97 45.99 -75.59
CA LEU L 116 56.67 46.64 -75.46
C LEU L 116 55.78 46.35 -76.65
N CYS L 117 56.37 46.14 -77.83
CA CYS L 117 55.58 45.79 -79.00
C CYS L 117 55.05 44.37 -78.90
N MET L 118 55.86 43.44 -78.39
CA MET L 118 55.39 42.08 -78.21
C MET L 118 54.38 41.97 -77.08
N LYS L 119 54.51 42.83 -76.05
CA LYS L 119 53.50 42.88 -75.00
C LYS L 119 52.20 43.46 -75.52
N ALA L 120 52.28 44.44 -76.42
CA ALA L 120 51.09 44.95 -77.08
C ALA L 120 50.52 43.92 -78.05
N ILE L 121 51.38 43.11 -78.67
CA ILE L 121 50.91 42.03 -79.52
C ILE L 121 50.29 40.93 -78.66
N THR L 122 50.78 40.75 -77.43
CA THR L 122 50.18 39.80 -76.51
C THR L 122 48.83 40.31 -76.02
N THR L 123 48.70 41.62 -75.85
CA THR L 123 47.40 42.19 -75.47
C THR L 123 46.43 42.16 -76.63
N LEU L 124 46.93 42.29 -77.87
CA LEU L 124 46.05 42.23 -79.03
C LEU L 124 45.59 40.81 -79.32
N HIS L 125 46.49 39.83 -79.14
CA HIS L 125 46.13 38.44 -79.36
C HIS L 125 45.27 37.86 -78.25
N LYS L 126 45.20 38.53 -77.10
CA LYS L 126 44.35 38.06 -76.01
C LYS L 126 42.87 38.26 -76.33
N THR L 127 42.55 39.26 -77.14
CA THR L 127 41.17 39.51 -77.54
C THR L 127 40.71 38.50 -78.58
N GLN L 133 44.79 37.29 -87.25
CA GLN L 133 45.28 35.93 -87.04
C GLN L 133 46.44 35.62 -87.98
N GLU L 134 46.43 36.27 -89.15
CA GLU L 134 47.50 36.05 -90.12
C GLU L 134 48.80 36.71 -89.68
N LYS L 135 48.71 37.79 -88.89
CA LYS L 135 49.91 38.45 -88.40
C LYS L 135 50.65 37.63 -87.35
N VAL L 136 49.96 36.72 -86.67
CA VAL L 136 50.63 35.85 -85.70
C VAL L 136 51.50 34.83 -86.42
N HIS L 137 51.07 34.37 -87.60
CA HIS L 137 51.86 33.49 -88.43
C HIS L 137 53.04 34.27 -89.00
N PRO L 138 52.85 35.54 -89.34
CA PRO L 138 54.00 36.36 -89.77
C PRO L 138 54.94 36.71 -88.64
N PHE L 139 54.42 36.86 -87.42
CA PHE L 139 55.29 37.13 -86.27
C PHE L 139 56.08 35.89 -85.89
N ILE L 140 55.46 34.71 -86.04
CA ILE L 140 56.19 33.46 -85.79
C ILE L 140 57.23 33.23 -86.87
N ASP L 141 56.94 33.67 -88.10
CA ASP L 141 57.95 33.62 -89.15
C ASP L 141 59.04 34.66 -88.91
N ILE L 142 58.68 35.80 -88.31
CA ILE L 142 59.68 36.79 -87.96
C ILE L 142 60.51 36.33 -86.77
N VAL L 143 59.91 35.52 -85.89
CA VAL L 143 60.64 34.98 -84.76
C VAL L 143 61.56 33.85 -85.19
N ILE L 144 61.17 33.11 -86.23
CA ILE L 144 61.98 32.00 -86.71
C ILE L 144 63.21 32.50 -87.44
N GLU L 145 63.07 33.58 -88.22
CA GLU L 145 64.21 34.15 -88.91
C GLU L 145 65.13 34.88 -87.94
N ILE L 146 64.57 35.49 -86.89
CA ILE L 146 65.41 36.12 -85.87
C ILE L 146 66.16 35.06 -85.08
N TYR L 147 65.53 33.92 -84.84
CA TYR L 147 66.24 32.79 -84.25
C TYR L 147 67.26 32.22 -85.22
N SER L 148 66.97 32.28 -86.52
CA SER L 148 67.96 31.89 -87.52
C SER L 148 69.09 32.91 -87.59
N ASN L 149 68.76 34.19 -87.47
CA ASN L 149 69.79 35.23 -87.47
C ASN L 149 70.51 35.31 -86.13
N ILE L 150 70.01 34.65 -85.09
CA ILE L 150 70.65 34.60 -83.79
C ILE L 150 71.94 33.79 -83.90
N PRO L 151 72.00 32.80 -84.80
CA PRO L 151 73.26 32.07 -84.98
C PRO L 151 74.34 32.91 -85.62
N GLN L 152 73.97 33.82 -86.51
CA GLN L 152 74.97 34.73 -87.09
C GLN L 152 75.39 35.81 -86.09
N VAL L 153 74.48 36.23 -85.22
CA VAL L 153 74.82 37.21 -84.20
C VAL L 153 75.69 36.59 -83.12
N VAL L 154 75.51 35.29 -82.87
CA VAL L 154 76.36 34.60 -81.89
C VAL L 154 77.76 34.39 -82.45
N GLU L 155 77.88 34.22 -83.77
CA GLU L 155 79.20 34.14 -84.38
C GLU L 155 79.87 35.50 -84.43
N GLU L 156 79.09 36.59 -84.38
CA GLU L 156 79.67 37.92 -84.34
C GLU L 156 80.33 38.20 -82.99
N GLN L 157 79.75 37.69 -81.91
CA GLN L 157 80.34 37.81 -80.58
C GLN L 157 81.19 36.60 -80.21
N PHE L 158 81.60 35.81 -81.18
CA PHE L 158 82.42 34.62 -80.93
C PHE L 158 83.90 34.91 -81.11
N SER L 187 69.87 40.13 -78.07
CA SER L 187 69.29 38.81 -77.90
C SER L 187 68.17 38.84 -76.87
N LYS L 188 67.91 40.02 -76.31
CA LYS L 188 66.85 40.17 -75.32
C LYS L 188 65.48 40.06 -75.97
N GLN L 189 65.36 40.36 -77.26
CA GLN L 189 64.09 40.21 -77.94
C GLN L 189 63.74 38.74 -78.15
N LEU L 190 64.74 37.86 -78.16
CA LEU L 190 64.48 36.43 -78.29
C LEU L 190 63.81 35.89 -77.03
N ALA L 191 64.12 36.48 -75.87
CA ALA L 191 63.45 36.09 -74.64
C ALA L 191 61.99 36.56 -74.63
N GLN L 192 61.75 37.77 -75.14
CA GLN L 192 60.38 38.28 -75.17
C GLN L 192 59.54 37.57 -76.20
N ALA L 193 60.13 37.20 -77.34
CA ALA L 193 59.38 36.49 -78.37
C ALA L 193 59.13 35.04 -77.99
N MET L 194 59.93 34.49 -77.08
CA MET L 194 59.71 33.12 -76.63
C MET L 194 58.45 33.01 -75.78
N PHE L 195 58.25 34.00 -74.90
CA PHE L 195 57.08 33.99 -73.99
C PHE L 195 55.82 34.38 -74.77
N SER L 196 55.90 35.46 -75.55
CA SER L 196 54.70 35.98 -76.25
C SER L 196 54.15 34.93 -77.23
N PHE L 197 55.03 34.25 -77.97
CA PHE L 197 54.55 33.27 -78.98
C PHE L 197 53.82 32.14 -78.24
N LYS L 198 54.40 31.67 -77.13
CA LYS L 198 53.78 30.56 -76.37
C LYS L 198 52.41 31.01 -75.85
N THR L 199 52.35 32.25 -75.35
CA THR L 199 51.07 32.77 -74.79
C THR L 199 50.02 32.82 -75.89
N LEU L 200 50.40 33.30 -77.08
CA LEU L 200 49.43 33.42 -78.20
C LEU L 200 48.94 32.02 -78.58
N ALA L 201 49.86 31.06 -78.64
CA ALA L 201 49.48 29.69 -79.04
C ALA L 201 48.49 29.14 -78.00
N GLU L 202 48.77 29.34 -76.71
CA GLU L 202 47.88 28.79 -75.66
C GLU L 202 46.52 29.46 -75.79
N SER L 203 46.50 30.76 -76.05
CA SER L 203 45.24 31.52 -76.17
C SER L 203 44.37 31.05 -77.35
N PRO L 204 44.93 30.72 -78.53
CA PRO L 204 44.04 30.41 -79.67
C PRO L 204 43.80 28.97 -80.16
N ILE L 205 44.54 28.61 -81.21
CA ILE L 205 44.77 27.27 -81.73
C ILE L 205 46.24 27.09 -82.05
N THR L 206 46.76 25.87 -81.86
CA THR L 206 48.11 25.53 -82.32
C THR L 206 48.13 24.04 -82.61
N MET L 207 47.92 23.66 -83.87
CA MET L 207 47.92 22.27 -84.27
C MET L 207 49.05 21.94 -85.24
N VAL L 208 49.13 22.63 -86.37
CA VAL L 208 50.13 22.28 -87.38
C VAL L 208 51.29 23.28 -87.36
N SER L 209 50.99 24.56 -87.11
CA SER L 209 52.04 25.57 -87.07
C SER L 209 52.89 25.44 -85.81
N LEU L 210 52.37 24.78 -84.77
CA LEU L 210 53.14 24.57 -83.55
C LEU L 210 54.31 23.64 -83.79
N TYR L 211 54.09 22.54 -84.52
CA TYR L 211 55.19 21.66 -84.88
C TYR L 211 56.05 22.26 -85.98
N SER L 212 55.49 23.19 -86.76
CA SER L 212 56.27 23.86 -87.80
C SER L 212 57.30 24.81 -87.20
N SER L 213 56.90 25.56 -86.16
CA SER L 213 57.86 26.40 -85.46
C SER L 213 58.74 25.59 -84.52
N TYR L 214 58.28 24.38 -84.15
CA TYR L 214 59.11 23.51 -83.31
C TYR L 214 60.33 23.00 -84.07
N LYS L 215 60.20 22.81 -85.39
CA LYS L 215 61.36 22.49 -86.21
C LYS L 215 62.33 23.67 -86.27
N GLU L 216 61.80 24.89 -86.28
CA GLU L 216 62.65 26.07 -86.10
C GLU L 216 63.19 26.13 -84.68
N LEU L 217 62.38 25.69 -83.71
CA LEU L 217 62.86 25.62 -82.33
C LEU L 217 63.84 24.47 -82.14
N ALA L 218 63.72 23.40 -82.94
CA ALA L 218 64.76 22.37 -82.93
C ALA L 218 66.04 22.87 -83.57
N ALA L 219 65.93 23.76 -84.54
CA ALA L 219 67.08 24.39 -85.17
C ALA L 219 67.52 25.67 -84.46
N SER L 220 67.21 25.81 -83.17
CA SER L 220 67.57 27.01 -82.43
C SER L 220 69.03 26.94 -81.98
N SER L 221 69.40 27.87 -81.09
CA SER L 221 70.78 27.96 -80.62
C SER L 221 71.10 26.80 -79.69
N LEU L 222 72.17 26.08 -80.03
CA LEU L 222 72.63 24.98 -79.20
C LEU L 222 74.13 24.99 -78.94
N GLY L 223 74.91 25.78 -79.67
CA GLY L 223 76.35 25.85 -79.48
C GLY L 223 76.77 27.18 -78.87
N ASN L 224 78.06 27.25 -78.54
CA ASN L 224 78.63 28.44 -77.94
C ASN L 224 80.10 28.60 -78.31
N ASN L 263 85.29 41.03 -74.06
CA ASN L 263 85.14 41.51 -72.69
C ASN L 263 84.34 40.54 -71.84
N ARG L 264 84.45 40.68 -70.52
CA ARG L 264 83.72 39.80 -69.61
C ARG L 264 82.24 40.17 -69.52
N ALA L 265 81.92 41.47 -69.60
CA ALA L 265 80.52 41.89 -69.56
C ALA L 265 79.80 41.57 -70.86
N ASN L 266 80.51 41.65 -71.99
CA ASN L 266 79.90 41.27 -73.26
C ASN L 266 79.72 39.76 -73.35
N TYR L 267 80.64 38.99 -72.76
CA TYR L 267 80.46 37.55 -72.68
C TYR L 267 79.32 37.19 -71.73
N GLY L 268 79.11 37.98 -70.67
CA GLY L 268 77.95 37.78 -69.82
C GLY L 268 76.68 38.25 -70.49
N GLU L 269 76.75 39.29 -71.32
CA GLU L 269 75.61 39.67 -72.12
C GLU L 269 75.31 38.63 -73.19
N PHE L 270 76.35 37.99 -73.71
CA PHE L 270 76.14 36.81 -74.55
C PHE L 270 75.63 35.63 -73.73
N ILE L 271 76.05 35.55 -72.46
CA ILE L 271 75.49 34.55 -71.56
C ILE L 271 74.08 34.93 -71.16
N ILE L 272 73.75 36.23 -71.20
CA ILE L 272 72.37 36.65 -70.97
C ILE L 272 71.50 36.23 -72.13
N GLY L 273 72.05 36.23 -73.35
CA GLY L 273 71.38 35.59 -74.46
C GLY L 273 71.32 34.09 -74.30
N GLN L 274 72.34 33.50 -73.69
CA GLN L 274 72.27 32.08 -73.32
C GLN L 274 71.32 31.87 -72.16
N VAL L 275 71.14 32.89 -71.31
CA VAL L 275 70.12 32.82 -70.28
C VAL L 275 68.73 32.97 -70.89
N LYS L 276 68.64 33.65 -72.03
CA LYS L 276 67.38 33.71 -72.76
C LYS L 276 67.05 32.37 -73.40
N ALA L 277 68.09 31.60 -73.74
CA ALA L 277 67.86 30.28 -74.33
C ALA L 277 67.30 29.30 -73.30
N ALA L 278 67.67 29.47 -72.03
CA ALA L 278 67.11 28.62 -70.98
C ALA L 278 65.63 28.95 -70.77
N SER L 279 65.26 30.22 -70.86
CA SER L 279 63.85 30.58 -70.86
C SER L 279 63.18 30.12 -72.14
N PHE L 280 63.93 30.10 -73.25
CA PHE L 280 63.40 29.55 -74.49
C PHE L 280 63.28 28.04 -74.42
N LEU L 281 64.18 27.38 -73.67
CA LEU L 281 64.07 25.94 -73.50
C LEU L 281 62.92 25.56 -72.56
N ALA L 282 62.44 26.51 -71.76
CA ALA L 282 61.24 26.28 -70.96
C ALA L 282 60.02 26.16 -71.86
N TYR L 283 60.00 26.90 -72.97
CA TYR L 283 58.97 26.70 -73.99
C TYR L 283 59.16 25.35 -74.67
N LEU L 284 60.41 24.88 -74.77
CA LEU L 284 60.66 23.54 -75.25
C LEU L 284 60.37 22.51 -74.17
N PHE L 285 60.39 22.93 -72.91
CA PHE L 285 60.06 22.01 -71.82
C PHE L 285 58.55 21.90 -71.62
N ILE L 286 57.83 23.01 -71.81
CA ILE L 286 56.40 23.00 -71.56
C ILE L 286 55.66 22.27 -72.68
N ARG L 287 56.18 22.31 -73.90
CA ARG L 287 55.51 21.62 -75.00
C ARG L 287 55.77 20.12 -74.94
N ARG L 288 56.90 19.72 -74.38
CA ARG L 288 57.32 18.32 -74.43
C ARG L 288 56.72 17.46 -73.32
N GLN L 289 56.08 18.05 -72.31
CA GLN L 289 55.58 17.23 -71.22
C GLN L 289 54.22 17.67 -70.69
N ALA L 290 53.47 18.50 -71.41
CA ALA L 290 52.19 18.95 -70.86
C ALA L 290 51.07 17.95 -71.10
N GLN L 291 50.67 17.79 -72.37
CA GLN L 291 49.51 16.95 -72.67
C GLN L 291 49.84 15.81 -73.63
N THR L 292 50.40 16.15 -74.79
CA THR L 292 50.56 15.20 -75.88
C THR L 292 51.99 15.21 -76.40
N PHE L 293 52.21 14.40 -77.42
CA PHE L 293 53.53 14.28 -78.03
C PHE L 293 53.70 15.34 -79.11
N LEU L 294 54.79 15.22 -79.88
CA LEU L 294 55.14 16.19 -80.91
C LEU L 294 56.03 15.48 -81.91
N GLU L 295 56.74 16.25 -82.74
CA GLU L 295 57.76 15.69 -83.62
C GLU L 295 58.88 15.11 -82.79
N PRO L 296 58.98 13.79 -82.68
CA PRO L 296 59.94 13.19 -81.74
C PRO L 296 61.32 12.98 -82.33
N TYR L 297 61.62 13.62 -83.45
CA TYR L 297 62.92 13.50 -84.11
C TYR L 297 63.94 14.31 -83.33
N GLN L 298 64.37 13.76 -82.19
CA GLN L 298 65.32 14.41 -81.30
C GLN L 298 65.93 13.37 -80.38
N GLN L 299 67.26 13.29 -80.38
CA GLN L 299 67.98 12.40 -79.48
C GLN L 299 68.99 13.12 -78.62
N ALA L 300 69.38 14.34 -78.96
CA ALA L 300 70.28 15.15 -78.15
C ALA L 300 69.54 16.08 -77.19
N ILE L 301 68.27 15.81 -76.93
CA ILE L 301 67.45 16.57 -75.98
C ILE L 301 68.00 16.55 -74.55
N PRO L 302 68.55 15.46 -74.00
CA PRO L 302 69.27 15.62 -72.73
C PRO L 302 70.62 16.29 -72.86
N ASP L 303 71.20 16.33 -74.07
CA ASP L 303 72.50 16.96 -74.23
C ASP L 303 72.39 18.48 -74.25
N ILE L 304 71.20 19.00 -74.53
CA ILE L 304 71.00 20.44 -74.53
C ILE L 304 70.54 20.92 -73.17
N ILE L 305 70.49 20.02 -72.18
CA ILE L 305 70.10 20.43 -70.84
C ILE L 305 71.25 20.25 -69.85
N ILE L 306 71.89 19.08 -69.86
CA ILE L 306 72.99 18.79 -68.95
C ILE L 306 74.20 19.67 -69.27
N ARG L 307 74.35 20.06 -70.54
CA ARG L 307 75.31 21.10 -70.86
C ARG L 307 74.91 22.44 -70.24
N LEU L 308 73.63 22.80 -70.33
CA LEU L 308 73.20 24.13 -69.91
C LEU L 308 73.06 24.28 -68.40
N LEU L 309 73.12 23.19 -67.63
CA LEU L 309 73.26 23.37 -66.19
C LEU L 309 74.70 23.63 -65.79
N GLN L 310 75.64 23.43 -66.71
CA GLN L 310 77.04 23.49 -66.35
C GLN L 310 77.65 24.84 -66.67
N ASP L 311 77.29 25.42 -67.81
CA ASP L 311 77.90 26.66 -68.27
C ASP L 311 76.98 27.86 -68.03
N CYS L 312 75.87 27.64 -67.33
CA CYS L 312 75.00 28.72 -66.92
C CYS L 312 75.70 29.52 -65.83
N PRO L 313 75.98 30.80 -66.03
CA PRO L 313 76.65 31.58 -64.98
C PRO L 313 75.71 31.83 -63.81
N SER L 314 76.26 31.74 -62.61
CA SER L 314 75.47 31.74 -61.38
C SER L 314 75.12 33.13 -60.88
N GLU L 315 75.16 34.15 -61.74
CA GLU L 315 74.77 35.49 -61.32
C GLU L 315 73.26 35.58 -61.13
N LEU L 316 72.49 35.34 -62.19
CA LEU L 316 71.05 35.46 -62.11
C LEU L 316 70.50 34.21 -61.44
N SER L 317 69.96 34.37 -60.23
CA SER L 317 69.48 33.22 -59.47
C SER L 317 68.17 32.68 -60.04
N ALA L 318 67.33 33.55 -60.59
CA ALA L 318 66.05 33.10 -61.13
C ALA L 318 66.23 32.38 -62.46
N ALA L 319 67.36 32.59 -63.14
CA ALA L 319 67.64 31.86 -64.36
C ALA L 319 67.84 30.38 -64.08
N ARG L 320 68.49 30.05 -62.98
CA ARG L 320 68.64 28.65 -62.60
C ARG L 320 67.42 28.09 -61.91
N LYS L 321 66.55 28.94 -61.33
CA LYS L 321 65.34 28.44 -60.70
C LYS L 321 64.36 27.91 -61.74
N GLU L 322 64.21 28.62 -62.85
CA GLU L 322 63.38 28.11 -63.93
C GLU L 322 64.07 26.99 -64.69
N LEU L 323 65.40 26.96 -64.72
CA LEU L 323 66.10 25.86 -65.36
C LEU L 323 66.02 24.60 -64.51
N LEU L 324 65.99 24.75 -63.19
CA LEU L 324 65.67 23.61 -62.34
C LEU L 324 64.22 23.19 -62.48
N HIS L 325 63.32 24.16 -62.67
CA HIS L 325 61.92 23.81 -62.90
C HIS L 325 61.69 23.34 -64.33
N ALA L 326 62.64 23.60 -65.23
CA ALA L 326 62.60 22.98 -66.55
C ALA L 326 62.83 21.48 -66.44
N THR L 327 63.87 21.09 -65.70
CA THR L 327 64.15 19.67 -65.52
C THR L 327 63.18 19.02 -64.55
N ARG L 328 62.56 19.81 -63.66
CA ARG L 328 61.55 19.25 -62.77
C ARG L 328 60.32 18.78 -63.54
N HIS L 329 59.99 19.45 -64.64
CA HIS L 329 58.83 19.04 -65.44
C HIS L 329 59.18 17.96 -66.45
N ILE L 330 60.39 17.99 -67.01
CA ILE L 330 60.77 17.00 -68.00
C ILE L 330 60.96 15.63 -67.37
N LEU L 331 61.53 15.59 -66.17
CA LEU L 331 61.70 14.34 -65.44
C LEU L 331 60.42 13.84 -64.78
N SER L 332 59.25 14.38 -65.13
CA SER L 332 57.98 13.87 -64.64
C SER L 332 57.25 12.99 -65.64
N THR L 333 57.50 13.15 -66.94
CA THR L 333 56.88 12.31 -67.95
C THR L 333 57.77 11.13 -68.29
N ASP L 334 57.14 10.02 -68.68
CA ASP L 334 57.84 8.73 -68.67
C ASP L 334 58.73 8.54 -69.89
N PHE L 335 58.32 9.09 -71.04
CA PHE L 335 59.09 8.86 -72.26
C PHE L 335 60.38 9.66 -72.27
N ARG L 336 60.45 10.74 -71.49
CA ARG L 336 61.67 11.52 -71.43
C ARG L 336 62.58 11.09 -70.29
N LYS L 337 62.06 10.36 -69.31
CA LYS L 337 62.90 9.89 -68.20
C LYS L 337 63.87 8.81 -68.64
N MET L 338 63.48 8.00 -69.62
CA MET L 338 64.32 6.88 -70.06
C MET L 338 65.53 7.36 -70.86
N PHE L 339 65.50 8.59 -71.37
CA PHE L 339 66.64 9.14 -72.08
C PHE L 339 67.79 9.48 -71.15
N ILE L 340 67.53 9.65 -69.86
CA ILE L 340 68.51 10.08 -68.87
C ILE L 340 69.50 8.99 -68.45
N PRO L 341 69.15 7.66 -68.36
CA PRO L 341 70.21 6.65 -68.14
C PRO L 341 71.22 6.46 -69.27
N LYS L 342 71.12 7.26 -70.34
CA LYS L 342 72.21 7.48 -71.30
C LYS L 342 73.22 8.45 -70.70
N ILE L 343 74.05 9.07 -71.55
CA ILE L 343 75.37 9.64 -71.25
C ILE L 343 75.47 10.54 -70.01
N ASP L 344 74.34 11.01 -69.48
CA ASP L 344 74.32 11.50 -68.10
C ASP L 344 74.75 10.40 -67.13
N LEU L 345 74.19 9.18 -67.31
CA LEU L 345 74.44 8.00 -66.45
C LEU L 345 74.13 8.27 -64.98
N LEU L 346 73.18 9.17 -64.72
CA LEU L 346 72.80 9.63 -63.38
C LEU L 346 73.99 10.16 -62.59
N PHE L 347 74.98 10.74 -63.29
CA PHE L 347 76.24 11.11 -62.69
C PHE L 347 76.48 12.61 -62.66
N ASP L 348 75.82 13.37 -63.53
CA ASP L 348 75.98 14.81 -63.57
C ASP L 348 74.82 15.53 -62.91
N LEU L 349 74.01 14.81 -62.13
CA LEU L 349 72.86 15.36 -61.44
C LEU L 349 73.13 15.54 -59.95
N ARG L 350 74.32 16.02 -59.60
CA ARG L 350 74.66 16.32 -58.22
C ARG L 350 74.80 17.84 -58.05
N VAL L 351 75.32 18.27 -56.90
CA VAL L 351 75.15 19.64 -56.45
C VAL L 351 76.36 20.51 -56.79
N LEU L 352 77.07 20.13 -57.85
CA LEU L 352 77.94 21.09 -58.53
C LEU L 352 77.19 21.94 -59.55
N ILE L 353 75.86 21.99 -59.46
CA ILE L 353 75.04 22.80 -60.35
C ILE L 353 74.49 24.01 -59.59
N GLY L 354 74.36 23.90 -58.27
CA GLY L 354 73.98 25.01 -57.42
C GLY L 354 75.18 25.80 -56.94
N GLU L 355 75.75 26.62 -57.82
CA GLU L 355 77.09 27.17 -57.58
C GLU L 355 77.08 28.28 -56.52
N GLY L 356 76.37 29.37 -56.78
CA GLY L 356 76.55 30.57 -55.98
C GLY L 356 75.86 30.52 -54.63
N PHE L 357 76.30 31.41 -53.74
CA PHE L 357 75.71 31.53 -52.41
C PHE L 357 74.28 32.06 -52.51
N THR L 358 74.01 32.90 -53.51
CA THR L 358 72.65 33.32 -53.80
C THR L 358 71.77 32.18 -54.29
N ALA L 359 72.36 31.07 -54.74
CA ALA L 359 71.60 29.86 -55.04
C ALA L 359 71.76 28.81 -53.96
N TYR L 360 72.72 28.98 -53.06
CA TYR L 360 72.93 28.03 -51.98
C TYR L 360 71.84 28.13 -50.91
N GLU L 361 71.08 29.23 -50.89
CA GLU L 361 70.14 29.46 -49.80
C GLU L 361 68.88 28.64 -49.97
N THR L 362 68.10 28.90 -51.03
CA THR L 362 66.78 28.31 -51.19
C THR L 362 66.64 27.41 -52.41
N LEU L 363 67.61 27.40 -53.31
CA LEU L 363 67.50 26.53 -54.47
C LEU L 363 67.89 25.10 -54.16
N ARG L 364 68.45 24.84 -53.00
CA ARG L 364 68.83 23.49 -52.58
C ARG L 364 67.64 22.60 -52.16
N PRO L 365 66.58 23.09 -51.49
CA PRO L 365 65.40 22.22 -51.33
C PRO L 365 64.64 21.96 -52.60
N LEU L 366 64.91 22.72 -53.67
CA LEU L 366 64.37 22.35 -54.97
C LEU L 366 65.32 21.42 -55.71
N ALA L 367 66.62 21.69 -55.65
CA ALA L 367 67.60 20.84 -56.31
C ALA L 367 67.75 19.47 -55.68
N TYR L 368 67.20 19.26 -54.49
CA TYR L 368 67.19 17.95 -53.86
C TYR L 368 65.90 17.19 -54.13
N SER L 369 64.78 17.88 -54.29
CA SER L 369 63.52 17.18 -54.48
C SER L 369 63.38 16.65 -55.89
N THR L 370 64.03 17.28 -56.87
CA THR L 370 63.94 16.77 -58.24
C THR L 370 64.77 15.51 -58.41
N VAL L 371 65.79 15.32 -57.59
CA VAL L 371 66.62 14.14 -57.74
C VAL L 371 66.19 13.06 -56.75
N ALA L 372 65.34 13.39 -55.79
CA ALA L 372 64.87 12.36 -54.86
C ALA L 372 63.78 11.51 -55.49
N ASP L 373 62.82 12.15 -56.17
CA ASP L 373 61.75 11.38 -56.80
C ASP L 373 62.22 10.73 -58.11
N PHE L 374 63.21 11.33 -58.76
CA PHE L 374 63.72 10.77 -59.99
C PHE L 374 64.49 9.49 -59.73
N ILE L 375 65.24 9.44 -58.63
CA ILE L 375 65.96 8.23 -58.27
C ILE L 375 64.99 7.13 -57.85
N HIS L 376 63.92 7.51 -57.13
CA HIS L 376 62.87 6.56 -56.76
C HIS L 376 62.10 6.05 -57.97
N ASN L 377 61.86 6.92 -58.94
CA ASN L 377 61.05 6.52 -60.09
C ASN L 377 61.78 5.59 -61.03
N VAL L 378 63.11 5.68 -61.09
CA VAL L 378 63.84 4.81 -62.00
C VAL L 378 64.02 3.44 -61.36
N ARG L 379 64.78 3.38 -60.25
CA ARG L 379 65.12 2.16 -59.50
C ARG L 379 65.73 1.05 -60.36
N ASP L 380 66.25 1.40 -61.53
CA ASP L 380 66.85 0.47 -62.46
C ASP L 380 68.13 1.10 -62.98
N HIS L 381 68.87 0.32 -63.78
CA HIS L 381 70.11 0.74 -64.46
C HIS L 381 71.17 1.26 -63.49
N LEU L 382 71.12 0.79 -62.24
CA LEU L 382 71.92 1.37 -61.16
C LEU L 382 73.03 0.39 -60.81
N THR L 383 74.25 0.71 -61.23
CA THR L 383 75.41 0.03 -60.68
C THR L 383 75.53 0.40 -59.19
N PRO L 384 76.03 -0.52 -58.36
CA PRO L 384 76.13 -0.22 -56.92
C PRO L 384 77.16 0.85 -56.57
N ALA L 385 77.94 1.35 -57.52
CA ALA L 385 78.67 2.59 -57.29
C ALA L 385 77.72 3.78 -57.26
N GLN L 386 76.68 3.76 -58.10
CA GLN L 386 75.68 4.81 -58.06
C GLN L 386 74.79 4.66 -56.84
N LEU L 387 74.47 3.42 -56.46
CA LEU L 387 73.63 3.16 -55.29
C LEU L 387 74.30 3.58 -54.00
N TRP L 388 75.63 3.60 -53.96
CA TRP L 388 76.31 4.15 -52.80
C TRP L 388 76.35 5.68 -52.87
N LYS L 389 76.51 6.23 -54.07
CA LYS L 389 76.55 7.69 -54.21
C LYS L 389 75.17 8.30 -54.01
N SER L 390 74.11 7.51 -54.13
CA SER L 390 72.77 8.05 -53.86
C SER L 390 72.37 7.85 -52.42
N VAL L 391 72.93 6.84 -51.75
CA VAL L 391 72.60 6.60 -50.36
C VAL L 391 73.50 7.41 -49.44
N SER L 392 74.54 8.04 -50.00
CA SER L 392 75.41 8.86 -49.18
C SER L 392 74.97 10.32 -49.19
N ILE L 393 74.66 10.86 -50.37
CA ILE L 393 74.33 12.28 -50.45
C ILE L 393 72.93 12.56 -49.96
N TYR L 394 72.10 11.55 -49.78
CA TYR L 394 70.74 11.77 -49.32
C TYR L 394 70.52 11.32 -47.89
N CYS L 395 71.58 11.13 -47.13
CA CYS L 395 71.52 11.17 -45.69
C CYS L 395 72.44 12.21 -45.09
N LYS L 396 73.26 12.87 -45.91
CA LYS L 396 73.90 14.12 -45.51
C LYS L 396 73.00 15.32 -45.73
N ASN L 397 71.72 15.10 -46.06
CA ASN L 397 70.69 16.12 -45.95
C ASN L 397 69.81 15.86 -44.74
N LEU L 398 69.70 14.59 -44.34
CA LEU L 398 68.92 14.23 -43.17
C LEU L 398 69.58 14.72 -41.89
N GLN L 399 70.90 14.63 -41.81
CA GLN L 399 71.64 15.07 -40.64
C GLN L 399 72.06 16.53 -40.73
N ASP L 400 71.52 17.27 -41.70
CA ASP L 400 71.87 18.66 -41.90
C ASP L 400 70.73 19.53 -41.37
N ASP L 401 70.97 20.22 -40.25
CA ASP L 401 69.98 21.08 -39.64
C ASP L 401 69.99 22.49 -40.21
N SER L 402 70.53 22.67 -41.40
CA SER L 402 70.54 23.95 -42.08
C SER L 402 69.63 23.99 -43.29
N LEU L 403 69.04 22.86 -43.69
CA LEU L 403 68.22 22.88 -44.90
C LEU L 403 66.82 23.37 -44.61
N ALA L 404 66.03 22.55 -43.93
CA ALA L 404 64.64 22.79 -43.57
C ALA L 404 64.23 21.64 -42.65
N LEU L 405 62.93 21.56 -42.36
CA LEU L 405 62.36 20.37 -41.74
C LEU L 405 61.75 19.42 -42.75
N THR L 406 60.89 19.94 -43.64
CA THR L 406 60.13 19.07 -44.52
C THR L 406 60.97 18.50 -45.65
N VAL L 407 62.20 19.00 -45.83
CA VAL L 407 63.12 18.37 -46.77
C VAL L 407 64.02 17.38 -46.05
N GLN L 408 63.96 17.31 -44.72
CA GLN L 408 64.66 16.24 -44.02
C GLN L 408 63.80 14.99 -43.98
N ILE L 409 62.48 15.15 -43.97
CA ILE L 409 61.60 13.97 -43.97
C ILE L 409 61.45 13.44 -45.39
N MET L 410 61.59 14.30 -46.40
CA MET L 410 61.62 13.83 -47.78
C MET L 410 62.89 13.03 -48.04
N SER L 411 63.99 13.42 -47.41
CA SER L 411 65.26 12.72 -47.62
C SER L 411 65.34 11.45 -46.78
N ALA L 412 64.43 11.27 -45.84
CA ALA L 412 64.37 10.01 -45.11
C ALA L 412 63.50 9.00 -45.85
N LYS L 413 62.39 9.46 -46.43
CA LYS L 413 61.46 8.58 -47.14
C LYS L 413 62.09 8.00 -48.40
N LEU L 414 63.10 8.67 -48.97
CA LEU L 414 63.80 8.13 -50.12
C LEU L 414 64.56 6.86 -49.74
N LEU L 415 65.29 6.89 -48.62
CA LEU L 415 66.07 5.74 -48.20
C LEU L 415 65.18 4.58 -47.77
N LEU L 416 63.92 4.86 -47.42
CA LEU L 416 62.97 3.79 -47.17
C LEU L 416 62.61 3.06 -48.45
N ASN L 417 62.17 3.80 -49.47
CA ASN L 417 61.73 3.18 -50.71
C ASN L 417 62.90 2.74 -51.58
N LEU L 418 64.13 3.07 -51.20
CA LEU L 418 65.29 2.56 -51.90
C LEU L 418 65.71 1.19 -51.39
N ILE L 419 65.04 0.67 -50.37
CA ILE L 419 65.45 -0.61 -49.78
C ILE L 419 65.11 -1.77 -50.71
N GLU L 420 64.19 -1.55 -51.65
CA GLU L 420 63.76 -2.64 -52.52
C GLU L 420 64.78 -2.92 -53.62
N LYS L 421 65.77 -2.05 -53.77
CA LYS L 421 66.89 -2.36 -54.66
C LYS L 421 68.10 -2.82 -53.86
N ILE L 422 68.25 -2.31 -52.65
CA ILE L 422 69.41 -2.64 -51.84
C ILE L 422 69.26 -4.03 -51.22
N MET L 423 68.07 -4.35 -50.70
CA MET L 423 67.85 -5.67 -50.12
C MET L 423 67.81 -6.74 -51.19
N ARG L 424 67.20 -6.46 -52.34
CA ARG L 424 67.03 -7.46 -53.39
C ARG L 424 68.26 -7.61 -54.27
N SER L 425 69.44 -7.16 -53.83
CA SER L 425 70.69 -7.44 -54.50
C SER L 425 71.25 -8.75 -53.96
N GLU L 426 72.51 -9.03 -54.27
CA GLU L 426 73.14 -10.26 -53.79
C GLU L 426 73.46 -10.16 -52.31
N SER L 427 73.53 -11.33 -51.68
CA SER L 427 73.88 -11.47 -50.24
C SER L 427 75.40 -11.52 -50.08
N LYS L 428 76.09 -10.49 -50.58
CA LYS L 428 77.57 -10.41 -50.45
C LYS L 428 77.89 -9.64 -49.17
N THR L 429 76.86 -9.33 -48.37
CA THR L 429 77.01 -8.55 -47.11
C THR L 429 76.98 -7.06 -47.47
N GLU L 430 76.93 -6.76 -48.76
CA GLU L 430 76.68 -5.39 -49.21
C GLU L 430 75.21 -5.01 -49.02
N SER L 431 74.33 -5.99 -48.88
CA SER L 431 72.95 -5.70 -48.51
C SER L 431 72.83 -5.41 -47.02
N ARG L 432 73.81 -5.83 -46.23
CA ARG L 432 73.80 -5.53 -44.81
C ARG L 432 74.65 -4.31 -44.49
N GLN L 433 75.79 -4.17 -45.17
CA GLN L 433 76.68 -3.05 -44.88
C GLN L 433 76.13 -1.74 -45.44
N LEU L 434 75.10 -1.80 -46.28
CA LEU L 434 74.42 -0.59 -46.71
C LEU L 434 73.25 -0.26 -45.79
N LEU L 435 72.59 -1.28 -45.25
CA LEU L 435 71.45 -1.03 -44.38
C LEU L 435 71.89 -0.54 -43.01
N MET L 436 73.15 -0.74 -42.64
CA MET L 436 73.59 -0.25 -41.34
C MET L 436 74.08 1.19 -41.42
N VAL L 437 74.34 1.68 -42.63
CA VAL L 437 74.62 3.10 -42.80
C VAL L 437 73.35 3.91 -42.62
N ILE L 438 72.22 3.38 -43.13
CA ILE L 438 70.94 4.06 -43.01
C ILE L 438 70.44 4.02 -41.58
N ILE L 439 70.64 2.89 -40.89
CA ILE L 439 70.26 2.81 -39.47
C ILE L 439 71.18 3.68 -38.62
N ASP L 440 72.43 3.86 -39.07
CA ASP L 440 73.29 4.87 -38.46
C ASP L 440 72.78 6.27 -38.75
N ALA L 441 72.31 6.51 -39.97
CA ALA L 441 71.87 7.85 -40.34
C ALA L 441 70.54 8.23 -39.71
N TYR L 442 69.75 7.26 -39.24
CA TYR L 442 68.59 7.56 -38.42
C TYR L 442 68.95 7.66 -36.95
N THR L 443 70.05 7.02 -36.55
CA THR L 443 70.53 7.16 -35.19
C THR L 443 71.09 8.55 -34.96
N LYS L 444 71.76 9.12 -35.97
CA LYS L 444 72.36 10.43 -35.81
C LYS L 444 71.37 11.55 -36.11
N ARG L 445 70.10 11.21 -36.29
CA ARG L 445 69.06 12.22 -36.34
C ARG L 445 68.23 12.22 -35.08
N PHE L 446 68.13 11.06 -34.42
CA PHE L 446 67.49 11.02 -33.12
C PHE L 446 68.40 11.64 -32.06
N LYS L 447 69.70 11.67 -32.32
CA LYS L 447 70.63 12.30 -31.39
C LYS L 447 70.45 13.82 -31.39
N MET L 448 70.25 14.41 -32.56
CA MET L 448 70.08 15.86 -32.65
C MET L 448 68.70 16.28 -32.16
N LEU L 449 67.76 15.33 -32.11
CA LEU L 449 66.45 15.62 -31.56
C LEU L 449 66.51 15.72 -30.05
N ASN L 450 67.49 15.07 -29.43
CA ASN L 450 67.56 15.04 -27.97
C ASN L 450 68.42 16.17 -27.42
N SER L 451 69.18 16.84 -28.29
CA SER L 451 69.96 17.97 -27.84
C SER L 451 69.06 19.18 -27.58
N ARG L 452 67.95 19.27 -28.29
CA ARG L 452 67.15 20.48 -28.25
C ARG L 452 66.00 20.35 -27.26
N TYR L 453 65.93 19.26 -26.51
CA TYR L 453 64.82 19.08 -25.58
C TYR L 453 65.02 19.93 -24.33
N ASN L 454 66.23 19.93 -23.77
CA ASN L 454 66.50 20.77 -22.61
C ASN L 454 66.54 22.23 -22.98
N GLY L 455 66.84 22.53 -24.24
CA GLY L 455 66.75 23.89 -24.76
C GLY L 455 65.31 24.34 -24.93
N ILE L 456 64.41 23.39 -25.17
CA ILE L 456 62.98 23.70 -25.16
C ILE L 456 62.53 23.98 -23.73
N MET L 457 62.96 23.16 -22.78
CA MET L 457 62.66 23.38 -21.37
C MET L 457 63.48 24.53 -20.80
N MET L 539 73.65 27.14 -29.55
CA MET L 539 73.40 28.09 -30.64
C MET L 539 71.97 27.88 -31.11
N SER L 540 71.03 28.46 -30.38
CA SER L 540 69.63 28.49 -30.77
C SER L 540 69.16 29.92 -30.99
N LEU L 541 69.96 30.90 -30.57
CA LEU L 541 69.66 32.31 -30.74
C LEU L 541 70.47 32.82 -31.92
N GLN L 542 69.84 32.78 -33.09
CA GLN L 542 70.37 33.40 -34.29
C GLN L 542 69.44 34.46 -34.85
N GLU L 543 68.33 34.73 -34.16
CA GLU L 543 67.38 35.75 -34.56
C GLU L 543 67.80 37.15 -34.11
N TYR L 544 68.81 37.25 -33.26
CA TYR L 544 69.33 38.55 -32.86
C TYR L 544 70.39 39.06 -33.83
N LEU L 545 70.67 38.28 -34.87
CA LEU L 545 71.63 38.67 -35.88
C LEU L 545 71.03 39.76 -36.77
N PRO L 546 71.79 40.84 -37.05
CA PRO L 546 71.20 42.00 -37.74
C PRO L 546 70.72 41.75 -39.16
N ILE L 547 71.59 41.26 -40.03
CA ILE L 547 71.26 41.15 -41.45
C ILE L 547 70.59 39.79 -41.65
N GLN L 548 69.28 39.76 -41.47
CA GLN L 548 68.52 38.55 -41.73
C GLN L 548 68.47 38.27 -43.22
N VAL L 549 68.74 37.02 -43.60
CA VAL L 549 68.95 36.67 -45.00
C VAL L 549 67.72 36.06 -45.65
N SER L 550 66.68 35.77 -44.87
CA SER L 550 65.43 35.22 -45.41
C SER L 550 64.31 35.56 -44.45
N VAL L 551 63.11 35.11 -44.80
CA VAL L 551 61.96 35.19 -43.89
C VAL L 551 62.21 34.26 -42.70
N PRO L 552 62.09 34.73 -41.46
CA PRO L 552 62.38 33.87 -40.33
C PRO L 552 61.30 32.81 -40.15
N PRO L 553 61.65 31.63 -39.65
CA PRO L 553 60.66 30.58 -39.46
C PRO L 553 59.75 30.87 -38.27
N GLU L 554 58.46 30.65 -38.49
CA GLU L 554 57.45 30.94 -37.49
C GLU L 554 56.88 29.68 -36.85
N ILE L 555 57.40 28.51 -37.21
CA ILE L 555 56.89 27.27 -36.64
C ILE L 555 57.49 27.05 -35.27
N ASP L 556 56.70 26.46 -34.37
CA ASP L 556 57.16 26.12 -33.04
C ASP L 556 58.11 24.93 -33.06
N LEU L 557 58.62 24.58 -31.88
CA LEU L 557 59.53 23.45 -31.80
C LEU L 557 58.85 22.18 -31.29
N LEU L 558 57.77 22.28 -30.53
CA LEU L 558 57.25 21.09 -29.87
C LEU L 558 56.37 20.25 -30.78
N LYS L 559 55.64 20.86 -31.71
CA LYS L 559 54.70 20.07 -32.51
C LYS L 559 55.39 19.35 -33.66
N ASP L 560 56.34 20.01 -34.32
CA ASP L 560 57.00 19.38 -35.45
C ASP L 560 58.05 18.37 -35.04
N SER L 561 58.65 18.53 -33.85
CA SER L 561 59.55 17.51 -33.35
C SER L 561 58.79 16.25 -32.96
N ARG L 562 57.54 16.42 -32.51
CA ARG L 562 56.66 15.26 -32.35
C ARG L 562 56.29 14.68 -33.71
N TYR L 563 56.17 15.55 -34.73
CA TYR L 563 55.80 15.08 -36.05
C TYR L 563 56.95 14.38 -36.74
N LEU L 564 58.18 14.84 -36.51
CA LEU L 564 59.34 14.19 -37.09
C LEU L 564 59.60 12.84 -36.45
N PHE L 565 59.41 12.74 -35.14
CA PHE L 565 59.68 11.48 -34.47
C PHE L 565 58.61 10.45 -34.76
N LYS L 566 57.38 10.90 -35.01
CA LYS L 566 56.31 9.99 -35.38
C LYS L 566 56.55 9.41 -36.76
N THR L 567 57.08 10.22 -37.67
CA THR L 567 57.28 9.75 -39.04
C THR L 567 58.54 8.90 -39.16
N LEU L 568 59.60 9.26 -38.44
CA LEU L 568 60.85 8.53 -38.55
C LEU L 568 60.79 7.17 -37.86
N MET L 569 59.93 7.01 -36.87
CA MET L 569 59.73 5.69 -36.29
C MET L 569 58.89 4.81 -37.20
N THR L 570 58.05 5.42 -38.04
CA THR L 570 57.28 4.66 -39.00
C THR L 570 58.18 4.11 -40.11
N PHE L 571 59.11 4.93 -40.58
CA PHE L 571 60.03 4.48 -41.62
C PHE L 571 61.03 3.48 -41.08
N LEU L 572 61.31 3.52 -39.78
CA LEU L 572 62.40 2.74 -39.23
C LEU L 572 62.03 1.27 -39.10
N LYS L 573 60.76 0.96 -38.86
CA LYS L 573 60.37 -0.43 -38.68
C LYS L 573 60.46 -1.20 -40.00
N THR L 574 60.23 -0.54 -41.13
CA THR L 574 60.25 -1.23 -42.40
C THR L 574 61.67 -1.54 -42.83
N ILE L 575 62.64 -0.73 -42.38
CA ILE L 575 64.04 -1.03 -42.67
C ILE L 575 64.50 -2.19 -41.81
N MET L 576 64.09 -2.24 -40.55
CA MET L 576 64.52 -3.31 -39.67
C MET L 576 63.83 -4.64 -39.97
N ILE L 577 62.70 -4.62 -40.69
CA ILE L 577 62.18 -5.86 -41.26
C ILE L 577 63.07 -6.32 -42.40
N GLY L 578 63.64 -5.37 -43.15
CA GLY L 578 64.59 -5.72 -44.20
C GLY L 578 65.94 -6.13 -43.66
N LEU L 579 66.17 -5.93 -42.36
CA LEU L 579 67.36 -6.47 -41.71
C LEU L 579 67.21 -7.96 -41.44
N LYS L 580 65.96 -8.43 -41.36
CA LYS L 580 65.68 -9.82 -41.02
C LYS L 580 66.04 -10.76 -42.17
N ASN L 581 66.01 -10.26 -43.39
CA ASN L 581 66.27 -11.07 -44.56
C ASN L 581 67.73 -11.03 -45.01
N SER L 582 68.53 -10.10 -44.48
CA SER L 582 69.90 -9.88 -44.94
C SER L 582 70.91 -10.61 -44.06
N ASN L 583 70.54 -11.79 -43.56
CA ASN L 583 71.37 -12.49 -42.61
C ASN L 583 72.53 -13.20 -43.31
N PRO L 584 73.70 -13.26 -42.68
CA PRO L 584 74.84 -13.93 -43.29
C PRO L 584 74.70 -15.44 -43.15
N PRO L 585 75.41 -16.22 -43.99
CA PRO L 585 75.38 -17.68 -43.86
C PRO L 585 76.11 -18.18 -42.62
N ASN L 595 68.09 -22.68 -38.73
CA ASN L 595 67.10 -21.69 -39.14
C ASN L 595 67.76 -20.37 -39.52
N TRP L 596 68.73 -20.43 -40.43
CA TRP L 596 69.38 -19.21 -40.90
C TRP L 596 68.43 -18.43 -41.81
N ASN L 597 68.71 -17.12 -41.92
CA ASN L 597 67.95 -16.16 -42.73
C ASN L 597 66.49 -16.06 -42.30
N GLU L 598 66.18 -16.43 -41.06
CA GLU L 598 64.83 -16.26 -40.53
C GLU L 598 64.80 -15.39 -39.29
N THR L 599 65.58 -15.72 -38.26
CA THR L 599 65.61 -14.90 -37.05
C THR L 599 67.04 -14.67 -36.57
N ALA L 600 67.97 -15.54 -36.98
CA ALA L 600 69.34 -15.50 -36.50
C ALA L 600 70.20 -14.76 -37.51
N ARG L 601 71.10 -13.91 -37.02
CA ARG L 601 72.01 -13.13 -37.86
C ARG L 601 73.29 -12.86 -37.10
N GLY L 602 74.40 -12.74 -37.84
CA GLY L 602 75.66 -12.44 -37.21
C GLY L 602 75.94 -10.95 -37.20
N PHE L 603 76.14 -10.39 -36.01
CA PHE L 603 76.45 -8.97 -35.84
C PHE L 603 77.90 -8.83 -35.42
N SER L 604 78.65 -7.98 -36.10
CA SER L 604 79.99 -7.65 -35.66
C SER L 604 79.92 -6.67 -34.51
N ASN L 605 81.06 -6.44 -33.86
CA ASN L 605 81.06 -5.53 -32.72
C ASN L 605 81.03 -4.08 -33.16
N GLU L 606 81.45 -3.80 -34.41
CA GLU L 606 81.29 -2.46 -34.96
C GLU L 606 79.86 -2.14 -35.31
N ASP L 607 78.98 -3.13 -35.33
CA ASP L 607 77.60 -2.99 -35.76
C ASP L 607 76.62 -3.07 -34.60
N ILE L 608 77.00 -3.72 -33.51
CA ILE L 608 76.17 -3.73 -32.32
C ILE L 608 76.30 -2.43 -31.54
N ASN L 609 77.31 -1.61 -31.85
CA ASN L 609 77.47 -0.34 -31.15
C ASN L 609 76.49 0.70 -31.68
N ILE L 610 76.02 0.52 -32.92
CA ILE L 610 75.04 1.45 -33.46
C ILE L 610 73.62 1.00 -33.18
N LEU L 611 73.44 -0.22 -32.65
CA LEU L 611 72.14 -0.62 -32.13
C LEU L 611 71.94 -0.10 -30.71
N LYS L 612 73.04 0.00 -29.96
CA LYS L 612 72.93 0.48 -28.58
C LYS L 612 72.67 1.97 -28.54
N SER L 613 72.98 2.69 -29.62
CA SER L 613 72.63 4.10 -29.67
C SER L 613 71.29 4.30 -30.36
N LEU L 614 70.69 3.22 -30.89
CA LEU L 614 69.33 3.34 -31.38
C LEU L 614 68.35 3.03 -30.27
N PHE L 615 68.71 2.12 -29.37
CA PHE L 615 67.90 1.86 -28.19
C PHE L 615 67.97 3.04 -27.22
N ARG L 616 69.13 3.66 -27.10
CA ARG L 616 69.32 4.74 -26.13
C ARG L 616 68.62 6.02 -26.57
N GLU L 617 68.57 6.27 -27.88
CA GLU L 617 68.01 7.53 -28.35
C GLU L 617 66.50 7.43 -28.58
N CYS L 618 66.00 6.22 -28.87
CA CYS L 618 64.56 6.06 -29.01
C CYS L 618 63.87 6.10 -27.66
N ILE L 619 64.54 5.58 -26.62
CA ILE L 619 64.05 5.73 -25.26
C ILE L 619 64.07 7.19 -24.85
N LEU L 620 65.13 7.90 -25.22
CA LEU L 620 65.32 9.27 -24.76
C LEU L 620 64.43 10.25 -25.51
N ALA L 621 64.00 9.89 -26.72
CA ALA L 621 63.19 10.81 -27.50
C ALA L 621 61.70 10.64 -27.21
N LEU L 622 61.34 9.75 -26.28
CA LEU L 622 59.99 9.73 -25.76
C LEU L 622 59.83 10.67 -24.58
N ARG L 623 60.82 11.53 -24.33
CA ARG L 623 60.66 12.61 -23.34
C ARG L 623 59.79 13.72 -23.88
N PHE L 624 59.50 13.71 -25.18
CA PHE L 624 58.71 14.76 -25.82
C PHE L 624 57.21 14.59 -25.57
N PHE L 625 56.84 13.55 -24.82
CA PHE L 625 55.52 13.42 -24.24
C PHE L 625 55.20 14.63 -23.36
N THR L 653 47.50 7.52 -22.28
CA THR L 653 48.06 8.30 -23.37
C THR L 653 48.38 7.39 -24.54
N LYS L 654 47.40 7.17 -25.42
CA LYS L 654 47.55 6.18 -26.49
C LYS L 654 48.46 6.65 -27.62
N GLU L 655 48.76 7.95 -27.69
CA GLU L 655 49.59 8.46 -28.77
C GLU L 655 51.05 8.08 -28.58
N GLU L 656 51.59 8.32 -27.38
CA GLU L 656 52.97 7.91 -27.10
C GLU L 656 53.05 6.41 -26.84
N LYS L 657 51.94 5.79 -26.42
CA LYS L 657 51.94 4.34 -26.23
C LYS L 657 51.83 3.60 -27.55
N ASP L 658 51.52 4.31 -28.64
CA ASP L 658 51.58 3.70 -29.96
C ASP L 658 53.02 3.57 -30.43
N LEU L 659 53.86 4.58 -30.15
CA LEU L 659 55.26 4.53 -30.53
C LEU L 659 56.01 3.45 -29.75
N MET L 660 55.55 3.17 -28.52
CA MET L 660 56.17 2.12 -27.72
C MET L 660 55.88 0.75 -28.29
N GLU L 661 54.82 0.61 -29.08
CA GLU L 661 54.63 -0.61 -29.85
C GLU L 661 55.57 -0.67 -31.03
N ILE L 662 55.79 0.47 -31.69
CA ILE L 662 56.67 0.49 -32.86
C ILE L 662 58.12 0.34 -32.44
N PHE L 663 58.48 0.84 -31.25
CA PHE L 663 59.85 0.74 -30.79
C PHE L 663 60.19 -0.67 -30.36
N ALA L 664 59.26 -1.34 -29.67
CA ALA L 664 59.57 -2.66 -29.14
C ALA L 664 59.53 -3.72 -30.23
N THR L 665 58.65 -3.57 -31.21
CA THR L 665 58.51 -4.58 -32.25
C THR L 665 59.70 -4.61 -33.18
N MET L 666 60.43 -3.49 -33.28
CA MET L 666 61.69 -3.48 -34.01
C MET L 666 62.73 -4.34 -33.31
N PHE L 667 62.65 -4.43 -31.97
CA PHE L 667 63.66 -5.14 -31.21
C PHE L 667 63.26 -6.56 -30.86
N ILE L 668 62.08 -7.02 -31.25
CA ILE L 668 61.71 -8.40 -30.98
C ILE L 668 62.42 -9.34 -31.95
N HIS L 669 62.35 -9.05 -33.24
CA HIS L 669 62.74 -9.99 -34.29
C HIS L 669 64.24 -9.99 -34.57
N ILE L 670 65.06 -9.38 -33.73
CA ILE L 670 66.49 -9.24 -34.00
C ILE L 670 67.26 -10.09 -32.99
N ASP L 671 67.60 -11.32 -33.42
CA ASP L 671 68.69 -12.19 -32.95
C ASP L 671 68.80 -12.28 -31.43
N PRO L 672 67.99 -13.10 -30.76
CA PRO L 672 67.92 -13.05 -29.29
C PRO L 672 69.21 -13.46 -28.57
N ALA L 673 70.26 -13.89 -29.28
CA ALA L 673 71.59 -13.91 -28.69
C ALA L 673 72.19 -12.51 -28.61
N SER L 674 71.85 -11.64 -29.56
CA SER L 674 72.30 -10.25 -29.56
C SER L 674 71.20 -9.29 -29.15
N PHE L 675 70.13 -9.81 -28.55
CA PHE L 675 69.15 -8.99 -27.85
C PHE L 675 69.33 -9.05 -26.35
N ASN L 676 69.96 -10.12 -25.85
CA ASN L 676 70.34 -10.18 -24.45
C ASN L 676 71.51 -9.26 -24.14
N GLU L 677 72.13 -8.70 -25.18
CA GLU L 677 73.26 -7.80 -24.97
C GLU L 677 72.83 -6.35 -25.03
N ILE L 678 71.88 -6.02 -25.90
CA ILE L 678 71.43 -4.64 -25.99
C ILE L 678 70.64 -4.26 -24.75
N VAL L 679 69.69 -5.11 -24.33
CA VAL L 679 68.84 -4.76 -23.22
C VAL L 679 69.56 -4.89 -21.88
N ARG L 680 70.70 -5.58 -21.83
CA ARG L 680 71.42 -5.69 -20.58
C ARG L 680 72.18 -4.43 -20.26
N GLU L 681 72.76 -3.78 -21.27
CA GLU L 681 73.52 -2.56 -21.01
C GLU L 681 72.61 -1.35 -20.84
N GLU L 682 71.40 -1.40 -21.39
CA GLU L 682 70.50 -0.27 -21.34
C GLU L 682 69.37 -0.44 -20.33
N LEU L 683 69.48 -1.43 -19.44
CA LEU L 683 68.54 -1.52 -18.33
C LEU L 683 68.84 -0.59 -17.16
N PRO L 684 70.09 -0.37 -16.72
CA PRO L 684 70.30 0.72 -15.74
C PRO L 684 70.04 2.09 -16.32
N PHE L 685 70.16 2.26 -17.63
CA PHE L 685 69.83 3.54 -18.25
C PHE L 685 68.33 3.74 -18.38
N MET L 686 67.59 2.66 -18.67
CA MET L 686 66.14 2.79 -18.81
C MET L 686 65.46 3.00 -17.47
N TYR L 687 66.01 2.43 -16.40
CA TYR L 687 65.43 2.61 -15.08
C TYR L 687 65.58 4.04 -14.59
N LYS L 688 66.62 4.74 -15.06
CA LYS L 688 66.78 6.13 -14.67
C LYS L 688 65.77 7.03 -15.35
N GLN L 689 65.42 6.75 -16.60
CA GLN L 689 64.39 7.53 -17.27
C GLN L 689 63.00 7.15 -16.78
N MET L 690 62.84 5.94 -16.24
CA MET L 690 61.54 5.45 -15.83
C MET L 690 61.07 6.08 -14.53
N LEU L 691 61.94 6.78 -13.80
CA LEU L 691 61.51 7.43 -12.57
C LEU L 691 60.70 8.68 -12.86
N ASP L 692 61.22 9.56 -13.71
CA ASP L 692 60.53 10.80 -14.05
C ASP L 692 59.39 10.59 -15.04
N PHE L 693 59.32 9.43 -15.68
CA PHE L 693 58.28 9.11 -16.63
C PHE L 693 57.78 7.69 -16.39
N ALA L 694 56.56 7.59 -15.90
CA ALA L 694 55.96 6.28 -15.64
C ALA L 694 55.41 5.63 -16.90
N SER L 695 55.31 6.36 -18.01
CA SER L 695 54.79 5.79 -19.24
C SER L 695 55.80 4.82 -19.86
N LEU L 696 57.08 4.95 -19.50
CA LEU L 696 58.11 4.09 -20.08
C LEU L 696 58.06 2.69 -19.48
N LEU L 697 57.21 2.47 -18.48
CA LEU L 697 57.01 1.16 -17.89
C LEU L 697 56.30 0.21 -18.85
N HIS L 698 55.67 0.76 -19.89
CA HIS L 698 55.00 -0.07 -20.89
C HIS L 698 56.00 -0.83 -21.75
N ILE L 699 57.23 -0.32 -21.86
CA ILE L 699 58.24 -0.99 -22.68
C ILE L 699 58.67 -2.35 -22.14
N PRO L 700 59.05 -2.50 -20.84
CA PRO L 700 59.33 -3.87 -20.40
C PRO L 700 58.09 -4.71 -20.24
N GLN L 701 56.91 -4.08 -20.18
CA GLN L 701 55.67 -4.83 -20.11
C GLN L 701 55.39 -5.52 -21.43
N PHE L 702 55.79 -4.92 -22.55
CA PHE L 702 55.53 -5.53 -23.85
C PHE L 702 56.64 -6.50 -24.23
N PHE L 703 57.83 -6.31 -23.66
CA PHE L 703 58.97 -7.16 -24.02
C PHE L 703 58.80 -8.57 -23.50
N LEU L 704 57.98 -8.75 -22.48
CA LEU L 704 57.67 -10.08 -21.96
C LEU L 704 56.22 -10.48 -22.17
N ALA L 705 55.46 -9.72 -22.95
CA ALA L 705 54.05 -10.01 -23.19
C ALA L 705 53.94 -11.03 -24.32
N SER L 706 54.06 -12.31 -23.95
CA SER L 706 53.66 -13.45 -24.78
C SER L 706 54.46 -13.53 -26.08
N VAL L 707 55.76 -13.35 -25.98
CA VAL L 707 56.60 -13.26 -27.17
C VAL L 707 57.75 -14.23 -27.06
N ILE L 708 58.66 -14.19 -28.05
CA ILE L 708 59.83 -15.05 -28.07
C ILE L 708 60.96 -14.54 -27.19
N THR L 709 60.78 -13.39 -26.54
CA THR L 709 61.77 -12.83 -25.63
C THR L 709 61.42 -13.02 -24.16
N SER L 710 60.28 -13.65 -23.87
CA SER L 710 59.82 -13.76 -22.49
C SER L 710 60.73 -14.67 -21.66
N SER L 711 61.28 -15.71 -22.29
CA SER L 711 62.12 -16.65 -21.56
C SER L 711 63.51 -16.12 -21.28
N SER L 712 63.90 -15.00 -21.90
CA SER L 712 65.24 -14.44 -21.70
C SER L 712 65.23 -13.06 -21.09
N PHE L 713 64.21 -12.24 -21.36
CA PHE L 713 64.16 -10.91 -20.78
C PHE L 713 63.78 -10.96 -19.31
N SER L 714 62.94 -11.92 -18.92
CA SER L 714 62.54 -12.03 -17.52
C SER L 714 63.68 -12.54 -16.65
N GLY L 715 64.62 -13.28 -17.22
CA GLY L 715 65.79 -13.68 -16.46
C GLY L 715 66.80 -12.56 -16.32
N ILE L 716 66.86 -11.67 -17.32
CA ILE L 716 67.73 -10.51 -17.24
C ILE L 716 67.17 -9.51 -16.26
N LEU L 717 65.85 -9.32 -16.28
CA LEU L 717 65.20 -8.34 -15.40
C LEU L 717 65.27 -8.75 -13.94
N ILE L 718 65.06 -10.04 -13.65
CA ILE L 718 65.06 -10.50 -12.27
C ILE L 718 66.46 -10.56 -11.70
N THR L 719 67.50 -10.56 -12.54
CA THR L 719 68.85 -10.41 -12.03
C THR L 719 69.12 -8.96 -11.65
N PHE L 720 68.48 -8.03 -12.38
CA PHE L 720 68.67 -6.61 -12.12
C PHE L 720 68.02 -6.19 -10.80
N LEU L 721 66.77 -6.58 -10.58
CA LEU L 721 66.02 -6.12 -9.42
C LEU L 721 66.49 -6.74 -8.11
N LYS L 722 67.23 -7.85 -8.16
CA LYS L 722 67.80 -8.38 -6.93
C LYS L 722 68.93 -7.51 -6.42
N SER L 723 69.56 -6.73 -7.31
CA SER L 723 70.58 -5.79 -6.88
C SER L 723 69.96 -4.57 -6.22
N LYS L 724 68.83 -4.10 -6.75
CA LYS L 724 68.12 -2.97 -6.18
C LYS L 724 67.20 -3.36 -5.03
N LEU L 725 67.21 -4.63 -4.61
CA LEU L 725 66.36 -5.07 -3.52
C LEU L 725 66.81 -4.50 -2.19
N VAL L 726 68.13 -4.34 -2.01
CA VAL L 726 68.64 -3.74 -0.78
C VAL L 726 68.33 -2.25 -0.75
N ASP L 727 68.27 -1.62 -1.92
CA ASP L 727 68.02 -0.19 -2.03
C ASP L 727 66.53 0.10 -2.21
N LEU L 728 65.67 -0.74 -1.65
CA LEU L 728 64.22 -0.50 -1.71
C LEU L 728 63.69 0.14 -0.45
N GLY L 729 64.26 -0.20 0.71
CA GLY L 729 63.74 0.32 1.96
C GLY L 729 64.15 1.75 2.26
N GLU L 730 65.02 2.33 1.45
CA GLU L 730 65.61 3.62 1.78
C GLU L 730 65.19 4.75 0.85
N VAL L 731 64.78 4.44 -0.37
CA VAL L 731 64.44 5.46 -1.36
C VAL L 731 63.10 6.10 -1.03
N ASN L 732 62.78 7.18 -1.74
CA ASN L 732 61.52 7.89 -1.58
C ASN L 732 60.41 7.15 -2.32
N ILE L 733 59.26 7.81 -2.50
CA ILE L 733 58.05 7.13 -2.95
C ILE L 733 58.15 6.74 -4.42
N ILE L 734 58.61 7.65 -5.29
CA ILE L 734 58.51 7.41 -6.72
C ILE L 734 59.54 6.37 -7.18
N LYS L 735 60.63 6.21 -6.43
CA LYS L 735 61.55 5.12 -6.74
C LYS L 735 61.07 3.81 -6.15
N SER L 736 60.31 3.87 -5.06
CA SER L 736 59.81 2.63 -4.46
C SER L 736 58.51 2.20 -5.10
N ASN L 737 57.77 3.15 -5.70
CA ASN L 737 56.58 2.79 -6.45
C ASN L 737 56.95 2.06 -7.73
N ILE L 738 57.96 2.58 -8.44
CA ILE L 738 58.39 1.99 -9.71
C ILE L 738 58.98 0.61 -9.48
N LEU L 739 59.73 0.45 -8.39
CA LEU L 739 60.47 -0.80 -8.16
C LEU L 739 59.55 -1.98 -7.88
N ILE L 740 58.42 -1.74 -7.21
CA ILE L 740 57.49 -2.83 -7.01
C ILE L 740 56.55 -2.99 -8.19
N ARG L 741 56.54 -2.04 -9.12
CA ARG L 741 55.80 -2.24 -10.37
C ARG L 741 56.55 -3.19 -11.28
N LEU L 742 57.88 -3.19 -11.23
CA LEU L 742 58.66 -4.11 -12.06
C LEU L 742 58.51 -5.55 -11.58
N PHE L 743 58.34 -5.74 -10.28
CA PHE L 743 58.05 -7.07 -9.78
C PHE L 743 56.65 -7.51 -10.19
N LYS L 744 55.72 -6.56 -10.26
CA LYS L 744 54.38 -6.84 -10.78
C LYS L 744 54.43 -7.25 -12.25
N LEU L 745 55.32 -6.63 -13.02
CA LEU L 745 55.45 -6.99 -14.43
C LEU L 745 56.13 -8.33 -14.58
N CYS L 746 57.03 -8.67 -13.66
CA CYS L 746 57.80 -9.89 -13.82
C CYS L 746 57.02 -11.11 -13.34
N PHE L 747 56.31 -10.99 -12.22
CA PHE L 747 55.64 -12.15 -11.64
C PHE L 747 54.34 -12.48 -12.35
N MET L 748 53.74 -11.53 -13.05
CA MET L 748 52.57 -11.85 -13.85
C MET L 748 52.94 -12.53 -15.16
N SER L 749 54.23 -12.59 -15.50
CA SER L 749 54.63 -13.27 -16.73
C SER L 749 54.59 -14.77 -16.56
N VAL L 750 54.95 -15.27 -15.37
CA VAL L 750 54.88 -16.70 -15.11
C VAL L 750 53.42 -17.16 -14.99
N SER L 751 52.51 -16.25 -14.65
CA SER L 751 51.09 -16.56 -14.73
C SER L 751 50.58 -16.54 -16.17
N LEU L 752 51.33 -15.93 -17.07
CA LEU L 752 50.98 -15.96 -18.48
C LEU L 752 51.53 -17.19 -19.17
N PHE L 753 52.66 -17.71 -18.70
CA PHE L 753 53.32 -18.85 -19.33
C PHE L 753 53.55 -19.98 -18.34
N PRO L 754 52.77 -21.06 -18.41
CA PRO L 754 53.16 -22.33 -17.77
C PRO L 754 54.13 -23.09 -18.67
N ALA L 755 55.31 -22.50 -18.84
CA ALA L 755 56.19 -22.80 -19.96
C ALA L 755 57.64 -22.59 -19.55
N ALA L 756 58.52 -22.34 -20.53
CA ALA L 756 59.92 -22.03 -20.26
C ALA L 756 60.13 -20.73 -19.46
N ASN L 757 59.09 -19.91 -19.27
CA ASN L 757 59.16 -18.74 -18.39
C ASN L 757 58.88 -19.08 -16.93
N GLU L 758 59.01 -20.34 -16.55
CA GLU L 758 58.79 -20.76 -15.18
C GLU L 758 60.08 -21.07 -14.45
N SER L 759 61.00 -21.78 -15.10
CA SER L 759 62.26 -22.18 -14.46
C SER L 759 63.27 -21.04 -14.34
N VAL L 760 63.00 -19.88 -14.95
CA VAL L 760 63.93 -18.77 -14.81
C VAL L 760 63.65 -17.96 -13.56
N ILE L 761 62.39 -17.92 -13.11
CA ILE L 761 62.06 -17.20 -11.89
C ILE L 761 62.16 -18.11 -10.67
N LEU L 762 61.80 -19.39 -10.83
CA LEU L 762 61.65 -20.43 -9.82
C LEU L 762 62.79 -20.57 -8.80
N PRO L 763 64.09 -20.54 -9.16
CA PRO L 763 65.10 -20.61 -8.10
C PRO L 763 65.36 -19.29 -7.40
N HIS L 764 64.95 -18.17 -7.98
CA HIS L 764 65.26 -16.88 -7.38
C HIS L 764 64.31 -16.53 -6.25
N LEU L 765 63.07 -17.00 -6.30
CA LEU L 765 62.07 -16.60 -5.32
C LEU L 765 62.29 -17.20 -3.95
N ASN L 766 63.15 -18.21 -3.83
CA ASN L 766 63.57 -18.63 -2.50
C ASN L 766 64.46 -17.57 -1.86
N GLU L 767 65.30 -16.91 -2.65
CA GLU L 767 66.13 -15.85 -2.12
C GLU L 767 65.32 -14.56 -1.94
N LEU L 768 64.40 -14.28 -2.86
CA LEU L 768 63.69 -13.01 -2.85
C LEU L 768 62.69 -12.91 -1.70
N ILE L 769 62.30 -14.05 -1.14
CA ILE L 769 61.46 -14.03 0.05
C ILE L 769 62.31 -13.87 1.30
N LEU L 770 63.37 -14.67 1.41
CA LEU L 770 64.18 -14.69 2.63
C LEU L 770 64.98 -13.40 2.77
N LYS L 771 65.40 -12.80 1.67
CA LYS L 771 66.10 -11.53 1.76
C LYS L 771 65.14 -10.35 1.84
N SER L 772 63.84 -10.60 1.77
CA SER L 772 62.88 -9.53 2.03
C SER L 772 62.45 -9.54 3.50
N LEU L 773 62.46 -10.71 4.13
CA LEU L 773 62.31 -10.76 5.57
C LEU L 773 63.55 -10.21 6.27
N LYS L 774 64.73 -10.53 5.75
CA LYS L 774 65.97 -10.12 6.38
C LYS L 774 66.25 -8.63 6.19
N LEU L 775 65.64 -8.00 5.18
CA LEU L 775 65.82 -6.57 4.98
C LEU L 775 64.76 -5.74 5.66
N SER L 776 63.62 -6.33 6.02
CA SER L 776 62.56 -5.57 6.64
C SER L 776 62.85 -5.22 8.08
N THR L 777 63.77 -5.93 8.72
CA THR L 777 64.15 -5.58 10.09
C THR L 777 65.22 -4.49 10.13
N THR L 778 65.78 -4.13 8.98
CA THR L 778 66.87 -3.16 8.92
C THR L 778 66.66 -2.17 7.78
N ALA L 779 65.44 -1.70 7.62
CA ALA L 779 65.11 -0.75 6.57
C ALA L 779 64.54 0.52 7.19
N LYS L 780 64.35 1.54 6.36
CA LYS L 780 63.77 2.78 6.82
C LYS L 780 62.25 2.74 6.74
N GLU L 781 61.71 2.20 5.65
CA GLU L 781 60.28 1.96 5.50
C GLU L 781 60.11 0.46 5.26
N PRO L 782 59.81 -0.32 6.29
CA PRO L 782 59.82 -1.78 6.13
C PRO L 782 58.61 -2.34 5.42
N LEU L 783 57.62 -1.51 5.09
CA LEU L 783 56.37 -2.01 4.56
C LEU L 783 56.45 -2.35 3.08
N VAL L 784 57.42 -1.79 2.35
CA VAL L 784 57.54 -2.10 0.93
C VAL L 784 58.12 -3.49 0.72
N TYR L 785 58.82 -4.03 1.72
CA TYR L 785 59.26 -5.41 1.65
C TYR L 785 58.12 -6.40 1.89
N PHE L 786 56.99 -5.93 2.40
CA PHE L 786 55.80 -6.76 2.54
C PHE L 786 54.77 -6.50 1.47
N TYR L 787 54.84 -5.34 0.81
CA TYR L 787 54.08 -5.16 -0.43
C TYR L 787 54.66 -6.01 -1.55
N LEU L 788 55.95 -6.34 -1.46
CA LEU L 788 56.60 -7.11 -2.51
C LEU L 788 56.15 -8.57 -2.50
N ILE L 789 56.07 -9.17 -1.32
CA ILE L 789 55.67 -10.58 -1.25
C ILE L 789 54.18 -10.71 -1.52
N ARG L 790 53.41 -9.66 -1.26
CA ARG L 790 51.97 -9.69 -1.52
C ARG L 790 51.70 -9.73 -3.02
N THR L 791 52.51 -9.04 -3.83
CA THR L 791 52.36 -9.15 -5.27
C THR L 791 53.06 -10.39 -5.81
N LEU L 792 53.80 -11.12 -4.96
CA LEU L 792 54.29 -12.42 -5.36
C LEU L 792 53.24 -13.49 -5.11
N PHE L 793 52.54 -13.39 -3.98
CA PHE L 793 51.55 -14.41 -3.63
C PHE L 793 50.29 -14.24 -4.46
N ARG L 794 49.97 -13.01 -4.86
CA ARG L 794 48.77 -12.79 -5.65
C ARG L 794 48.99 -13.20 -7.10
N SER L 795 50.20 -12.99 -7.63
CA SER L 795 50.46 -13.22 -9.04
C SER L 795 50.56 -14.69 -9.41
N ILE L 796 50.63 -15.58 -8.43
CA ILE L 796 50.54 -17.01 -8.67
C ILE L 796 49.33 -17.53 -7.89
N GLY L 797 48.75 -18.62 -8.38
CA GLY L 797 47.63 -19.24 -7.71
C GLY L 797 47.09 -20.41 -8.49
N GLY L 798 46.88 -21.54 -7.82
CA GLY L 798 46.63 -22.79 -8.53
C GLY L 798 47.81 -23.18 -9.39
N GLY L 799 49.03 -22.97 -8.89
CA GLY L 799 50.22 -23.03 -9.71
C GLY L 799 50.69 -24.44 -10.01
N ARG L 800 51.99 -24.56 -10.28
CA ARG L 800 52.51 -25.81 -10.83
C ARG L 800 52.81 -26.82 -9.73
N PHE L 801 53.79 -26.53 -8.88
CA PHE L 801 54.03 -27.38 -7.72
C PHE L 801 54.21 -26.58 -6.44
N GLU L 802 54.92 -25.45 -6.53
CA GLU L 802 55.44 -24.69 -5.40
C GLU L 802 56.14 -25.61 -4.38
N ASN L 803 57.06 -26.41 -4.88
CA ASN L 803 57.71 -27.43 -4.07
C ASN L 803 58.81 -26.85 -3.18
N LEU L 804 59.19 -25.60 -3.39
CA LEU L 804 60.23 -24.96 -2.59
C LEU L 804 59.64 -24.09 -1.47
N TYR L 805 58.42 -24.40 -1.04
CA TYR L 805 57.80 -23.68 0.06
C TYR L 805 57.61 -24.54 1.31
N LYS L 806 58.02 -25.81 1.28
CA LYS L 806 57.94 -26.62 2.48
C LYS L 806 59.00 -26.23 3.50
N GLU L 807 60.02 -25.49 3.10
CA GLU L 807 61.14 -25.18 3.97
C GLU L 807 61.10 -23.77 4.54
N ILE L 808 60.51 -22.82 3.83
CA ILE L 808 60.42 -21.45 4.32
C ILE L 808 59.12 -21.17 5.03
N MET L 809 58.21 -22.14 5.07
CA MET L 809 56.91 -21.91 5.71
C MET L 809 56.96 -21.80 7.23
N PRO L 810 57.65 -22.69 7.99
CA PRO L 810 57.63 -22.50 9.44
C PRO L 810 58.44 -21.32 9.93
N LEU L 811 59.19 -20.65 9.07
CA LEU L 811 59.84 -19.40 9.47
C LEU L 811 59.10 -18.18 8.96
N LEU L 812 58.24 -18.35 7.95
CA LEU L 812 57.47 -17.22 7.46
C LEU L 812 56.21 -17.01 8.29
N GLN L 813 55.65 -18.09 8.84
CA GLN L 813 54.50 -17.95 9.72
C GLN L 813 54.90 -17.31 11.04
N VAL L 814 55.95 -17.85 11.68
CA VAL L 814 56.39 -17.31 12.97
C VAL L 814 57.03 -15.94 12.86
N LEU L 815 57.30 -15.47 11.65
CA LEU L 815 57.61 -14.06 11.47
C LEU L 815 56.34 -13.23 11.40
N LEU L 816 55.29 -13.75 10.75
CA LEU L 816 54.10 -12.95 10.56
C LEU L 816 53.21 -12.94 11.79
N GLU L 817 53.11 -14.07 12.50
CA GLU L 817 52.28 -14.08 13.70
C GLU L 817 52.94 -13.35 14.85
N SER L 818 54.26 -13.18 14.80
CA SER L 818 54.94 -12.47 15.87
C SER L 818 54.96 -10.97 15.66
N LEU L 819 54.53 -10.47 14.51
CA LEU L 819 54.36 -9.04 14.32
C LEU L 819 53.00 -8.69 13.72
N SER L 820 52.04 -9.61 13.78
CA SER L 820 50.66 -9.20 13.71
C SER L 820 50.15 -8.82 15.09
N LYS L 821 50.86 -9.25 16.14
CA LYS L 821 50.54 -8.82 17.50
C LYS L 821 51.08 -7.41 17.74
N LEU L 822 52.33 -7.16 17.39
CA LEU L 822 53.04 -5.98 17.85
C LEU L 822 53.00 -4.83 16.85
N ILE L 823 51.93 -4.72 16.07
CA ILE L 823 51.79 -3.69 15.04
C ILE L 823 50.42 -3.05 15.16
N HIS L 824 50.37 -1.72 15.25
CA HIS L 824 49.14 -0.97 15.51
C HIS L 824 49.04 0.25 14.57
N GLU L 825 49.03 0.00 13.25
CA GLU L 825 48.60 0.99 12.25
C GLU L 825 49.50 2.22 12.14
N ALA L 826 50.60 2.09 11.38
CA ALA L 826 51.68 3.11 11.36
C ALA L 826 51.11 4.49 11.00
N ARG L 827 50.99 4.77 9.70
CA ARG L 827 50.36 6.05 9.28
C ARG L 827 48.90 6.02 9.74
N ARG L 828 48.21 4.88 9.55
CA ARG L 828 46.77 4.69 9.92
C ARG L 828 46.16 3.77 8.87
N PRO L 829 46.98 2.85 8.25
CA PRO L 829 46.73 2.14 6.99
C PRO L 829 46.18 0.72 7.14
N GLN L 830 45.84 0.31 8.36
CA GLN L 830 45.63 -1.09 8.74
C GLN L 830 46.77 -1.97 8.22
N GLU L 831 47.97 -1.69 8.73
CA GLU L 831 49.12 -2.49 8.32
C GLU L 831 49.16 -3.83 9.04
N ARG L 832 48.28 -4.06 10.01
CA ARG L 832 48.05 -5.43 10.45
C ARG L 832 47.20 -6.18 9.44
N ASP L 833 46.52 -5.47 8.54
CA ASP L 833 45.73 -6.13 7.52
C ASP L 833 46.51 -6.38 6.24
N ILE L 834 47.83 -6.16 6.27
CA ILE L 834 48.69 -6.67 5.21
C ILE L 834 49.35 -7.96 5.65
N TYR L 835 49.64 -8.08 6.95
CA TYR L 835 50.30 -9.28 7.46
C TYR L 835 49.36 -10.48 7.43
N VAL L 836 48.06 -10.23 7.59
CA VAL L 836 47.12 -11.35 7.53
C VAL L 836 46.93 -11.81 6.09
N GLU L 837 46.98 -10.90 5.11
CA GLU L 837 46.80 -11.29 3.72
C GLU L 837 48.00 -12.01 3.14
N LEU L 838 49.17 -11.89 3.76
CA LEU L 838 50.26 -12.81 3.45
C LEU L 838 50.06 -14.14 4.18
N CYS L 839 49.51 -14.08 5.39
CA CYS L 839 49.40 -15.28 6.22
C CYS L 839 48.32 -16.21 5.69
N LEU L 840 47.23 -15.66 5.16
CA LEU L 840 46.12 -16.49 4.74
C LEU L 840 46.24 -16.96 3.30
N THR L 841 47.00 -16.27 2.46
CA THR L 841 47.09 -16.58 1.04
C THR L 841 48.46 -17.12 0.65
N VAL L 842 49.02 -18.00 1.47
CA VAL L 842 50.23 -18.72 1.08
C VAL L 842 49.84 -19.69 -0.03
N PRO L 843 50.60 -19.75 -1.13
CA PRO L 843 50.15 -20.51 -2.29
C PRO L 843 50.61 -21.96 -2.29
N VAL L 844 50.09 -22.75 -1.36
CA VAL L 844 50.43 -24.17 -1.28
C VAL L 844 49.17 -25.00 -1.24
N ARG L 845 49.33 -26.32 -1.12
CA ARG L 845 48.21 -27.25 -1.00
C ARG L 845 47.90 -27.48 0.46
N LEU L 846 46.62 -27.72 0.76
CA LEU L 846 46.19 -27.83 2.15
C LEU L 846 46.55 -29.17 2.78
N SER L 847 46.96 -30.16 1.98
CA SER L 847 46.99 -31.54 2.46
C SER L 847 48.10 -31.77 3.47
N VAL L 848 49.34 -31.51 3.09
CA VAL L 848 50.47 -31.87 3.96
C VAL L 848 51.15 -30.58 4.42
N LEU L 849 51.20 -29.60 3.52
CA LEU L 849 51.82 -28.28 3.80
C LEU L 849 50.94 -27.50 4.79
N VAL L 850 49.62 -27.48 4.58
CA VAL L 850 48.70 -26.69 5.45
C VAL L 850 48.70 -27.21 6.89
N PRO L 851 48.83 -28.52 7.18
CA PRO L 851 48.91 -29.01 8.55
C PRO L 851 50.03 -28.24 9.26
N HIS L 852 49.83 -27.89 10.53
CA HIS L 852 50.79 -27.00 11.26
C HIS L 852 50.37 -25.55 10.98
N LEU L 853 49.24 -25.37 10.28
CA LEU L 853 48.72 -24.01 10.00
C LEU L 853 48.37 -23.33 11.31
N SER L 854 47.86 -24.08 12.30
CA SER L 854 47.49 -23.55 13.65
C SER L 854 47.82 -22.06 13.79
N TYR L 855 49.09 -21.70 13.56
CA TYR L 855 49.51 -20.31 13.43
C TYR L 855 48.46 -19.45 12.76
N LEU L 856 47.54 -20.05 12.03
CA LEU L 856 46.57 -19.31 11.23
C LEU L 856 45.27 -19.05 11.95
N MET L 857 45.13 -19.47 13.20
CA MET L 857 43.84 -19.33 13.88
C MET L 857 43.65 -17.95 14.49
N LYS L 858 44.71 -17.35 15.02
CA LYS L 858 44.56 -16.00 15.55
C LYS L 858 44.52 -14.93 14.45
N PRO L 859 45.26 -15.02 13.33
CA PRO L 859 44.94 -14.13 12.20
C PRO L 859 43.69 -14.51 11.43
N LEU L 860 43.03 -15.61 11.75
CA LEU L 860 41.74 -15.88 11.12
C LEU L 860 40.70 -14.90 11.62
N VAL L 861 40.72 -14.58 12.92
CA VAL L 861 39.70 -13.72 13.49
C VAL L 861 39.98 -12.25 13.26
N TYR L 862 41.19 -11.88 12.81
CA TYR L 862 41.42 -10.50 12.42
C TYR L 862 40.90 -10.24 11.02
N ALA L 863 40.78 -11.29 10.21
CA ALA L 863 40.32 -11.11 8.84
C ALA L 863 38.80 -11.12 8.78
N LEU L 864 38.16 -11.87 9.67
CA LEU L 864 36.71 -11.94 9.65
C LEU L 864 36.08 -10.71 10.32
N ASN L 865 36.71 -10.21 11.38
CA ASN L 865 36.04 -9.23 12.24
C ASN L 865 36.10 -7.83 11.65
N GLY L 866 37.29 -7.28 11.49
CA GLY L 866 37.44 -5.89 11.16
C GLY L 866 37.63 -5.55 9.70
N SER L 867 37.50 -6.50 8.80
CA SER L 867 37.84 -6.25 7.41
C SER L 867 36.59 -5.94 6.59
N GLN L 868 36.80 -5.65 5.31
CA GLN L 868 35.72 -5.28 4.41
C GLN L 868 35.58 -6.21 3.22
N GLU L 869 36.66 -6.54 2.54
CA GLU L 869 36.60 -7.47 1.42
C GLU L 869 37.71 -8.51 1.49
N SER L 870 38.58 -8.45 2.49
CA SER L 870 39.39 -9.60 2.85
C SER L 870 38.69 -10.46 3.90
N VAL L 871 37.46 -10.11 4.25
CA VAL L 871 36.55 -11.05 4.90
C VAL L 871 36.33 -12.25 3.99
N SER L 872 36.13 -12.00 2.69
CA SER L 872 35.92 -13.06 1.72
C SER L 872 37.14 -13.96 1.57
N GLN L 873 38.33 -13.41 1.82
CA GLN L 873 39.52 -14.26 1.93
C GLN L 873 39.48 -15.08 3.20
N GLY L 874 38.97 -14.50 4.29
CA GLY L 874 38.96 -15.21 5.56
C GLY L 874 37.91 -16.30 5.61
N LEU L 875 36.76 -16.09 4.95
CA LEU L 875 35.75 -17.14 4.89
C LEU L 875 36.17 -18.26 3.95
N ARG L 876 36.99 -17.95 2.96
CA ARG L 876 37.36 -18.95 1.96
C ARG L 876 38.29 -20.00 2.56
N THR L 877 39.21 -19.58 3.42
CA THR L 877 40.09 -20.54 4.07
C THR L 877 39.38 -21.29 5.19
N LEU L 878 38.31 -20.71 5.73
CA LEU L 878 37.57 -21.40 6.77
C LEU L 878 36.67 -22.48 6.18
N GLU L 879 36.17 -22.26 4.97
CA GLU L 879 35.36 -23.28 4.32
C GLU L 879 36.21 -24.47 3.91
N LEU L 880 37.48 -24.23 3.60
CA LEU L 880 38.35 -25.30 3.13
C LEU L 880 38.73 -26.24 4.26
N CYS L 881 38.85 -25.71 5.47
CA CYS L 881 39.35 -26.52 6.58
C CYS L 881 38.24 -27.15 7.40
N VAL L 882 36.97 -26.91 7.05
CA VAL L 882 35.87 -27.59 7.73
C VAL L 882 35.57 -28.92 7.05
N ASP L 883 35.45 -28.92 5.73
CA ASP L 883 34.97 -30.11 5.04
C ASP L 883 36.10 -31.09 4.73
N ASN L 884 37.31 -30.58 4.54
CA ASN L 884 38.44 -31.46 4.23
C ASN L 884 38.89 -32.23 5.46
N LEU L 885 39.11 -31.53 6.56
CA LEU L 885 39.65 -32.14 7.77
C LEU L 885 38.60 -32.99 8.48
N THR L 886 39.04 -33.66 9.53
CA THR L 886 38.16 -34.47 10.36
C THR L 886 37.88 -33.76 11.69
N ALA L 887 36.78 -34.18 12.31
CA ALA L 887 36.35 -33.53 13.54
C ALA L 887 37.23 -33.93 14.72
N GLU L 888 37.87 -35.10 14.65
CA GLU L 888 38.77 -35.49 15.73
C GLU L 888 40.07 -34.73 15.67
N TYR L 889 40.42 -34.14 14.52
CA TYR L 889 41.66 -33.39 14.40
C TYR L 889 41.43 -31.89 14.44
N PHE L 890 40.42 -31.39 13.73
CA PHE L 890 40.24 -29.95 13.58
C PHE L 890 39.59 -29.29 14.80
N ASP L 891 38.73 -30.00 15.52
CA ASP L 891 38.10 -29.41 16.71
C ASP L 891 39.08 -29.04 17.82
N PRO L 892 40.10 -29.85 18.20
CA PRO L 892 41.04 -29.35 19.22
C PRO L 892 41.94 -28.21 18.76
N ILE L 893 41.98 -27.91 17.46
CA ILE L 893 42.82 -26.81 16.97
C ILE L 893 42.18 -25.46 17.31
N ILE L 894 40.87 -25.32 17.05
CA ILE L 894 40.23 -24.03 17.14
C ILE L 894 39.65 -23.69 18.50
N GLU L 895 39.76 -24.59 19.49
CA GLU L 895 39.24 -24.35 20.85
C GLU L 895 39.66 -23.04 21.53
N PRO L 896 40.88 -22.50 21.37
CA PRO L 896 41.12 -21.17 21.96
C PRO L 896 40.35 -20.05 21.30
N VAL L 897 39.97 -20.18 20.04
CA VAL L 897 39.33 -19.06 19.34
C VAL L 897 37.99 -19.45 18.76
N ILE L 898 37.41 -20.56 19.23
CA ILE L 898 36.08 -20.94 18.74
C ILE L 898 35.03 -19.99 19.29
N ASP L 899 35.25 -19.51 20.52
CA ASP L 899 34.31 -18.58 21.12
C ASP L 899 34.44 -17.18 20.52
N ASP L 900 35.54 -16.93 19.79
CA ASP L 900 35.75 -15.62 19.18
C ASP L 900 35.50 -15.62 17.69
N VAL L 901 35.49 -16.79 17.04
CA VAL L 901 35.21 -16.80 15.60
C VAL L 901 33.71 -16.78 15.37
N MET L 902 32.92 -17.31 16.30
CA MET L 902 31.48 -17.36 16.12
C MET L 902 30.80 -16.05 16.52
N GLU L 903 31.51 -15.12 17.16
CA GLU L 903 30.98 -13.77 17.29
C GLU L 903 31.19 -12.96 16.03
N ALA L 904 32.29 -13.19 15.32
CA ALA L 904 32.56 -12.50 14.07
C ALA L 904 31.92 -13.18 12.88
N LEU L 905 31.58 -14.46 12.99
CA LEU L 905 30.78 -15.10 11.96
C LEU L 905 29.33 -14.67 12.02
N SER L 906 28.83 -14.29 13.20
CA SER L 906 27.43 -13.93 13.34
C SER L 906 27.14 -12.48 12.96
N LYS L 907 28.16 -11.67 12.74
CA LYS L 907 27.96 -10.32 12.25
C LYS L 907 27.75 -10.29 10.74
N HIS L 908 27.86 -11.43 10.07
CA HIS L 908 27.74 -11.49 8.63
C HIS L 908 26.40 -12.00 8.17
N LEU L 909 25.62 -12.61 9.05
CA LEU L 909 24.29 -13.07 8.66
C LEU L 909 23.36 -11.86 8.73
N LYS L 910 23.13 -11.23 7.60
CA LYS L 910 22.26 -10.07 7.48
C LYS L 910 21.63 -10.08 6.10
N PRO L 911 20.41 -9.53 5.95
CA PRO L 911 19.69 -9.67 4.67
C PRO L 911 20.23 -8.82 3.52
N LEU L 912 19.49 -8.82 2.41
CA LEU L 912 19.88 -8.39 1.07
C LEU L 912 20.47 -6.97 0.92
N PRO L 913 20.21 -5.99 1.81
CA PRO L 913 21.09 -4.80 1.81
C PRO L 913 22.55 -5.13 2.06
N TYR L 914 22.85 -6.07 2.95
CA TYR L 914 24.17 -6.65 3.08
C TYR L 914 24.42 -7.60 1.91
N TYR L 915 25.63 -8.15 1.83
CA TYR L 915 25.99 -9.04 0.72
C TYR L 915 25.15 -10.32 0.72
N HIS L 916 24.82 -10.77 -0.48
CA HIS L 916 24.38 -12.13 -0.69
C HIS L 916 25.54 -13.09 -0.83
N GLN L 917 26.77 -12.57 -0.82
CA GLN L 917 27.96 -13.37 -1.02
C GLN L 917 28.50 -13.88 0.31
N HIS L 918 28.59 -13.00 1.31
CA HIS L 918 29.12 -13.41 2.60
C HIS L 918 28.04 -14.05 3.47
N SER L 919 26.81 -13.55 3.38
CA SER L 919 25.75 -14.04 4.26
C SER L 919 25.27 -15.42 3.82
N HIS L 920 25.52 -15.79 2.56
CA HIS L 920 25.17 -17.15 2.13
C HIS L 920 26.34 -18.09 2.30
N THR L 921 27.58 -17.57 2.29
CA THR L 921 28.74 -18.41 2.54
C THR L 921 28.83 -18.80 4.01
N THR L 922 28.46 -17.88 4.90
CA THR L 922 28.53 -18.15 6.33
C THR L 922 27.50 -19.20 6.74
N LEU L 923 26.31 -19.15 6.14
CA LEU L 923 25.26 -20.12 6.43
C LEU L 923 25.67 -21.52 6.00
N ARG L 924 26.48 -21.62 4.95
CA ARG L 924 26.96 -22.93 4.51
C ARG L 924 28.04 -23.45 5.45
N ILE L 925 28.83 -22.56 6.04
CA ILE L 925 29.86 -23.00 6.96
C ILE L 925 29.25 -23.46 8.28
N LEU L 926 28.24 -22.74 8.77
CA LEU L 926 27.53 -23.11 9.98
C LEU L 926 26.50 -24.21 9.76
N GLY L 927 26.41 -24.77 8.57
CA GLY L 927 25.54 -25.91 8.36
C GLY L 927 26.32 -27.15 8.04
N LYS L 928 27.45 -26.98 7.34
CA LYS L 928 28.24 -28.13 6.89
C LYS L 928 28.90 -28.85 8.04
N LEU L 929 29.17 -28.15 9.14
CA LEU L 929 29.37 -28.78 10.42
C LEU L 929 28.00 -28.79 11.12
N GLY L 930 27.54 -29.96 11.50
CA GLY L 930 26.13 -30.07 11.83
C GLY L 930 25.78 -29.85 13.28
N GLY L 931 26.39 -30.62 14.17
CA GLY L 931 26.07 -30.52 15.57
C GLY L 931 27.14 -29.77 16.32
N ARG L 932 28.26 -29.53 15.65
CA ARG L 932 29.37 -28.80 16.22
C ARG L 932 29.18 -27.28 16.17
N ASN L 933 28.04 -26.82 15.67
CA ASN L 933 27.63 -25.43 15.79
C ASN L 933 27.49 -25.07 17.26
N ARG L 934 26.55 -25.71 17.92
CA ARG L 934 26.11 -25.36 19.25
C ARG L 934 26.81 -26.15 20.33
N THR L 935 27.98 -26.71 20.05
CA THR L 935 28.74 -27.34 21.11
C THR L 935 29.60 -26.34 21.87
N PHE L 936 29.72 -25.11 21.38
CA PHE L 936 30.44 -24.06 22.07
C PHE L 936 29.54 -23.18 22.91
N ILE L 937 28.22 -23.29 22.76
CA ILE L 937 27.28 -22.37 23.36
C ILE L 937 27.31 -22.59 24.86
N LYS L 938 27.86 -21.63 25.57
CA LYS L 938 28.16 -21.79 26.98
C LYS L 938 27.71 -20.54 27.72
N PRO L 939 27.66 -20.55 29.05
CA PRO L 939 27.52 -19.30 29.79
C PRO L 939 28.62 -18.30 29.47
N VAL L 940 28.22 -17.04 29.29
CA VAL L 940 29.15 -16.00 28.87
C VAL L 940 30.03 -15.61 30.04
N ASP L 941 31.15 -14.98 29.73
CA ASP L 941 32.11 -14.57 30.74
C ASP L 941 32.52 -13.10 30.62
N ASN L 942 32.44 -12.52 29.43
CA ASN L 942 32.87 -11.14 29.23
C ASN L 942 31.68 -10.18 29.34
N LEU L 943 31.16 -10.09 30.57
CA LEU L 943 30.11 -9.13 30.88
C LEU L 943 30.79 -7.82 31.25
N LYS L 944 30.56 -6.79 30.44
CA LYS L 944 31.23 -5.51 30.57
C LYS L 944 30.70 -4.78 31.80
N THR L 945 31.48 -4.79 32.88
CA THR L 945 31.06 -4.26 34.17
C THR L 945 31.54 -2.81 34.35
N ASP L 946 30.94 -1.93 33.55
CA ASP L 946 31.05 -0.46 33.66
C ASP L 946 32.51 0.00 33.53
N SER L 947 33.03 -0.11 32.31
CA SER L 947 34.43 0.16 32.03
C SER L 947 34.72 1.66 32.06
N GLU L 948 35.95 2.03 31.64
CA GLU L 948 36.48 3.36 31.90
C GLU L 948 35.81 4.44 31.05
N LEU L 949 35.54 4.17 29.79
CA LEU L 949 34.81 5.15 28.99
C LEU L 949 33.31 5.06 29.23
N PHE L 950 32.85 3.97 29.85
CA PHE L 950 31.48 3.85 30.29
C PHE L 950 31.20 4.62 31.56
N GLN L 951 32.25 5.17 32.20
CA GLN L 951 32.15 5.75 33.53
C GLN L 951 31.25 6.98 33.49
N ASN L 952 30.12 6.89 34.16
CA ASN L 952 29.16 7.99 34.18
C ASN L 952 29.67 9.12 35.06
N VAL L 953 30.44 10.03 34.48
CA VAL L 953 30.87 11.21 35.20
C VAL L 953 29.74 12.25 35.11
N GLU L 954 29.51 12.95 36.21
CA GLU L 954 28.29 13.72 36.41
C GLU L 954 28.65 15.20 36.47
N ALA L 955 28.39 15.92 35.37
CA ALA L 955 28.51 17.36 35.39
C ALA L 955 27.18 17.97 35.79
N MET L 956 27.23 18.99 36.63
CA MET L 956 26.03 19.64 37.10
C MET L 956 25.59 20.71 36.10
N PHE L 957 24.41 20.51 35.54
CA PHE L 957 23.83 21.36 34.53
C PHE L 957 22.80 22.29 35.14
N LYS L 958 22.23 23.15 34.30
CA LYS L 958 21.22 24.12 34.68
C LYS L 958 20.22 24.21 33.54
N ILE L 959 19.01 23.72 33.75
CA ILE L 959 17.96 23.74 32.74
C ILE L 959 16.82 24.61 33.25
N HIS L 960 15.96 25.04 32.32
CA HIS L 960 14.94 26.03 32.60
C HIS L 960 13.69 25.45 33.25
N GLY L 961 13.33 24.22 32.93
CA GLY L 961 12.18 23.62 33.58
C GLY L 961 12.50 23.19 34.99
N LEU L 962 13.54 22.36 35.12
CA LEU L 962 14.00 21.83 36.39
C LEU L 962 14.75 22.91 37.16
N PRO L 963 14.18 23.46 38.22
CA PRO L 963 14.78 24.61 38.91
C PRO L 963 15.84 24.24 39.94
N ASN L 964 16.82 23.45 39.52
CA ASN L 964 17.90 23.00 40.39
C ASN L 964 19.13 22.71 39.54
N GLU L 965 20.15 22.15 40.17
CA GLU L 965 21.41 21.82 39.50
C GLU L 965 21.44 20.32 39.28
N VAL L 966 20.89 19.87 38.16
CA VAL L 966 20.77 18.44 37.89
C VAL L 966 22.06 17.91 37.28
N PRO L 967 22.50 16.71 37.67
CA PRO L 967 23.67 16.12 37.02
C PRO L 967 23.28 15.25 35.83
N LEU L 968 24.12 15.28 34.81
CA LEU L 968 23.96 14.43 33.64
C LEU L 968 25.30 13.80 33.28
N SER L 969 25.23 12.65 32.64
CA SER L 969 26.44 12.02 32.09
C SER L 969 26.90 12.80 30.87
N ILE L 970 28.09 13.37 30.93
CA ILE L 970 28.63 14.14 29.82
C ILE L 970 29.50 13.25 28.95
N THR L 971 29.39 11.94 29.14
CA THR L 971 30.03 10.97 28.26
C THR L 971 29.06 9.98 27.60
N PRO L 972 28.16 10.43 26.72
CA PRO L 972 27.51 9.48 25.82
C PRO L 972 28.15 9.39 24.45
N GLY L 973 29.10 10.26 24.14
CA GLY L 973 29.74 10.26 22.84
C GLY L 973 31.22 10.04 22.91
N LEU L 974 31.71 9.69 24.10
CA LEU L 974 33.13 9.47 24.30
C LEU L 974 33.61 8.24 23.53
N SER L 975 32.73 7.27 23.34
CA SER L 975 33.06 6.11 22.50
C SER L 975 33.16 6.53 21.05
N ALA L 976 32.36 7.51 20.63
CA ALA L 976 32.42 7.98 19.26
C ALA L 976 33.39 9.14 19.12
N ALA L 977 33.88 9.68 20.22
CA ALA L 977 34.90 10.72 20.13
C ALA L 977 36.27 10.10 19.88
N PHE L 978 36.57 8.98 20.54
CA PHE L 978 37.85 8.32 20.36
C PHE L 978 37.98 7.73 18.97
N SER L 979 36.90 7.20 18.43
CA SER L 979 36.95 6.56 17.13
C SER L 979 36.84 7.55 15.97
N LEU L 980 36.52 8.81 16.25
CA LEU L 980 36.46 9.81 15.18
C LEU L 980 37.75 10.60 15.08
N LEU L 981 38.43 10.79 16.20
CA LEU L 981 39.64 11.61 16.21
C LEU L 981 40.81 10.91 15.54
N THR L 982 40.81 9.57 15.54
CA THR L 982 41.95 8.80 15.05
C THR L 982 41.67 8.12 13.71
N ASP L 983 40.68 8.59 12.95
CA ASP L 983 40.40 8.05 11.64
C ASP L 983 40.56 9.13 10.57
N PRO L 984 41.27 8.86 9.48
CA PRO L 984 41.45 9.88 8.44
C PRO L 984 40.29 9.93 7.45
N ARG L 985 39.46 8.90 7.44
CA ARG L 985 38.31 8.82 6.53
C ARG L 985 37.21 9.86 6.74
N PRO L 986 36.75 10.20 7.95
CA PRO L 986 35.71 11.22 8.06
C PRO L 986 36.25 12.62 7.79
N ARG L 987 35.32 13.56 7.65
CA ARG L 987 35.69 14.93 7.33
C ARG L 987 36.34 15.61 8.53
N ILE L 988 37.02 16.73 8.26
CA ILE L 988 37.84 17.39 9.26
C ILE L 988 36.97 18.09 10.30
N HIS L 989 35.73 18.44 9.95
CA HIS L 989 34.91 19.20 10.88
C HIS L 989 34.40 18.34 12.02
N TYR L 990 34.17 17.05 11.76
CA TYR L 990 33.82 16.15 12.85
C TYR L 990 35.04 15.85 13.71
N ARG L 991 36.23 15.87 13.11
CA ARG L 991 37.43 15.52 13.86
C ARG L 991 37.89 16.67 14.75
N ILE L 992 37.57 17.91 14.37
CA ILE L 992 37.87 19.05 15.23
C ILE L 992 36.87 19.11 16.38
N ASN L 993 35.60 18.81 16.09
CA ASN L 993 34.57 18.80 17.13
C ASN L 993 34.77 17.66 18.11
N SER L 994 35.38 16.56 17.67
CA SER L 994 35.67 15.47 18.60
C SER L 994 36.75 15.87 19.59
N PHE L 995 37.64 16.79 19.21
CA PHE L 995 38.65 17.25 20.14
C PHE L 995 38.06 18.22 21.16
N LYS L 996 37.17 19.11 20.72
CA LYS L 996 36.53 20.04 21.66
C LYS L 996 35.66 19.30 22.66
N TYR L 997 35.10 18.16 22.26
CA TYR L 997 34.44 17.28 23.22
C TYR L 997 35.45 16.69 24.19
N ILE L 998 36.55 16.16 23.66
CA ILE L 998 37.52 15.43 24.49
C ILE L 998 38.25 16.38 25.42
N SER L 999 38.69 17.53 24.91
CA SER L 999 39.30 18.53 25.78
C SER L 999 38.26 19.19 26.67
N GLY L 1000 36.98 19.14 26.27
CA GLY L 1000 35.93 19.69 27.12
C GLY L 1000 35.70 18.87 28.37
N ILE L 1001 35.78 17.54 28.26
CA ILE L 1001 35.67 16.72 29.46
C ILE L 1001 36.96 16.80 30.28
N PHE L 1002 38.09 16.96 29.60
CA PHE L 1002 39.38 16.93 30.29
C PHE L 1002 39.60 18.18 31.14
N GLN L 1003 39.07 19.32 30.70
CA GLN L 1003 39.24 20.53 31.50
C GLN L 1003 38.34 20.54 32.72
N LEU L 1004 37.34 19.68 32.77
CA LEU L 1004 36.48 19.58 33.94
C LEU L 1004 37.08 18.72 35.03
N PHE L 1005 38.01 17.82 34.68
CA PHE L 1005 38.75 17.09 35.70
C PHE L 1005 39.90 17.91 36.24
N LEU L 1006 40.48 18.75 35.38
CA LEU L 1006 41.70 19.46 35.73
C LEU L 1006 41.41 20.60 36.69
N GLY L 1007 40.48 21.48 36.33
CA GLY L 1007 40.23 22.66 37.14
C GLY L 1007 39.39 22.39 38.36
N ALA L 1008 38.84 21.18 38.50
CA ALA L 1008 38.01 20.88 39.65
C ALA L 1008 38.84 20.61 40.90
N THR L 1009 40.14 20.38 40.72
CA THR L 1009 41.03 20.18 41.86
C THR L 1009 41.22 21.49 42.62
N GLN L 1010 41.14 21.40 43.94
CA GLN L 1010 41.26 22.60 44.78
C GLN L 1010 42.71 23.05 44.84
N LEU L 1011 42.95 24.29 44.43
CA LEU L 1011 44.29 24.84 44.48
C LEU L 1011 44.64 25.25 45.90
N PRO L 1012 45.93 25.50 46.17
CA PRO L 1012 46.31 25.91 47.52
C PRO L 1012 45.95 27.37 47.78
N ASP L 1013 45.67 27.67 49.06
CA ASP L 1013 45.33 29.04 49.43
C ASP L 1013 46.56 29.95 49.36
N ASP L 1014 47.66 29.53 49.97
CA ASP L 1014 48.95 30.23 49.90
C ASP L 1014 49.99 29.21 49.51
N TYR L 1015 50.15 28.99 48.19
CA TYR L 1015 51.10 28.00 47.72
C TYR L 1015 52.54 28.49 47.87
N ALA L 1016 52.74 29.81 47.84
CA ALA L 1016 54.07 30.35 48.09
C ALA L 1016 54.46 30.18 49.55
N ASN L 1017 53.50 30.31 50.47
CA ASN L 1017 53.78 30.02 51.87
C ASN L 1017 53.89 28.52 52.09
N ARG L 1018 53.18 27.72 51.30
CA ARG L 1018 53.32 26.28 51.39
C ARG L 1018 54.64 25.81 50.78
N LEU L 1019 55.19 26.60 49.86
CA LEU L 1019 56.50 26.25 49.28
C LEU L 1019 57.61 26.46 50.30
N LYS L 1020 57.47 27.46 51.17
CA LYS L 1020 58.46 27.67 52.23
C LYS L 1020 58.34 26.60 53.31
N GLU L 1021 57.14 26.05 53.49
CA GLU L 1021 56.91 25.01 54.48
C GLU L 1021 57.37 23.65 53.95
N ASP L 1052 39.52 5.64 41.84
CA ASP L 1052 40.51 4.73 41.29
C ASP L 1052 40.26 4.43 39.81
N SER L 1053 38.99 4.51 39.40
CA SER L 1053 38.64 4.26 38.01
C SER L 1053 38.81 5.49 37.14
N GLN L 1054 39.02 6.66 37.75
CA GLN L 1054 39.31 7.86 36.97
C GLN L 1054 40.68 7.78 36.34
N MET L 1055 41.63 7.14 37.01
CA MET L 1055 43.04 7.27 36.64
C MET L 1055 43.41 6.35 35.48
N GLU L 1056 42.46 5.57 34.97
CA GLU L 1056 42.65 4.97 33.67
C GLU L 1056 41.77 5.62 32.61
N LEU L 1057 40.82 6.44 33.02
CA LEU L 1057 40.06 7.24 32.07
C LEU L 1057 40.85 8.46 31.63
N LEU L 1058 41.55 9.09 32.58
CA LEU L 1058 42.32 10.30 32.27
C LEU L 1058 43.49 10.00 31.35
N VAL L 1059 44.08 8.81 31.44
CA VAL L 1059 45.17 8.44 30.56
C VAL L 1059 44.65 8.24 29.14
N LYS L 1060 43.42 7.77 29.01
CA LYS L 1060 42.83 7.70 27.67
C LYS L 1060 42.39 9.07 27.18
N LEU L 1061 42.07 9.96 28.12
CA LEU L 1061 41.69 11.33 27.74
C LEU L 1061 42.91 12.14 27.35
N LEU L 1062 43.95 12.13 28.20
CA LEU L 1062 45.17 12.88 27.94
C LEU L 1062 45.94 12.34 26.73
N GLU L 1063 45.68 11.10 26.32
CA GLU L 1063 46.35 10.60 25.14
C GLU L 1063 45.77 11.18 23.87
N SER L 1064 44.46 11.41 23.83
CA SER L 1064 43.87 12.02 22.65
C SER L 1064 44.19 13.50 22.57
N ILE L 1065 44.56 14.12 23.70
CA ILE L 1065 45.11 15.47 23.67
C ILE L 1065 46.48 15.45 23.00
N PHE L 1066 47.28 14.44 23.32
CA PHE L 1066 48.60 14.31 22.70
C PHE L 1066 48.48 13.98 21.22
N TYR L 1067 47.46 13.23 20.82
CA TYR L 1067 47.28 12.94 19.40
C TYR L 1067 46.80 14.17 18.64
N ALA L 1068 46.16 15.11 19.33
CA ALA L 1068 45.67 16.33 18.69
C ALA L 1068 46.79 17.29 18.30
N VAL L 1069 48.00 17.08 18.81
CA VAL L 1069 49.17 17.82 18.34
C VAL L 1069 49.44 17.49 16.88
N SER L 1070 49.24 16.24 16.49
CA SER L 1070 49.48 15.81 15.13
C SER L 1070 48.44 16.32 14.13
N LEU L 1071 47.35 16.92 14.60
CA LEU L 1071 46.38 17.53 13.71
C LEU L 1071 46.75 18.99 13.44
N GLN L 1072 46.56 19.40 12.19
CA GLN L 1072 46.77 20.80 11.86
C GLN L 1072 45.59 21.63 12.36
N GLU L 1073 45.80 22.96 12.38
CA GLU L 1073 44.89 24.04 12.74
C GLU L 1073 44.25 23.89 14.14
N VAL L 1074 44.72 22.96 14.95
CA VAL L 1074 44.29 22.87 16.35
C VAL L 1074 45.46 22.64 17.30
N ARG L 1075 46.66 22.38 16.78
CA ARG L 1075 47.82 22.09 17.63
C ARG L 1075 48.30 23.32 18.38
N GLU L 1076 47.90 24.52 17.96
CA GLU L 1076 48.16 25.71 18.77
C GLU L 1076 47.30 25.75 20.02
N GLU L 1077 46.20 24.99 20.06
CA GLU L 1077 45.34 24.93 21.21
C GLU L 1077 45.60 23.69 22.07
N SER L 1078 45.93 22.56 21.44
CA SER L 1078 46.18 21.34 22.20
C SER L 1078 47.51 21.42 22.94
N LYS L 1079 48.49 22.12 22.36
CA LYS L 1079 49.74 22.37 23.08
C LYS L 1079 49.53 23.32 24.25
N ALA L 1080 48.51 24.16 24.18
CA ALA L 1080 48.33 25.22 25.17
C ALA L 1080 47.94 24.68 26.54
N LEU L 1081 47.33 23.49 26.59
CA LEU L 1081 47.01 22.87 27.86
C LEU L 1081 47.85 21.65 28.18
N ILE L 1082 48.60 21.12 27.21
CA ILE L 1082 49.60 20.10 27.51
C ILE L 1082 50.71 20.68 28.35
N ARG L 1083 51.16 21.89 28.00
CA ARG L 1083 52.06 22.64 28.87
C ARG L 1083 51.39 23.08 30.15
N GLY L 1084 50.06 23.16 30.16
CA GLY L 1084 49.35 23.49 31.38
C GLY L 1084 49.31 22.33 32.36
N THR L 1085 48.99 21.13 31.87
CA THR L 1085 48.79 20.02 32.79
C THR L 1085 50.11 19.45 33.31
N CYS L 1086 51.19 19.54 32.52
CA CYS L 1086 52.48 19.06 33.02
C CYS L 1086 53.04 20.02 34.07
N ASN L 1087 52.70 21.30 33.95
CA ASN L 1087 53.01 22.24 35.02
C ASN L 1087 52.13 21.97 36.23
N HIS L 1088 50.91 21.49 36.00
CA HIS L 1088 49.97 21.31 37.09
C HIS L 1088 50.30 20.08 37.93
N PHE L 1089 50.85 19.04 37.30
CA PHE L 1089 51.06 17.78 38.02
C PHE L 1089 52.39 17.73 38.75
N ILE L 1090 53.15 18.82 38.84
CA ILE L 1090 54.34 18.78 39.68
C ILE L 1090 54.12 19.53 40.98
N LEU L 1091 53.17 20.47 41.02
CA LEU L 1091 52.91 21.18 42.26
C LEU L 1091 52.03 20.35 43.20
N LEU L 1092 51.41 19.30 42.70
CA LEU L 1092 50.73 18.35 43.56
C LEU L 1092 51.73 17.58 44.41
N TYR L 1093 52.78 17.06 43.78
CA TYR L 1093 53.78 16.28 44.51
C TYR L 1093 54.66 17.17 45.39
N PHE L 1094 54.87 18.42 44.99
CA PHE L 1094 55.58 19.37 45.84
C PHE L 1094 54.69 19.97 46.92
N ASN L 1095 53.39 19.66 46.90
CA ASN L 1095 52.53 19.92 48.05
C ASN L 1095 52.22 18.66 48.84
N LYS L 1096 52.46 17.48 48.25
CA LYS L 1096 52.30 16.21 48.94
C LYS L 1096 53.55 15.80 49.70
N MET L 1097 54.54 16.68 49.81
CA MET L 1097 55.72 16.37 50.63
C MET L 1097 55.38 16.39 52.11
N VAL L 1098 54.35 17.14 52.51
CA VAL L 1098 53.83 17.03 53.87
C VAL L 1098 52.81 15.90 53.99
N ILE L 1099 52.31 15.38 52.87
CA ILE L 1099 51.34 14.30 52.90
C ILE L 1099 52.04 12.95 52.99
N ASN L 1122 49.58 10.89 38.84
CA ASN L 1122 50.66 10.26 38.09
C ASN L 1122 50.19 9.80 36.72
N CYS L 1123 49.10 10.40 36.24
CA CYS L 1123 48.55 10.06 34.93
C CYS L 1123 49.32 10.69 33.79
N ILE L 1124 50.25 11.61 34.07
CA ILE L 1124 51.00 12.24 32.99
C ILE L 1124 52.08 11.31 32.47
N PHE L 1125 52.67 10.47 33.33
CA PHE L 1125 53.75 9.59 32.93
C PHE L 1125 53.25 8.46 32.04
N ASP L 1126 52.07 7.92 32.33
CA ASP L 1126 51.49 6.92 31.45
C ASP L 1126 50.95 7.53 30.17
N ALA L 1127 50.78 8.86 30.13
CA ALA L 1127 50.41 9.52 28.89
C ALA L 1127 51.61 9.98 28.10
N ILE L 1128 52.75 10.19 28.77
CA ILE L 1128 53.97 10.58 28.06
C ILE L 1128 54.52 9.41 27.28
N ILE L 1129 54.46 8.20 27.85
CA ILE L 1129 55.11 7.04 27.23
C ILE L 1129 54.43 6.59 25.94
N TYR L 1130 53.20 7.02 25.68
CA TYR L 1130 52.65 6.78 24.34
C TYR L 1130 53.08 7.87 23.38
N ALA L 1131 53.28 9.09 23.86
CA ALA L 1131 53.80 10.14 23.01
C ALA L 1131 55.23 9.86 22.57
N LEU L 1132 56.03 9.27 23.47
CA LEU L 1132 57.39 8.90 23.12
C LEU L 1132 57.42 7.74 22.12
N SER L 1133 56.49 6.80 22.25
CA SER L 1133 56.47 5.60 21.45
C SER L 1133 55.53 5.70 20.26
N SER L 1134 55.09 6.90 19.92
CA SER L 1134 54.15 7.06 18.81
C SER L 1134 54.91 7.06 17.49
N ASP L 1135 54.21 7.45 16.42
CA ASP L 1135 54.73 7.34 15.07
C ASP L 1135 55.01 8.67 14.39
N ASN L 1136 54.14 9.66 14.54
CA ASN L 1136 54.34 10.94 13.90
C ASN L 1136 55.42 11.73 14.63
N SER L 1137 56.17 12.55 13.88
CA SER L 1137 57.26 13.29 14.48
C SER L 1137 56.75 14.45 15.34
N ALA L 1138 55.53 14.93 15.08
CA ALA L 1138 55.01 16.05 15.86
C ALA L 1138 54.60 15.61 17.25
N VAL L 1139 53.90 14.47 17.35
CA VAL L 1139 53.49 13.96 18.65
C VAL L 1139 54.69 13.40 19.40
N ARG L 1140 55.70 12.89 18.69
CA ARG L 1140 56.91 12.40 19.36
C ARG L 1140 57.72 13.54 19.94
N SER L 1141 57.81 14.66 19.21
CA SER L 1141 58.54 15.81 19.71
C SER L 1141 57.83 16.46 20.89
N MET L 1142 56.50 16.39 20.91
CA MET L 1142 55.76 16.92 22.06
C MET L 1142 55.90 16.01 23.26
N GLY L 1143 56.21 14.74 23.05
CA GLY L 1143 56.69 13.92 24.14
C GLY L 1143 58.05 14.37 24.63
N LEU L 1144 58.90 14.81 23.68
CA LEU L 1144 60.23 15.29 24.05
C LEU L 1144 60.18 16.69 24.64
N GLU L 1145 59.16 17.48 24.30
CA GLU L 1145 59.03 18.80 24.90
C GLU L 1145 58.42 18.73 26.29
N SER L 1146 57.60 17.71 26.54
CA SER L 1146 56.93 17.62 27.84
C SER L 1146 57.85 17.04 28.89
N VAL L 1147 58.82 16.23 28.49
CA VAL L 1147 59.78 15.71 29.46
C VAL L 1147 60.78 16.79 29.85
N GLN L 1148 61.01 17.77 28.98
CA GLN L 1148 61.84 18.91 29.37
C GLN L 1148 61.10 19.81 30.35
N LEU L 1149 59.82 20.06 30.08
CA LEU L 1149 59.06 21.02 30.88
C LEU L 1149 58.77 20.50 32.28
N ILE L 1150 58.81 19.19 32.48
CA ILE L 1150 58.73 18.65 33.84
C ILE L 1150 60.05 18.80 34.57
N TYR L 1151 61.13 19.13 33.86
CA TYR L 1151 62.41 19.46 34.48
C TYR L 1151 62.74 20.95 34.40
N ASP L 1152 62.48 21.59 33.26
CA ASP L 1152 62.82 22.99 33.08
C ASP L 1152 61.97 23.89 33.97
N SER L 1153 60.78 23.43 34.35
CA SER L 1153 60.03 24.15 35.36
C SER L 1153 60.44 23.71 36.76
N CYS L 1154 60.95 22.48 36.91
CA CYS L 1154 61.36 22.00 38.21
C CYS L 1154 62.65 22.65 38.67
N VAL L 1155 63.50 23.08 37.75
CA VAL L 1155 64.66 23.87 38.13
C VAL L 1155 64.22 25.31 38.41
N GLU L 1156 63.13 25.76 37.77
CA GLU L 1156 62.64 27.12 38.00
C GLU L 1156 61.97 27.24 39.37
N LEU L 1157 61.35 26.15 39.84
CA LEU L 1157 60.63 26.21 41.11
C LEU L 1157 61.59 26.19 42.29
N PHE L 1158 62.38 25.13 42.43
CA PHE L 1158 63.22 24.99 43.61
C PHE L 1158 64.61 25.58 43.41
N GLY L 1159 65.21 25.40 42.24
CA GLY L 1159 66.54 25.91 42.01
C GLY L 1159 67.64 24.90 42.29
N ASN L 1160 67.72 24.45 43.54
CA ASN L 1160 68.72 23.46 43.93
C ASN L 1160 68.35 22.10 43.33
N ILE L 1161 69.12 21.65 42.35
CA ILE L 1161 68.84 20.40 41.66
C ILE L 1161 69.10 19.20 42.56
N ASP L 1162 70.00 19.35 43.55
CA ASP L 1162 70.29 18.26 44.48
C ASP L 1162 69.09 17.94 45.36
N CYS L 1163 68.44 18.96 45.91
CA CYS L 1163 67.19 18.73 46.64
C CYS L 1163 66.03 18.47 45.69
N ALA L 1164 66.18 18.81 44.40
CA ALA L 1164 65.23 18.43 43.36
C ALA L 1164 65.52 17.05 42.79
N LEU L 1165 66.21 16.21 43.54
CA LEU L 1165 66.33 14.79 43.24
C LEU L 1165 66.12 13.94 44.48
N LYS L 1166 65.91 14.55 45.64
CA LYS L 1166 65.71 13.78 46.87
C LYS L 1166 64.31 13.21 46.93
N PHE L 1167 63.30 14.02 46.62
CA PHE L 1167 61.92 13.57 46.64
C PHE L 1167 61.13 14.04 45.43
N ALA L 1168 61.79 14.61 44.42
CA ALA L 1168 61.11 15.25 43.31
C ALA L 1168 60.52 14.22 42.35
N PRO L 1169 59.54 14.63 41.53
CA PRO L 1169 59.06 13.74 40.46
C PRO L 1169 60.07 13.45 39.36
N LEU L 1170 61.21 14.14 39.33
CA LEU L 1170 62.30 13.76 38.44
C LEU L 1170 62.87 12.38 38.77
N ASN L 1171 62.81 11.98 40.04
CA ASN L 1171 63.35 10.69 40.44
C ASN L 1171 62.44 9.54 40.02
N VAL L 1172 61.13 9.76 39.91
CA VAL L 1172 60.20 8.67 39.63
C VAL L 1172 60.02 8.46 38.13
N MET L 1173 60.43 9.41 37.30
CA MET L 1173 60.39 9.15 35.87
C MET L 1173 61.65 8.43 35.42
N CYS L 1174 62.63 8.28 36.31
CA CYS L 1174 63.67 7.28 36.10
C CYS L 1174 63.06 5.89 36.06
N SER L 1175 62.45 5.48 37.19
CA SER L 1175 61.96 4.11 37.33
C SER L 1175 60.70 3.83 36.52
N LYS L 1176 60.11 4.84 35.88
CA LYS L 1176 59.10 4.55 34.88
C LYS L 1176 59.75 4.14 33.57
N PHE L 1177 60.84 4.80 33.20
CA PHE L 1177 61.54 4.42 31.99
C PHE L 1177 62.30 3.12 32.16
N ILE L 1178 62.72 2.81 33.39
CA ILE L 1178 63.40 1.53 33.65
C ILE L 1178 62.41 0.38 33.57
N HIS L 1179 61.24 0.55 34.18
CA HIS L 1179 60.30 -0.57 34.31
C HIS L 1179 59.65 -0.91 32.98
N CYS L 1180 59.38 0.08 32.14
CA CYS L 1180 58.71 -0.22 30.89
C CYS L 1180 59.64 -0.76 29.81
N CYS L 1181 60.91 -0.98 30.13
CA CYS L 1181 61.75 -1.85 29.30
C CYS L 1181 61.51 -3.33 29.59
N PHE L 1182 60.90 -3.64 30.74
CA PHE L 1182 60.54 -5.00 31.10
C PHE L 1182 59.11 -5.34 30.69
N GLU L 1183 58.55 -4.61 29.75
CA GLU L 1183 57.17 -4.82 29.36
C GLU L 1183 57.06 -5.92 28.31
N GLU L 1184 55.83 -6.44 28.16
CA GLU L 1184 55.56 -7.35 27.06
C GLU L 1184 55.67 -6.69 25.68
N PRO L 1185 54.91 -5.62 25.35
CA PRO L 1185 54.82 -5.23 23.94
C PRO L 1185 56.08 -4.53 23.45
N TYR L 1186 56.22 -4.54 22.13
CA TYR L 1186 57.42 -4.00 21.50
C TYR L 1186 57.47 -2.49 21.58
N HIS L 1187 56.31 -1.84 21.52
CA HIS L 1187 56.29 -0.38 21.47
C HIS L 1187 56.55 0.25 22.84
N LYS L 1188 56.18 -0.42 23.93
CA LYS L 1188 56.53 0.11 25.23
C LYS L 1188 58.00 -0.07 25.56
N LYS L 1189 58.68 -1.01 24.90
CA LYS L 1189 60.13 -1.08 25.02
C LYS L 1189 60.77 0.10 24.30
N LEU L 1190 60.14 0.58 23.23
CA LEU L 1190 60.69 1.71 22.49
C LEU L 1190 60.55 3.01 23.25
N ALA L 1191 59.57 3.11 24.16
CA ALA L 1191 59.41 4.32 24.94
C ALA L 1191 60.48 4.43 26.02
N GLY L 1192 60.80 3.32 26.67
CA GLY L 1192 61.81 3.35 27.71
C GLY L 1192 63.23 3.47 27.18
N CYS L 1193 63.42 3.19 25.90
CA CYS L 1193 64.75 3.35 25.31
C CYS L 1193 64.92 4.73 24.72
N ILE L 1194 63.83 5.35 24.28
CA ILE L 1194 63.88 6.72 23.80
C ILE L 1194 63.79 7.70 24.96
N GLY L 1195 62.98 7.37 25.96
CA GLY L 1195 62.88 8.22 27.13
C GLY L 1195 64.14 8.25 27.97
N LEU L 1196 64.90 7.15 27.99
CA LEU L 1196 66.11 7.11 28.80
C LEU L 1196 67.25 7.88 28.14
N GLU L 1197 67.34 7.85 26.81
CA GLU L 1197 68.47 8.50 26.15
C GLU L 1197 68.33 10.01 26.13
N MET L 1198 67.15 10.55 26.44
CA MET L 1198 67.04 11.98 26.68
C MET L 1198 67.20 12.30 28.16
N MET L 1199 66.83 11.35 29.02
CA MET L 1199 67.00 11.48 30.46
C MET L 1199 68.46 11.31 30.91
N LEU L 1200 69.37 11.01 29.99
CA LEU L 1200 70.80 11.05 30.26
C LEU L 1200 71.50 12.17 29.50
N ASN L 1201 70.76 12.99 28.74
CA ASN L 1201 71.31 14.13 28.03
C ASN L 1201 70.60 15.44 28.38
N SER L 1202 69.84 15.41 29.48
CA SER L 1202 69.25 16.64 30.08
C SER L 1202 69.53 16.67 31.59
N LEU L 1203 69.83 15.51 32.18
CA LEU L 1203 70.16 15.43 33.63
C LEU L 1203 71.67 15.35 33.76
N ASP L 1204 72.40 15.60 32.67
CA ASP L 1204 73.89 15.47 32.65
C ASP L 1204 74.58 16.03 33.90
N ILE L 1205 73.98 16.99 34.63
CA ILE L 1205 74.83 17.69 35.60
C ILE L 1205 75.11 16.79 36.80
N PRO L 1206 74.09 16.19 37.53
CA PRO L 1206 74.52 15.30 38.63
C PRO L 1206 74.68 13.83 38.22
N MET L 1207 75.81 13.51 37.60
CA MET L 1207 76.08 12.13 37.21
C MET L 1207 76.43 11.23 38.39
N LYS L 1208 76.64 11.80 39.58
CA LYS L 1208 76.78 10.99 40.79
C LYS L 1208 75.48 10.27 41.13
N TYR L 1209 74.34 10.82 40.70
CA TYR L 1209 73.08 10.11 40.86
C TYR L 1209 73.00 8.89 39.95
N PHE L 1210 73.59 8.97 38.76
CA PHE L 1210 73.54 7.87 37.80
C PHE L 1210 74.72 6.90 37.96
N ASN L 1211 75.29 6.81 39.15
CA ASN L 1211 76.21 5.74 39.50
C ASN L 1211 75.65 4.80 40.55
N ALA L 1212 74.73 5.27 41.39
CA ALA L 1212 74.04 4.36 42.30
C ALA L 1212 73.00 3.54 41.58
N ARG L 1213 72.48 4.04 40.46
CA ARG L 1213 71.57 3.31 39.60
C ARG L 1213 72.28 2.75 38.38
N GLN L 1214 73.54 2.37 38.52
CA GLN L 1214 74.31 1.91 37.37
C GLN L 1214 73.87 0.52 36.93
N LEU L 1215 73.83 -0.42 37.86
CA LEU L 1215 73.52 -1.80 37.48
C LEU L 1215 72.05 -1.97 37.12
N GLU L 1216 71.17 -1.15 37.70
CA GLU L 1216 69.75 -1.31 37.43
C GLU L 1216 69.36 -0.79 36.06
N ILE L 1217 70.15 0.12 35.50
CA ILE L 1217 69.90 0.57 34.13
C ILE L 1217 70.39 -0.46 33.14
N ILE L 1218 71.62 -0.97 33.33
CA ILE L 1218 72.25 -1.87 32.37
C ILE L 1218 71.55 -3.22 32.36
N ARG L 1219 71.11 -3.70 33.52
CA ARG L 1219 70.33 -4.93 33.58
C ARG L 1219 68.98 -4.74 32.92
N ALA L 1220 68.42 -3.53 32.98
CA ALA L 1220 67.20 -3.24 32.25
C ALA L 1220 67.48 -3.10 30.77
N LEU L 1221 68.71 -2.80 30.40
CA LEU L 1221 69.05 -2.55 29.01
C LEU L 1221 69.71 -3.74 28.35
N PHE L 1222 70.12 -4.75 29.12
CA PHE L 1222 70.32 -6.08 28.56
C PHE L 1222 69.04 -6.82 28.32
N TYR L 1223 68.02 -6.60 29.16
CA TYR L 1223 66.78 -7.34 29.05
C TYR L 1223 66.03 -6.98 27.78
N VAL L 1224 66.14 -5.74 27.31
CA VAL L 1224 65.50 -5.36 26.06
C VAL L 1224 66.19 -6.01 24.87
N LEU L 1225 67.46 -6.40 25.02
CA LEU L 1225 68.11 -7.18 23.98
C LEU L 1225 67.70 -8.65 24.03
N ARG L 1226 67.24 -9.12 25.18
CA ARG L 1226 66.91 -10.54 25.30
C ARG L 1226 65.56 -10.87 24.71
N ASP L 1227 64.47 -10.32 25.26
CA ASP L 1227 63.13 -10.72 24.82
C ASP L 1227 62.62 -9.75 23.74
N THR L 1228 63.48 -9.51 22.76
CA THR L 1228 63.06 -8.88 21.52
C THR L 1228 63.27 -9.90 20.42
N ALA L 1229 62.24 -10.08 19.60
CA ALA L 1229 62.33 -11.04 18.52
C ALA L 1229 63.28 -10.54 17.44
N PRO L 1230 63.99 -11.45 16.75
CA PRO L 1230 64.89 -11.02 15.67
C PRO L 1230 64.17 -10.48 14.44
N GLU L 1231 62.87 -10.74 14.28
CA GLU L 1231 62.13 -10.29 13.12
C GLU L 1231 61.45 -8.94 13.32
N LEU L 1232 61.43 -8.41 14.54
CA LEU L 1232 60.99 -7.04 14.74
C LEU L 1232 62.05 -6.08 14.21
N PRO L 1233 61.66 -4.87 13.82
CA PRO L 1233 62.65 -3.88 13.40
C PRO L 1233 63.57 -3.48 14.55
N CYS L 1234 64.83 -3.19 14.19
CA CYS L 1234 65.92 -3.11 15.15
C CYS L 1234 66.09 -1.71 15.75
N GLU L 1235 65.05 -0.88 15.73
CA GLU L 1235 65.17 0.46 16.30
C GLU L 1235 65.12 0.44 17.83
N VAL L 1236 64.60 -0.64 18.42
CA VAL L 1236 64.60 -0.74 19.87
C VAL L 1236 65.93 -1.30 20.36
N THR L 1237 66.67 -1.99 19.49
CA THR L 1237 67.92 -2.60 19.89
C THR L 1237 69.12 -1.75 19.48
N ASN L 1238 68.98 -0.94 18.44
CA ASN L 1238 70.08 -0.06 18.04
C ASN L 1238 70.26 1.06 19.05
N THR L 1239 69.17 1.54 19.65
CA THR L 1239 69.27 2.55 20.69
C THR L 1239 69.57 1.92 22.04
N ALA L 1240 69.51 0.59 22.13
CA ALA L 1240 69.87 -0.09 23.36
C ALA L 1240 71.30 -0.61 23.32
N LYS L 1241 71.82 -0.92 22.14
CA LYS L 1241 73.21 -1.32 22.02
C LYS L 1241 74.14 -0.14 22.25
N ARG L 1242 73.83 1.00 21.64
CA ARG L 1242 74.68 2.17 21.76
C ARG L 1242 74.57 2.84 23.13
N LEU L 1243 73.52 2.53 23.89
CA LEU L 1243 73.34 3.19 25.17
C LEU L 1243 74.10 2.50 26.28
N ILE L 1244 74.35 1.19 26.17
CA ILE L 1244 75.23 0.54 27.13
C ILE L 1244 76.68 0.90 26.82
N LEU L 1245 76.99 1.13 25.54
CA LEU L 1245 78.36 1.37 25.13
C LEU L 1245 78.80 2.78 25.49
N ASN L 1246 77.97 3.79 25.16
CA ASN L 1246 78.34 5.17 25.40
C ASN L 1246 78.26 5.55 26.86
N SER L 1247 77.47 4.83 27.67
CA SER L 1247 77.33 5.21 29.07
C SER L 1247 78.53 4.74 29.89
N LEU L 1248 79.08 3.58 29.56
CA LEU L 1248 80.22 3.08 30.30
C LEU L 1248 81.52 3.79 29.92
N LYS L 1249 81.55 4.45 28.76
CA LYS L 1249 82.59 5.43 28.50
C LYS L 1249 82.32 6.75 29.19
N GLU L 1250 81.09 6.96 29.67
CA GLU L 1250 80.72 8.25 30.23
C GLU L 1250 80.87 8.28 31.74
N TRP L 1251 80.21 7.37 32.46
CA TRP L 1251 80.28 7.40 33.92
C TRP L 1251 81.21 6.33 34.49
N ASN L 1252 82.17 5.87 33.70
CA ASN L 1252 83.27 5.05 34.22
C ASN L 1252 84.61 5.56 33.68
N LYS L 1253 84.79 6.88 33.71
CA LYS L 1253 86.08 7.50 33.41
C LYS L 1253 86.75 8.03 34.66
N GLU L 1254 86.48 7.41 35.81
CA GLU L 1254 86.87 7.96 37.10
C GLU L 1254 87.45 6.94 38.06
N LEU L 1255 87.35 5.64 37.78
CA LEU L 1255 87.78 4.63 38.72
C LEU L 1255 89.30 4.53 38.72
N THR L 1256 89.88 4.35 39.91
CA THR L 1256 91.29 4.62 40.10
C THR L 1256 92.20 3.47 39.68
N ARG L 1257 92.11 2.34 40.37
CA ARG L 1257 93.19 1.34 40.31
C ARG L 1257 92.60 -0.01 40.77
N ASN L 1258 93.48 -1.02 40.88
CA ASN L 1258 93.09 -2.39 41.17
C ASN L 1258 92.58 -2.57 42.60
N ASP L 1259 92.89 -1.63 43.49
CA ASP L 1259 92.56 -1.80 44.91
C ASP L 1259 91.06 -1.68 45.16
N VAL L 1260 90.40 -0.74 44.49
CA VAL L 1260 88.95 -0.57 44.64
C VAL L 1260 88.29 -1.41 43.56
N PHE L 1261 88.18 -2.71 43.84
CA PHE L 1261 87.39 -3.66 43.04
C PHE L 1261 86.68 -4.63 43.97
N SER L 1262 86.11 -4.13 45.06
CA SER L 1262 85.69 -5.03 46.13
C SER L 1262 84.33 -5.68 45.83
N SER L 1263 83.28 -4.88 45.78
CA SER L 1263 81.97 -5.49 45.58
C SER L 1263 81.15 -4.82 44.50
N VAL L 1264 81.22 -3.50 44.36
CA VAL L 1264 80.23 -2.77 43.57
C VAL L 1264 80.55 -2.87 42.08
N PHE L 1265 81.80 -2.67 41.68
CA PHE L 1265 82.14 -2.73 40.26
C PHE L 1265 82.23 -4.17 39.78
N GLN L 1266 82.62 -5.09 40.65
CA GLN L 1266 82.78 -6.47 40.24
C GLN L 1266 81.42 -7.16 40.05
N ASN L 1267 80.40 -6.68 40.75
CA ASN L 1267 79.05 -7.22 40.54
C ASN L 1267 78.50 -6.77 39.20
N LEU L 1268 78.97 -5.63 38.68
CA LEU L 1268 78.64 -5.22 37.33
C LEU L 1268 79.32 -6.14 36.32
N VAL L 1269 80.59 -6.47 36.57
CA VAL L 1269 81.32 -7.39 35.70
C VAL L 1269 80.74 -8.80 35.80
N SER L 1270 80.36 -9.21 37.01
CA SER L 1270 79.76 -10.54 37.18
C SER L 1270 78.34 -10.62 36.64
N SER L 1271 77.75 -9.51 36.18
CA SER L 1271 76.47 -9.58 35.50
C SER L 1271 76.66 -9.82 34.01
N LEU L 1272 77.63 -9.14 33.40
CA LEU L 1272 77.87 -9.26 31.97
C LEU L 1272 78.95 -10.27 31.62
N ILE L 1273 79.24 -11.23 32.49
CA ILE L 1273 79.99 -12.43 32.11
C ILE L 1273 79.21 -13.71 32.36
N VAL L 1274 78.14 -13.66 33.17
CA VAL L 1274 77.23 -14.79 33.22
C VAL L 1274 76.20 -14.72 32.11
N ASP L 1275 76.16 -13.61 31.37
CA ASP L 1275 75.36 -13.50 30.15
C ASP L 1275 76.20 -13.59 28.90
N LEU L 1276 77.42 -14.11 29.01
CA LEU L 1276 78.20 -14.45 27.83
C LEU L 1276 77.70 -15.74 27.16
N PRO L 1277 77.64 -16.93 27.83
CA PRO L 1277 77.16 -18.10 27.07
C PRO L 1277 75.65 -18.22 27.04
N ASN L 1278 75.03 -17.86 25.92
CA ASN L 1278 73.60 -18.06 25.67
C ASN L 1278 73.34 -17.82 24.20
N ALA L 1279 72.09 -18.02 23.78
CA ALA L 1279 71.69 -17.77 22.41
C ALA L 1279 71.39 -16.27 22.23
N ASN L 1280 70.80 -15.92 21.09
CA ASN L 1280 70.41 -14.56 20.72
C ASN L 1280 71.62 -13.62 20.75
N GLU L 1281 72.50 -13.82 19.76
CA GLU L 1281 73.87 -13.31 19.76
C GLU L 1281 74.02 -11.81 19.92
N ILE L 1282 72.94 -11.03 19.75
CA ILE L 1282 73.03 -9.60 19.96
C ILE L 1282 73.20 -9.27 21.46
N VAL L 1283 72.78 -10.17 22.35
CA VAL L 1283 73.13 -10.02 23.77
C VAL L 1283 74.44 -10.71 24.07
N ARG L 1284 74.97 -11.48 23.13
CA ARG L 1284 76.26 -12.13 23.26
C ARG L 1284 77.39 -11.34 22.61
N ALA L 1285 77.10 -10.63 21.53
CA ALA L 1285 78.13 -9.79 20.92
C ALA L 1285 78.34 -8.51 21.71
N THR L 1286 77.27 -7.93 22.26
CA THR L 1286 77.42 -6.69 23.01
C THR L 1286 77.93 -6.93 24.42
N ALA L 1287 77.94 -8.17 24.89
CA ALA L 1287 78.56 -8.45 26.18
C ALA L 1287 80.08 -8.45 26.06
N GLN L 1288 80.61 -8.53 24.84
CA GLN L 1288 82.04 -8.42 24.57
C GLN L 1288 82.42 -7.01 24.13
N GLU L 1289 81.53 -6.32 23.43
CA GLU L 1289 81.80 -4.95 23.04
C GLU L 1289 81.80 -4.02 24.25
N ALA L 1290 80.90 -4.28 25.21
CA ALA L 1290 80.84 -3.46 26.40
C ALA L 1290 82.02 -3.75 27.32
N LEU L 1291 82.35 -5.03 27.51
CA LEU L 1291 83.42 -5.41 28.43
C LEU L 1291 84.79 -5.03 27.87
N ARG L 1292 84.91 -4.79 26.57
CA ARG L 1292 86.15 -4.26 26.04
C ARG L 1292 86.28 -2.78 26.36
N THR L 1293 85.23 -1.99 26.08
CA THR L 1293 85.28 -0.56 26.39
C THR L 1293 85.14 -0.27 27.87
N LEU L 1294 84.63 -1.22 28.66
CA LEU L 1294 84.67 -1.05 30.11
C LEU L 1294 86.10 -1.11 30.61
N SER L 1295 86.92 -1.95 30.00
CA SER L 1295 88.32 -2.08 30.39
C SER L 1295 89.25 -1.25 29.51
N GLU L 1296 88.73 -0.55 28.50
CA GLU L 1296 89.55 0.41 27.78
C GLU L 1296 89.86 1.62 28.65
N THR L 1297 88.81 2.34 29.05
CA THR L 1297 88.95 3.30 30.14
C THR L 1297 89.16 2.54 31.45
N THR L 1298 89.76 3.24 32.42
CA THR L 1298 90.25 2.66 33.69
C THR L 1298 91.15 1.46 33.41
N GLN L 1299 92.32 1.79 32.84
CA GLN L 1299 93.18 0.85 32.11
C GLN L 1299 93.64 -0.28 33.02
N VAL L 1300 93.02 -1.44 32.83
CA VAL L 1300 93.23 -2.64 33.61
C VAL L 1300 93.20 -3.78 32.59
N PRO L 1301 94.07 -4.79 32.68
CA PRO L 1301 93.99 -5.94 31.78
C PRO L 1301 92.67 -6.69 31.94
N ILE L 1302 92.13 -7.13 30.80
CA ILE L 1302 90.79 -7.69 30.76
C ILE L 1302 90.75 -9.04 31.46
N ALA L 1303 91.86 -9.78 31.43
CA ALA L 1303 91.95 -11.04 32.17
C ALA L 1303 91.96 -10.80 33.67
N THR L 1304 92.61 -9.74 34.12
CA THR L 1304 92.61 -9.39 35.53
C THR L 1304 91.30 -8.81 36.00
N MET L 1305 90.48 -8.29 35.08
CA MET L 1305 89.22 -7.67 35.48
C MET L 1305 88.18 -8.72 35.85
N ILE L 1306 88.12 -9.82 35.10
CA ILE L 1306 87.14 -10.87 35.35
C ILE L 1306 87.77 -11.99 36.16
N SER L 1307 88.98 -11.74 36.67
CA SER L 1307 89.76 -12.73 37.40
C SER L 1307 89.16 -13.29 38.71
N PRO L 1308 88.56 -12.52 39.62
CA PRO L 1308 88.06 -13.16 40.85
C PRO L 1308 86.72 -13.84 40.69
N CYS L 1309 86.16 -13.90 39.48
CA CYS L 1309 84.89 -14.58 39.25
C CYS L 1309 84.92 -15.42 37.98
N LYS L 1310 86.10 -15.70 37.43
CA LYS L 1310 86.18 -16.47 36.20
C LYS L 1310 85.88 -17.95 36.43
N HIS L 1311 86.04 -18.43 37.67
CA HIS L 1311 85.74 -19.83 37.95
C HIS L 1311 84.26 -20.05 38.16
N ILE L 1312 83.50 -19.00 38.46
CA ILE L 1312 82.06 -19.11 38.61
C ILE L 1312 81.39 -19.26 37.24
N LEU L 1313 81.93 -18.61 36.21
CA LEU L 1313 81.41 -18.77 34.85
C LEU L 1313 81.66 -20.17 34.31
N LEU L 1314 82.85 -20.71 34.55
CA LEU L 1314 83.25 -21.97 33.88
C LEU L 1314 82.39 -23.13 34.39
N ALA L 1315 82.03 -23.12 35.68
CA ALA L 1315 81.45 -24.29 36.31
C ALA L 1315 80.12 -24.75 35.68
N PRO L 1316 79.20 -23.88 35.24
CA PRO L 1316 78.09 -24.41 34.44
C PRO L 1316 78.50 -24.90 33.06
N ILE L 1317 79.50 -24.26 32.45
CA ILE L 1317 79.84 -24.59 31.07
C ILE L 1317 80.66 -25.88 30.99
N PHE L 1318 81.16 -26.36 32.12
CA PHE L 1318 81.89 -27.65 32.10
C PHE L 1318 80.98 -28.78 32.59
N GLY L 1319 80.06 -28.46 33.50
CA GLY L 1319 79.30 -29.48 34.20
C GLY L 1319 78.58 -30.43 33.26
N LYS L 1320 77.60 -29.92 32.53
CA LYS L 1320 76.97 -30.70 31.47
C LYS L 1320 77.77 -30.51 30.19
N PRO L 1321 78.51 -31.54 29.74
CA PRO L 1321 79.40 -31.36 28.58
C PRO L 1321 78.69 -31.12 27.26
N LEU L 1322 77.82 -32.05 26.87
CA LEU L 1322 77.14 -32.00 25.59
C LEU L 1322 75.98 -33.00 25.66
N ARG L 1323 75.24 -33.13 24.54
CA ARG L 1323 74.13 -34.03 24.25
C ARG L 1323 72.84 -33.67 25.00
N ALA L 1324 72.93 -32.76 25.96
CA ALA L 1324 71.83 -31.93 26.40
C ALA L 1324 72.02 -30.57 25.73
N LEU L 1325 71.23 -29.56 26.16
CA LEU L 1325 71.33 -28.16 25.76
C LEU L 1325 71.29 -28.00 24.24
N PRO L 1326 70.08 -28.08 23.62
CA PRO L 1326 69.97 -28.17 22.16
C PRO L 1326 70.60 -27.04 21.35
N PHE L 1327 70.66 -27.22 20.03
CA PHE L 1327 71.64 -26.60 19.14
C PHE L 1327 71.63 -25.08 19.13
N GLN L 1328 70.62 -24.42 19.70
CA GLN L 1328 70.74 -22.99 19.93
C GLN L 1328 71.71 -22.71 21.09
N MET L 1329 71.69 -23.55 22.12
CA MET L 1329 72.60 -23.37 23.24
C MET L 1329 74.01 -23.83 22.90
N GLN L 1330 74.14 -24.83 22.03
CA GLN L 1330 75.45 -25.40 21.72
C GLN L 1330 76.32 -24.49 20.85
N ILE L 1331 75.78 -23.39 20.34
CA ILE L 1331 76.63 -22.33 19.80
C ILE L 1331 77.03 -21.37 20.91
N GLY L 1332 76.20 -21.25 21.94
CA GLY L 1332 76.52 -20.36 23.03
C GLY L 1332 77.57 -20.90 23.98
N ASN L 1333 77.65 -22.24 24.09
CA ASN L 1333 78.64 -22.82 24.98
C ASN L 1333 80.05 -22.68 24.42
N ILE L 1334 80.19 -22.67 23.11
CA ILE L 1334 81.49 -22.50 22.47
C ILE L 1334 81.92 -21.04 22.51
N ASP L 1335 80.95 -20.12 22.44
CA ASP L 1335 81.25 -18.72 22.20
C ASP L 1335 81.87 -18.06 23.43
N ALA L 1336 81.54 -18.57 24.61
CA ALA L 1336 82.16 -18.03 25.83
C ALA L 1336 83.59 -18.52 25.97
N ILE L 1337 83.97 -19.59 25.29
CA ILE L 1337 85.30 -20.15 25.45
C ILE L 1337 86.25 -19.63 24.38
N THR L 1338 85.75 -19.47 23.14
CA THR L 1338 86.59 -18.90 22.09
C THR L 1338 86.84 -17.41 22.30
N PHE L 1339 86.04 -16.75 23.14
CA PHE L 1339 86.38 -15.42 23.60
C PHE L 1339 87.39 -15.47 24.73
N CYS L 1340 87.24 -16.45 25.63
CA CYS L 1340 88.06 -16.52 26.84
C CYS L 1340 89.50 -16.88 26.54
N MET L 1341 89.74 -17.67 25.48
CA MET L 1341 91.10 -17.94 25.05
C MET L 1341 91.67 -16.83 24.17
N GLY L 1342 90.86 -15.82 23.83
CA GLY L 1342 91.36 -14.62 23.20
C GLY L 1342 91.88 -13.59 24.17
N LEU L 1343 91.89 -13.92 25.46
CA LEU L 1343 92.43 -13.06 26.50
C LEU L 1343 93.95 -13.20 26.55
N GLU L 1344 94.57 -12.61 27.58
CA GLU L 1344 96.02 -12.71 27.71
C GLU L 1344 96.42 -14.04 28.34
N ASN L 1345 95.77 -14.45 29.43
CA ASN L 1345 95.86 -15.83 29.90
C ASN L 1345 94.57 -16.16 30.64
N SER L 1346 94.02 -17.35 30.38
CA SER L 1346 92.83 -17.85 31.10
C SER L 1346 92.73 -19.35 30.86
N PHE L 1347 92.75 -20.12 31.95
CA PHE L 1347 92.44 -21.55 31.99
C PHE L 1347 93.38 -22.37 31.09
N LEU L 1348 94.64 -22.39 31.51
CA LEU L 1348 95.70 -23.07 30.79
C LEU L 1348 95.65 -24.59 30.91
N GLU L 1349 94.65 -25.15 31.60
CA GLU L 1349 94.54 -26.60 31.74
C GLU L 1349 93.09 -27.02 31.66
N TYR L 1350 92.89 -28.23 31.14
CA TYR L 1350 91.62 -28.97 31.19
C TYR L 1350 90.49 -28.28 30.44
N ASN L 1351 90.76 -27.92 29.19
CA ASN L 1351 89.72 -27.77 28.20
C ASN L 1351 89.58 -29.01 27.32
N GLU L 1352 90.44 -30.01 27.56
CA GLU L 1352 90.49 -31.22 26.75
C GLU L 1352 89.38 -32.21 27.09
N GLU L 1353 88.59 -31.93 28.13
CA GLU L 1353 87.44 -32.78 28.41
C GLU L 1353 86.38 -32.66 27.33
N LEU L 1354 86.25 -31.49 26.73
CA LEU L 1354 85.33 -31.29 25.61
C LEU L 1354 86.04 -31.10 24.27
N ASN L 1355 87.38 -31.03 24.26
CA ASN L 1355 88.09 -30.89 23.00
C ASN L 1355 87.97 -32.14 22.16
N ARG L 1356 87.85 -33.27 22.82
CA ARG L 1356 87.36 -34.46 22.09
C ARG L 1356 85.93 -34.16 21.67
N LEU L 1357 85.12 -33.72 22.64
CA LEU L 1357 83.69 -33.52 22.33
C LEU L 1357 83.56 -32.68 21.07
N VAL L 1358 84.48 -31.74 20.86
CA VAL L 1358 84.28 -30.86 19.69
C VAL L 1358 84.58 -31.66 18.42
N GLN L 1359 85.83 -32.07 18.26
CA GLN L 1359 86.23 -32.77 17.02
C GLN L 1359 85.09 -33.68 16.53
N GLU L 1360 84.30 -34.29 17.41
CA GLU L 1360 83.40 -35.33 16.94
C GLU L 1360 82.06 -34.75 16.49
N ALA L 1361 81.66 -33.61 17.06
CA ALA L 1361 80.52 -32.88 16.51
C ALA L 1361 80.85 -32.31 15.13
N LEU L 1362 82.12 -31.97 14.90
CA LEU L 1362 82.55 -31.61 13.55
C LEU L 1362 82.64 -32.83 12.66
N ALA L 1363 83.03 -33.98 13.22
CA ALA L 1363 83.34 -35.16 12.41
C ALA L 1363 82.10 -35.83 11.84
N LEU L 1364 80.91 -35.57 12.38
CA LEU L 1364 79.70 -36.20 11.87
C LEU L 1364 79.23 -35.50 10.60
N LYS L 1382 65.74 -22.46 10.51
CA LYS L 1382 65.79 -23.87 10.12
C LYS L 1382 66.85 -24.62 10.94
N THR L 1383 66.60 -25.92 11.16
CA THR L 1383 67.56 -26.74 11.87
C THR L 1383 68.80 -26.99 11.03
N SER L 1384 68.65 -27.07 9.71
CA SER L 1384 69.81 -27.22 8.82
C SER L 1384 70.65 -25.96 8.77
N GLU L 1385 70.04 -24.80 9.04
CA GLU L 1385 70.80 -23.57 9.14
C GLU L 1385 71.69 -23.58 10.38
N GLN L 1386 71.11 -23.91 11.54
CA GLN L 1386 71.91 -23.94 12.75
C GLN L 1386 72.82 -25.15 12.84
N LEU L 1387 72.62 -26.17 12.02
CA LEU L 1387 73.52 -27.32 12.02
C LEU L 1387 74.84 -26.95 11.34
N VAL L 1388 74.77 -26.20 10.24
CA VAL L 1388 76.01 -25.71 9.63
C VAL L 1388 76.51 -24.49 10.38
N ARG L 1389 75.66 -23.83 11.18
CA ARG L 1389 76.14 -22.80 12.08
C ARG L 1389 76.81 -23.43 13.31
N LEU L 1390 76.48 -24.69 13.60
CA LEU L 1390 77.12 -25.35 14.73
C LEU L 1390 78.56 -25.71 14.40
N ARG L 1391 78.80 -26.27 13.22
CA ARG L 1391 80.14 -26.74 12.90
C ARG L 1391 81.07 -25.60 12.48
N VAL L 1392 80.51 -24.43 12.15
CA VAL L 1392 81.35 -23.32 11.74
C VAL L 1392 81.98 -22.60 12.93
N VAL L 1393 81.48 -22.84 14.14
CA VAL L 1393 82.08 -22.24 15.33
C VAL L 1393 83.00 -23.23 16.05
N CYS L 1394 82.82 -24.54 15.83
CA CYS L 1394 83.77 -25.51 16.37
C CYS L 1394 85.10 -25.46 15.63
N ILE L 1395 85.10 -24.91 14.42
CA ILE L 1395 86.36 -24.61 13.74
C ILE L 1395 87.13 -23.55 14.51
N GLN L 1396 86.45 -22.47 14.92
CA GLN L 1396 87.12 -21.34 15.53
C GLN L 1396 87.63 -21.67 16.92
N LEU L 1397 86.96 -22.60 17.62
CA LEU L 1397 87.49 -23.09 18.89
C LEU L 1397 88.72 -23.94 18.69
N LEU L 1398 88.72 -24.77 17.64
CA LEU L 1398 89.86 -25.62 17.36
C LEU L 1398 91.00 -24.86 16.69
N SER L 1399 90.67 -23.85 15.87
CA SER L 1399 91.72 -23.07 15.22
C SER L 1399 92.46 -22.17 16.21
N LEU L 1400 91.80 -21.78 17.30
CA LEU L 1400 92.49 -21.04 18.35
C LEU L 1400 93.13 -21.96 19.38
N ALA L 1401 92.97 -23.27 19.25
CA ALA L 1401 93.60 -24.19 20.18
C ALA L 1401 95.06 -24.45 19.80
N ILE L 1402 95.37 -24.43 18.51
CA ILE L 1402 96.70 -24.77 18.01
C ILE L 1402 97.51 -23.52 17.69
N THR L 1403 96.86 -22.49 17.14
CA THR L 1403 97.58 -21.31 16.68
C THR L 1403 98.16 -20.48 17.82
N LYS L 1404 97.54 -20.55 18.98
CA LYS L 1404 98.10 -19.86 20.14
C LYS L 1404 99.32 -20.61 20.64
N PRO L 1405 100.43 -19.93 20.92
CA PRO L 1405 101.60 -20.61 21.48
C PRO L 1405 101.37 -20.96 22.95
N GLU L 1406 102.43 -21.53 23.55
CA GLU L 1406 102.61 -21.92 24.97
C GLU L 1406 101.54 -22.88 25.50
N PHE L 1407 100.64 -23.36 24.64
CA PHE L 1407 99.65 -24.37 24.99
C PHE L 1407 99.77 -25.61 24.12
N ALA L 1408 100.26 -25.46 22.89
CA ALA L 1408 100.46 -26.61 22.01
C ALA L 1408 101.61 -27.48 22.49
N ALA L 1409 102.61 -26.87 23.12
CA ALA L 1409 103.69 -27.64 23.72
C ALA L 1409 103.24 -28.29 25.03
N ALA L 1410 102.23 -27.73 25.69
CA ALA L 1410 101.73 -28.30 26.93
C ALA L 1410 100.95 -29.58 26.68
N GLN L 1411 100.12 -29.59 25.63
CA GLN L 1411 99.32 -30.77 25.34
C GLN L 1411 100.12 -31.89 24.71
N GLN L 1412 101.27 -31.59 24.09
CA GLN L 1412 101.95 -32.55 23.23
C GLN L 1412 102.63 -33.66 24.02
N ARG L 1413 101.83 -34.52 24.64
CA ARG L 1413 102.30 -35.80 25.15
C ARG L 1413 101.26 -36.90 24.99
N SER L 1414 100.04 -36.57 24.56
CA SER L 1414 98.96 -37.55 24.53
C SER L 1414 98.09 -37.44 23.28
N ASN L 1415 98.68 -37.04 22.14
CA ASN L 1415 98.12 -37.18 20.78
C ASN L 1415 96.82 -36.36 20.65
N ILE L 1416 96.98 -35.04 20.71
CA ILE L 1416 95.84 -34.14 20.56
C ILE L 1416 95.89 -33.39 19.23
N ARG L 1417 96.97 -32.65 18.95
CA ARG L 1417 96.96 -31.79 17.74
C ARG L 1417 96.65 -32.63 16.49
N VAL L 1418 97.16 -33.85 16.45
CA VAL L 1418 97.00 -34.71 15.23
C VAL L 1418 95.50 -34.86 14.92
N LYS L 1419 94.71 -35.26 15.92
CA LYS L 1419 93.26 -35.48 15.70
C LYS L 1419 92.66 -34.22 15.10
N ILE L 1420 92.92 -33.07 15.73
CA ILE L 1420 92.40 -31.77 15.23
C ILE L 1420 92.71 -31.66 13.72
N LEU L 1421 93.99 -31.72 13.35
CA LEU L 1421 94.35 -31.54 11.91
C LEU L 1421 93.55 -32.53 11.05
N VAL L 1422 93.55 -33.81 11.40
CA VAL L 1422 92.87 -34.83 10.55
C VAL L 1422 91.39 -34.48 10.37
N VAL L 1423 90.69 -34.08 11.44
CA VAL L 1423 89.22 -33.83 11.27
C VAL L 1423 89.06 -32.54 10.45
N PHE L 1424 89.89 -31.53 10.73
CA PHE L 1424 89.86 -30.27 9.93
C PHE L 1424 89.87 -30.65 8.44
N PHE L 1425 90.62 -31.69 8.07
CA PHE L 1425 90.58 -32.17 6.66
C PHE L 1425 89.15 -32.61 6.25
N LYS L 1426 88.79 -33.89 6.36
CA LYS L 1426 87.52 -34.58 6.15
C LYS L 1426 86.36 -33.59 6.13
N SER L 1427 86.51 -32.46 6.81
CA SER L 1427 85.55 -31.37 6.68
C SER L 1427 85.79 -30.52 5.45
N LEU L 1428 86.98 -30.64 4.84
CA LEU L 1428 87.28 -29.87 3.63
C LEU L 1428 86.47 -30.33 2.44
N CYS L 1429 86.03 -31.59 2.41
CA CYS L 1429 85.15 -32.10 1.37
C CYS L 1429 83.69 -32.11 1.80
N GLY L 1430 83.27 -31.13 2.61
CA GLY L 1430 81.91 -31.09 3.10
C GLY L 1430 80.89 -30.75 2.02
N ARG L 1431 79.63 -30.93 2.37
CA ARG L 1431 78.53 -30.77 1.42
C ARG L 1431 78.01 -29.34 1.33
N SER L 1432 78.63 -28.39 2.01
CA SER L 1432 78.21 -27.00 1.97
C SER L 1432 79.34 -26.13 1.42
N ILE L 1433 79.15 -24.82 1.48
CA ILE L 1433 80.12 -23.86 0.97
C ILE L 1433 80.78 -23.08 2.10
N GLU L 1434 79.98 -22.48 2.98
CA GLU L 1434 80.52 -21.67 4.06
C GLU L 1434 81.13 -22.51 5.19
N ILE L 1435 80.88 -23.82 5.21
CA ILE L 1435 81.58 -24.67 6.16
C ILE L 1435 83.00 -24.95 5.67
N ILE L 1436 83.27 -24.68 4.39
CA ILE L 1436 84.62 -24.84 3.84
C ILE L 1436 85.42 -23.58 4.06
N ARG L 1437 84.76 -22.42 4.06
CA ARG L 1437 85.46 -21.13 4.12
C ARG L 1437 86.13 -20.92 5.48
N ALA L 1438 85.42 -21.22 6.56
CA ALA L 1438 86.03 -21.12 7.88
C ALA L 1438 87.03 -22.25 8.10
N ALA L 1439 86.78 -23.41 7.49
CA ALA L 1439 87.77 -24.48 7.53
C ALA L 1439 89.00 -24.11 6.72
N HIS L 1440 88.83 -23.29 5.68
CA HIS L 1440 89.97 -22.79 4.93
C HIS L 1440 90.77 -21.79 5.77
N GLY L 1441 90.08 -21.02 6.62
CA GLY L 1441 90.78 -20.10 7.49
C GLY L 1441 91.55 -20.79 8.58
N GLY L 1442 91.12 -21.99 8.98
CA GLY L 1442 91.84 -22.72 10.00
C GLY L 1442 93.15 -23.30 9.49
N LEU L 1443 93.15 -23.79 8.25
CA LEU L 1443 94.38 -24.32 7.68
C LEU L 1443 95.37 -23.22 7.31
N LYS L 1444 94.87 -22.06 6.90
CA LYS L 1444 95.75 -20.95 6.55
C LYS L 1444 96.30 -20.24 7.77
N ALA L 1445 95.82 -20.56 8.96
CA ALA L 1445 96.36 -20.00 10.20
C ALA L 1445 97.37 -20.91 10.87
N VAL L 1446 97.33 -22.22 10.59
CA VAL L 1446 98.28 -23.15 11.18
C VAL L 1446 99.48 -23.41 10.28
N ILE L 1447 99.64 -22.64 9.20
CA ILE L 1447 100.73 -22.90 8.28
C ILE L 1447 102.07 -22.41 8.84
N ASP L 1448 102.06 -21.39 9.68
CA ASP L 1448 103.30 -20.86 10.25
C ASP L 1448 103.76 -21.69 11.45
N PRO L 1454 102.19 -35.38 9.07
CA PRO L 1454 102.00 -34.15 8.30
C PRO L 1454 102.04 -34.37 6.79
N LYS L 1455 103.21 -34.73 6.27
CA LYS L 1455 103.34 -34.95 4.83
C LYS L 1455 102.65 -36.24 4.41
N GLU L 1456 102.66 -37.26 5.27
CA GLU L 1456 101.87 -38.46 4.99
C GLU L 1456 100.38 -38.17 5.10
N LEU L 1457 100.00 -37.28 6.02
CA LEU L 1457 98.62 -36.81 6.07
C LEU L 1457 98.32 -35.90 4.88
N LEU L 1458 99.32 -35.20 4.37
CA LEU L 1458 99.13 -34.39 3.18
C LEU L 1458 98.92 -35.26 1.95
N GLN L 1459 99.62 -36.39 1.87
CA GLN L 1459 99.38 -37.35 0.80
C GLN L 1459 98.04 -38.05 0.98
N ASN L 1460 97.62 -38.24 2.23
CA ASN L 1460 96.29 -38.79 2.48
C ASN L 1460 95.21 -37.78 2.14
N GLY L 1461 95.47 -36.49 2.40
CA GLY L 1461 94.52 -35.47 2.00
C GLY L 1461 94.50 -35.23 0.51
N LEU L 1462 95.64 -35.40 -0.15
CA LEU L 1462 95.68 -35.27 -1.61
C LEU L 1462 95.07 -36.47 -2.30
N ARG L 1463 94.98 -37.61 -1.60
CA ARG L 1463 94.32 -38.79 -2.17
C ARG L 1463 92.82 -38.57 -2.33
N PRO L 1464 92.10 -38.01 -1.36
CA PRO L 1464 90.69 -37.65 -1.62
C PRO L 1464 90.56 -36.41 -2.50
N MET L 1465 91.59 -35.58 -2.56
CA MET L 1465 91.55 -34.40 -3.43
C MET L 1465 91.70 -34.80 -4.89
N LEU L 1466 92.67 -35.69 -5.19
CA LEU L 1466 92.87 -36.12 -6.57
C LEU L 1466 91.75 -37.05 -7.03
N MET L 1467 91.08 -37.72 -6.09
CA MET L 1467 89.92 -38.53 -6.45
C MET L 1467 88.76 -37.66 -6.90
N ASN L 1468 88.58 -36.51 -6.23
CA ASN L 1468 87.60 -35.54 -6.70
C ASN L 1468 88.08 -34.83 -7.95
N LEU L 1469 89.40 -34.71 -8.12
CA LEU L 1469 89.98 -34.10 -9.30
C LEU L 1469 90.20 -35.09 -10.45
N SER L 1470 89.54 -36.25 -10.42
CA SER L 1470 89.66 -37.20 -11.50
C SER L 1470 88.94 -36.69 -12.74
N ASP L 1471 89.41 -37.13 -13.90
CA ASP L 1471 88.83 -36.71 -15.19
C ASP L 1471 87.50 -37.41 -15.38
N HIS L 1472 86.46 -36.82 -14.79
CA HIS L 1472 85.12 -37.37 -14.85
C HIS L 1472 84.08 -36.42 -15.43
N LYS L 1473 84.43 -35.13 -15.56
CA LYS L 1473 83.53 -34.06 -16.04
C LYS L 1473 82.26 -33.98 -15.20
N LYS L 1474 82.40 -34.20 -13.90
CA LYS L 1474 81.28 -34.13 -12.97
C LYS L 1474 81.68 -33.46 -11.66
N LEU L 1475 82.66 -32.56 -11.72
CA LEU L 1475 83.14 -31.89 -10.52
C LEU L 1475 82.25 -30.69 -10.18
N THR L 1476 81.62 -30.75 -9.01
CA THR L 1476 80.76 -29.66 -8.55
C THR L 1476 81.59 -28.47 -8.10
N VAL L 1477 80.91 -27.34 -7.92
CA VAL L 1477 81.60 -26.10 -7.56
C VAL L 1477 82.08 -26.08 -6.12
N ALA L 1478 81.61 -27.00 -5.28
CA ALA L 1478 82.10 -27.08 -3.90
C ALA L 1478 83.53 -27.60 -3.86
N SER L 1479 83.84 -28.58 -4.70
CA SER L 1479 85.20 -29.11 -4.74
C SER L 1479 86.16 -28.18 -5.47
N LEU L 1480 85.64 -27.31 -6.33
CA LEU L 1480 86.50 -26.41 -7.09
C LEU L 1480 87.07 -25.30 -6.21
N GLU L 1481 86.23 -24.69 -5.37
CA GLU L 1481 86.71 -23.66 -4.46
C GLU L 1481 87.56 -24.27 -3.34
N ALA L 1482 87.28 -25.51 -2.96
CA ALA L 1482 88.15 -26.20 -2.02
C ALA L 1482 89.50 -26.50 -2.64
N LEU L 1483 89.53 -26.77 -3.95
CA LEU L 1483 90.79 -26.91 -4.66
C LEU L 1483 91.50 -25.57 -4.75
N SER L 1484 90.74 -24.49 -4.96
CA SER L 1484 91.33 -23.16 -4.98
C SER L 1484 91.81 -22.74 -3.59
N GLY L 1485 91.17 -23.25 -2.55
CA GLY L 1485 91.67 -23.04 -1.20
C GLY L 1485 92.90 -23.88 -0.90
N LEU L 1486 93.09 -24.97 -1.65
CA LEU L 1486 94.24 -25.82 -1.40
C LEU L 1486 95.51 -25.21 -1.98
N LEU L 1487 95.42 -24.57 -3.15
CA LEU L 1487 96.59 -23.97 -3.77
C LEU L 1487 97.01 -22.67 -3.10
N LYS L 1488 96.22 -22.14 -2.16
CA LYS L 1488 96.68 -21.00 -1.37
C LYS L 1488 97.74 -21.39 -0.36
N LEU L 1489 97.82 -22.67 -0.01
CA LEU L 1489 98.78 -23.15 0.98
C LEU L 1489 99.73 -24.18 0.39
N LYS L 1495 102.95 -29.22 -8.13
CA LYS L 1495 103.34 -29.42 -9.52
C LYS L 1495 102.40 -28.67 -10.45
N VAL L 1496 102.82 -28.49 -11.70
CA VAL L 1496 101.96 -27.93 -12.74
C VAL L 1496 101.69 -29.03 -13.76
N GLY L 1497 100.59 -29.75 -13.53
CA GLY L 1497 100.10 -30.73 -14.47
C GLY L 1497 98.60 -30.62 -14.60
N ILE L 1498 98.00 -29.89 -13.65
CA ILE L 1498 96.56 -29.69 -13.65
C ILE L 1498 96.12 -28.73 -14.75
N GLY L 1499 97.01 -27.83 -15.19
CA GLY L 1499 96.70 -26.97 -16.32
C GLY L 1499 96.57 -27.73 -17.61
N SER L 1500 97.36 -28.78 -17.79
CA SER L 1500 97.12 -29.72 -18.88
C SER L 1500 95.86 -30.52 -18.64
N LYS L 1501 95.51 -30.74 -17.37
CA LYS L 1501 94.35 -31.57 -17.06
C LYS L 1501 93.05 -30.78 -17.13
N LEU L 1502 93.07 -29.51 -16.71
CA LEU L 1502 91.81 -28.77 -16.59
C LEU L 1502 91.36 -28.19 -17.93
N LEU L 1503 92.26 -28.04 -18.89
CA LEU L 1503 91.84 -27.58 -20.22
C LEU L 1503 91.00 -28.64 -20.91
N ASP L 1504 91.39 -29.91 -20.80
CA ASP L 1504 90.58 -30.98 -21.35
C ASP L 1504 89.35 -31.29 -20.51
N HIS L 1505 89.29 -30.78 -19.28
CA HIS L 1505 88.07 -30.90 -18.50
C HIS L 1505 86.97 -30.01 -19.05
N LEU L 1506 87.31 -28.75 -19.36
CA LEU L 1506 86.31 -27.81 -19.83
C LEU L 1506 85.89 -28.09 -21.26
N LEU L 1507 86.77 -28.70 -22.06
CA LEU L 1507 86.46 -28.95 -23.46
C LEU L 1507 85.39 -30.03 -23.65
N ALA L 1508 85.13 -30.84 -22.63
CA ALA L 1508 83.96 -31.71 -22.66
C ALA L 1508 82.68 -30.89 -22.63
N TRP L 1509 82.64 -29.83 -21.81
CA TRP L 1509 81.51 -28.91 -21.83
C TRP L 1509 81.55 -28.00 -23.04
N ALA L 1510 82.76 -27.73 -23.56
CA ALA L 1510 82.95 -26.70 -24.58
C ALA L 1510 82.80 -27.22 -26.00
N GLN L 1511 82.13 -28.35 -26.20
CA GLN L 1511 81.77 -28.73 -27.55
C GLN L 1511 80.65 -27.80 -28.04
N PRO L 1512 80.61 -27.49 -29.34
CA PRO L 1512 79.61 -26.53 -29.82
C PRO L 1512 78.18 -27.03 -29.76
N ARG L 1513 77.95 -28.34 -29.66
CA ARG L 1513 76.60 -28.86 -29.49
C ARG L 1513 76.10 -28.74 -28.06
N THR L 1514 76.94 -28.30 -27.13
CA THR L 1514 76.46 -27.91 -25.80
C THR L 1514 76.24 -26.41 -25.68
N LEU L 1515 76.67 -25.63 -26.67
CA LEU L 1515 76.52 -24.18 -26.63
C LEU L 1515 75.56 -23.65 -27.69
N GLN L 1516 75.44 -24.33 -28.83
CA GLN L 1516 74.42 -23.93 -29.80
C GLN L 1516 73.03 -24.26 -29.33
N GLN L 1517 72.89 -25.29 -28.47
CA GLN L 1517 71.61 -25.55 -27.82
C GLN L 1517 71.29 -24.48 -26.80
N LEU L 1518 72.30 -23.82 -26.24
CA LEU L 1518 72.09 -22.72 -25.32
C LEU L 1518 71.60 -21.52 -26.13
N GLY L 1519 72.45 -21.04 -27.04
CA GLY L 1519 72.03 -20.11 -28.07
C GLY L 1519 71.68 -18.71 -27.60
N SER L 1520 70.55 -18.58 -26.90
CA SER L 1520 70.05 -17.28 -26.50
C SER L 1520 69.56 -17.26 -25.06
N GLN L 1521 69.83 -18.29 -24.28
CA GLN L 1521 69.49 -18.29 -22.87
C GLN L 1521 70.42 -17.34 -22.12
N ASP L 1522 69.91 -16.75 -21.05
CA ASP L 1522 70.72 -15.86 -20.22
C ASP L 1522 71.80 -16.64 -19.49
N LEU L 1523 72.99 -16.05 -19.41
CA LEU L 1523 74.17 -16.76 -18.94
C LEU L 1523 74.32 -16.74 -17.42
N GLU L 1524 73.83 -15.69 -16.76
CA GLU L 1524 74.01 -15.60 -15.32
C GLU L 1524 73.09 -16.55 -14.57
N ASN L 1525 71.88 -16.78 -15.06
CA ASN L 1525 70.94 -17.68 -14.42
C ASN L 1525 71.23 -19.15 -14.72
N ASN L 1526 72.07 -19.41 -15.74
CA ASN L 1526 72.36 -20.78 -16.15
C ASN L 1526 73.27 -21.46 -15.13
N SER L 1527 73.21 -22.79 -15.13
CA SER L 1527 73.96 -23.59 -14.17
C SER L 1527 75.21 -24.22 -14.75
N THR L 1528 75.21 -24.54 -16.04
CA THR L 1528 76.41 -25.11 -16.66
C THR L 1528 77.49 -24.05 -16.86
N VAL L 1529 77.12 -22.77 -16.81
CA VAL L 1529 78.10 -21.71 -16.91
C VAL L 1529 78.85 -21.57 -15.60
N GLN L 1530 78.18 -21.79 -14.46
CA GLN L 1530 78.80 -21.64 -13.15
C GLN L 1530 79.87 -22.70 -12.92
N ILE L 1531 79.77 -23.84 -13.59
CA ILE L 1531 80.85 -24.83 -13.54
C ILE L 1531 82.01 -24.38 -14.42
N ILE L 1532 81.72 -23.61 -15.47
CA ILE L 1532 82.78 -23.16 -16.37
C ILE L 1532 83.59 -22.06 -15.70
N VAL L 1533 82.93 -21.08 -15.10
CA VAL L 1533 83.62 -19.95 -14.50
C VAL L 1533 84.40 -20.37 -13.26
N ALA L 1534 83.85 -21.29 -12.46
CA ALA L 1534 84.57 -21.79 -11.29
C ALA L 1534 85.79 -22.62 -11.67
N ILE L 1535 85.81 -23.20 -12.87
CA ILE L 1535 87.03 -23.79 -13.39
C ILE L 1535 88.05 -22.70 -13.71
N LEU L 1536 87.59 -21.60 -14.32
CA LEU L 1536 88.47 -20.52 -14.72
C LEU L 1536 88.99 -19.71 -13.53
N ASP L 1537 88.35 -19.84 -12.36
CA ASP L 1537 88.79 -19.12 -11.18
C ASP L 1537 90.11 -19.68 -10.64
N VAL L 1538 90.38 -20.96 -10.90
CA VAL L 1538 91.54 -21.63 -10.33
C VAL L 1538 92.84 -21.13 -10.95
N PHE L 1539 92.79 -20.57 -12.16
CA PHE L 1539 93.99 -20.13 -12.85
C PHE L 1539 94.63 -18.89 -12.24
N HIS L 1540 93.94 -18.22 -11.32
CA HIS L 1540 94.55 -17.13 -10.57
C HIS L 1540 95.64 -17.66 -9.63
N LEU L 1541 95.50 -18.88 -9.14
CA LEU L 1541 96.34 -19.42 -8.08
C LEU L 1541 97.15 -20.63 -8.57
N LEU L 1542 97.73 -20.50 -9.76
CA LEU L 1542 98.55 -21.55 -10.34
C LEU L 1542 99.93 -21.58 -9.69
N PRO L 1543 100.73 -22.61 -9.99
CA PRO L 1543 102.16 -22.55 -9.66
C PRO L 1543 102.82 -21.37 -10.34
N PRO L 1544 103.83 -20.77 -9.71
CA PRO L 1544 104.34 -19.48 -10.18
C PRO L 1544 105.35 -19.54 -11.30
N THR L 1545 105.44 -20.66 -12.02
CA THR L 1545 106.33 -20.77 -13.15
C THR L 1545 105.87 -19.86 -14.30
N ALA L 1546 106.82 -19.56 -15.20
CA ALA L 1546 106.56 -18.66 -16.33
C ALA L 1546 105.64 -19.37 -17.30
N HIS L 1547 104.35 -19.09 -17.18
CA HIS L 1547 103.32 -19.98 -17.68
C HIS L 1547 103.17 -19.87 -19.19
N LYS L 1548 103.19 -21.02 -19.87
CA LYS L 1548 102.86 -21.13 -21.28
C LYS L 1548 101.36 -21.24 -21.52
N PHE L 1549 100.56 -21.05 -20.49
CA PHE L 1549 99.11 -21.08 -20.61
C PHE L 1549 98.53 -19.73 -20.98
N MET L 1550 99.30 -18.87 -21.65
CA MET L 1550 98.77 -17.57 -22.05
C MET L 1550 98.00 -17.66 -23.35
N ASN L 1551 98.52 -18.41 -24.33
CA ASN L 1551 97.93 -18.40 -25.66
C ASN L 1551 96.69 -19.29 -25.74
N ASP L 1552 96.77 -20.51 -25.21
CA ASP L 1552 95.68 -21.46 -25.39
C ASP L 1552 94.50 -21.13 -24.48
N LEU L 1553 94.74 -20.49 -23.35
CA LEU L 1553 93.64 -20.08 -22.48
C LEU L 1553 92.84 -18.95 -23.10
N MET L 1554 93.52 -17.98 -23.71
CA MET L 1554 92.80 -16.91 -24.40
C MET L 1554 92.18 -17.40 -25.70
N ASN L 1555 92.79 -18.41 -26.33
CA ASN L 1555 92.14 -19.02 -27.48
C ASN L 1555 90.93 -19.84 -27.06
N ALA L 1556 90.90 -20.29 -25.80
CA ALA L 1556 89.69 -20.91 -25.28
C ALA L 1556 88.62 -19.86 -24.97
N LEU L 1557 89.02 -18.61 -24.78
CA LEU L 1557 88.06 -17.56 -24.53
C LEU L 1557 87.38 -17.12 -25.83
N LEU L 1558 88.18 -16.85 -26.87
CA LEU L 1558 87.65 -16.39 -28.15
C LEU L 1558 86.80 -17.46 -28.82
N TYR L 1559 87.16 -18.73 -28.63
CA TYR L 1559 86.33 -19.82 -29.12
C TYR L 1559 85.02 -19.92 -28.35
N LEU L 1560 85.01 -19.50 -27.09
CA LEU L 1560 83.81 -19.60 -26.28
C LEU L 1560 82.83 -18.45 -26.51
N GLU L 1561 83.29 -17.36 -27.11
CA GLU L 1561 82.39 -16.24 -27.38
C GLU L 1561 81.72 -16.38 -28.74
N ASN L 1562 82.45 -16.92 -29.73
CA ASN L 1562 81.91 -17.00 -31.08
C ASN L 1562 80.80 -18.05 -31.19
N ASN L 1563 80.90 -19.13 -30.43
CA ASN L 1563 79.83 -20.12 -30.39
C ASN L 1563 78.69 -19.74 -29.47
N LEU L 1564 78.87 -18.70 -28.65
CA LEU L 1564 77.77 -18.08 -27.94
C LEU L 1564 77.19 -16.88 -28.66
N HIS L 1565 77.89 -16.42 -29.72
CA HIS L 1565 77.54 -15.22 -30.50
C HIS L 1565 77.39 -13.99 -29.62
N ARG L 1566 78.23 -13.87 -28.60
CA ARG L 1566 78.09 -12.83 -27.58
C ARG L 1566 79.38 -12.01 -27.50
N CYS L 1567 79.31 -10.77 -27.99
CA CYS L 1567 80.43 -9.84 -28.00
C CYS L 1567 80.30 -8.83 -26.88
N GLN L 1568 81.43 -8.20 -26.53
CA GLN L 1568 81.57 -7.09 -25.59
C GLN L 1568 81.28 -7.42 -24.12
N TYR L 1569 80.78 -8.62 -23.82
CA TYR L 1569 80.50 -9.01 -22.44
C TYR L 1569 80.28 -10.52 -22.36
N SER L 1570 80.67 -11.08 -21.22
CA SER L 1570 80.44 -12.46 -20.82
C SER L 1570 80.78 -12.58 -19.34
N PRO L 1571 80.16 -13.50 -18.59
CA PRO L 1571 80.53 -13.65 -17.17
C PRO L 1571 81.90 -14.26 -16.95
N PHE L 1572 82.47 -14.95 -17.93
CA PHE L 1572 83.83 -15.46 -17.83
C PHE L 1572 84.84 -14.55 -18.52
N ARG L 1573 84.56 -13.26 -18.55
CA ARG L 1573 85.54 -12.24 -18.87
C ARG L 1573 86.26 -11.74 -17.62
N GLU L 1574 85.64 -11.90 -16.46
CA GLU L 1574 86.25 -11.51 -15.19
C GLU L 1574 87.35 -12.44 -14.70
N PRO L 1575 87.18 -13.78 -14.59
CA PRO L 1575 88.29 -14.58 -14.04
C PRO L 1575 89.44 -14.79 -15.01
N LEU L 1576 89.26 -14.44 -16.28
CA LEU L 1576 90.40 -14.37 -17.19
C LEU L 1576 91.31 -13.22 -16.83
N ALA L 1577 90.76 -12.18 -16.21
CA ALA L 1577 91.51 -10.95 -15.97
C ALA L 1577 92.41 -11.04 -14.74
N LYS L 1578 91.95 -11.74 -13.70
CA LYS L 1578 92.77 -11.92 -12.50
C LYS L 1578 93.97 -12.80 -12.77
N PHE L 1579 93.86 -13.68 -13.77
CA PHE L 1579 95.03 -14.38 -14.28
C PHE L 1579 96.02 -13.40 -14.91
N LEU L 1580 95.51 -12.42 -15.65
CA LEU L 1580 96.37 -11.42 -16.28
C LEU L 1580 96.95 -10.44 -15.29
N ASP L 1581 96.33 -10.31 -14.12
CA ASP L 1581 96.92 -9.55 -13.03
C ASP L 1581 98.15 -10.28 -12.50
N ARG L 1582 98.12 -11.61 -12.51
CA ARG L 1582 99.25 -12.40 -12.02
C ARG L 1582 100.46 -12.27 -12.95
N PHE L 1583 100.22 -12.29 -14.27
CA PHE L 1583 101.29 -12.18 -15.27
C PHE L 1583 101.07 -10.91 -16.08
N PRO L 1584 101.65 -9.77 -15.66
CA PRO L 1584 101.53 -8.57 -16.49
C PRO L 1584 102.45 -8.59 -17.69
N ASP L 1585 103.65 -9.16 -17.54
CA ASP L 1585 104.62 -9.13 -18.63
C ASP L 1585 104.29 -10.14 -19.72
N GLU L 1586 103.88 -11.36 -19.33
CA GLU L 1586 103.56 -12.38 -20.32
C GLU L 1586 102.26 -12.07 -21.04
N SER L 1587 101.40 -11.23 -20.45
CA SER L 1587 100.16 -10.86 -21.11
C SER L 1587 100.41 -9.87 -22.24
N PHE L 1588 101.06 -8.73 -21.92
CA PHE L 1588 101.27 -7.70 -22.93
C PHE L 1588 102.23 -8.16 -24.01
N GLU L 1589 103.17 -9.05 -23.69
CA GLU L 1589 104.01 -9.62 -24.73
C GLU L 1589 103.24 -10.58 -25.63
N TYR L 1590 102.06 -11.02 -25.22
CA TYR L 1590 101.18 -11.75 -26.13
C TYR L 1590 100.31 -10.78 -26.94
N PHE L 1591 99.83 -9.71 -26.30
CA PHE L 1591 98.92 -8.79 -26.98
C PHE L 1591 99.64 -7.93 -28.01
N PHE L 1592 100.87 -7.51 -27.72
CA PHE L 1592 101.57 -6.59 -28.61
C PHE L 1592 102.00 -7.27 -29.90
N ASN L 1593 102.19 -8.59 -29.87
CA ASN L 1593 102.54 -9.30 -31.08
C ASN L 1593 101.35 -9.45 -32.01
N GLU L 1594 100.22 -9.90 -31.48
CA GLU L 1594 98.98 -10.00 -32.25
C GLU L 1594 98.10 -8.79 -31.98
N PHE L 1595 98.57 -7.63 -32.43
CA PHE L 1595 97.87 -6.38 -32.19
C PHE L 1595 97.05 -5.90 -33.37
N SER L 1596 97.47 -6.20 -34.60
CA SER L 1596 96.71 -5.76 -35.77
C SER L 1596 95.42 -6.54 -35.97
N LYS L 1597 95.26 -7.69 -35.31
CA LYS L 1597 94.01 -8.44 -35.41
C LYS L 1597 92.94 -7.79 -34.54
N ARG L 1598 91.72 -7.78 -35.05
CA ARG L 1598 90.66 -7.00 -34.42
C ARG L 1598 90.00 -7.75 -33.26
N GLU L 1599 89.57 -8.99 -33.51
CA GLU L 1599 88.67 -9.70 -32.61
C GLU L 1599 89.32 -10.13 -31.30
N ILE L 1600 90.63 -10.19 -31.21
CA ILE L 1600 91.27 -10.51 -29.94
C ILE L 1600 91.69 -9.24 -29.19
N THR L 1601 91.99 -8.17 -29.92
CA THR L 1601 92.38 -6.92 -29.27
C THR L 1601 91.20 -6.17 -28.69
N THR L 1602 89.97 -6.52 -29.09
CA THR L 1602 88.80 -5.94 -28.46
C THR L 1602 88.66 -6.42 -27.03
N ARG L 1603 89.10 -7.65 -26.75
CA ARG L 1603 89.09 -8.15 -25.39
C ARG L 1603 90.20 -7.51 -24.57
N PHE L 1604 91.25 -7.00 -25.22
CA PHE L 1604 92.34 -6.35 -24.51
C PHE L 1604 91.89 -5.02 -23.92
N VAL L 1605 91.19 -4.21 -24.72
CA VAL L 1605 90.80 -2.88 -24.28
C VAL L 1605 89.65 -2.92 -23.28
N TYR L 1606 89.05 -4.09 -23.05
CA TYR L 1606 88.18 -4.26 -21.91
C TYR L 1606 88.99 -4.64 -20.68
N PHE L 1607 90.07 -5.40 -20.87
CA PHE L 1607 90.88 -5.84 -19.74
C PHE L 1607 91.68 -4.69 -19.16
N VAL L 1608 92.13 -3.77 -20.01
CA VAL L 1608 92.80 -2.56 -19.51
C VAL L 1608 91.82 -1.69 -18.76
N GLY L 1609 90.62 -1.53 -19.31
CA GLY L 1609 89.59 -0.73 -18.67
C GLY L 1609 88.97 -1.33 -17.43
N LEU L 1610 89.24 -2.60 -17.15
CA LEU L 1610 88.79 -3.19 -15.89
C LEU L 1610 89.60 -2.65 -14.73
N ASP L 1611 88.93 -2.46 -13.60
CA ASP L 1611 89.60 -2.00 -12.39
C ASP L 1611 90.38 -3.10 -11.68
N SER L 1612 90.13 -4.36 -12.02
CA SER L 1612 90.83 -5.47 -11.38
C SER L 1612 92.20 -5.72 -11.97
N CYS L 1613 92.51 -5.17 -13.13
CA CYS L 1613 93.85 -5.25 -13.71
C CYS L 1613 94.66 -4.01 -13.40
N SER L 1614 94.90 -3.79 -12.11
CA SER L 1614 95.70 -2.65 -11.68
C SER L 1614 97.17 -2.84 -12.02
N SER L 1615 97.61 -4.09 -12.17
CA SER L 1615 98.99 -4.35 -12.55
C SER L 1615 99.16 -4.40 -14.05
N LEU L 1616 98.08 -4.58 -14.80
CA LEU L 1616 98.17 -4.58 -16.25
C LEU L 1616 98.21 -3.17 -16.81
N ARG L 1617 97.50 -2.23 -16.17
CA ARG L 1617 97.51 -0.85 -16.63
C ARG L 1617 98.86 -0.20 -16.40
N ALA L 1618 99.57 -0.62 -15.35
CA ALA L 1618 100.91 -0.10 -15.11
C ALA L 1618 101.90 -0.61 -16.16
N LYS L 1619 101.62 -1.76 -16.77
CA LYS L 1619 102.47 -2.26 -17.84
C LYS L 1619 102.23 -1.46 -19.13
N VAL L 1620 100.96 -1.26 -19.50
CA VAL L 1620 100.65 -0.60 -20.76
C VAL L 1620 100.90 0.90 -20.70
N LEU L 1621 100.99 1.49 -19.50
CA LEU L 1621 101.32 2.90 -19.39
C LEU L 1621 102.82 3.14 -19.47
N GLU L 1622 103.60 2.22 -18.90
CA GLU L 1622 105.05 2.32 -19.02
C GLU L 1622 105.50 1.95 -20.43
N SER L 1623 104.89 0.93 -21.02
CA SER L 1623 105.21 0.50 -22.37
C SER L 1623 104.26 1.07 -23.40
N LEU L 1624 103.78 2.29 -23.15
CA LEU L 1624 102.91 2.97 -24.11
C LEU L 1624 103.55 3.24 -25.48
N PRO L 1625 104.69 3.95 -25.60
CA PRO L 1625 105.09 4.41 -26.94
C PRO L 1625 105.63 3.32 -27.85
N ARG L 1626 105.78 2.08 -27.38
CA ARG L 1626 106.21 1.02 -28.28
C ARG L 1626 105.07 0.52 -29.16
N VAL L 1627 103.81 0.78 -28.79
CA VAL L 1627 102.69 0.46 -29.68
C VAL L 1627 102.36 1.64 -30.57
N ARG L 1628 102.88 2.83 -30.26
CA ARG L 1628 102.76 3.96 -31.16
C ARG L 1628 103.56 3.75 -32.43
N GLY L 1629 104.67 3.00 -32.34
CA GLY L 1629 105.48 2.70 -33.50
C GLY L 1629 104.82 1.78 -34.51
N LEU L 1630 103.74 1.09 -34.11
CA LEU L 1630 103.00 0.27 -35.06
C LEU L 1630 102.25 1.11 -36.07
N LEU L 1631 101.83 2.32 -35.69
CA LEU L 1631 101.01 3.15 -36.57
C LEU L 1631 101.82 3.81 -37.68
N HIS L 1632 103.15 3.74 -37.62
CA HIS L 1632 103.97 4.23 -38.73
C HIS L 1632 104.18 3.17 -39.81
N GLN L 1633 103.96 1.90 -39.48
CA GLN L 1633 104.07 0.82 -40.46
C GLN L 1633 103.14 -0.33 -40.12
N GLU L 1639 97.45 -3.45 -46.62
CA GLU L 1639 97.35 -2.09 -46.11
C GLU L 1639 95.94 -1.79 -45.63
N LYS L 1640 95.09 -2.82 -45.63
CA LYS L 1640 93.78 -2.73 -45.00
C LYS L 1640 93.83 -3.02 -43.51
N CYS L 1641 94.98 -3.42 -42.99
CA CYS L 1641 95.16 -3.72 -41.58
C CYS L 1641 95.87 -2.60 -40.84
N VAL L 1642 95.70 -1.36 -41.31
CA VAL L 1642 96.20 -0.19 -40.60
C VAL L 1642 95.19 0.13 -39.51
N ARG L 1643 95.45 -0.34 -38.29
CA ARG L 1643 94.44 -0.27 -37.23
C ARG L 1643 94.67 0.93 -36.33
N PHE L 1644 94.41 2.09 -36.95
CA PHE L 1644 93.96 3.30 -36.27
C PHE L 1644 92.84 3.03 -35.27
N SER L 1645 91.89 2.17 -35.65
CA SER L 1645 90.68 1.97 -34.86
C SER L 1645 90.96 1.27 -33.54
N ASN L 1646 91.99 0.42 -33.51
CA ASN L 1646 92.30 -0.31 -32.28
C ASN L 1646 93.02 0.59 -31.28
N LEU L 1647 93.86 1.51 -31.77
CA LEU L 1647 94.61 2.36 -30.86
C LEU L 1647 93.71 3.37 -30.18
N VAL L 1648 92.63 3.80 -30.84
CA VAL L 1648 91.75 4.81 -30.27
C VAL L 1648 91.02 4.27 -29.05
N ASP L 1649 90.49 3.05 -29.15
CA ASP L 1649 89.80 2.45 -28.01
C ASP L 1649 90.77 2.04 -26.91
N LEU L 1650 92.04 1.83 -27.24
CA LEU L 1650 93.03 1.55 -26.21
C LEU L 1650 93.30 2.79 -25.38
N CYS L 1651 93.55 3.92 -26.05
CA CYS L 1651 93.82 5.16 -25.34
C CYS L 1651 92.59 5.70 -24.64
N GLU L 1652 91.40 5.39 -25.15
CA GLU L 1652 90.18 5.81 -24.48
C GLU L 1652 89.95 5.01 -23.20
N SER L 1653 90.35 3.74 -23.20
CA SER L 1653 90.04 2.86 -22.08
C SER L 1653 90.87 3.21 -20.86
N LEU L 1654 92.11 3.63 -21.06
CA LEU L 1654 92.94 4.03 -19.93
C LEU L 1654 92.89 5.52 -19.65
N ALA L 1655 92.26 6.31 -20.51
CA ALA L 1655 91.94 7.69 -20.14
C ALA L 1655 90.74 7.74 -19.20
N ALA L 1656 89.88 6.73 -19.27
CA ALA L 1656 88.78 6.63 -18.32
C ALA L 1656 89.22 6.04 -16.99
N SER L 1657 90.45 5.50 -16.95
CA SER L 1657 91.03 5.00 -15.67
C SER L 1657 91.31 6.21 -14.76
N ASP L 1658 92.21 7.11 -15.19
CA ASP L 1658 92.49 8.34 -14.41
C ASP L 1658 92.42 9.55 -15.34
N LYS L 1659 91.95 10.69 -14.84
CA LYS L 1659 91.81 11.91 -15.68
C LYS L 1659 93.16 12.64 -15.71
N GLU L 1660 94.20 12.03 -15.13
CA GLU L 1660 95.50 12.68 -15.07
C GLU L 1660 96.43 12.22 -16.18
N TRP L 1661 96.10 11.13 -16.88
CA TRP L 1661 96.96 10.65 -17.95
C TRP L 1661 96.90 11.56 -19.17
N ILE L 1662 95.75 12.21 -19.40
CA ILE L 1662 95.52 12.92 -20.65
C ILE L 1662 96.29 14.22 -20.77
N LYS L 1663 96.77 14.76 -19.65
CA LYS L 1663 97.21 16.15 -19.62
C LYS L 1663 98.56 16.38 -20.30
N ASP L 1664 99.35 15.34 -20.55
CA ASP L 1664 100.68 15.52 -21.10
C ASP L 1664 100.83 15.00 -22.53
N LYS L 1665 99.93 14.14 -23.00
CA LYS L 1665 100.05 13.55 -24.32
C LYS L 1665 99.48 14.51 -25.35
N GLU L 1666 100.33 14.96 -26.25
CA GLU L 1666 99.90 15.78 -27.36
C GLU L 1666 100.42 15.28 -28.70
N GLU L 1667 101.67 14.80 -28.74
CA GLU L 1667 102.21 14.26 -29.98
C GLU L 1667 101.65 12.88 -30.28
N LEU L 1668 101.15 12.19 -29.25
CA LEU L 1668 100.31 11.01 -29.48
C LEU L 1668 99.05 11.39 -30.23
N LEU L 1669 98.39 12.45 -29.80
CA LEU L 1669 97.00 12.68 -30.17
C LEU L 1669 96.87 13.22 -31.59
N GLY L 1670 97.86 13.98 -32.04
CA GLY L 1670 97.87 14.38 -33.44
C GLY L 1670 98.35 13.28 -34.37
N GLU L 1671 99.17 12.36 -33.85
CA GLU L 1671 99.61 11.23 -34.65
C GLU L 1671 98.47 10.24 -34.88
N LEU L 1672 97.50 10.18 -33.96
CA LEU L 1672 96.30 9.40 -34.19
C LEU L 1672 95.46 10.01 -35.31
N LEU L 1673 95.37 11.34 -35.32
CA LEU L 1673 94.47 12.04 -36.24
C LEU L 1673 95.07 12.17 -37.63
N ASP L 1674 96.40 12.09 -37.73
CA ASP L 1674 97.02 12.08 -39.05
C ASP L 1674 96.78 10.75 -39.77
N ALA L 1675 97.07 9.64 -39.09
CA ALA L 1675 96.86 8.33 -39.68
C ALA L 1675 95.38 8.00 -39.79
N GLY L 1676 94.54 8.62 -38.97
CA GLY L 1676 93.11 8.52 -39.19
C GLY L 1676 92.68 9.27 -40.45
N SER L 1677 93.30 10.42 -40.71
CA SER L 1677 92.97 11.17 -41.92
C SER L 1677 93.55 10.52 -43.15
N VAL L 1678 94.58 9.69 -42.98
CA VAL L 1678 95.06 8.86 -44.09
C VAL L 1678 94.01 7.80 -44.44
N CYS L 1679 93.41 7.21 -43.41
CA CYS L 1679 92.40 6.17 -43.63
C CYS L 1679 91.12 6.72 -44.23
N LEU L 1680 90.86 8.03 -44.07
CA LEU L 1680 89.71 8.67 -44.68
C LEU L 1680 90.00 9.22 -46.07
N THR L 1681 91.08 8.75 -46.70
CA THR L 1681 91.26 8.90 -48.14
C THR L 1681 90.87 7.63 -48.89
N LEU L 1682 91.28 6.48 -48.37
CA LEU L 1682 90.88 5.21 -48.97
C LEU L 1682 89.40 4.95 -48.75
N LYS L 1683 88.89 5.31 -47.58
CA LYS L 1683 87.49 5.08 -47.25
C LYS L 1683 86.55 6.08 -47.93
N ARG L 1684 87.09 7.14 -48.53
CA ARG L 1684 86.30 8.01 -49.40
C ARG L 1684 86.66 7.67 -50.84
N SER L 1685 86.03 6.61 -51.34
CA SER L 1685 86.31 6.10 -52.69
C SER L 1685 85.12 5.25 -53.11
N SER L 1686 84.49 5.63 -54.21
CA SER L 1686 83.32 4.93 -54.73
C SER L 1686 83.68 3.77 -55.66
N ASN L 1687 84.94 3.32 -55.63
CA ASN L 1687 85.36 2.19 -56.45
C ASN L 1687 84.69 0.90 -56.00
N VAL L 1688 84.67 0.66 -54.69
CA VAL L 1688 83.91 -0.43 -54.12
C VAL L 1688 82.63 0.18 -53.55
N VAL L 1689 81.66 -0.67 -53.22
CA VAL L 1689 80.31 -0.23 -52.90
C VAL L 1689 80.29 0.48 -51.55
N SER L 1690 80.59 -0.25 -50.47
CA SER L 1690 80.53 0.32 -49.13
C SER L 1690 81.82 0.01 -48.39
N PRO L 1691 82.83 0.86 -48.51
CA PRO L 1691 84.02 0.74 -47.66
C PRO L 1691 83.92 1.46 -46.32
N LEU L 1692 82.78 2.06 -46.00
CA LEU L 1692 82.63 2.79 -44.73
C LEU L 1692 82.54 1.80 -43.59
N TYR L 1693 83.70 1.39 -43.08
CA TYR L 1693 83.74 0.42 -42.01
C TYR L 1693 83.48 1.14 -40.70
N PHE L 1694 82.60 0.57 -39.88
CA PHE L 1694 82.18 1.24 -38.66
C PHE L 1694 83.24 1.20 -37.57
N GLN L 1695 84.35 0.49 -37.79
CA GLN L 1695 85.46 0.63 -36.87
C GLN L 1695 86.19 1.95 -37.09
N VAL L 1696 86.23 2.43 -38.33
CA VAL L 1696 86.98 3.64 -38.62
C VAL L 1696 86.18 4.88 -38.26
N ASP L 1697 84.90 4.94 -38.63
CA ASP L 1697 84.11 6.14 -38.38
C ASP L 1697 83.77 6.28 -36.90
N GLN L 1698 83.55 5.16 -36.20
CA GLN L 1698 83.42 5.26 -34.75
C GLN L 1698 84.77 5.46 -34.08
N GLY L 1699 85.86 5.30 -34.82
CA GLY L 1699 87.14 5.73 -34.30
C GLY L 1699 87.22 7.23 -34.15
N PHE L 1700 86.63 7.97 -35.09
CA PHE L 1700 86.66 9.43 -35.02
C PHE L 1700 85.72 10.00 -33.98
N GLU L 1701 84.51 9.42 -33.86
CA GLU L 1701 83.59 9.89 -32.85
C GLU L 1701 84.05 9.52 -31.45
N THR L 1702 84.96 8.56 -31.31
CA THR L 1702 85.59 8.28 -30.03
C THR L 1702 86.82 9.16 -29.84
N LEU L 1703 87.55 9.43 -30.92
CA LEU L 1703 88.72 10.30 -30.84
C LEU L 1703 88.33 11.72 -30.46
N GLN L 1704 87.20 12.20 -30.96
CA GLN L 1704 86.85 13.60 -30.76
C GLN L 1704 86.34 13.85 -29.36
N LEU L 1705 85.61 12.91 -28.76
CA LEU L 1705 85.11 13.17 -27.41
C LEU L 1705 86.21 13.04 -26.37
N LEU L 1706 87.34 12.42 -26.72
CA LEU L 1706 88.48 12.43 -25.80
C LEU L 1706 89.45 13.55 -26.14
N TYR L 1707 89.37 14.10 -27.36
CA TYR L 1707 90.16 15.27 -27.69
C TYR L 1707 89.55 16.52 -27.06
N ILE L 1708 88.30 16.43 -26.63
CA ILE L 1708 87.67 17.47 -25.82
C ILE L 1708 87.92 17.21 -24.34
N GLU L 1709 88.14 15.94 -23.98
CA GLU L 1709 88.54 15.62 -22.61
C GLU L 1709 89.91 16.18 -22.28
N TYR L 1710 90.74 16.37 -23.30
CA TYR L 1710 92.00 17.08 -23.11
C TYR L 1710 91.77 18.58 -22.94
N PHE L 1711 90.78 19.16 -23.63
CA PHE L 1711 90.66 20.60 -23.72
C PHE L 1711 90.18 21.23 -22.42
N LYS L 1712 89.28 20.56 -21.69
CA LYS L 1712 88.81 21.11 -20.43
C LYS L 1712 89.70 20.74 -19.25
N SER L 1713 90.96 20.42 -19.51
CA SER L 1713 92.00 20.37 -18.50
C SER L 1713 92.97 21.54 -18.57
N GLN L 1714 92.97 22.28 -19.69
CA GLN L 1714 93.76 23.50 -19.83
C GLN L 1714 92.84 24.70 -19.98
N PRO L 1715 93.27 25.91 -19.61
CA PRO L 1715 92.41 27.08 -19.75
C PRO L 1715 92.59 27.89 -21.03
N LEU L 1716 93.44 27.46 -21.96
CA LEU L 1716 93.76 28.27 -23.12
C LEU L 1716 92.62 28.23 -24.14
N GLY L 1717 92.23 29.41 -24.61
CA GLY L 1717 91.20 29.57 -25.61
C GLY L 1717 91.69 29.54 -27.04
N HIS L 1718 92.98 29.27 -27.27
CA HIS L 1718 93.50 29.04 -28.61
C HIS L 1718 94.20 27.68 -28.58
N GLU L 1719 93.39 26.65 -28.57
CA GLU L 1719 93.71 25.33 -29.09
C GLU L 1719 92.55 24.71 -29.80
N LYS L 1720 91.32 25.17 -29.51
CA LYS L 1720 90.11 24.66 -30.14
C LYS L 1720 90.06 25.03 -31.62
N VAL L 1721 90.78 26.07 -32.02
CA VAL L 1721 90.80 26.50 -33.41
C VAL L 1721 91.90 25.77 -34.17
N PHE L 1722 92.55 24.81 -33.51
CA PHE L 1722 93.50 23.93 -34.17
C PHE L 1722 92.90 22.58 -34.54
N ASN L 1723 91.81 22.19 -33.90
CA ASN L 1723 91.10 20.97 -34.29
C ASN L 1723 90.39 21.13 -35.63
N PHE L 1724 90.20 22.37 -36.10
CA PHE L 1724 89.33 22.64 -37.23
C PHE L 1724 90.00 22.28 -38.55
N ILE L 1725 91.18 22.86 -38.80
CA ILE L 1725 91.88 22.66 -40.07
C ILE L 1725 92.40 21.24 -40.19
N ASP L 1726 92.58 20.55 -39.08
CA ASP L 1726 93.10 19.19 -39.14
C ASP L 1726 92.04 18.17 -39.54
N LYS L 1727 90.76 18.55 -39.62
CA LYS L 1727 89.71 17.63 -40.05
C LYS L 1727 89.02 18.10 -41.34
N ILE L 1728 89.76 18.77 -42.22
CA ILE L 1728 89.15 19.38 -43.41
C ILE L 1728 88.67 18.39 -44.45
N SER L 1729 89.20 17.17 -44.44
CA SER L 1729 88.81 16.17 -45.42
C SER L 1729 87.60 15.35 -45.00
N LYS L 1730 86.88 15.77 -43.95
CA LYS L 1730 85.93 14.85 -43.34
C LYS L 1730 84.92 15.62 -42.50
N GLU L 1731 83.63 15.41 -42.82
CA GLU L 1731 82.46 15.64 -41.96
C GLU L 1731 82.11 17.12 -41.78
N GLY L 1732 82.92 18.04 -42.35
CA GLY L 1732 82.55 19.44 -42.40
C GLY L 1732 82.56 20.16 -41.06
N LEU L 1733 81.39 20.50 -40.55
CA LEU L 1733 81.30 20.97 -39.16
C LEU L 1733 81.54 19.79 -38.24
N PRO L 1734 82.30 19.95 -37.14
CA PRO L 1734 82.61 18.81 -36.25
C PRO L 1734 81.37 18.22 -35.59
N PHE L 1735 81.57 17.05 -34.97
CA PHE L 1735 80.48 16.17 -34.57
C PHE L 1735 79.60 16.79 -33.47
N VAL L 1736 78.30 16.61 -33.63
CA VAL L 1736 77.26 17.22 -32.81
C VAL L 1736 77.24 16.52 -31.44
N LEU L 1737 76.55 17.14 -30.47
CA LEU L 1737 76.27 16.64 -29.11
C LEU L 1737 77.52 16.54 -28.24
N GLU L 1738 78.67 16.95 -28.75
CA GLU L 1738 79.90 16.86 -28.00
C GLU L 1738 80.78 18.08 -28.14
N PHE L 1739 80.56 18.92 -29.15
CA PHE L 1739 81.48 20.00 -29.44
C PHE L 1739 80.70 21.29 -29.63
N ASP L 1740 79.45 21.18 -30.05
CA ASP L 1740 78.62 22.37 -30.17
C ASP L 1740 78.14 22.84 -28.81
N ASP L 1741 78.21 21.98 -27.80
CA ASP L 1741 78.02 22.40 -26.41
C ASP L 1741 79.34 22.58 -25.69
N PHE L 1742 80.46 22.49 -26.42
CA PHE L 1742 81.75 22.82 -25.82
C PHE L 1742 82.23 24.18 -26.30
N ILE L 1743 81.90 24.57 -27.53
CA ILE L 1743 82.08 25.95 -27.95
C ILE L 1743 81.15 26.86 -27.14
N PHE L 1744 79.97 26.36 -26.79
CA PHE L 1744 79.01 27.09 -25.97
C PHE L 1744 79.41 27.18 -24.51
N ASN L 1745 80.55 26.62 -24.12
CA ASN L 1745 81.13 26.87 -22.81
C ASN L 1745 82.48 27.57 -22.90
N GLU L 1746 82.96 27.85 -24.12
CA GLU L 1746 84.00 28.85 -24.31
C GLU L 1746 83.40 30.21 -24.59
N VAL L 1747 82.21 30.24 -25.19
CA VAL L 1747 81.53 31.51 -25.44
C VAL L 1747 80.95 32.07 -24.15
N VAL L 1748 80.13 31.29 -23.46
CA VAL L 1748 79.54 31.73 -22.20
C VAL L 1748 80.57 31.66 -21.09
N ILE L 1753 85.02 39.67 -18.40
CA ILE L 1753 86.23 38.87 -18.34
C ILE L 1753 87.22 39.32 -19.40
N PRO L 1754 88.44 39.65 -19.00
CA PRO L 1754 89.45 40.06 -19.99
C PRO L 1754 90.21 38.89 -20.58
N THR L 1755 89.49 37.80 -20.90
CA THR L 1755 89.99 36.72 -21.72
C THR L 1755 89.04 36.43 -22.88
N VAL L 1756 87.81 36.93 -22.80
CA VAL L 1756 86.91 36.95 -23.96
C VAL L 1756 87.42 37.90 -25.02
N GLN L 1757 88.15 38.94 -24.63
CA GLN L 1757 88.84 39.77 -25.60
C GLN L 1757 90.03 39.06 -26.22
N GLN L 1758 90.55 38.02 -25.58
CA GLN L 1758 91.73 37.33 -26.10
C GLN L 1758 91.39 36.38 -27.24
N THR L 1759 90.21 35.76 -27.19
CA THR L 1759 89.85 34.77 -28.22
C THR L 1759 89.59 35.44 -29.55
N LEU L 1760 89.10 36.68 -29.52
CA LEU L 1760 88.84 37.43 -30.74
C LEU L 1760 90.13 37.99 -31.34
N ASP L 1761 91.23 37.96 -30.58
CA ASP L 1761 92.53 38.26 -31.17
C ASP L 1761 93.06 37.08 -31.96
N THR L 1762 92.82 35.87 -31.45
CA THR L 1762 93.38 34.68 -32.06
C THR L 1762 92.65 34.30 -33.34
N ILE L 1763 91.36 34.65 -33.44
CA ILE L 1763 90.58 34.31 -34.63
C ILE L 1763 91.07 35.12 -35.82
N ILE L 1764 91.24 36.44 -35.64
CA ILE L 1764 91.75 37.30 -36.70
C ILE L 1764 93.23 37.02 -36.97
N ARG L 1765 93.91 36.28 -36.09
CA ARG L 1765 95.25 35.82 -36.42
C ARG L 1765 95.21 34.63 -37.36
N MET L 1766 94.41 33.61 -37.03
CA MET L 1766 94.47 32.34 -37.76
C MET L 1766 93.65 32.34 -39.04
N THR L 1767 92.64 33.21 -39.13
CA THR L 1767 91.78 33.23 -40.31
C THR L 1767 92.47 33.65 -41.62
N PRO L 1768 93.43 34.65 -41.67
CA PRO L 1768 94.09 34.91 -42.96
C PRO L 1768 95.03 33.83 -43.49
N GLN L 1769 95.09 32.68 -42.82
CA GLN L 1769 95.57 31.45 -43.46
C GLN L 1769 94.45 30.97 -44.38
N VAL L 1770 94.44 31.53 -45.60
CA VAL L 1770 93.38 31.24 -46.57
C VAL L 1770 93.47 29.83 -47.11
N SER L 1771 94.63 29.18 -46.98
CA SER L 1771 94.82 27.77 -47.32
C SER L 1771 94.21 26.81 -46.30
N SER L 1772 93.45 27.30 -45.32
CA SER L 1772 92.82 26.46 -44.32
C SER L 1772 91.40 26.05 -44.71
N LEU L 1773 91.11 25.94 -46.02
CA LEU L 1773 89.90 25.29 -46.54
C LEU L 1773 88.60 25.95 -46.09
N ASP L 1774 88.22 27.05 -46.75
CA ASP L 1774 87.34 28.12 -46.27
C ASP L 1774 86.00 27.73 -45.63
N ALA L 1775 85.62 26.45 -45.66
CA ALA L 1775 84.55 25.99 -44.78
C ALA L 1775 84.99 25.93 -43.32
N ARG L 1776 86.30 26.00 -43.05
CA ARG L 1776 86.77 26.26 -41.69
C ARG L 1776 86.87 27.74 -41.40
N VAL L 1777 87.16 28.54 -42.44
CA VAL L 1777 87.20 29.99 -42.30
C VAL L 1777 85.80 30.53 -42.04
N TYR L 1778 84.81 29.96 -42.73
CA TYR L 1778 83.41 30.28 -42.43
C TYR L 1778 82.99 29.80 -41.05
N LEU L 1779 83.61 28.71 -40.55
CA LEU L 1779 83.14 28.00 -39.37
C LEU L 1779 83.24 28.82 -38.09
N TYR L 1780 83.96 29.93 -38.11
CA TYR L 1780 83.97 30.86 -37.00
C TYR L 1780 82.67 31.67 -36.89
N LYS L 1781 81.68 31.46 -37.76
CA LYS L 1781 80.36 32.04 -37.56
C LYS L 1781 79.65 31.47 -36.35
N ARG L 1782 80.01 30.27 -35.90
CA ARG L 1782 79.49 29.70 -34.67
C ARG L 1782 80.38 29.97 -33.46
N ILE L 1783 81.49 30.69 -33.63
CA ILE L 1783 82.39 30.96 -32.52
C ILE L 1783 82.77 32.43 -32.39
N PHE L 1784 82.57 33.27 -33.40
CA PHE L 1784 82.83 34.70 -33.26
C PHE L 1784 81.56 35.46 -32.88
N LEU L 1785 80.55 35.41 -33.74
CA LEU L 1785 79.30 36.12 -33.55
C LEU L 1785 78.44 35.67 -32.37
N PRO L 1786 78.40 34.39 -31.95
CA PRO L 1786 77.66 34.09 -30.71
C PRO L 1786 78.32 34.61 -29.46
N ILE L 1787 79.57 35.06 -29.52
CA ILE L 1787 80.13 35.79 -28.40
C ILE L 1787 79.49 37.17 -28.30
N CYS L 1788 79.42 37.87 -29.43
CA CYS L 1788 78.97 39.26 -29.41
C CYS L 1788 77.46 39.37 -29.24
N ILE L 1789 76.69 38.45 -29.84
CA ILE L 1789 75.24 38.51 -29.66
C ILE L 1789 74.83 37.89 -28.33
N TYR L 1790 75.77 37.32 -27.58
CA TYR L 1790 75.50 37.02 -26.18
C TYR L 1790 76.01 38.13 -25.29
N GLU L 1791 77.05 38.84 -25.72
CA GLU L 1791 77.53 40.00 -24.98
C GLU L 1791 76.55 41.16 -25.12
N SER L 1792 75.95 41.33 -26.30
CA SER L 1792 74.96 42.36 -26.52
C SER L 1792 73.54 41.94 -26.14
N GLU L 1793 73.39 40.91 -25.32
CA GLU L 1793 72.10 40.53 -24.77
C GLU L 1793 72.10 40.41 -23.26
N MET L 1794 73.19 39.92 -22.67
CA MET L 1794 73.30 39.86 -21.23
C MET L 1794 73.99 41.07 -20.63
N HIS L 1795 74.64 41.90 -21.45
CA HIS L 1795 75.12 43.20 -21.03
C HIS L 1795 74.40 44.26 -21.85
N GLY L 1796 74.75 45.52 -21.65
CA GLY L 1796 73.97 46.59 -22.25
C GLY L 1796 74.11 46.74 -23.75
N ASP L 1797 75.24 47.26 -24.22
CA ASP L 1797 75.54 47.34 -25.65
C ASP L 1797 77.06 47.46 -25.80
N LEU L 1798 77.72 46.33 -26.08
CA LEU L 1798 79.15 46.24 -26.41
C LEU L 1798 80.05 46.95 -25.40
N SER L 1799 79.79 46.71 -24.11
CA SER L 1799 80.50 47.39 -23.03
C SER L 1799 81.94 46.93 -22.88
N ARG L 1800 82.30 45.78 -23.44
CA ARG L 1800 83.66 45.28 -23.32
C ARG L 1800 84.23 44.97 -24.70
N ALA L 1811 91.31 46.38 -27.83
CA ALA L 1811 92.06 45.14 -27.92
C ALA L 1811 92.00 44.57 -29.33
N TRP L 1812 90.90 43.89 -29.65
CA TRP L 1812 90.76 43.29 -30.97
C TRP L 1812 90.42 44.30 -32.04
N LEU L 1813 89.77 45.41 -31.66
CA LEU L 1813 89.33 46.42 -32.62
C LEU L 1813 90.50 47.12 -33.27
N LYS L 1814 91.62 47.25 -32.55
CA LYS L 1814 92.82 47.81 -33.13
C LYS L 1814 93.45 46.84 -34.13
N SER L 1815 93.19 45.55 -33.95
CA SER L 1815 93.78 44.55 -34.85
C SER L 1815 92.79 44.11 -35.92
N PHE L 1816 91.48 44.24 -35.65
CA PHE L 1816 90.48 43.89 -36.65
C PHE L 1816 90.51 44.86 -37.81
N ASP L 1817 90.62 46.15 -37.52
CA ASP L 1817 90.62 47.17 -38.57
C ASP L 1817 91.93 47.20 -39.33
N SER L 1818 92.95 46.54 -38.81
CA SER L 1818 94.28 46.59 -39.43
C SER L 1818 94.32 45.82 -40.74
N ASP L 1819 93.70 44.64 -40.77
CA ASP L 1819 93.86 43.77 -41.93
C ASP L 1819 92.62 43.66 -42.81
N VAL L 1820 91.42 43.54 -42.24
CA VAL L 1820 90.25 43.30 -43.07
C VAL L 1820 89.73 44.58 -43.70
N TRP L 1821 90.09 45.74 -43.16
CA TRP L 1821 89.64 47.03 -43.68
C TRP L 1821 90.78 47.77 -44.38
N LYS L 1822 91.98 47.21 -44.35
CA LYS L 1822 93.04 47.59 -45.28
C LYS L 1822 93.33 46.46 -46.26
N ALA L 1823 92.34 45.62 -46.55
CA ALA L 1823 92.57 44.42 -47.34
C ALA L 1823 92.78 44.76 -48.81
N THR L 1824 93.50 43.89 -49.52
CA THR L 1824 93.85 44.13 -50.91
C THR L 1824 92.97 43.33 -51.86
N GLY L 1825 93.36 43.36 -53.14
CA GLY L 1825 92.59 42.83 -54.23
C GLY L 1825 92.41 41.33 -54.31
N PRO L 1826 93.51 40.51 -54.25
CA PRO L 1826 93.37 39.04 -54.32
C PRO L 1826 92.42 38.39 -53.32
N LEU L 1827 92.41 38.86 -52.09
CA LEU L 1827 91.48 38.39 -51.07
C LEU L 1827 90.14 39.12 -51.23
N VAL L 1828 89.29 39.03 -50.19
CA VAL L 1828 87.86 39.31 -50.17
C VAL L 1828 87.39 40.60 -50.84
N ASP L 1829 88.30 41.57 -51.04
CA ASP L 1829 87.93 42.83 -51.68
C ASP L 1829 87.88 42.79 -53.20
N ASP L 1830 87.79 41.59 -53.78
CA ASP L 1830 87.49 41.44 -55.20
C ASP L 1830 85.98 41.29 -55.35
N TYR L 1831 85.52 40.92 -56.55
CA TYR L 1831 84.09 40.69 -56.76
C TYR L 1831 83.90 39.57 -57.77
N THR L 1832 83.52 38.39 -57.27
CA THR L 1832 83.20 37.23 -58.09
C THR L 1832 82.26 36.33 -57.29
N SER L 1833 81.15 35.93 -57.91
CA SER L 1833 80.14 35.14 -57.24
C SER L 1833 80.61 33.70 -57.10
N THR L 1834 81.24 33.38 -55.96
CA THR L 1834 81.68 32.03 -55.64
C THR L 1834 81.14 31.70 -54.25
N LEU L 1835 81.64 30.61 -53.66
CA LEU L 1835 81.34 30.28 -52.28
C LEU L 1835 82.07 31.14 -51.27
N GLU L 1836 82.92 32.08 -51.73
CA GLU L 1836 83.60 32.98 -50.81
C GLU L 1836 82.62 33.95 -50.15
N ASP L 1837 81.46 34.19 -50.78
CA ASP L 1837 80.50 35.15 -50.24
C ASP L 1837 79.82 34.63 -48.98
N ARG L 1838 79.88 33.32 -48.74
CA ARG L 1838 79.42 32.79 -47.46
C ARG L 1838 80.33 33.17 -46.32
N TYR L 1839 81.60 33.47 -46.62
CA TYR L 1839 82.51 34.03 -45.62
C TYR L 1839 82.32 35.52 -45.47
N ARG L 1840 82.05 36.23 -46.59
CA ARG L 1840 81.89 37.68 -46.55
C ARG L 1840 80.65 38.11 -45.76
N LEU L 1841 79.69 37.20 -45.56
CA LEU L 1841 78.57 37.53 -44.70
C LEU L 1841 78.93 37.42 -43.22
N GLU L 1842 80.05 36.78 -42.87
CA GLU L 1842 80.52 36.88 -41.50
C GLU L 1842 81.15 38.25 -41.26
N LEU L 1843 81.58 38.91 -42.33
CA LEU L 1843 82.18 40.23 -42.19
C LEU L 1843 81.12 41.32 -42.22
N MET L 1844 80.06 41.12 -43.01
CA MET L 1844 78.99 42.11 -43.06
C MET L 1844 78.11 42.05 -41.81
N GLN L 1845 77.80 40.84 -41.34
CA GLN L 1845 76.93 40.72 -40.17
C GLN L 1845 77.65 41.00 -38.86
N LEU L 1846 78.96 41.22 -38.91
CA LEU L 1846 79.68 41.64 -37.71
C LEU L 1846 79.74 43.15 -37.62
N THR L 1847 80.00 43.82 -38.75
CA THR L 1847 80.04 45.28 -38.77
C THR L 1847 78.67 45.88 -38.51
N ALA L 1848 77.59 45.18 -38.90
CA ALA L 1848 76.24 45.65 -38.59
C ALA L 1848 75.89 45.47 -37.12
N LEU L 1849 76.75 44.80 -36.35
CA LEU L 1849 76.54 44.69 -34.92
C LEU L 1849 77.45 45.63 -34.14
N LEU L 1850 78.57 46.05 -34.74
CA LEU L 1850 79.43 47.01 -34.06
C LEU L 1850 78.81 48.41 -34.05
N ILE L 1851 78.01 48.73 -35.07
CA ILE L 1851 77.35 50.03 -35.12
C ILE L 1851 76.06 50.06 -34.30
N LYS L 1852 75.39 48.92 -34.14
CA LYS L 1852 74.22 48.88 -33.27
C LYS L 1852 74.60 48.83 -31.80
N GLY L 1853 75.83 48.46 -31.49
CA GLY L 1853 76.20 48.28 -30.10
C GLY L 1853 77.27 49.20 -29.56
N ALA L 1854 78.22 49.60 -30.40
CA ALA L 1854 79.34 50.44 -29.98
C ALA L 1854 79.49 51.61 -30.94
N PRO L 1855 78.68 52.66 -30.80
CA PRO L 1855 78.91 53.85 -31.61
C PRO L 1855 80.05 54.71 -31.09
N THR L 1856 80.46 54.52 -29.83
CA THR L 1856 81.52 55.28 -29.21
C THR L 1856 82.87 54.59 -29.28
N ALA L 1857 83.07 53.70 -30.26
CA ALA L 1857 84.33 52.98 -30.34
C ALA L 1857 85.44 53.90 -30.82
N LEU L 1858 85.34 54.37 -32.05
CA LEU L 1858 86.25 55.36 -32.61
C LEU L 1858 85.49 56.15 -33.66
N THR L 1859 86.20 57.00 -34.39
CA THR L 1859 85.63 57.75 -35.49
C THR L 1859 86.45 57.69 -36.77
N ASP L 1860 87.76 57.42 -36.67
CA ASP L 1860 88.55 57.21 -37.88
C ASP L 1860 88.18 55.90 -38.56
N MET L 1861 87.77 54.90 -37.78
CA MET L 1861 87.26 53.67 -38.38
C MET L 1861 85.87 53.89 -38.98
N ARG L 1862 85.16 54.92 -38.54
CA ARG L 1862 83.89 55.28 -39.17
C ARG L 1862 84.11 55.91 -40.54
N LYS L 1863 85.29 56.47 -40.81
CA LYS L 1863 85.52 57.11 -42.10
C LYS L 1863 85.69 56.09 -43.23
N ASP L 1864 86.25 54.92 -42.94
CA ASP L 1864 86.46 53.91 -43.95
C ASP L 1864 85.53 52.71 -43.81
N ILE L 1865 84.43 52.84 -43.07
CA ILE L 1865 83.32 51.90 -43.20
C ILE L 1865 82.78 51.95 -44.62
N ILE L 1866 82.61 53.16 -45.15
CA ILE L 1866 82.19 53.36 -46.54
C ILE L 1866 83.24 52.82 -47.50
N LYS L 1867 84.51 52.87 -47.13
CA LYS L 1867 85.55 52.24 -47.94
C LYS L 1867 85.47 50.72 -47.88
N PHE L 1868 84.75 50.15 -46.92
CA PHE L 1868 84.48 48.73 -46.92
C PHE L 1868 83.08 48.43 -47.45
N SER L 1869 82.08 49.16 -46.96
CA SER L 1869 80.69 48.83 -47.28
C SER L 1869 80.30 49.21 -48.70
N TRP L 1870 80.63 50.43 -49.13
CA TRP L 1870 80.26 50.85 -50.48
C TRP L 1870 81.10 50.15 -51.55
N ASN L 1871 82.25 49.58 -51.17
CA ASN L 1871 82.98 48.73 -52.09
C ASN L 1871 82.22 47.45 -52.38
N TYR L 1872 81.48 46.94 -51.40
CA TYR L 1872 80.67 45.74 -51.57
C TYR L 1872 79.29 46.01 -52.15
N ILE L 1873 79.08 47.19 -52.74
CA ILE L 1873 77.87 47.41 -53.51
C ILE L 1873 78.05 46.87 -54.92
N LYS L 1874 79.29 46.85 -55.41
CA LYS L 1874 79.60 46.51 -56.79
C LYS L 1874 79.83 45.02 -57.00
N LEU L 1875 79.17 44.16 -56.22
CA LEU L 1875 79.29 42.72 -56.39
C LEU L 1875 78.42 42.25 -57.56
N ASP L 1876 78.26 40.95 -57.70
CA ASP L 1876 77.54 40.41 -58.85
C ASP L 1876 76.35 39.53 -58.50
N ASP L 1877 76.23 39.08 -57.26
CA ASP L 1877 75.11 38.23 -56.87
C ASP L 1877 73.91 39.10 -56.51
N ASN L 1878 72.88 38.49 -55.94
CA ASN L 1878 71.70 39.22 -55.52
C ASN L 1878 71.45 39.17 -54.01
N THR L 1879 72.36 38.56 -53.25
CA THR L 1879 72.19 38.50 -51.81
C THR L 1879 73.32 39.17 -51.04
N SER L 1880 74.57 38.95 -51.42
CA SER L 1880 75.67 39.70 -50.84
C SER L 1880 75.85 41.06 -51.49
N LYS L 1881 75.14 41.33 -52.59
CA LYS L 1881 75.01 42.70 -53.09
C LYS L 1881 74.02 43.48 -52.23
N GLN L 1882 72.90 42.86 -51.88
CA GLN L 1882 71.92 43.49 -51.03
C GLN L 1882 72.38 43.61 -49.59
N ALA L 1883 73.21 42.68 -49.11
CA ALA L 1883 73.59 42.71 -47.71
C ALA L 1883 74.52 43.87 -47.38
N ALA L 1884 75.12 44.51 -48.38
CA ALA L 1884 75.85 45.74 -48.14
C ALA L 1884 74.95 46.96 -48.17
N TYR L 1885 73.69 46.80 -48.61
CA TYR L 1885 72.73 47.89 -48.49
C TYR L 1885 72.18 47.98 -47.08
N VAL L 1886 72.16 46.87 -46.36
CA VAL L 1886 71.63 46.89 -45.01
C VAL L 1886 72.68 47.37 -44.01
N VAL L 1887 73.94 46.92 -44.17
CA VAL L 1887 75.00 47.33 -43.25
C VAL L 1887 75.38 48.80 -43.48
N THR L 1888 75.06 49.36 -44.65
CA THR L 1888 75.24 50.80 -44.81
C THR L 1888 74.03 51.57 -44.31
N ALA L 1889 72.91 50.88 -44.02
CA ALA L 1889 71.75 51.55 -43.45
C ALA L 1889 71.85 51.67 -41.92
N TYR L 1890 72.67 50.85 -41.26
CA TYR L 1890 72.93 51.08 -39.85
C TYR L 1890 73.90 52.22 -39.64
N PHE L 1891 74.80 52.44 -40.61
CA PHE L 1891 75.82 53.46 -40.43
C PHE L 1891 75.31 54.86 -40.77
N ILE L 1892 74.45 54.98 -41.79
CA ILE L 1892 73.85 56.26 -42.12
C ILE L 1892 72.90 56.70 -41.01
N SER L 1893 72.27 55.74 -40.33
CA SER L 1893 71.34 56.03 -39.24
C SER L 1893 72.05 56.34 -37.91
N ARG L 1894 73.34 56.64 -37.92
CA ARG L 1894 74.04 57.18 -36.76
C ARG L 1894 74.44 58.63 -36.94
N PHE L 1895 75.17 58.94 -38.01
CA PHE L 1895 75.49 60.33 -38.35
C PHE L 1895 75.68 60.49 -39.86
N LEU L 1901 74.91 63.23 -50.02
CA LEU L 1901 75.85 62.12 -49.99
C LEU L 1901 75.14 60.81 -49.63
N THR L 1902 74.05 60.92 -48.86
CA THR L 1902 73.17 59.80 -48.56
C THR L 1902 72.00 59.71 -49.52
N THR L 1903 72.09 60.36 -50.68
CA THR L 1903 71.00 60.34 -51.64
C THR L 1903 71.03 59.07 -52.49
N ARG L 1904 72.22 58.61 -52.84
CA ARG L 1904 72.37 57.49 -53.78
C ARG L 1904 72.02 56.14 -53.18
N ILE L 1905 71.84 56.05 -51.86
CA ILE L 1905 71.49 54.77 -51.26
C ILE L 1905 69.99 54.50 -51.40
N PHE L 1906 69.16 55.42 -50.92
CA PHE L 1906 67.73 55.18 -50.87
C PHE L 1906 67.03 55.53 -52.17
N VAL L 1907 67.75 55.99 -53.19
CA VAL L 1907 67.14 56.13 -54.50
C VAL L 1907 67.26 54.84 -55.28
N ALA L 1908 68.17 53.95 -54.87
CA ALA L 1908 68.34 52.65 -55.50
C ALA L 1908 67.76 51.51 -54.68
N LEU L 1909 67.39 51.76 -53.42
CA LEU L 1909 66.77 50.73 -52.61
C LEU L 1909 65.36 50.41 -53.10
N LEU L 1910 64.64 51.42 -53.59
CA LEU L 1910 63.27 51.23 -54.03
C LEU L 1910 63.16 50.96 -55.53
N ARG L 1911 64.29 50.77 -56.21
CA ARG L 1911 64.29 50.57 -57.65
C ARG L 1911 63.74 49.20 -58.02
N CYS L 1912 63.69 48.94 -59.33
CA CYS L 1912 63.08 47.72 -59.86
C CYS L 1912 63.91 46.49 -59.48
N HIS L 1913 63.36 45.67 -58.58
CA HIS L 1913 64.03 44.48 -58.11
C HIS L 1913 63.14 43.27 -58.35
N GLN L 1914 63.78 42.11 -58.39
CA GLN L 1914 63.07 40.85 -58.57
C GLN L 1914 62.40 40.43 -57.27
N ILE L 1915 61.62 39.35 -57.33
CA ILE L 1915 61.09 38.74 -56.11
C ILE L 1915 62.12 37.70 -55.67
N ASP L 1916 63.19 38.20 -55.11
CA ASP L 1916 64.23 37.47 -54.39
C ASP L 1916 64.59 38.15 -53.08
N THR L 1917 64.57 39.48 -53.05
CA THR L 1917 65.02 40.29 -51.93
C THR L 1917 63.85 41.00 -51.27
N ARG L 1918 62.75 40.27 -51.07
CA ARG L 1918 61.55 40.84 -50.48
C ARG L 1918 61.78 41.25 -49.03
N TYR L 1919 62.23 40.29 -48.21
CA TYR L 1919 62.55 40.63 -46.82
C TYR L 1919 63.88 41.34 -46.73
N LEU L 1920 64.68 41.30 -47.79
CA LEU L 1920 66.03 41.86 -47.72
C LEU L 1920 66.01 43.36 -47.94
N VAL L 1921 65.18 43.84 -48.86
CA VAL L 1921 65.14 45.27 -49.16
C VAL L 1921 64.34 46.01 -48.10
N LYS L 1922 63.26 45.39 -47.59
CA LYS L 1922 62.35 46.04 -46.66
C LYS L 1922 63.03 46.35 -45.33
N GLN L 1923 63.98 45.52 -44.91
CA GLN L 1923 64.70 45.83 -43.68
C GLN L 1923 65.75 46.91 -43.92
N ALA L 1924 66.12 47.18 -45.16
CA ALA L 1924 67.11 48.21 -45.42
C ALA L 1924 66.47 49.58 -45.53
N LEU L 1925 65.16 49.63 -45.77
CA LEU L 1925 64.46 50.92 -45.85
C LEU L 1925 63.95 51.36 -44.48
N GLU L 1926 63.46 50.41 -43.67
CA GLU L 1926 62.85 50.76 -42.40
C GLU L 1926 63.86 51.30 -41.40
N LEU L 1927 65.13 50.90 -41.56
CA LEU L 1927 66.19 51.47 -40.75
C LEU L 1927 66.80 52.72 -41.36
N LEU L 1928 66.35 53.11 -42.54
CA LEU L 1928 66.90 54.28 -43.22
C LEU L 1928 65.97 55.50 -43.13
N ALA L 1929 64.66 55.28 -43.05
CA ALA L 1929 63.70 56.37 -43.16
C ALA L 1929 63.72 57.42 -42.03
N PRO L 1930 63.94 57.10 -40.74
CA PRO L 1930 63.99 58.20 -39.75
C PRO L 1930 65.17 59.14 -39.88
N VAL L 1931 66.23 58.77 -40.60
CA VAL L 1931 67.30 59.73 -40.84
C VAL L 1931 67.14 60.41 -42.19
N LEU L 1932 66.22 59.92 -43.03
CA LEU L 1932 66.03 60.49 -44.36
C LEU L 1932 65.36 61.86 -44.28
N SER L 1933 64.37 62.01 -43.40
CA SER L 1933 63.74 63.31 -43.22
C SER L 1933 64.65 64.27 -42.48
N GLU L 1934 65.64 63.74 -41.74
CA GLU L 1934 66.64 64.60 -41.11
C GLU L 1934 67.53 65.26 -42.14
N ARG L 1935 67.90 64.54 -43.19
CA ARG L 1935 68.72 65.09 -44.25
C ARG L 1935 67.87 65.92 -45.21
N TRP L 1942 61.26 66.42 -51.54
CA TRP L 1942 62.11 65.40 -50.94
C TRP L 1942 61.68 64.00 -51.34
N LEU L 1943 60.37 63.76 -51.31
CA LEU L 1943 59.79 62.47 -51.67
C LEU L 1943 59.39 62.40 -53.14
N LYS L 1944 60.03 63.21 -53.99
CA LYS L 1944 59.75 63.16 -55.42
C LYS L 1944 60.22 61.86 -56.06
N TRP L 1945 61.30 61.28 -55.55
CA TRP L 1945 61.79 60.00 -56.07
C TRP L 1945 60.88 58.82 -55.72
N PRO L 1946 60.21 58.77 -54.54
CA PRO L 1946 59.09 57.83 -54.43
C PRO L 1946 57.94 58.12 -55.37
N ARG L 1947 57.69 59.40 -55.70
CA ARG L 1947 56.60 59.70 -56.61
C ARG L 1947 56.98 59.43 -58.06
N ARG L 1948 58.27 59.49 -58.39
CA ARG L 1948 58.68 59.32 -59.78
C ARG L 1948 58.64 57.87 -60.23
N VAL L 1949 58.72 56.92 -59.28
CA VAL L 1949 58.67 55.51 -59.64
C VAL L 1949 57.24 54.99 -59.78
N LEU L 1950 56.24 55.80 -59.43
CA LEU L 1950 54.85 55.37 -59.62
C LEU L 1950 54.44 55.43 -61.08
N SER L 1951 55.13 56.26 -61.88
CA SER L 1951 54.89 56.28 -63.32
C SER L 1951 55.39 55.03 -64.02
N GLU L 1952 56.32 54.31 -63.40
CA GLU L 1952 56.85 53.08 -63.98
C GLU L 1952 56.36 51.87 -63.19
N THR L 1958 52.33 47.86 -59.28
CA THR L 1958 52.42 46.45 -59.59
C THR L 1958 53.23 45.72 -58.51
N GLN L 1959 54.09 44.78 -58.95
CA GLN L 1959 54.89 44.02 -57.99
C GLN L 1959 56.05 44.86 -57.45
N VAL L 1960 56.45 45.92 -58.18
CA VAL L 1960 57.50 46.80 -57.70
C VAL L 1960 56.95 47.96 -56.87
N ALA L 1961 55.65 47.93 -56.54
CA ALA L 1961 55.08 49.00 -55.74
C ALA L 1961 55.08 48.66 -54.26
N ASN L 1962 55.05 47.36 -53.93
CA ASN L 1962 54.90 46.92 -52.55
C ASN L 1962 56.12 47.28 -51.69
N ILE L 1963 57.28 47.43 -52.31
CA ILE L 1963 58.44 47.95 -51.59
C ILE L 1963 58.22 49.42 -51.25
N TYR L 1964 57.66 50.18 -52.19
CA TYR L 1964 57.31 51.57 -51.91
C TYR L 1964 56.15 51.65 -50.92
N GLN L 1965 55.20 50.71 -50.99
CA GLN L 1965 54.00 50.80 -50.16
C GLN L 1965 54.30 50.55 -48.69
N LEU L 1966 55.29 49.71 -48.39
CA LEU L 1966 55.57 49.38 -47.00
C LEU L 1966 56.39 50.45 -46.30
N ILE L 1967 56.97 51.41 -47.05
CA ILE L 1967 57.63 52.53 -46.41
C ILE L 1967 56.70 53.75 -46.33
N VAL L 1968 55.54 53.69 -46.99
CA VAL L 1968 54.50 54.66 -46.72
C VAL L 1968 53.42 53.93 -45.93
N LYS L 1969 53.83 52.91 -45.18
CA LYS L 1969 52.96 52.20 -44.24
C LYS L 1969 53.35 52.42 -42.79
N PHE L 1970 54.59 52.08 -42.40
CA PHE L 1970 54.95 52.25 -41.00
C PHE L 1970 55.24 53.70 -40.59
N PRO L 1971 56.25 54.42 -41.18
CA PRO L 1971 56.60 55.73 -40.60
C PRO L 1971 55.86 56.88 -41.26
N ASP L 1972 54.54 56.94 -41.07
CA ASP L 1972 53.71 57.90 -41.78
C ASP L 1972 53.43 59.17 -40.98
N LEU L 1973 54.36 59.56 -40.10
CA LEU L 1973 54.18 60.83 -39.40
C LEU L 1973 54.44 62.02 -40.32
N PHE L 1974 55.20 61.81 -41.40
CA PHE L 1974 55.51 62.86 -42.36
C PHE L 1974 54.95 62.60 -43.74
N TYR L 1975 54.34 61.43 -43.96
CA TYR L 1975 53.86 60.99 -45.27
C TYR L 1975 52.70 61.86 -45.76
N PRO L 1976 51.92 62.46 -44.87
CA PRO L 1976 50.76 63.26 -45.34
C PRO L 1976 51.14 64.65 -45.81
N ALA L 1977 51.91 64.71 -46.90
CA ALA L 1977 52.29 65.95 -47.53
C ALA L 1977 51.69 66.11 -48.92
N ARG L 1978 51.91 65.15 -49.81
CA ARG L 1978 51.28 65.11 -51.12
C ARG L 1978 50.48 63.81 -51.18
N ASP L 1979 49.26 63.85 -50.69
CA ASP L 1979 48.40 62.67 -50.63
C ASP L 1979 47.55 62.50 -51.88
N HIS L 1980 47.76 63.32 -52.90
CA HIS L 1980 47.03 63.16 -54.15
C HIS L 1980 47.50 61.91 -54.90
N PHE L 1981 48.80 61.61 -54.82
CA PHE L 1981 49.31 60.36 -55.38
C PHE L 1981 48.91 59.18 -54.52
N ILE L 1982 48.68 59.41 -53.22
CA ILE L 1982 48.22 58.37 -52.30
C ILE L 1982 46.79 58.00 -52.66
N PRO L 1983 45.99 58.95 -53.15
CA PRO L 1983 44.65 58.57 -53.64
C PRO L 1983 44.70 57.79 -54.93
N ASN L 1984 45.66 58.12 -55.81
CA ASN L 1984 45.87 57.30 -57.00
C ASN L 1984 46.45 55.94 -56.65
N ILE L 1985 47.26 55.88 -55.58
CA ILE L 1985 47.75 54.60 -55.10
C ILE L 1985 46.62 53.83 -54.42
N ILE L 1986 45.65 54.53 -53.85
CA ILE L 1986 44.47 53.86 -53.32
C ILE L 1986 43.62 53.30 -54.45
N THR L 1987 43.61 53.97 -55.60
CA THR L 1987 42.99 53.41 -56.79
C THR L 1987 43.81 52.23 -57.31
N ALA L 1988 45.13 52.29 -57.17
CA ALA L 1988 45.97 51.15 -57.53
C ALA L 1988 45.90 50.06 -56.47
N MET L 1989 45.45 50.40 -55.26
CA MET L 1989 45.29 49.39 -54.21
C MET L 1989 44.15 48.44 -54.54
N GLY L 1990 43.05 48.96 -55.08
CA GLY L 1990 41.98 48.09 -55.52
C GLY L 1990 42.35 47.29 -56.75
N LYS L 1991 43.21 47.86 -57.60
CA LYS L 1991 43.74 47.11 -58.74
C LYS L 1991 44.68 46.01 -58.29
N LEU L 1992 45.42 46.24 -57.20
CA LEU L 1992 46.22 45.19 -56.60
C LEU L 1992 45.38 44.20 -55.81
N THR L 1993 44.17 44.60 -55.41
CA THR L 1993 43.30 43.69 -54.67
C THR L 1993 42.70 42.62 -55.58
N VAL L 1994 42.54 42.93 -56.86
CA VAL L 1994 41.99 41.98 -57.81
C VAL L 1994 43.03 40.94 -58.21
N LEU L 2000 45.42 34.99 -52.57
CA LEU L 2000 46.84 35.35 -52.64
C LEU L 2000 47.33 35.87 -51.29
N GLU L 2001 48.63 35.69 -51.05
CA GLU L 2001 49.25 36.19 -49.82
C GLU L 2001 49.41 37.70 -49.81
N ASN L 2002 49.38 38.34 -50.98
CA ASN L 2002 49.42 39.79 -51.07
C ASN L 2002 48.09 40.44 -50.74
N GLN L 2003 47.02 39.64 -50.56
CA GLN L 2003 45.76 40.19 -50.09
C GLN L 2003 45.87 40.65 -48.65
N GLN L 2004 46.71 39.98 -47.85
CA GLN L 2004 47.04 40.49 -46.53
C GLN L 2004 47.84 41.79 -46.62
N LEU L 2005 48.70 41.89 -47.62
CA LEU L 2005 49.35 43.17 -47.90
C LEU L 2005 48.37 44.16 -48.50
N ALA L 2006 47.38 43.68 -49.24
CA ALA L 2006 46.34 44.57 -49.75
C ALA L 2006 45.40 45.02 -48.63
N ILE L 2007 45.14 44.15 -47.65
CA ILE L 2007 44.39 44.57 -46.47
C ILE L 2007 45.23 45.50 -45.61
N ASP L 2008 46.55 45.30 -45.60
CA ASP L 2008 47.43 46.29 -45.00
C ASP L 2008 47.42 47.59 -45.81
N LEU L 2009 47.32 47.48 -47.13
CA LEU L 2009 47.12 48.67 -47.95
C LEU L 2009 45.72 49.23 -47.77
N ALA L 2010 44.75 48.38 -47.48
CA ALA L 2010 43.42 48.88 -47.12
C ALA L 2010 43.44 49.55 -45.76
N GLU L 2011 44.22 49.00 -44.82
CA GLU L 2011 44.43 49.67 -43.55
C GLU L 2011 45.27 50.93 -43.72
N LEU L 2012 46.13 50.96 -44.74
CA LEU L 2012 46.90 52.16 -45.05
C LEU L 2012 46.00 53.27 -45.59
N ILE L 2013 44.93 52.90 -46.30
CA ILE L 2013 43.97 53.90 -46.77
C ILE L 2013 43.20 54.49 -45.59
N LEU L 2014 42.91 53.67 -44.57
CA LEU L 2014 42.38 54.21 -43.33
C LEU L 2014 43.45 54.99 -42.57
N LYS L 2015 44.70 54.55 -42.67
CA LYS L 2015 45.80 55.29 -42.05
C LYS L 2015 46.08 56.60 -42.76
N TRP L 2016 46.02 56.63 -44.09
CA TRP L 2016 46.15 57.89 -44.83
C TRP L 2016 44.96 58.80 -44.59
N GLU L 2017 43.77 58.22 -44.37
CA GLU L 2017 42.63 59.01 -43.93
C GLU L 2017 42.85 59.54 -42.51
N THR L 2018 43.56 58.77 -41.68
CA THR L 2018 43.98 59.26 -40.38
C THR L 2018 45.21 60.16 -40.47
N LYS L 2019 45.93 60.14 -41.59
CA LYS L 2019 47.07 61.02 -41.81
C LYS L 2019 46.67 62.34 -42.45
N LEU L 2020 45.87 62.29 -43.52
CA LEU L 2020 45.40 63.53 -44.13
C LEU L 2020 44.31 64.18 -43.29
N PRO L 2021 43.38 63.44 -42.67
CA PRO L 2021 42.32 64.02 -41.84
C PRO L 2021 42.28 63.40 -40.44
N PHE L 2085 37.76 63.36 -50.06
CA PHE L 2085 36.90 63.96 -51.07
C PHE L 2085 35.87 62.94 -51.57
N ALA L 2086 35.42 63.13 -52.81
CA ALA L 2086 34.46 62.20 -53.40
C ALA L 2086 35.11 60.85 -53.72
N GLN L 2087 36.43 60.84 -53.95
CA GLN L 2087 37.12 59.58 -54.19
C GLN L 2087 37.25 58.76 -52.92
N ARG L 2088 37.18 59.40 -51.75
CA ARG L 2088 37.21 58.67 -50.49
C ARG L 2088 35.96 57.84 -50.30
N GLU L 2089 34.81 58.34 -50.76
CA GLU L 2089 33.60 57.53 -50.77
C GLU L 2089 33.69 56.44 -51.83
N ALA L 2090 34.35 56.73 -52.95
CA ALA L 2090 34.56 55.70 -53.96
C ALA L 2090 35.58 54.66 -53.50
N CYS L 2091 36.53 55.06 -52.66
CA CYS L 2091 37.46 54.10 -52.08
C CYS L 2091 36.77 53.19 -51.07
N VAL L 2092 35.77 53.71 -50.37
CA VAL L 2092 35.00 52.87 -49.45
C VAL L 2092 34.10 51.92 -50.24
N THR L 2093 33.70 52.31 -51.45
CA THR L 2093 32.90 51.42 -52.28
C THR L 2093 33.72 50.26 -52.80
N PHE L 2094 34.99 50.51 -53.14
CA PHE L 2094 35.89 49.43 -53.53
C PHE L 2094 36.27 48.58 -52.32
N LEU L 2095 36.34 49.21 -51.14
CA LEU L 2095 36.60 48.46 -49.92
C LEU L 2095 35.41 47.61 -49.50
N ILE L 2096 34.20 48.08 -49.78
CA ILE L 2096 33.01 47.28 -49.51
C ILE L 2096 32.91 46.14 -50.51
N ARG L 2097 33.33 46.38 -51.76
CA ARG L 2097 33.39 45.31 -52.75
C ARG L 2097 34.50 44.33 -52.43
N TYR L 2098 35.59 44.80 -51.80
CA TYR L 2098 36.63 43.88 -51.36
C TYR L 2098 36.16 43.01 -50.20
N ILE L 2099 35.33 43.58 -49.32
CA ILE L 2099 34.72 42.79 -48.27
C ILE L 2099 33.65 41.87 -48.85
N CYS L 2100 33.00 42.29 -49.93
CA CYS L 2100 32.02 41.43 -50.58
C CYS L 2100 32.70 40.32 -51.37
N ILE L 2101 33.96 40.51 -51.76
CA ILE L 2101 34.67 39.48 -52.52
C ILE L 2101 35.08 38.33 -51.61
N SER L 2102 35.19 38.57 -50.31
CA SER L 2102 35.58 37.53 -49.36
C SER L 2102 34.43 36.56 -49.12
N GLU L 2110 37.77 37.24 -39.85
CA GLU L 2110 39.20 37.30 -39.62
C GLU L 2110 39.73 38.71 -39.86
N LEU L 2111 40.61 38.86 -40.85
CA LEU L 2111 41.11 40.18 -41.20
C LEU L 2111 40.05 41.05 -41.85
N GLY L 2112 39.10 40.42 -42.55
CA GLY L 2112 38.00 41.17 -43.13
C GLY L 2112 37.02 41.67 -42.09
N LYS L 2113 36.94 40.98 -40.94
CA LYS L 2113 36.13 41.48 -39.84
C LYS L 2113 36.76 42.72 -39.23
N ARG L 2114 38.09 42.76 -39.16
CA ARG L 2114 38.78 43.98 -38.76
C ARG L 2114 38.67 45.04 -39.84
N ALA L 2115 38.61 44.63 -41.11
CA ALA L 2115 38.42 45.59 -42.19
C ALA L 2115 37.00 46.14 -42.20
N LEU L 2116 36.02 45.30 -41.85
CA LEU L 2116 34.64 45.77 -41.76
C LEU L 2116 34.47 46.72 -40.58
N ASN L 2117 35.22 46.50 -39.50
CA ASN L 2117 35.24 47.45 -38.40
C ASN L 2117 35.94 48.75 -38.81
N ILE L 2118 36.96 48.63 -39.67
CA ILE L 2118 37.58 49.82 -40.24
C ILE L 2118 36.65 50.47 -41.25
N LEU L 2119 35.81 49.68 -41.93
CA LEU L 2119 34.82 50.23 -42.84
C LEU L 2119 33.71 50.93 -42.07
N TYR L 2120 33.40 50.44 -40.87
CA TYR L 2120 32.40 51.11 -40.04
C TYR L 2120 32.93 52.43 -39.50
N GLU L 2121 34.21 52.48 -39.16
CA GLU L 2121 34.81 53.72 -38.68
C GLU L 2121 35.00 54.73 -39.80
N LEU L 2122 35.22 54.25 -41.03
CA LEU L 2122 35.39 55.14 -42.16
C LEU L 2122 34.06 55.74 -42.60
N LEU L 2123 32.97 54.99 -42.48
CA LEU L 2123 31.66 55.51 -42.84
C LEU L 2123 31.16 56.53 -41.84
N GLY L 2124 31.57 56.41 -40.58
CA GLY L 2124 31.21 57.36 -39.56
C GLY L 2124 31.98 58.66 -39.69
N PRO L 2125 33.21 58.58 -40.21
CA PRO L 2125 34.07 59.74 -40.40
C PRO L 2125 33.72 60.53 -41.66
N VAL L 2133 23.10 53.57 -53.43
CA VAL L 2133 24.06 52.69 -54.10
C VAL L 2133 24.46 51.55 -53.17
N LYS L 2134 24.56 51.83 -51.87
CA LYS L 2134 24.87 50.78 -50.90
C LYS L 2134 23.67 49.86 -50.69
N LEU L 2135 22.46 50.43 -50.73
CA LEU L 2135 21.26 49.60 -50.69
C LEU L 2135 21.07 48.85 -52.01
N GLN L 2136 21.50 49.47 -53.11
CA GLN L 2136 21.46 48.79 -54.40
C GLN L 2136 22.53 47.69 -54.48
N PHE L 2137 23.65 47.86 -53.80
CA PHE L 2137 24.66 46.82 -53.75
C PHE L 2137 24.20 45.63 -52.90
N PHE L 2138 23.44 45.91 -51.84
CA PHE L 2138 22.85 44.83 -51.06
C PHE L 2138 21.73 44.13 -51.82
N GLU L 2139 21.00 44.87 -52.66
CA GLU L 2139 19.97 44.25 -53.49
C GLU L 2139 20.57 43.46 -54.64
N ARG L 2140 21.77 43.83 -55.08
CA ARG L 2140 22.42 43.10 -56.17
C ARG L 2140 22.98 41.77 -55.67
N PHE L 2141 23.59 41.77 -54.50
CA PHE L 2141 24.17 40.55 -53.93
C PHE L 2141 23.12 39.76 -53.16
N LEU L 2152 25.94 35.17 -51.06
CA LEU L 2152 25.89 34.06 -50.11
C LEU L 2152 26.07 34.57 -48.68
N LEU L 2153 27.07 34.01 -47.98
CA LEU L 2153 27.36 34.46 -46.63
C LEU L 2153 27.97 35.85 -46.60
N GLY L 2154 28.71 36.22 -47.65
CA GLY L 2154 29.22 37.58 -47.75
C GLY L 2154 28.13 38.60 -48.01
N TYR L 2155 27.06 38.18 -48.68
CA TYR L 2155 25.90 39.07 -48.85
C TYR L 2155 25.19 39.29 -47.51
N CYS L 2156 25.18 38.29 -46.64
CA CYS L 2156 24.70 38.50 -45.27
C CYS L 2156 25.67 39.39 -44.50
N LEU L 2157 26.96 39.25 -44.77
CA LEU L 2157 27.93 40.18 -44.19
C LEU L 2157 27.80 41.57 -44.80
N ASN L 2158 27.40 41.65 -46.07
CA ASN L 2158 27.08 42.94 -46.67
C ASN L 2158 25.81 43.52 -46.06
N ALA L 2159 24.86 42.65 -45.70
CA ALA L 2159 23.69 43.11 -44.96
C ALA L 2159 24.05 43.47 -43.53
N LEU L 2160 25.10 42.83 -42.99
CA LEU L 2160 25.56 43.16 -41.65
C LEU L 2160 26.24 44.51 -41.63
N GLU L 2161 26.98 44.85 -42.69
CA GLU L 2161 27.61 46.16 -42.76
C GLU L 2161 26.59 47.25 -43.10
N VAL L 2162 25.48 46.87 -43.74
CA VAL L 2162 24.46 47.86 -44.10
C VAL L 2162 23.73 48.34 -42.86
N LEU L 2163 23.49 47.45 -41.89
CA LEU L 2163 22.91 47.87 -40.63
C LEU L 2163 23.93 48.63 -39.78
N ALA L 2164 25.21 48.29 -39.94
CA ALA L 2164 26.25 49.03 -39.24
C ALA L 2164 26.41 50.44 -39.80
N VAL L 2165 26.20 50.59 -41.11
CA VAL L 2165 26.23 51.93 -41.70
C VAL L 2165 24.95 52.69 -41.37
N ALA L 2166 23.85 51.98 -41.12
CA ALA L 2166 22.61 52.65 -40.76
C ALA L 2166 22.65 53.19 -39.34
N LEU L 2167 23.43 52.56 -38.45
CA LEU L 2167 23.52 53.02 -37.07
C LEU L 2167 24.40 54.26 -36.96
N LYS L 2168 25.67 54.12 -37.35
CA LYS L 2168 26.61 55.24 -37.28
C LYS L 2168 26.45 56.17 -38.47
N THR L 2173 10.04 57.86 -39.55
CA THR L 2173 11.15 58.67 -40.04
C THR L 2173 11.75 58.08 -41.30
N TRP L 2174 12.98 58.48 -41.61
CA TRP L 2174 13.66 57.94 -42.78
C TRP L 2174 14.07 56.49 -42.58
N ILE L 2175 14.29 56.09 -41.32
CA ILE L 2175 14.61 54.69 -41.03
C ILE L 2175 13.36 53.83 -41.12
N ILE L 2176 12.18 54.44 -40.98
CA ILE L 2176 10.94 53.68 -41.02
C ILE L 2176 10.60 53.28 -42.45
N GLU L 2177 10.75 54.21 -43.40
CA GLU L 2177 10.49 53.89 -44.79
C GLU L 2177 11.58 52.98 -45.35
N ASN L 2178 12.80 53.12 -44.84
CA ASN L 2178 13.87 52.19 -45.21
C ASN L 2178 13.63 50.80 -44.63
N VAL L 2179 12.94 50.71 -43.49
CA VAL L 2179 12.58 49.42 -42.93
C VAL L 2179 11.49 48.76 -43.78
N SER L 2180 10.65 49.56 -44.44
CA SER L 2180 9.67 49.00 -45.38
C SER L 2180 10.36 48.39 -46.58
N TYR L 2181 11.44 49.02 -47.05
CA TYR L 2181 12.26 48.40 -48.09
C TYR L 2181 13.05 47.22 -47.53
N LEU L 2182 13.50 47.32 -46.28
CA LEU L 2182 14.21 46.21 -45.64
C LEU L 2182 13.27 45.05 -45.30
N GLN L 2183 11.97 45.32 -45.14
CA GLN L 2183 11.01 44.24 -44.93
C GLN L 2183 10.87 43.39 -46.19
N LYS L 2184 10.97 44.01 -47.37
CA LYS L 2184 11.04 43.24 -48.61
C LYS L 2184 12.37 42.51 -48.72
N LEU L 2185 13.43 43.09 -48.14
CA LEU L 2185 14.72 42.41 -48.13
C LEU L 2185 14.74 41.26 -47.13
N LEU L 2186 14.11 41.45 -45.97
CA LEU L 2186 14.06 40.40 -44.97
C LEU L 2186 13.11 39.28 -45.35
N GLU L 2187 12.12 39.58 -46.20
CA GLU L 2187 11.20 38.53 -46.65
C GLU L 2187 11.90 37.57 -47.62
N LYS L 2188 12.85 38.07 -48.40
CA LYS L 2188 13.61 37.21 -49.30
C LYS L 2188 14.69 36.43 -48.57
N CYS L 2189 14.99 36.79 -47.32
CA CYS L 2189 16.03 36.13 -46.56
C CYS L 2189 15.47 35.13 -45.55
N LEU L 2190 14.43 35.53 -44.80
CA LEU L 2190 13.85 34.66 -43.79
C LEU L 2190 13.04 33.54 -44.42
N GLN L 2195 21.61 29.47 -38.87
CA GLN L 2195 22.86 29.73 -38.18
C GLN L 2195 23.40 31.11 -38.51
N ASP L 2196 24.05 31.21 -39.68
CA ASP L 2196 24.56 32.51 -40.13
C ASP L 2196 23.41 33.43 -40.53
N ILE L 2197 22.33 32.86 -41.07
CA ILE L 2197 21.13 33.65 -41.34
C ILE L 2197 20.46 34.06 -40.04
N GLN L 2198 20.54 33.22 -39.01
CA GLN L 2198 20.04 33.60 -37.70
C GLN L 2198 20.93 34.65 -37.04
N GLU L 2199 22.24 34.57 -37.29
CA GLU L 2199 23.15 35.57 -36.75
C GLU L 2199 22.99 36.90 -37.48
N ILE L 2200 22.67 36.85 -38.77
CA ILE L 2200 22.44 38.07 -39.53
C ILE L 2200 21.10 38.70 -39.13
N LEU L 2201 20.09 37.86 -38.90
CA LEU L 2201 18.79 38.37 -38.49
C LEU L 2201 18.83 38.90 -37.07
N GLN L 2202 19.75 38.39 -36.24
CA GLN L 2202 19.93 38.92 -34.89
C GLN L 2202 20.48 40.35 -34.95
N LYS L 2203 21.38 40.61 -35.89
CA LYS L 2203 21.83 41.98 -36.11
C LYS L 2203 20.76 42.79 -36.82
N VAL L 2204 19.92 42.13 -37.62
CA VAL L 2204 18.87 42.83 -38.34
C VAL L 2204 17.73 43.22 -37.40
N LEU L 2205 17.41 42.34 -36.44
CA LEU L 2205 16.37 42.66 -35.47
C LEU L 2205 16.82 43.73 -34.50
N GLY L 2206 18.12 43.82 -34.24
CA GLY L 2206 18.63 44.92 -33.44
C GLY L 2206 18.54 46.25 -34.15
N ILE L 2207 18.63 46.22 -35.48
CA ILE L 2207 18.40 47.43 -36.26
C ILE L 2207 16.90 47.69 -36.43
N ILE L 2208 16.09 46.64 -36.41
CA ILE L 2208 14.65 46.80 -36.57
C ILE L 2208 14.02 47.33 -35.29
N LEU L 2209 14.44 46.79 -34.14
CA LEU L 2209 13.88 47.21 -32.87
C LEU L 2209 14.41 48.56 -32.40
N GLU L 2210 15.54 49.02 -32.95
CA GLU L 2210 16.05 50.35 -32.61
C GLU L 2210 15.15 51.45 -33.18
N ALA L 2211 14.58 51.22 -34.36
CA ALA L 2211 13.61 52.16 -34.90
C ALA L 2211 12.25 52.02 -34.23
N ILE L 2212 11.94 50.82 -33.71
CA ILE L 2212 10.68 50.63 -33.00
C ILE L 2212 10.75 51.26 -31.61
N ASN L 2213 11.96 51.46 -31.08
CA ASN L 2213 12.11 52.09 -29.77
C ASN L 2213 11.86 53.59 -29.82
N LYS L 2214 11.94 54.20 -31.00
CA LYS L 2214 11.74 55.63 -31.25
C LYS L 2214 12.65 56.52 -30.40
N GLU L 2221 4.89 52.13 -37.55
CA GLU L 2221 3.43 52.24 -37.51
C GLU L 2221 2.78 50.91 -37.87
N ASP L 2222 1.91 50.93 -38.88
CA ASP L 2222 1.24 49.71 -39.31
C ASP L 2222 2.18 48.77 -40.05
N GLU L 2223 3.26 49.31 -40.62
CA GLU L 2223 4.26 48.51 -41.32
C GLU L 2223 5.03 47.67 -40.31
N PRO L 2224 5.22 48.16 -39.08
CA PRO L 2224 5.87 47.33 -38.06
C PRO L 2224 5.00 46.18 -37.59
N GLU L 2225 3.67 46.31 -37.68
CA GLU L 2225 2.79 45.21 -37.33
C GLU L 2225 2.83 44.12 -38.40
N GLU L 2226 3.00 44.53 -39.67
CA GLU L 2226 3.08 43.54 -40.74
C GLU L 2226 4.40 42.79 -40.72
N VAL L 2227 5.49 43.47 -40.33
CA VAL L 2227 6.78 42.81 -40.22
C VAL L 2227 6.81 41.87 -39.03
N THR L 2228 6.09 42.23 -37.96
CA THR L 2228 5.96 41.33 -36.83
C THR L 2228 5.06 40.14 -37.17
N ASN L 2229 4.06 40.36 -38.01
CA ASN L 2229 3.18 39.27 -38.42
C ASN L 2229 3.87 38.36 -39.43
N PHE L 2230 4.74 38.93 -40.27
CA PHE L 2230 5.47 38.12 -41.24
C PHE L 2230 6.52 37.25 -40.55
N ILE L 2231 7.16 37.79 -39.50
CA ILE L 2231 8.09 37.00 -38.73
C ILE L 2231 7.35 35.97 -37.88
N SER L 2232 6.13 36.29 -37.45
CA SER L 2232 5.30 35.31 -36.76
C SER L 2232 4.86 34.21 -37.72
N LEU L 2233 4.60 34.58 -38.98
CA LEU L 2233 4.40 33.57 -40.01
C LEU L 2233 5.69 32.80 -40.28
N ILE L 2234 6.84 33.46 -40.17
CA ILE L 2234 8.11 32.75 -40.23
C ILE L 2234 8.31 31.92 -38.98
N VAL L 2235 7.77 32.37 -37.84
CA VAL L 2235 7.78 31.54 -36.64
C VAL L 2235 6.82 30.37 -36.79
N ASN L 2236 5.72 30.58 -37.52
CA ASN L 2236 4.84 29.46 -37.84
C ASN L 2236 5.48 28.54 -38.87
N ILE L 2237 6.32 29.10 -39.74
CA ILE L 2237 7.03 28.28 -40.72
C ILE L 2237 8.13 27.47 -40.04
N ILE L 2238 8.68 27.98 -38.95
CA ILE L 2238 9.69 27.23 -38.20
C ILE L 2238 9.05 26.09 -37.44
N GLY L 2239 7.82 26.26 -36.99
CA GLY L 2239 7.11 25.21 -36.27
C GLY L 2239 6.41 24.23 -37.19
N VAL L 2248 13.90 25.65 -38.05
CA VAL L 2248 13.01 25.37 -36.92
C VAL L 2248 13.49 26.12 -35.69
N ALA L 2249 14.75 25.88 -35.32
CA ALA L 2249 15.32 26.55 -34.15
C ALA L 2249 15.64 28.02 -34.43
N ALA L 2250 15.78 28.39 -35.70
CA ALA L 2250 16.05 29.78 -36.04
C ALA L 2250 14.84 30.68 -35.77
N GLY L 2251 13.63 30.12 -35.89
CA GLY L 2251 12.45 30.89 -35.52
C GLY L 2251 12.35 31.13 -34.04
N VAL L 2252 12.83 30.18 -33.22
CA VAL L 2252 12.91 30.41 -31.79
C VAL L 2252 13.99 31.43 -31.48
N SER L 2253 15.07 31.43 -32.26
CA SER L 2253 16.08 32.48 -32.12
C SER L 2253 15.56 33.82 -32.61
N LEU L 2254 14.71 33.80 -33.63
CA LEU L 2254 14.07 35.04 -34.09
C LEU L 2254 13.03 35.54 -33.09
N CYS L 2255 12.33 34.62 -32.42
CA CYS L 2255 11.32 35.02 -31.44
C CYS L 2255 11.97 35.56 -30.18
N TRP L 2256 13.17 35.07 -29.84
CA TRP L 2256 13.90 35.61 -28.70
C TRP L 2256 14.39 37.02 -28.97
N THR L 2257 14.80 37.29 -30.21
CA THR L 2257 15.15 38.66 -30.59
C THR L 2257 13.91 39.52 -30.74
N LEU L 2258 12.78 38.92 -31.13
CA LEU L 2258 11.54 39.68 -31.25
C LEU L 2258 11.01 40.07 -29.87
N SER L 2259 11.05 39.15 -28.92
CA SER L 2259 10.64 39.45 -27.56
C SER L 2259 11.69 40.23 -26.77
N LEU L 2260 12.87 40.48 -27.36
CA LEU L 2260 13.90 41.21 -26.65
C LEU L 2260 13.54 42.69 -26.51
N TYR L 2261 12.80 43.25 -27.46
CA TYR L 2261 12.44 44.65 -27.38
C TYR L 2261 11.00 44.93 -27.81
N ARG L 2262 10.11 43.94 -27.73
CA ARG L 2262 8.71 44.16 -28.05
C ARG L 2262 7.86 43.50 -26.97
N PRO L 2263 6.87 44.22 -26.44
CA PRO L 2263 6.07 43.66 -25.33
C PRO L 2263 5.16 42.51 -25.70
N ASN L 2264 4.35 42.70 -26.75
CA ASN L 2264 3.24 41.79 -27.06
C ASN L 2264 3.67 40.79 -28.12
N ALA L 2265 3.93 39.55 -27.69
CA ALA L 2265 4.17 38.45 -28.61
C ALA L 2265 3.51 37.17 -28.12
N LEU L 2266 2.45 37.30 -27.31
CA LEU L 2266 1.84 36.14 -26.67
C LEU L 2266 0.99 35.33 -27.63
N ASP L 2267 0.55 35.94 -28.73
CA ASP L 2267 -0.25 35.21 -29.71
C ASP L 2267 0.60 34.17 -30.44
N SER L 2268 1.84 34.54 -30.80
CA SER L 2268 2.75 33.57 -31.39
C SER L 2268 3.31 32.62 -30.33
N LEU L 2269 3.31 33.06 -29.07
CA LEU L 2269 3.84 32.23 -27.99
C LEU L 2269 2.91 31.07 -27.64
N LEU L 2270 1.64 31.13 -28.06
CA LEU L 2270 0.73 30.01 -27.82
C LEU L 2270 1.12 28.80 -28.66
N PRO L 2271 1.32 28.92 -29.98
CA PRO L 2271 1.83 27.77 -30.73
C PRO L 2271 3.30 27.49 -30.47
N SER L 2272 4.06 28.49 -30.00
CA SER L 2272 5.46 28.27 -29.66
C SER L 2272 5.60 27.45 -28.39
N ILE L 2273 4.63 27.54 -27.48
CA ILE L 2273 4.65 26.70 -26.28
C ILE L 2273 4.37 25.24 -26.66
N MET L 2274 3.55 25.02 -27.68
CA MET L 2274 3.35 23.67 -28.19
C MET L 2274 4.60 23.17 -28.90
N ARG L 2275 5.33 24.06 -29.57
CA ARG L 2275 6.58 23.67 -30.21
C ARG L 2275 7.68 23.45 -29.19
N THR L 2276 7.69 24.24 -28.11
CA THR L 2276 8.69 24.04 -27.07
C THR L 2276 8.40 22.80 -26.24
N PHE L 2277 7.13 22.38 -26.18
CA PHE L 2277 6.79 21.15 -25.47
C PHE L 2277 7.32 19.93 -26.22
N ASN L 2278 7.26 19.96 -27.56
CA ASN L 2278 7.89 18.91 -28.35
C ASN L 2278 9.41 19.06 -28.31
N LYS L 2279 9.90 20.29 -28.14
CA LYS L 2279 11.34 20.50 -28.01
C LYS L 2279 11.84 20.03 -26.66
N LEU L 2280 11.06 20.24 -25.60
CA LEU L 2280 11.45 19.75 -24.29
C LEU L 2280 11.33 18.24 -24.18
N CYS L 2281 10.42 17.64 -24.95
CA CYS L 2281 10.30 16.19 -24.98
C CYS L 2281 11.50 15.56 -25.67
N ARG L 2282 12.01 16.21 -26.71
CA ARG L 2282 13.24 15.74 -27.35
C ARG L 2282 14.47 16.05 -26.49
N ASP L 2283 14.42 17.13 -25.72
CA ASP L 2283 15.53 17.47 -24.84
C ASP L 2283 15.60 16.53 -23.64
N HIS L 2284 14.45 16.14 -23.10
CA HIS L 2284 14.42 15.18 -22.01
C HIS L 2284 14.77 13.77 -22.45
N ILE L 2285 14.57 13.47 -23.74
CA ILE L 2285 14.94 12.15 -24.26
C ILE L 2285 16.45 12.03 -24.39
N ALA L 2286 17.15 13.16 -24.56
CA ALA L 2286 18.61 13.14 -24.68
C ALA L 2286 19.25 13.02 -23.30
N GLU L 2303 22.54 18.77 -30.41
CA GLU L 2303 21.83 20.06 -30.41
C GLU L 2303 21.71 20.61 -28.99
N PHE L 2304 22.83 20.64 -28.27
CA PHE L 2304 22.81 21.14 -26.90
C PHE L 2304 22.67 22.65 -26.86
N GLU L 2305 23.19 23.35 -27.88
CA GLU L 2305 23.06 24.81 -27.93
C GLU L 2305 21.63 25.22 -28.27
N ALA L 2306 20.95 24.43 -29.10
CA ALA L 2306 19.56 24.74 -29.43
C ALA L 2306 18.63 24.44 -28.26
N LYS L 2307 18.90 23.38 -27.50
CA LYS L 2307 18.08 23.07 -26.34
C LYS L 2307 18.31 24.07 -25.21
N VAL L 2308 19.53 24.61 -25.10
CA VAL L 2308 19.80 25.64 -24.12
C VAL L 2308 19.12 26.95 -24.53
N THR L 2309 19.07 27.22 -25.84
CA THR L 2309 18.34 28.38 -26.33
C THR L 2309 16.83 28.18 -26.20
N THR L 2310 16.35 26.94 -26.39
CA THR L 2310 14.94 26.65 -26.17
C THR L 2310 14.59 26.72 -24.69
N ASN L 2311 15.52 26.34 -23.82
CA ASN L 2311 15.31 26.55 -22.39
C ASN L 2311 15.33 28.04 -22.05
N LEU L 2312 16.17 28.81 -22.74
CA LEU L 2312 16.12 30.26 -22.61
C LEU L 2312 14.85 30.81 -23.25
N LEU L 2313 14.36 30.17 -24.31
CA LEU L 2313 13.07 30.52 -24.87
C LEU L 2313 11.94 30.15 -23.92
N GLU L 2314 12.07 29.01 -23.23
CA GLU L 2314 11.11 28.64 -22.22
C GLU L 2314 11.23 29.54 -20.98
N LYS L 2315 12.43 30.04 -20.72
CA LYS L 2315 12.59 31.02 -19.63
C LYS L 2315 11.95 32.35 -19.99
N ILE L 2316 12.03 32.74 -21.27
CA ILE L 2316 11.40 33.98 -21.70
C ILE L 2316 9.88 33.79 -21.79
N LEU L 2317 9.42 32.59 -22.15
CA LEU L 2317 7.99 32.35 -22.28
C LEU L 2317 7.33 32.22 -20.91
N ASN L 2318 8.05 31.72 -19.91
CA ASN L 2318 7.47 31.60 -18.58
C ASN L 2318 7.29 32.96 -17.92
N LEU L 2319 8.18 33.91 -18.21
CA LEU L 2319 8.00 35.27 -17.71
C LEU L 2319 6.87 35.97 -18.44
N CYS L 2320 6.62 35.60 -19.69
CA CYS L 2320 5.56 36.22 -20.47
C CYS L 2320 4.19 35.60 -20.17
N ALA L 2321 4.16 34.33 -19.77
CA ALA L 2321 2.87 33.68 -19.52
C ALA L 2321 2.26 34.13 -18.20
N ALA L 2322 3.08 34.54 -17.24
CA ALA L 2322 2.58 34.99 -15.95
C ALA L 2322 2.14 36.44 -16.01
N ASP L 2329 -3.53 30.07 -21.54
CA ASP L 2329 -3.52 29.57 -20.17
C ASP L 2329 -2.94 28.16 -20.10
N GLN L 2330 -1.75 27.99 -20.68
CA GLN L 2330 -1.05 26.71 -20.66
C GLN L 2330 -0.03 26.61 -19.53
N ARG L 2331 -0.30 27.28 -18.40
CA ARG L 2331 0.64 27.25 -17.28
C ARG L 2331 0.70 25.89 -16.61
N ARG L 2332 -0.37 25.10 -16.73
CA ARG L 2332 -0.37 23.75 -16.16
C ARG L 2332 0.53 22.82 -16.96
N VAL L 2333 0.45 22.91 -18.29
CA VAL L 2333 1.27 22.05 -19.13
C VAL L 2333 2.72 22.51 -19.13
N PHE L 2334 2.96 23.81 -18.93
CA PHE L 2334 4.32 24.33 -18.91
C PHE L 2334 5.02 23.94 -17.61
N LEU L 2335 4.31 23.99 -16.49
CA LEU L 2335 4.90 23.60 -15.22
C LEU L 2335 5.10 22.09 -15.14
N SER L 2336 4.28 21.32 -15.85
CA SER L 2336 4.46 19.87 -15.86
C SER L 2336 5.69 19.47 -16.65
N LEU L 2337 5.96 20.16 -17.76
CA LEU L 2337 7.18 19.88 -18.52
C LEU L 2337 8.41 20.41 -17.80
N LEU L 2338 8.24 21.47 -17.00
CA LEU L 2338 9.36 21.99 -16.21
C LEU L 2338 9.73 21.02 -15.09
N ALA L 2339 8.73 20.39 -14.47
CA ALA L 2339 9.01 19.36 -13.47
C ALA L 2339 9.57 18.11 -14.11
N GLN L 2340 9.14 17.79 -15.34
CA GLN L 2340 9.73 16.69 -16.07
C GLN L 2340 11.17 17.01 -16.46
N LEU L 2341 11.46 18.28 -16.74
CA LEU L 2341 12.84 18.70 -16.97
C LEU L 2341 13.62 18.72 -15.67
N ILE L 2342 12.94 19.02 -14.54
CA ILE L 2342 13.60 18.98 -13.24
C ILE L 2342 13.88 17.54 -12.83
N ASP L 2343 13.01 16.62 -13.22
CA ASP L 2343 13.22 15.20 -12.93
C ASP L 2343 14.17 14.54 -13.91
N ARG L 2344 14.51 15.20 -15.01
CA ARG L 2344 15.40 14.62 -16.01
C ARG L 2344 16.85 14.75 -15.55
N SER L 2345 17.76 14.21 -16.38
CA SER L 2345 19.19 14.23 -16.10
C SER L 2345 19.90 15.35 -16.86
N VAL L 2346 19.25 16.50 -16.99
CA VAL L 2346 19.76 17.64 -17.76
C VAL L 2346 20.95 18.27 -17.05
N ASP L 2347 21.65 19.16 -17.74
CA ASP L 2347 22.83 19.81 -17.21
C ASP L 2347 22.49 20.75 -16.07
N LYS L 2348 23.50 21.07 -15.26
CA LYS L 2348 23.29 21.87 -14.05
C LYS L 2348 23.00 23.33 -14.37
N ASP L 2349 23.43 23.82 -15.53
CA ASP L 2349 23.18 25.22 -15.88
C ASP L 2349 21.71 25.46 -16.18
N MET L 2350 21.05 24.50 -16.82
CA MET L 2350 19.61 24.61 -17.03
C MET L 2350 18.85 24.46 -15.72
N LEU L 2351 19.38 23.65 -14.79
CA LEU L 2351 18.77 23.52 -13.49
C LEU L 2351 19.01 24.77 -12.65
N LEU L 2352 20.18 25.40 -12.79
CA LEU L 2352 20.46 26.63 -12.05
C LEU L 2352 19.63 27.79 -12.59
N LYS L 2353 19.36 27.79 -13.90
CA LYS L 2353 18.48 28.80 -14.47
C LYS L 2353 17.04 28.56 -14.04
N VAL L 2354 16.66 27.30 -13.87
CA VAL L 2354 15.32 26.98 -13.37
C VAL L 2354 15.22 27.32 -11.89
N ILE L 2355 16.31 27.15 -11.15
CA ILE L 2355 16.32 27.52 -9.74
C ILE L 2355 16.31 29.03 -9.58
N ASN L 2356 16.98 29.74 -10.50
CA ASN L 2356 16.94 31.21 -10.47
C ASN L 2356 15.56 31.71 -10.88
N ILE L 2357 14.88 30.98 -11.78
CA ILE L 2357 13.52 31.35 -12.14
C ILE L 2357 12.56 31.03 -10.98
N VAL L 2358 12.86 29.98 -10.23
CA VAL L 2358 12.04 29.65 -9.06
C VAL L 2358 12.32 30.64 -7.94
N THR L 2359 13.53 31.20 -7.90
CA THR L 2359 13.87 32.19 -6.88
C THR L 2359 13.13 33.50 -7.11
N GLU L 2360 12.86 33.85 -8.36
CA GLU L 2360 12.11 35.07 -8.64
C GLU L 2360 10.61 34.87 -8.42
N TRP L 2361 10.15 33.62 -8.40
CA TRP L 2361 8.72 33.35 -8.26
C TRP L 2361 8.25 33.58 -6.83
N ILE L 2362 9.09 33.25 -5.84
CA ILE L 2362 8.67 33.37 -4.46
C ILE L 2362 8.72 34.82 -3.97
N PHE L 2363 9.36 35.70 -4.72
CA PHE L 2363 9.40 37.12 -4.36
C PHE L 2363 8.91 37.97 -5.52
N THR L 2370 0.91 29.39 -9.48
CA THR L 2370 0.16 29.39 -8.23
C THR L 2370 1.03 29.00 -7.06
N THR L 2371 0.46 29.05 -5.86
CA THR L 2371 1.19 28.62 -4.67
C THR L 2371 1.39 27.11 -4.67
N LYS L 2372 0.38 26.35 -5.09
CA LYS L 2372 0.53 24.92 -5.23
C LYS L 2372 1.42 24.56 -6.40
N GLU L 2373 1.47 25.41 -7.43
CA GLU L 2373 2.39 25.21 -8.54
C GLU L 2373 3.83 25.42 -8.11
N LYS L 2374 4.06 26.38 -7.19
CA LYS L 2374 5.39 26.57 -6.63
C LYS L 2374 5.76 25.44 -5.68
N ALA L 2375 4.76 24.75 -5.12
CA ALA L 2375 5.04 23.64 -4.22
C ALA L 2375 5.55 22.42 -4.99
N GLY L 2376 4.95 22.12 -6.14
CA GLY L 2376 5.40 20.99 -6.93
C GLY L 2376 6.76 21.20 -7.56
N ILE L 2377 7.11 22.46 -7.85
CA ILE L 2377 8.44 22.75 -8.36
C ILE L 2377 9.47 22.64 -7.24
N LEU L 2378 9.14 23.16 -6.06
CA LEU L 2378 10.04 23.03 -4.92
C LEU L 2378 10.06 21.61 -4.37
N GLY L 2379 8.97 20.86 -4.57
CA GLY L 2379 8.94 19.48 -4.11
C GLY L 2379 9.79 18.56 -4.95
N LYS L 2380 9.75 18.74 -6.28
CA LYS L 2380 10.57 17.92 -7.16
C LYS L 2380 12.04 18.32 -7.07
N MET L 2381 12.32 19.55 -6.65
CA MET L 2381 13.71 19.97 -6.46
C MET L 2381 14.31 19.37 -5.19
N MET L 2382 13.45 18.94 -4.27
CA MET L 2382 13.94 18.14 -3.13
C MET L 2382 14.38 16.75 -3.58
N ILE L 2383 13.82 16.26 -4.69
CA ILE L 2383 14.27 14.99 -5.25
C ILE L 2383 15.59 15.16 -5.98
N PHE L 2384 15.97 16.40 -6.29
CA PHE L 2384 17.27 16.67 -6.92
C PHE L 2384 18.41 16.66 -5.92
N ASP L 2385 18.15 16.40 -4.65
CA ASP L 2385 19.23 16.27 -3.67
C ASP L 2385 20.04 15.00 -3.89
N LEU L 2386 19.44 13.98 -4.47
CA LEU L 2386 20.14 12.74 -4.77
C LEU L 2386 21.04 12.91 -5.99
N GLU L 2391 26.16 20.86 -3.83
CA GLU L 2391 26.37 21.44 -5.15
C GLU L 2391 25.17 22.29 -5.55
N LEU L 2392 24.30 21.74 -6.41
CA LEU L 2392 23.07 22.44 -6.76
C LEU L 2392 22.07 22.39 -5.62
N SER L 2393 22.17 21.38 -4.77
CA SER L 2393 21.30 21.32 -3.58
C SER L 2393 21.72 22.36 -2.56
N LYS L 2394 23.02 22.68 -2.51
CA LYS L 2394 23.50 23.73 -1.63
C LYS L 2394 22.96 25.09 -2.06
N LYS L 2395 22.76 25.28 -3.37
CA LYS L 2395 22.03 26.44 -3.84
C LYS L 2395 20.53 26.29 -3.58
N PHE L 2396 20.02 25.05 -3.63
CA PHE L 2396 18.58 24.83 -3.46
C PHE L 2396 18.16 25.01 -2.00
N ASN L 2397 18.86 24.36 -1.07
CA ASN L 2397 18.52 24.53 0.34
C ASN L 2397 19.03 25.85 0.92
N GLN L 2398 19.77 26.63 0.14
CA GLN L 2398 19.97 28.03 0.51
C GLN L 2398 18.66 28.80 0.42
N VAL L 2399 17.83 28.48 -0.57
CA VAL L 2399 16.54 29.17 -0.76
C VAL L 2399 15.58 28.83 0.37
N ILE L 2400 15.60 27.58 0.84
CA ILE L 2400 14.62 27.14 1.84
C ILE L 2400 14.95 27.73 3.21
N VAL L 2401 16.15 28.25 3.41
CA VAL L 2401 16.46 28.94 4.65
C VAL L 2401 15.80 30.32 4.67
N ASP L 2402 15.98 31.09 3.59
CA ASP L 2402 15.50 32.47 3.58
C ASP L 2402 13.98 32.55 3.40
N ILE L 2403 13.34 31.48 2.95
CA ILE L 2403 11.88 31.45 2.89
C ILE L 2403 11.31 31.52 4.30
N PHE L 2404 11.91 30.79 5.24
CA PHE L 2404 11.51 30.86 6.64
C PHE L 2404 11.93 32.16 7.31
N GLU L 2405 12.88 32.89 6.72
CA GLU L 2405 13.31 34.15 7.32
C GLU L 2405 12.40 35.31 6.93
N SER L 2406 11.74 35.22 5.78
CA SER L 2406 10.89 36.32 5.32
C SER L 2406 9.54 36.29 6.03
N LYS L 2407 8.79 35.21 5.86
CA LYS L 2407 7.46 35.09 6.46
C LYS L 2407 7.51 34.35 7.79
N HIS L 2411 4.89 31.44 8.06
CA HIS L 2411 3.76 31.37 9.01
C HIS L 2411 2.43 31.36 8.25
N THR L 2412 1.94 32.53 7.86
CA THR L 2412 0.64 32.64 7.15
C THR L 2412 0.77 32.05 5.74
N GLU L 2413 2.00 31.86 5.27
CA GLU L 2413 2.24 31.21 3.98
C GLU L 2413 1.93 29.72 4.10
N LEU L 2414 1.55 29.12 2.98
CA LEU L 2414 1.29 27.68 2.92
C LEU L 2414 2.56 26.89 3.21
N THR L 2415 2.54 26.14 4.31
CA THR L 2415 3.69 25.36 4.76
C THR L 2415 3.70 23.95 4.18
N ALA L 2416 2.95 23.71 3.10
CA ALA L 2416 2.88 22.38 2.52
C ALA L 2416 4.20 22.00 1.87
N ARG L 2417 4.81 22.93 1.15
CA ARG L 2417 6.12 22.68 0.57
C ARG L 2417 7.23 22.95 1.56
N MET L 2418 6.90 23.63 2.67
CA MET L 2418 7.95 24.08 3.58
C MET L 2418 8.32 23.00 4.59
N GLU L 2419 7.33 22.40 5.24
CA GLU L 2419 7.63 21.56 6.41
C GLU L 2419 8.18 20.20 5.99
N THR L 2420 7.90 19.75 4.76
CA THR L 2420 8.49 18.51 4.31
C THR L 2420 9.89 18.73 3.74
N ALA L 2421 10.21 19.97 3.40
CA ALA L 2421 11.57 20.27 2.95
C ALA L 2421 12.43 20.79 4.09
N PHE L 2422 11.81 21.32 5.13
CA PHE L 2422 12.53 21.69 6.35
C PHE L 2422 13.09 20.45 7.04
N LEU L 2423 12.35 19.34 6.98
CA LEU L 2423 12.79 18.15 7.69
C LEU L 2423 13.77 17.32 6.87
N PHE L 2424 13.83 17.56 5.56
CA PHE L 2424 14.93 17.01 4.77
C PHE L 2424 16.09 17.99 4.69
N GLY L 2425 15.97 19.14 5.33
CA GLY L 2425 17.03 20.13 5.33
C GLY L 2425 18.01 19.91 6.47
N THR L 2426 17.52 19.33 7.57
CA THR L 2426 18.38 19.02 8.70
C THR L 2426 19.13 17.70 8.47
N ARG L 2427 18.70 16.92 7.48
CA ARG L 2427 19.21 15.59 7.25
C ARG L 2427 20.37 15.55 6.26
N LEU L 2428 20.55 16.60 5.46
CA LEU L 2428 21.37 16.52 4.24
C LEU L 2428 22.87 16.59 4.49
N SER L 2429 23.31 16.74 5.75
CA SER L 2429 24.72 16.76 6.18
C SER L 2429 25.52 17.87 5.48
N ASP L 2430 25.14 19.10 5.80
CA ASP L 2430 25.97 20.28 5.54
C ASP L 2430 25.81 21.22 6.73
N VAL L 2431 26.92 21.53 7.39
CA VAL L 2431 26.87 22.04 8.76
C VAL L 2431 26.33 23.47 8.82
N SER L 2432 26.53 24.26 7.77
CA SER L 2432 26.19 25.67 7.86
C SER L 2432 24.70 25.94 7.74
N ILE L 2433 23.91 24.99 7.22
CA ILE L 2433 22.48 25.22 7.08
C ILE L 2433 21.70 24.41 8.11
N ARG L 2434 22.24 23.26 8.51
CA ARG L 2434 21.62 22.50 9.59
C ARG L 2434 21.75 23.22 10.92
N LYS L 2435 22.84 23.98 11.09
CA LYS L 2435 22.92 24.90 12.21
C LYS L 2435 21.93 26.04 12.04
N LYS L 2436 21.69 26.44 10.80
CA LYS L 2436 20.78 27.55 10.54
C LYS L 2436 19.32 27.13 10.68
N LEU L 2437 18.96 25.99 10.08
CA LEU L 2437 17.57 25.54 10.09
C LEU L 2437 17.12 25.11 11.47
N MET L 2438 17.96 24.38 12.20
CA MET L 2438 17.57 23.90 13.52
C MET L 2438 17.57 25.02 14.54
N SER L 2439 18.21 26.14 14.25
CA SER L 2439 18.16 27.27 15.17
C SER L 2439 16.82 28.00 15.06
N ILE L 2440 16.21 27.98 13.88
CA ILE L 2440 14.90 28.61 13.69
C ILE L 2440 13.83 27.86 14.46
N LEU L 2441 13.84 26.53 14.34
CA LEU L 2441 12.85 25.70 15.01
C LEU L 2441 13.02 25.73 16.51
N SER L 2442 14.26 25.83 16.99
CA SER L 2442 14.53 25.79 18.42
C SER L 2442 14.31 27.13 19.11
N ASP L 2443 13.97 28.19 18.39
CA ASP L 2443 13.55 29.41 19.07
C ASP L 2443 12.04 29.55 19.11
N SER L 2444 11.34 28.90 18.20
CA SER L 2444 9.90 29.02 18.08
C SER L 2444 9.15 28.36 19.22
N LEU L 2445 9.79 27.45 19.94
CA LEU L 2445 9.19 26.77 21.07
C LEU L 2445 9.46 27.60 22.32
N GLU L 2446 8.88 27.16 23.43
CA GLU L 2446 9.14 27.83 24.69
C GLU L 2446 10.51 27.43 25.22
N LEU L 2447 10.98 28.13 26.24
CA LEU L 2447 12.27 27.81 26.83
C LEU L 2447 12.19 26.71 27.86
N ASP L 2448 10.98 26.29 28.24
CA ASP L 2448 10.83 25.19 29.18
C ASP L 2448 11.19 23.88 28.50
N ILE L 2449 11.56 22.90 29.32
CA ILE L 2449 11.86 21.56 28.82
C ILE L 2449 10.61 20.68 28.81
N ASP L 2450 9.53 21.12 29.45
CA ASP L 2450 8.25 20.42 29.36
C ASP L 2450 7.66 20.56 27.98
N LYS L 2451 7.45 21.80 27.55
CA LYS L 2451 6.78 22.09 26.29
C LYS L 2451 7.62 21.75 25.08
N ARG L 2452 8.92 21.52 25.27
CA ARG L 2452 9.73 20.98 24.20
C ARG L 2452 9.68 19.47 24.18
N LEU L 2453 9.23 18.85 25.28
CA LEU L 2453 9.11 17.39 25.31
C LEU L 2453 7.75 16.95 24.77
N PHE L 2454 6.69 17.69 25.10
CA PHE L 2454 5.40 17.43 24.46
C PHE L 2454 5.42 17.77 22.99
N TYR L 2455 6.29 18.68 22.55
CA TYR L 2455 6.27 19.11 21.16
C TYR L 2455 6.79 18.03 20.22
N ILE L 2456 7.73 17.20 20.69
CA ILE L 2456 8.36 16.26 19.77
C ILE L 2456 7.54 15.01 19.57
N ILE L 2457 6.51 14.76 20.38
CA ILE L 2457 5.68 13.58 20.25
C ILE L 2457 4.22 13.92 19.99
N LYS L 2458 3.67 14.94 20.66
CA LYS L 2458 2.25 15.25 20.50
C LYS L 2458 1.99 16.10 19.28
N ASP L 2459 2.96 16.92 18.90
CA ASP L 2459 2.91 17.74 17.70
C ASP L 2459 4.09 17.37 16.81
N GLN L 2460 4.20 18.06 15.68
CA GLN L 2460 5.35 18.03 14.77
C GLN L 2460 5.64 16.60 14.28
N ASN L 2461 4.71 16.11 13.46
CA ASN L 2461 4.79 14.73 13.00
C ASN L 2461 6.04 14.49 12.17
N TRP L 2462 6.66 13.35 12.40
CA TRP L 2462 7.94 13.01 11.78
C TRP L 2462 7.64 12.32 10.46
N GLU L 2463 8.01 12.98 9.36
CA GLU L 2463 7.71 12.50 8.02
C GLU L 2463 8.46 11.20 7.74
N TYR L 2464 9.77 11.24 7.90
CA TYR L 2464 10.67 10.21 7.39
C TYR L 2464 10.62 8.90 8.16
N LEU L 2465 9.96 7.92 7.54
CA LEU L 2465 10.05 6.48 7.80
C LEU L 2465 11.45 5.91 7.64
N SER L 2466 12.33 6.68 6.98
CA SER L 2466 13.59 6.16 6.46
C SER L 2466 14.62 5.98 7.55
N ASP L 2467 15.87 5.72 7.12
CA ASP L 2467 17.00 5.35 7.96
C ASP L 2467 17.34 6.34 9.06
N TYR L 2468 16.88 7.58 8.93
CA TYR L 2468 17.38 8.63 9.79
C TYR L 2468 16.72 8.55 11.17
N PRO L 2469 17.51 8.44 12.25
CA PRO L 2469 16.94 8.50 13.59
C PRO L 2469 16.55 9.92 13.95
N TRP L 2470 15.26 10.18 14.07
CA TRP L 2470 14.80 11.54 14.35
C TRP L 2470 15.03 11.96 15.79
N LEU L 2471 15.62 11.10 16.63
CA LEU L 2471 16.02 11.52 17.96
C LEU L 2471 17.15 12.52 17.94
N ASN L 2472 17.87 12.63 16.82
CA ASN L 2472 18.89 13.67 16.70
C ASN L 2472 18.27 15.06 16.68
N GLN L 2473 17.17 15.24 15.95
CA GLN L 2473 16.49 16.53 15.97
C GLN L 2473 15.63 16.71 17.21
N ALA L 2474 15.26 15.62 17.86
CA ALA L 2474 14.55 15.76 19.12
C ALA L 2474 15.50 16.13 20.23
N LEU L 2475 16.79 15.84 20.05
CA LEU L 2475 17.77 16.23 21.05
C LEU L 2475 18.03 17.73 21.01
N GLN L 2476 18.25 18.26 19.81
CA GLN L 2476 18.53 19.69 19.66
C GLN L 2476 17.36 20.56 20.05
N LEU L 2477 16.13 20.06 19.89
CA LEU L 2477 14.99 20.75 20.47
C LEU L 2477 15.03 20.70 21.99
N LEU L 2478 15.46 19.57 22.56
CA LEU L 2478 15.64 19.48 24.00
C LEU L 2478 16.91 20.17 24.47
N TYR L 2479 17.94 20.25 23.62
CA TYR L 2479 19.17 20.93 23.97
C TYR L 2479 19.04 22.44 23.95
N GLY L 2480 18.04 22.97 23.24
CA GLY L 2480 17.84 24.40 23.24
C GLY L 2480 17.36 24.93 24.58
N SER L 2481 16.70 24.09 25.36
CA SER L 2481 16.22 24.48 26.69
C SER L 2481 17.31 24.50 27.73
N PHE L 2482 18.50 23.99 27.42
CA PHE L 2482 19.62 24.05 28.34
C PHE L 2482 20.09 25.49 28.47
N HIS L 2483 20.08 26.01 29.70
CA HIS L 2483 20.64 27.32 29.96
C HIS L 2483 22.15 27.22 29.83
N LEU L 2484 22.67 27.64 28.68
CA LEU L 2484 24.09 27.47 28.37
C LEU L 2484 24.87 28.51 29.15
N ASP L 2485 25.13 28.20 30.42
CA ASP L 2485 25.72 29.13 31.38
C ASP L 2485 27.20 28.80 31.57
N SER L 2486 27.90 29.76 32.15
CA SER L 2486 29.36 29.69 32.31
C SER L 2486 29.89 28.76 33.41
N PRO L 2487 29.22 28.50 34.58
CA PRO L 2487 29.79 27.49 35.48
C PRO L 2487 29.35 26.08 35.10
N ILE L 2488 30.32 25.23 34.79
CA ILE L 2488 30.12 23.79 34.65
C ILE L 2488 31.15 23.10 35.53
N ARG L 2489 30.67 22.33 36.50
CA ARG L 2489 31.57 21.64 37.41
C ARG L 2489 30.88 20.39 37.90
N LEU L 2490 31.69 19.42 38.30
CA LEU L 2490 31.22 18.04 38.46
C LEU L 2490 30.51 17.79 39.78
N SER L 2491 31.20 18.01 40.90
CA SER L 2491 30.69 17.82 42.27
C SER L 2491 30.11 16.44 42.54
N ILE L 2521 60.09 32.66 42.66
CA ILE L 2521 59.10 31.59 42.67
C ILE L 2521 57.71 32.18 42.77
N ILE L 2522 57.66 33.50 42.99
CA ILE L 2522 56.40 34.20 43.13
C ILE L 2522 55.69 34.35 41.79
N ASP L 2523 56.43 34.33 40.69
CA ASP L 2523 55.86 34.52 39.36
C ASP L 2523 55.28 33.24 38.78
N PHE L 2524 55.84 32.07 39.16
CA PHE L 2524 55.38 30.82 38.58
C PHE L 2524 54.01 30.41 39.10
N VAL L 2525 53.77 30.61 40.40
CA VAL L 2525 52.48 30.25 40.98
C VAL L 2525 51.39 31.20 40.49
N ALA L 2526 51.74 32.46 40.20
CA ALA L 2526 50.74 33.40 39.69
C ALA L 2526 50.45 33.15 38.22
N LYS L 2527 51.34 32.46 37.51
CA LYS L 2527 51.15 32.25 36.10
C LYS L 2527 50.09 31.18 35.83
N HIS L 2528 50.20 30.10 36.59
CA HIS L 2528 49.30 28.92 36.45
C HIS L 2528 47.96 29.25 37.09
N ASN L 2529 47.97 29.90 38.26
CA ASN L 2529 46.71 30.21 38.91
C ASN L 2529 45.81 31.04 37.99
N GLU L 2530 46.43 31.80 37.09
CA GLU L 2530 45.68 32.41 36.00
C GLU L 2530 45.14 31.36 35.03
N PHE L 2531 45.91 30.29 34.82
CA PHE L 2531 45.51 29.29 33.83
C PHE L 2531 44.40 28.39 34.36
N LEU L 2532 44.62 27.75 35.50
CA LEU L 2532 43.77 26.64 35.93
C LEU L 2532 42.42 27.08 36.47
N ASP L 2533 42.16 28.36 36.59
CA ASP L 2533 40.81 28.76 37.01
C ASP L 2533 40.19 29.81 36.09
N SER L 2534 40.97 30.78 35.62
CA SER L 2534 40.40 31.81 34.76
C SER L 2534 40.33 31.39 33.30
N VAL L 2535 41.17 30.45 32.87
CA VAL L 2535 41.09 29.92 31.52
C VAL L 2535 40.38 28.56 31.49
N ARG L 2536 40.12 27.98 32.66
CA ARG L 2536 39.39 26.71 32.69
C ARG L 2536 37.91 26.94 32.40
N SER L 2537 37.20 27.56 33.36
CA SER L 2537 35.94 28.32 33.26
C SER L 2537 34.94 27.89 32.19
N LEU L 2538 34.69 26.58 32.08
CA LEU L 2538 34.01 26.05 30.91
C LEU L 2538 32.52 26.29 30.97
N THR L 2539 31.98 26.93 29.93
CA THR L 2539 30.54 27.06 29.81
C THR L 2539 29.93 25.74 29.34
N ALA L 2540 28.60 25.68 29.40
CA ALA L 2540 27.91 24.47 28.95
C ALA L 2540 27.80 24.38 27.44
N GLY L 2541 28.19 25.42 26.72
CA GLY L 2541 28.06 25.41 25.27
C GLY L 2541 28.99 24.44 24.59
N ASP L 2542 30.29 24.54 24.89
CA ASP L 2542 31.29 23.74 24.18
C ASP L 2542 31.39 22.31 24.67
N ILE L 2543 30.45 21.85 25.51
CA ILE L 2543 30.24 20.43 25.71
C ILE L 2543 29.12 19.93 24.80
N LEU L 2544 27.99 20.64 24.78
CA LEU L 2544 26.84 20.20 24.02
C LEU L 2544 26.93 20.53 22.54
N ASN L 2545 27.57 21.65 22.19
CA ASN L 2545 27.74 21.98 20.77
C ASN L 2545 28.60 21.00 19.98
N PRO L 2546 29.72 20.45 20.49
CA PRO L 2546 30.34 19.34 19.77
C PRO L 2546 29.58 18.04 19.87
N LEU L 2547 28.76 17.87 20.91
CA LEU L 2547 27.95 16.65 21.03
C LEU L 2547 26.91 16.56 19.93
N ILE L 2548 26.45 17.71 19.43
CA ILE L 2548 25.61 17.70 18.23
C ILE L 2548 26.41 17.21 17.04
N ASP L 2549 27.62 17.74 16.87
CA ASP L 2549 28.43 17.40 15.70
C ASP L 2549 28.99 15.99 15.77
N ILE L 2550 29.05 15.40 16.96
CA ILE L 2550 29.43 13.99 17.08
C ILE L 2550 28.25 13.10 16.71
N SER L 2551 27.06 13.42 17.23
CA SER L 2551 25.90 12.56 17.10
C SER L 2551 25.33 12.51 15.69
N TYR L 2552 25.73 13.42 14.80
CA TYR L 2552 25.35 13.32 13.40
C TYR L 2552 26.12 12.24 12.67
N GLN L 2553 27.19 11.71 13.26
CA GLN L 2553 27.99 10.66 12.67
C GLN L 2553 27.60 9.27 13.16
N SER L 2554 27.51 9.08 14.47
CA SER L 2554 27.27 7.78 15.06
C SER L 2554 25.83 7.69 15.56
N ALA L 2555 25.18 6.58 15.24
CA ALA L 2555 23.80 6.35 15.68
C ALA L 2555 23.72 5.83 17.11
N GLU L 2556 24.85 5.49 17.73
CA GLU L 2556 24.85 5.02 19.11
C GLU L 2556 24.94 6.14 20.12
N THR L 2557 25.49 7.29 19.73
CA THR L 2557 25.51 8.45 20.62
C THR L 2557 24.11 8.98 20.87
N ILE L 2558 23.25 8.93 19.85
CA ILE L 2558 21.88 9.41 20.00
C ILE L 2558 21.09 8.48 20.90
N HIS L 2559 21.43 7.19 20.90
CA HIS L 2559 20.80 6.26 21.84
C HIS L 2559 21.40 6.44 23.22
N ASN L 2560 22.69 6.78 23.30
CA ASN L 2560 23.33 6.94 24.59
C ASN L 2560 22.98 8.26 25.24
N ALA L 2561 22.59 9.27 24.46
CA ALA L 2561 22.25 10.56 25.02
C ALA L 2561 20.76 10.72 25.26
N TRP L 2562 19.93 9.93 24.59
CA TRP L 2562 18.50 9.98 24.85
C TRP L 2562 18.17 9.40 26.21
N VAL L 2563 18.87 8.34 26.62
CA VAL L 2563 18.56 7.68 27.88
C VAL L 2563 19.02 8.45 29.10
N VAL L 2564 19.83 9.50 28.93
CA VAL L 2564 20.28 10.29 30.06
C VAL L 2564 19.59 11.64 30.15
N VAL L 2565 18.98 12.12 29.06
CA VAL L 2565 18.31 13.42 29.09
C VAL L 2565 16.79 13.29 29.12
N PHE L 2566 16.22 12.19 28.62
CA PHE L 2566 14.77 12.02 28.69
C PHE L 2566 14.26 11.73 30.11
N PRO L 2567 14.92 10.93 30.96
CA PRO L 2567 14.46 10.89 32.37
C PRO L 2567 14.65 12.20 33.11
N VAL L 2568 15.56 13.06 32.67
CA VAL L 2568 15.63 14.42 33.21
C VAL L 2568 14.48 15.24 32.63
N ALA L 2569 14.08 14.95 31.40
CA ALA L 2569 12.96 15.67 30.79
C ALA L 2569 11.63 15.25 31.38
N TYR L 2570 11.45 13.95 31.64
CA TYR L 2570 10.18 13.48 32.19
C TYR L 2570 10.00 13.90 33.64
N SER L 2571 11.09 14.11 34.37
CA SER L 2571 10.98 14.50 35.77
C SER L 2571 10.51 15.93 35.96
N ALA L 2572 10.37 16.70 34.90
CA ALA L 2572 9.79 18.03 34.98
C ALA L 2572 8.40 18.11 34.39
N ILE L 2573 7.93 17.06 33.72
CA ILE L 2573 6.50 16.90 33.47
C ILE L 2573 5.83 16.66 34.81
N GLU L 2574 5.05 17.62 35.27
CA GLU L 2574 4.55 17.63 36.64
C GLU L 2574 3.38 16.66 36.78
N SER L 2575 2.68 16.73 37.92
CA SER L 2575 1.49 15.92 38.11
C SER L 2575 0.36 16.43 37.21
N ARG L 2576 -0.69 15.62 37.11
CA ARG L 2576 -1.91 15.86 36.33
C ARG L 2576 -1.61 15.92 34.83
N TYR L 2577 -0.44 15.44 34.40
CA TYR L 2577 -0.12 15.41 32.98
C TYR L 2577 0.62 14.15 32.57
N GLU L 2578 0.85 13.21 33.49
CA GLU L 2578 1.48 11.95 33.13
C GLU L 2578 0.54 11.06 32.33
N LEU L 2579 -0.73 11.02 32.72
CA LEU L 2579 -1.73 10.30 31.93
C LEU L 2579 -1.92 10.94 30.57
N GLU L 2580 -1.80 12.27 30.50
CA GLU L 2580 -1.76 12.95 29.21
C GLU L 2580 -0.49 12.61 28.45
N PHE L 2581 0.62 12.38 29.17
CA PHE L 2581 1.87 12.05 28.51
C PHE L 2581 1.88 10.62 28.01
N THR L 2582 1.34 9.69 28.81
CA THR L 2582 1.36 8.28 28.43
C THR L 2582 0.50 8.00 27.22
N ARG L 2583 -0.71 8.58 27.19
CA ARG L 2583 -1.58 8.40 26.03
C ARG L 2583 -1.03 9.12 24.80
N ALA L 2584 -0.27 10.19 25.00
CA ALA L 2584 0.37 10.85 23.86
C ALA L 2584 1.63 10.12 23.43
N LEU L 2585 2.18 9.28 24.31
CA LEU L 2585 3.30 8.44 23.93
C LEU L 2585 2.84 7.15 23.30
N VAL L 2586 1.75 6.58 23.83
CA VAL L 2586 1.17 5.35 23.28
C VAL L 2586 0.67 5.59 21.87
N LYS L 2587 0.11 6.79 21.62
CA LYS L 2587 -0.32 7.12 20.27
C LYS L 2587 0.84 7.25 19.30
N LEU L 2588 2.01 7.63 19.79
CA LEU L 2588 3.19 7.71 18.92
C LEU L 2588 3.67 6.34 18.51
N LEU L 2589 3.71 5.39 19.46
CA LEU L 2589 4.17 4.05 19.17
C LEU L 2589 3.21 3.26 18.29
N PHE L 2590 1.96 3.70 18.19
CA PHE L 2590 1.03 3.09 17.26
C PHE L 2590 1.10 3.72 15.88
N LYS L 2591 1.73 4.89 15.74
CA LYS L 2591 1.85 5.55 14.44
C LYS L 2591 2.81 4.75 13.59
N ASP L 2592 2.27 3.82 12.81
CA ASP L 2592 3.11 3.07 11.89
C ASP L 2592 3.59 3.98 10.78
N TYR L 2593 4.90 3.99 10.53
CA TYR L 2593 5.39 4.59 9.30
C TYR L 2593 5.60 3.52 8.24
N HIS L 2594 4.46 2.89 7.92
CA HIS L 2594 4.33 1.54 7.31
C HIS L 2594 4.75 0.50 8.34
N ILE L 2595 6.01 0.07 8.29
CA ILE L 2595 6.55 -0.86 9.33
C ILE L 2595 7.33 0.01 10.30
N ARG L 2596 7.08 1.31 10.30
CA ARG L 2596 7.99 2.28 10.98
C ARG L 2596 9.41 1.88 10.60
N GLN L 2597 9.61 1.67 9.29
CA GLN L 2597 10.70 0.91 8.70
C GLN L 2597 12.08 1.50 8.98
N GLN L 2598 12.49 1.47 10.24
CA GLN L 2598 13.93 1.48 10.50
C GLN L 2598 14.47 0.07 10.37
N ASP L 2599 14.07 -0.81 11.31
CA ASP L 2599 14.57 -2.18 11.48
C ASP L 2599 16.10 -2.27 11.30
N ALA L 2600 16.80 -1.38 11.98
CA ALA L 2600 18.24 -1.24 11.86
C ALA L 2600 18.84 -1.13 13.25
N ARG L 2601 20.14 -0.85 13.30
CA ARG L 2601 20.91 -0.82 14.58
C ARG L 2601 20.32 0.22 15.53
N PRO L 2602 20.68 0.23 16.83
CA PRO L 2602 20.09 1.13 17.83
C PRO L 2602 19.15 2.20 17.27
N ASN L 2603 18.00 1.77 16.75
CA ASN L 2603 17.01 2.66 16.16
C ASN L 2603 16.11 3.34 17.18
N VAL L 2604 15.07 3.99 16.67
CA VAL L 2604 14.24 4.89 17.46
C VAL L 2604 13.46 4.14 18.53
N ILE L 2605 12.89 2.99 18.16
CA ILE L 2605 12.07 2.22 19.09
C ILE L 2605 12.90 1.62 20.21
N LYS L 2606 14.07 1.09 19.88
CA LYS L 2606 14.98 0.56 20.89
C LYS L 2606 15.45 1.66 21.84
N SER L 2607 15.75 2.84 21.30
CA SER L 2607 16.21 3.94 22.14
C SER L 2607 15.08 4.63 22.86
N LEU L 2608 13.83 4.44 22.42
CA LEU L 2608 12.70 5.04 23.13
C LEU L 2608 12.22 4.13 24.24
N LEU L 2609 12.21 2.82 24.01
CA LEU L 2609 11.77 1.86 25.00
C LEU L 2609 12.78 1.67 26.11
N ASP L 2610 14.07 1.82 25.81
CA ASP L 2610 15.10 1.76 26.84
C ASP L 2610 15.27 3.09 27.56
N GLY L 2611 14.65 4.16 27.08
CA GLY L 2611 14.58 5.39 27.84
C GLY L 2611 13.39 5.48 28.76
N VAL L 2612 12.36 4.67 28.52
CA VAL L 2612 11.20 4.61 29.41
C VAL L 2612 11.56 3.92 30.71
N GLY L 2613 12.31 2.81 30.62
CA GLY L 2613 12.63 2.02 31.80
C GLY L 2613 13.57 2.69 32.78
N LYS L 2614 14.25 3.76 32.35
CA LYS L 2614 15.13 4.49 33.24
C LYS L 2614 14.40 5.52 34.08
N CYS L 2615 13.12 5.77 33.81
CA CYS L 2615 12.35 6.73 34.58
C CYS L 2615 11.10 6.06 35.16
N PRO L 2616 10.95 6.03 36.49
CA PRO L 2616 9.76 5.41 37.09
C PRO L 2616 8.61 6.40 37.18
N GLY L 2617 7.41 5.88 36.95
CA GLY L 2617 6.19 6.66 36.95
C GLY L 2617 5.29 6.43 35.77
N LEU L 2618 5.81 5.94 34.66
CA LEU L 2618 5.01 5.64 33.48
C LEU L 2618 5.10 4.15 33.19
N HIS L 2619 3.99 3.57 32.77
CA HIS L 2619 3.76 2.14 32.84
C HIS L 2619 3.09 1.59 31.58
N LEU L 2620 3.70 1.82 30.40
CA LEU L 2620 3.24 1.45 29.05
C LEU L 2620 2.58 0.07 28.94
N PRO L 2621 1.55 -0.10 28.10
CA PRO L 2621 0.71 -1.31 28.16
C PRO L 2621 1.46 -2.55 27.74
N PRO L 2622 1.23 -3.68 28.44
CA PRO L 2622 2.18 -4.79 28.36
C PRO L 2622 2.14 -5.57 27.07
N HIS L 2623 1.02 -5.56 26.36
CA HIS L 2623 1.00 -6.23 25.06
C HIS L 2623 1.45 -5.31 23.94
N LEU L 2624 1.69 -4.05 24.24
CA LEU L 2624 2.39 -3.19 23.30
C LEU L 2624 3.89 -3.26 23.52
N VAL L 2625 4.32 -3.46 24.76
CA VAL L 2625 5.73 -3.65 25.05
C VAL L 2625 6.22 -4.96 24.46
N LYS L 2626 5.38 -6.00 24.53
CA LYS L 2626 5.72 -7.29 23.94
C LYS L 2626 5.78 -7.21 22.42
N TYR L 2627 4.93 -6.36 21.82
CA TYR L 2627 4.95 -6.25 20.37
C TYR L 2627 6.13 -5.43 19.90
N LEU L 2628 6.39 -4.29 20.55
CA LEU L 2628 7.48 -3.41 20.12
C LEU L 2628 8.83 -4.05 20.38
N GLY L 2629 8.95 -4.80 21.46
CA GLY L 2629 10.23 -5.43 21.78
C GLY L 2629 10.53 -6.60 20.87
N SER L 2630 9.51 -7.34 20.45
CA SER L 2630 9.74 -8.50 19.60
C SER L 2630 9.89 -8.11 18.14
N ASN L 2631 9.10 -7.14 17.67
CA ASN L 2631 9.06 -6.88 16.24
C ASN L 2631 10.26 -6.08 15.77
N TYR L 2632 10.70 -5.08 16.53
CA TYR L 2632 11.79 -4.23 16.04
C TYR L 2632 13.12 -4.76 16.54
N ASN L 2633 13.40 -4.56 17.83
CA ASN L 2633 14.43 -5.23 18.61
C ASN L 2633 14.25 -4.80 20.06
N ALA L 2634 15.32 -4.95 20.85
CA ALA L 2634 15.34 -4.69 22.29
C ALA L 2634 14.36 -5.59 23.02
N TRP L 2635 14.67 -6.88 22.94
CA TRP L 2635 13.98 -7.85 23.79
C TRP L 2635 14.26 -7.56 25.25
N TYR L 2636 15.52 -7.31 25.60
CA TYR L 2636 15.89 -7.06 26.98
C TYR L 2636 15.53 -5.66 27.44
N GLY L 2637 15.18 -4.77 26.52
CA GLY L 2637 14.53 -3.54 26.90
C GLY L 2637 13.08 -3.72 27.21
N ALA L 2638 12.49 -4.84 26.80
CA ALA L 2638 11.10 -5.15 27.11
C ALA L 2638 10.96 -5.96 28.39
N ILE L 2639 11.93 -6.84 28.69
CA ILE L 2639 11.86 -7.59 29.94
C ILE L 2639 12.21 -6.70 31.12
N LYS L 2640 12.88 -5.57 30.87
CA LYS L 2640 13.07 -4.58 31.93
C LYS L 2640 11.75 -3.96 32.34
N LEU L 2641 10.81 -3.86 31.40
CA LEU L 2641 9.54 -3.21 31.69
C LEU L 2641 8.49 -4.22 32.16
N LEU L 2642 8.55 -5.45 31.67
CA LEU L 2642 7.54 -6.44 32.04
C LEU L 2642 7.89 -7.14 33.34
N GLU L 2643 9.08 -6.89 33.88
CA GLU L 2643 9.40 -7.37 35.22
C GLU L 2643 9.25 -6.26 36.25
N GLU L 2644 9.44 -5.01 35.83
CA GLU L 2644 9.23 -3.88 36.72
C GLU L 2644 7.77 -3.77 37.11
N LEU L 2645 6.86 -4.11 36.19
CA LEU L 2645 5.43 -4.05 36.50
C LEU L 2645 5.01 -5.24 37.36
N SER L 2646 5.61 -6.40 37.13
CA SER L 2646 5.20 -7.61 37.86
C SER L 2646 5.68 -7.57 39.30
N GLU L 2647 6.99 -7.50 39.49
CA GLU L 2647 7.56 -7.47 40.84
C GLU L 2647 7.50 -6.07 41.41
N GLY L 2648 8.15 -5.86 42.55
CA GLY L 2648 8.11 -4.60 43.24
C GLY L 2648 6.74 -4.30 43.82
N GLN L 2649 6.17 -3.17 43.45
CA GLN L 2649 4.82 -2.85 43.87
C GLN L 2649 3.80 -3.63 43.05
N GLY L 2650 2.59 -3.73 43.58
CA GLY L 2650 1.47 -4.26 42.82
C GLY L 2650 0.72 -3.12 42.14
N ILE L 2651 0.18 -3.42 40.95
CA ILE L 2651 -0.43 -2.37 40.08
C ILE L 2651 -1.87 -2.10 40.53
N ASP L 2652 -2.36 -2.83 41.54
CA ASP L 2652 -3.72 -2.62 42.08
C ASP L 2652 -4.77 -2.80 40.97
N ASN L 2653 -4.64 -3.88 40.19
CA ASN L 2653 -5.67 -4.34 39.28
C ASN L 2653 -5.31 -5.73 38.81
N GLN L 2654 -6.23 -6.68 38.97
CA GLN L 2654 -5.95 -8.05 38.58
C GLN L 2654 -5.90 -8.19 37.06
N LYS L 2655 -6.69 -7.41 36.33
CA LYS L 2655 -6.72 -7.56 34.88
C LYS L 2655 -5.56 -6.85 34.20
N ILE L 2656 -4.84 -5.98 34.92
CA ILE L 2656 -3.59 -5.47 34.38
C ILE L 2656 -2.44 -6.36 34.82
N SER L 2657 -2.62 -7.09 35.93
CA SER L 2657 -1.56 -7.98 36.41
C SER L 2657 -1.56 -9.29 35.64
N ASP L 2658 -2.72 -9.78 35.21
CA ASP L 2658 -2.74 -11.03 34.46
C ASP L 2658 -2.36 -10.80 32.99
N ALA L 2659 -2.67 -9.63 32.46
CA ALA L 2659 -2.27 -9.35 31.07
C ALA L 2659 -0.80 -9.01 30.98
N ASN L 2660 -0.19 -8.65 32.11
CA ASN L 2660 1.26 -8.49 32.14
C ASN L 2660 1.95 -9.84 32.12
N GLN L 2661 1.41 -10.82 32.84
CA GLN L 2661 2.05 -12.13 32.95
C GLN L 2661 1.97 -12.90 31.64
N ASP L 2662 0.83 -12.80 30.93
CA ASP L 2662 0.76 -13.41 29.61
C ASP L 2662 1.70 -12.72 28.63
N ALA L 2663 1.88 -11.41 28.77
CA ALA L 2663 2.82 -10.70 27.91
C ALA L 2663 4.25 -11.06 28.25
N LEU L 2664 4.50 -11.49 29.48
CA LEU L 2664 5.83 -11.92 29.87
C LEU L 2664 6.12 -13.33 29.40
N LEU L 2665 5.15 -14.23 29.49
CA LEU L 2665 5.39 -15.65 29.26
C LEU L 2665 5.56 -15.98 27.79
N GLU L 2666 5.16 -15.09 26.89
CA GLU L 2666 5.50 -15.28 25.49
C GLU L 2666 6.66 -14.39 25.05
N VAL L 2667 7.32 -13.73 25.99
CA VAL L 2667 8.67 -13.23 25.73
C VAL L 2667 9.69 -14.30 26.08
N TYR L 2668 9.47 -14.98 27.20
CA TYR L 2668 10.35 -16.07 27.60
C TYR L 2668 10.26 -17.25 26.66
N MET L 2669 9.08 -17.50 26.10
CA MET L 2669 8.94 -18.56 25.11
C MET L 2669 9.63 -18.19 23.82
N SER L 2670 9.63 -16.90 23.46
CA SER L 2670 10.26 -16.49 22.22
C SER L 2670 11.78 -16.57 22.30
N LEU L 2671 12.33 -16.27 23.47
CA LEU L 2671 13.77 -16.35 23.69
C LEU L 2671 14.20 -17.71 24.21
N GLN L 2672 13.27 -18.67 24.31
CA GLN L 2672 13.52 -20.09 24.54
C GLN L 2672 14.20 -20.39 25.86
N GLU L 2673 14.23 -19.47 26.82
CA GLU L 2673 14.53 -19.88 28.18
C GLU L 2673 13.27 -20.52 28.77
N ASP L 2674 13.35 -21.80 29.05
CA ASP L 2674 12.22 -22.52 29.60
C ASP L 2674 12.22 -22.50 31.11
N ASP L 2675 13.38 -22.32 31.73
CA ASP L 2675 13.47 -22.39 33.18
C ASP L 2675 12.82 -21.17 33.82
N MET L 2676 12.81 -20.05 33.11
CA MET L 2676 12.04 -18.89 33.55
C MET L 2676 10.61 -18.98 33.06
N PHE L 2677 10.35 -19.77 32.03
CA PHE L 2677 8.98 -19.99 31.59
C PHE L 2677 8.24 -20.91 32.55
N TYR L 2678 8.83 -22.06 32.89
CA TYR L 2678 8.18 -22.99 33.79
C TYR L 2678 8.20 -22.56 35.24
N GLY L 2679 8.94 -21.50 35.58
CA GLY L 2679 8.97 -21.04 36.95
C GLY L 2679 8.06 -19.84 37.16
N THR L 2680 7.71 -19.17 36.06
CA THR L 2680 6.71 -18.12 36.15
C THR L 2680 5.32 -18.70 36.09
N TRP L 2681 5.15 -19.86 35.44
CA TRP L 2681 3.84 -20.47 35.35
C TRP L 2681 3.39 -21.05 36.66
N ARG L 2682 4.23 -21.86 37.31
CA ARG L 2682 3.79 -22.51 38.53
C ARG L 2682 3.82 -21.59 39.74
N ARG L 2683 4.46 -20.43 39.61
CA ARG L 2683 4.25 -19.33 40.55
C ARG L 2683 2.85 -18.73 40.39
N ARG L 2684 2.23 -18.92 39.23
CA ARG L 2684 0.99 -18.27 38.84
C ARG L 2684 -0.21 -19.21 38.86
N ALA L 2685 -0.06 -20.45 38.37
CA ALA L 2685 -1.16 -21.37 38.16
C ALA L 2685 -1.78 -21.81 39.49
N LYS L 2686 -3.08 -22.15 39.42
CA LYS L 2686 -3.89 -22.30 40.61
C LYS L 2686 -4.29 -23.73 40.93
N TYR L 2687 -4.39 -24.61 39.95
CA TYR L 2687 -4.73 -25.99 40.23
C TYR L 2687 -3.53 -26.70 40.87
N PHE L 2688 -3.75 -27.93 41.31
CA PHE L 2688 -2.64 -28.77 41.70
C PHE L 2688 -2.20 -29.72 40.60
N GLU L 2689 -3.11 -30.07 39.70
CA GLU L 2689 -2.80 -31.04 38.66
C GLU L 2689 -1.94 -30.43 37.56
N THR L 2690 -1.86 -29.11 37.50
CA THR L 2690 -0.99 -28.49 36.50
C THR L 2690 0.31 -28.02 37.10
N ASN L 2691 0.38 -27.85 38.43
CA ASN L 2691 1.67 -27.62 39.06
C ASN L 2691 2.47 -28.90 39.15
N ALA L 2692 1.80 -30.05 39.04
CA ALA L 2692 2.51 -31.31 38.97
C ALA L 2692 2.99 -31.60 37.54
N ALA L 2693 2.12 -31.39 36.56
CA ALA L 2693 2.46 -31.73 35.18
C ALA L 2693 3.45 -30.77 34.55
N LEU L 2694 3.51 -29.52 35.02
CA LEU L 2694 4.52 -28.61 34.50
C LEU L 2694 5.91 -29.01 34.97
N SER L 2695 6.00 -29.59 36.17
CA SER L 2695 7.28 -29.92 36.77
C SER L 2695 7.75 -31.31 36.40
N TYR L 2696 6.85 -32.17 35.94
CA TYR L 2696 7.24 -33.45 35.35
C TYR L 2696 7.61 -33.31 33.88
N GLU L 2697 7.55 -32.10 33.35
CA GLU L 2697 7.77 -31.83 31.94
C GLU L 2697 9.01 -31.00 31.69
N GLN L 2698 9.44 -30.19 32.65
CA GLN L 2698 10.74 -29.56 32.53
C GLN L 2698 11.85 -30.45 33.06
N ILE L 2699 11.52 -31.47 33.84
CA ILE L 2699 12.46 -32.55 34.06
C ILE L 2699 12.59 -33.36 32.79
N GLY L 2700 11.50 -33.94 32.31
CA GLY L 2700 11.54 -34.53 30.99
C GLY L 2700 10.95 -35.92 30.84
N ILE L 2701 10.27 -36.41 31.87
CA ILE L 2701 9.54 -37.67 31.77
C ILE L 2701 8.12 -37.36 31.33
N TRP L 2702 7.83 -37.62 30.05
CA TRP L 2702 6.59 -37.18 29.43
C TRP L 2702 5.48 -38.23 29.49
N ASP L 2703 5.63 -39.26 30.32
CA ASP L 2703 4.52 -40.17 30.51
C ASP L 2703 3.64 -39.78 31.69
N LYS L 2704 4.24 -39.34 32.79
CA LYS L 2704 3.49 -38.79 33.91
C LYS L 2704 3.21 -37.32 33.73
N ALA L 2705 3.60 -36.74 32.60
CA ALA L 2705 3.24 -35.36 32.32
C ALA L 2705 1.89 -35.28 31.61
N LEU L 2706 1.64 -36.21 30.69
CA LEU L 2706 0.41 -36.17 29.92
C LEU L 2706 -0.76 -36.71 30.73
N GLN L 2707 -0.49 -37.63 31.66
CA GLN L 2707 -1.56 -38.15 32.51
C GLN L 2707 -2.09 -37.06 33.43
N LEU L 2708 -1.23 -36.16 33.87
CA LEU L 2708 -1.65 -35.10 34.77
C LEU L 2708 -2.21 -33.90 34.02
N TYR L 2709 -2.27 -33.98 32.69
CA TYR L 2709 -3.00 -32.96 31.92
C TYR L 2709 -4.41 -33.41 31.61
N GLU L 2710 -4.60 -34.67 31.25
CA GLU L 2710 -5.95 -35.19 31.07
C GLU L 2710 -6.67 -35.33 32.41
N ALA L 2711 -5.91 -35.49 33.50
CA ALA L 2711 -6.51 -35.42 34.83
C ALA L 2711 -6.56 -34.01 35.37
N ALA L 2712 -6.14 -33.03 34.57
CA ALA L 2712 -6.32 -31.64 34.95
C ALA L 2712 -7.59 -31.08 34.36
N GLN L 2713 -7.94 -31.53 33.15
CA GLN L 2713 -9.13 -30.97 32.49
C GLN L 2713 -10.40 -31.59 33.03
N ILE L 2714 -10.32 -32.79 33.62
CA ILE L 2714 -11.52 -33.39 34.20
C ILE L 2714 -11.73 -32.90 35.63
N LYS L 2715 -10.75 -32.19 36.18
CA LYS L 2715 -11.01 -31.38 37.36
C LYS L 2715 -11.91 -30.20 36.99
N ALA L 2716 -11.79 -29.73 35.76
CA ALA L 2716 -12.73 -28.80 35.16
C ALA L 2716 -13.89 -29.61 34.54
N ARG L 2717 -14.63 -28.97 33.62
CA ARG L 2717 -15.79 -29.51 32.89
C ARG L 2717 -16.86 -30.01 33.85
N SER L 2718 -17.54 -29.00 34.43
CA SER L 2718 -18.61 -28.99 35.44
C SER L 2718 -18.02 -29.16 36.83
N GLY L 2719 -16.71 -29.03 36.94
CA GLY L 2719 -16.07 -28.79 38.22
C GLY L 2719 -16.40 -27.38 38.68
N VAL L 2720 -16.34 -27.18 39.99
CA VAL L 2720 -16.71 -25.90 40.60
C VAL L 2720 -15.64 -24.82 40.37
N PHE L 2721 -14.43 -25.23 40.04
CA PHE L 2721 -13.28 -24.35 39.99
C PHE L 2721 -13.26 -23.55 38.68
N PRO L 2722 -12.88 -22.26 38.72
CA PRO L 2722 -13.09 -21.37 37.57
C PRO L 2722 -12.02 -21.43 36.49
N PHE L 2723 -10.80 -21.81 36.86
CA PHE L 2723 -9.67 -22.23 36.03
C PHE L 2723 -9.08 -21.19 35.07
N GLY L 2724 -9.66 -20.01 34.94
CA GLY L 2724 -9.06 -18.96 34.12
C GLY L 2724 -9.02 -19.15 32.62
N GLU L 2725 -8.83 -18.07 31.86
CA GLU L 2725 -8.74 -18.17 30.42
C GLU L 2725 -7.37 -18.69 30.00
N SER L 2726 -6.31 -18.02 30.43
CA SER L 2726 -5.01 -18.66 30.49
C SER L 2726 -5.05 -19.66 31.63
N GLU L 2727 -4.14 -20.67 31.55
CA GLU L 2727 -4.09 -21.99 32.20
C GLU L 2727 -5.07 -22.93 31.49
N TYR L 2728 -5.83 -22.42 30.54
CA TYR L 2728 -6.55 -23.30 29.63
C TYR L 2728 -5.90 -23.33 28.26
N SER L 2729 -5.04 -22.36 27.98
CA SER L 2729 -4.17 -22.44 26.82
C SER L 2729 -2.91 -23.21 27.14
N LEU L 2730 -2.72 -23.61 28.39
CA LEU L 2730 -1.63 -24.48 28.77
C LEU L 2730 -2.05 -25.93 28.73
N TRP L 2731 -3.29 -26.21 29.11
CA TRP L 2731 -3.79 -27.58 29.11
C TRP L 2731 -3.91 -28.13 27.70
N GLU L 2732 -4.60 -27.42 26.82
CA GLU L 2732 -4.86 -27.95 25.49
C GLU L 2732 -3.68 -27.80 24.53
N ASP L 2733 -2.63 -27.09 24.92
CA ASP L 2733 -1.45 -26.95 24.08
C ASP L 2733 -0.26 -27.75 24.57
N HIS L 2734 -0.15 -28.00 25.86
CA HIS L 2734 0.90 -28.88 26.36
C HIS L 2734 0.41 -30.29 26.60
N TRP L 2735 -0.86 -30.58 26.32
CA TRP L 2735 -1.22 -31.95 26.04
C TRP L 2735 -0.66 -32.36 24.68
N ILE L 2736 -0.70 -31.43 23.73
CA ILE L 2736 -0.24 -31.74 22.38
C ILE L 2736 1.24 -31.45 22.21
N TYR L 2737 1.88 -30.83 23.19
CA TYR L 2737 3.32 -30.74 23.18
C TYR L 2737 3.95 -32.05 23.61
N CYS L 2738 3.49 -32.60 24.73
CA CYS L 2738 4.02 -33.87 25.20
C CYS L 2738 3.58 -35.03 24.31
N ALA L 2739 2.41 -34.95 23.69
CA ALA L 2739 2.00 -36.04 22.81
C ALA L 2739 2.72 -36.06 21.49
N GLU L 2740 3.51 -35.03 21.18
CA GLU L 2740 4.40 -35.05 20.05
C GLU L 2740 5.86 -35.09 20.46
N LYS L 2741 6.16 -34.93 21.75
CA LYS L 2741 7.46 -35.31 22.28
C LYS L 2741 7.55 -36.82 22.46
N LEU L 2742 6.47 -37.43 22.93
CA LEU L 2742 6.35 -38.87 23.09
C LEU L 2742 6.26 -39.63 21.78
N GLN L 2743 6.13 -38.92 20.66
CA GLN L 2743 5.94 -39.49 19.33
C GLN L 2743 4.69 -40.37 19.28
N HIS L 2744 3.55 -39.71 19.47
CA HIS L 2744 2.23 -40.28 19.22
C HIS L 2744 1.66 -39.53 18.03
N TRP L 2745 2.03 -39.96 16.82
CA TRP L 2745 1.71 -39.20 15.63
C TRP L 2745 0.49 -39.70 14.87
N GLU L 2746 -0.13 -40.78 15.34
CA GLU L 2746 -1.38 -41.21 14.74
C GLU L 2746 -2.58 -40.69 15.52
N ILE L 2747 -2.40 -40.38 16.81
CA ILE L 2747 -3.51 -39.86 17.61
C ILE L 2747 -3.75 -38.41 17.26
N LEU L 2748 -2.69 -37.62 17.13
CA LEU L 2748 -2.82 -36.23 16.73
C LEU L 2748 -2.84 -36.05 15.21
N THR L 2749 -3.00 -37.13 14.46
CA THR L 2749 -3.44 -36.99 13.08
C THR L 2749 -4.94 -36.70 13.03
N GLU L 2750 -5.73 -37.58 13.65
CA GLU L 2750 -7.17 -37.43 13.65
C GLU L 2750 -7.63 -36.21 14.45
N LEU L 2751 -6.81 -35.74 15.38
CA LEU L 2751 -7.13 -34.50 16.07
C LEU L 2751 -7.00 -33.29 15.13
N ALA L 2752 -5.92 -33.24 14.36
CA ALA L 2752 -5.72 -32.13 13.43
C ALA L 2752 -6.51 -32.28 12.15
N LYS L 2753 -7.21 -33.40 11.96
CA LYS L 2753 -8.16 -33.49 10.86
C LYS L 2753 -9.36 -32.60 11.09
N HIS L 2754 -9.71 -32.35 12.35
CA HIS L 2754 -10.94 -31.66 12.70
C HIS L 2754 -10.78 -30.14 12.72
N GLU L 2755 -9.74 -29.63 13.38
CA GLU L 2755 -9.53 -28.20 13.40
C GLU L 2755 -9.01 -27.71 12.04
N GLY L 2756 -7.81 -28.13 11.68
CA GLY L 2756 -7.30 -27.97 10.33
C GLY L 2756 -6.38 -26.78 10.18
N PHE L 2757 -5.07 -27.03 10.28
CA PHE L 2757 -4.07 -25.97 10.25
C PHE L 2757 -2.70 -26.60 10.03
N THR L 2758 -1.63 -25.85 10.31
CA THR L 2758 -0.25 -26.25 10.08
C THR L 2758 0.13 -27.52 10.84
N ASP L 2759 -0.53 -27.81 11.97
CA ASP L 2759 -0.31 -29.07 12.67
C ASP L 2759 -0.71 -30.27 11.82
N LEU L 2760 -1.72 -30.11 10.97
CA LEU L 2760 -2.03 -31.19 10.03
C LEU L 2760 -0.97 -31.29 8.95
N LEU L 2761 -0.40 -30.16 8.54
CA LEU L 2761 0.63 -30.18 7.51
C LEU L 2761 1.95 -30.73 8.05
N LEU L 2762 2.17 -30.58 9.35
CA LEU L 2762 3.46 -30.95 9.93
C LEU L 2762 3.53 -32.43 10.23
N GLU L 2763 2.53 -32.99 10.92
CA GLU L 2763 2.61 -34.38 11.32
C GLU L 2763 2.26 -35.31 10.15
N CYS L 2764 1.24 -34.96 9.37
CA CYS L 2764 0.83 -35.88 8.31
C CYS L 2764 1.80 -35.81 7.15
N GLY L 2765 2.45 -34.66 6.99
CA GLY L 2765 3.46 -34.50 5.98
C GLY L 2765 4.69 -35.36 6.20
N TRP L 2766 5.42 -35.10 7.28
CA TRP L 2766 6.69 -35.78 7.43
C TRP L 2766 6.59 -37.15 8.08
N ARG L 2767 5.43 -37.55 8.55
CA ARG L 2767 5.34 -38.83 9.25
C ARG L 2767 4.26 -39.73 8.65
N TRP L 2771 4.80 -38.20 -0.31
CA TRP L 2771 4.85 -36.88 -0.91
C TRP L 2771 4.94 -36.95 -2.43
N ILE L 2772 4.98 -38.16 -2.98
CA ILE L 2772 5.01 -38.34 -4.43
C ILE L 2772 3.63 -38.75 -4.91
N ALA L 2773 2.90 -39.49 -4.07
CA ALA L 2773 1.56 -39.96 -4.38
C ALA L 2773 0.47 -39.06 -3.84
N ASP L 2774 0.66 -38.51 -2.65
CA ASP L 2774 -0.29 -37.58 -2.04
C ASP L 2774 0.17 -36.14 -2.21
N ARG L 2775 0.78 -35.82 -3.35
CA ARG L 2775 1.33 -34.48 -3.55
C ARG L 2775 0.24 -33.45 -3.77
N GLU L 2776 -0.81 -33.79 -4.51
CA GLU L 2776 -1.86 -32.85 -4.86
C GLU L 2776 -2.74 -32.40 -3.68
N PRO L 2777 -3.12 -33.24 -2.71
CA PRO L 2777 -3.72 -32.66 -1.50
C PRO L 2777 -2.74 -31.87 -0.65
N LEU L 2778 -1.47 -32.26 -0.67
CA LEU L 2778 -0.50 -31.55 0.18
C LEU L 2778 -0.09 -30.22 -0.43
N GLU L 2779 -0.04 -30.12 -1.76
CA GLU L 2779 0.48 -28.93 -2.40
C GLU L 2779 -0.49 -27.76 -2.27
N GLN L 2780 -1.78 -28.00 -2.47
CA GLN L 2780 -2.73 -26.91 -2.38
C GLN L 2780 -2.99 -26.50 -0.94
N SER L 2781 -2.83 -27.44 0.01
CA SER L 2781 -3.01 -27.09 1.41
C SER L 2781 -1.81 -26.29 1.94
N VAL L 2782 -0.67 -26.41 1.27
CA VAL L 2782 0.48 -25.55 1.62
C VAL L 2782 0.19 -24.12 1.20
N LYS L 2783 -0.34 -23.93 0.00
CA LYS L 2783 -0.52 -22.59 -0.55
C LYS L 2783 -1.64 -21.81 0.13
N THR L 2784 -2.53 -22.49 0.86
CA THR L 2784 -3.45 -21.75 1.72
C THR L 2784 -2.75 -21.13 2.91
N VAL L 2785 -1.63 -21.72 3.35
CA VAL L 2785 -0.91 -21.25 4.51
C VAL L 2785 0.47 -20.72 4.14
N MET L 2786 0.87 -20.82 2.88
CA MET L 2786 2.18 -20.32 2.46
C MET L 2786 2.25 -18.80 2.47
N ASP L 2787 1.13 -18.10 2.32
CA ASP L 2787 1.11 -16.68 2.61
C ASP L 2787 1.33 -16.45 4.11
N ILE L 2788 1.81 -15.25 4.44
CA ILE L 2788 2.45 -14.91 5.72
C ILE L 2788 3.55 -15.96 5.93
N PRO L 2789 4.67 -15.87 5.23
CA PRO L 2789 5.65 -16.95 5.26
C PRO L 2789 6.53 -16.90 6.51
N THR L 2790 7.05 -18.06 6.88
CA THR L 2790 7.89 -18.26 8.05
C THR L 2790 9.05 -19.14 7.63
N PRO L 2791 10.11 -19.27 8.45
CA PRO L 2791 11.19 -20.19 8.08
C PRO L 2791 10.79 -21.66 8.08
N ARG L 2792 9.66 -22.01 8.66
CA ARG L 2792 9.24 -23.41 8.64
C ARG L 2792 8.49 -23.74 7.36
N ARG L 2793 7.61 -22.82 6.92
CA ARG L 2793 6.70 -23.13 5.82
C ARG L 2793 7.42 -23.20 4.49
N GLN L 2794 8.58 -22.54 4.37
CA GLN L 2794 9.34 -22.62 3.12
C GLN L 2794 10.01 -23.97 2.97
N ILE L 2795 10.24 -24.68 4.08
CA ILE L 2795 10.81 -26.02 3.99
C ILE L 2795 9.80 -27.00 3.44
N PHE L 2796 8.51 -26.78 3.71
CA PHE L 2796 7.49 -27.60 3.07
C PHE L 2796 7.34 -27.23 1.60
N GLN L 2797 7.47 -25.95 1.27
CA GLN L 2797 7.35 -25.51 -0.11
C GLN L 2797 8.53 -25.99 -0.94
N THR L 2798 9.72 -26.03 -0.33
CA THR L 2798 10.90 -26.44 -1.10
C THR L 2798 10.95 -27.95 -1.29
N PHE L 2799 10.55 -28.72 -0.27
CA PHE L 2799 10.74 -30.16 -0.31
C PHE L 2799 9.80 -30.82 -1.29
N LEU L 2800 8.57 -30.30 -1.44
CA LEU L 2800 7.70 -30.86 -2.46
C LEU L 2800 8.07 -30.37 -3.85
N ALA L 2801 8.82 -29.26 -3.93
CA ALA L 2801 9.42 -28.90 -5.21
C ALA L 2801 10.65 -29.75 -5.50
N LEU L 2802 11.19 -30.41 -4.48
CA LEU L 2802 12.33 -31.29 -4.68
C LEU L 2802 11.90 -32.70 -5.03
N GLN L 2803 10.82 -33.19 -4.40
CA GLN L 2803 10.31 -34.50 -4.76
C GLN L 2803 9.36 -34.44 -5.95
N GLY L 2804 9.20 -33.27 -6.56
CA GLY L 2804 8.60 -33.16 -7.88
C GLY L 2804 9.69 -33.16 -8.92
N PHE L 2805 10.89 -32.73 -8.55
CA PHE L 2805 12.05 -32.86 -9.46
C PHE L 2805 12.52 -34.31 -9.55
N SER L 2806 12.33 -35.08 -8.47
CA SER L 2806 12.70 -36.52 -8.46
C SER L 2806 11.85 -37.27 -9.49
N GLN L 2807 10.56 -36.94 -9.56
CA GLN L 2807 9.64 -37.60 -10.53
C GLN L 2807 9.66 -36.80 -11.84
N GLN L 2808 10.42 -35.70 -11.89
CA GLN L 2808 10.57 -34.88 -13.13
C GLN L 2808 9.37 -33.94 -13.29
N LYS L 2809 8.47 -33.92 -12.30
CA LYS L 2809 7.32 -32.96 -12.34
C LYS L 2809 7.85 -31.53 -12.26
N ASP L 2810 8.87 -31.29 -11.42
CA ASP L 2810 9.39 -29.91 -11.21
C ASP L 2810 10.83 -29.79 -11.74
N THR L 2811 11.16 -28.67 -12.39
CA THR L 2811 12.52 -28.46 -12.96
C THR L 2811 13.54 -28.22 -11.84
N LEU L 2812 14.83 -28.41 -12.13
CA LEU L 2812 15.89 -28.12 -11.13
C LEU L 2812 15.87 -26.64 -10.76
N GLN L 2813 16.18 -25.77 -11.73
CA GLN L 2813 16.44 -24.33 -11.46
C GLN L 2813 15.49 -23.81 -10.37
N ASP L 2814 14.24 -24.28 -10.36
CA ASP L 2814 13.24 -23.74 -9.39
C ASP L 2814 13.67 -24.05 -7.96
N VAL L 2815 14.33 -25.19 -7.71
CA VAL L 2815 14.75 -25.50 -6.32
C VAL L 2815 15.88 -24.57 -5.90
N SER L 2816 16.69 -24.08 -6.85
CA SER L 2816 17.73 -23.13 -6.49
C SER L 2816 17.14 -21.79 -6.12
N ARG L 2817 16.11 -21.35 -6.86
CA ARG L 2817 15.44 -20.11 -6.54
C ARG L 2817 14.61 -20.23 -5.27
N LEU L 2818 14.04 -21.41 -5.02
CA LEU L 2818 13.22 -21.61 -3.83
C LEU L 2818 14.10 -21.74 -2.59
N CYS L 2819 15.33 -22.23 -2.74
CA CYS L 2819 16.26 -22.25 -1.63
C CYS L 2819 16.91 -20.88 -1.44
N ASP L 2820 16.93 -20.05 -2.47
CA ASP L 2820 17.58 -18.74 -2.35
C ASP L 2820 16.66 -17.75 -1.65
N GLU L 2821 15.41 -17.66 -2.08
CA GLU L 2821 14.47 -16.73 -1.46
C GLU L 2821 13.99 -17.23 -0.12
N GLY L 2822 14.21 -18.51 0.19
CA GLY L 2822 13.85 -19.02 1.49
C GLY L 2822 14.91 -18.80 2.53
N ILE L 2823 16.18 -18.79 2.11
CA ILE L 2823 17.27 -18.53 3.03
C ILE L 2823 17.26 -17.07 3.47
N GLN L 2824 16.91 -16.16 2.56
CA GLN L 2824 16.83 -14.75 2.89
C GLN L 2824 15.71 -14.44 3.89
N LEU L 2825 14.73 -15.33 4.02
CA LEU L 2825 13.74 -15.19 5.08
C LEU L 2825 14.26 -15.77 6.38
N THR L 2826 15.06 -16.83 6.31
CA THR L 2826 15.73 -17.36 7.50
C THR L 2826 16.74 -16.36 8.04
N LEU L 2827 17.35 -15.58 7.15
CA LEU L 2827 18.26 -14.51 7.55
C LEU L 2827 17.54 -13.43 8.36
N ARG L 2828 16.31 -13.10 7.98
CA ARG L 2828 15.59 -12.02 8.64
C ARG L 2828 15.14 -12.43 10.03
N LYS L 2829 14.96 -13.72 10.26
CA LYS L 2829 14.60 -14.16 11.61
C LYS L 2829 15.82 -14.26 12.51
N TRP L 2830 17.00 -14.49 11.92
CA TRP L 2830 18.23 -14.45 12.70
C TRP L 2830 18.56 -13.03 13.13
N ASN L 2831 18.29 -12.07 12.26
CA ASN L 2831 18.63 -10.68 12.55
C ASN L 2831 17.69 -10.05 13.56
N ALA L 2832 16.52 -10.64 13.80
CA ALA L 2832 15.59 -10.10 14.77
C ALA L 2832 15.89 -10.53 16.19
N LEU L 2833 16.80 -11.47 16.38
CA LEU L 2833 17.14 -12.01 17.69
C LEU L 2833 18.24 -11.18 18.33
N PRO L 2834 18.48 -11.33 19.65
CA PRO L 2834 19.60 -10.61 20.28
C PRO L 2834 20.98 -11.00 19.78
N GLN L 2835 22.00 -10.30 20.26
CA GLN L 2835 23.34 -10.46 19.71
C GLN L 2835 24.00 -11.74 20.19
N ARG L 2836 23.99 -11.99 21.50
CA ARG L 2836 24.66 -13.15 22.05
C ARG L 2836 23.92 -14.43 21.69
N VAL L 2837 24.66 -15.42 21.21
CA VAL L 2837 24.08 -16.67 20.75
C VAL L 2837 23.73 -17.52 21.96
N THR L 2838 22.44 -17.82 22.13
CA THR L 2838 21.89 -18.58 23.23
C THR L 2838 21.09 -19.76 22.68
N ARG L 2839 20.28 -20.37 23.55
CA ARG L 2839 19.42 -21.46 23.12
C ARG L 2839 18.27 -21.01 22.24
N ALA L 2840 18.01 -19.70 22.17
CA ALA L 2840 17.02 -19.15 21.25
C ALA L 2840 17.44 -19.26 19.80
N HIS L 2841 18.70 -19.53 19.53
CA HIS L 2841 19.23 -19.63 18.18
C HIS L 2841 19.31 -21.05 17.68
N ILE L 2842 19.25 -22.05 18.56
CA ILE L 2842 19.45 -23.45 18.20
C ILE L 2842 18.35 -23.95 17.26
N GLY L 2843 17.16 -23.37 17.34
CA GLY L 2843 16.13 -23.69 16.37
C GLY L 2843 16.47 -23.21 14.97
N LEU L 2844 17.27 -22.16 14.86
CA LEU L 2844 17.70 -21.72 13.54
C LEU L 2844 18.96 -22.43 13.08
N LEU L 2845 19.76 -22.95 14.02
CA LEU L 2845 20.95 -23.69 13.61
C LEU L 2845 20.58 -25.07 13.07
N HIS L 2846 19.37 -25.55 13.34
CA HIS L 2846 18.91 -26.79 12.71
C HIS L 2846 18.24 -26.51 11.38
N THR L 2847 17.71 -25.31 11.19
CA THR L 2847 17.21 -24.90 9.88
C THR L 2847 18.35 -24.81 8.88
N PHE L 2848 19.54 -24.44 9.37
CA PHE L 2848 20.72 -24.32 8.51
C PHE L 2848 21.11 -25.66 7.93
N GLN L 2849 21.03 -26.72 8.74
CA GLN L 2849 21.36 -28.05 8.28
C GLN L 2849 20.29 -28.61 7.37
N GLN L 2850 19.05 -28.12 7.47
CA GLN L 2850 18.03 -28.50 6.49
C GLN L 2850 18.34 -27.92 5.13
N TYR L 2851 18.79 -26.67 5.09
CA TYR L 2851 19.01 -26.00 3.81
C TYR L 2851 20.26 -26.52 3.11
N VAL L 2852 21.25 -26.98 3.88
CA VAL L 2852 22.46 -27.52 3.26
C VAL L 2852 22.18 -28.88 2.64
N GLU L 2853 21.40 -29.72 3.33
CA GLU L 2853 21.02 -31.01 2.77
C GLU L 2853 19.82 -30.93 1.84
N LEU L 2854 19.37 -29.72 1.51
CA LEU L 2854 18.30 -29.54 0.53
C LEU L 2854 18.85 -29.03 -0.78
N MET L 2855 20.00 -28.35 -0.73
CA MET L 2855 20.78 -28.08 -1.92
C MET L 2855 21.80 -29.17 -2.18
N GLU L 2856 21.87 -30.18 -1.31
CA GLU L 2856 22.74 -31.32 -1.56
C GLU L 2856 21.96 -32.47 -2.16
N ALA L 2857 20.76 -32.73 -1.65
CA ALA L 2857 19.90 -33.71 -2.30
C ALA L 2857 19.34 -33.21 -3.62
N SER L 2858 19.50 -31.93 -3.94
CA SER L 2858 19.13 -31.43 -5.26
C SER L 2858 20.22 -31.71 -6.28
N GLN L 2859 21.34 -32.29 -5.86
CA GLN L 2859 22.31 -32.82 -6.81
C GLN L 2859 22.54 -34.31 -6.63
N VAL L 2860 22.07 -34.92 -5.54
CA VAL L 2860 22.14 -36.36 -5.41
C VAL L 2860 21.10 -37.04 -6.28
N TYR L 2861 19.86 -36.54 -6.32
CA TYR L 2861 18.94 -37.06 -7.32
C TYR L 2861 18.63 -36.00 -8.36
N SER L 2862 19.66 -35.30 -8.80
CA SER L 2862 19.70 -34.71 -10.14
C SER L 2862 20.54 -35.58 -11.06
N SER L 2863 21.70 -36.04 -10.57
CA SER L 2863 22.50 -37.01 -11.29
C SER L 2863 22.14 -38.42 -10.86
N LEU L 2864 20.87 -38.75 -10.91
CA LEU L 2864 20.35 -40.07 -10.63
C LEU L 2864 19.45 -40.58 -11.73
N VAL L 2865 18.67 -39.69 -12.35
CA VAL L 2865 17.80 -40.06 -13.46
C VAL L 2865 18.60 -40.11 -14.75
N GLN L 2877 29.76 -43.57 -7.23
CA GLN L 2877 30.69 -43.45 -6.13
C GLN L 2877 30.66 -42.05 -5.52
N GLU L 2878 29.91 -41.12 -6.11
CA GLU L 2878 29.67 -39.83 -5.39
C GLU L 2878 28.64 -40.03 -4.28
N LEU L 2879 27.66 -40.90 -4.53
CA LEU L 2879 26.60 -41.14 -3.54
C LEU L 2879 27.23 -41.58 -2.22
N LYS L 2880 28.31 -42.37 -2.24
CA LYS L 2880 28.85 -42.87 -0.94
C LYS L 2880 29.47 -41.73 -0.14
N ARG L 2881 30.22 -40.84 -0.79
CA ARG L 2881 30.74 -39.67 -0.05
C ARG L 2881 29.55 -38.95 0.58
N VAL L 2882 28.53 -38.68 -0.22
CA VAL L 2882 27.42 -37.88 0.37
C VAL L 2882 26.90 -38.66 1.57
N LEU L 2883 26.63 -39.95 1.39
CA LEU L 2883 26.10 -40.80 2.47
C LEU L 2883 26.93 -40.67 3.75
N GLN L 2884 28.26 -40.79 3.71
CA GLN L 2884 29.10 -40.73 4.94
C GLN L 2884 29.12 -39.33 5.54
N ALA L 2885 29.23 -38.29 4.71
CA ALA L 2885 29.15 -36.93 5.28
C ALA L 2885 27.85 -36.83 6.06
N TRP L 2886 26.79 -37.38 5.49
CA TRP L 2886 25.45 -37.29 6.14
C TRP L 2886 25.44 -38.12 7.43
N ARG L 2887 26.04 -39.32 7.40
CA ARG L 2887 26.09 -40.20 8.58
C ARG L 2887 26.88 -39.53 9.71
N GLU L 2888 27.66 -38.49 9.40
CA GLU L 2888 28.32 -37.79 10.53
C GLU L 2888 27.69 -36.42 10.88
N ARG L 2889 26.91 -35.79 9.99
CA ARG L 2889 26.40 -34.41 10.27
C ARG L 2889 25.16 -34.33 11.19
N LEU L 2890 25.21 -34.93 12.37
CA LEU L 2890 24.10 -35.16 13.26
C LEU L 2890 24.23 -34.25 14.48
N PRO L 2891 23.14 -33.87 15.12
CA PRO L 2891 23.21 -32.97 16.26
C PRO L 2891 23.70 -33.74 17.49
N ASN L 2892 23.73 -33.04 18.61
CA ASN L 2892 24.28 -33.64 19.81
C ASN L 2892 23.31 -34.65 20.40
N VAL L 2893 23.84 -35.50 21.28
CA VAL L 2893 23.01 -36.52 21.92
C VAL L 2893 22.07 -35.90 22.97
N TRP L 2894 22.33 -34.67 23.38
CA TRP L 2894 21.53 -34.00 24.39
C TRP L 2894 20.62 -32.94 23.81
N ASP L 2895 20.36 -32.97 22.50
CA ASP L 2895 19.88 -31.75 21.87
C ASP L 2895 18.38 -31.54 22.12
N ASP L 2896 17.55 -32.41 21.55
CA ASP L 2896 16.10 -32.45 21.75
C ASP L 2896 15.57 -33.68 21.06
N ILE L 2897 14.50 -34.27 21.60
CA ILE L 2897 13.97 -35.46 20.96
C ILE L 2897 13.10 -35.10 19.77
N ASN L 2898 12.66 -33.85 19.68
CA ASN L 2898 11.95 -33.44 18.47
C ASN L 2898 12.93 -33.18 17.33
N ILE L 2899 13.94 -32.35 17.55
CA ILE L 2899 14.84 -31.99 16.45
C ILE L 2899 15.86 -33.08 16.17
N TRP L 2900 15.91 -34.14 16.97
CA TRP L 2900 16.51 -35.38 16.50
C TRP L 2900 15.57 -36.09 15.54
N ASN L 2901 14.28 -36.08 15.85
CA ASN L 2901 13.30 -36.78 15.02
C ASN L 2901 13.06 -36.05 13.71
N ASP L 2902 13.21 -34.71 13.69
CA ASP L 2902 13.05 -33.99 12.44
C ASP L 2902 14.25 -34.15 11.52
N LEU L 2903 15.31 -34.83 11.98
CA LEU L 2903 16.41 -35.18 11.08
C LEU L 2903 16.25 -36.60 10.55
N VAL L 2904 15.80 -37.53 11.38
CA VAL L 2904 15.58 -38.92 10.88
C VAL L 2904 14.56 -38.86 9.77
N THR L 2905 13.46 -38.13 9.94
CA THR L 2905 12.38 -38.09 8.91
C THR L 2905 12.99 -37.69 7.56
N TRP L 2906 13.64 -36.54 7.51
CA TRP L 2906 14.25 -36.05 6.25
C TRP L 2906 15.13 -37.15 5.66
N ARG L 2907 16.07 -37.65 6.45
CA ARG L 2907 17.04 -38.61 5.87
C ARG L 2907 16.30 -39.82 5.31
N GLN L 2908 15.30 -40.33 6.02
CA GLN L 2908 14.50 -41.47 5.52
C GLN L 2908 13.90 -41.11 4.16
N HIS L 2909 13.12 -40.05 4.09
CA HIS L 2909 12.57 -39.62 2.77
C HIS L 2909 13.66 -39.71 1.71
N VAL L 2910 14.79 -39.02 1.91
CA VAL L 2910 15.84 -38.97 0.85
C VAL L 2910 16.29 -40.39 0.45
N PHE L 2911 16.85 -41.15 1.37
CA PHE L 2911 17.37 -42.47 0.99
C PHE L 2911 16.25 -43.23 0.30
N GLY L 2912 15.02 -42.92 0.68
CA GLY L 2912 13.86 -43.60 0.08
C GLY L 2912 13.86 -43.46 -1.43
N VAL L 2913 13.99 -42.22 -1.93
CA VAL L 2913 13.95 -42.00 -3.41
C VAL L 2913 15.09 -42.79 -4.04
N ILE L 2914 16.28 -42.73 -3.45
CA ILE L 2914 17.45 -43.41 -4.08
C ILE L 2914 17.11 -44.88 -4.21
N ASN L 2915 16.57 -45.49 -3.16
CA ASN L 2915 16.22 -46.93 -3.18
C ASN L 2915 15.18 -47.17 -4.27
N ARG L 2916 14.13 -46.36 -4.30
CA ARG L 2916 13.04 -46.52 -5.29
C ARG L 2916 13.62 -46.51 -6.70
N VAL L 2917 14.65 -45.71 -6.96
CA VAL L 2917 15.19 -45.59 -8.34
C VAL L 2917 16.27 -46.64 -8.66
N TYR L 2918 16.91 -47.26 -7.66
CA TYR L 2918 18.04 -48.18 -7.98
C TYR L 2918 17.61 -49.64 -8.26
N MET L 2919 16.49 -49.83 -8.96
CA MET L 2919 15.77 -51.11 -8.95
C MET L 2919 16.03 -51.89 -10.23
N ALA L 2938 29.17 -54.68 -4.85
CA ALA L 2938 28.22 -55.33 -5.75
C ALA L 2938 26.81 -55.24 -5.19
N TYR L 2939 26.71 -55.02 -3.89
CA TYR L 2939 25.41 -54.94 -3.21
C TYR L 2939 24.82 -53.55 -3.42
N ARG L 2940 23.72 -53.47 -4.17
CA ARG L 2940 23.03 -52.22 -4.40
C ARG L 2940 22.18 -51.78 -3.22
N GLY L 2941 22.07 -52.61 -2.19
CA GLY L 2941 21.18 -52.30 -1.08
C GLY L 2941 21.73 -51.18 -0.22
N TYR L 2942 20.82 -50.30 0.19
CA TYR L 2942 21.18 -49.13 0.98
C TYR L 2942 21.50 -49.50 2.43
N HIS L 2943 20.54 -50.15 3.10
CA HIS L 2943 20.44 -50.40 4.54
C HIS L 2943 20.88 -49.20 5.39
N GLU L 2944 20.53 -47.99 4.92
CA GLU L 2944 20.92 -46.78 5.62
C GLU L 2944 19.76 -46.20 6.39
N MET L 2945 18.53 -46.48 5.95
CA MET L 2945 17.35 -46.15 6.75
C MET L 2945 17.33 -46.97 8.03
N ALA L 2946 17.96 -48.15 8.02
CA ALA L 2946 18.12 -48.91 9.24
C ALA L 2946 19.18 -48.30 10.16
N TRP L 2947 20.09 -47.49 9.61
CA TRP L 2947 21.10 -46.87 10.46
C TRP L 2947 20.53 -45.65 11.18
N VAL L 2948 19.78 -44.80 10.47
CA VAL L 2948 19.26 -43.58 11.09
C VAL L 2948 18.15 -43.91 12.07
N ILE L 2949 17.53 -45.07 11.93
CA ILE L 2949 16.55 -45.50 12.93
C ILE L 2949 17.26 -46.02 14.18
N ASN L 2950 18.31 -46.83 13.99
CA ASN L 2950 19.06 -47.37 15.12
C ASN L 2950 19.83 -46.29 15.86
N ARG L 2951 20.35 -45.30 15.13
CA ARG L 2951 20.99 -44.16 15.78
C ARG L 2951 19.98 -43.32 16.54
N PHE L 2952 18.76 -43.22 16.02
CA PHE L 2952 17.71 -42.52 16.74
C PHE L 2952 17.14 -43.37 17.87
N ALA L 2953 17.14 -44.69 17.72
CA ALA L 2953 16.64 -45.53 18.79
C ALA L 2953 17.60 -45.56 19.96
N HIS L 2954 18.89 -45.31 19.70
CA HIS L 2954 19.85 -45.29 20.80
C HIS L 2954 19.78 -43.98 21.57
N VAL L 2955 19.62 -42.86 20.86
CA VAL L 2955 19.50 -41.58 21.56
C VAL L 2955 18.12 -41.45 22.20
N ALA L 2956 17.13 -42.22 21.75
CA ALA L 2956 15.83 -42.17 22.38
C ALA L 2956 15.84 -42.83 23.75
N ARG L 2957 16.75 -43.77 23.97
CA ARG L 2957 16.93 -44.34 25.29
C ARG L 2957 17.94 -43.52 26.10
N LYS L 2958 18.81 -42.79 25.41
CA LYS L 2958 19.78 -41.95 26.10
C LYS L 2958 19.12 -40.75 26.75
N HIS L 2959 17.98 -40.32 26.22
CA HIS L 2959 17.29 -39.18 26.82
C HIS L 2959 16.61 -39.61 28.11
N GLU L 2960 15.55 -40.40 27.97
CA GLU L 2960 14.65 -40.87 29.02
C GLU L 2960 13.66 -41.78 28.31
N MET L 2961 12.73 -42.34 29.08
CA MET L 2961 11.48 -42.93 28.56
C MET L 2961 11.68 -44.07 27.56
N PRO L 2962 12.08 -45.28 28.00
CA PRO L 2962 12.29 -46.40 27.07
C PRO L 2962 11.01 -47.00 26.50
N GLU L 2963 10.25 -46.17 25.79
CA GLU L 2963 9.07 -46.58 25.03
C GLU L 2963 9.10 -46.06 23.61
N VAL L 2964 9.70 -44.88 23.39
CA VAL L 2964 9.84 -44.31 22.06
C VAL L 2964 10.83 -45.11 21.23
N CYS L 2965 11.79 -45.76 21.89
CA CYS L 2965 12.81 -46.50 21.17
C CYS L 2965 12.36 -47.90 20.78
N ILE L 2966 11.52 -48.54 21.59
CA ILE L 2966 11.24 -49.95 21.38
C ILE L 2966 10.29 -50.18 20.21
N ASN L 2967 9.51 -49.18 19.82
CA ASN L 2967 8.47 -49.41 18.81
C ASN L 2967 9.03 -49.47 17.38
N GLN L 2968 10.18 -48.87 17.11
CA GLN L 2968 10.79 -48.99 15.79
C GLN L 2968 11.33 -50.41 15.58
N GLN L 3020 29.27 -60.88 16.14
CA GLN L 3020 28.15 -60.40 16.94
C GLN L 3020 27.44 -61.56 17.63
N LYS L 3021 28.16 -62.24 18.54
CA LYS L 3021 27.61 -63.36 19.28
C LYS L 3021 27.83 -63.27 20.78
N ALA L 3022 28.86 -62.56 21.26
CA ALA L 3022 29.09 -62.46 22.68
C ALA L 3022 28.11 -61.53 23.37
N GLU L 3023 27.51 -60.61 22.62
CA GLU L 3023 26.54 -59.69 23.20
C GLU L 3023 25.24 -60.38 23.57
N PHE L 3024 24.86 -61.43 22.82
CA PHE L 3024 23.69 -62.21 23.19
C PHE L 3024 23.96 -63.04 24.44
N PHE L 3025 25.20 -63.52 24.59
CA PHE L 3025 25.57 -64.25 25.80
C PHE L 3025 25.73 -63.30 26.99
N THR L 3026 26.15 -62.06 26.72
CA THR L 3026 26.27 -61.07 27.79
C THR L 3026 24.90 -60.61 28.27
N LEU L 3027 23.91 -60.59 27.37
CA LEU L 3027 22.55 -60.27 27.78
C LEU L 3027 21.95 -61.38 28.64
N LYS L 3028 22.17 -62.63 28.25
CA LYS L 3028 21.75 -63.75 29.08
C LYS L 3028 22.61 -63.87 30.33
N GLY L 3029 23.86 -63.43 30.26
CA GLY L 3029 24.70 -63.41 31.44
C GLY L 3029 24.28 -62.34 32.43
N MET L 3030 23.85 -61.19 31.92
CA MET L 3030 23.32 -60.15 32.80
C MET L 3030 21.93 -60.52 33.31
N PHE L 3031 21.18 -61.31 32.55
CA PHE L 3031 19.86 -61.75 33.01
C PHE L 3031 19.98 -62.76 34.14
N LEU L 3032 21.00 -63.61 34.10
CA LEU L 3032 21.25 -64.51 35.22
C LEU L 3032 21.89 -63.78 36.39
N ALA L 3033 22.56 -62.66 36.13
CA ALA L 3033 23.19 -61.88 37.19
C ALA L 3033 22.18 -61.05 37.98
N LYS L 3034 21.02 -60.76 37.41
CA LYS L 3034 20.00 -60.03 38.15
C LYS L 3034 19.38 -60.90 39.24
N LEU L 3035 19.16 -62.18 38.95
CA LEU L 3035 18.69 -63.13 39.95
C LEU L 3035 19.88 -63.79 40.63
N ASN L 3036 19.62 -64.82 41.42
CA ASN L 3036 20.68 -65.53 42.13
C ASN L 3036 21.04 -66.78 41.31
N ALA L 3037 21.76 -66.55 40.22
CA ALA L 3037 22.25 -67.61 39.34
C ALA L 3037 23.76 -67.41 39.18
N LYS L 3038 24.54 -67.97 40.11
CA LYS L 3038 25.98 -67.75 40.10
C LYS L 3038 26.67 -68.59 39.03
N ASP L 3039 26.39 -69.90 39.01
CA ASP L 3039 27.04 -70.77 38.04
C ASP L 3039 26.50 -70.57 36.63
N GLU L 3040 25.26 -70.11 36.51
CA GLU L 3040 24.70 -69.86 35.19
C GLU L 3040 25.32 -68.61 34.56
N ALA L 3041 25.51 -67.57 35.36
CA ALA L 3041 26.15 -66.36 34.85
C ALA L 3041 27.64 -66.56 34.63
N ASN L 3042 28.27 -67.44 35.42
CA ASN L 3042 29.69 -67.72 35.22
C ASN L 3042 29.92 -68.53 33.95
N GLN L 3043 29.00 -69.45 33.64
CA GLN L 3043 29.11 -70.21 32.40
C GLN L 3043 28.77 -69.34 31.19
N ALA L 3044 27.85 -68.39 31.36
CA ALA L 3044 27.50 -67.49 30.27
C ALA L 3044 28.61 -66.48 30.00
N PHE L 3045 29.25 -65.99 31.06
CA PHE L 3045 30.38 -65.08 30.88
C PHE L 3045 31.60 -65.80 30.31
N ALA L 3046 31.75 -67.09 30.61
CA ALA L 3046 32.77 -67.89 29.95
C ALA L 3046 32.39 -68.15 28.50
N THR L 3047 31.10 -68.26 28.21
CA THR L 3047 30.65 -68.39 26.82
C THR L 3047 30.81 -67.07 26.07
N ALA L 3048 30.69 -65.95 26.79
CA ALA L 3048 30.87 -64.65 26.16
C ALA L 3048 32.35 -64.32 25.95
N VAL L 3049 33.20 -64.72 26.90
CA VAL L 3049 34.63 -64.47 26.76
C VAL L 3049 35.28 -65.37 25.71
N GLN L 3050 34.64 -66.50 25.39
CA GLN L 3050 35.15 -67.40 24.37
C GLN L 3050 34.76 -67.00 22.96
N ILE L 3051 33.77 -66.12 22.80
CA ILE L 3051 33.33 -65.68 21.49
C ILE L 3051 34.19 -64.52 21.01
N PRO L 3056 35.18 -58.43 26.07
CA PRO L 3056 35.02 -56.98 26.18
C PRO L 3056 34.49 -56.55 27.53
N LYS L 3057 33.21 -56.14 27.58
CA LYS L 3057 32.61 -55.72 28.85
C LYS L 3057 32.38 -56.90 29.78
N ALA L 3058 32.16 -58.09 29.23
CA ALA L 3058 31.94 -59.27 30.05
C ALA L 3058 33.20 -59.74 30.74
N TRP L 3059 34.39 -59.36 30.25
CA TRP L 3059 35.63 -59.70 30.92
C TRP L 3059 35.78 -58.98 32.25
N ALA L 3060 35.14 -57.82 32.39
CA ALA L 3060 35.06 -57.15 33.69
C ALA L 3060 33.76 -57.45 34.41
N GLU L 3061 32.71 -57.85 33.68
CA GLU L 3061 31.43 -58.13 34.32
C GLU L 3061 31.45 -59.44 35.10
N TRP L 3062 32.26 -60.40 34.66
CA TRP L 3062 32.38 -61.66 35.41
C TRP L 3062 33.09 -61.44 36.73
N GLY L 3063 34.12 -60.60 36.74
CA GLY L 3063 34.72 -60.20 38.00
C GLY L 3063 33.84 -59.28 38.80
N PHE L 3064 32.96 -58.51 38.13
CA PHE L 3064 31.98 -57.71 38.85
C PHE L 3064 30.97 -58.60 39.54
N PHE L 3065 30.65 -59.76 38.94
CA PHE L 3065 29.89 -60.77 39.66
C PHE L 3065 30.70 -61.35 40.81
N ASN L 3066 32.01 -61.52 40.61
CA ASN L 3066 32.88 -61.95 41.69
C ASN L 3066 33.06 -60.86 42.73
N ASP L 3067 33.04 -59.59 42.31
CA ASP L 3067 33.00 -58.49 43.26
C ASP L 3067 31.66 -58.46 43.99
N ARG L 3068 30.59 -58.83 43.30
CA ARG L 3068 29.31 -59.02 43.98
C ARG L 3068 29.34 -60.28 44.84
N ARG L 3069 30.15 -61.27 44.45
CA ARG L 3069 30.26 -62.48 45.26
C ARG L 3069 31.11 -62.24 46.51
N PHE L 3070 32.17 -61.44 46.37
CA PHE L 3070 33.07 -61.20 47.51
C PHE L 3070 32.41 -60.36 48.59
N LYS L 3071 31.52 -59.44 48.20
CA LYS L 3071 30.76 -58.69 49.18
C LYS L 3071 29.67 -59.56 49.81
N GLU L 3072 29.21 -60.60 49.09
CA GLU L 3072 28.19 -61.50 49.59
C GLU L 3072 28.78 -62.62 50.44
N ASN L 3073 29.92 -63.17 50.04
CA ASN L 3073 30.57 -64.24 50.77
C ASN L 3073 31.36 -63.66 51.94
N PRO L 3074 32.04 -64.51 52.71
CA PRO L 3074 32.80 -64.01 53.87
C PRO L 3074 34.09 -63.31 53.48
N GLU L 3075 34.89 -62.95 54.49
CA GLU L 3075 36.12 -62.20 54.26
C GLU L 3075 37.26 -63.03 53.69
N GLU L 3076 37.05 -64.32 53.43
CA GLU L 3076 38.10 -65.19 52.87
C GLU L 3076 37.74 -65.67 51.47
N ILE L 3077 36.98 -64.86 50.72
CA ILE L 3077 36.64 -65.22 49.35
C ILE L 3077 37.84 -65.01 48.45
N PHE L 3078 38.13 -66.01 47.61
CA PHE L 3078 39.28 -65.97 46.72
C PHE L 3078 38.91 -65.57 45.30
N HIS L 3079 37.64 -65.30 45.02
CA HIS L 3079 37.22 -64.88 43.69
C HIS L 3079 37.64 -63.46 43.36
N ALA L 3080 37.98 -62.64 44.37
CA ALA L 3080 38.50 -61.30 44.10
C ALA L 3080 39.88 -61.35 43.48
N LYS L 3081 40.65 -62.40 43.78
CA LYS L 3081 41.91 -62.62 43.09
C LYS L 3081 41.69 -63.02 41.63
N ASN L 3082 40.57 -63.68 41.35
CA ASN L 3082 40.18 -63.97 39.97
C ASN L 3082 39.40 -62.82 39.32
N ALA L 3083 39.20 -61.72 40.04
CA ALA L 3083 38.47 -60.57 39.56
C ALA L 3083 39.36 -59.40 39.20
N ILE L 3084 40.34 -59.08 40.06
CA ILE L 3084 41.26 -57.97 39.80
C ILE L 3084 42.22 -58.30 38.68
N SER L 3085 42.43 -59.58 38.38
CA SER L 3085 43.18 -59.96 37.18
C SER L 3085 42.27 -60.02 35.97
N CYS L 3086 40.95 -60.00 36.17
CA CYS L 3086 40.02 -60.10 35.05
C CYS L 3086 39.75 -58.74 34.43
N TYR L 3087 39.59 -57.70 35.26
CA TYR L 3087 39.33 -56.35 34.76
C TYR L 3087 40.54 -55.75 34.08
N LEU L 3088 41.74 -56.22 34.42
CA LEU L 3088 42.96 -55.76 33.79
C LEU L 3088 43.25 -56.47 32.47
N GLN L 3089 42.46 -57.49 32.13
CA GLN L 3089 42.63 -58.17 30.84
C GLN L 3089 42.16 -57.28 29.69
N ALA L 3090 41.10 -56.51 29.92
CA ALA L 3090 40.57 -55.58 28.93
C ALA L 3090 40.63 -54.13 29.40
N ALA L 3091 41.46 -53.84 30.41
CA ALA L 3091 41.63 -52.45 30.84
C ALA L 3091 42.34 -51.61 29.78
N GLY L 3092 43.25 -52.23 29.03
CA GLY L 3092 43.80 -51.57 27.86
C GLY L 3092 42.82 -51.53 26.71
N LEU L 3093 41.85 -52.43 26.71
CA LEU L 3093 40.81 -52.45 25.68
C LEU L 3093 39.69 -51.48 26.02
N GLY L 3097 39.17 -44.96 28.17
CA GLY L 3097 38.06 -44.04 28.14
C GLY L 3097 37.35 -43.99 29.48
N LYS L 3098 36.45 -44.94 29.70
CA LYS L 3098 35.83 -45.15 31.01
C LYS L 3098 36.61 -46.17 31.82
N THR L 3099 37.92 -45.93 31.91
CA THR L 3099 38.83 -46.76 32.65
C THR L 3099 38.89 -46.35 34.12
N ARG L 3100 38.36 -45.18 34.45
CA ARG L 3100 38.33 -44.72 35.82
C ARG L 3100 37.31 -45.46 36.68
N LYS L 3101 36.29 -46.06 36.06
CA LYS L 3101 35.27 -46.76 36.83
C LYS L 3101 35.75 -48.12 37.30
N LEU L 3102 36.82 -48.63 36.71
CA LEU L 3102 37.41 -49.89 37.16
C LEU L 3102 38.68 -49.67 37.96
N LEU L 3103 39.41 -48.59 37.68
CA LEU L 3103 40.58 -48.24 38.47
C LEU L 3103 40.23 -47.76 39.88
N CYS L 3104 39.02 -47.24 40.10
CA CYS L 3104 38.59 -46.93 41.45
C CYS L 3104 38.20 -48.18 42.21
N ARG L 3105 37.79 -49.23 41.50
CA ARG L 3105 37.49 -50.51 42.11
C ARG L 3105 38.74 -51.33 42.36
N ILE L 3106 39.75 -51.20 41.49
CA ILE L 3106 41.02 -51.89 41.68
C ILE L 3106 41.73 -51.39 42.93
N LEU L 3107 41.85 -50.07 43.07
CA LEU L 3107 42.71 -49.48 44.09
C LEU L 3107 42.11 -49.48 45.49
N TRP L 3108 41.07 -50.26 45.75
CA TRP L 3108 40.51 -50.41 47.09
C TRP L 3108 40.55 -51.83 47.61
N LEU L 3109 40.26 -52.83 46.77
CA LEU L 3109 40.30 -54.22 47.21
C LEU L 3109 41.72 -54.75 47.38
N ILE L 3110 42.72 -54.05 46.86
CA ILE L 3110 44.10 -54.41 47.17
C ILE L 3110 44.42 -54.07 48.62
N SER L 3111 43.81 -53.00 49.13
CA SER L 3111 43.96 -52.61 50.54
C SER L 3111 42.97 -53.31 51.46
N LEU L 3112 42.37 -54.42 51.01
CA LEU L 3112 41.36 -55.11 51.80
C LEU L 3112 42.03 -56.21 52.63
N ASP L 3113 43.04 -55.80 53.42
CA ASP L 3113 43.74 -56.66 54.39
C ASP L 3113 44.36 -57.89 53.73
N ASP L 3114 45.10 -57.67 52.64
CA ASP L 3114 45.70 -58.77 51.91
C ASP L 3114 46.93 -59.31 52.63
N ALA L 3115 46.73 -60.14 53.65
CA ALA L 3115 47.84 -60.77 54.35
C ALA L 3115 48.50 -61.83 53.47
N ALA L 3116 47.71 -62.47 52.61
CA ALA L 3116 48.28 -63.45 51.68
C ALA L 3116 49.03 -62.76 50.56
N GLY L 3117 48.41 -61.79 49.91
CA GLY L 3117 49.06 -61.07 48.81
C GLY L 3117 49.20 -61.91 47.56
N SER L 3118 48.28 -62.84 47.33
CA SER L 3118 48.37 -63.71 46.16
C SER L 3118 47.98 -62.98 44.88
N LEU L 3119 47.24 -61.88 44.99
CA LEU L 3119 46.86 -61.11 43.81
C LEU L 3119 48.01 -60.32 43.20
N ALA L 3120 49.12 -60.17 43.94
CA ALA L 3120 50.30 -59.52 43.38
C ALA L 3120 50.91 -60.38 42.27
N LYS L 3121 50.89 -61.70 42.46
CA LYS L 3121 51.26 -62.59 41.38
C LYS L 3121 50.22 -62.59 40.27
N THR L 3122 48.96 -62.38 40.62
CA THR L 3122 47.91 -62.25 39.61
C THR L 3122 47.99 -60.90 38.90
N PHE L 3123 48.61 -59.91 39.53
CA PHE L 3123 48.84 -58.63 38.87
C PHE L 3123 49.91 -58.74 37.79
N GLU L 3124 50.81 -59.72 37.92
CA GLU L 3124 51.85 -59.96 36.93
C GLU L 3124 51.41 -60.95 35.85
N ASP L 3125 50.10 -61.08 35.61
CA ASP L 3125 49.61 -62.01 34.60
C ASP L 3125 49.86 -61.47 33.18
N HIS L 3126 49.31 -60.31 32.88
CA HIS L 3126 49.47 -59.72 31.56
C HIS L 3126 50.84 -59.05 31.43
N PRO L 3131 46.95 -49.37 29.89
CA PRO L 3131 46.28 -48.53 30.89
C PRO L 3131 47.28 -47.80 31.76
N VAL L 3132 47.97 -46.81 31.18
CA VAL L 3132 49.00 -46.08 31.90
C VAL L 3132 48.57 -44.64 32.21
N TRP L 3133 47.74 -44.03 31.37
CA TRP L 3133 47.36 -42.63 31.58
C TRP L 3133 46.45 -42.48 32.78
N TYR L 3134 45.49 -43.37 32.92
CA TYR L 3134 44.32 -43.10 33.74
C TYR L 3134 44.59 -43.30 35.23
N TRP L 3135 45.81 -43.67 35.61
CA TRP L 3135 46.22 -43.67 37.01
C TRP L 3135 46.64 -42.30 37.49
N ILE L 3136 47.05 -41.39 36.59
CA ILE L 3136 47.69 -40.15 37.01
C ILE L 3136 46.72 -39.18 37.65
N THR L 3137 45.42 -39.43 37.56
CA THR L 3137 44.48 -38.69 38.40
C THR L 3137 44.47 -39.23 39.82
N PHE L 3138 44.81 -40.50 40.01
CA PHE L 3138 44.80 -41.15 41.31
C PHE L 3138 46.16 -41.06 42.01
N VAL L 3139 47.01 -40.14 41.59
CA VAL L 3139 48.36 -39.97 42.14
C VAL L 3139 48.40 -39.65 43.64
N PRO L 3140 47.61 -38.72 44.22
CA PRO L 3140 47.73 -38.51 45.67
C PRO L 3140 47.21 -39.67 46.51
N GLN L 3141 46.45 -40.59 45.94
CA GLN L 3141 46.12 -41.82 46.66
C GLN L 3141 47.28 -42.81 46.57
N LEU L 3142 48.01 -42.81 45.44
CA LEU L 3142 49.05 -43.80 45.22
C LEU L 3142 50.25 -43.56 46.12
N LEU L 3143 50.72 -42.32 46.22
CA LEU L 3143 51.86 -41.90 47.04
C LEU L 3143 51.63 -42.06 48.56
N THR L 3144 50.43 -42.40 49.03
CA THR L 3144 50.23 -42.76 50.42
C THR L 3144 50.38 -44.26 50.65
N SER L 3145 49.96 -45.07 49.67
CA SER L 3145 50.00 -46.53 49.79
C SER L 3145 51.41 -47.10 49.75
N LEU L 3146 52.43 -46.30 49.39
CA LEU L 3146 53.81 -46.78 49.45
C LEU L 3146 54.24 -47.05 50.89
N SER L 3147 53.77 -46.25 51.84
CA SER L 3147 54.12 -46.46 53.25
C SER L 3147 53.39 -47.66 53.82
N HIS L 3148 52.21 -47.98 53.31
CA HIS L 3148 51.40 -49.10 53.77
C HIS L 3148 51.83 -50.37 53.05
N LYS L 3149 51.00 -51.41 53.10
CA LYS L 3149 51.22 -52.67 52.40
C LYS L 3149 51.07 -52.47 50.88
N GLU L 3150 51.20 -53.58 50.13
CA GLU L 3150 51.22 -53.67 48.65
C GLU L 3150 52.19 -52.67 48.02
N ALA L 3151 53.32 -52.45 48.70
CA ALA L 3151 54.29 -51.46 48.26
C ALA L 3151 55.10 -51.95 47.07
N LYS L 3152 55.13 -53.25 46.82
CA LYS L 3152 55.90 -53.76 45.69
C LYS L 3152 55.17 -53.52 44.38
N ILE L 3153 53.84 -53.66 44.37
CA ILE L 3153 53.08 -53.48 43.14
C ILE L 3153 52.71 -52.03 42.91
N VAL L 3154 52.60 -51.21 43.96
CA VAL L 3154 52.29 -49.80 43.74
C VAL L 3154 53.55 -49.04 43.36
N ARG L 3155 54.73 -49.61 43.62
CA ARG L 3155 55.94 -49.06 43.02
C ARG L 3155 55.96 -49.33 41.52
N HIS L 3156 55.38 -50.45 41.10
CA HIS L 3156 55.41 -50.85 39.70
C HIS L 3156 54.57 -49.93 38.82
N ILE L 3157 53.63 -49.21 39.40
CA ILE L 3157 52.78 -48.33 38.60
C ILE L 3157 53.17 -46.87 38.73
N LEU L 3158 54.17 -46.53 39.56
CA LEU L 3158 54.70 -45.19 39.53
C LEU L 3158 56.03 -45.12 38.78
N ILE L 3159 56.73 -46.26 38.65
CA ILE L 3159 57.85 -46.31 37.73
C ILE L 3159 57.38 -46.29 36.28
N GLN L 3160 56.12 -46.66 36.05
CA GLN L 3160 55.56 -46.57 34.71
C GLN L 3160 55.30 -45.12 34.33
N ILE L 3161 54.81 -44.32 35.29
CA ILE L 3161 54.32 -42.99 34.97
C ILE L 3161 55.48 -42.02 34.76
N ALA L 3162 56.44 -42.02 35.68
CA ALA L 3162 57.52 -41.04 35.65
C ALA L 3162 58.49 -41.28 34.50
N LYS L 3163 58.59 -42.52 34.02
CA LYS L 3163 59.33 -42.76 32.79
C LYS L 3163 58.60 -42.20 31.59
N SER L 3164 57.26 -42.14 31.63
CA SER L 3164 56.47 -41.74 30.48
C SER L 3164 55.96 -40.30 30.59
N TYR L 3165 55.50 -39.88 31.76
CA TYR L 3165 54.98 -38.52 31.96
C TYR L 3165 55.71 -37.91 33.15
N PRO L 3166 56.73 -37.09 32.91
CA PRO L 3166 57.54 -36.60 34.03
C PRO L 3166 56.89 -35.46 34.78
N GLN L 3167 56.16 -34.62 34.06
CA GLN L 3167 55.55 -33.45 34.66
C GLN L 3167 54.34 -33.79 35.51
N SER L 3168 53.76 -34.98 35.34
CA SER L 3168 52.57 -35.38 36.06
C SER L 3168 52.83 -35.74 37.51
N LEU L 3169 54.09 -35.98 37.87
CA LEU L 3169 54.42 -36.61 39.14
C LEU L 3169 55.47 -35.86 39.94
N HIS L 3170 56.26 -34.97 39.33
CA HIS L 3170 57.38 -34.34 40.02
C HIS L 3170 56.92 -33.39 41.11
N PHE L 3171 55.79 -32.72 40.93
CA PHE L 3171 55.31 -31.83 41.96
C PHE L 3171 54.65 -32.59 43.11
N GLN L 3172 54.17 -33.81 42.86
CA GLN L 3172 53.45 -34.54 43.90
C GLN L 3172 54.38 -35.34 44.79
N LEU L 3173 55.44 -35.94 44.24
CA LEU L 3173 56.40 -36.64 45.06
C LEU L 3173 57.30 -35.69 45.85
N ARG L 3174 57.38 -34.43 45.43
CA ARG L 3174 58.16 -33.45 46.20
C ARG L 3174 57.38 -32.94 47.39
N THR L 3175 56.08 -33.24 47.48
CA THR L 3175 55.30 -32.83 48.63
C THR L 3175 55.37 -33.82 49.78
N THR L 3176 55.84 -35.03 49.53
CA THR L 3176 55.98 -36.01 50.61
C THR L 3176 57.27 -35.83 51.39
N LYS L 3177 58.19 -35.01 50.90
CA LYS L 3177 59.46 -34.83 51.57
C LYS L 3177 59.41 -33.64 52.50
N GLN L 3281 60.78 -49.10 54.74
CA GLN L 3281 61.01 -47.89 53.96
C GLN L 3281 59.82 -46.92 54.09
N PRO L 3282 59.82 -46.12 55.16
CA PRO L 3282 58.70 -45.17 55.34
C PRO L 3282 58.78 -43.99 54.38
N TRP L 3283 59.99 -43.53 54.09
CA TRP L 3283 60.18 -42.47 53.11
C TRP L 3283 61.40 -42.68 52.23
N GLN L 3284 61.97 -43.89 52.21
CA GLN L 3284 63.25 -44.12 51.55
C GLN L 3284 63.12 -44.70 50.15
N ASP L 3285 61.98 -45.33 49.83
CA ASP L 3285 61.83 -45.96 48.52
C ASP L 3285 61.61 -44.95 47.40
N VAL L 3286 61.14 -43.75 47.75
CA VAL L 3286 60.83 -42.75 46.72
C VAL L 3286 62.08 -42.07 46.17
N GLU L 3287 63.23 -42.23 46.83
CA GLU L 3287 64.48 -41.73 46.26
C GLU L 3287 64.86 -42.51 45.01
N GLU L 3288 64.51 -43.80 44.97
CA GLU L 3288 64.63 -44.55 43.73
C GLU L 3288 63.64 -44.06 42.69
N ILE L 3289 62.45 -43.62 43.13
CA ILE L 3289 61.50 -43.00 42.22
C ILE L 3289 62.00 -41.63 41.79
N MET L 3290 62.61 -40.89 42.73
CA MET L 3290 63.23 -39.61 42.39
C MET L 3290 64.45 -39.83 41.50
N GLY L 3291 65.22 -40.89 41.76
CA GLY L 3291 66.36 -41.18 40.93
C GLY L 3291 65.98 -41.63 39.53
N ILE L 3292 64.86 -42.33 39.41
CA ILE L 3292 64.32 -42.66 38.09
C ILE L 3292 63.85 -41.40 37.38
N LEU L 3293 63.30 -40.45 38.14
CA LEU L 3293 62.86 -39.17 37.59
C LEU L 3293 64.03 -38.30 37.13
N LYS L 3294 65.25 -38.55 37.59
CA LYS L 3294 66.39 -37.72 37.21
C LYS L 3294 67.29 -38.35 36.16
N THR L 3295 67.43 -39.68 36.15
CA THR L 3295 68.19 -40.34 35.09
C THR L 3295 67.48 -40.22 33.76
N ALA L 3296 66.27 -40.76 33.66
CA ALA L 3296 65.41 -40.43 32.56
C ALA L 3296 64.95 -38.98 32.71
N TYR L 3297 64.95 -38.24 31.59
CA TYR L 3297 64.71 -36.80 31.51
C TYR L 3297 65.63 -36.01 32.45
N PRO L 3298 66.93 -35.89 32.13
CA PRO L 3298 67.82 -35.14 33.03
C PRO L 3298 67.58 -33.65 32.98
N LEU L 3299 67.04 -33.15 31.86
CA LEU L 3299 66.86 -31.71 31.71
C LEU L 3299 65.57 -31.23 32.35
N LEU L 3300 64.52 -32.06 32.33
CA LEU L 3300 63.21 -31.61 32.82
C LEU L 3300 63.21 -31.50 34.34
N ALA L 3301 63.86 -32.44 35.02
CA ALA L 3301 63.98 -32.35 36.47
C ALA L 3301 64.86 -31.20 36.90
N LEU L 3302 65.77 -30.74 36.04
CA LEU L 3302 66.65 -29.64 36.40
C LEU L 3302 65.95 -28.30 36.21
N SER L 3303 65.16 -28.17 35.13
CA SER L 3303 64.50 -26.90 34.87
C SER L 3303 63.32 -26.69 35.81
N LEU L 3304 62.73 -27.77 36.30
CA LEU L 3304 61.56 -27.65 37.17
C LEU L 3304 61.94 -27.20 38.57
N GLU L 3305 63.07 -27.68 39.09
CA GLU L 3305 63.47 -27.30 40.44
C GLU L 3305 63.96 -25.86 40.48
N SER L 3306 64.44 -25.33 39.35
CA SER L 3306 64.79 -23.91 39.28
C SER L 3306 63.55 -23.01 39.33
N LEU L 3307 62.38 -23.55 39.01
CA LEU L 3307 61.15 -22.80 39.13
C LEU L 3307 60.61 -22.86 40.56
N VAL L 3308 60.86 -23.98 41.24
CA VAL L 3308 60.29 -24.18 42.58
C VAL L 3308 61.00 -23.31 43.60
N ASP L 3309 62.35 -23.32 43.59
CA ASP L 3309 63.11 -22.66 44.64
C ASP L 3309 63.04 -21.14 44.53
N GLN L 3310 62.88 -20.62 43.31
CA GLN L 3310 62.69 -19.19 43.15
C GLN L 3310 61.32 -18.76 43.67
N LEU L 3311 60.32 -19.62 43.54
CA LEU L 3311 59.05 -19.39 44.22
C LEU L 3311 59.17 -19.62 45.72
N ASN L 3312 60.14 -20.41 46.14
CA ASN L 3312 60.25 -20.77 47.56
C ASN L 3312 61.03 -19.73 48.35
N GLN L 3313 61.99 -19.05 47.71
CA GLN L 3313 62.89 -18.18 48.46
C GLN L 3313 62.22 -16.86 48.82
N ARG L 3314 61.68 -16.16 47.83
CA ARG L 3314 61.04 -14.87 48.11
C ARG L 3314 59.68 -15.05 48.79
N PHE L 3315 58.83 -15.87 48.21
CA PHE L 3315 57.49 -16.07 48.73
C PHE L 3315 57.48 -17.07 49.90
N GLY L 3408 49.19 -0.61 44.85
CA GLY L 3408 48.38 -1.79 44.60
C GLY L 3408 49.10 -2.85 43.79
N LYS L 3409 49.95 -2.41 42.87
CA LYS L 3409 50.72 -3.30 42.03
C LYS L 3409 52.20 -3.13 42.32
N ALA L 3410 52.95 -4.22 42.18
CA ALA L 3410 54.40 -4.22 42.30
C ALA L 3410 55.00 -4.85 41.05
N ASP L 3411 56.32 -4.84 40.99
CA ASP L 3411 57.05 -5.35 39.83
C ASP L 3411 57.82 -6.62 40.18
N LEU L 3412 57.80 -7.60 39.25
CA LEU L 3412 58.53 -8.84 39.43
C LEU L 3412 60.05 -8.63 39.33
N GLU L 3413 60.46 -7.53 38.69
CA GLU L 3413 61.84 -7.19 38.40
C GLU L 3413 62.72 -7.08 39.63
N ARG L 3414 62.16 -6.61 40.76
CA ARG L 3414 63.00 -6.31 41.91
C ARG L 3414 63.23 -7.54 42.78
N VAL L 3415 62.20 -8.37 42.98
CA VAL L 3415 62.25 -9.41 44.00
C VAL L 3415 62.37 -10.79 43.37
N SER L 3416 62.08 -10.89 42.08
CA SER L 3416 62.07 -12.18 41.38
C SER L 3416 62.68 -12.07 39.98
N LEU L 3417 63.84 -11.42 39.90
CA LEU L 3417 64.47 -11.15 38.60
C LEU L 3417 64.97 -12.43 37.93
N HIS L 3418 65.10 -13.53 38.69
CA HIS L 3418 65.41 -14.81 38.10
C HIS L 3418 64.29 -15.30 37.18
N LEU L 3419 63.05 -14.92 37.47
CA LEU L 3419 61.93 -15.40 36.66
C LEU L 3419 61.73 -14.59 35.39
N SER L 3420 62.18 -13.35 35.35
CA SER L 3420 62.22 -12.63 34.08
C SER L 3420 63.31 -13.19 33.17
N LEU L 3421 64.39 -13.69 33.77
CA LEU L 3421 65.41 -14.38 33.00
C LEU L 3421 65.15 -15.88 32.89
N PHE L 3422 63.99 -16.35 33.36
CA PHE L 3422 63.69 -17.78 33.28
C PHE L 3422 63.41 -18.20 31.84
N HIS L 3423 62.53 -17.47 31.15
CA HIS L 3423 62.04 -17.92 29.85
C HIS L 3423 63.05 -17.72 28.73
N HIS L 3424 64.22 -17.15 29.02
CA HIS L 3424 65.32 -17.21 28.06
C HIS L 3424 66.11 -18.50 28.22
N GLN L 3425 66.35 -18.92 29.46
CA GLN L 3425 67.04 -20.17 29.75
C GLN L 3425 66.07 -21.31 30.06
N LYS L 3426 64.80 -21.12 29.71
CA LYS L 3426 63.74 -22.14 29.97
C LYS L 3426 63.99 -23.36 29.06
N PHE L 3427 64.27 -24.53 29.66
CA PHE L 3427 64.59 -25.74 28.87
C PHE L 3427 63.37 -26.17 28.03
N GLU L 3428 63.60 -26.55 26.76
CA GLU L 3428 62.50 -27.01 25.86
C GLU L 3428 61.15 -26.42 26.24
N ASP L 3429 60.40 -27.13 27.09
CA ASP L 3429 59.00 -26.81 27.37
C ASP L 3429 58.73 -27.06 28.84
N ILE L 3430 57.83 -26.26 29.41
CA ILE L 3430 57.27 -26.49 30.74
C ILE L 3430 55.78 -26.24 30.64
N GLU L 3431 54.99 -27.25 30.96
CA GLU L 3431 53.54 -27.09 30.94
C GLU L 3431 53.09 -26.21 32.10
N ILE L 3432 52.02 -25.46 31.88
CA ILE L 3432 51.39 -24.72 32.97
C ILE L 3432 50.86 -25.72 33.98
N PRO L 3433 51.15 -25.57 35.27
CA PRO L 3433 50.75 -26.58 36.25
C PRO L 3433 49.24 -26.61 36.46
N GLY L 3434 48.78 -27.72 37.03
CA GLY L 3434 47.36 -27.88 37.24
C GLY L 3434 46.59 -28.24 35.99
N GLN L 3435 47.16 -29.05 35.12
CA GLN L 3435 46.45 -29.58 33.98
C GLN L 3435 46.23 -31.08 34.05
N TYR L 3436 47.08 -31.78 34.79
CA TYR L 3436 46.93 -33.23 34.94
C TYR L 3436 45.92 -33.59 36.00
N LEU L 3437 45.46 -32.62 36.80
CA LEU L 3437 44.41 -32.90 37.78
C LEU L 3437 43.10 -33.20 37.08
N LEU L 3438 42.82 -32.51 35.97
CA LEU L 3438 41.57 -32.66 35.26
C LEU L 3438 41.65 -33.84 34.30
N HIS L 3439 40.69 -33.91 33.38
CA HIS L 3439 40.63 -35.05 32.42
C HIS L 3439 41.54 -34.78 31.21
N LYS L 3440 40.96 -34.59 30.02
CA LYS L 3440 41.75 -34.34 28.79
C LYS L 3440 42.82 -35.44 28.63
N ASP L 3441 42.43 -36.71 28.84
CA ASP L 3441 43.38 -37.84 28.78
C ASP L 3441 43.85 -38.10 27.35
N ASN L 3442 44.69 -37.20 26.81
CA ASN L 3442 45.64 -37.57 25.77
C ASN L 3442 46.93 -36.75 25.79
N ASN L 3443 47.02 -35.71 26.63
CA ASN L 3443 48.26 -34.95 26.91
C ASN L 3443 48.88 -34.33 25.64
N ASN L 3444 48.06 -33.76 24.78
CA ASN L 3444 48.58 -33.18 23.55
C ASN L 3444 48.45 -31.67 23.51
N HIS L 3445 47.29 -31.14 23.88
CA HIS L 3445 47.03 -29.72 23.76
C HIS L 3445 47.09 -28.99 25.10
N PHE L 3446 47.97 -29.44 25.98
CA PHE L 3446 48.16 -28.73 27.23
C PHE L 3446 49.01 -27.48 27.00
N ILE L 3447 48.59 -26.37 27.59
CA ILE L 3447 49.21 -25.09 27.37
C ILE L 3447 50.52 -25.02 28.14
N LYS L 3448 51.60 -24.69 27.44
CA LYS L 3448 52.93 -24.59 28.03
C LYS L 3448 53.24 -23.15 28.38
N ILE L 3449 54.19 -22.98 29.30
CA ILE L 3449 54.56 -21.65 29.78
C ILE L 3449 55.32 -20.91 28.69
N GLU L 3450 54.85 -19.71 28.36
CA GLU L 3450 55.60 -18.85 27.44
C GLU L 3450 56.49 -17.88 28.19
N ARG L 3451 55.90 -17.02 29.02
CA ARG L 3451 56.69 -16.05 29.77
C ARG L 3451 55.90 -15.61 30.99
N PHE L 3452 56.61 -15.04 31.95
CA PHE L 3452 56.00 -14.51 33.16
C PHE L 3452 55.76 -13.01 32.99
N LEU L 3453 54.53 -12.59 33.23
CA LEU L 3453 54.26 -11.17 33.19
C LEU L 3453 54.80 -10.50 34.45
N PRO L 3454 55.36 -9.29 34.34
CA PRO L 3454 56.19 -8.76 35.43
C PRO L 3454 55.42 -8.11 36.57
N THR L 3455 54.11 -8.35 36.67
CA THR L 3455 53.28 -7.73 37.69
C THR L 3455 53.00 -8.72 38.81
N LEU L 3456 53.32 -8.33 40.04
CA LEU L 3456 52.94 -9.07 41.24
C LEU L 3456 51.75 -8.35 41.87
N ASP L 3457 50.56 -8.77 41.43
CA ASP L 3457 49.30 -8.06 41.78
C ASP L 3457 48.85 -8.55 43.17
N LEU L 3458 49.64 -8.25 44.20
CA LEU L 3458 49.26 -8.64 45.57
C LEU L 3458 47.93 -7.96 45.90
N VAL L 3459 46.98 -8.72 46.43
CA VAL L 3459 45.62 -8.16 46.72
C VAL L 3459 45.24 -8.52 48.15
N ARG L 3460 45.01 -7.52 49.00
CA ARG L 3460 44.61 -7.78 50.37
C ARG L 3460 43.40 -8.70 50.36
N GLY L 3461 43.63 -9.99 50.54
CA GLY L 3461 42.56 -10.97 50.59
C GLY L 3461 41.96 -11.10 51.97
N SER L 3462 41.13 -12.13 52.13
CA SER L 3462 40.45 -12.36 53.41
C SER L 3462 41.37 -13.02 54.42
N ASN L 3463 42.31 -13.83 53.96
CA ASN L 3463 43.31 -14.43 54.85
C ASN L 3463 44.45 -13.45 55.16
N GLY L 3464 44.53 -12.35 54.42
CA GLY L 3464 45.64 -11.43 54.53
C GLY L 3464 46.00 -10.89 53.16
N CYS L 3465 47.24 -11.10 52.73
CA CYS L 3465 47.62 -10.77 51.37
C CYS L 3465 48.43 -11.92 50.79
N TYR L 3466 48.32 -12.13 49.49
CA TYR L 3466 49.13 -13.09 48.77
C TYR L 3466 49.73 -12.39 47.55
N LYS L 3467 50.49 -13.15 46.77
CA LYS L 3467 51.26 -12.59 45.66
C LYS L 3467 50.80 -13.25 44.37
N ARG L 3468 49.79 -12.67 43.74
CA ARG L 3468 49.28 -13.19 42.48
C ARG L 3468 50.26 -12.87 41.36
N MET L 3469 50.79 -13.89 40.73
CA MET L 3469 51.65 -13.74 39.57
C MET L 3469 50.77 -13.81 38.31
N THR L 3470 51.40 -13.86 37.15
CA THR L 3470 50.67 -14.07 35.91
C THR L 3470 51.59 -14.74 34.90
N ILE L 3471 51.16 -15.87 34.36
CA ILE L 3471 51.89 -16.59 33.33
C ILE L 3471 51.17 -16.39 32.00
N ARG L 3472 51.91 -16.03 30.97
CA ARG L 3472 51.36 -15.91 29.64
C ARG L 3472 51.49 -17.26 28.94
N GLY L 3473 50.41 -17.71 28.30
CA GLY L 3473 50.39 -19.00 27.66
C GLY L 3473 50.90 -18.97 26.23
N ASN L 3474 50.74 -20.10 25.55
CA ASN L 3474 51.13 -20.20 24.14
C ASN L 3474 50.19 -19.42 23.24
N ASP L 3475 48.92 -19.32 23.62
CA ASP L 3475 47.89 -18.76 22.76
C ASP L 3475 47.60 -17.30 23.06
N GLY L 3476 48.42 -16.65 23.87
CA GLY L 3476 48.14 -15.32 24.33
C GLY L 3476 47.26 -15.27 25.57
N SER L 3477 46.75 -16.41 26.01
CA SER L 3477 45.88 -16.46 27.19
C SER L 3477 46.74 -16.32 28.43
N LEU L 3478 46.47 -15.29 29.23
CA LEU L 3478 47.19 -15.11 30.47
C LEU L 3478 46.51 -15.89 31.59
N HIS L 3479 47.33 -16.52 32.44
CA HIS L 3479 46.84 -17.43 33.46
C HIS L 3479 47.28 -16.92 34.82
N PRO L 3480 46.45 -16.17 35.54
CA PRO L 3480 46.87 -15.63 36.84
C PRO L 3480 46.75 -16.71 37.92
N PHE L 3481 47.86 -17.03 38.54
CA PHE L 3481 47.89 -17.97 39.65
C PHE L 3481 48.02 -17.19 40.95
N ALA L 3482 48.06 -17.92 42.06
CA ALA L 3482 48.17 -17.26 43.36
C ALA L 3482 48.84 -18.22 44.33
N VAL L 3483 50.12 -18.01 44.58
CA VAL L 3483 50.80 -18.77 45.63
C VAL L 3483 50.34 -18.28 46.99
N GLN L 3484 50.09 -19.22 47.91
CA GLN L 3484 49.80 -18.90 49.29
C GLN L 3484 50.91 -19.43 50.18
N PHE L 3485 51.33 -18.60 51.15
CA PHE L 3485 52.55 -18.91 51.90
C PHE L 3485 52.38 -20.11 52.83
N PRO L 3486 51.34 -20.21 53.73
CA PRO L 3486 51.22 -21.45 54.48
C PRO L 3486 50.28 -22.45 53.82
N ALA L 3487 50.16 -23.63 54.42
CA ALA L 3487 49.16 -24.62 54.03
C ALA L 3487 48.89 -25.48 55.25
N ALA L 3488 47.75 -25.25 55.89
CA ALA L 3488 47.42 -26.00 57.10
C ALA L 3488 47.09 -27.45 56.75
N ARG L 3489 46.99 -28.28 57.80
CA ARG L 3489 46.99 -29.73 57.68
C ARG L 3489 45.78 -30.32 56.95
N HIS L 3490 44.80 -29.50 56.56
CA HIS L 3490 43.71 -29.95 55.72
C HIS L 3490 44.06 -29.93 54.24
N CYS L 3491 45.23 -29.41 53.86
CA CYS L 3491 45.55 -29.26 52.44
C CYS L 3491 45.82 -30.61 51.78
N ARG L 3492 46.21 -31.61 52.55
CA ARG L 3492 46.30 -32.98 52.08
C ARG L 3492 44.99 -33.74 52.27
N ARG L 3493 43.90 -33.02 52.51
CA ARG L 3493 42.59 -33.65 52.62
C ARG L 3493 41.64 -32.99 51.65
N GLU L 3494 41.74 -31.67 51.49
CA GLU L 3494 40.88 -30.95 50.54
C GLU L 3494 41.28 -31.16 49.10
N GLU L 3495 42.49 -31.68 48.84
CA GLU L 3495 42.78 -32.16 47.50
C GLU L 3495 41.99 -33.42 47.19
N ARG L 3496 41.68 -34.21 48.22
CA ARG L 3496 40.86 -35.41 48.02
C ARG L 3496 39.39 -35.08 47.91
N ILE L 3497 38.98 -33.91 48.40
CA ILE L 3497 37.56 -33.52 48.30
C ILE L 3497 37.27 -33.02 46.90
N PHE L 3498 38.16 -32.17 46.37
CA PHE L 3498 38.00 -31.69 45.00
C PHE L 3498 38.23 -32.81 44.00
N GLN L 3499 39.01 -33.82 44.38
CA GLN L 3499 39.24 -34.96 43.48
C GLN L 3499 37.95 -35.75 43.26
N LEU L 3500 37.08 -35.78 44.27
CA LEU L 3500 35.84 -36.54 44.16
C LEU L 3500 34.88 -35.91 43.17
N PHE L 3501 34.85 -34.58 43.10
CA PHE L 3501 34.03 -33.92 42.10
C PHE L 3501 34.78 -33.63 40.81
N ARG L 3502 36.01 -34.13 40.67
CA ARG L 3502 36.55 -34.33 39.33
C ARG L 3502 36.03 -35.62 38.73
N ILE L 3503 35.42 -36.48 39.56
CA ILE L 3503 34.81 -37.72 39.12
C ILE L 3503 33.33 -37.53 38.81
N PHE L 3504 32.66 -36.59 39.46
CA PHE L 3504 31.25 -36.34 39.19
C PHE L 3504 31.04 -35.36 38.05
N ASP L 3505 31.96 -34.40 37.87
CA ASP L 3505 31.72 -33.27 36.97
C ASP L 3505 31.75 -33.70 35.51
N ASP L 3506 32.57 -34.69 35.15
CA ASP L 3506 32.54 -35.17 33.78
C ASP L 3506 31.33 -36.08 33.55
N ALA L 3507 30.91 -36.80 34.58
CA ALA L 3507 29.68 -37.57 34.48
C ALA L 3507 28.46 -36.68 34.54
N LEU L 3508 28.62 -35.47 35.07
CA LEU L 3508 27.55 -34.48 35.02
C LEU L 3508 27.38 -33.90 33.62
N SER L 3509 28.46 -33.88 32.84
CA SER L 3509 28.42 -33.31 31.51
C SER L 3509 28.05 -34.32 30.43
N ARG L 3510 27.95 -35.60 30.78
CA ARG L 3510 27.71 -36.61 29.77
C ARG L 3510 26.23 -36.81 29.49
N LYS L 3511 25.36 -36.51 30.45
CA LYS L 3511 23.95 -36.82 30.35
C LYS L 3511 23.20 -35.81 29.50
N VAL L 3512 21.87 -35.83 29.56
CA VAL L 3512 21.04 -35.04 28.66
C VAL L 3512 20.41 -33.84 29.36
N GLN L 3513 19.79 -34.04 30.53
CA GLN L 3513 19.13 -32.92 31.20
C GLN L 3513 20.12 -32.12 32.03
N SER L 3514 21.39 -32.53 32.04
CA SER L 3514 22.40 -31.79 32.77
C SER L 3514 23.35 -31.07 31.82
N ARG L 3515 23.56 -31.63 30.63
CA ARG L 3515 24.38 -30.96 29.62
C ARG L 3515 23.56 -29.95 28.82
N ARG L 3516 22.24 -30.12 28.78
CA ARG L 3516 21.36 -29.12 28.18
C ARG L 3516 21.43 -27.79 28.91
N ARG L 3517 21.74 -27.81 30.20
CA ARG L 3517 21.76 -26.61 31.02
C ARG L 3517 23.15 -26.19 31.45
N ASN L 3518 24.17 -27.01 31.21
CA ASN L 3518 25.59 -26.68 31.38
C ASN L 3518 25.92 -26.29 32.84
N ILE L 3519 25.82 -27.29 33.72
CA ILE L 3519 25.90 -27.07 35.19
C ILE L 3519 27.28 -27.52 35.69
N SER L 3520 28.35 -26.91 35.16
CA SER L 3520 29.72 -27.28 35.58
C SER L 3520 29.93 -26.96 37.07
N LEU L 3521 30.28 -27.97 37.87
CA LEU L 3521 30.57 -27.78 39.29
C LEU L 3521 31.66 -26.78 39.71
N THR L 3522 32.42 -26.21 38.75
CA THR L 3522 33.38 -25.10 38.83
C THR L 3522 34.26 -24.98 40.08
N LEU L 3523 34.85 -26.07 40.51
CA LEU L 3523 35.84 -25.93 41.56
C LEU L 3523 37.25 -25.80 40.98
N PRO L 3524 38.15 -25.06 41.63
CA PRO L 3524 39.39 -24.68 40.98
C PRO L 3524 40.51 -25.67 41.18
N ILE L 3525 41.51 -25.56 40.32
CA ILE L 3525 42.70 -26.39 40.41
C ILE L 3525 43.57 -25.85 41.54
N ALA L 3526 44.26 -26.77 42.22
CA ALA L 3526 45.20 -26.37 43.26
C ALA L 3526 46.31 -27.43 43.30
N VAL L 3527 47.39 -27.17 42.59
CA VAL L 3527 48.51 -28.11 42.55
C VAL L 3527 49.46 -27.77 43.68
N PRO L 3528 49.93 -28.76 44.44
CA PRO L 3528 50.95 -28.49 45.44
C PRO L 3528 52.35 -28.65 44.87
N LEU L 3529 53.27 -27.82 45.39
CA LEU L 3529 54.64 -27.78 44.90
C LEU L 3529 55.67 -28.18 45.94
N SER L 3530 55.27 -28.30 47.20
CA SER L 3530 56.14 -28.43 48.36
C SER L 3530 55.23 -28.81 49.52
N PRO L 3531 55.75 -29.30 50.65
CA PRO L 3531 54.89 -29.51 51.83
C PRO L 3531 54.29 -28.23 52.39
N HIS L 3532 54.83 -27.05 52.09
CA HIS L 3532 54.29 -25.81 52.61
C HIS L 3532 53.61 -24.93 51.58
N ILE L 3533 54.03 -24.97 50.31
CA ILE L 3533 53.59 -24.02 49.30
C ILE L 3533 52.78 -24.77 48.24
N ARG L 3534 51.57 -24.30 47.99
CA ARG L 3534 50.73 -24.78 46.91
C ARG L 3534 50.16 -23.58 46.16
N ILE L 3535 50.04 -23.71 44.85
CA ILE L 3535 49.49 -22.64 44.03
C ILE L 3535 48.11 -23.06 43.56
N LEU L 3536 47.30 -22.05 43.22
CA LEU L 3536 45.94 -22.31 42.77
C LEU L 3536 45.48 -21.14 41.92
N ASN L 3537 44.52 -21.42 41.02
CA ASN L 3537 44.16 -20.53 39.94
C ASN L 3537 43.02 -19.61 40.39
N ASP L 3538 43.34 -18.33 40.54
CA ASP L 3538 42.33 -17.29 40.78
C ASP L 3538 42.85 -15.98 40.20
N ASP L 3539 41.93 -15.07 39.90
CA ASP L 3539 42.30 -13.85 39.20
C ASP L 3539 41.53 -12.68 39.81
N LYS L 3540 41.47 -11.59 39.04
CA LYS L 3540 40.56 -10.49 39.34
C LYS L 3540 39.10 -10.98 39.16
N ARG L 3541 38.17 -10.14 39.63
CA ARG L 3541 36.71 -10.35 39.60
C ARG L 3541 36.30 -11.69 40.21
N TYR L 3542 36.97 -12.07 41.29
CA TYR L 3542 36.54 -13.15 42.18
C TYR L 3542 36.28 -12.60 43.57
N THR L 3543 35.61 -11.45 43.63
CA THR L 3543 35.32 -10.80 44.90
C THR L 3543 34.29 -11.61 45.68
N THR L 3544 34.66 -12.02 46.89
CA THR L 3544 33.80 -12.87 47.71
C THR L 3544 32.61 -12.08 48.24
N LEU L 3545 31.68 -12.81 48.86
CA LEU L 3545 30.42 -12.22 49.29
C LEU L 3545 30.61 -11.28 50.47
N MET L 3546 31.57 -11.56 51.36
CA MET L 3546 31.85 -10.61 52.41
C MET L 3546 32.52 -9.35 51.88
N GLY L 3547 33.30 -9.46 50.80
CA GLY L 3547 33.91 -8.27 50.19
C GLY L 3547 32.88 -7.34 49.57
N ILE L 3548 31.73 -7.88 49.18
CA ILE L 3548 30.60 -7.04 48.80
C ILE L 3548 30.08 -6.27 50.01
N TYR L 3549 30.09 -6.92 51.18
CA TYR L 3549 29.49 -6.32 52.37
C TYR L 3549 30.33 -5.16 52.91
N GLU L 3550 31.65 -5.31 52.95
CA GLU L 3550 32.45 -4.16 53.37
C GLU L 3550 32.52 -3.08 52.30
N GLU L 3551 32.20 -3.41 51.05
CA GLU L 3551 32.11 -2.39 50.01
C GLU L 3551 30.93 -1.47 50.26
N PHE L 3552 29.83 -2.02 50.80
CA PHE L 3552 28.64 -1.20 51.04
C PHE L 3552 28.84 -0.31 52.26
N CYS L 3553 29.44 -0.84 53.33
CA CYS L 3553 29.67 -0.03 54.52
C CYS L 3553 30.76 1.01 54.30
N ARG L 3554 31.66 0.78 53.35
CA ARG L 3554 32.61 1.82 52.97
C ARG L 3554 31.92 2.97 52.26
N ARG L 3555 30.87 2.67 51.49
CA ARG L 3555 30.08 3.71 50.84
C ARG L 3555 29.19 4.46 51.83
N LYS L 3556 28.96 3.90 53.01
CA LYS L 3556 28.19 4.56 54.06
C LYS L 3556 28.94 5.76 54.62
N PRO L 3601 20.77 -4.08 55.63
CA PRO L 3601 19.41 -4.55 55.42
C PRO L 3601 19.36 -5.72 54.46
N SER L 3602 18.17 -6.02 53.96
CA SER L 3602 18.04 -6.89 52.80
C SER L 3602 18.20 -6.04 51.55
N THR L 3603 18.11 -6.70 50.38
CA THR L 3603 18.29 -6.09 49.06
C THR L 3603 19.62 -5.35 48.95
N LEU L 3604 20.71 -6.08 49.18
CA LEU L 3604 22.06 -5.54 49.01
C LEU L 3604 22.76 -6.12 47.80
N LEU L 3605 22.46 -7.37 47.44
CA LEU L 3605 22.91 -7.90 46.17
C LEU L 3605 22.11 -7.29 45.03
N LYS L 3606 20.85 -6.95 45.29
CA LYS L 3606 20.02 -6.33 44.27
C LYS L 3606 20.41 -4.88 44.02
N ASP L 3607 21.09 -4.23 44.97
CA ASP L 3607 21.53 -2.87 44.79
C ASP L 3607 22.94 -2.79 44.23
N TYR L 3608 23.80 -3.73 44.61
CA TYR L 3608 25.18 -3.68 44.14
C TYR L 3608 25.28 -4.11 42.69
N TYR L 3609 24.47 -5.06 42.26
CA TYR L 3609 24.57 -5.63 40.93
C TYR L 3609 23.71 -4.94 39.89
N THR L 3610 22.98 -3.88 40.25
CA THR L 3610 22.31 -3.08 39.24
C THR L 3610 23.07 -1.82 38.88
N GLU L 3611 23.70 -1.16 39.87
CA GLU L 3611 24.55 -0.02 39.55
C GLU L 3611 25.84 -0.49 38.88
N LYS L 3612 26.28 -1.71 39.15
CA LYS L 3612 27.44 -2.26 38.46
C LYS L 3612 27.08 -2.71 37.06
N PHE L 3613 25.93 -3.37 36.92
CA PHE L 3613 25.47 -3.86 35.62
C PHE L 3613 24.35 -2.95 35.13
N SER L 3614 24.72 -1.87 34.45
CA SER L 3614 23.79 -1.23 33.54
C SER L 3614 23.75 -2.05 32.26
N ASN L 3615 22.93 -1.61 31.29
CA ASN L 3615 22.67 -2.34 30.05
C ASN L 3615 22.12 -3.74 30.38
N TYR L 3616 20.84 -3.74 30.78
CA TYR L 3616 20.06 -4.84 31.35
C TYR L 3616 20.26 -6.23 30.74
N GLU L 3617 20.65 -6.30 29.46
CA GLU L 3617 21.05 -7.55 28.84
C GLU L 3617 22.18 -8.23 29.63
N ASN L 3618 23.10 -7.44 30.18
CA ASN L 3618 24.14 -8.00 31.03
C ASN L 3618 23.62 -8.36 32.40
N TYR L 3619 22.64 -7.60 32.91
CA TYR L 3619 22.20 -7.84 34.28
C TYR L 3619 21.30 -9.06 34.35
N TRP L 3620 20.47 -9.28 33.34
CA TRP L 3620 19.56 -10.43 33.35
C TRP L 3620 20.34 -11.73 33.14
N LEU L 3621 21.40 -11.68 32.34
CA LEU L 3621 22.18 -12.88 32.08
C LEU L 3621 23.07 -13.23 33.26
N PHE L 3622 23.55 -12.23 33.98
CA PHE L 3622 24.41 -12.50 35.12
C PHE L 3622 23.62 -13.07 36.28
N ARG L 3623 22.39 -12.59 36.46
CA ARG L 3623 21.54 -13.13 37.51
C ARG L 3623 21.14 -14.55 37.21
N LYS L 3624 20.80 -14.85 35.95
CA LYS L 3624 20.39 -16.19 35.56
C LYS L 3624 21.53 -17.17 35.68
N GLN L 3625 22.77 -16.71 35.49
CA GLN L 3625 23.92 -17.57 35.68
C GLN L 3625 24.36 -17.63 37.13
N PHE L 3626 23.94 -16.67 37.95
CA PHE L 3626 24.21 -16.75 39.37
C PHE L 3626 23.35 -17.83 40.03
N THR L 3627 22.03 -17.78 39.80
CA THR L 3627 21.14 -18.73 40.45
C THR L 3627 21.32 -20.14 39.91
N ALA L 3628 21.79 -20.28 38.68
CA ALA L 3628 22.04 -21.60 38.14
C ALA L 3628 23.31 -22.18 38.71
N GLN L 3629 24.20 -21.33 39.22
CA GLN L 3629 25.44 -21.83 39.81
C GLN L 3629 25.32 -21.93 41.30
N TYR L 3630 24.30 -21.31 41.89
CA TYR L 3630 24.11 -21.44 43.32
C TYR L 3630 23.59 -22.82 43.70
N ALA L 3631 22.87 -23.47 42.78
CA ALA L 3631 22.38 -24.81 43.06
C ALA L 3631 23.52 -25.82 43.03
N SER L 3632 24.57 -25.55 42.27
CA SER L 3632 25.75 -26.40 42.31
C SER L 3632 26.55 -26.15 43.58
N PHE L 3633 26.32 -25.02 44.23
CA PHE L 3633 26.92 -24.77 45.53
C PHE L 3633 26.14 -25.48 46.63
N ILE L 3634 24.83 -25.65 46.43
CA ILE L 3634 23.98 -26.27 47.45
C ILE L 3634 24.21 -27.77 47.50
N PHE L 3635 24.37 -28.41 46.33
CA PHE L 3635 24.50 -29.86 46.26
C PHE L 3635 25.79 -30.35 46.92
N MET L 3636 26.90 -29.69 46.66
CA MET L 3636 28.15 -30.11 47.27
C MET L 3636 28.24 -29.73 48.74
N THR L 3637 27.37 -28.84 49.21
CA THR L 3637 27.32 -28.51 50.63
C THR L 3637 26.39 -29.48 51.38
N TYR L 3638 25.22 -29.78 50.80
CA TYR L 3638 24.30 -30.73 51.41
C TYR L 3638 24.87 -32.14 51.41
N ILE L 3639 25.13 -32.68 50.21
CA ILE L 3639 25.78 -33.98 50.10
C ILE L 3639 27.19 -33.87 50.59
N MET L 3640 27.59 -34.83 51.45
CA MET L 3640 28.89 -34.88 52.10
C MET L 3640 29.12 -33.59 52.89
N CYS L 3641 28.30 -33.49 53.95
CA CYS L 3641 27.89 -32.25 54.62
C CYS L 3641 29.03 -31.37 55.08
N ILE L 3642 29.10 -30.19 54.51
CA ILE L 3642 30.06 -29.18 54.89
C ILE L 3642 29.48 -28.36 56.04
N ASN L 3643 30.37 -27.91 56.93
CA ASN L 3643 30.01 -27.15 58.12
C ASN L 3643 29.74 -25.70 57.77
N SER L 3644 29.75 -24.82 58.77
CA SER L 3644 29.22 -23.47 58.66
C SER L 3644 29.94 -22.61 57.61
N ARG L 3645 29.26 -22.37 56.50
CA ARG L 3645 29.79 -21.56 55.41
C ARG L 3645 29.60 -20.10 55.74
N GLN L 3646 30.68 -19.45 56.17
CA GLN L 3646 30.67 -18.01 56.37
C GLN L 3646 30.63 -17.34 55.00
N PRO L 3647 30.22 -16.06 54.93
CA PRO L 3647 30.21 -15.38 53.63
C PRO L 3647 31.59 -15.14 53.03
N GLN L 3648 32.65 -15.20 53.82
CA GLN L 3648 34.00 -15.07 53.29
C GLN L 3648 34.57 -16.38 52.77
N LYS L 3649 33.82 -17.47 52.87
CA LYS L 3649 34.25 -18.77 52.37
C LYS L 3649 33.65 -19.12 51.01
N ILE L 3650 32.90 -18.21 50.39
CA ILE L 3650 32.15 -18.50 49.18
C ILE L 3650 32.50 -17.44 48.13
N HIS L 3651 33.19 -17.86 47.08
CA HIS L 3651 33.72 -16.96 46.07
C HIS L 3651 32.72 -16.84 44.92
N ILE L 3652 32.35 -15.62 44.57
CA ILE L 3652 31.48 -15.38 43.42
C ILE L 3652 32.26 -14.60 42.37
N ASN L 3653 32.18 -15.07 41.14
CA ASN L 3653 32.73 -14.34 40.00
C ASN L 3653 31.90 -13.09 39.76
N GLU L 3654 32.53 -12.06 39.23
CA GLU L 3654 31.84 -10.80 38.94
C GLU L 3654 31.65 -10.53 37.47
N GLY L 3655 32.14 -11.40 36.59
CA GLY L 3655 31.92 -11.24 35.18
C GLY L 3655 31.21 -12.43 34.59
N SER L 3656 31.16 -13.53 35.33
CA SER L 3656 30.51 -14.75 34.86
C SER L 3656 29.46 -15.28 35.82
N GLY L 3657 29.72 -15.19 37.12
CA GLY L 3657 28.79 -15.71 38.11
C GLY L 3657 29.10 -17.10 38.64
N ASN L 3658 30.28 -17.64 38.37
CA ASN L 3658 30.62 -18.98 38.84
C ASN L 3658 30.98 -18.93 40.32
N ILE L 3659 30.36 -19.81 41.10
CA ILE L 3659 30.48 -19.80 42.55
C ILE L 3659 31.18 -21.06 43.00
N TRP L 3660 32.24 -20.92 43.78
CA TRP L 3660 32.93 -22.05 44.37
C TRP L 3660 33.34 -21.71 45.79
N THR L 3661 33.58 -22.75 46.59
CA THR L 3661 33.90 -22.58 48.00
C THR L 3661 35.32 -23.03 48.27
N SER L 3662 35.97 -22.34 49.20
CA SER L 3662 37.24 -22.78 49.74
C SER L 3662 37.01 -23.64 50.97
N GLU L 3663 38.04 -24.41 51.33
CA GLU L 3663 38.17 -25.24 52.55
C GLU L 3663 36.92 -26.09 52.82
N MET L 3664 36.72 -27.05 51.92
CA MET L 3664 35.67 -28.07 52.04
C MET L 3664 36.14 -29.17 52.98
N LEU L 3665 35.67 -29.12 54.23
CA LEU L 3665 35.99 -30.12 55.23
C LEU L 3665 34.72 -30.81 55.69
N PRO L 3666 34.44 -32.03 55.24
CA PRO L 3666 33.20 -32.70 55.65
C PRO L 3666 33.31 -33.57 56.89
N THR L 3667 32.37 -33.38 57.83
CA THR L 3667 32.04 -34.36 58.88
C THR L 3667 30.70 -33.96 59.48
N PHE L 3695 30.07 -38.13 58.46
CA PHE L 3695 29.49 -37.06 57.67
C PHE L 3695 28.09 -36.79 58.17
N TYR L 3696 28.00 -36.29 59.40
CA TYR L 3696 26.75 -36.25 60.11
C TYR L 3696 26.30 -34.82 60.35
N ASN L 3697 25.02 -34.68 60.70
CA ASN L 3697 24.42 -33.39 61.00
C ASN L 3697 24.98 -32.83 62.31
N THR L 3698 25.84 -31.83 62.21
CA THR L 3698 26.45 -31.32 63.43
C THR L 3698 25.55 -30.32 64.13
N GLU L 3699 25.39 -29.15 63.53
CA GLU L 3699 24.45 -28.13 64.03
C GLU L 3699 24.19 -27.22 62.85
N SER L 3700 23.09 -27.45 62.14
CA SER L 3700 22.95 -26.84 60.83
C SER L 3700 21.49 -26.59 60.47
N VAL L 3701 21.29 -25.55 59.66
CA VAL L 3701 20.14 -25.41 58.77
C VAL L 3701 20.68 -26.11 57.52
N PRO L 3702 19.83 -26.72 56.66
CA PRO L 3702 20.38 -27.59 55.59
C PRO L 3702 21.33 -26.93 54.60
N PHE L 3703 21.15 -25.65 54.29
CA PHE L 3703 22.09 -24.90 53.46
C PHE L 3703 21.85 -23.41 53.66
N ARG L 3704 22.74 -22.62 53.06
CA ARG L 3704 22.70 -21.17 53.20
C ARG L 3704 21.85 -20.56 52.10
N LEU L 3705 20.69 -20.01 52.45
CA LEU L 3705 19.83 -19.28 51.51
C LEU L 3705 19.29 -18.01 52.16
N THR L 3706 20.20 -17.22 52.72
CA THR L 3706 19.87 -16.00 53.46
C THR L 3706 19.18 -14.98 52.54
N PRO L 3707 18.16 -14.27 53.04
CA PRO L 3707 17.35 -13.41 52.16
C PRO L 3707 18.03 -12.20 51.53
N ASN L 3708 19.33 -11.97 51.72
CA ASN L 3708 19.99 -11.07 50.78
C ASN L 3708 20.36 -11.78 49.48
N ILE L 3709 20.31 -13.11 49.47
CA ILE L 3709 20.41 -13.85 48.23
C ILE L 3709 19.02 -14.10 47.65
N GLN L 3710 18.08 -14.50 48.50
CA GLN L 3710 16.73 -14.87 48.10
C GLN L 3710 15.95 -13.72 47.46
N LYS L 3711 16.33 -12.46 47.70
CA LYS L 3711 15.78 -11.38 46.91
C LYS L 3711 16.46 -11.29 45.55
N PHE L 3712 17.76 -11.58 45.48
CA PHE L 3712 18.47 -11.50 44.22
C PHE L 3712 18.18 -12.69 43.32
N ILE L 3713 17.77 -13.83 43.89
CA ILE L 3713 17.37 -14.99 43.09
C ILE L 3713 16.20 -14.63 42.19
N GLY L 3714 15.15 -14.09 42.78
CA GLY L 3714 14.12 -13.44 41.98
C GLY L 3714 12.71 -13.93 42.25
N GLU L 3715 12.59 -14.93 43.13
CA GLU L 3715 11.34 -15.62 43.54
C GLU L 3715 10.50 -16.13 42.35
N ALA L 3716 11.10 -16.23 41.17
CA ALA L 3716 10.55 -16.94 40.03
C ALA L 3716 11.64 -17.69 39.28
N GLY L 3717 12.86 -17.69 39.80
CA GLY L 3717 13.92 -18.57 39.37
C GLY L 3717 14.30 -19.42 40.56
N LEU L 3718 13.78 -19.04 41.72
CA LEU L 3718 13.80 -19.90 42.88
C LEU L 3718 12.88 -21.10 42.70
N GLU L 3719 11.84 -20.97 41.89
CA GLU L 3719 10.97 -22.09 41.55
C GLU L 3719 11.37 -22.78 40.27
N GLY L 3720 12.02 -22.06 39.37
CA GLY L 3720 12.26 -22.59 38.04
C GLY L 3720 13.69 -22.95 37.73
N ILE L 3721 14.64 -22.51 38.55
CA ILE L 3721 16.05 -22.85 38.41
C ILE L 3721 16.61 -23.50 39.66
N LEU L 3722 16.56 -22.79 40.79
CA LEU L 3722 17.24 -23.25 42.00
C LEU L 3722 16.59 -24.48 42.59
N SER L 3723 15.32 -24.71 42.33
CA SER L 3723 14.67 -25.88 42.86
C SER L 3723 14.78 -27.09 41.94
N VAL L 3724 15.04 -26.90 40.66
CA VAL L 3724 15.15 -28.02 39.74
C VAL L 3724 16.59 -28.34 39.36
N TYR L 3725 17.53 -27.42 39.52
CA TYR L 3725 18.92 -27.75 39.23
C TYR L 3725 19.50 -28.58 40.35
N ILE L 3726 19.03 -28.37 41.57
CA ILE L 3726 19.40 -29.22 42.70
C ILE L 3726 18.81 -30.62 42.54
N LEU L 3727 17.72 -30.74 41.78
CA LEU L 3727 17.12 -32.05 41.54
C LEU L 3727 17.81 -32.76 40.39
N VAL L 3728 18.09 -32.03 39.31
CA VAL L 3728 18.62 -32.68 38.11
C VAL L 3728 20.09 -33.03 38.25
N ILE L 3729 20.79 -32.46 39.23
CA ILE L 3729 22.11 -32.96 39.59
C ILE L 3729 21.98 -34.32 40.25
N ALA L 3730 21.07 -34.42 41.21
CA ALA L 3730 20.86 -35.67 41.93
C ALA L 3730 20.26 -36.74 41.03
N ASN L 3731 19.49 -36.34 40.02
CA ASN L 3731 18.81 -37.28 39.15
C ASN L 3731 19.76 -37.97 38.17
N SER L 3732 20.98 -37.48 38.03
CA SER L 3732 21.99 -38.12 37.21
C SER L 3732 23.06 -38.83 38.04
N LEU L 3733 23.49 -38.20 39.13
CA LEU L 3733 24.53 -38.78 39.98
C LEU L 3733 24.03 -40.02 40.70
N SER L 3734 22.73 -40.12 40.94
CA SER L 3734 22.17 -41.36 41.46
C SER L 3734 22.28 -42.48 40.45
N ASP L 3735 22.18 -42.17 39.15
CA ASP L 3735 21.96 -43.20 38.15
C ASP L 3735 22.87 -43.02 36.94
N SER L 3736 24.15 -42.75 37.13
CA SER L 3736 25.03 -42.80 35.96
C SER L 3736 25.70 -44.15 35.84
N GLU L 3737 26.69 -44.42 36.70
CA GLU L 3737 27.22 -45.75 36.99
C GLU L 3737 27.73 -45.69 38.44
N PHE L 3738 26.81 -45.91 39.38
CA PHE L 3738 27.09 -46.09 40.82
C PHE L 3738 27.96 -44.98 41.41
N ASP L 3739 27.69 -43.73 41.01
CA ASP L 3739 28.47 -42.59 41.52
C ASP L 3739 28.26 -42.40 43.02
N MET L 3740 27.11 -42.83 43.53
CA MET L 3740 26.90 -42.84 44.97
C MET L 3740 27.41 -44.10 45.65
N GLU L 3741 27.88 -45.10 44.89
CA GLU L 3741 28.39 -46.32 45.51
C GLU L 3741 29.82 -46.64 45.11
N GLN L 3742 30.14 -46.61 43.82
CA GLN L 3742 31.36 -47.22 43.31
C GLN L 3742 32.58 -46.41 43.69
N TYR L 3743 32.59 -45.12 43.36
CA TYR L 3743 33.75 -44.29 43.62
C TYR L 3743 33.87 -43.95 45.10
N LEU L 3744 32.77 -43.95 45.83
CA LEU L 3744 32.78 -43.40 47.17
C LEU L 3744 33.42 -44.29 48.22
N SER L 3745 33.94 -45.46 47.85
CA SER L 3745 34.61 -46.29 48.84
C SER L 3745 35.99 -45.73 49.18
N LEU L 3746 36.86 -45.57 48.18
CA LEU L 3746 38.25 -45.16 48.41
C LEU L 3746 38.39 -43.68 48.79
N PHE L 3747 37.30 -42.92 48.83
CA PHE L 3747 37.36 -41.54 49.27
C PHE L 3747 36.82 -41.36 50.68
N VAL L 3748 36.42 -42.43 51.36
CA VAL L 3748 36.11 -42.38 52.78
C VAL L 3748 37.13 -43.17 53.61
N ARG L 3749 37.78 -44.17 53.03
CA ARG L 3749 38.82 -44.91 53.74
C ARG L 3749 40.08 -44.08 53.97
N ASP L 3750 40.21 -42.92 53.32
CA ASP L 3750 41.21 -41.93 53.69
C ASP L 3750 40.61 -40.78 54.49
N GLU L 3751 39.33 -40.86 54.83
CA GLU L 3751 38.72 -39.93 55.77
C GLU L 3751 38.62 -40.54 57.17
N VAL L 3752 38.24 -41.81 57.26
CA VAL L 3752 38.06 -42.44 58.57
C VAL L 3752 39.40 -42.81 59.19
N ILE L 3753 40.47 -42.88 58.39
CA ILE L 3753 41.79 -43.07 58.98
C ILE L 3753 42.34 -41.72 59.44
N SER L 3754 41.77 -40.63 58.92
CA SER L 3754 42.13 -39.31 59.43
C SER L 3754 41.27 -38.93 60.62
N TRP L 3755 40.07 -39.51 60.73
CA TRP L 3755 39.21 -39.21 61.87
C TRP L 3755 39.72 -39.88 63.14
N PHE L 3756 40.28 -41.09 63.00
CA PHE L 3756 40.87 -41.75 64.17
C PHE L 3756 42.14 -41.04 64.61
N ALA L 3757 42.85 -40.42 63.68
CA ALA L 3757 43.99 -39.59 64.05
C ALA L 3757 43.52 -38.22 64.56
N GLN L 3758 42.25 -37.89 64.34
CA GLN L 3758 41.72 -36.62 64.81
C GLN L 3758 41.27 -36.71 66.26
N GLN L 3759 40.43 -37.71 66.58
CA GLN L 3759 39.79 -37.75 67.89
C GLN L 3759 40.75 -38.19 68.99
N HIS L 3760 41.76 -38.97 68.62
CA HIS L 3760 42.89 -39.24 69.51
C HIS L 3760 44.11 -39.56 68.63
N ARG L 3761 45.15 -40.10 69.27
CA ARG L 3761 46.41 -40.29 68.56
C ARG L 3761 46.45 -41.68 67.90
N ALA L 3762 45.86 -42.68 68.54
CA ALA L 3762 45.93 -44.04 68.02
C ALA L 3762 44.88 -44.25 66.93
N SER L 3763 44.81 -45.49 66.43
CA SER L 3763 43.79 -45.91 65.48
C SER L 3763 43.54 -47.40 65.67
N ALA L 3764 42.28 -47.80 65.55
CA ALA L 3764 41.89 -49.18 65.82
C ALA L 3764 40.85 -49.60 64.76
N GLN L 3765 40.19 -50.72 65.03
CA GLN L 3765 39.13 -51.29 64.19
C GLN L 3765 39.63 -51.59 62.77
N THR L 3766 40.69 -52.39 62.68
CA THR L 3766 41.27 -52.71 61.38
C THR L 3766 40.40 -53.71 60.63
N ASN L 3767 39.94 -54.76 61.33
CA ASN L 3767 39.03 -55.71 60.71
C ASN L 3767 37.64 -55.10 60.53
N GLN L 3768 37.27 -54.19 61.43
CA GLN L 3768 35.99 -53.49 61.35
C GLN L 3768 36.02 -52.34 60.34
N LEU L 3769 37.18 -52.06 59.74
CA LEU L 3769 37.32 -50.91 58.85
C LEU L 3769 36.53 -51.11 57.55
N ARG L 3770 36.22 -52.36 57.21
CA ARG L 3770 35.30 -52.61 56.10
C ARG L 3770 33.88 -52.18 56.45
N GLU L 3771 33.56 -52.12 57.74
CA GLU L 3771 32.19 -51.82 58.15
C GLU L 3771 32.00 -50.33 58.43
N ILE L 3772 33.08 -49.63 58.80
CA ILE L 3772 32.97 -48.18 58.98
C ILE L 3772 32.88 -47.49 57.63
N VAL L 3773 33.51 -48.07 56.61
CA VAL L 3773 33.37 -47.57 55.25
C VAL L 3773 31.98 -47.89 54.72
N ARG L 3774 31.49 -49.11 54.96
CA ARG L 3774 30.18 -49.53 54.48
C ARG L 3774 29.02 -48.82 55.20
N VAL L 3775 29.28 -48.16 56.32
CA VAL L 3775 28.23 -47.38 56.96
C VAL L 3775 28.22 -45.95 56.43
N ASN L 3776 29.39 -45.32 56.35
CA ASN L 3776 29.44 -43.93 55.91
C ASN L 3776 29.35 -43.78 54.40
N VAL L 3777 29.45 -44.87 53.63
CA VAL L 3777 29.00 -44.78 52.25
C VAL L 3777 27.50 -45.00 52.18
N GLU L 3778 26.92 -45.70 53.17
CA GLU L 3778 25.49 -45.98 53.13
C GLU L 3778 24.68 -44.74 53.50
N LEU L 3779 25.30 -43.81 54.23
CA LEU L 3779 24.66 -42.52 54.44
C LEU L 3779 24.75 -41.68 53.18
N LEU L 3780 25.89 -41.71 52.49
CA LEU L 3780 26.07 -40.85 51.32
C LEU L 3780 25.35 -41.40 50.10
N THR L 3781 25.02 -42.68 50.09
CA THR L 3781 24.12 -43.16 49.05
C THR L 3781 22.67 -42.97 49.46
N LYS L 3782 22.41 -42.73 50.75
CA LYS L 3782 21.04 -42.43 51.17
C LYS L 3782 20.90 -40.95 51.52
N ARG L 3783 21.81 -40.12 51.00
CA ARG L 3783 21.59 -38.68 51.06
C ARG L 3783 21.36 -38.11 49.67
N VAL L 3784 21.96 -38.73 48.64
CA VAL L 3784 21.68 -38.34 47.26
C VAL L 3784 20.33 -38.91 46.83
N LEU L 3785 20.15 -40.21 47.03
CA LEU L 3785 19.02 -40.94 46.44
C LEU L 3785 17.68 -40.50 47.00
N GLN L 3786 17.64 -40.05 48.24
CA GLN L 3786 16.35 -39.77 48.86
C GLN L 3786 15.76 -38.46 48.36
N LEU L 3787 16.60 -37.50 47.96
CA LEU L 3787 16.03 -36.25 47.47
C LEU L 3787 15.75 -36.27 45.97
N ASN L 3788 15.87 -37.43 45.32
CA ASN L 3788 15.38 -37.59 43.96
C ASN L 3788 13.87 -37.68 43.96
N HIS L 3789 13.28 -37.68 42.77
CA HIS L 3789 11.83 -37.58 42.65
C HIS L 3789 11.14 -38.88 43.06
N ILE L 3790 10.01 -38.75 43.73
CA ILE L 3790 9.23 -39.91 44.17
C ILE L 3790 8.51 -40.49 42.96
N PRO L 3791 8.57 -41.81 42.72
CA PRO L 3791 8.08 -42.35 41.44
C PRO L 3791 6.57 -42.32 41.25
N ASN L 3792 5.80 -42.01 42.28
CA ASN L 3792 4.37 -41.83 42.07
C ASN L 3792 4.09 -40.46 41.47
N SER L 3793 2.87 -40.27 40.95
CA SER L 3793 2.58 -39.07 40.19
C SER L 3793 1.88 -38.01 41.04
N GLN L 3794 1.76 -38.23 42.34
CA GLN L 3794 0.95 -37.33 43.16
C GLN L 3794 1.77 -36.16 43.69
N ASN L 3795 3.10 -36.31 43.80
CA ASN L 3795 3.94 -35.21 44.24
C ASN L 3795 4.13 -34.22 43.09
N VAL L 3796 4.56 -33.01 43.42
CA VAL L 3796 4.65 -31.95 42.37
C VAL L 3796 5.67 -32.43 41.34
N ALA L 3797 6.86 -32.81 41.81
CA ALA L 3797 7.94 -33.31 40.93
C ALA L 3797 9.18 -33.43 41.81
N THR L 3798 9.33 -32.49 42.74
CA THR L 3798 10.52 -32.47 43.57
C THR L 3798 10.19 -32.78 45.02
N GLN L 3799 9.52 -31.86 45.71
CA GLN L 3799 8.85 -32.00 47.00
C GLN L 3799 9.76 -32.36 48.18
N PHE L 3800 11.02 -32.71 47.93
CA PHE L 3800 11.96 -32.79 49.02
C PHE L 3800 12.96 -31.65 48.97
N VAL L 3801 13.34 -31.21 47.77
CA VAL L 3801 14.21 -30.04 47.70
C VAL L 3801 13.39 -28.79 47.93
N LEU L 3802 12.07 -28.87 47.81
CA LEU L 3802 11.21 -27.82 48.35
C LEU L 3802 11.05 -27.97 49.85
N ASN L 3803 11.20 -29.19 50.38
CA ASN L 3803 11.14 -29.38 51.82
C ASN L 3803 12.36 -28.77 52.50
N LEU L 3804 13.52 -28.86 51.86
CA LEU L 3804 14.74 -28.32 52.45
C LEU L 3804 14.85 -26.82 52.24
N ILE L 3805 14.36 -26.31 51.11
CA ILE L 3805 14.38 -24.86 50.88
C ILE L 3805 13.44 -24.16 51.85
N SER L 3806 12.30 -24.79 52.15
CA SER L 3806 11.39 -24.24 53.14
C SER L 3806 11.97 -24.26 54.55
N GLN L 3807 12.96 -25.13 54.82
CA GLN L 3807 13.63 -25.11 56.12
C GLN L 3807 14.72 -24.06 56.16
N ALA L 3808 15.49 -23.92 55.09
CA ALA L 3808 16.62 -23.00 55.08
C ALA L 3808 16.21 -21.54 55.00
N VAL L 3809 14.98 -21.24 54.59
CA VAL L 3809 14.52 -19.86 54.59
C VAL L 3809 13.68 -19.53 55.81
N ASN L 3810 13.42 -20.51 56.67
CA ASN L 3810 12.60 -20.30 57.86
C ASN L 3810 13.35 -19.42 58.85
N PRO L 3811 12.78 -18.28 59.28
CA PRO L 3811 13.52 -17.40 60.21
C PRO L 3811 13.66 -17.96 61.61
N ARG L 3812 12.91 -19.01 61.97
CA ARG L 3812 13.18 -19.71 63.21
C ARG L 3812 14.50 -20.47 63.11
N ASN L 3813 14.62 -21.34 62.11
CA ASN L 3813 15.78 -22.20 61.95
C ASN L 3813 17.03 -21.45 61.50
N LEU L 3814 16.89 -20.19 61.13
CA LEU L 3814 18.02 -19.40 60.68
C LEU L 3814 18.75 -18.70 61.83
N ALA L 3815 18.00 -18.09 62.74
CA ALA L 3815 18.60 -17.35 63.86
C ALA L 3815 18.95 -18.24 65.04
N TYR L 3816 18.40 -19.46 65.08
CA TYR L 3816 18.72 -20.41 66.14
C TYR L 3816 20.15 -20.93 66.03
N THR L 3817 20.72 -20.90 64.81
CA THR L 3817 22.10 -21.32 64.58
C THR L 3817 23.09 -20.21 64.91
N ASP L 3818 24.33 -20.36 64.42
CA ASP L 3818 25.46 -19.53 64.81
C ASP L 3818 25.25 -18.05 64.47
N SER L 3819 26.02 -17.20 65.14
CA SER L 3819 25.90 -15.76 65.02
C SER L 3819 27.06 -15.10 64.29
N ALA L 3820 28.19 -15.79 64.13
CA ALA L 3820 29.23 -15.36 63.22
C ALA L 3820 29.03 -15.89 61.81
N TRP L 3821 27.93 -16.61 61.59
CA TRP L 3821 27.55 -17.14 60.29
C TRP L 3821 26.98 -16.07 59.37
N MET L 3822 26.64 -14.90 59.91
CA MET L 3822 26.02 -13.77 59.20
C MET L 3822 24.74 -14.21 58.48
N ALA L 3823 23.77 -14.59 59.32
CA ALA L 3823 22.48 -15.06 58.84
C ALA L 3823 21.52 -13.94 58.49
N TYR L 3824 21.97 -12.68 58.47
CA TYR L 3824 21.16 -11.58 57.96
C TYR L 3824 21.54 -11.19 56.55
N LEU L 3825 22.81 -11.33 56.18
CA LEU L 3825 23.28 -11.09 54.81
C LEU L 3825 23.60 -12.39 54.08
N UNK M 1 -133.17 -11.78 5.59
CA UNK M 1 -132.31 -11.77 6.80
C UNK M 1 -132.40 -13.13 7.50
N UNK M 2 -133.62 -13.55 7.86
CA UNK M 2 -133.81 -14.82 8.59
C UNK M 2 -133.33 -16.00 7.73
N UNK M 3 -133.63 -15.98 6.43
CA UNK M 3 -133.21 -17.07 5.52
C UNK M 3 -131.68 -17.13 5.45
N UNK M 4 -131.04 -15.97 5.36
CA UNK M 4 -129.55 -15.91 5.32
C UNK M 4 -129.01 -16.48 6.64
N UNK M 5 -129.63 -16.13 7.75
CA UNK M 5 -129.18 -16.61 9.08
C UNK M 5 -129.32 -18.14 9.11
N UNK M 6 -130.41 -18.68 8.57
CA UNK M 6 -130.63 -20.14 8.54
C UNK M 6 -129.56 -20.82 7.67
N UNK M 7 -129.22 -20.21 6.53
CA UNK M 7 -128.16 -20.78 5.66
C UNK M 7 -126.85 -20.79 6.44
N UNK M 8 -126.57 -19.70 7.18
CA UNK M 8 -125.32 -19.60 7.96
C UNK M 8 -125.33 -20.71 9.02
N UNK M 9 -126.47 -20.94 9.67
CA UNK M 9 -126.58 -21.98 10.72
C UNK M 9 -126.31 -23.36 10.10
N UNK M 10 -126.84 -23.62 8.90
CA UNK M 10 -126.62 -24.92 8.23
C UNK M 10 -125.13 -25.08 7.94
N UNK M 11 -124.48 -24.01 7.47
CA UNK M 11 -123.04 -24.07 7.16
C UNK M 11 -122.26 -24.34 8.45
N UNK M 12 -122.66 -23.70 9.55
CA UNK M 12 -121.97 -23.88 10.86
C UNK M 12 -122.13 -25.33 11.32
N UNK M 13 -123.32 -25.91 11.15
CA UNK M 13 -123.56 -27.33 11.54
C UNK M 13 -122.66 -28.23 10.70
N UNK M 14 -122.53 -27.92 9.40
CA UNK M 14 -121.67 -28.72 8.51
C UNK M 14 -120.22 -28.63 9.01
N UNK M 15 -119.78 -27.43 9.39
CA UNK M 15 -118.40 -27.24 9.89
C UNK M 15 -118.21 -28.05 11.18
N UNK M 16 -119.21 -28.03 12.07
CA UNK M 16 -119.12 -28.76 13.35
C UNK M 16 -119.00 -30.26 13.08
N UNK M 17 -119.76 -30.77 12.09
CA UNK M 17 -119.75 -32.22 11.78
C UNK M 17 -118.38 -32.85 12.09
N UNK M 18 -130.02 -10.44 -1.89
CA UNK M 18 -129.28 -11.71 -1.79
C UNK M 18 -127.78 -11.42 -1.71
N UNK M 19 -127.17 -11.00 -2.81
CA UNK M 19 -125.75 -10.61 -2.80
C UNK M 19 -125.59 -9.40 -1.88
N UNK M 20 -126.55 -8.47 -1.94
CA UNK M 20 -126.52 -7.28 -1.05
C UNK M 20 -126.64 -7.74 0.39
N UNK M 21 -127.49 -8.73 0.67
CA UNK M 21 -127.66 -9.26 2.03
C UNK M 21 -126.33 -9.87 2.50
N UNK M 22 -125.65 -10.60 1.61
CA UNK M 22 -124.34 -11.22 1.95
C UNK M 22 -123.33 -10.12 2.27
N UNK M 23 -123.35 -9.03 1.49
CA UNK M 23 -122.42 -7.90 1.72
C UNK M 23 -122.72 -7.28 3.09
N UNK M 24 -124.01 -7.14 3.43
CA UNK M 24 -124.41 -6.57 4.74
C UNK M 24 -123.91 -7.49 5.85
N UNK M 25 -124.02 -8.80 5.67
CA UNK M 25 -123.54 -9.77 6.69
C UNK M 25 -122.02 -9.60 6.85
N UNK M 26 -121.31 -9.44 5.73
CA UNK M 26 -119.84 -9.25 5.78
C UNK M 26 -119.52 -7.98 6.55
N UNK M 27 -120.28 -6.91 6.32
CA UNK M 27 -120.04 -5.61 7.00
C UNK M 27 -119.79 -5.85 8.50
N UNK M 28 -141.67 0.26 16.18
CA UNK M 28 -141.61 -0.87 15.25
C UNK M 28 -140.87 -0.50 13.98
N UNK M 29 -141.62 -0.17 12.93
CA UNK M 29 -141.03 0.20 11.64
C UNK M 29 -140.12 1.42 11.79
N UNK M 30 -140.58 2.40 12.55
CA UNK M 30 -139.82 3.63 12.77
C UNK M 30 -138.42 3.31 13.30
N UNK M 31 -138.36 2.46 14.32
CA UNK M 31 -137.09 2.08 14.92
C UNK M 31 -136.12 1.55 13.87
N UNK M 32 -136.60 0.63 13.03
CA UNK M 32 -135.77 0.05 11.98
C UNK M 32 -135.21 1.12 11.06
N UNK M 33 -136.06 2.06 10.65
CA UNK M 33 -135.65 3.14 9.77
C UNK M 33 -134.53 3.97 10.41
N UNK M 34 -134.69 4.27 11.69
CA UNK M 34 -133.69 5.06 12.42
C UNK M 34 -132.36 4.32 12.50
N UNK M 35 -132.43 3.01 12.71
CA UNK M 35 -131.24 2.19 12.81
C UNK M 35 -130.45 2.18 11.50
N UNK M 36 -131.18 2.11 10.39
CA UNK M 36 -130.55 2.10 9.06
C UNK M 36 -129.84 3.41 8.78
N UNK M 37 -130.46 4.51 9.18
CA UNK M 37 -129.90 5.85 8.97
C UNK M 37 -128.63 6.04 9.80
N UNK M 38 -128.65 5.52 11.03
CA UNK M 38 -127.49 5.63 11.93
C UNK M 38 -126.35 4.73 11.47
N UNK M 39 -126.69 3.60 10.87
CA UNK M 39 -125.70 2.65 10.39
C UNK M 39 -124.98 3.19 9.15
N UNK M 40 -125.68 4.00 8.37
CA UNK M 40 -125.12 4.58 7.16
C UNK M 40 -124.20 5.75 7.49
N UNK M 41 -124.41 6.36 8.65
CA UNK M 41 -123.59 7.49 9.09
C UNK M 41 -122.36 7.03 9.85
N UNK M 42 -121.27 6.80 9.12
CA UNK M 42 -120.03 6.35 9.72
C UNK M 42 -118.87 7.26 9.35
N UNK M 43 -119.19 8.52 9.06
CA UNK M 43 -118.17 9.50 8.69
C UNK M 43 -118.24 10.74 9.59
N UNK M 44 -119.38 11.41 9.59
CA UNK M 44 -119.58 12.60 10.41
C UNK M 44 -120.98 13.15 10.16
N UNK M 45 -121.25 14.33 10.74
CA UNK M 45 -122.35 15.24 10.39
C UNK M 45 -123.72 14.59 10.60
N UNK M 46 -124.02 14.31 11.86
CA UNK M 46 -125.35 13.88 12.27
C UNK M 46 -126.11 15.03 12.91
N UNK M 47 -127.44 14.98 12.82
CA UNK M 47 -128.30 16.00 13.40
C UNK M 47 -129.59 15.33 13.86
N UNK M 48 -130.60 16.13 14.20
CA UNK M 48 -131.85 15.62 14.74
C UNK M 48 -133.03 15.85 13.79
N UNK M 49 -133.28 17.10 13.40
CA UNK M 49 -134.44 17.43 12.58
C UNK M 49 -134.10 17.56 11.10
N UNK M 50 -133.02 18.27 10.77
CA UNK M 50 -132.63 18.41 9.36
C UNK M 50 -132.06 17.10 8.82
N UNK M 51 -131.46 16.28 9.70
CA UNK M 51 -130.97 14.98 9.29
C UNK M 51 -132.12 14.03 8.94
N UNK M 52 -133.26 14.17 9.61
CA UNK M 52 -134.43 13.36 9.28
C UNK M 52 -135.00 13.73 7.92
N UNK M 53 -135.03 15.03 7.60
CA UNK M 53 -135.50 15.46 6.30
C UNK M 53 -134.50 15.11 5.20
N UNK M 54 -133.21 15.06 5.54
CA UNK M 54 -132.20 14.67 4.57
C UNK M 54 -132.25 13.17 4.29
N UNK M 55 -132.46 12.36 5.33
CA UNK M 55 -132.54 10.92 5.14
C UNK M 55 -133.88 10.51 4.54
N UNK M 56 -134.91 11.33 4.70
CA UNK M 56 -136.19 11.05 4.06
C UNK M 56 -136.09 11.18 2.54
N UNK M 57 -135.29 12.13 2.06
CA UNK M 57 -135.04 12.26 0.63
C UNK M 57 -133.82 11.49 0.17
N UNK M 58 -133.24 10.65 1.02
CA UNK M 58 -132.05 9.90 0.65
C UNK M 58 -132.37 8.77 -0.33
N UNK M 59 -133.54 8.16 -0.18
CA UNK M 59 -134.06 7.07 -1.04
C UNK M 59 -133.09 5.88 -1.08
N UNK M 60 -132.96 5.22 0.07
CA UNK M 60 -132.02 4.12 0.23
C UNK M 60 -132.58 2.84 -0.41
N UNK M 61 -131.87 1.74 -0.20
CA UNK M 61 -132.22 0.47 -0.84
C UNK M 61 -133.36 -0.21 -0.10
N UNK M 62 -133.75 -1.40 -0.56
CA UNK M 62 -134.86 -2.13 0.02
C UNK M 62 -134.41 -2.88 1.26
N UNK M 63 -134.99 -2.54 2.42
CA UNK M 63 -134.67 -3.20 3.68
C UNK M 63 -135.89 -3.66 4.47
N UNK M 64 -137.04 -3.03 4.30
CA UNK M 64 -138.24 -3.39 5.06
C UNK M 64 -139.42 -3.59 4.12
N UNK M 65 -140.62 -3.70 4.69
CA UNK M 65 -141.84 -3.79 3.89
C UNK M 65 -142.08 -2.48 3.13
N UNK M 66 -142.49 -2.61 1.87
CA UNK M 66 -142.66 -1.42 1.00
C UNK M 66 -143.84 -0.60 1.53
N UNK M 67 -144.72 -1.23 2.30
CA UNK M 67 -145.84 -0.49 2.92
C UNK M 67 -145.21 0.54 3.87
N UNK M 68 -144.17 0.14 4.59
CA UNK M 68 -143.46 1.07 5.52
C UNK M 68 -142.85 2.21 4.71
N UNK M 69 -142.28 1.91 3.54
CA UNK M 69 -141.67 2.96 2.69
C UNK M 69 -142.77 3.94 2.27
N UNK M 70 -143.94 3.42 1.90
CA UNK M 70 -145.07 4.28 1.49
C UNK M 70 -145.49 5.16 2.67
N UNK M 71 -145.52 4.58 3.88
CA UNK M 71 -145.91 5.33 5.09
C UNK M 71 -144.90 6.46 5.34
N UNK M 72 -143.61 6.17 5.16
CA UNK M 72 -142.55 7.20 5.36
C UNK M 72 -142.76 8.32 4.33
N UNK M 73 -143.07 7.95 3.09
CA UNK M 73 -143.30 8.96 2.03
C UNK M 73 -144.50 9.83 2.42
N UNK M 74 -145.56 9.22 2.93
CA UNK M 74 -146.77 9.97 3.33
C UNK M 74 -146.41 10.93 4.48
N UNK M 75 -145.61 10.46 5.42
CA UNK M 75 -145.19 11.29 6.58
C UNK M 75 -144.41 12.51 6.09
N UNK M 76 -143.52 12.32 5.10
CA UNK M 76 -142.66 13.42 4.57
C UNK M 76 -143.09 14.80 5.09
#